data_6YEZ
#
_entry.id   6YEZ
#
_cell.length_a   1.00
_cell.length_b   1.00
_cell.length_c   1.00
_cell.angle_alpha   90.00
_cell.angle_beta   90.00
_cell.angle_gamma   90.00
#
_symmetry.space_group_name_H-M   'P 1'
#
loop_
_entity.id
_entity.type
_entity.pdbx_description
1 polymer 'Photosystem I P700 chlorophyll a apoprotein A1'
2 polymer 'Photosystem I P700 chlorophyll a apoprotein A2'
3 polymer 'Photosystem I iron-sulfur center'
4 polymer PsaD
5 polymer PsaE
6 polymer PsaF
7 polymer PsaG
8 polymer PsaH
9 polymer 'Photosystem I reaction center subunit VIII'
10 polymer PsaJ
11 polymer 'Photosystem I reaction center subunit X psaK'
12 polymer PsaL
13 polymer Lhca1
14 polymer 'Chlorophyll a-b binding protein, chloroplastic'
15 polymer 'Chlorophyll a-b binding protein 3, chloroplastic'
16 polymer 'Chlorophyll a-b binding protein P4, chloroplastic'
17 polymer 'Ferredoxin-1, chloroplastic'
18 polymer 'Plastocyanin, chloroplastic'
19 non-polymer 'CHLOROPHYLL A ISOMER'
20 non-polymer 'CHLOROPHYLL A'
21 non-polymer PHYLLOQUINONE
22 non-polymer BETA-CAROTENE
23 non-polymer 1,2-DIPALMITOYL-PHOSPHATIDYL-GLYCEROLE
24 non-polymer DODECYL-BETA-D-MALTOSIDE
25 non-polymer 'IRON/SULFUR CLUSTER'
26 non-polymer 1,2-DISTEAROYL-MONOGALACTOSYL-DIGLYCERIDE
27 non-polymer 'CALCIUM ION'
28 non-polymer 'DIGALACTOSYL DIACYL GLYCEROL (DGDG)'
29 non-polymer "(3R,3'R,6S)-4,5-DIDEHYDRO-5,6-DIHYDRO-BETA,BETA-CAROTENE-3,3'-DIOL"
30 non-polymer 'CHLOROPHYLL B'
31 non-polymer "(3S,5R,6S,3'S,5'R,6'S)-5,6,5',6'-DIEPOXY-5,6,5',6'- TETRAHYDRO-BETA,BETA-CAROTENE-3,3'-DIOL"
32 non-polymer 1,2-DIACYL-GLYCEROL-3-SN-PHOSPHATE
33 non-polymer (1~{S})-3,5,5-trimethyl-4-[(1~{E},3~{E},5~{E},7~{E},9~{E},11~{E},13~{E},15~{E},17~{E})-3,7,12,16-tetramethyl-18-[(4~{S})-2,6,6-trimethyl-4-oxidanyl-cyclohexen-1-yl]octadeca-1,3,5,7,9,11,13,15,17-nonaenyl]cyclohex-3-en-1-ol
34 non-polymer 'FE2/S2 (INORGANIC) CLUSTER'
35 non-polymer 'COPPER (II) ION'
36 water water
#
loop_
_entity_poly.entity_id
_entity_poly.type
_entity_poly.pdbx_seq_one_letter_code
_entity_poly.pdbx_strand_id
1 'polypeptide(L)'
;PEVKILVDRDPIKTSFEQWAKPGHFSRTIAKGPDTTTWIWNLHADAHDFDSHTSDLEEISRKVFSAHFGQLSIIFLWLSG
MYFHGARFSNYEAWLNDPTHIRPSAQVVWPIVGQEILNGDVGGGFRGIQITSGFFQIWRASGITSELQLYCTAIGALVFA
ALMLFAGWFHYHKAAPKLVWFQDVESMLNHHLAGLLGLGSLSWAGHQVHVSLPINQFLNAGVDPKEIPLPHEFILNRDLL
AQLYPSFAEGATPFFTLNWSKYADFLTFRGGLDPLTGGLWLTDIAHHHLAIAILFLIAGHMYRTNWGIGHGIKDILEAHK
GPFTGQGHKGLYEILTTSWHAQLSINLAMLGSLTIIVAHHMYAMPPYPYLATDYGTQLSLFTHHMWIGGFLIVGAAAHAA
IFMVRDYDPTTRYNDLLDRVLRHRDAIISHLNWVCIFLGFHSFGLYIHNDTMSALGRPQDMFSDTAIQLQPVFAQWIQNT
HALAPGTTAPGATTSTSLTWGGGDLVSVGGKVALLPIPLGTADFLVHHIHAFTIHVTVLILLKGVLFARSSRLIPDKANL
GFRFPCDGPGRGGTCQVSAWDHVFLGLFWMYNAISVVIFHFSWKMQSDVWGSINDQGVVTHITGGNFAQSSITINGWLRD
FLWAQASQVIQSYGSSLSAYGLFFLGAHFVWAFSLMFLFSGRGYWQELIESIVWAHNKLKVAPATQPRALSIVQGRAVGV
THYLLGGIATTWAFFLARIIAVG
;
A
2 'polypeptide(L)'
;ALRFPRFSQGLAQDPTTRRIWFGIATAHDFESHDDITEGRLYQNIFASHFGQLAIIFLWTSGNLFHVAWQGNFEAWVQDP
LHVRPIAHAIWDPHFGQPAVEAFTRGGALGPVNIAYSGVYQWWYTIGLRTNEDLYTGAIFLLFLSFISLLAGWLHLQPKW
KPSVSWFKNAESRLNHHLSGLFGVSSLAWAGHLVHVAIPGSRGEYVRWNNFLSVLPHPQGLGPLFTGQWNLYAQNPDSSN
HLFSTSQGAGTAILTLLGGFHPQTQSLWLTDMAHHHLAIAILFLIGGHMYRTNFGIGHSIKYILEAHIPPGGRLGRGHKG
LYDTINNSIHFQLGLALASLGVITSLVAQHMYSLPAYAFIAQDFTTQAALYTHHQYIAGFIMTGAFAHGAIFFIRDYNPE
QNADNVLARMLEHKEAIISHLSWASLFLGFHTLGLYVHNDVMLAFGTPEKQILIEPIFAQWIQSAHGKTSYGFDVLLSST
NSPALNAGRSIWLPGWLNAINENSNSLFLTIGPGDFLVHHAIALGLHTTTLILVKGALDARGSKLMPDKKDFGYSFPCDG
PGRGGTCDISAWDAFYLAVFWMLNTIGWVTFYWHWKHITLWQGNVSQFNESSTYLMGWLRDYLWLNSSQLINGYNPFGMN
SLSVWAWMFLFGHLVWATGFMFLISWRGYWQELIETLAWAHERTPLANLIRWRDKPVALSIVQARLVGLVHFSVGYIFTY
AAFLIASTSGKFG
;
B
3 'polypeptide(L)' SHSVKIYDTCIGCTQCVRACPTDVLEMIPWGGCKAKQIASAPRTEDCVGCKRCESACPTDFLSVRVYLWHETTRSMGLAY C
4 'polypeptide(L)'
;GFTPPELDPNTPSPIFGGSTGGLLRKAQVEEFYVITWESPKEQIFEMPTGGAAIMREGPNLLKLARKEQCLALGTRLRSK
YKIKYQFYRVFPSGEVQYLHPKDGVYPEKVNPGRQGVGVNFRSIGKNVSPIEVKFTGKQPYDL
;
D
5 'polypeptide(L)' PPIGPKRGAKVKILRQESYWYKGTGSVVAVDQDPNTRYPVVVRFNKVNYANVSTNNYALDEVEEVK E
6 'polypeptide(L)'
;DIAGLTPCKDSKQFAKREKQSIKKLESSLKLYAPDSAPALAINATIEKTKRRFDNYGKQGLLCGADGLPHLIVSGDQRHW
GEFITPGILFLYIAGWIGWVGRSYLIAIRDDKKPTQKEIIIDVPLATGLVFRGFSWPIAAYRELLNGELVAKDV
;
F
7 'polypeptide(L)'
;LNPSLVISLSTGLSLFLGRFVFFNFQRENVAKQGLPEQNGVTHFEAGDTRAKEYVSLLKSNDPVGFNIVDVLAWGSIGHI
VAYYILATSSNGYDPKF
;
G
8 'polypeptide(L)'
;YGDKSVYFDLEDLGNTTGQWDLYGSDAPSPYNSLQSKFFETFAAPFTKRGLLLKFLILGGGSTLAYFSATASGDILPIKK
GPQLPPQLGPRLG
;
H
9 'polypeptide(L)' INLPSLFVPLVGLLFPAVAMASLFLHVEKRL I
10 'polypeptide(L)' MRDLKTYLSVAPVASTLWFAALAGLLIEINRFFPDALTFPFF J
11 'polypeptide(L)'
;FIGSPTNLIMVTSTSLMLFAGRFGLAPSANRKATAGLKLEARDSGLQTGDPAGFTLADTLACGVVGHIIGVGVVLGLKNI
G
;
K
12 'polypeptide(L)'
;YQVVQPINGDPFIGSLETPVTSSPLVAWYLSNLPGYRTAVNPLLRGIEVGLAHGFLLVGPFVKAGPLRNTEIAGQAGSLA
AGGLVVILSICLTIYGISSFNEGDPSTAPSLTLTGRKKQPDQLQTADGWAKFTGGFFFGGISGVTWAFFLLYVLDLPYF
;
L
13 'polypeptide(L)'
;DWMPGQPRPSYLDGSAPGDFGFDPLRLGEVPENLERFKESELIHCRWAMLAVPGILVPEALGLGNWVKAQEWAALPGGQA
TYLGNPVPWGTLPTILVIEFLSIAFVEHQRSMEKDPEKKKYPGGAFDPLGYSKDPKKFHEYKIKEVKNGRLALLAFVGIC
VQQSAYPGTGPLENLATHLADPWHNTIGNVLIP
;
1
14 'polypeptide(L)'
;TVAEPDRPLWFPGSTPPPWLDGSLPGDFGFDPLGLGSDPESLRWNVQAELVHSRWAMLGAAGIFIPEFLTKLGILNTPSW
YTAGEQEYFTDTTTLFIVELVFIGWAEGRRWADILNPGCVNTDPIFPNNKLTGTDVGYPGGLWFDPLGWGSASPQKLKEL
RTKEIKNGRLAMLAVMGAWFQHIYTGTGPIDNLFAHLADPGHATIFAA
;
2
15 'polypeptide(L)'
;RPLWFASKQSLSYLDGSLPGDYGFDPLGLSDPEGTGGFIEPRWLAYGEVINGRFAMLGAVGAIAPEYLGKVGLIPQETAL
AWFQTGVIPPAGTYNYWADNYTLFVLEMALMGFAEHRRFQDWAKPGSMGKQYFLGLEKGFGGSGNPAYPGGPFFNPLGFG
KDEKSLKELKLKEVKNGRLAMLAILGYFIQGLVTGVGPYQNLLDHVADPVNNNVLTSLKFH
;
3
16 'polypeptide(L)'
;KKGEWLPGLASPGYLTGSLPGDNGFDPLGLAEDPENLKWFVQAELVNGRWAMLGVAGMLLPEVFTSIGIINVPKWYDAGK
EEYFASSSTLFVIEFILFHYVEIRRWQDIKNPGSVNQDPIFKQYSLPAGEVGYPGGIFNPLNFAPTLEAKEKEIANGRLA
MLAFLGFIIQHNVTGKGPFDNLLQHISDPWHNTIVQTL
;
4
17 'polypeptide(L)'
;ASYKVKLVTPDGTQEFECPSDVYILDHAEEVGIDLPYSCRAGSCSSCAGKVVGGEVDQSDGSFLDDEQIEAGFVLTCVAY
PTSDVVIETHKEEDLTA
;
N
18 'polypeptide(L)'
;VEVLLGASDGGLAFVPSSLEVSAGETIVFKNNAGFPHNVVFDEDEIPAGVDASKISMPEEDLLNAPGETYSVKLDAKGTY
KFYCSPHQGAGMVGQVTVN
;
P
#
loop_
_chem_comp.id
_chem_comp.type
_chem_comp.name
_chem_comp.formula
3PH non-polymer 1,2-DIACYL-GLYCEROL-3-SN-PHOSPHATE 'C39 H77 O8 P'
BCR non-polymer BETA-CAROTENE 'C40 H56'
C7Z non-polymer (1~{S})-3,5,5-trimethyl-4-[(1~{E},3~{E},5~{E},7~{E},9~{E},11~{E},13~{E},15~{E},17~{E})-3,7,12,16-tetramethyl-18-[(4~{S})-2,6,6-trimethyl-4-oxidanyl-cyclohexen-1-yl]octadeca-1,3,5,7,9,11,13,15,17-nonaenyl]cyclohex-3-en-1-ol 'C40 H56 O2'
CA non-polymer 'CALCIUM ION' 'Ca 2'
CHL non-polymer 'CHLOROPHYLL B' 'C55 H70 Mg N4 O6 2'
CL0 non-polymer 'CHLOROPHYLL A ISOMER' 'C55 H72 Mg N4 O5 2'
CLA non-polymer 'CHLOROPHYLL A' 'C55 H72 Mg N4 O5'
CU non-polymer 'COPPER (II) ION' 'Cu 2'
DGD saccharide 'DIGALACTOSYL DIACYL GLYCEROL (DGDG)' 'C51 H96 O15'
FES non-polymer 'FE2/S2 (INORGANIC) CLUSTER' 'Fe2 S2'
LHG non-polymer 1,2-DIPALMITOYL-PHOSPHATIDYL-GLYCEROLE 'C38 H75 O10 P'
LMG non-polymer 1,2-DISTEAROYL-MONOGALACTOSYL-DIGLYCERIDE 'C45 H86 O10'
LMT D-saccharide DODECYL-BETA-D-MALTOSIDE 'C24 H46 O11'
LUT non-polymer (3R,3'R,6S)-4,5-DIDEHYDRO-5,6-DIHYDRO-BETA,BETA-CAROTENE-3,3'-DIOL 'C40 H56 O2'
PQN non-polymer PHYLLOQUINONE 'C31 H46 O2'
SF4 non-polymer 'IRON/SULFUR CLUSTER' 'Fe4 S4'
XAT non-polymer '(3S,5R,6S,3'S,5'R,6'S)-5,6,5',6'-DIEPOXY-5,6,5',6'- TETRAHYDRO-BETA,BETA-CAROTENE-3,3'-DIOL' 'C40 H56 O4'
#
# COMPACT_ATOMS: atom_id res chain seq x y z
N PRO A 1 -7.27 51.31 17.98
CA PRO A 1 -5.88 51.72 17.75
C PRO A 1 -4.94 51.15 18.79
N GLU A 2 -5.26 51.33 20.06
CA GLU A 2 -4.40 50.81 21.11
C GLU A 2 -4.62 49.32 21.29
N VAL A 3 -3.69 48.69 21.99
CA VAL A 3 -3.62 47.24 22.08
C VAL A 3 -4.03 46.82 23.49
N LYS A 4 -4.91 45.83 23.56
CA LYS A 4 -5.42 45.35 24.83
C LYS A 4 -5.83 43.90 24.68
N ILE A 5 -6.09 43.27 25.82
CA ILE A 5 -6.65 41.93 25.85
C ILE A 5 -8.15 42.02 25.59
N LEU A 6 -8.62 41.26 24.61
CA LEU A 6 -10.02 41.31 24.21
C LEU A 6 -10.52 39.88 24.03
N VAL A 7 -11.55 39.51 24.79
CA VAL A 7 -11.94 38.12 24.97
C VAL A 7 -13.45 37.98 24.75
N ASP A 8 -13.90 36.74 24.67
CA ASP A 8 -15.31 36.37 24.64
C ASP A 8 -15.54 35.24 25.63
N ARG A 9 -16.65 35.30 26.34
CA ARG A 9 -16.93 34.39 27.45
C ARG A 9 -17.80 33.24 27.00
N ASP A 10 -17.33 32.01 27.23
CA ASP A 10 -18.07 30.79 26.95
C ASP A 10 -18.68 30.76 25.54
N PRO A 11 -17.83 30.77 24.50
CA PRO A 11 -18.39 30.71 23.14
C PRO A 11 -19.00 29.37 22.82
N ILE A 12 -18.38 28.28 23.25
CA ILE A 12 -18.91 26.93 23.04
C ILE A 12 -18.86 26.19 24.37
N LYS A 13 -19.99 25.59 24.76
CA LYS A 13 -20.06 24.88 26.02
C LYS A 13 -19.49 23.48 25.87
N THR A 14 -18.59 23.11 26.78
CA THR A 14 -18.04 21.77 26.78
C THR A 14 -19.15 20.76 27.02
N SER A 15 -19.17 19.70 26.22
CA SER A 15 -20.30 18.80 26.20
C SER A 15 -19.93 17.57 25.40
N PHE A 16 -20.67 16.49 25.61
CA PHE A 16 -20.44 15.26 24.86
C PHE A 16 -21.44 15.07 23.73
N GLU A 17 -22.15 16.12 23.36
CA GLU A 17 -23.18 16.00 22.34
C GLU A 17 -22.56 15.70 20.98
N GLN A 18 -21.51 16.43 20.61
CA GLN A 18 -20.93 16.30 19.29
C GLN A 18 -19.96 15.14 19.16
N TRP A 19 -19.47 14.61 20.28
CA TRP A 19 -18.69 13.37 20.21
C TRP A 19 -19.54 12.23 19.67
N ALA A 20 -20.80 12.17 20.10
CA ALA A 20 -21.70 11.14 19.61
C ALA A 20 -22.01 11.32 18.14
N LYS A 21 -21.91 12.57 17.66
CA LYS A 21 -22.20 12.88 16.23
C LYS A 21 -20.89 13.04 15.47
N PRO A 22 -20.38 12.02 14.57
CA PRO A 22 -19.05 11.77 13.54
C PRO A 22 -19.03 12.80 12.41
N GLY A 23 -18.18 13.83 12.50
CA GLY A 23 -18.16 14.85 11.42
C GLY A 23 -19.23 15.91 11.64
N HIS A 24 -19.36 16.41 12.86
CA HIS A 24 -20.36 17.45 13.21
C HIS A 24 -20.09 18.74 12.43
N PHE A 25 -18.81 19.08 12.22
CA PHE A 25 -18.40 20.33 11.53
C PHE A 25 -18.94 20.36 10.09
N SER A 26 -18.86 19.24 9.37
CA SER A 26 -19.35 19.19 7.97
C SER A 26 -20.85 18.88 7.94
N ARG A 27 -21.65 19.78 7.35
CA ARG A 27 -23.13 19.59 7.32
C ARG A 27 -23.45 18.22 6.71
N THR A 28 -22.84 17.92 5.56
CA THR A 28 -23.07 16.63 4.83
C THR A 28 -22.64 15.45 5.71
N ILE A 29 -21.52 15.58 6.42
CA ILE A 29 -20.99 14.50 7.30
C ILE A 29 -21.95 14.28 8.48
N ALA A 30 -22.29 15.36 9.18
CA ALA A 30 -23.17 15.37 10.37
C ALA A 30 -24.40 14.47 10.16
N LYS A 31 -25.08 14.62 9.02
CA LYS A 31 -26.32 13.85 8.73
C LYS A 31 -26.05 12.35 8.91
N GLY A 32 -24.95 11.86 8.32
CA GLY A 32 -24.61 10.42 8.39
C GLY A 32 -23.95 9.94 7.10
N PRO A 33 -23.62 8.65 6.97
CA PRO A 33 -22.94 8.13 5.77
C PRO A 33 -23.74 7.15 4.87
N ASP A 34 -23.68 7.35 3.55
CA ASP A 34 -24.29 6.39 2.65
C ASP A 34 -23.29 5.36 2.18
N THR A 35 -22.02 5.75 2.01
CA THR A 35 -20.99 4.81 1.52
C THR A 35 -19.72 4.87 2.37
N THR A 36 -18.74 4.03 2.01
CA THR A 36 -17.41 3.93 2.70
C THR A 36 -16.58 5.20 2.52
N THR A 37 -16.82 5.95 1.43
CA THR A 37 -16.08 7.21 1.10
C THR A 37 -16.30 8.27 2.18
N TRP A 38 -17.48 8.29 2.82
CA TRP A 38 -17.83 9.25 3.89
C TRP A 38 -16.83 9.11 5.05
N ILE A 39 -16.46 7.87 5.40
CA ILE A 39 -15.52 7.66 6.54
C ILE A 39 -14.18 8.33 6.22
N TRP A 40 -13.69 8.15 4.98
CA TRP A 40 -12.37 8.73 4.57
C TRP A 40 -12.43 10.27 4.61
N ASN A 41 -13.54 10.85 4.14
CA ASN A 41 -13.70 12.32 4.10
C ASN A 41 -13.67 12.89 5.53
N LEU A 42 -14.32 12.19 6.47
CA LEU A 42 -14.38 12.62 7.89
C LEU A 42 -12.98 12.94 8.41
N HIS A 43 -11.99 12.10 8.07
CA HIS A 43 -10.62 12.29 8.53
C HIS A 43 -9.86 13.29 7.68
N ALA A 44 -10.16 13.33 6.38
CA ALA A 44 -9.35 14.15 5.48
C ALA A 44 -9.56 15.63 5.72
N ASP A 45 -10.71 16.00 6.27
CA ASP A 45 -11.04 17.41 6.47
C ASP A 45 -11.33 17.71 7.92
N ALA A 46 -10.67 16.99 8.83
CA ALA A 46 -10.89 17.23 10.25
C ALA A 46 -10.30 18.56 10.70
N HIS A 47 -9.09 18.86 10.25
CA HIS A 47 -8.39 20.05 10.71
C HIS A 47 -8.40 21.18 9.70
N ASP A 48 -9.15 21.05 8.62
CA ASP A 48 -9.25 22.15 7.66
C ASP A 48 -10.31 23.10 8.18
N PHE A 49 -9.90 23.94 9.14
CA PHE A 49 -10.84 24.83 9.80
C PHE A 49 -11.39 25.89 8.86
N ASP A 50 -10.60 26.33 7.88
CA ASP A 50 -11.06 27.42 7.03
C ASP A 50 -12.11 27.00 6.04
N SER A 51 -12.48 25.72 5.99
CA SER A 51 -13.58 25.28 5.15
C SER A 51 -14.79 24.82 5.94
N HIS A 52 -14.61 24.47 7.22
CA HIS A 52 -15.76 24.25 8.08
C HIS A 52 -16.59 25.51 8.29
N THR A 53 -15.98 26.67 8.09
CA THR A 53 -16.67 27.93 8.27
C THR A 53 -16.03 28.96 7.35
N SER A 54 -16.44 30.21 7.51
CA SER A 54 -15.84 31.32 6.79
C SER A 54 -15.43 32.45 7.72
N ASP A 55 -15.74 32.37 9.01
CA ASP A 55 -15.40 33.41 9.95
C ASP A 55 -13.94 33.29 10.34
N LEU A 56 -13.18 34.38 10.17
CA LEU A 56 -11.78 34.38 10.56
C LEU A 56 -11.64 34.22 12.07
N GLU A 57 -12.55 34.81 12.83
CA GLU A 57 -12.48 34.71 14.30
C GLU A 57 -12.55 33.27 14.75
N GLU A 58 -13.49 32.51 14.20
CA GLU A 58 -13.63 31.12 14.60
C GLU A 58 -12.43 30.29 14.19
N ILE A 59 -11.94 30.51 12.97
CA ILE A 59 -10.76 29.82 12.50
C ILE A 59 -9.59 30.06 13.46
N SER A 60 -9.39 31.32 13.85
CA SER A 60 -8.22 31.62 14.67
C SER A 60 -8.37 31.11 16.09
N ARG A 61 -9.59 31.12 16.64
CA ARG A 61 -9.79 30.53 17.95
C ARG A 61 -9.48 29.04 17.94
N LYS A 62 -9.99 28.35 16.91
CA LYS A 62 -9.68 26.93 16.77
C LYS A 62 -8.18 26.71 16.65
N VAL A 63 -7.50 27.55 15.88
CA VAL A 63 -6.06 27.39 15.68
C VAL A 63 -5.32 27.55 17.00
N PHE A 64 -5.66 28.59 17.76
CA PHE A 64 -5.02 28.81 19.06
C PHE A 64 -5.13 27.59 19.95
N SER A 65 -6.34 27.07 20.12
CA SER A 65 -6.48 25.96 21.06
C SER A 65 -5.89 24.67 20.52
N ALA A 66 -5.86 24.50 19.20
CA ALA A 66 -5.17 23.33 18.65
C ALA A 66 -3.68 23.41 18.93
N HIS A 67 -3.10 24.60 18.83
CA HIS A 67 -1.71 24.77 19.22
C HIS A 67 -1.49 24.38 20.67
N PHE A 68 -2.42 24.75 21.54
CA PHE A 68 -2.29 24.34 22.94
C PHE A 68 -2.29 22.82 23.06
N GLY A 69 -3.18 22.15 22.34
CA GLY A 69 -3.19 20.70 22.38
C GLY A 69 -1.88 20.09 21.91
N GLN A 70 -1.30 20.67 20.86
CA GLN A 70 -0.04 20.15 20.35
C GLN A 70 1.08 20.34 21.37
N LEU A 71 1.13 21.50 22.01
CA LEU A 71 2.11 21.72 23.06
C LEU A 71 1.97 20.69 24.17
N SER A 72 0.73 20.37 24.53
CA SER A 72 0.52 19.36 25.56
C SER A 72 1.08 18.01 25.13
N ILE A 73 0.84 17.63 23.86
CA ILE A 73 1.39 16.37 23.37
C ILE A 73 2.91 16.37 23.46
N ILE A 74 3.54 17.47 23.07
CA ILE A 74 5.00 17.55 23.10
C ILE A 74 5.50 17.42 24.54
N PHE A 75 4.80 18.04 25.48
CA PHE A 75 5.23 17.94 26.87
C PHE A 75 5.10 16.52 27.39
N LEU A 76 4.02 15.84 27.02
CA LEU A 76 3.88 14.44 27.42
C LEU A 76 5.01 13.60 26.86
N TRP A 77 5.39 13.85 25.61
CA TRP A 77 6.51 13.13 25.01
C TRP A 77 7.81 13.39 25.76
N LEU A 78 8.08 14.65 26.09
CA LEU A 78 9.29 14.98 26.83
C LEU A 78 9.31 14.30 28.19
N SER A 79 8.17 14.32 28.89
CA SER A 79 8.12 13.71 30.20
C SER A 79 8.31 12.21 30.10
N GLY A 80 7.80 11.60 29.04
CA GLY A 80 8.06 10.18 28.83
C GLY A 80 9.54 9.90 28.64
N MET A 81 10.22 10.75 27.85
CA MET A 81 11.65 10.56 27.65
C MET A 81 12.39 10.67 28.97
N TYR A 82 12.09 11.70 29.75
CA TYR A 82 12.79 11.89 31.02
C TYR A 82 12.49 10.76 32.00
N PHE A 83 11.24 10.29 32.04
CA PHE A 83 10.92 9.21 32.95
C PHE A 83 11.61 7.92 32.55
N HIS A 84 11.69 7.64 31.26
CA HIS A 84 12.38 6.43 30.84
C HIS A 84 13.86 6.53 31.13
N GLY A 85 14.44 7.73 31.01
CA GLY A 85 15.82 7.90 31.41
C GLY A 85 16.01 7.77 32.91
N ALA A 86 14.97 8.05 33.68
CA ALA A 86 15.07 7.95 35.13
C ALA A 86 14.93 6.50 35.60
N ARG A 87 14.02 5.75 35.00
CA ARG A 87 13.62 4.47 35.54
C ARG A 87 14.17 3.27 34.79
N PHE A 88 14.15 3.29 33.46
CA PHE A 88 14.55 2.16 32.65
C PHE A 88 15.83 2.44 31.86
N SER A 89 16.79 3.09 32.49
CA SER A 89 17.99 3.51 31.80
C SER A 89 19.22 3.03 32.56
N ASN A 90 20.36 3.19 31.92
CA ASN A 90 21.66 3.01 32.55
C ASN A 90 22.42 4.33 32.55
N TYR A 91 21.72 5.41 32.87
CA TYR A 91 22.31 6.73 32.72
C TYR A 91 23.41 6.98 33.74
N GLU A 92 23.27 6.46 34.95
CA GLU A 92 24.31 6.69 35.95
C GLU A 92 25.56 5.91 35.61
N ALA A 93 25.41 4.65 35.20
CA ALA A 93 26.55 3.86 34.76
C ALA A 93 27.26 4.54 33.60
N TRP A 94 26.50 5.02 32.61
CA TRP A 94 27.10 5.75 31.51
C TRP A 94 27.79 7.01 32.00
N LEU A 95 27.24 7.65 33.01
CA LEU A 95 27.85 8.85 33.57
C LEU A 95 29.19 8.54 34.20
N ASN A 96 29.34 7.34 34.77
CA ASN A 96 30.60 6.97 35.38
C ASN A 96 31.68 6.74 34.32
N ASP A 97 31.33 6.10 33.21
CA ASP A 97 32.29 5.79 32.15
C ASP A 97 31.59 5.99 30.80
N PRO A 98 31.77 7.15 30.17
CA PRO A 98 30.95 7.47 29.00
C PRO A 98 31.37 6.73 27.74
N THR A 99 32.66 6.51 27.52
CA THR A 99 33.12 6.02 26.23
C THR A 99 33.33 4.51 26.21
N HIS A 100 32.74 3.78 27.14
CA HIS A 100 32.69 2.33 27.08
C HIS A 100 31.28 1.80 27.18
N ILE A 101 30.42 2.45 27.94
CA ILE A 101 29.04 2.03 28.09
C ILE A 101 28.21 2.60 26.95
N ARG A 102 27.33 1.81 26.41
CA ARG A 102 26.45 2.28 25.36
C ARG A 102 25.15 2.78 25.96
N PRO A 103 24.72 4.00 25.65
CA PRO A 103 23.49 4.52 26.25
C PRO A 103 22.28 3.75 25.77
N SER A 104 21.37 3.48 26.70
CA SER A 104 20.14 2.78 26.37
C SER A 104 19.10 3.04 27.44
N ALA A 105 17.92 3.52 27.04
CA ALA A 105 16.87 3.91 27.96
C ALA A 105 15.56 3.25 27.59
N GLN A 106 15.59 1.98 27.18
CA GLN A 106 14.37 1.25 26.91
C GLN A 106 14.64 -0.23 27.04
N VAL A 107 13.89 -0.92 27.88
CA VAL A 107 13.96 -2.36 28.00
C VAL A 107 12.65 -2.94 27.51
N VAL A 108 12.65 -4.23 27.22
CA VAL A 108 11.47 -4.89 26.70
C VAL A 108 11.08 -6.01 27.65
N TRP A 109 9.81 -6.38 27.59
CA TRP A 109 9.30 -7.44 28.45
C TRP A 109 9.52 -8.80 27.80
N PRO A 110 9.88 -9.80 28.56
CA PRO A 110 10.14 -11.13 28.00
C PRO A 110 8.86 -11.90 27.70
N ILE A 111 8.26 -11.63 26.53
CA ILE A 111 6.96 -12.21 26.25
C ILE A 111 7.07 -13.37 25.28
N VAL A 112 7.55 -13.12 24.06
CA VAL A 112 7.55 -14.16 23.04
C VAL A 112 8.97 -14.42 22.57
N GLY A 113 9.93 -14.30 23.47
CA GLY A 113 11.30 -14.42 23.08
C GLY A 113 11.90 -13.13 22.60
N GLN A 114 11.14 -12.04 22.62
CA GLN A 114 11.63 -10.75 22.17
C GLN A 114 12.68 -10.17 23.10
N GLU A 115 12.90 -10.77 24.27
CA GLU A 115 13.91 -10.26 25.18
C GLU A 115 15.31 -10.30 24.60
N ILE A 116 15.50 -10.99 23.46
CA ILE A 116 16.78 -10.94 22.78
C ILE A 116 17.13 -9.51 22.39
N LEU A 117 16.11 -8.66 22.21
CA LEU A 117 16.37 -7.26 21.93
C LEU A 117 16.99 -6.54 23.11
N ASN A 118 16.91 -7.13 24.31
CA ASN A 118 17.58 -6.60 25.49
C ASN A 118 19.05 -7.01 25.39
N GLY A 119 19.79 -6.27 24.58
CA GLY A 119 21.18 -6.60 24.35
C GLY A 119 22.09 -6.04 25.40
N ASP A 120 23.36 -6.45 25.31
CA ASP A 120 24.35 -6.04 26.30
C ASP A 120 24.85 -4.65 25.94
N VAL A 121 24.32 -3.65 26.64
CA VAL A 121 24.74 -2.27 26.41
C VAL A 121 25.75 -1.87 27.47
N GLY A 122 26.18 -2.84 28.27
CA GLY A 122 27.17 -2.59 29.29
C GLY A 122 26.58 -1.94 30.53
N GLY A 123 27.37 -1.96 31.61
CA GLY A 123 26.95 -1.34 32.85
C GLY A 123 26.03 -2.18 33.70
N GLY A 124 26.12 -3.49 33.60
CA GLY A 124 25.18 -4.35 34.31
C GLY A 124 23.75 -4.10 33.89
N PHE A 125 23.55 -3.80 32.62
CA PHE A 125 22.25 -3.40 32.10
C PHE A 125 22.04 -4.06 30.75
N ARG A 126 20.80 -4.45 30.48
CA ARG A 126 20.43 -5.06 29.20
C ARG A 126 19.21 -4.33 28.67
N GLY A 127 19.36 -3.65 27.55
CA GLY A 127 18.26 -2.92 26.97
C GLY A 127 18.49 -2.65 25.51
N ILE A 128 17.76 -1.68 25.00
CA ILE A 128 17.82 -1.29 23.60
C ILE A 128 18.62 0.00 23.50
N GLN A 129 19.76 -0.06 22.82
CA GLN A 129 20.63 1.09 22.71
C GLN A 129 19.92 2.23 21.99
N ILE A 130 19.81 3.37 22.65
CA ILE A 130 19.12 4.52 22.09
C ILE A 130 20.11 5.43 21.39
N THR A 131 19.60 6.14 20.39
CA THR A 131 20.33 7.08 19.56
C THR A 131 19.80 8.49 19.68
N SER A 132 18.92 8.75 20.65
CA SER A 132 18.32 10.07 20.76
C SER A 132 19.33 11.12 21.19
N GLY A 133 20.48 10.71 21.70
CA GLY A 133 21.41 11.67 22.24
C GLY A 133 20.91 12.36 23.49
N PHE A 134 20.02 11.71 24.22
CA PHE A 134 19.48 12.33 25.42
C PHE A 134 20.49 12.31 26.56
N PHE A 135 21.29 11.25 26.65
CA PHE A 135 22.29 11.19 27.70
C PHE A 135 23.25 12.35 27.59
N GLN A 136 23.61 12.74 26.37
CA GLN A 136 24.53 13.85 26.19
C GLN A 136 23.89 15.17 26.65
N ILE A 137 22.61 15.36 26.36
CA ILE A 137 21.92 16.56 26.83
C ILE A 137 21.90 16.59 28.35
N TRP A 138 21.53 15.47 28.97
CA TRP A 138 21.42 15.43 30.42
C TRP A 138 22.77 15.65 31.07
N ARG A 139 23.84 15.14 30.46
CA ARG A 139 25.17 15.37 31.02
C ARG A 139 25.58 16.82 30.85
N ALA A 140 25.24 17.43 29.72
CA ALA A 140 25.60 18.83 29.52
C ALA A 140 24.77 19.76 30.37
N SER A 141 23.60 19.33 30.84
CA SER A 141 22.81 20.15 31.72
C SER A 141 23.22 20.03 33.18
N GLY A 142 24.03 19.03 33.51
CA GLY A 142 24.48 18.84 34.87
C GLY A 142 23.74 17.79 35.66
N ILE A 143 22.89 17.00 35.02
CA ILE A 143 22.08 16.02 35.72
C ILE A 143 22.95 14.83 36.09
N THR A 144 23.06 14.56 37.39
CA THR A 144 23.93 13.51 37.88
C THR A 144 23.22 12.35 38.53
N SER A 145 22.00 12.55 39.04
CA SER A 145 21.25 11.48 39.65
C SER A 145 19.99 11.21 38.85
N GLU A 146 19.29 10.14 39.18
CA GLU A 146 18.00 9.86 38.60
C GLU A 146 16.86 10.51 39.37
N LEU A 147 17.14 11.01 40.57
CA LEU A 147 16.13 11.82 41.25
C LEU A 147 15.83 13.09 40.47
N GLN A 148 16.87 13.71 39.90
CA GLN A 148 16.66 14.91 39.10
C GLN A 148 15.83 14.58 37.86
N LEU A 149 16.08 13.43 37.26
CA LEU A 149 15.29 13.02 36.10
C LEU A 149 13.84 12.75 36.49
N TYR A 150 13.62 12.13 37.65
CA TYR A 150 12.25 11.92 38.11
C TYR A 150 11.52 13.24 38.31
N CYS A 151 12.19 14.19 38.96
CA CYS A 151 11.59 15.48 39.19
C CYS A 151 11.27 16.18 37.87
N THR A 152 12.17 16.07 36.89
CA THR A 152 11.92 16.63 35.58
C THR A 152 10.72 15.98 34.90
N ALA A 153 10.63 14.65 34.95
CA ALA A 153 9.49 13.97 34.35
C ALA A 153 8.18 14.43 34.96
N ILE A 154 8.14 14.56 36.29
CA ILE A 154 6.90 14.96 36.93
C ILE A 154 6.56 16.41 36.62
N GLY A 155 7.58 17.26 36.57
CA GLY A 155 7.35 18.65 36.19
C GLY A 155 6.79 18.77 34.78
N ALA A 156 7.32 18.00 33.85
CA ALA A 156 6.80 18.03 32.49
C ALA A 156 5.40 17.42 32.43
N LEU A 157 5.10 16.46 33.28
CA LEU A 157 3.74 15.92 33.32
C LEU A 157 2.75 16.99 33.76
N VAL A 158 3.07 17.73 34.82
CA VAL A 158 2.14 18.76 35.24
C VAL A 158 2.10 19.88 34.22
N PHE A 159 3.18 20.10 33.47
CA PHE A 159 3.12 21.10 32.41
C PHE A 159 2.22 20.66 31.27
N ALA A 160 2.24 19.38 30.94
CA ALA A 160 1.32 18.86 29.92
C ALA A 160 -0.11 19.02 30.38
N ALA A 161 -0.37 18.74 31.65
CA ALA A 161 -1.72 18.96 32.18
C ALA A 161 -2.11 20.43 32.07
N LEU A 162 -1.21 21.33 32.44
CA LEU A 162 -1.49 22.76 32.35
C LEU A 162 -1.80 23.17 30.92
N MET A 163 -1.04 22.64 29.96
CA MET A 163 -1.25 23.00 28.57
C MET A 163 -2.60 22.50 28.07
N LEU A 164 -2.95 21.26 28.41
CA LEU A 164 -4.26 20.75 28.02
C LEU A 164 -5.38 21.60 28.62
N PHE A 165 -5.25 21.95 29.90
CA PHE A 165 -6.29 22.77 30.51
C PHE A 165 -6.39 24.11 29.83
N ALA A 166 -5.25 24.74 29.53
CA ALA A 166 -5.28 26.04 28.88
C ALA A 166 -5.92 25.93 27.51
N GLY A 167 -5.70 24.82 26.82
CA GLY A 167 -6.36 24.61 25.56
C GLY A 167 -7.86 24.56 25.70
N TRP A 168 -8.34 23.84 26.70
CA TRP A 168 -9.78 23.81 26.94
C TRP A 168 -10.29 25.20 27.30
N PHE A 169 -9.53 25.92 28.12
CA PHE A 169 -9.98 27.19 28.65
C PHE A 169 -10.09 28.24 27.56
N HIS A 170 -9.08 28.34 26.70
CA HIS A 170 -9.07 29.39 25.70
C HIS A 170 -9.95 29.09 24.51
N TYR A 171 -10.69 28.00 24.55
CA TYR A 171 -11.67 27.75 23.52
C TYR A 171 -13.09 27.67 24.06
N HIS A 172 -13.28 27.18 25.27
CA HIS A 172 -14.62 27.01 25.80
C HIS A 172 -14.99 28.04 26.86
N LYS A 173 -14.04 28.73 27.45
CA LYS A 173 -14.36 29.70 28.50
C LYS A 173 -13.98 31.12 28.12
N ALA A 174 -12.73 31.37 27.73
CA ALA A 174 -12.25 32.71 27.43
C ALA A 174 -11.55 32.64 26.09
N ALA A 175 -12.28 32.86 25.03
CA ALA A 175 -11.64 32.76 23.73
C ALA A 175 -11.37 34.14 23.18
N PRO A 176 -10.15 34.45 22.76
CA PRO A 176 -9.87 35.81 22.26
C PRO A 176 -10.65 36.07 20.98
N LYS A 177 -10.70 37.33 20.58
CA LYS A 177 -11.36 37.67 19.34
C LYS A 177 -10.35 38.16 18.31
N LEU A 178 -10.89 38.53 17.15
CA LEU A 178 -10.05 38.68 15.97
C LEU A 178 -9.02 39.79 16.14
N VAL A 179 -9.43 40.91 16.73
CA VAL A 179 -8.50 42.04 16.85
C VAL A 179 -7.34 41.69 17.76
N TRP A 180 -7.49 40.68 18.60
CA TRP A 180 -6.39 40.25 19.44
C TRP A 180 -5.37 39.46 18.64
N PHE A 181 -5.84 38.56 17.78
CA PHE A 181 -4.93 37.81 16.92
C PHE A 181 -4.27 38.73 15.90
N GLN A 182 -5.07 39.55 15.23
CA GLN A 182 -4.58 40.43 14.17
C GLN A 182 -3.60 41.47 14.65
N ASP A 183 -3.26 41.46 15.93
CA ASP A 183 -2.16 42.29 16.42
C ASP A 183 -0.88 41.49 16.28
N VAL A 184 -0.07 41.84 15.31
CA VAL A 184 1.20 41.15 15.13
C VAL A 184 2.38 41.97 15.64
N GLU A 185 2.22 43.27 15.81
CA GLU A 185 3.33 44.07 16.33
C GLU A 185 3.68 43.65 17.75
N SER A 186 2.69 43.62 18.64
CA SER A 186 2.95 43.21 20.01
C SER A 186 3.33 41.74 20.08
N MET A 187 2.73 40.92 19.23
CA MET A 187 3.07 39.50 19.20
C MET A 187 4.54 39.29 18.86
N LEU A 188 5.03 40.01 17.86
CA LEU A 188 6.45 39.92 17.51
C LEU A 188 7.31 40.49 18.63
N ASN A 189 6.91 41.62 19.20
CA ASN A 189 7.66 42.20 20.30
C ASN A 189 7.81 41.19 21.43
N HIS A 190 6.81 40.36 21.65
CA HIS A 190 6.88 39.43 22.76
C HIS A 190 7.60 38.15 22.41
N HIS A 191 7.50 37.70 21.17
CA HIS A 191 8.20 36.47 20.82
C HIS A 191 9.69 36.70 20.62
N LEU A 192 10.09 37.87 20.12
CA LEU A 192 11.51 38.15 19.99
C LEU A 192 12.12 38.40 21.36
N ALA A 193 11.55 39.31 22.13
CA ALA A 193 12.17 39.69 23.39
C ALA A 193 11.81 38.72 24.51
N GLY A 194 10.57 38.28 24.57
CA GLY A 194 10.13 37.50 25.71
C GLY A 194 10.39 36.02 25.58
N LEU A 195 10.09 35.44 24.43
CA LEU A 195 10.23 34.00 24.28
C LEU A 195 11.67 33.62 23.96
N LEU A 196 12.31 34.34 23.05
CA LEU A 196 13.68 34.00 22.68
C LEU A 196 14.71 34.76 23.49
N GLY A 197 14.45 36.02 23.79
CA GLY A 197 15.38 36.80 24.58
C GLY A 197 15.45 36.31 26.01
N LEU A 198 14.32 36.36 26.71
CA LEU A 198 14.30 35.89 28.08
C LEU A 198 14.59 34.40 28.16
N GLY A 199 14.16 33.63 27.17
CA GLY A 199 14.45 32.20 27.18
C GLY A 199 15.93 31.92 27.17
N SER A 200 16.65 32.56 26.25
CA SER A 200 18.09 32.30 26.16
C SER A 200 18.85 32.95 27.30
N LEU A 201 18.39 34.10 27.79
CA LEU A 201 19.02 34.67 28.99
C LEU A 201 18.86 33.73 30.18
N SER A 202 17.68 33.14 30.31
CA SER A 202 17.42 32.20 31.38
C SER A 202 18.29 30.95 31.24
N TRP A 203 18.48 30.49 30.02
CA TRP A 203 19.32 29.32 29.83
C TRP A 203 20.78 29.62 30.12
N ALA A 204 21.26 30.80 29.70
CA ALA A 204 22.61 31.21 30.06
C ALA A 204 22.76 31.30 31.56
N GLY A 205 21.73 31.78 32.24
CA GLY A 205 21.75 31.77 33.70
C GLY A 205 21.88 30.37 34.27
N HIS A 206 21.19 29.42 33.66
CA HIS A 206 21.33 28.03 34.11
C HIS A 206 22.75 27.52 33.93
N GLN A 207 23.30 27.70 32.73
CA GLN A 207 24.62 27.16 32.44
C GLN A 207 25.69 27.78 33.30
N VAL A 208 25.53 29.06 33.65
CA VAL A 208 26.55 29.74 34.44
C VAL A 208 26.62 29.14 35.83
N HIS A 209 25.50 28.69 36.39
CA HIS A 209 25.46 28.24 37.76
C HIS A 209 25.37 26.74 37.93
N VAL A 210 24.93 26.00 36.93
CA VAL A 210 24.70 24.59 37.12
C VAL A 210 25.62 23.79 36.22
N SER A 211 25.54 24.02 34.92
CA SER A 211 26.26 23.18 33.98
C SER A 211 27.75 23.44 34.02
N LEU A 212 28.15 24.70 34.11
CA LEU A 212 29.58 25.00 34.14
C LEU A 212 30.27 24.36 35.33
N PRO A 213 29.86 24.59 36.57
CA PRO A 213 30.59 23.96 37.69
C PRO A 213 30.45 22.45 37.71
N ILE A 214 29.25 21.92 37.44
CA ILE A 214 29.08 20.47 37.52
C ILE A 214 29.88 19.77 36.45
N ASN A 215 29.93 20.33 35.25
CA ASN A 215 30.72 19.71 34.20
C ASN A 215 32.21 19.87 34.46
N GLN A 216 32.62 20.98 35.07
CA GLN A 216 34.00 21.10 35.52
C GLN A 216 34.35 19.97 36.47
N PHE A 217 33.47 19.73 37.45
CA PHE A 217 33.71 18.66 38.41
C PHE A 217 33.76 17.30 37.73
N LEU A 218 32.86 17.06 36.78
CA LEU A 218 32.83 15.77 36.10
C LEU A 218 34.08 15.56 35.26
N ASN A 219 34.54 16.61 34.59
CA ASN A 219 35.75 16.49 33.76
C ASN A 219 37.02 16.44 34.60
N ALA A 220 36.96 16.91 35.84
CA ALA A 220 38.09 16.70 36.73
C ALA A 220 38.21 15.24 37.18
N GLY A 221 37.23 14.40 36.85
CA GLY A 221 37.28 13.00 37.18
C GLY A 221 36.55 12.59 38.43
N VAL A 222 35.84 13.52 39.09
CA VAL A 222 35.16 13.20 40.33
C VAL A 222 34.07 12.16 40.08
N ASP A 223 33.90 11.26 41.03
CA ASP A 223 32.80 10.31 40.97
C ASP A 223 31.48 11.08 40.95
N PRO A 224 30.55 10.72 40.08
CA PRO A 224 29.32 11.52 39.94
C PRO A 224 28.53 11.67 41.23
N LYS A 225 28.63 10.72 42.16
CA LYS A 225 27.93 10.82 43.42
C LYS A 225 28.68 11.63 44.46
N GLU A 226 29.96 11.92 44.23
CA GLU A 226 30.74 12.75 45.13
C GLU A 226 30.71 14.22 44.74
N ILE A 227 29.92 14.59 43.74
CA ILE A 227 29.82 15.96 43.27
C ILE A 227 28.80 16.70 44.13
N PRO A 228 29.06 17.95 44.50
CA PRO A 228 28.05 18.72 45.23
C PRO A 228 26.77 18.86 44.41
N LEU A 229 25.65 18.91 45.11
CA LEU A 229 24.40 19.17 44.43
C LEU A 229 24.39 20.58 43.87
N PRO A 230 23.67 20.82 42.78
CA PRO A 230 23.75 22.13 42.13
C PRO A 230 23.36 23.29 43.02
N HIS A 231 22.35 23.12 43.86
CA HIS A 231 21.92 24.23 44.70
C HIS A 231 23.00 24.65 45.67
N GLU A 232 23.88 23.72 46.06
CA GLU A 232 25.02 24.11 46.88
C GLU A 232 25.85 25.17 46.19
N PHE A 233 26.09 24.98 44.88
CA PHE A 233 26.82 25.98 44.10
C PHE A 233 26.16 27.35 44.15
N ILE A 234 24.88 27.42 44.50
CA ILE A 234 24.22 28.70 44.68
C ILE A 234 24.30 29.16 46.13
N LEU A 235 24.16 28.22 47.07
CA LEU A 235 24.21 28.60 48.48
C LEU A 235 25.63 29.01 48.87
N ASN A 236 26.57 28.07 48.77
CA ASN A 236 27.97 28.35 49.03
C ASN A 236 28.62 28.86 47.75
N ARG A 237 29.14 30.08 47.79
CA ARG A 237 29.72 30.67 46.60
C ARG A 237 31.20 30.35 46.43
N ASP A 238 31.94 30.17 47.52
CA ASP A 238 33.36 29.86 47.36
C ASP A 238 33.56 28.51 46.68
N LEU A 239 32.55 27.64 46.70
CA LEU A 239 32.59 26.45 45.85
C LEU A 239 32.82 26.83 44.40
N LEU A 240 32.13 27.87 43.93
CA LEU A 240 32.34 28.34 42.58
C LEU A 240 33.63 29.14 42.47
N ALA A 241 33.96 29.90 43.51
CA ALA A 241 35.19 30.68 43.49
C ALA A 241 36.41 29.79 43.33
N GLN A 242 36.34 28.55 43.83
CA GLN A 242 37.45 27.63 43.68
C GLN A 242 37.65 27.26 42.21
N LEU A 243 36.59 26.77 41.57
CA LEU A 243 36.67 26.47 40.15
C LEU A 243 36.91 27.72 39.33
N TYR A 244 36.13 28.77 39.59
CA TYR A 244 36.20 30.00 38.81
C TYR A 244 36.50 31.16 39.74
N PRO A 245 37.77 31.56 39.84
CA PRO A 245 38.15 32.59 40.84
C PRO A 245 37.36 33.88 40.75
N SER A 246 37.06 34.34 39.55
CA SER A 246 36.37 35.59 39.35
C SER A 246 34.89 35.52 39.64
N PHE A 247 34.40 34.44 40.23
CA PHE A 247 33.11 34.50 40.88
C PHE A 247 33.20 35.14 42.24
N ALA A 248 34.41 35.53 42.64
CA ALA A 248 34.59 36.14 43.95
C ALA A 248 34.08 37.58 43.96
N GLU A 249 34.38 38.35 42.90
CA GLU A 249 33.91 39.74 42.86
C GLU A 249 32.39 39.80 42.83
N GLY A 250 31.76 38.89 42.11
CA GLY A 250 30.32 38.70 42.25
C GLY A 250 29.47 39.86 41.75
N ALA A 251 29.41 40.03 40.44
CA ALA A 251 28.47 40.94 39.79
C ALA A 251 28.83 42.40 39.94
N THR A 252 29.84 42.70 40.76
CA THR A 252 30.31 44.07 40.67
C THR A 252 31.07 44.26 39.35
N PRO A 253 31.79 43.27 38.81
CA PRO A 253 32.33 43.43 37.46
C PRO A 253 31.27 43.76 36.43
N PHE A 254 30.06 43.26 36.59
CA PHE A 254 29.01 43.49 35.62
C PHE A 254 28.56 44.96 35.60
N PHE A 255 28.77 45.69 36.69
CA PHE A 255 28.32 47.08 36.75
C PHE A 255 29.47 48.09 36.73
N THR A 256 30.65 47.71 37.20
CA THR A 256 31.84 48.52 36.92
C THR A 256 32.19 48.52 35.45
N LEU A 257 31.55 47.67 34.67
CA LEU A 257 31.88 47.43 33.27
C LEU A 257 33.29 46.88 33.11
N ASN A 258 33.88 46.37 34.19
CA ASN A 258 35.12 45.63 34.09
C ASN A 258 34.79 44.21 33.63
N TRP A 259 34.09 44.10 32.50
CA TRP A 259 33.65 42.79 32.04
C TRP A 259 34.79 41.84 31.79
N SER A 260 36.00 42.36 31.57
CA SER A 260 37.15 41.47 31.37
C SER A 260 37.41 40.62 32.60
N LYS A 261 37.02 41.10 33.78
CA LYS A 261 37.17 40.30 34.98
C LYS A 261 36.33 39.04 34.95
N TYR A 262 35.45 38.89 33.96
CA TYR A 262 34.67 37.68 33.77
C TYR A 262 35.28 36.75 32.76
N ALA A 263 36.45 37.08 32.21
CA ALA A 263 37.06 36.30 31.14
C ALA A 263 37.28 34.86 31.53
N ASP A 264 37.13 34.53 32.82
CA ASP A 264 37.32 33.17 33.26
C ASP A 264 36.32 32.23 32.59
N PHE A 265 35.04 32.45 32.83
CA PHE A 265 34.02 31.53 32.36
C PHE A 265 33.22 32.05 31.17
N LEU A 266 33.55 33.23 30.65
CA LEU A 266 32.94 33.77 29.45
C LEU A 266 34.04 33.89 28.41
N THR A 267 34.27 32.82 27.65
CA THR A 267 35.40 32.74 26.75
C THR A 267 34.97 32.93 25.31
N PHE A 268 35.97 33.03 24.44
CA PHE A 268 35.79 33.02 22.99
C PHE A 268 36.83 32.11 22.37
N ARG A 269 36.97 30.91 22.94
CA ARG A 269 38.02 30.00 22.49
C ARG A 269 37.72 29.45 21.10
N GLY A 270 36.59 28.77 20.96
CA GLY A 270 36.28 28.08 19.73
C GLY A 270 37.03 26.76 19.63
N GLY A 271 36.54 25.91 18.75
CA GLY A 271 37.06 24.56 18.65
C GLY A 271 36.34 23.64 19.59
N LEU A 272 37.03 22.54 19.93
CA LEU A 272 36.45 21.50 20.76
C LEU A 272 37.21 21.35 22.07
N ASP A 273 36.53 20.81 23.06
CA ASP A 273 37.16 20.40 24.29
C ASP A 273 37.95 19.11 24.05
N PRO A 274 39.28 19.13 24.20
CA PRO A 274 40.05 17.90 23.95
C PRO A 274 39.71 16.76 24.89
N LEU A 275 38.99 17.02 25.97
CA LEU A 275 38.64 15.97 26.93
C LEU A 275 37.29 15.34 26.62
N THR A 276 36.29 16.16 26.30
CA THR A 276 34.95 15.66 26.05
C THR A 276 34.61 15.54 24.58
N GLY A 277 35.36 16.18 23.70
CA GLY A 277 35.01 16.16 22.30
C GLY A 277 33.81 17.01 21.95
N GLY A 278 33.48 17.99 22.79
CA GLY A 278 32.41 18.91 22.51
C GLY A 278 32.90 20.34 22.63
N LEU A 279 31.99 21.27 22.35
CA LEU A 279 32.33 22.67 22.46
C LEU A 279 32.59 23.04 23.91
N TRP A 280 33.41 24.06 24.10
CA TRP A 280 33.67 24.55 25.44
C TRP A 280 32.40 25.12 26.04
N LEU A 281 32.07 24.69 27.25
CA LEU A 281 30.86 25.19 27.88
C LEU A 281 30.98 26.66 28.21
N THR A 282 32.19 27.11 28.57
CA THR A 282 32.39 28.53 28.80
C THR A 282 32.22 29.34 27.53
N ASP A 283 32.22 28.69 26.37
CA ASP A 283 31.88 29.33 25.12
C ASP A 283 30.38 29.35 24.87
N ILE A 284 29.70 28.26 25.19
CA ILE A 284 28.26 28.19 24.98
C ILE A 284 27.53 29.16 25.89
N ALA A 285 28.02 29.33 27.12
CA ALA A 285 27.39 30.28 28.03
C ALA A 285 27.52 31.70 27.50
N HIS A 286 28.72 32.08 27.09
CA HIS A 286 28.92 33.39 26.49
C HIS A 286 28.04 33.56 25.26
N HIS A 287 27.90 32.50 24.47
CA HIS A 287 27.09 32.56 23.28
C HIS A 287 25.64 32.89 23.62
N HIS A 288 25.06 32.15 24.56
CA HIS A 288 23.67 32.42 24.93
C HIS A 288 23.50 33.78 25.56
N LEU A 289 24.50 34.26 26.29
CA LEU A 289 24.41 35.60 26.84
C LEU A 289 24.30 36.64 25.72
N ALA A 290 25.19 36.55 24.73
CA ALA A 290 25.13 37.50 23.63
C ALA A 290 23.84 37.36 22.85
N ILE A 291 23.39 36.14 22.62
CA ILE A 291 22.13 35.89 21.93
C ILE A 291 20.99 36.56 22.67
N ALA A 292 20.97 36.44 24.00
CA ALA A 292 19.93 37.06 24.80
C ALA A 292 19.92 38.56 24.65
N ILE A 293 21.10 39.17 24.75
CA ILE A 293 21.15 40.62 24.60
C ILE A 293 20.61 41.04 23.24
N LEU A 294 21.01 40.30 22.20
CA LEU A 294 20.59 40.65 20.85
C LEU A 294 19.07 40.53 20.70
N PHE A 295 18.50 39.44 21.18
CA PHE A 295 17.06 39.27 21.02
C PHE A 295 16.27 40.26 21.88
N LEU A 296 16.80 40.56 23.07
CA LEU A 296 16.11 41.51 23.94
C LEU A 296 16.07 42.88 23.30
N ILE A 297 17.16 43.29 22.63
CA ILE A 297 17.04 44.56 21.93
C ILE A 297 16.11 44.41 20.73
N ALA A 298 16.13 43.25 20.07
CA ALA A 298 15.43 43.13 18.80
C ALA A 298 13.93 43.09 18.98
N GLY A 299 13.46 42.69 20.15
CA GLY A 299 12.04 42.66 20.41
C GLY A 299 11.48 44.01 20.78
N HIS A 300 12.21 45.08 20.48
CA HIS A 300 11.75 46.43 20.76
C HIS A 300 11.62 47.25 19.49
N MET A 301 11.42 46.59 18.36
CA MET A 301 11.39 47.32 17.11
C MET A 301 9.99 47.80 16.74
N TYR A 302 8.97 47.01 17.04
CA TYR A 302 7.63 47.28 16.54
C TYR A 302 6.82 48.05 17.57
N ARG A 303 6.03 48.99 17.08
CA ARG A 303 5.24 49.86 17.94
C ARG A 303 3.97 49.17 18.37
N THR A 304 3.70 49.18 19.68
CA THR A 304 2.47 48.60 20.19
C THR A 304 1.55 49.65 20.82
N ASN A 305 1.99 50.36 21.85
CA ASN A 305 1.08 51.20 22.61
C ASN A 305 1.65 52.54 23.01
N TRP A 306 2.90 52.85 22.71
CA TRP A 306 3.52 54.03 23.30
C TRP A 306 4.30 54.82 22.26
N GLY A 307 3.79 54.87 21.04
CA GLY A 307 4.37 55.75 20.05
C GLY A 307 5.66 55.26 19.45
N ILE A 308 6.64 54.93 20.30
CA ILE A 308 7.91 54.43 19.81
C ILE A 308 7.70 53.07 19.17
N GLY A 309 8.53 52.75 18.18
CA GLY A 309 8.47 51.48 17.50
C GLY A 309 8.28 51.67 16.02
N HIS A 310 7.98 50.56 15.35
CA HIS A 310 7.84 50.52 13.91
C HIS A 310 6.48 49.96 13.54
N GLY A 311 5.76 50.66 12.68
CA GLY A 311 4.57 50.07 12.09
C GLY A 311 4.97 49.21 10.93
N ILE A 312 4.61 47.92 10.98
CA ILE A 312 5.04 47.01 9.92
C ILE A 312 4.51 47.45 8.57
N LYS A 313 3.29 47.99 8.55
CA LYS A 313 2.73 48.51 7.31
C LYS A 313 3.61 49.59 6.72
N ASP A 314 4.11 50.50 7.55
CA ASP A 314 4.97 51.57 7.06
C ASP A 314 6.26 51.02 6.46
N ILE A 315 6.90 50.10 7.17
CA ILE A 315 8.14 49.51 6.66
C ILE A 315 7.90 48.83 5.33
N LEU A 316 6.82 48.04 5.24
CA LEU A 316 6.53 47.34 4.00
C LEU A 316 6.31 48.32 2.87
N GLU A 317 5.36 49.22 3.01
CA GLU A 317 5.00 50.11 1.92
C GLU A 317 6.02 51.20 1.68
N ALA A 318 7.09 51.27 2.46
CA ALA A 318 8.19 52.17 2.11
C ALA A 318 9.11 51.59 1.05
N HIS A 319 9.05 50.29 0.82
CA HIS A 319 9.97 49.59 -0.07
C HIS A 319 9.29 49.38 -1.42
N LYS A 320 9.80 50.06 -2.44
CA LYS A 320 9.30 49.92 -3.80
C LYS A 320 10.26 50.64 -4.73
N GLY A 321 10.35 50.14 -5.96
CA GLY A 321 11.31 50.68 -6.91
C GLY A 321 10.82 50.63 -8.34
N PRO A 322 11.72 50.98 -9.26
CA PRO A 322 11.29 51.12 -10.67
C PRO A 322 11.06 49.81 -11.37
N PHE A 323 11.56 48.69 -10.84
CA PHE A 323 11.32 47.40 -11.47
C PHE A 323 10.03 46.75 -10.99
N THR A 324 9.53 47.12 -9.82
CA THR A 324 8.45 46.41 -9.16
C THR A 324 7.21 47.24 -8.94
N GLY A 325 7.11 48.41 -9.56
CA GLY A 325 5.91 49.21 -9.41
C GLY A 325 5.67 49.71 -8.00
N GLN A 326 4.65 49.17 -7.35
CA GLN A 326 4.26 49.56 -6.00
C GLN A 326 4.48 48.44 -5.00
N GLY A 327 5.53 47.64 -5.19
CA GLY A 327 5.77 46.46 -4.40
C GLY A 327 5.64 46.64 -2.90
N HIS A 328 5.20 45.58 -2.22
CA HIS A 328 5.09 45.51 -0.77
C HIS A 328 3.94 46.35 -0.24
N LYS A 329 3.28 47.11 -1.11
CA LYS A 329 2.06 47.79 -0.70
C LYS A 329 0.91 46.80 -0.76
N GLY A 330 0.32 46.48 0.38
CA GLY A 330 -0.77 45.55 0.43
C GLY A 330 -0.41 44.18 0.95
N LEU A 331 0.83 43.96 1.35
CA LEU A 331 1.20 42.67 1.93
C LEU A 331 0.78 42.56 3.37
N TYR A 332 0.81 43.67 4.12
CA TYR A 332 0.38 43.64 5.50
C TYR A 332 -1.07 43.22 5.62
N GLU A 333 -1.91 43.66 4.68
CA GLU A 333 -3.29 43.23 4.66
C GLU A 333 -3.43 41.77 4.24
N ILE A 334 -2.44 41.23 3.52
CA ILE A 334 -2.53 39.84 3.10
C ILE A 334 -2.06 38.93 4.22
N LEU A 335 -1.01 39.32 4.93
CA LEU A 335 -0.41 38.47 5.93
C LEU A 335 -1.11 38.51 7.27
N THR A 336 -2.22 39.24 7.38
CA THR A 336 -2.96 39.30 8.64
C THR A 336 -4.40 38.85 8.50
N THR A 337 -4.82 38.38 7.33
CA THR A 337 -6.17 37.88 7.15
C THR A 337 -6.22 36.45 6.65
N SER A 338 -5.07 35.83 6.37
CA SER A 338 -5.05 34.48 5.85
C SER A 338 -4.01 33.69 6.62
N TRP A 339 -4.45 32.61 7.25
CA TRP A 339 -3.53 31.79 8.04
C TRP A 339 -2.58 31.01 7.15
N HIS A 340 -2.97 30.73 5.91
CA HIS A 340 -2.14 29.86 5.08
C HIS A 340 -0.89 30.58 4.62
N ALA A 341 -0.97 31.88 4.36
CA ALA A 341 0.23 32.63 4.01
C ALA A 341 1.25 32.55 5.13
N GLN A 342 0.83 32.88 6.35
CA GLN A 342 1.72 32.79 7.49
C GLN A 342 2.26 31.38 7.66
N LEU A 343 1.39 30.38 7.49
CA LEU A 343 1.82 29.01 7.72
C LEU A 343 2.90 28.61 6.73
N SER A 344 2.74 28.99 5.46
CA SER A 344 3.74 28.60 4.47
C SER A 344 5.05 29.33 4.69
N ILE A 345 4.99 30.62 5.02
CA ILE A 345 6.24 31.34 5.32
C ILE A 345 6.95 30.67 6.48
N ASN A 346 6.24 30.41 7.56
CA ASN A 346 6.85 29.84 8.75
C ASN A 346 7.37 28.42 8.47
N LEU A 347 6.66 27.66 7.64
CA LEU A 347 7.10 26.32 7.33
C LEU A 347 8.40 26.33 6.53
N ALA A 348 8.47 27.19 5.51
CA ALA A 348 9.71 27.33 4.75
C ALA A 348 10.86 27.69 5.68
N MET A 349 10.65 28.67 6.54
CA MET A 349 11.74 29.11 7.40
C MET A 349 12.13 28.04 8.40
N LEU A 350 11.16 27.29 8.92
CA LEU A 350 11.48 26.26 9.89
C LEU A 350 12.20 25.09 9.25
N GLY A 351 11.86 24.74 8.01
CA GLY A 351 12.59 23.69 7.34
C GLY A 351 14.02 24.10 7.05
N SER A 352 14.20 25.30 6.49
CA SER A 352 15.54 25.83 6.32
C SER A 352 16.33 25.77 7.61
N LEU A 353 15.69 26.18 8.71
CA LEU A 353 16.36 26.21 10.00
C LEU A 353 16.74 24.81 10.46
N THR A 354 15.86 23.83 10.27
CA THR A 354 16.15 22.48 10.72
C THR A 354 17.36 21.92 9.98
N ILE A 355 17.46 22.18 8.70
CA ILE A 355 18.58 21.63 7.95
C ILE A 355 19.88 22.35 8.31
N ILE A 356 19.81 23.66 8.52
CA ILE A 356 20.98 24.37 9.02
C ILE A 356 21.42 23.79 10.35
N VAL A 357 20.45 23.44 11.19
CA VAL A 357 20.75 22.85 12.49
C VAL A 357 21.49 21.53 12.32
N ALA A 358 21.02 20.68 11.42
CA ALA A 358 21.70 19.41 11.18
C ALA A 358 23.16 19.61 10.79
N HIS A 359 23.40 20.50 9.82
CA HIS A 359 24.76 20.76 9.39
C HIS A 359 25.63 21.26 10.54
N HIS A 360 25.16 22.30 11.24
CA HIS A 360 25.98 22.88 12.28
C HIS A 360 26.21 21.92 13.43
N MET A 361 25.28 20.99 13.66
CA MET A 361 25.46 20.07 14.76
C MET A 361 26.44 18.96 14.43
N TYR A 362 26.47 18.55 13.17
CA TYR A 362 27.50 17.56 12.74
C TYR A 362 28.88 18.23 12.76
N ALA A 363 28.96 19.52 12.41
CA ALA A 363 30.25 20.17 12.21
C ALA A 363 30.86 20.65 13.52
N MET A 364 30.04 21.18 14.42
CA MET A 364 30.50 21.71 15.70
C MET A 364 29.72 21.02 16.80
N PRO A 365 30.14 19.83 17.22
CA PRO A 365 29.37 19.05 18.17
C PRO A 365 29.26 19.79 19.50
N PRO A 366 28.04 20.06 19.95
CA PRO A 366 27.87 20.88 21.14
C PRO A 366 27.84 20.09 22.43
N TYR A 367 27.63 18.84 22.36
CA TYR A 367 27.47 18.16 23.62
C TYR A 367 28.70 17.32 23.93
N PRO A 368 29.05 17.18 25.21
CA PRO A 368 30.17 16.32 25.57
C PRO A 368 29.90 14.88 25.24
N TYR A 369 30.94 14.19 24.78
CA TYR A 369 30.88 12.78 24.43
C TYR A 369 29.85 12.50 23.36
N LEU A 370 29.53 13.50 22.56
CA LEU A 370 28.63 13.33 21.43
C LEU A 370 29.37 13.02 20.15
N ALA A 371 30.49 13.72 19.90
CA ALA A 371 31.21 13.54 18.65
C ALA A 371 31.66 12.09 18.46
N THR A 372 32.21 11.49 19.50
CA THR A 372 32.70 10.13 19.40
C THR A 372 31.61 9.07 19.56
N ASP A 373 30.35 9.48 19.71
CA ASP A 373 29.22 8.57 19.72
C ASP A 373 28.64 8.57 18.31
N TYR A 374 29.22 7.74 17.45
CA TYR A 374 28.95 7.85 16.02
C TYR A 374 27.48 7.58 15.70
N GLY A 375 26.87 6.62 16.40
CA GLY A 375 25.47 6.33 16.15
C GLY A 375 24.58 7.54 16.40
N THR A 376 24.80 8.21 17.52
CA THR A 376 24.01 9.40 17.83
C THR A 376 24.20 10.47 16.78
N GLN A 377 25.45 10.71 16.35
CA GLN A 377 25.70 11.73 15.36
C GLN A 377 24.98 11.43 14.06
N LEU A 378 25.13 10.22 13.54
CA LEU A 378 24.49 9.86 12.29
C LEU A 378 22.98 9.99 12.40
N SER A 379 22.40 9.48 13.48
CA SER A 379 20.95 9.52 13.62
C SER A 379 20.44 10.95 13.71
N LEU A 380 21.14 11.80 14.46
CA LEU A 380 20.69 13.17 14.62
C LEU A 380 20.72 13.91 13.28
N PHE A 381 21.84 13.79 12.56
CA PHE A 381 21.92 14.44 11.26
C PHE A 381 20.79 13.97 10.35
N THR A 382 20.61 12.66 10.24
CA THR A 382 19.62 12.13 9.30
C THR A 382 18.21 12.57 9.68
N HIS A 383 17.88 12.48 10.98
CA HIS A 383 16.55 12.85 11.43
C HIS A 383 16.25 14.31 11.13
N HIS A 384 17.20 15.20 11.44
CA HIS A 384 16.92 16.60 11.20
C HIS A 384 16.85 16.92 9.72
N MET A 385 17.63 16.23 8.89
CA MET A 385 17.52 16.43 7.45
C MET A 385 16.12 16.08 6.96
N TRP A 386 15.60 14.93 7.40
CA TRP A 386 14.27 14.51 6.97
C TRP A 386 13.21 15.51 7.42
N ILE A 387 13.27 15.91 8.69
CA ILE A 387 12.28 16.86 9.21
C ILE A 387 12.30 18.13 8.40
N GLY A 388 13.50 18.67 8.15
CA GLY A 388 13.61 19.88 7.36
C GLY A 388 13.01 19.74 5.98
N GLY A 389 13.30 18.63 5.31
CA GLY A 389 12.75 18.44 3.98
C GLY A 389 11.24 18.40 3.97
N PHE A 390 10.65 17.65 4.89
CA PHE A 390 9.20 17.57 4.96
C PHE A 390 8.59 18.96 5.19
N LEU A 391 9.17 19.73 6.11
CA LEU A 391 8.63 21.06 6.37
C LEU A 391 8.71 21.94 5.13
N ILE A 392 9.83 21.85 4.39
CA ILE A 392 9.97 22.69 3.22
C ILE A 392 8.93 22.34 2.17
N VAL A 393 8.59 21.06 2.05
CA VAL A 393 7.55 20.70 1.09
C VAL A 393 6.19 21.22 1.53
N GLY A 394 5.92 21.15 2.84
CA GLY A 394 4.67 21.69 3.35
C GLY A 394 4.52 23.17 3.10
N ALA A 395 5.64 23.90 3.11
CA ALA A 395 5.60 25.32 2.76
C ALA A 395 4.96 25.52 1.40
N ALA A 396 5.39 24.74 0.41
CA ALA A 396 4.82 24.86 -0.93
C ALA A 396 3.35 24.48 -0.93
N ALA A 397 3.01 23.39 -0.23
CA ALA A 397 1.61 22.98 -0.17
C ALA A 397 0.73 24.14 0.28
N HIS A 398 1.16 24.84 1.32
CA HIS A 398 0.27 25.86 1.87
C HIS A 398 0.34 27.17 1.10
N ALA A 399 1.47 27.46 0.44
CA ALA A 399 1.46 28.57 -0.50
C ALA A 399 0.43 28.34 -1.60
N ALA A 400 0.35 27.10 -2.10
CA ALA A 400 -0.65 26.80 -3.13
C ALA A 400 -2.06 26.91 -2.57
N ILE A 401 -2.28 26.41 -1.36
CA ILE A 401 -3.61 26.53 -0.76
C ILE A 401 -4.00 28.00 -0.62
N PHE A 402 -3.06 28.85 -0.23
CA PHE A 402 -3.34 30.28 -0.19
C PHE A 402 -3.75 30.79 -1.55
N MET A 403 -2.93 30.50 -2.57
CA MET A 403 -3.20 31.03 -3.90
C MET A 403 -4.59 30.61 -4.38
N VAL A 404 -5.01 29.40 -4.04
CA VAL A 404 -6.29 28.92 -4.53
C VAL A 404 -7.44 29.52 -3.73
N ARG A 405 -7.34 29.54 -2.40
CA ARG A 405 -8.48 29.86 -1.57
C ARG A 405 -8.55 31.32 -1.13
N ASP A 406 -7.42 31.93 -0.78
CA ASP A 406 -7.45 33.23 -0.12
C ASP A 406 -6.94 34.38 -0.97
N TYR A 407 -6.31 34.11 -2.09
CA TYR A 407 -5.83 35.19 -2.95
C TYR A 407 -7.00 35.85 -3.64
N ASP A 408 -7.07 37.17 -3.56
CA ASP A 408 -8.16 37.92 -4.15
C ASP A 408 -7.69 39.32 -4.54
N PRO A 409 -7.52 39.60 -5.84
CA PRO A 409 -7.10 40.94 -6.24
C PRO A 409 -8.21 41.97 -6.18
N THR A 410 -9.46 41.57 -6.00
CA THR A 410 -10.53 42.56 -5.90
C THR A 410 -10.44 43.33 -4.60
N THR A 411 -10.17 42.65 -3.49
CA THR A 411 -10.17 43.28 -2.18
C THR A 411 -8.79 43.38 -1.54
N ARG A 412 -7.89 42.46 -1.83
CA ARG A 412 -6.56 42.44 -1.23
C ARG A 412 -5.55 42.31 -2.36
N TYR A 413 -5.13 43.43 -2.92
CA TYR A 413 -4.27 43.44 -4.09
C TYR A 413 -2.85 43.78 -3.68
N ASN A 414 -1.91 42.93 -4.08
CA ASN A 414 -0.49 43.21 -3.93
C ASN A 414 0.17 43.20 -5.30
N ASP A 415 1.19 44.04 -5.45
CA ASP A 415 1.79 44.23 -6.76
C ASP A 415 2.75 43.11 -7.11
N LEU A 416 3.65 42.76 -6.20
CA LEU A 416 4.67 41.76 -6.51
C LEU A 416 4.04 40.41 -6.85
N LEU A 417 3.08 39.97 -6.04
CA LEU A 417 2.38 38.73 -6.33
C LEU A 417 1.78 38.76 -7.73
N ASP A 418 1.21 39.90 -8.10
CA ASP A 418 0.60 40.04 -9.42
C ASP A 418 1.64 39.93 -10.52
N ARG A 419 2.78 40.60 -10.36
CA ARG A 419 3.80 40.56 -11.40
C ARG A 419 4.36 39.15 -11.58
N VAL A 420 4.57 38.44 -10.47
CA VAL A 420 5.06 37.08 -10.59
C VAL A 420 4.03 36.21 -11.27
N LEU A 421 2.76 36.40 -10.94
CA LEU A 421 1.71 35.68 -11.66
C LEU A 421 1.69 36.02 -13.13
N ARG A 422 2.15 37.23 -13.48
CA ARG A 422 2.09 37.66 -14.86
C ARG A 422 3.25 37.17 -15.71
N HIS A 423 4.38 36.82 -15.10
CA HIS A 423 5.48 36.24 -15.89
C HIS A 423 5.89 34.86 -15.38
N ARG A 424 4.94 34.16 -14.75
CA ARG A 424 5.16 32.78 -14.34
C ARG A 424 5.72 31.91 -15.44
N ASP A 425 5.37 32.16 -16.70
CA ASP A 425 5.85 31.28 -17.75
C ASP A 425 7.34 31.45 -17.99
N ALA A 426 7.83 32.69 -17.97
CA ALA A 426 9.27 32.90 -18.04
C ALA A 426 9.98 32.26 -16.86
N ILE A 427 9.42 32.43 -15.66
CA ILE A 427 10.02 31.85 -14.47
C ILE A 427 10.17 30.34 -14.64
N ILE A 428 9.08 29.67 -14.99
CA ILE A 428 9.10 28.21 -15.05
C ILE A 428 9.96 27.73 -16.20
N SER A 429 10.00 28.44 -17.32
CA SER A 429 10.83 28.01 -18.42
C SER A 429 12.31 28.07 -18.06
N HIS A 430 12.74 29.15 -17.40
CA HIS A 430 14.15 29.22 -17.05
C HIS A 430 14.50 28.20 -15.97
N LEU A 431 13.62 27.99 -15.01
CA LEU A 431 13.89 26.97 -14.01
C LEU A 431 13.97 25.59 -14.66
N ASN A 432 13.14 25.36 -15.68
CA ASN A 432 13.19 24.12 -16.43
C ASN A 432 14.54 23.93 -17.10
N TRP A 433 15.02 24.97 -17.77
CA TRP A 433 16.32 24.86 -18.43
C TRP A 433 17.42 24.59 -17.41
N VAL A 434 17.37 25.26 -16.27
CA VAL A 434 18.43 25.07 -15.28
C VAL A 434 18.40 23.64 -14.77
N CYS A 435 17.22 23.09 -14.53
CA CYS A 435 17.13 21.70 -14.10
C CYS A 435 17.75 20.78 -15.14
N ILE A 436 17.44 20.99 -16.42
CA ILE A 436 17.97 20.11 -17.45
C ILE A 436 19.48 20.21 -17.52
N PHE A 437 20.00 21.44 -17.57
CA PHE A 437 21.45 21.63 -17.68
C PHE A 437 22.16 21.01 -16.48
N LEU A 438 21.64 21.26 -15.28
CA LEU A 438 22.28 20.73 -14.09
C LEU A 438 22.22 19.23 -14.04
N GLY A 439 21.13 18.64 -14.53
CA GLY A 439 21.03 17.20 -14.55
C GLY A 439 21.96 16.56 -15.54
N PHE A 440 22.21 17.23 -16.67
CA PHE A 440 23.14 16.66 -17.65
C PHE A 440 24.57 16.72 -17.14
N HIS A 441 24.94 17.79 -16.47
CA HIS A 441 26.33 18.03 -16.15
C HIS A 441 26.72 17.60 -14.75
N SER A 442 25.82 16.93 -14.05
CA SER A 442 26.18 16.30 -12.78
C SER A 442 26.00 14.80 -12.84
N PHE A 443 24.83 14.32 -13.25
CA PHE A 443 24.62 12.90 -13.40
C PHE A 443 25.25 12.36 -14.68
N GLY A 444 25.28 13.18 -15.73
CA GLY A 444 25.98 12.78 -16.92
C GLY A 444 27.45 12.49 -16.67
N LEU A 445 28.05 13.23 -15.74
CA LEU A 445 29.44 12.95 -15.39
C LEU A 445 29.57 11.58 -14.73
N TYR A 446 28.59 11.20 -13.92
CA TYR A 446 28.62 9.87 -13.32
C TYR A 446 28.47 8.79 -14.37
N ILE A 447 27.59 9.00 -15.34
CA ILE A 447 27.42 7.99 -16.40
C ILE A 447 28.66 7.89 -17.25
N HIS A 448 29.28 9.04 -17.57
CA HIS A 448 30.53 9.02 -18.31
C HIS A 448 31.61 8.28 -17.55
N ASN A 449 31.70 8.51 -16.23
CA ASN A 449 32.69 7.81 -15.43
C ASN A 449 32.42 6.31 -15.44
N ASP A 450 31.16 5.91 -15.36
CA ASP A 450 30.85 4.48 -15.32
C ASP A 450 31.23 3.81 -16.62
N THR A 451 30.94 4.44 -17.75
CA THR A 451 31.30 3.79 -19.01
C THR A 451 32.79 3.86 -19.29
N MET A 452 33.42 4.95 -18.86
CA MET A 452 34.88 5.09 -19.04
C MET A 452 35.58 4.00 -18.22
N SER A 453 35.02 3.67 -17.04
CA SER A 453 35.61 2.64 -16.20
C SER A 453 35.30 1.26 -16.72
N ALA A 454 34.12 1.07 -17.30
CA ALA A 454 33.76 -0.25 -17.80
C ALA A 454 34.43 -0.59 -19.11
N LEU A 455 34.89 0.44 -19.84
CA LEU A 455 35.58 0.25 -21.14
C LEU A 455 37.09 0.19 -20.89
N GLY A 456 37.50 0.00 -19.64
CA GLY A 456 38.93 -0.09 -19.27
C GLY A 456 39.69 1.16 -19.68
N ARG A 457 39.08 2.34 -19.49
CA ARG A 457 39.72 3.64 -19.84
C ARG A 457 39.63 4.57 -18.63
N PRO A 458 40.31 4.29 -17.51
CA PRO A 458 40.25 5.13 -16.31
C PRO A 458 40.90 6.51 -16.49
N GLN A 459 41.83 6.63 -17.44
CA GLN A 459 42.53 7.94 -17.68
C GLN A 459 41.52 8.99 -18.14
N ASP A 460 40.55 8.58 -18.97
CA ASP A 460 39.49 9.48 -19.52
C ASP A 460 38.44 9.85 -18.45
N MET A 461 38.39 9.10 -17.34
CA MET A 461 37.39 9.32 -16.26
C MET A 461 37.55 10.69 -15.57
N PHE A 462 36.45 11.20 -15.02
CA PHE A 462 36.42 12.45 -14.26
C PHE A 462 36.75 12.09 -12.82
N SER A 463 38.03 12.04 -12.50
CA SER A 463 38.45 11.60 -11.18
C SER A 463 39.61 12.45 -10.70
N ASP A 464 40.13 12.11 -9.53
CA ASP A 464 41.24 12.86 -8.96
C ASP A 464 42.55 12.58 -9.65
N THR A 465 42.63 11.51 -10.45
CA THR A 465 43.87 11.14 -11.10
C THR A 465 43.81 11.18 -12.62
N ALA A 466 42.64 11.38 -13.22
CA ALA A 466 42.53 11.40 -14.67
C ALA A 466 42.11 12.76 -15.21
N ILE A 467 40.95 13.27 -14.80
CA ILE A 467 40.48 14.57 -15.20
C ILE A 467 39.89 15.23 -13.98
N GLN A 468 40.63 16.14 -13.37
CA GLN A 468 40.25 16.67 -12.07
C GLN A 468 39.21 17.76 -12.22
N LEU A 469 38.14 17.65 -11.43
CA LEU A 469 37.15 18.71 -11.27
C LEU A 469 37.26 19.14 -9.82
N GLN A 470 38.15 20.05 -9.55
CA GLN A 470 38.39 20.42 -8.16
C GLN A 470 37.45 21.54 -7.76
N PRO A 471 36.76 21.42 -6.65
CA PRO A 471 35.94 22.54 -6.17
C PRO A 471 36.81 23.65 -5.61
N VAL A 472 37.39 24.47 -6.49
CA VAL A 472 38.38 25.43 -6.04
C VAL A 472 37.76 26.47 -5.12
N PHE A 473 36.48 26.77 -5.29
CA PHE A 473 35.86 27.79 -4.46
C PHE A 473 35.66 27.30 -3.03
N ALA A 474 35.16 26.07 -2.86
CA ALA A 474 35.00 25.54 -1.52
C ALA A 474 36.34 25.35 -0.83
N GLN A 475 37.34 24.86 -1.57
CA GLN A 475 38.67 24.73 -1.00
C GLN A 475 39.20 26.08 -0.57
N TRP A 476 39.02 27.10 -1.41
CA TRP A 476 39.49 28.44 -1.06
C TRP A 476 38.79 28.96 0.18
N ILE A 477 37.48 28.76 0.26
CA ILE A 477 36.72 29.26 1.39
C ILE A 477 37.16 28.57 2.67
N GLN A 478 37.33 27.26 2.64
CA GLN A 478 37.68 26.56 3.87
C GLN A 478 39.12 26.83 4.25
N ASN A 479 40.00 27.12 3.29
CA ASN A 479 41.34 27.57 3.66
C ASN A 479 41.30 28.96 4.26
N THR A 480 40.39 29.82 3.78
CA THR A 480 40.21 31.12 4.40
C THR A 480 39.73 30.98 5.84
N HIS A 481 38.85 30.02 6.09
CA HIS A 481 38.37 29.78 7.45
C HIS A 481 39.47 29.24 8.34
N ALA A 482 40.28 28.32 7.81
CA ALA A 482 41.35 27.75 8.62
C ALA A 482 42.33 28.82 9.07
N LEU A 483 42.63 29.78 8.20
CA LEU A 483 43.52 30.87 8.54
C LEU A 483 42.86 31.97 9.34
N ALA A 484 41.55 31.87 9.58
CA ALA A 484 40.83 32.98 10.22
C ALA A 484 41.29 33.26 11.64
N PRO A 485 41.36 32.29 12.56
CA PRO A 485 41.68 32.63 13.95
C PRO A 485 43.07 33.24 14.08
N GLY A 486 43.11 34.48 14.57
CA GLY A 486 44.32 35.22 14.73
C GLY A 486 44.57 36.24 13.64
N THR A 487 44.12 35.97 12.42
CA THR A 487 44.29 36.88 11.31
C THR A 487 43.13 37.84 11.19
N THR A 488 41.92 37.30 11.14
CA THR A 488 40.74 38.09 10.88
C THR A 488 39.63 37.79 11.87
N ALA A 489 39.88 36.94 12.86
CA ALA A 489 39.07 36.83 14.06
C ALA A 489 40.03 36.80 15.23
N PRO A 490 40.65 37.94 15.54
CA PRO A 490 41.79 37.91 16.47
C PRO A 490 41.45 37.39 17.84
N GLY A 491 40.20 37.53 18.28
CA GLY A 491 39.82 37.06 19.59
C GLY A 491 39.64 35.57 19.73
N ALA A 492 39.71 34.83 18.64
CA ALA A 492 39.58 33.38 18.67
C ALA A 492 40.94 32.72 18.66
N THR A 493 41.03 31.58 19.35
CA THR A 493 42.26 30.80 19.36
C THR A 493 42.23 29.66 18.34
N THR A 494 41.15 28.89 18.34
CA THR A 494 40.95 27.84 17.35
C THR A 494 39.89 28.29 16.36
N SER A 495 40.00 27.81 15.12
CA SER A 495 38.93 28.01 14.16
C SER A 495 37.64 27.42 14.70
N THR A 496 36.52 27.91 14.18
CA THR A 496 35.23 27.57 14.76
C THR A 496 34.92 26.09 14.63
N SER A 497 35.53 25.40 13.68
CA SER A 497 35.39 23.96 13.58
C SER A 497 36.73 23.34 13.29
N LEU A 498 36.76 22.02 13.25
CA LEU A 498 37.96 21.30 12.88
C LEU A 498 37.88 20.74 11.47
N THR A 499 36.74 20.88 10.80
CA THR A 499 36.66 20.51 9.40
C THR A 499 37.30 21.56 8.51
N TRP A 500 37.53 22.78 9.01
CA TRP A 500 38.21 23.79 8.23
C TRP A 500 39.64 23.37 7.95
N GLY A 501 40.39 23.09 9.00
CA GLY A 501 41.75 22.64 8.80
C GLY A 501 42.63 23.05 9.97
N GLY A 502 43.90 23.26 9.67
CA GLY A 502 44.90 23.57 10.67
C GLY A 502 45.51 22.36 11.34
N GLY A 503 45.18 21.16 10.90
CA GLY A 503 45.67 19.94 11.55
C GLY A 503 44.82 19.57 12.77
N ASP A 504 45.38 19.76 13.96
CA ASP A 504 44.71 19.70 15.26
C ASP A 504 43.56 18.69 15.29
N LEU A 505 43.85 17.44 14.94
CA LEU A 505 42.89 16.37 15.13
C LEU A 505 42.57 16.22 16.61
N VAL A 506 41.31 15.93 16.92
CA VAL A 506 40.91 15.70 18.30
C VAL A 506 40.23 14.34 18.38
N SER A 507 40.64 13.54 19.36
CA SER A 507 40.17 12.20 19.59
C SER A 507 39.72 12.06 21.04
N VAL A 508 38.88 11.05 21.29
CA VAL A 508 38.37 10.79 22.63
C VAL A 508 38.24 9.28 22.80
N GLY A 509 38.95 8.73 23.78
CA GLY A 509 38.84 7.31 24.04
C GLY A 509 39.27 6.44 22.89
N GLY A 510 40.30 6.85 22.15
CA GLY A 510 40.77 6.07 21.04
C GLY A 510 39.94 6.18 19.78
N LYS A 511 38.93 7.05 19.77
CA LYS A 511 38.11 7.28 18.60
C LYS A 511 38.24 8.74 18.16
N VAL A 512 38.05 8.96 16.87
CA VAL A 512 38.30 10.27 16.29
C VAL A 512 37.05 11.12 16.45
N ALA A 513 37.18 12.23 17.19
CA ALA A 513 36.10 13.20 17.25
C ALA A 513 36.04 14.01 15.96
N LEU A 514 37.14 14.67 15.61
CA LEU A 514 37.11 15.49 14.41
C LEU A 514 38.51 15.70 13.85
N LEU A 515 38.55 15.94 12.54
CA LEU A 515 39.77 16.25 11.81
C LEU A 515 39.39 17.00 10.55
N PRO A 516 40.35 17.67 9.90
CA PRO A 516 40.01 18.43 8.69
C PRO A 516 39.45 17.53 7.60
N ILE A 517 38.36 17.98 6.99
CA ILE A 517 37.66 17.22 5.95
C ILE A 517 38.17 17.69 4.60
N PRO A 518 38.72 16.81 3.77
CA PRO A 518 39.25 17.25 2.48
C PRO A 518 38.21 17.19 1.39
N LEU A 519 38.27 18.17 0.49
CA LEU A 519 37.32 18.30 -0.61
C LEU A 519 38.04 18.00 -1.92
N GLY A 520 37.64 16.92 -2.59
CA GLY A 520 38.24 16.55 -3.85
C GLY A 520 37.24 16.56 -4.98
N THR A 521 37.51 15.76 -6.02
CA THR A 521 36.63 15.77 -7.17
C THR A 521 35.29 15.12 -6.87
N ALA A 522 35.29 14.06 -6.06
CA ALA A 522 34.04 13.41 -5.70
C ALA A 522 33.12 14.37 -4.97
N ASP A 523 33.69 15.24 -4.14
CA ASP A 523 32.87 16.25 -3.46
C ASP A 523 32.25 17.21 -4.46
N PHE A 524 33.01 17.64 -5.46
CA PHE A 524 32.45 18.47 -6.52
C PHE A 524 31.26 17.79 -7.18
N LEU A 525 31.44 16.54 -7.61
CA LEU A 525 30.38 15.83 -8.30
C LEU A 525 29.13 15.72 -7.43
N VAL A 526 29.31 15.32 -6.17
CA VAL A 526 28.12 15.07 -5.37
C VAL A 526 27.46 16.38 -4.94
N HIS A 527 28.22 17.45 -4.80
CA HIS A 527 27.60 18.73 -4.51
C HIS A 527 26.76 19.21 -5.67
N HIS A 528 27.22 18.96 -6.89
CA HIS A 528 26.39 19.35 -8.01
C HIS A 528 25.19 18.45 -8.16
N ILE A 529 25.29 17.19 -7.76
CA ILE A 529 24.10 16.34 -7.69
C ILE A 529 23.10 16.94 -6.71
N HIS A 530 23.58 17.43 -5.57
CA HIS A 530 22.69 18.05 -4.59
C HIS A 530 22.00 19.26 -5.18
N ALA A 531 22.77 20.16 -5.80
CA ALA A 531 22.18 21.33 -6.45
C ALA A 531 21.12 20.92 -7.44
N PHE A 532 21.39 19.88 -8.22
CA PHE A 532 20.43 19.42 -9.22
C PHE A 532 19.12 18.99 -8.58
N THR A 533 19.20 18.11 -7.57
CA THR A 533 17.97 17.60 -6.96
C THR A 533 17.18 18.73 -6.31
N ILE A 534 17.86 19.64 -5.62
CA ILE A 534 17.16 20.75 -4.99
C ILE A 534 16.47 21.61 -6.05
N HIS A 535 17.15 21.86 -7.16
CA HIS A 535 16.54 22.68 -8.19
C HIS A 535 15.32 22.01 -8.79
N VAL A 536 15.36 20.70 -8.95
CA VAL A 536 14.22 20.03 -9.58
C VAL A 536 13.02 20.04 -8.65
N THR A 537 13.23 19.78 -7.36
CA THR A 537 12.08 19.82 -6.47
C THR A 537 11.54 21.24 -6.34
N VAL A 538 12.43 22.23 -6.36
CA VAL A 538 11.96 23.61 -6.37
C VAL A 538 11.14 23.88 -7.62
N LEU A 539 11.56 23.33 -8.76
CA LEU A 539 10.80 23.53 -9.98
C LEU A 539 9.40 22.97 -9.84
N ILE A 540 9.28 21.75 -9.33
CA ILE A 540 7.96 21.14 -9.20
C ILE A 540 7.08 21.97 -8.28
N LEU A 541 7.60 22.33 -7.11
CA LEU A 541 6.78 23.04 -6.15
C LEU A 541 6.41 24.43 -6.64
N LEU A 542 7.36 25.16 -7.21
CA LEU A 542 7.09 26.50 -7.70
C LEU A 542 6.12 26.47 -8.88
N LYS A 543 6.23 25.46 -9.73
CA LYS A 543 5.27 25.33 -10.82
C LYS A 543 3.89 25.05 -10.29
N GLY A 544 3.79 24.26 -9.22
CA GLY A 544 2.50 24.03 -8.61
C GLY A 544 1.90 25.29 -8.01
N VAL A 545 2.73 26.12 -7.39
CA VAL A 545 2.22 27.32 -6.76
C VAL A 545 1.82 28.35 -7.81
N LEU A 546 2.70 28.62 -8.77
CA LEU A 546 2.47 29.68 -9.73
C LEU A 546 1.30 29.37 -10.65
N PHE A 547 1.06 28.10 -10.94
CA PHE A 547 -0.01 27.69 -11.83
C PHE A 547 -1.18 27.06 -11.08
N ALA A 548 -1.42 27.50 -9.86
CA ALA A 548 -2.48 26.88 -9.06
C ALA A 548 -3.86 27.41 -9.43
N ARG A 549 -3.94 28.64 -9.90
CA ARG A 549 -5.22 29.26 -10.18
C ARG A 549 -5.67 29.05 -11.62
N SER A 550 -4.75 29.14 -12.57
CA SER A 550 -5.12 29.02 -13.97
C SER A 550 -3.89 28.69 -14.78
N SER A 551 -4.12 28.15 -15.98
CA SER A 551 -3.07 27.85 -16.92
C SER A 551 -3.63 28.02 -18.32
N ARG A 552 -2.80 27.71 -19.32
CA ARG A 552 -3.22 27.73 -20.73
C ARG A 552 -3.96 26.42 -21.03
N LEU A 553 -3.82 25.44 -20.13
CA LEU A 553 -4.47 24.11 -20.27
C LEU A 553 -5.91 24.19 -19.78
N ILE A 554 -6.13 24.39 -18.47
CA ILE A 554 -7.53 24.49 -17.96
C ILE A 554 -7.58 25.86 -17.32
N PRO A 555 -8.17 27.00 -18.02
CA PRO A 555 -8.45 28.65 -17.80
C PRO A 555 -9.27 28.97 -16.53
N ASP A 556 -9.71 27.96 -15.79
CA ASP A 556 -10.50 28.23 -14.59
C ASP A 556 -10.22 27.18 -13.53
N LYS A 557 -8.92 26.92 -13.33
CA LYS A 557 -8.45 25.86 -12.40
C LYS A 557 -8.81 26.17 -10.93
N ALA A 558 -9.06 27.43 -10.60
CA ALA A 558 -9.40 27.77 -9.21
C ALA A 558 -10.80 27.35 -8.85
N ASN A 559 -11.73 27.36 -9.81
CA ASN A 559 -13.10 26.96 -9.51
C ASN A 559 -13.19 25.48 -9.18
N LEU A 560 -12.19 24.70 -9.60
CA LEU A 560 -12.16 23.24 -9.32
C LEU A 560 -11.64 23.00 -7.90
N GLY A 561 -11.17 24.07 -7.23
CA GLY A 561 -10.65 23.98 -5.86
C GLY A 561 -9.17 23.65 -5.82
N PHE A 562 -8.55 23.75 -4.63
CA PHE A 562 -7.10 23.46 -4.45
C PHE A 562 -6.80 21.99 -4.72
N ARG A 563 -7.66 21.09 -4.23
CA ARG A 563 -7.43 19.63 -4.40
C ARG A 563 -8.58 19.00 -5.18
N PHE A 564 -8.25 18.25 -6.24
CA PHE A 564 -9.28 17.57 -7.09
C PHE A 564 -8.59 16.50 -7.96
N PRO A 565 -9.32 15.46 -8.43
CA PRO A 565 -8.73 14.43 -9.29
C PRO A 565 -8.31 15.03 -10.63
N CYS A 566 -9.27 15.35 -11.49
CA CYS A 566 -8.97 16.00 -12.80
C CYS A 566 -10.21 16.77 -13.25
N ASP A 567 -10.29 17.05 -14.55
CA ASP A 567 -11.43 17.74 -15.22
C ASP A 567 -11.74 16.91 -16.47
N GLY A 568 -11.66 15.58 -16.35
CA GLY A 568 -11.93 14.66 -17.48
C GLY A 568 -10.69 14.39 -18.32
N PRO A 569 -10.73 13.44 -19.27
CA PRO A 569 -9.57 13.13 -20.13
C PRO A 569 -9.58 13.99 -21.39
N GLY A 570 -10.09 15.23 -21.27
CA GLY A 570 -10.18 16.17 -22.39
C GLY A 570 -8.88 16.92 -22.65
N ARG A 571 -8.83 17.66 -23.77
CA ARG A 571 -7.62 18.44 -24.17
C ARG A 571 -6.40 17.52 -24.20
N GLY A 572 -6.61 16.21 -24.35
CA GLY A 572 -5.52 15.27 -24.37
C GLY A 572 -5.37 14.45 -23.11
N GLY A 573 -5.94 14.91 -22.00
CA GLY A 573 -5.78 14.26 -20.72
C GLY A 573 -5.27 15.24 -19.69
N THR A 574 -6.06 15.47 -18.65
CA THR A 574 -5.68 16.46 -17.60
C THR A 574 -5.51 15.75 -16.25
N CYS A 575 -4.78 14.64 -16.24
CA CYS A 575 -4.57 13.88 -14.99
C CYS A 575 -3.64 14.69 -14.06
N GLN A 576 -4.03 14.85 -12.80
CA GLN A 576 -3.25 15.60 -11.79
C GLN A 576 -2.91 17.00 -12.32
N VAL A 577 -3.91 17.80 -12.70
CA VAL A 577 -3.59 19.18 -13.19
C VAL A 577 -3.72 20.15 -12.00
N SER A 578 -4.07 19.64 -10.82
CA SER A 578 -4.29 20.48 -9.61
C SER A 578 -2.99 20.77 -8.85
N ALA A 579 -3.04 21.79 -7.98
CA ALA A 579 -1.91 22.25 -7.13
C ALA A 579 -1.51 21.15 -6.14
N TRP A 580 -2.49 20.45 -5.57
CA TRP A 580 -2.24 19.38 -4.56
C TRP A 580 -1.37 18.28 -5.17
N ASP A 581 -1.63 17.93 -6.44
CA ASP A 581 -0.87 16.89 -7.16
C ASP A 581 0.61 17.31 -7.30
N HIS A 582 0.88 18.60 -7.49
CA HIS A 582 2.27 19.11 -7.61
C HIS A 582 3.02 18.83 -6.30
N VAL A 583 2.34 19.02 -5.17
CA VAL A 583 2.93 18.75 -3.81
C VAL A 583 3.26 17.26 -3.69
N PHE A 584 2.39 16.40 -4.26
CA PHE A 584 2.54 14.93 -4.23
C PHE A 584 3.86 14.53 -4.92
N LEU A 585 4.21 15.20 -6.02
CA LEU A 585 5.48 14.90 -6.75
C LEU A 585 6.67 15.41 -5.91
N GLY A 586 6.66 16.70 -5.57
CA GLY A 586 7.67 17.39 -4.73
C GLY A 586 8.07 16.48 -3.58
N LEU A 587 7.09 15.79 -2.96
CA LEU A 587 7.43 14.85 -1.86
C LEU A 587 8.33 13.74 -2.44
N PHE A 588 8.01 13.25 -3.65
CA PHE A 588 8.86 12.20 -4.26
C PHE A 588 10.30 12.71 -4.47
N TRP A 589 10.44 13.91 -5.01
CA TRP A 589 11.72 14.54 -5.30
C TRP A 589 12.41 15.02 -4.05
N MET A 590 11.65 15.48 -3.06
CA MET A 590 12.25 15.74 -1.76
C MET A 590 12.85 14.48 -1.17
N TYR A 591 12.15 13.36 -1.31
CA TYR A 591 12.68 12.09 -0.84
C TYR A 591 14.00 11.78 -1.52
N ASN A 592 14.03 11.92 -2.84
CA ASN A 592 15.25 11.66 -3.60
C ASN A 592 16.40 12.54 -3.11
N ALA A 593 16.14 13.84 -2.99
CA ALA A 593 17.18 14.78 -2.60
C ALA A 593 17.72 14.46 -1.22
N ILE A 594 16.84 14.29 -0.24
CA ILE A 594 17.29 14.06 1.13
C ILE A 594 17.99 12.72 1.22
N SER A 595 17.54 11.72 0.46
CA SER A 595 18.19 10.42 0.48
C SER A 595 19.63 10.53 -0.02
N VAL A 596 19.82 11.23 -1.13
CA VAL A 596 21.18 11.41 -1.64
C VAL A 596 22.02 12.19 -0.65
N VAL A 597 21.42 13.16 0.03
CA VAL A 597 22.19 13.98 0.98
C VAL A 597 22.67 13.12 2.14
N ILE A 598 21.78 12.31 2.71
CA ILE A 598 22.19 11.53 3.88
C ILE A 598 23.16 10.42 3.47
N PHE A 599 23.01 9.86 2.26
CA PHE A 599 23.99 8.89 1.79
C PHE A 599 25.36 9.54 1.66
N HIS A 600 25.41 10.71 1.03
CA HIS A 600 26.66 11.44 0.92
C HIS A 600 27.29 11.67 2.28
N PHE A 601 26.51 12.19 3.23
CA PHE A 601 27.03 12.45 4.57
C PHE A 601 27.59 11.18 5.18
N SER A 602 26.81 10.10 5.15
CA SER A 602 27.22 8.89 5.85
C SER A 602 28.49 8.31 5.25
N TRP A 603 28.53 8.20 3.93
CA TRP A 603 29.73 7.63 3.28
C TRP A 603 30.95 8.52 3.55
N LYS A 604 30.82 9.84 3.34
CA LYS A 604 31.96 10.73 3.51
C LYS A 604 32.47 10.69 4.95
N MET A 605 31.57 10.61 5.92
CA MET A 605 31.99 10.57 7.31
C MET A 605 32.66 9.24 7.64
N GLN A 606 32.06 8.14 7.21
CA GLN A 606 32.66 6.81 7.51
C GLN A 606 33.97 6.64 6.73
N SER A 607 34.19 7.45 5.68
CA SER A 607 35.41 7.31 4.83
C SER A 607 36.53 8.30 5.18
N ASP A 608 36.21 9.53 5.57
CA ASP A 608 37.33 10.51 5.76
C ASP A 608 37.38 11.11 7.16
N VAL A 609 36.42 10.84 8.05
CA VAL A 609 36.54 11.48 9.35
C VAL A 609 36.54 10.45 10.48
N TRP A 610 35.45 9.72 10.61
CA TRP A 610 35.35 8.77 11.70
C TRP A 610 36.40 7.68 11.56
N GLY A 611 36.55 6.90 12.61
CA GLY A 611 37.52 5.84 12.66
C GLY A 611 38.21 5.85 13.99
N SER A 612 39.22 4.99 14.12
CA SER A 612 39.93 4.81 15.38
C SER A 612 41.35 5.32 15.28
N ILE A 613 41.75 6.12 16.26
CA ILE A 613 43.10 6.62 16.42
C ILE A 613 43.90 5.59 17.22
N ASN A 614 45.21 5.68 17.16
CA ASN A 614 46.08 4.70 17.80
C ASN A 614 47.25 5.42 18.44
N ASP A 615 48.29 4.65 18.81
CA ASP A 615 49.34 5.18 19.68
C ASP A 615 50.26 6.15 18.95
N GLN A 616 50.63 5.84 17.70
CA GLN A 616 51.48 6.78 16.97
C GLN A 616 50.71 8.01 16.50
N GLY A 617 49.38 7.96 16.54
CA GLY A 617 48.59 8.92 15.81
C GLY A 617 48.20 8.42 14.44
N VAL A 618 48.22 7.11 14.24
CA VAL A 618 47.78 6.52 12.98
C VAL A 618 46.26 6.37 13.06
N VAL A 619 45.56 7.02 12.14
CA VAL A 619 44.11 6.99 12.11
C VAL A 619 43.69 5.96 11.08
N THR A 620 43.08 4.89 11.52
CA THR A 620 42.42 3.99 10.58
C THR A 620 40.96 4.41 10.57
N HIS A 621 40.47 4.87 9.41
CA HIS A 621 39.05 5.28 9.25
C HIS A 621 38.16 4.03 9.07
N ILE A 622 36.84 4.20 9.11
CA ILE A 622 35.92 3.03 8.96
C ILE A 622 36.17 2.41 7.58
N THR A 623 36.29 3.25 6.54
CA THR A 623 36.68 2.80 5.18
C THR A 623 37.89 3.64 4.77
N GLY A 624 39.01 3.00 4.43
CA GLY A 624 40.28 3.69 4.11
C GLY A 624 40.18 4.65 2.94
N GLY A 625 39.53 5.80 3.11
CA GLY A 625 39.46 6.77 1.99
C GLY A 625 38.93 6.14 0.72
N ASN A 626 37.90 5.30 0.83
CA ASN A 626 37.32 4.64 -0.37
C ASN A 626 36.29 5.58 -1.00
N PHE A 627 36.03 6.73 -0.37
CA PHE A 627 35.08 7.66 -0.97
C PHE A 627 35.71 8.50 -2.05
N ALA A 628 37.02 8.76 -1.97
CA ALA A 628 37.66 9.64 -2.93
C ALA A 628 37.82 8.97 -4.29
N GLN A 629 37.90 7.65 -4.33
CA GLN A 629 38.13 6.94 -5.58
C GLN A 629 36.95 6.10 -6.03
N SER A 630 36.07 5.67 -5.13
CA SER A 630 34.98 4.80 -5.51
C SER A 630 33.65 5.51 -5.66
N SER A 631 33.51 6.72 -5.13
CA SER A 631 32.23 7.41 -5.21
C SER A 631 32.02 8.12 -6.52
N ILE A 632 32.97 8.04 -7.45
CA ILE A 632 32.86 8.81 -8.69
C ILE A 632 32.09 8.08 -9.77
N THR A 633 31.73 6.82 -9.57
CA THR A 633 30.91 6.09 -10.50
C THR A 633 29.78 5.40 -9.74
N ILE A 634 28.65 5.20 -10.42
CA ILE A 634 27.49 4.62 -9.78
C ILE A 634 27.76 3.20 -9.30
N ASN A 635 28.60 2.46 -10.03
CA ASN A 635 28.96 1.13 -9.55
C ASN A 635 29.65 1.20 -8.20
N GLY A 636 30.37 2.30 -7.94
CA GLY A 636 30.99 2.46 -6.64
C GLY A 636 29.97 2.65 -5.53
N TRP A 637 28.91 3.41 -5.81
CA TRP A 637 27.84 3.56 -4.82
C TRP A 637 27.12 2.25 -4.58
N LEU A 638 26.85 1.50 -5.65
CA LEU A 638 26.13 0.26 -5.48
C LEU A 638 26.97 -0.80 -4.78
N ARG A 639 28.28 -0.79 -5.02
CA ARG A 639 29.15 -1.85 -4.48
C ARG A 639 29.78 -1.44 -3.15
N ASP A 640 30.49 -0.32 -3.14
CA ASP A 640 31.24 0.05 -1.96
C ASP A 640 30.37 0.65 -0.87
N PHE A 641 29.24 1.26 -1.22
CA PHE A 641 28.38 1.83 -0.21
C PHE A 641 27.23 0.91 0.17
N LEU A 642 26.35 0.60 -0.76
CA LEU A 642 25.14 -0.14 -0.40
C LEU A 642 25.46 -1.60 -0.12
N TRP A 643 26.10 -2.27 -1.06
CA TRP A 643 26.38 -3.70 -0.90
C TRP A 643 27.29 -3.96 0.29
N ALA A 644 28.34 -3.13 0.42
CA ALA A 644 29.31 -3.28 1.53
C ALA A 644 28.67 -2.96 2.89
N GLN A 645 28.13 -1.75 3.01
CA GLN A 645 27.49 -1.26 4.27
C GLN A 645 26.25 -2.09 4.64
N ALA A 646 25.54 -2.60 3.63
CA ALA A 646 24.28 -3.39 3.80
C ALA A 646 24.52 -4.73 4.51
N SER A 647 25.74 -5.27 4.47
CA SER A 647 26.06 -6.58 5.09
C SER A 647 25.78 -6.57 6.60
N GLN A 648 26.08 -5.45 7.28
CA GLN A 648 25.84 -5.37 8.75
C GLN A 648 24.38 -5.70 9.08
N VAL A 649 23.43 -5.02 8.44
CA VAL A 649 21.97 -5.22 8.70
C VAL A 649 21.52 -6.65 8.34
N ILE A 650 22.04 -7.22 7.25
CA ILE A 650 21.65 -8.59 6.82
C ILE A 650 22.05 -9.63 7.87
N GLN A 651 23.20 -9.43 8.53
CA GLN A 651 23.74 -10.39 9.55
C GLN A 651 23.20 -10.06 10.95
N SER A 652 22.32 -9.05 11.07
CA SER A 652 21.74 -8.62 12.36
C SER A 652 20.91 -9.74 13.02
N TYR A 653 20.26 -10.59 12.21
CA TYR A 653 19.40 -11.69 12.75
C TYR A 653 20.24 -12.59 13.67
N GLY A 654 19.61 -13.02 14.78
CA GLY A 654 20.27 -13.90 15.77
C GLY A 654 21.02 -13.12 16.84
N SER A 655 20.94 -11.78 16.80
CA SER A 655 21.62 -10.92 17.80
C SER A 655 20.62 -9.90 18.35
N SER A 656 21.11 -8.88 19.07
CA SER A 656 20.23 -7.85 19.62
C SER A 656 19.88 -6.78 18.60
N LEU A 657 20.56 -6.79 17.44
CA LEU A 657 20.25 -5.80 16.37
C LEU A 657 19.25 -6.44 15.39
N SER A 658 18.69 -7.59 15.78
CA SER A 658 17.73 -8.34 14.91
C SER A 658 16.52 -7.49 14.52
N ALA A 659 16.06 -6.60 15.41
CA ALA A 659 14.92 -5.75 15.11
C ALA A 659 15.23 -4.84 13.93
N TYR A 660 16.49 -4.47 13.75
CA TYR A 660 16.84 -3.61 12.62
C TYR A 660 16.74 -4.36 11.31
N GLY A 661 17.13 -5.64 11.34
CA GLY A 661 17.01 -6.51 10.14
C GLY A 661 15.53 -6.66 9.79
N LEU A 662 14.71 -6.94 10.81
CA LEU A 662 13.26 -7.08 10.63
C LEU A 662 12.67 -5.82 10.03
N PHE A 663 13.07 -4.65 10.54
CA PHE A 663 12.53 -3.41 10.00
C PHE A 663 13.05 -3.13 8.60
N PHE A 664 14.28 -3.51 8.30
CA PHE A 664 14.80 -3.44 6.93
C PHE A 664 13.87 -4.15 5.97
N LEU A 665 13.58 -5.42 6.25
CA LEU A 665 12.73 -6.18 5.36
C LEU A 665 11.31 -5.64 5.34
N GLY A 666 10.77 -5.27 6.50
CA GLY A 666 9.41 -4.76 6.53
C GLY A 666 9.25 -3.47 5.78
N ALA A 667 10.27 -2.61 5.82
CA ALA A 667 10.22 -1.35 5.09
C ALA A 667 10.33 -1.59 3.60
N HIS A 668 11.18 -2.52 3.18
CA HIS A 668 11.17 -2.93 1.78
C HIS A 668 9.78 -3.35 1.37
N PHE A 669 9.12 -4.14 2.20
CA PHE A 669 7.79 -4.62 1.86
C PHE A 669 6.81 -3.47 1.70
N VAL A 670 6.74 -2.58 2.69
CA VAL A 670 5.74 -1.52 2.62
C VAL A 670 6.03 -0.56 1.47
N TRP A 671 7.31 -0.35 1.15
CA TRP A 671 7.64 0.46 -0.01
C TRP A 671 7.12 -0.18 -1.29
N ALA A 672 7.42 -1.45 -1.51
CA ALA A 672 6.88 -2.15 -2.67
C ALA A 672 5.36 -2.12 -2.67
N PHE A 673 4.75 -2.16 -1.48
CA PHE A 673 3.30 -2.17 -1.38
C PHE A 673 2.71 -0.87 -1.90
N SER A 674 3.36 0.26 -1.62
CA SER A 674 2.89 1.54 -2.13
C SER A 674 2.68 1.53 -3.63
N LEU A 675 3.45 0.72 -4.35
CA LEU A 675 3.38 0.75 -5.80
C LEU A 675 2.03 0.30 -6.32
N MET A 676 1.32 -0.52 -5.55
CA MET A 676 -0.02 -0.94 -5.98
C MET A 676 -0.94 0.25 -6.07
N PHE A 677 -0.82 1.19 -5.14
CA PHE A 677 -1.64 2.39 -5.19
C PHE A 677 -1.12 3.40 -6.19
N LEU A 678 0.20 3.43 -6.39
CA LEU A 678 0.82 4.47 -7.26
C LEU A 678 0.75 4.11 -8.76
N PHE A 679 0.53 2.86 -9.11
CA PHE A 679 0.52 2.47 -10.52
C PHE A 679 -0.88 2.24 -11.08
N SER A 680 -1.89 2.11 -10.24
CA SER A 680 -3.21 1.73 -10.70
C SER A 680 -4.18 2.89 -10.54
N GLY A 681 -5.43 2.66 -10.97
CA GLY A 681 -6.46 3.65 -10.87
C GLY A 681 -7.70 3.05 -10.23
N ARG A 682 -8.56 3.94 -9.74
CA ARG A 682 -9.67 3.48 -8.92
C ARG A 682 -10.77 2.81 -9.71
N GLY A 683 -10.75 2.89 -11.05
CA GLY A 683 -11.80 2.25 -11.82
C GLY A 683 -11.74 0.74 -11.72
N TYR A 684 -10.55 0.17 -11.91
CA TYR A 684 -10.39 -1.27 -11.77
C TYR A 684 -10.85 -1.72 -10.39
N TRP A 685 -10.52 -0.95 -9.36
CA TRP A 685 -10.81 -1.38 -8.01
C TRP A 685 -12.29 -1.28 -7.71
N GLN A 686 -12.95 -0.25 -8.21
CA GLN A 686 -14.40 -0.18 -8.06
C GLN A 686 -15.06 -1.37 -8.73
N GLU A 687 -14.57 -1.73 -9.92
CA GLU A 687 -15.19 -2.84 -10.64
C GLU A 687 -14.92 -4.17 -9.94
N LEU A 688 -13.82 -4.29 -9.21
CA LEU A 688 -13.57 -5.53 -8.47
C LEU A 688 -14.39 -5.59 -7.18
N ILE A 689 -14.44 -4.48 -6.45
CA ILE A 689 -15.29 -4.39 -5.27
C ILE A 689 -16.73 -4.67 -5.63
N GLU A 690 -17.13 -4.39 -6.87
CA GLU A 690 -18.48 -4.73 -7.30
C GLU A 690 -18.78 -6.21 -7.14
N SER A 691 -17.89 -7.06 -7.65
CA SER A 691 -18.16 -8.50 -7.57
C SER A 691 -17.94 -9.03 -6.15
N ILE A 692 -17.01 -8.44 -5.40
CA ILE A 692 -16.91 -8.83 -3.99
C ILE A 692 -18.20 -8.52 -3.26
N VAL A 693 -18.78 -7.35 -3.53
CA VAL A 693 -20.05 -6.98 -2.94
C VAL A 693 -21.14 -7.95 -3.36
N TRP A 694 -21.09 -8.40 -4.61
CA TRP A 694 -22.01 -9.44 -5.04
C TRP A 694 -21.87 -10.68 -4.17
N ALA A 695 -20.64 -11.11 -3.93
CA ALA A 695 -20.41 -12.30 -3.13
C ALA A 695 -20.98 -12.14 -1.75
N HIS A 696 -20.87 -10.95 -1.18
CA HIS A 696 -21.45 -10.72 0.15
C HIS A 696 -22.97 -10.73 0.10
N ASN A 697 -23.54 -10.00 -0.85
CA ASN A 697 -24.98 -9.92 -0.98
C ASN A 697 -25.60 -11.29 -1.16
N LYS A 698 -24.89 -12.21 -1.82
CA LYS A 698 -25.42 -13.55 -2.01
C LYS A 698 -25.68 -14.26 -0.69
N LEU A 699 -25.02 -13.84 0.38
CA LEU A 699 -25.15 -14.49 1.67
C LEU A 699 -25.72 -13.58 2.74
N LYS A 700 -26.44 -12.53 2.34
CA LYS A 700 -27.08 -11.60 3.27
C LYS A 700 -26.08 -11.00 4.24
N VAL A 701 -24.85 -10.79 3.79
CA VAL A 701 -23.80 -10.28 4.65
C VAL A 701 -23.25 -9.04 3.96
N ALA A 702 -24.09 -8.38 3.18
CA ALA A 702 -23.50 -7.17 2.62
C ALA A 702 -23.70 -6.00 3.57
N PRO A 703 -22.73 -5.11 3.68
CA PRO A 703 -22.86 -3.99 4.61
C PRO A 703 -23.80 -2.92 4.07
N ALA A 704 -24.30 -2.10 4.99
CA ALA A 704 -25.18 -1.01 4.57
C ALA A 704 -24.39 0.20 4.11
N THR A 705 -23.30 0.52 4.79
CA THR A 705 -22.42 1.58 4.30
C THR A 705 -21.71 1.03 3.06
N GLN A 706 -22.18 1.45 1.90
CA GLN A 706 -21.77 0.84 0.65
C GLN A 706 -20.27 0.99 0.45
N PRO A 707 -19.54 -0.10 0.24
CA PRO A 707 -18.08 0.00 0.08
C PRO A 707 -17.73 0.57 -1.28
N ARG A 708 -17.04 1.70 -1.28
CA ARG A 708 -16.51 2.32 -2.47
C ARG A 708 -15.00 2.20 -2.47
N ALA A 709 -14.42 2.11 -3.66
CA ALA A 709 -12.99 2.27 -3.76
C ALA A 709 -12.61 3.69 -3.36
N LEU A 710 -11.34 3.88 -3.01
CA LEU A 710 -10.91 5.18 -2.56
C LEU A 710 -11.03 6.20 -3.67
N SER A 711 -11.06 7.47 -3.29
CA SER A 711 -11.06 8.52 -4.30
C SER A 711 -9.75 8.48 -5.07
N ILE A 712 -9.72 9.21 -6.18
CA ILE A 712 -8.50 9.27 -7.03
C ILE A 712 -7.39 9.94 -6.20
N VAL A 713 -7.71 11.06 -5.56
CA VAL A 713 -6.73 11.82 -4.72
C VAL A 713 -6.30 10.95 -3.54
N GLN A 714 -7.25 10.25 -2.91
CA GLN A 714 -6.91 9.40 -1.72
C GLN A 714 -5.96 8.27 -2.15
N GLY A 715 -6.19 7.67 -3.32
CA GLY A 715 -5.32 6.59 -3.80
C GLY A 715 -3.90 7.10 -3.96
N ARG A 716 -3.75 8.30 -4.52
CA ARG A 716 -2.41 8.91 -4.70
C ARG A 716 -1.81 9.18 -3.31
N ALA A 717 -2.64 9.67 -2.39
CA ALA A 717 -2.19 9.98 -1.01
C ALA A 717 -1.71 8.71 -0.31
N VAL A 718 -2.47 7.61 -0.45
CA VAL A 718 -2.07 6.31 0.18
C VAL A 718 -0.77 5.85 -0.46
N GLY A 719 -0.66 5.98 -1.78
CA GLY A 719 0.55 5.56 -2.54
C GLY A 719 1.78 6.34 -2.15
N VAL A 720 1.65 7.66 -1.98
CA VAL A 720 2.84 8.51 -1.65
C VAL A 720 3.23 8.32 -0.18
N THR A 721 2.26 8.21 0.73
CA THR A 721 2.59 8.04 2.13
C THR A 721 3.25 6.69 2.38
N HIS A 722 2.73 5.63 1.77
CA HIS A 722 3.36 4.33 1.93
C HIS A 722 4.75 4.32 1.33
N TYR A 723 4.93 4.95 0.18
CA TYR A 723 6.24 5.02 -0.46
C TYR A 723 7.24 5.68 0.46
N LEU A 724 6.89 6.84 1.00
CA LEU A 724 7.81 7.56 1.87
C LEU A 724 8.10 6.76 3.13
N LEU A 725 7.07 6.18 3.73
CA LEU A 725 7.30 5.36 4.92
C LEU A 725 8.28 4.25 4.63
N GLY A 726 8.04 3.51 3.55
CA GLY A 726 8.93 2.40 3.22
C GLY A 726 10.36 2.84 3.01
N GLY A 727 10.58 3.85 2.17
CA GLY A 727 11.94 4.25 1.88
C GLY A 727 12.66 4.81 3.08
N ILE A 728 12.01 5.70 3.81
CA ILE A 728 12.67 6.31 4.97
C ILE A 728 12.95 5.25 6.02
N ALA A 729 12.04 4.29 6.18
CA ALA A 729 12.25 3.29 7.22
C ALA A 729 13.36 2.32 6.85
N THR A 730 13.49 1.96 5.58
CA THR A 730 14.59 1.07 5.23
C THR A 730 15.93 1.78 5.37
N THR A 731 15.99 3.07 5.02
CA THR A 731 17.21 3.81 5.25
C THR A 731 17.51 3.92 6.74
N TRP A 732 16.49 4.14 7.56
CA TRP A 732 16.65 4.23 9.00
C TRP A 732 17.25 2.96 9.55
N ALA A 733 16.66 1.81 9.20
CA ALA A 733 17.16 0.54 9.69
C ALA A 733 18.60 0.32 9.25
N PHE A 734 18.89 0.56 7.97
CA PHE A 734 20.25 0.35 7.46
C PHE A 734 21.25 1.20 8.22
N PHE A 735 20.99 2.51 8.32
CA PHE A 735 21.90 3.41 9.02
C PHE A 735 22.12 2.96 10.45
N LEU A 736 21.03 2.71 11.19
CA LEU A 736 21.18 2.42 12.61
C LEU A 736 21.92 1.12 12.84
N ALA A 737 21.49 0.05 12.16
CA ALA A 737 22.13 -1.28 12.31
C ALA A 737 23.62 -1.19 11.99
N ARG A 738 23.95 -0.52 10.89
CA ARG A 738 25.37 -0.38 10.41
C ARG A 738 26.22 0.42 11.40
N ILE A 739 25.74 1.59 11.84
CA ILE A 739 26.53 2.45 12.70
C ILE A 739 26.56 1.96 14.14
N ILE A 740 25.61 1.11 14.54
CA ILE A 740 25.67 0.58 15.89
C ILE A 740 26.58 -0.63 15.94
N ALA A 741 26.65 -1.37 14.83
CA ALA A 741 27.50 -2.57 14.74
C ALA A 741 28.96 -2.18 14.51
N VAL A 742 29.22 -1.23 13.60
CA VAL A 742 30.62 -0.81 13.26
C VAL A 742 31.08 0.34 14.16
N GLY A 743 30.15 1.15 14.68
CA GLY A 743 30.51 2.26 15.53
C GLY A 743 31.05 1.83 16.88
N ALA B 1 -5.72 10.33 -45.70
CA ALA B 1 -4.35 9.99 -46.06
C ALA B 1 -3.48 11.24 -46.11
N LEU B 2 -2.83 11.46 -47.26
CA LEU B 2 -2.00 12.64 -47.53
C LEU B 2 -0.98 12.91 -46.43
N ARG B 3 -0.69 11.90 -45.61
CA ARG B 3 0.20 12.06 -44.46
C ARG B 3 0.41 10.73 -43.80
N PHE B 4 1.53 10.55 -43.12
CA PHE B 4 1.68 9.39 -42.28
C PHE B 4 0.81 9.59 -41.03
N PRO B 5 -0.03 8.62 -40.67
CA PRO B 5 -0.24 7.33 -41.33
C PRO B 5 -1.33 7.41 -42.35
N ARG B 6 -1.28 6.57 -43.37
CA ARG B 6 -2.35 6.63 -44.36
C ARG B 6 -3.47 5.64 -44.06
N PHE B 7 -3.19 4.59 -43.29
CA PHE B 7 -4.26 3.67 -42.93
C PHE B 7 -5.30 4.32 -42.03
N SER B 8 -5.07 5.54 -41.58
CA SER B 8 -5.94 6.20 -40.62
C SER B 8 -6.14 7.64 -41.04
N GLN B 9 -7.39 8.04 -41.28
CA GLN B 9 -7.64 9.44 -41.63
C GLN B 9 -7.74 10.30 -40.38
N GLY B 10 -8.32 9.78 -39.31
CA GLY B 10 -8.44 10.56 -38.09
C GLY B 10 -7.10 10.93 -37.50
N LEU B 11 -6.12 10.03 -37.63
CA LEU B 11 -4.79 10.35 -37.13
C LEU B 11 -4.01 11.23 -38.10
N ALA B 12 -4.28 11.10 -39.39
CA ALA B 12 -3.54 11.91 -40.37
C ALA B 12 -3.87 13.38 -40.26
N GLN B 13 -5.03 13.73 -39.72
CA GLN B 13 -5.42 15.12 -39.56
C GLN B 13 -5.07 15.67 -38.18
N ASP B 14 -4.31 14.92 -37.39
CA ASP B 14 -3.91 15.37 -36.06
C ASP B 14 -2.74 16.33 -36.19
N PRO B 15 -2.87 17.58 -35.74
CA PRO B 15 -1.78 18.55 -35.92
C PRO B 15 -0.68 18.44 -34.88
N THR B 16 -0.72 17.45 -34.00
CA THR B 16 0.22 17.34 -32.90
C THR B 16 1.15 16.16 -33.12
N THR B 17 2.19 16.09 -32.28
CA THR B 17 3.13 14.98 -32.36
C THR B 17 2.45 13.64 -32.12
N ARG B 18 1.29 13.65 -31.46
CA ARG B 18 0.54 12.43 -31.20
C ARG B 18 0.39 11.61 -32.48
N ARG B 19 0.05 12.29 -33.59
CA ARG B 19 -0.14 11.60 -34.87
C ARG B 19 1.01 10.67 -35.18
N ILE B 20 2.24 11.10 -34.92
CA ILE B 20 3.39 10.23 -35.14
C ILE B 20 3.33 9.03 -34.21
N TRP B 21 3.31 9.29 -32.90
CA TRP B 21 3.31 8.21 -31.92
C TRP B 21 2.26 7.17 -32.26
N PHE B 22 1.01 7.60 -32.26
CA PHE B 22 -0.08 6.67 -32.53
C PHE B 22 0.05 6.06 -33.91
N GLY B 23 0.56 6.82 -34.88
CA GLY B 23 0.73 6.25 -36.21
C GLY B 23 1.58 5.00 -36.20
N ILE B 24 2.50 4.88 -35.26
CA ILE B 24 3.36 3.71 -35.19
C ILE B 24 2.67 2.59 -34.43
N ALA B 25 1.91 2.93 -33.40
CA ALA B 25 1.38 1.96 -32.45
C ALA B 25 0.03 1.39 -32.86
N THR B 26 -0.43 1.68 -34.09
CA THR B 26 -1.64 1.05 -34.59
C THR B 26 -1.43 0.53 -36.01
N ALA B 27 -0.18 0.26 -36.38
CA ALA B 27 0.09 -0.10 -37.77
C ALA B 27 -0.42 -1.48 -38.10
N HIS B 28 -0.40 -2.41 -37.15
CA HIS B 28 -0.80 -3.78 -37.41
C HIS B 28 -2.20 -4.08 -36.92
N ASP B 29 -2.94 -3.07 -36.46
CA ASP B 29 -4.34 -3.26 -36.10
C ASP B 29 -5.16 -3.05 -37.36
N PHE B 30 -5.24 -4.11 -38.16
CA PHE B 30 -5.85 -3.99 -39.48
C PHE B 30 -7.33 -3.69 -39.40
N GLU B 31 -8.02 -4.20 -38.37
CA GLU B 31 -9.46 -4.02 -38.30
C GLU B 31 -9.87 -2.58 -38.09
N SER B 32 -8.96 -1.73 -37.60
CA SER B 32 -9.28 -0.34 -37.33
C SER B 32 -8.70 0.60 -38.38
N HIS B 33 -8.37 0.08 -39.56
CA HIS B 33 -7.86 0.89 -40.64
C HIS B 33 -9.00 1.33 -41.54
N ASP B 34 -8.80 2.45 -42.22
CA ASP B 34 -9.83 2.98 -43.10
C ASP B 34 -10.00 2.08 -44.32
N ASP B 35 -11.23 2.01 -44.82
CA ASP B 35 -11.55 1.28 -46.03
C ASP B 35 -11.16 -0.19 -45.91
N ILE B 36 -11.42 -0.77 -44.74
CA ILE B 36 -11.06 -2.16 -44.49
C ILE B 36 -12.26 -3.04 -44.80
N THR B 37 -12.01 -4.13 -45.49
CA THR B 37 -12.98 -5.17 -45.74
C THR B 37 -12.50 -6.45 -45.07
N GLU B 38 -13.21 -7.55 -45.30
CA GLU B 38 -12.73 -8.82 -44.77
C GLU B 38 -11.65 -9.41 -45.65
N GLY B 39 -11.79 -9.25 -46.96
CA GLY B 39 -10.77 -9.77 -47.87
C GLY B 39 -9.42 -9.10 -47.65
N ARG B 40 -9.42 -7.77 -47.58
CA ARG B 40 -8.19 -7.05 -47.30
C ARG B 40 -7.58 -7.53 -45.99
N LEU B 41 -8.40 -7.70 -44.97
CA LEU B 41 -7.89 -8.09 -43.65
C LEU B 41 -7.20 -9.45 -43.73
N TYR B 42 -7.89 -10.45 -44.29
CA TYR B 42 -7.33 -11.78 -44.34
C TYR B 42 -6.08 -11.84 -45.22
N GLN B 43 -6.09 -11.12 -46.34
CA GLN B 43 -4.93 -11.17 -47.22
C GLN B 43 -3.72 -10.50 -46.59
N ASN B 44 -3.95 -9.37 -45.91
CA ASN B 44 -2.86 -8.72 -45.19
C ASN B 44 -2.29 -9.63 -44.12
N ILE B 45 -3.16 -10.35 -43.40
CA ILE B 45 -2.68 -11.26 -42.37
C ILE B 45 -1.81 -12.35 -42.98
N PHE B 46 -2.28 -12.95 -44.07
CA PHE B 46 -1.48 -13.96 -44.76
C PHE B 46 -0.10 -13.42 -45.13
N ALA B 47 -0.07 -12.25 -45.76
CA ALA B 47 1.20 -11.69 -46.22
C ALA B 47 2.14 -11.44 -45.05
N SER B 48 1.63 -10.89 -43.95
CA SER B 48 2.53 -10.59 -42.83
C SER B 48 2.98 -11.86 -42.14
N HIS B 49 2.19 -12.93 -42.19
CA HIS B 49 2.68 -14.22 -41.73
C HIS B 49 3.89 -14.66 -42.54
N PHE B 50 3.79 -14.51 -43.86
CA PHE B 50 4.95 -14.84 -44.70
C PHE B 50 6.15 -13.99 -44.32
N GLY B 51 5.92 -12.71 -44.05
CA GLY B 51 7.02 -11.84 -43.64
C GLY B 51 7.66 -12.28 -42.34
N GLN B 52 6.85 -12.71 -41.37
CA GLN B 52 7.41 -13.18 -40.12
C GLN B 52 8.22 -14.44 -40.31
N LEU B 53 7.76 -15.34 -41.18
CA LEU B 53 8.58 -16.51 -41.50
C LEU B 53 9.92 -16.11 -42.07
N ALA B 54 9.91 -15.14 -42.99
CA ALA B 54 11.17 -14.66 -43.55
C ALA B 54 12.09 -14.12 -42.48
N ILE B 55 11.54 -13.36 -41.53
CA ILE B 55 12.35 -12.81 -40.45
C ILE B 55 12.97 -13.93 -39.63
N ILE B 56 12.17 -14.94 -39.29
CA ILE B 56 12.68 -16.04 -38.48
C ILE B 56 13.82 -16.74 -39.18
N PHE B 57 13.66 -17.03 -40.47
CA PHE B 57 14.70 -17.75 -41.18
C PHE B 57 15.96 -16.90 -41.30
N LEU B 58 15.80 -15.61 -41.55
CA LEU B 58 16.96 -14.74 -41.61
C LEU B 58 17.70 -14.71 -40.28
N TRP B 59 16.97 -14.71 -39.18
CA TRP B 59 17.59 -14.66 -37.86
C TRP B 59 18.39 -15.93 -37.58
N THR B 60 17.77 -17.10 -37.84
CA THR B 60 18.51 -18.33 -37.54
C THR B 60 19.71 -18.50 -38.47
N SER B 61 19.61 -18.03 -39.72
CA SER B 61 20.79 -18.12 -40.55
C SER B 61 21.87 -17.12 -40.15
N GLY B 62 21.48 -15.95 -39.65
CA GLY B 62 22.48 -15.07 -39.09
C GLY B 62 23.24 -15.72 -37.96
N ASN B 63 22.52 -16.43 -37.09
CA ASN B 63 23.18 -17.18 -36.03
C ASN B 63 24.18 -18.18 -36.60
N LEU B 64 23.72 -19.01 -37.54
CA LEU B 64 24.59 -20.04 -38.10
C LEU B 64 25.81 -19.41 -38.76
N PHE B 65 25.61 -18.38 -39.57
CA PHE B 65 26.72 -17.77 -40.28
C PHE B 65 27.73 -17.18 -39.33
N HIS B 66 27.27 -16.52 -38.27
CA HIS B 66 28.24 -15.89 -37.38
C HIS B 66 29.01 -16.92 -36.58
N VAL B 67 28.34 -18.00 -36.15
CA VAL B 67 29.07 -19.06 -35.48
C VAL B 67 30.08 -19.71 -36.43
N ALA B 68 29.76 -19.77 -37.71
CA ALA B 68 30.70 -20.36 -38.66
C ALA B 68 31.86 -19.43 -38.94
N TRP B 69 31.61 -18.12 -38.99
CA TRP B 69 32.62 -17.17 -39.42
C TRP B 69 33.55 -16.77 -38.29
N GLN B 70 32.99 -16.21 -37.22
CA GLN B 70 33.79 -15.72 -36.12
C GLN B 70 33.69 -16.61 -34.90
N GLY B 71 33.36 -17.88 -35.09
CA GLY B 71 33.00 -18.75 -34.00
C GLY B 71 34.13 -19.63 -33.55
N ASN B 72 33.75 -20.75 -32.92
CA ASN B 72 34.67 -21.60 -32.20
C ASN B 72 34.34 -23.08 -32.42
N PHE B 73 33.59 -23.40 -33.46
CA PHE B 73 32.91 -24.68 -33.53
C PHE B 73 33.89 -25.83 -33.69
N GLU B 74 34.79 -25.73 -34.66
CA GLU B 74 35.69 -26.84 -34.96
C GLU B 74 36.54 -27.19 -33.76
N ALA B 75 37.01 -26.17 -33.03
CA ALA B 75 37.75 -26.45 -31.80
C ALA B 75 36.84 -27.03 -30.73
N TRP B 76 35.59 -26.61 -30.71
CA TRP B 76 34.69 -27.03 -29.63
C TRP B 76 34.27 -28.49 -29.78
N VAL B 77 34.14 -28.98 -31.01
CA VAL B 77 33.74 -30.36 -31.20
C VAL B 77 34.83 -31.32 -30.77
N GLN B 78 36.06 -30.84 -30.62
CA GLN B 78 37.15 -31.74 -30.22
C GLN B 78 37.16 -31.98 -28.72
N ASP B 79 36.67 -31.04 -27.93
CA ASP B 79 36.70 -31.13 -26.47
C ASP B 79 35.57 -30.31 -25.90
N PRO B 80 34.34 -30.83 -25.96
CA PRO B 80 33.18 -29.99 -25.64
C PRO B 80 33.16 -29.49 -24.21
N LEU B 81 33.92 -30.07 -23.30
CA LEU B 81 33.82 -29.74 -21.89
C LEU B 81 34.85 -28.73 -21.42
N HIS B 82 35.89 -28.47 -22.20
CA HIS B 82 37.01 -27.66 -21.74
C HIS B 82 37.32 -26.53 -22.70
N VAL B 83 36.30 -25.95 -23.30
CA VAL B 83 36.47 -24.79 -24.17
C VAL B 83 35.16 -24.04 -24.22
N ARG B 84 35.25 -22.72 -24.21
CA ARG B 84 34.00 -21.99 -24.20
C ARG B 84 33.57 -21.65 -25.62
N PRO B 85 32.29 -21.82 -25.93
CA PRO B 85 31.81 -21.52 -27.28
C PRO B 85 31.70 -20.02 -27.52
N ILE B 86 32.04 -19.62 -28.74
CA ILE B 86 32.04 -18.22 -29.13
C ILE B 86 30.79 -17.94 -29.94
N ALA B 87 30.14 -16.81 -29.65
CA ALA B 87 28.95 -16.37 -30.35
C ALA B 87 29.30 -15.53 -31.57
N HIS B 88 30.04 -14.46 -31.37
CA HIS B 88 30.48 -13.62 -32.48
C HIS B 88 31.60 -12.72 -31.97
N ALA B 89 32.27 -12.07 -32.91
CA ALA B 89 33.36 -11.18 -32.54
C ALA B 89 32.80 -9.84 -32.07
N ILE B 90 33.64 -9.11 -31.36
CA ILE B 90 33.34 -7.76 -30.91
C ILE B 90 34.18 -6.79 -31.72
N TRP B 91 33.56 -5.75 -32.24
CA TRP B 91 34.26 -4.64 -32.84
C TRP B 91 33.62 -3.37 -32.29
N ASP B 92 34.29 -2.73 -31.34
CA ASP B 92 33.75 -1.57 -30.65
C ASP B 92 34.87 -0.55 -30.51
N PRO B 93 34.87 0.49 -31.33
CA PRO B 93 35.95 1.49 -31.26
C PRO B 93 36.00 2.23 -29.94
N HIS B 94 35.00 2.01 -29.08
CA HIS B 94 34.95 2.68 -27.75
C HIS B 94 35.70 1.83 -26.72
N PHE B 95 36.08 0.61 -27.10
CA PHE B 95 36.80 -0.33 -26.20
C PHE B 95 38.22 0.20 -25.91
N GLY B 96 38.73 -0.11 -24.72
CA GLY B 96 40.10 0.27 -24.32
C GLY B 96 41.03 -0.92 -24.45
N GLN B 97 42.35 -0.72 -24.29
CA GLN B 97 43.24 -1.87 -24.42
C GLN B 97 42.97 -2.94 -23.38
N PRO B 98 42.84 -2.65 -22.08
CA PRO B 98 42.54 -3.73 -21.14
C PRO B 98 41.24 -4.42 -21.42
N ALA B 99 40.26 -3.73 -21.99
CA ALA B 99 39.02 -4.41 -22.36
C ALA B 99 39.26 -5.37 -23.51
N VAL B 100 40.09 -4.97 -24.48
CA VAL B 100 40.43 -5.86 -25.58
C VAL B 100 41.12 -7.10 -25.05
N GLU B 101 42.04 -6.93 -24.10
CA GLU B 101 42.72 -8.10 -23.54
C GLU B 101 41.79 -8.93 -22.67
N ALA B 102 40.79 -8.30 -22.05
CA ALA B 102 39.91 -9.02 -21.15
C ALA B 102 38.87 -9.83 -21.89
N PHE B 103 38.44 -9.38 -23.05
CA PHE B 103 37.37 -10.05 -23.76
C PHE B 103 37.87 -11.10 -24.74
N THR B 104 39.16 -11.20 -24.99
CA THR B 104 39.67 -12.20 -25.94
C THR B 104 39.73 -13.54 -25.21
N ARG B 105 38.69 -14.33 -25.37
CA ARG B 105 38.57 -15.63 -24.73
C ARG B 105 38.44 -16.72 -25.79
N GLY B 106 38.20 -17.94 -25.33
CA GLY B 106 37.88 -19.05 -26.21
C GLY B 106 38.93 -19.41 -27.23
N GLY B 107 40.15 -18.91 -27.07
CA GLY B 107 41.17 -19.15 -28.06
C GLY B 107 41.04 -18.31 -29.30
N ALA B 108 40.29 -17.22 -29.24
CA ALA B 108 40.13 -16.35 -30.40
C ALA B 108 41.32 -15.41 -30.54
N LEU B 109 41.35 -14.69 -31.66
CA LEU B 109 42.41 -13.74 -31.94
C LEU B 109 42.00 -12.32 -31.63
N GLY B 110 40.90 -12.13 -30.91
CA GLY B 110 40.42 -10.81 -30.57
C GLY B 110 39.26 -10.89 -29.62
N PRO B 111 38.67 -9.75 -29.29
CA PRO B 111 37.53 -9.75 -28.37
C PRO B 111 36.35 -10.48 -28.97
N VAL B 112 35.77 -11.40 -28.19
CA VAL B 112 34.62 -12.19 -28.62
C VAL B 112 33.62 -12.26 -27.48
N ASN B 113 32.42 -12.73 -27.82
CA ASN B 113 31.38 -13.00 -26.86
C ASN B 113 31.25 -14.50 -26.69
N ILE B 114 30.96 -14.95 -25.48
CA ILE B 114 30.78 -16.37 -25.22
C ILE B 114 29.30 -16.70 -25.35
N ALA B 115 28.97 -17.67 -26.19
CA ALA B 115 27.59 -18.00 -26.49
C ALA B 115 26.96 -18.74 -25.32
N TYR B 116 25.75 -18.33 -24.96
CA TYR B 116 24.96 -19.02 -23.96
C TYR B 116 23.63 -19.49 -24.51
N SER B 117 23.39 -19.28 -25.80
CA SER B 117 22.16 -19.78 -26.41
C SER B 117 22.11 -21.29 -26.44
N GLY B 118 23.26 -21.96 -26.37
CA GLY B 118 23.28 -23.39 -26.49
C GLY B 118 23.17 -23.90 -27.90
N VAL B 119 23.52 -23.08 -28.90
CA VAL B 119 23.43 -23.54 -30.27
C VAL B 119 24.58 -24.48 -30.59
N TYR B 120 25.71 -24.35 -29.91
CA TYR B 120 26.81 -25.27 -30.15
C TYR B 120 26.39 -26.70 -29.82
N GLN B 121 25.82 -26.90 -28.63
CA GLN B 121 25.41 -28.24 -28.23
C GLN B 121 24.29 -28.76 -29.11
N TRP B 122 23.36 -27.89 -29.50
CA TRP B 122 22.26 -28.32 -30.36
C TRP B 122 22.77 -28.77 -31.72
N TRP B 123 23.59 -27.94 -32.37
CA TRP B 123 24.11 -28.29 -33.68
C TRP B 123 25.05 -29.48 -33.60
N TYR B 124 25.77 -29.63 -32.50
CA TYR B 124 26.64 -30.78 -32.35
C TYR B 124 25.83 -32.05 -32.18
N THR B 125 24.68 -31.97 -31.52
CA THR B 125 23.88 -33.16 -31.28
C THR B 125 23.27 -33.68 -32.57
N ILE B 126 22.86 -32.78 -33.46
CA ILE B 126 22.10 -33.20 -34.64
C ILE B 126 22.97 -33.60 -35.81
N GLY B 127 24.26 -33.30 -35.80
CA GLY B 127 25.12 -33.87 -36.81
C GLY B 127 26.16 -32.96 -37.41
N LEU B 128 26.03 -31.65 -37.20
CA LEU B 128 26.98 -30.73 -37.79
C LEU B 128 28.35 -30.87 -37.13
N ARG B 129 29.39 -30.94 -37.93
CA ARG B 129 30.73 -31.14 -37.38
C ARG B 129 31.73 -30.08 -37.81
N THR B 130 31.71 -29.65 -39.06
CA THR B 130 32.70 -28.72 -39.58
C THR B 130 32.08 -27.36 -39.83
N ASN B 131 32.92 -26.42 -40.22
CA ASN B 131 32.41 -25.10 -40.58
C ASN B 131 31.69 -25.13 -41.92
N GLU B 132 32.08 -26.05 -42.81
CA GLU B 132 31.40 -26.15 -44.09
C GLU B 132 29.95 -26.53 -43.92
N ASP B 133 29.65 -27.38 -42.94
CA ASP B 133 28.26 -27.71 -42.65
C ASP B 133 27.47 -26.46 -42.29
N LEU B 134 28.02 -25.63 -41.40
CA LEU B 134 27.31 -24.41 -41.00
C LEU B 134 27.18 -23.45 -42.16
N TYR B 135 28.16 -23.40 -43.06
CA TYR B 135 28.05 -22.50 -44.19
C TYR B 135 26.94 -22.95 -45.14
N THR B 136 26.90 -24.24 -45.46
CA THR B 136 25.80 -24.75 -46.27
C THR B 136 24.46 -24.47 -45.62
N GLY B 137 24.38 -24.65 -44.30
CA GLY B 137 23.13 -24.40 -43.60
C GLY B 137 22.70 -22.95 -43.72
N ALA B 138 23.61 -22.02 -43.49
CA ALA B 138 23.27 -20.60 -43.58
C ALA B 138 22.84 -20.23 -44.99
N ILE B 139 23.53 -20.76 -46.00
CA ILE B 139 23.14 -20.43 -47.36
C ILE B 139 21.75 -20.97 -47.65
N PHE B 140 21.46 -22.20 -47.22
CA PHE B 140 20.14 -22.76 -47.44
C PHE B 140 19.06 -21.94 -46.76
N LEU B 141 19.36 -21.41 -45.58
CA LEU B 141 18.34 -20.65 -44.87
C LEU B 141 18.13 -19.28 -45.49
N LEU B 142 19.18 -18.65 -46.01
CA LEU B 142 18.98 -17.43 -46.79
C LEU B 142 18.08 -17.71 -47.98
N PHE B 143 18.34 -18.81 -48.69
CA PHE B 143 17.47 -19.22 -49.78
C PHE B 143 16.03 -19.35 -49.32
N LEU B 144 15.82 -20.03 -48.19
CA LEU B 144 14.47 -20.29 -47.71
C LEU B 144 13.75 -18.99 -47.37
N SER B 145 14.43 -18.05 -46.72
CA SER B 145 13.77 -16.80 -46.38
C SER B 145 13.51 -15.94 -47.61
N PHE B 146 14.40 -15.98 -48.60
CA PHE B 146 14.09 -15.30 -49.86
C PHE B 146 12.84 -15.87 -50.49
N ILE B 147 12.69 -17.19 -50.47
CA ILE B 147 11.48 -17.77 -51.06
C ILE B 147 10.26 -17.41 -50.23
N SER B 148 10.41 -17.32 -48.91
CA SER B 148 9.29 -16.87 -48.08
C SER B 148 8.85 -15.46 -48.49
N LEU B 149 9.80 -14.57 -48.70
CA LEU B 149 9.46 -13.23 -49.18
C LEU B 149 8.79 -13.28 -50.54
N LEU B 150 9.30 -14.12 -51.44
CA LEU B 150 8.71 -14.23 -52.76
C LEU B 150 7.27 -14.69 -52.68
N ALA B 151 6.98 -15.64 -51.81
CA ALA B 151 5.60 -16.10 -51.65
C ALA B 151 4.72 -15.03 -51.05
N GLY B 152 5.23 -14.31 -50.04
CA GLY B 152 4.47 -13.23 -49.47
C GLY B 152 4.09 -12.18 -50.50
N TRP B 153 5.01 -11.89 -51.43
CA TRP B 153 4.69 -10.96 -52.51
C TRP B 153 3.67 -11.58 -53.46
N LEU B 154 3.93 -12.81 -53.89
CA LEU B 154 3.09 -13.44 -54.91
C LEU B 154 1.66 -13.56 -54.46
N HIS B 155 1.41 -13.75 -53.17
CA HIS B 155 0.05 -13.88 -52.69
C HIS B 155 -0.56 -12.55 -52.28
N LEU B 156 -0.04 -11.45 -52.82
CA LEU B 156 -0.61 -10.15 -52.55
C LEU B 156 -1.19 -9.47 -53.76
N GLN B 157 -0.77 -9.86 -54.96
CA GLN B 157 -1.36 -9.32 -56.16
C GLN B 157 -2.77 -9.85 -56.31
N PRO B 158 -3.52 -9.36 -57.27
CA PRO B 158 -4.65 -10.15 -57.77
C PRO B 158 -4.02 -11.36 -58.39
N LYS B 159 -4.77 -12.19 -59.13
CA LYS B 159 -4.07 -13.20 -59.91
C LYS B 159 -3.64 -14.35 -58.99
N TRP B 160 -3.56 -14.10 -57.70
CA TRP B 160 -3.17 -15.14 -56.76
C TRP B 160 -3.79 -14.97 -55.38
N LYS B 161 -4.61 -13.96 -55.16
CA LYS B 161 -4.96 -13.84 -53.74
C LYS B 161 -6.19 -14.66 -53.43
N PRO B 162 -6.20 -15.33 -52.28
CA PRO B 162 -7.32 -16.21 -51.94
C PRO B 162 -8.51 -15.43 -51.39
N SER B 163 -9.67 -16.04 -51.51
CA SER B 163 -10.91 -15.46 -51.04
C SER B 163 -11.11 -15.79 -49.57
N VAL B 164 -11.90 -14.95 -48.89
CA VAL B 164 -12.17 -15.17 -47.47
C VAL B 164 -12.84 -16.53 -47.27
N SER B 165 -13.60 -16.99 -48.26
CA SER B 165 -14.15 -18.33 -48.18
C SER B 165 -13.04 -19.37 -48.00
N TRP B 166 -11.90 -19.14 -48.64
CA TRP B 166 -10.79 -20.09 -48.52
C TRP B 166 -10.20 -20.06 -47.12
N PHE B 167 -10.03 -18.87 -46.54
CA PHE B 167 -9.43 -18.76 -45.22
C PHE B 167 -10.27 -19.41 -44.14
N LYS B 168 -11.58 -19.50 -44.34
CA LYS B 168 -12.46 -20.04 -43.31
C LYS B 168 -12.71 -21.53 -43.47
N ASN B 169 -12.07 -22.17 -44.44
CA ASN B 169 -12.17 -23.61 -44.58
C ASN B 169 -11.42 -24.28 -43.46
N ALA B 170 -12.11 -24.62 -42.37
CA ALA B 170 -11.41 -25.09 -41.18
C ALA B 170 -11.08 -26.58 -41.26
N GLU B 171 -12.00 -27.39 -41.78
CA GLU B 171 -11.79 -28.83 -41.79
C GLU B 171 -10.55 -29.20 -42.59
N SER B 172 -10.41 -28.64 -43.79
CA SER B 172 -9.28 -29.00 -44.63
C SER B 172 -7.98 -28.46 -44.06
N ARG B 173 -8.01 -27.24 -43.51
CA ARG B 173 -6.79 -26.69 -42.90
C ARG B 173 -6.35 -27.55 -41.73
N LEU B 174 -7.28 -28.00 -40.91
CA LEU B 174 -6.90 -28.87 -39.80
C LEU B 174 -6.37 -30.19 -40.30
N ASN B 175 -7.03 -30.79 -41.30
CA ASN B 175 -6.52 -32.01 -41.89
C ASN B 175 -5.06 -31.85 -42.29
N HIS B 176 -4.75 -30.79 -43.02
CA HIS B 176 -3.40 -30.62 -43.54
C HIS B 176 -2.42 -30.31 -42.44
N HIS B 177 -2.76 -29.39 -41.54
CA HIS B 177 -1.83 -29.01 -40.50
C HIS B 177 -1.52 -30.18 -39.56
N LEU B 178 -2.52 -30.97 -39.23
CA LEU B 178 -2.26 -32.16 -38.41
C LEU B 178 -1.43 -33.16 -39.18
N SER B 179 -1.96 -33.64 -40.31
CA SER B 179 -1.29 -34.73 -41.02
C SER B 179 0.00 -34.26 -41.64
N GLY B 180 0.02 -33.07 -42.23
CA GLY B 180 1.16 -32.64 -43.00
C GLY B 180 2.14 -31.77 -42.25
N LEU B 181 1.65 -30.73 -41.58
CA LEU B 181 2.56 -29.80 -40.93
C LEU B 181 3.20 -30.40 -39.69
N PHE B 182 2.46 -31.22 -38.96
CA PHE B 182 2.97 -31.87 -37.77
C PHE B 182 3.45 -33.28 -38.04
N GLY B 183 2.68 -34.07 -38.78
CA GLY B 183 2.99 -35.46 -38.99
C GLY B 183 4.16 -35.71 -39.91
N VAL B 184 4.07 -35.20 -41.15
CA VAL B 184 5.15 -35.42 -42.10
C VAL B 184 6.42 -34.71 -41.65
N SER B 185 6.30 -33.56 -41.00
CA SER B 185 7.48 -32.88 -40.49
C SER B 185 8.20 -33.74 -39.46
N SER B 186 7.46 -34.29 -38.51
CA SER B 186 8.07 -35.12 -37.48
C SER B 186 8.64 -36.39 -38.09
N LEU B 187 7.96 -36.95 -39.08
CA LEU B 187 8.49 -38.12 -39.78
C LEU B 187 9.82 -37.80 -40.45
N ALA B 188 9.90 -36.63 -41.10
CA ALA B 188 11.14 -36.25 -41.75
C ALA B 188 12.25 -36.01 -40.74
N TRP B 189 11.90 -35.48 -39.57
CA TRP B 189 12.94 -35.29 -38.57
C TRP B 189 13.44 -36.61 -38.02
N ALA B 190 12.54 -37.58 -37.84
CA ALA B 190 12.98 -38.93 -37.50
C ALA B 190 13.90 -39.47 -38.58
N GLY B 191 13.59 -39.18 -39.84
CA GLY B 191 14.47 -39.59 -40.92
C GLY B 191 15.85 -38.98 -40.81
N HIS B 192 15.93 -37.69 -40.48
CA HIS B 192 17.23 -37.06 -40.34
C HIS B 192 18.00 -37.66 -39.18
N LEU B 193 17.33 -37.87 -38.05
CA LEU B 193 18.00 -38.45 -36.89
C LEU B 193 18.53 -39.84 -37.21
N VAL B 194 17.76 -40.62 -37.97
CA VAL B 194 18.18 -41.98 -38.27
C VAL B 194 19.28 -41.98 -39.31
N HIS B 195 19.27 -41.04 -40.23
CA HIS B 195 20.19 -41.08 -41.36
C HIS B 195 21.47 -40.33 -41.12
N VAL B 196 21.44 -39.27 -40.32
CA VAL B 196 22.57 -38.35 -40.19
C VAL B 196 23.04 -38.26 -38.74
N ALA B 197 22.12 -38.07 -37.80
CA ALA B 197 22.53 -37.80 -36.43
C ALA B 197 22.99 -39.06 -35.72
N ILE B 198 22.21 -40.13 -35.80
CA ILE B 198 22.61 -41.38 -35.16
C ILE B 198 23.93 -41.90 -35.74
N PRO B 199 24.12 -41.94 -37.06
CA PRO B 199 25.47 -42.25 -37.56
C PRO B 199 26.51 -41.25 -37.10
N GLY B 200 26.17 -39.97 -37.08
CA GLY B 200 27.13 -38.96 -36.67
C GLY B 200 27.60 -39.14 -35.24
N SER B 201 26.76 -39.73 -34.38
CA SER B 201 27.13 -40.04 -33.01
C SER B 201 27.77 -41.39 -32.88
N ARG B 202 28.31 -41.93 -33.97
CA ARG B 202 28.99 -43.21 -33.92
C ARG B 202 30.25 -43.20 -34.78
N GLY B 203 30.65 -42.04 -35.30
CA GLY B 203 31.86 -41.95 -36.08
C GLY B 203 31.63 -41.62 -37.54
N GLU B 204 30.60 -42.22 -38.14
CA GLU B 204 30.38 -42.06 -39.57
C GLU B 204 29.92 -40.63 -39.89
N TYR B 205 30.36 -40.14 -41.03
CA TYR B 205 30.00 -38.79 -41.49
C TYR B 205 29.15 -38.93 -42.74
N VAL B 206 27.86 -39.06 -42.55
CA VAL B 206 26.92 -39.11 -43.66
C VAL B 206 26.59 -37.70 -44.08
N ARG B 207 26.70 -37.41 -45.37
CA ARG B 207 26.37 -36.11 -45.92
C ARG B 207 25.57 -36.29 -47.20
N TRP B 208 25.28 -35.18 -47.86
CA TRP B 208 24.50 -35.24 -49.08
C TRP B 208 25.21 -36.02 -50.17
N ASN B 209 26.53 -35.92 -50.23
CA ASN B 209 27.27 -36.54 -51.31
C ASN B 209 27.41 -38.05 -51.16
N ASN B 210 27.00 -38.62 -50.04
CA ASN B 210 27.16 -40.05 -49.86
C ASN B 210 26.00 -40.74 -49.15
N PHE B 211 24.92 -40.03 -48.81
CA PHE B 211 23.89 -40.66 -47.99
C PHE B 211 23.12 -41.72 -48.73
N LEU B 212 23.12 -41.71 -50.05
CA LEU B 212 22.54 -42.84 -50.78
C LEU B 212 23.48 -44.02 -50.84
N SER B 213 24.70 -43.90 -50.31
CA SER B 213 25.68 -44.96 -50.33
C SER B 213 25.84 -45.65 -48.99
N VAL B 214 25.07 -45.25 -47.98
CA VAL B 214 25.24 -45.74 -46.62
C VAL B 214 23.91 -46.32 -46.14
N LEU B 215 23.96 -47.51 -45.59
CA LEU B 215 22.79 -48.07 -44.94
C LEU B 215 22.70 -47.50 -43.52
N PRO B 216 21.54 -47.01 -43.11
CA PRO B 216 21.38 -46.63 -41.70
C PRO B 216 21.38 -47.84 -40.77
N HIS B 217 21.00 -48.99 -41.28
CA HIS B 217 20.98 -50.23 -40.52
C HIS B 217 21.55 -51.34 -41.37
N PRO B 218 22.22 -52.32 -40.77
CA PRO B 218 22.82 -53.41 -41.55
C PRO B 218 21.84 -54.14 -42.45
N GLN B 219 20.55 -54.10 -42.12
CA GLN B 219 19.56 -54.83 -42.91
C GLN B 219 18.48 -53.90 -43.41
N GLY B 220 18.87 -52.76 -43.97
CA GLY B 220 17.97 -51.68 -44.31
C GLY B 220 16.63 -52.03 -44.91
N LEU B 221 15.56 -51.61 -44.23
CA LEU B 221 14.18 -51.64 -44.70
C LEU B 221 13.63 -53.04 -44.88
N GLY B 222 14.41 -54.08 -44.66
CA GLY B 222 13.89 -55.42 -44.64
C GLY B 222 12.95 -55.62 -43.47
N PRO B 223 13.47 -55.41 -42.26
CA PRO B 223 12.63 -55.54 -41.06
C PRO B 223 11.35 -54.73 -41.11
N LEU B 224 11.38 -53.53 -41.68
CA LEU B 224 10.21 -52.65 -41.63
C LEU B 224 9.02 -53.30 -42.31
N PHE B 225 9.22 -53.81 -43.52
CA PHE B 225 8.10 -54.34 -44.28
C PHE B 225 7.80 -55.79 -43.96
N THR B 226 8.80 -56.58 -43.57
CA THR B 226 8.51 -57.94 -43.15
C THR B 226 7.79 -57.99 -41.81
N GLY B 227 7.67 -56.86 -41.12
CA GLY B 227 7.00 -56.77 -39.86
C GLY B 227 7.92 -56.90 -38.66
N GLN B 228 9.07 -57.56 -38.82
CA GLN B 228 10.00 -57.79 -37.72
C GLN B 228 10.68 -56.46 -37.38
N TRP B 229 9.96 -55.60 -36.69
CA TRP B 229 10.53 -54.31 -36.34
C TRP B 229 11.57 -54.40 -35.24
N ASN B 230 11.51 -55.44 -34.41
CA ASN B 230 12.45 -55.56 -33.30
C ASN B 230 13.90 -55.60 -33.77
N LEU B 231 14.14 -56.01 -35.02
CA LEU B 231 15.50 -56.05 -35.52
C LEU B 231 16.15 -54.68 -35.55
N TYR B 232 15.37 -53.61 -35.49
CA TYR B 232 15.93 -52.27 -35.46
C TYR B 232 16.34 -51.84 -34.06
N ALA B 233 16.29 -52.75 -33.09
CA ALA B 233 16.73 -52.43 -31.73
C ALA B 233 17.65 -53.50 -31.16
N GLN B 234 18.11 -54.43 -32.00
CA GLN B 234 18.73 -55.65 -31.50
C GLN B 234 20.12 -55.42 -30.92
N ASN B 235 20.68 -54.22 -31.03
CA ASN B 235 22.03 -54.03 -30.52
C ASN B 235 22.26 -52.57 -30.17
N PRO B 236 21.88 -52.12 -28.98
CA PRO B 236 22.03 -50.71 -28.63
C PRO B 236 23.48 -50.36 -28.38
N ASP B 237 23.72 -49.06 -28.25
CA ASP B 237 25.06 -48.59 -27.91
C ASP B 237 25.38 -48.99 -26.47
N SER B 238 26.53 -49.64 -26.30
CA SER B 238 26.96 -49.98 -24.95
C SER B 238 27.14 -48.73 -24.12
N SER B 239 26.96 -48.89 -22.81
CA SER B 239 26.98 -47.78 -21.86
C SER B 239 28.37 -47.25 -21.56
N ASN B 240 29.40 -47.79 -22.20
CA ASN B 240 30.72 -47.19 -22.15
C ASN B 240 31.03 -46.76 -23.58
N HIS B 241 30.53 -45.57 -23.95
CA HIS B 241 30.53 -45.14 -25.33
C HIS B 241 30.88 -43.66 -25.37
N LEU B 242 31.98 -43.33 -26.01
CA LEU B 242 32.32 -41.94 -26.26
C LEU B 242 31.50 -41.42 -27.41
N PHE B 243 31.03 -40.18 -27.30
CA PHE B 243 29.90 -39.71 -28.09
C PHE B 243 30.10 -39.84 -29.59
N SER B 244 31.03 -39.08 -30.16
CA SER B 244 31.19 -39.09 -31.61
C SER B 244 32.29 -40.05 -32.06
N THR B 245 32.65 -41.01 -31.23
CA THR B 245 33.58 -42.06 -31.60
C THR B 245 32.84 -43.38 -31.66
N SER B 246 33.48 -44.36 -32.29
CA SER B 246 32.89 -45.69 -32.40
C SER B 246 33.24 -46.59 -31.24
N GLN B 247 33.95 -46.08 -30.24
CA GLN B 247 34.29 -46.88 -29.06
C GLN B 247 33.02 -47.17 -28.28
N GLY B 248 32.58 -48.44 -28.30
CA GLY B 248 31.42 -48.83 -27.55
C GLY B 248 30.10 -48.49 -28.21
N ALA B 249 30.06 -48.41 -29.53
CA ALA B 249 28.85 -48.08 -30.25
C ALA B 249 28.14 -49.33 -30.72
N GLY B 250 26.82 -49.24 -30.87
CA GLY B 250 26.02 -50.30 -31.39
C GLY B 250 25.46 -49.97 -32.76
N THR B 251 24.44 -50.75 -33.17
CA THR B 251 23.83 -50.57 -34.48
C THR B 251 22.36 -50.25 -34.43
N ALA B 252 21.72 -50.31 -33.27
CA ALA B 252 20.30 -50.03 -33.19
C ALA B 252 20.01 -48.60 -33.64
N ILE B 253 18.89 -48.42 -34.33
CA ILE B 253 18.44 -47.11 -34.75
C ILE B 253 17.22 -46.65 -33.97
N LEU B 254 16.36 -47.57 -33.52
CA LEU B 254 15.22 -47.24 -32.69
C LEU B 254 15.30 -48.07 -31.42
N THR B 255 14.91 -47.48 -30.30
CA THR B 255 14.87 -48.22 -29.05
C THR B 255 14.06 -47.41 -28.04
N LEU B 256 13.92 -47.98 -26.85
CA LEU B 256 13.22 -47.33 -25.75
C LEU B 256 13.96 -47.73 -24.48
N LEU B 257 14.90 -46.89 -24.06
CA LEU B 257 15.70 -47.15 -22.88
C LEU B 257 15.29 -46.29 -21.70
N GLY B 258 15.12 -44.99 -21.91
CA GLY B 258 14.59 -44.10 -20.92
C GLY B 258 15.62 -43.35 -20.12
N GLY B 259 16.81 -43.92 -19.95
CA GLY B 259 17.80 -43.26 -19.12
C GLY B 259 18.47 -42.10 -19.82
N PHE B 260 19.71 -41.83 -19.44
CA PHE B 260 20.53 -40.85 -20.12
C PHE B 260 21.73 -41.53 -20.75
N HIS B 261 22.40 -40.80 -21.62
CA HIS B 261 23.68 -41.26 -22.12
C HIS B 261 24.70 -41.02 -21.02
N PRO B 262 25.45 -42.04 -20.59
CA PRO B 262 26.30 -41.85 -19.40
C PRO B 262 27.35 -40.78 -19.56
N GLN B 263 27.93 -40.64 -20.75
CA GLN B 263 29.00 -39.67 -20.92
C GLN B 263 28.45 -38.25 -21.08
N THR B 264 27.41 -38.09 -21.90
CA THR B 264 26.88 -36.77 -22.19
C THR B 264 25.80 -36.32 -21.22
N GLN B 265 25.25 -37.24 -20.42
CA GLN B 265 24.20 -36.92 -19.46
C GLN B 265 22.95 -36.37 -20.15
N SER B 266 22.66 -36.87 -21.34
CA SER B 266 21.50 -36.44 -22.10
C SER B 266 20.80 -37.66 -22.64
N LEU B 267 19.66 -37.45 -23.29
CA LEU B 267 18.87 -38.55 -23.79
C LEU B 267 19.58 -39.28 -24.92
N TRP B 268 19.30 -40.57 -25.06
CA TRP B 268 19.85 -41.33 -26.16
C TRP B 268 19.29 -40.81 -27.48
N LEU B 269 20.15 -40.72 -28.49
CA LEU B 269 19.69 -40.25 -29.80
C LEU B 269 18.68 -41.20 -30.40
N THR B 270 18.92 -42.51 -30.25
CA THR B 270 17.98 -43.47 -30.80
C THR B 270 16.62 -43.36 -30.14
N ASP B 271 16.59 -42.99 -28.85
CA ASP B 271 15.31 -42.75 -28.20
C ASP B 271 14.55 -41.60 -28.84
N MET B 272 15.26 -40.53 -29.17
CA MET B 272 14.60 -39.38 -29.80
C MET B 272 14.12 -39.73 -31.20
N ALA B 273 14.91 -40.49 -31.94
CA ALA B 273 14.47 -40.96 -33.25
C ALA B 273 13.17 -41.74 -33.12
N HIS B 274 13.14 -42.70 -32.20
CA HIS B 274 11.94 -43.49 -32.00
C HIS B 274 10.76 -42.62 -31.60
N HIS B 275 11.00 -41.64 -30.74
CA HIS B 275 9.93 -40.79 -30.26
C HIS B 275 9.30 -40.01 -31.41
N HIS B 276 10.14 -39.41 -32.25
CA HIS B 276 9.60 -38.64 -33.35
C HIS B 276 8.87 -39.53 -34.34
N LEU B 277 9.40 -40.73 -34.58
CA LEU B 277 8.69 -41.67 -35.45
C LEU B 277 7.31 -41.99 -34.91
N ALA B 278 7.23 -42.26 -33.62
CA ALA B 278 5.95 -42.66 -33.02
C ALA B 278 4.94 -41.52 -33.09
N ILE B 279 5.34 -40.32 -32.68
CA ILE B 279 4.37 -39.24 -32.71
C ILE B 279 4.04 -38.83 -34.14
N ALA B 280 4.93 -39.07 -35.10
CA ALA B 280 4.57 -38.86 -36.50
C ALA B 280 3.47 -39.81 -36.92
N ILE B 281 3.59 -41.08 -36.55
CA ILE B 281 2.52 -42.03 -36.86
C ILE B 281 1.21 -41.56 -36.26
N LEU B 282 1.26 -41.09 -35.01
CA LEU B 282 0.05 -40.65 -34.33
C LEU B 282 -0.59 -39.46 -35.04
N PHE B 283 0.22 -38.46 -35.39
CA PHE B 283 -0.33 -37.29 -36.07
C PHE B 283 -0.89 -37.65 -37.44
N LEU B 284 -0.19 -38.50 -38.18
CA LEU B 284 -0.68 -38.88 -39.50
C LEU B 284 -2.02 -39.59 -39.38
N ILE B 285 -2.15 -40.52 -38.43
CA ILE B 285 -3.42 -41.21 -38.30
C ILE B 285 -4.51 -40.25 -37.83
N GLY B 286 -4.19 -39.37 -36.90
CA GLY B 286 -5.20 -38.47 -36.37
C GLY B 286 -5.54 -37.31 -37.26
N GLY B 287 -4.80 -37.09 -38.32
CA GLY B 287 -5.11 -36.00 -39.23
C GLY B 287 -6.10 -36.31 -40.32
N HIS B 288 -6.75 -37.47 -40.28
CA HIS B 288 -7.77 -37.85 -41.25
C HIS B 288 -9.16 -37.81 -40.62
N MET B 289 -9.37 -36.84 -39.74
CA MET B 289 -10.62 -36.81 -38.99
C MET B 289 -11.69 -36.00 -39.68
N TYR B 290 -11.35 -34.83 -40.22
CA TYR B 290 -12.34 -33.88 -40.65
C TYR B 290 -12.66 -34.06 -42.13
N ARG B 291 -13.88 -33.67 -42.49
CA ARG B 291 -14.42 -33.95 -43.81
C ARG B 291 -13.99 -32.89 -44.81
N THR B 292 -13.63 -33.34 -46.01
CA THR B 292 -13.17 -32.48 -47.09
C THR B 292 -13.82 -33.01 -48.35
N ASN B 293 -13.25 -32.68 -49.50
CA ASN B 293 -13.86 -32.96 -50.79
C ASN B 293 -14.12 -34.44 -51.06
N PHE B 294 -13.77 -35.33 -50.13
CA PHE B 294 -13.83 -36.76 -50.39
C PHE B 294 -15.00 -37.47 -49.70
N GLY B 295 -15.93 -36.72 -49.14
CA GLY B 295 -17.18 -37.31 -48.70
C GLY B 295 -17.12 -38.16 -47.45
N ILE B 296 -15.98 -38.26 -46.78
CA ILE B 296 -15.88 -38.93 -45.50
C ILE B 296 -15.23 -37.98 -44.52
N GLY B 297 -15.37 -38.30 -43.25
CA GLY B 297 -14.79 -37.49 -42.19
C GLY B 297 -15.85 -36.80 -41.37
N HIS B 298 -15.37 -35.94 -40.48
CA HIS B 298 -16.23 -35.25 -39.53
C HIS B 298 -16.53 -33.83 -40.00
N SER B 299 -17.64 -33.31 -39.51
CA SER B 299 -17.97 -31.90 -39.66
C SER B 299 -17.87 -31.27 -38.28
N ILE B 300 -16.88 -30.40 -38.10
CA ILE B 300 -16.62 -29.84 -36.77
C ILE B 300 -17.87 -29.20 -36.20
N LYS B 301 -18.62 -28.49 -37.05
CA LYS B 301 -19.81 -27.81 -36.56
C LYS B 301 -20.81 -28.79 -35.97
N TYR B 302 -20.99 -29.93 -36.61
CA TYR B 302 -21.95 -30.90 -36.11
C TYR B 302 -21.49 -31.50 -34.80
N ILE B 303 -20.19 -31.79 -34.68
CA ILE B 303 -19.67 -32.32 -33.42
C ILE B 303 -19.88 -31.30 -32.31
N LEU B 304 -19.68 -30.02 -32.61
CA LEU B 304 -19.86 -28.99 -31.61
C LEU B 304 -21.32 -28.91 -31.19
N GLU B 305 -22.24 -28.88 -32.15
CA GLU B 305 -23.64 -28.71 -31.80
C GLU B 305 -24.23 -29.96 -31.17
N ALA B 306 -23.63 -31.13 -31.39
CA ALA B 306 -24.15 -32.36 -30.80
C ALA B 306 -23.74 -32.53 -29.35
N HIS B 307 -22.84 -31.70 -28.85
CA HIS B 307 -22.33 -31.86 -27.48
C HIS B 307 -23.05 -30.87 -26.58
N ILE B 308 -24.28 -31.24 -26.22
CA ILE B 308 -25.11 -30.45 -25.32
C ILE B 308 -25.69 -31.40 -24.28
N PRO B 309 -25.39 -31.23 -22.99
CA PRO B 309 -25.84 -32.18 -22.00
C PRO B 309 -27.33 -32.06 -21.77
N PRO B 310 -28.06 -33.17 -21.88
CA PRO B 310 -29.45 -33.16 -21.39
C PRO B 310 -29.45 -32.82 -19.91
N GLY B 311 -30.58 -32.32 -19.44
CA GLY B 311 -30.62 -31.72 -18.14
C GLY B 311 -30.20 -30.27 -18.13
N GLY B 312 -29.60 -29.78 -19.20
CA GLY B 312 -29.45 -28.36 -19.42
C GLY B 312 -28.62 -27.62 -18.41
N ARG B 313 -27.67 -28.33 -17.77
CA ARG B 313 -26.77 -27.68 -16.79
C ARG B 313 -25.80 -26.74 -17.54
N LEU B 314 -25.54 -27.05 -18.82
CA LEU B 314 -24.69 -26.23 -19.66
C LEU B 314 -25.50 -25.36 -20.62
N GLY B 315 -26.78 -25.17 -20.34
CA GLY B 315 -27.58 -24.34 -21.21
C GLY B 315 -27.75 -24.99 -22.56
N ARG B 316 -27.42 -24.24 -23.62
CA ARG B 316 -27.48 -24.75 -24.97
C ARG B 316 -26.17 -25.41 -25.40
N GLY B 317 -25.28 -25.69 -24.47
CA GLY B 317 -24.06 -26.40 -24.81
C GLY B 317 -23.16 -25.56 -25.68
N HIS B 318 -22.64 -26.17 -26.75
CA HIS B 318 -21.76 -25.51 -27.68
C HIS B 318 -22.45 -25.13 -28.97
N LYS B 319 -23.77 -24.96 -28.95
CA LYS B 319 -24.49 -24.58 -30.14
C LYS B 319 -24.10 -23.17 -30.54
N GLY B 320 -23.61 -23.01 -31.77
CA GLY B 320 -23.21 -21.72 -32.26
C GLY B 320 -21.77 -21.36 -32.00
N LEU B 321 -20.97 -22.29 -31.48
CA LEU B 321 -19.57 -21.98 -31.21
C LEU B 321 -18.72 -22.04 -32.46
N TYR B 322 -19.06 -22.92 -33.41
CA TYR B 322 -18.29 -22.99 -34.64
C TYR B 322 -18.29 -21.65 -35.36
N ASP B 323 -19.44 -21.00 -35.42
CA ASP B 323 -19.52 -19.76 -36.18
C ASP B 323 -18.91 -18.60 -35.43
N THR B 324 -18.93 -18.61 -34.10
CA THR B 324 -18.28 -17.53 -33.38
C THR B 324 -16.78 -17.72 -33.31
N ILE B 325 -16.28 -18.94 -33.50
CA ILE B 325 -14.85 -19.16 -33.56
C ILE B 325 -14.33 -18.91 -34.97
N ASN B 326 -15.06 -19.39 -35.97
CA ASN B 326 -14.59 -19.27 -37.34
C ASN B 326 -14.62 -17.83 -37.82
N ASN B 327 -15.56 -17.03 -37.36
CA ASN B 327 -15.68 -15.66 -37.81
C ASN B 327 -14.86 -14.68 -36.99
N SER B 328 -14.40 -15.08 -35.82
CA SER B 328 -13.63 -14.21 -34.95
C SER B 328 -12.16 -14.56 -35.08
N ILE B 329 -11.35 -13.61 -35.52
CA ILE B 329 -9.92 -13.87 -35.59
C ILE B 329 -9.29 -13.74 -34.22
N HIS B 330 -9.84 -12.89 -33.36
CA HIS B 330 -9.28 -12.73 -32.02
C HIS B 330 -9.51 -13.96 -31.16
N PHE B 331 -10.64 -14.65 -31.36
CA PHE B 331 -10.86 -15.91 -30.66
C PHE B 331 -9.81 -16.93 -31.06
N GLN B 332 -9.56 -17.06 -32.36
CA GLN B 332 -8.54 -17.99 -32.84
C GLN B 332 -7.17 -17.62 -32.29
N LEU B 333 -6.84 -16.33 -32.29
CA LEU B 333 -5.54 -15.91 -31.78
C LEU B 333 -5.43 -16.18 -30.29
N GLY B 334 -6.50 -15.99 -29.54
CA GLY B 334 -6.47 -16.28 -28.13
C GLY B 334 -6.26 -17.74 -27.84
N LEU B 335 -6.95 -18.61 -28.58
CA LEU B 335 -6.76 -20.05 -28.40
C LEU B 335 -5.34 -20.46 -28.76
N ALA B 336 -4.85 -19.97 -29.89
CA ALA B 336 -3.49 -20.29 -30.31
C ALA B 336 -2.48 -19.83 -29.28
N LEU B 337 -2.63 -18.60 -28.79
CA LEU B 337 -1.69 -18.08 -27.81
C LEU B 337 -1.75 -18.86 -26.52
N ALA B 338 -2.94 -19.25 -26.08
CA ALA B 338 -3.05 -20.02 -24.84
C ALA B 338 -2.32 -21.34 -24.96
N SER B 339 -2.63 -22.11 -26.00
CA SER B 339 -1.96 -23.40 -26.16
C SER B 339 -0.46 -23.23 -26.33
N LEU B 340 -0.06 -22.22 -27.09
CA LEU B 340 1.36 -22.01 -27.33
C LEU B 340 2.08 -21.65 -26.05
N GLY B 341 1.48 -20.81 -25.21
CA GLY B 341 2.13 -20.44 -23.96
C GLY B 341 2.25 -21.62 -23.02
N VAL B 342 1.22 -22.44 -22.93
CA VAL B 342 1.30 -23.61 -22.06
C VAL B 342 2.39 -24.55 -22.53
N ILE B 343 2.44 -24.82 -23.84
CA ILE B 343 3.48 -25.73 -24.28
C ILE B 343 4.85 -25.08 -24.26
N THR B 344 4.93 -23.75 -24.26
CA THR B 344 6.21 -23.08 -24.12
C THR B 344 6.79 -23.31 -22.74
N SER B 345 5.98 -23.08 -21.71
CA SER B 345 6.50 -23.34 -20.39
C SER B 345 6.68 -24.83 -20.15
N LEU B 346 5.93 -25.68 -20.85
CA LEU B 346 6.22 -27.11 -20.82
C LEU B 346 7.60 -27.39 -21.37
N VAL B 347 7.96 -26.75 -22.48
CA VAL B 347 9.30 -26.85 -23.01
C VAL B 347 10.31 -26.47 -21.94
N ALA B 348 10.05 -25.36 -21.25
CA ALA B 348 10.99 -24.89 -20.25
C ALA B 348 11.16 -25.89 -19.12
N GLN B 349 10.05 -26.50 -18.68
CA GLN B 349 10.13 -27.45 -17.57
C GLN B 349 10.76 -28.77 -17.98
N HIS B 350 10.62 -29.16 -19.24
CA HIS B 350 11.17 -30.45 -19.66
C HIS B 350 12.60 -30.36 -20.12
N MET B 351 13.05 -29.20 -20.59
CA MET B 351 14.40 -29.11 -21.12
C MET B 351 15.47 -29.09 -20.05
N TYR B 352 15.13 -28.70 -18.82
CA TYR B 352 16.12 -28.71 -17.76
C TYR B 352 16.18 -30.05 -17.06
N SER B 353 15.08 -30.78 -17.01
CA SER B 353 15.06 -32.06 -16.31
C SER B 353 15.46 -33.22 -17.21
N LEU B 354 15.05 -33.17 -18.48
CA LEU B 354 15.37 -34.21 -19.45
C LEU B 354 16.11 -33.58 -20.62
N PRO B 355 17.39 -33.24 -20.42
CA PRO B 355 18.14 -32.56 -21.50
C PRO B 355 18.29 -33.46 -22.70
N ALA B 356 18.18 -32.85 -23.88
CA ALA B 356 18.25 -33.61 -25.12
C ALA B 356 19.58 -33.46 -25.84
N TYR B 357 20.37 -32.45 -25.52
CA TYR B 357 21.58 -32.15 -26.26
C TYR B 357 22.81 -32.59 -25.49
N ALA B 358 23.82 -33.05 -26.22
CA ALA B 358 25.01 -33.58 -25.59
C ALA B 358 25.81 -32.45 -24.95
N PHE B 359 26.28 -32.70 -23.73
CA PHE B 359 27.16 -31.80 -22.99
C PHE B 359 26.50 -30.47 -22.66
N ILE B 360 25.19 -30.38 -22.72
CA ILE B 360 24.51 -29.18 -22.28
C ILE B 360 24.20 -29.24 -20.78
N ALA B 361 24.09 -30.44 -20.22
CA ALA B 361 23.83 -30.56 -18.79
C ALA B 361 25.02 -30.08 -17.98
N GLN B 362 26.23 -30.16 -18.54
CA GLN B 362 27.43 -29.71 -17.85
C GLN B 362 27.74 -28.24 -18.10
N ASP B 363 27.11 -27.61 -19.10
CA ASP B 363 27.23 -26.17 -19.28
C ASP B 363 26.08 -25.53 -18.51
N PHE B 364 26.40 -25.06 -17.31
CA PHE B 364 25.34 -24.70 -16.36
C PHE B 364 24.63 -23.42 -16.78
N THR B 365 25.37 -22.39 -17.17
CA THR B 365 24.71 -21.12 -17.44
C THR B 365 23.93 -21.16 -18.75
N THR B 366 24.31 -22.03 -19.68
CA THR B 366 23.43 -22.26 -20.83
C THR B 366 22.09 -22.80 -20.36
N GLN B 367 22.11 -23.75 -19.44
CA GLN B 367 20.87 -24.29 -18.88
C GLN B 367 20.04 -23.20 -18.24
N ALA B 368 20.66 -22.38 -17.41
CA ALA B 368 19.94 -21.34 -16.70
C ALA B 368 19.33 -20.34 -17.67
N ALA B 369 20.13 -19.91 -18.64
CA ALA B 369 19.64 -18.95 -19.62
C ALA B 369 18.46 -19.51 -20.40
N LEU B 370 18.57 -20.76 -20.86
CA LEU B 370 17.49 -21.35 -21.63
C LEU B 370 16.21 -21.43 -20.81
N TYR B 371 16.31 -21.92 -19.58
CA TYR B 371 15.12 -22.02 -18.75
C TYR B 371 14.46 -20.68 -18.55
N THR B 372 15.23 -19.68 -18.11
CA THR B 372 14.64 -18.39 -17.81
C THR B 372 14.05 -17.75 -19.05
N HIS B 373 14.76 -17.83 -20.17
CA HIS B 373 14.28 -17.29 -21.44
C HIS B 373 12.91 -17.87 -21.78
N HIS B 374 12.81 -19.19 -21.81
CA HIS B 374 11.55 -19.79 -22.22
C HIS B 374 10.43 -19.51 -21.22
N GLN B 375 10.75 -19.41 -19.94
CA GLN B 375 9.68 -19.14 -18.97
C GLN B 375 9.15 -17.72 -19.12
N TYR B 376 10.03 -16.74 -19.31
CA TYR B 376 9.55 -15.38 -19.51
C TYR B 376 8.73 -15.28 -20.78
N ILE B 377 9.17 -15.95 -21.84
CA ILE B 377 8.40 -15.91 -23.07
C ILE B 377 7.04 -16.54 -22.87
N ALA B 378 6.97 -17.65 -22.13
CA ALA B 378 5.69 -18.28 -21.88
C ALA B 378 4.76 -17.36 -21.08
N GLY B 379 5.32 -16.63 -20.12
CA GLY B 379 4.49 -15.71 -19.36
C GLY B 379 3.90 -14.62 -20.23
N PHE B 380 4.73 -14.03 -21.09
CA PHE B 380 4.20 -13.01 -22.00
C PHE B 380 3.13 -13.58 -22.91
N ILE B 381 3.33 -14.80 -23.39
CA ILE B 381 2.34 -15.41 -24.28
C ILE B 381 1.02 -15.63 -23.56
N MET B 382 1.07 -16.06 -22.30
CA MET B 382 -0.16 -16.27 -21.56
C MET B 382 -0.93 -14.96 -21.39
N THR B 383 -0.22 -13.91 -20.99
CA THR B 383 -0.87 -12.62 -20.86
C THR B 383 -1.49 -12.18 -22.17
N GLY B 384 -0.82 -12.45 -23.30
CA GLY B 384 -1.38 -12.11 -24.58
C GLY B 384 -2.63 -12.89 -24.91
N ALA B 385 -2.64 -14.18 -24.56
CA ALA B 385 -3.83 -15.00 -24.78
C ALA B 385 -5.04 -14.38 -24.09
N PHE B 386 -4.86 -13.96 -22.84
CA PHE B 386 -6.01 -13.39 -22.13
C PHE B 386 -6.39 -12.02 -22.69
N ALA B 387 -5.40 -11.22 -23.08
CA ALA B 387 -5.71 -9.92 -23.68
C ALA B 387 -6.53 -10.09 -24.95
N HIS B 388 -6.21 -11.08 -25.77
CA HIS B 388 -6.97 -11.26 -26.98
C HIS B 388 -8.32 -11.88 -26.71
N GLY B 389 -8.46 -12.66 -25.63
CA GLY B 389 -9.79 -13.04 -25.20
C GLY B 389 -10.66 -11.83 -24.92
N ALA B 390 -10.12 -10.85 -24.20
CA ALA B 390 -10.88 -9.64 -23.93
C ALA B 390 -11.21 -8.88 -25.20
N ILE B 391 -10.23 -8.77 -26.10
CA ILE B 391 -10.47 -8.07 -27.36
C ILE B 391 -11.57 -8.75 -28.15
N PHE B 392 -11.59 -10.09 -28.14
CA PHE B 392 -12.67 -10.81 -28.79
C PHE B 392 -14.01 -10.44 -28.17
N PHE B 393 -14.08 -10.50 -26.84
CA PHE B 393 -15.35 -10.23 -26.18
C PHE B 393 -15.87 -8.84 -26.51
N ILE B 394 -14.97 -7.89 -26.77
CA ILE B 394 -15.44 -6.55 -27.13
C ILE B 394 -15.83 -6.50 -28.61
N ARG B 395 -14.92 -6.89 -29.50
CA ARG B 395 -15.07 -6.60 -30.92
C ARG B 395 -15.94 -7.61 -31.66
N ASP B 396 -15.70 -8.90 -31.44
CA ASP B 396 -16.27 -9.93 -32.28
C ASP B 396 -17.38 -10.73 -31.61
N TYR B 397 -17.76 -10.42 -30.39
CA TYR B 397 -18.77 -11.19 -29.70
C TYR B 397 -20.16 -10.69 -30.08
N ASN B 398 -21.03 -11.62 -30.43
CA ASN B 398 -22.41 -11.32 -30.80
C ASN B 398 -23.34 -11.98 -29.81
N PRO B 399 -24.01 -11.23 -28.93
CA PRO B 399 -24.76 -11.89 -27.85
C PRO B 399 -25.93 -12.73 -28.32
N GLU B 400 -26.67 -12.30 -29.33
CA GLU B 400 -27.89 -13.02 -29.69
C GLU B 400 -27.57 -14.29 -30.48
N GLN B 401 -26.50 -14.29 -31.25
CA GLN B 401 -26.08 -15.52 -31.91
C GLN B 401 -25.48 -16.52 -30.94
N ASN B 402 -25.02 -16.06 -29.78
CA ASN B 402 -24.49 -16.92 -28.74
C ASN B 402 -25.46 -17.07 -27.58
N ALA B 403 -26.76 -17.10 -27.87
CA ALA B 403 -27.76 -17.13 -26.82
C ALA B 403 -27.68 -18.44 -26.05
N ASP B 404 -27.35 -18.35 -24.77
CA ASP B 404 -27.46 -19.45 -23.80
C ASP B 404 -26.46 -20.57 -24.02
N ASN B 405 -25.44 -20.38 -24.84
CA ASN B 405 -24.41 -21.41 -24.96
C ASN B 405 -23.39 -21.21 -23.86
N VAL B 406 -22.27 -21.91 -23.93
CA VAL B 406 -21.29 -21.85 -22.84
C VAL B 406 -20.68 -20.47 -22.72
N LEU B 407 -20.51 -19.76 -23.83
CA LEU B 407 -19.90 -18.44 -23.79
C LEU B 407 -20.80 -17.45 -23.05
N ALA B 408 -22.08 -17.41 -23.42
CA ALA B 408 -22.99 -16.49 -22.76
C ALA B 408 -23.15 -16.84 -21.29
N ARG B 409 -23.16 -18.12 -20.96
CA ARG B 409 -23.32 -18.51 -19.57
C ARG B 409 -22.06 -18.24 -18.77
N MET B 410 -20.90 -18.22 -19.42
CA MET B 410 -19.71 -17.69 -18.79
C MET B 410 -19.89 -16.22 -18.47
N LEU B 411 -20.37 -15.47 -19.45
CA LEU B 411 -20.53 -14.03 -19.25
C LEU B 411 -21.54 -13.73 -18.16
N GLU B 412 -22.53 -14.59 -17.96
CA GLU B 412 -23.65 -14.23 -17.11
C GLU B 412 -23.47 -14.61 -15.65
N HIS B 413 -22.45 -15.38 -15.30
CA HIS B 413 -22.14 -15.61 -13.89
C HIS B 413 -20.71 -15.19 -13.59
N LYS B 414 -20.28 -14.09 -14.21
CA LYS B 414 -18.92 -13.61 -14.04
C LYS B 414 -18.61 -13.25 -12.60
N GLU B 415 -19.64 -12.85 -11.84
CA GLU B 415 -19.40 -12.45 -10.46
C GLU B 415 -18.92 -13.62 -9.62
N ALA B 416 -19.51 -14.80 -9.81
CA ALA B 416 -19.08 -15.96 -9.04
C ALA B 416 -17.64 -16.33 -9.35
N ILE B 417 -17.30 -16.36 -10.64
CA ILE B 417 -15.93 -16.67 -11.05
C ILE B 417 -14.95 -15.69 -10.44
N ILE B 418 -15.23 -14.40 -10.58
CA ILE B 418 -14.28 -13.39 -10.10
C ILE B 418 -14.16 -13.45 -8.58
N SER B 419 -15.29 -13.60 -7.88
CA SER B 419 -15.23 -13.62 -6.43
C SER B 419 -14.47 -14.83 -5.92
N HIS B 420 -14.62 -15.98 -6.59
CA HIS B 420 -13.91 -17.15 -6.10
C HIS B 420 -12.43 -17.11 -6.44
N LEU B 421 -12.09 -16.58 -7.61
CA LEU B 421 -10.68 -16.34 -7.89
C LEU B 421 -10.08 -15.43 -6.84
N SER B 422 -10.81 -14.39 -6.45
CA SER B 422 -10.31 -13.48 -5.44
C SER B 422 -10.18 -14.17 -4.09
N TRP B 423 -11.11 -15.05 -3.74
CA TRP B 423 -10.97 -15.77 -2.48
C TRP B 423 -9.74 -16.63 -2.49
N ALA B 424 -9.53 -17.39 -3.56
CA ALA B 424 -8.38 -18.28 -3.61
C ALA B 424 -7.09 -17.50 -3.50
N SER B 425 -7.00 -16.37 -4.20
CA SER B 425 -5.76 -15.60 -4.14
C SER B 425 -5.58 -14.95 -2.78
N LEU B 426 -6.67 -14.51 -2.15
CA LEU B 426 -6.56 -13.96 -0.81
C LEU B 426 -6.07 -15.01 0.18
N PHE B 427 -6.64 -16.21 0.11
CA PHE B 427 -6.23 -17.27 1.01
C PHE B 427 -4.75 -17.58 0.82
N LEU B 428 -4.34 -17.84 -0.41
CA LEU B 428 -2.94 -18.17 -0.68
C LEU B 428 -2.02 -17.05 -0.22
N GLY B 429 -2.35 -15.80 -0.55
CA GLY B 429 -1.48 -14.71 -0.19
C GLY B 429 -1.36 -14.56 1.32
N PHE B 430 -2.50 -14.46 2.01
CA PHE B 430 -2.50 -14.36 3.46
C PHE B 430 -1.61 -15.42 4.07
N HIS B 431 -1.82 -16.68 3.70
CA HIS B 431 -1.14 -17.73 4.45
C HIS B 431 0.31 -17.92 4.04
N THR B 432 0.62 -17.77 2.76
CA THR B 432 2.01 -17.87 2.35
C THR B 432 2.84 -16.75 2.96
N LEU B 433 2.37 -15.52 2.83
CA LEU B 433 3.09 -14.41 3.46
C LEU B 433 3.15 -14.59 4.97
N GLY B 434 2.08 -15.07 5.58
CA GLY B 434 2.09 -15.23 7.02
C GLY B 434 3.11 -16.26 7.48
N LEU B 435 3.19 -17.39 6.79
CA LEU B 435 4.18 -18.40 7.15
C LEU B 435 5.58 -17.87 6.95
N TYR B 436 5.82 -17.15 5.85
CA TYR B 436 7.15 -16.60 5.63
C TYR B 436 7.53 -15.60 6.72
N VAL B 437 6.58 -14.76 7.13
CA VAL B 437 6.88 -13.76 8.15
C VAL B 437 7.07 -14.42 9.50
N HIS B 438 6.26 -15.43 9.81
CA HIS B 438 6.45 -16.16 11.04
C HIS B 438 7.85 -16.75 11.10
N ASN B 439 8.27 -17.41 10.03
CA ASN B 439 9.61 -17.96 10.00
C ASN B 439 10.65 -16.87 10.17
N ASP B 440 10.48 -15.74 9.49
CA ASP B 440 11.47 -14.67 9.59
C ASP B 440 11.60 -14.19 11.02
N VAL B 441 10.48 -14.05 11.73
CA VAL B 441 10.55 -13.63 13.12
C VAL B 441 11.18 -14.70 13.99
N MET B 442 10.84 -15.97 13.74
CA MET B 442 11.42 -17.05 14.51
C MET B 442 12.94 -17.06 14.38
N LEU B 443 13.44 -16.78 13.19
CA LEU B 443 14.88 -16.77 13.00
C LEU B 443 15.52 -15.48 13.47
N ALA B 444 14.78 -14.38 13.51
CA ALA B 444 15.34 -13.16 14.04
C ALA B 444 15.54 -13.24 15.54
N PHE B 445 14.68 -13.99 16.23
CA PHE B 445 14.80 -14.16 17.68
C PHE B 445 15.73 -15.29 18.04
N GLY B 446 16.39 -15.90 17.06
CA GLY B 446 17.38 -16.92 17.35
C GLY B 446 16.82 -18.26 17.76
N THR B 447 15.59 -18.54 17.33
CA THR B 447 14.96 -19.83 17.69
C THR B 447 14.45 -20.53 16.42
N PRO B 448 15.38 -21.17 15.49
CA PRO B 448 15.33 -22.06 14.05
C PRO B 448 14.28 -23.17 14.25
N GLU B 449 14.23 -23.74 15.46
CA GLU B 449 13.31 -24.87 15.77
C GLU B 449 11.87 -24.38 16.02
N LYS B 450 11.64 -23.07 16.05
CA LYS B 450 10.25 -22.56 16.30
C LYS B 450 9.59 -22.21 14.97
N GLN B 451 10.19 -22.64 13.85
CA GLN B 451 9.64 -22.35 12.53
C GLN B 451 8.49 -23.28 12.21
N ILE B 452 7.65 -22.84 11.27
CA ILE B 452 6.45 -23.61 10.84
C ILE B 452 6.75 -24.26 9.48
N LEU B 453 7.68 -25.22 9.45
CA LEU B 453 8.04 -25.90 8.18
C LEU B 453 7.00 -26.97 7.87
N ILE B 454 6.40 -26.92 6.67
CA ILE B 454 5.38 -27.91 6.24
C ILE B 454 6.04 -28.77 5.15
N GLU B 455 6.07 -30.09 5.35
CA GLU B 455 6.72 -30.97 4.39
C GLU B 455 5.83 -31.14 3.16
N PRO B 456 6.33 -30.87 1.97
CA PRO B 456 5.50 -31.01 0.77
C PRO B 456 5.20 -32.46 0.48
N ILE B 457 4.36 -33.07 1.30
CA ILE B 457 4.26 -34.53 1.30
C ILE B 457 3.56 -35.04 0.06
N PHE B 458 2.70 -34.25 -0.57
CA PHE B 458 2.03 -34.73 -1.77
C PHE B 458 2.98 -34.81 -2.95
N ALA B 459 3.81 -33.78 -3.12
CA ALA B 459 4.79 -33.82 -4.20
C ALA B 459 5.82 -34.92 -3.95
N GLN B 460 6.21 -35.12 -2.69
CA GLN B 460 7.13 -36.20 -2.37
C GLN B 460 6.49 -37.54 -2.65
N TRP B 461 5.20 -37.68 -2.38
CA TRP B 461 4.52 -38.92 -2.68
C TRP B 461 4.45 -39.18 -4.18
N ILE B 462 4.19 -38.13 -4.96
CA ILE B 462 4.19 -38.29 -6.41
C ILE B 462 5.58 -38.69 -6.90
N GLN B 463 6.61 -38.02 -6.39
CA GLN B 463 7.99 -38.40 -6.75
C GLN B 463 8.26 -39.84 -6.40
N SER B 464 7.72 -40.32 -5.28
CA SER B 464 7.86 -41.72 -4.93
C SER B 464 7.14 -42.61 -5.94
N ALA B 465 5.97 -42.17 -6.41
CA ALA B 465 5.23 -42.94 -7.40
C ALA B 465 5.94 -43.01 -8.73
N HIS B 466 6.94 -42.17 -8.96
CA HIS B 466 7.72 -42.24 -10.18
C HIS B 466 8.95 -43.10 -10.05
N GLY B 467 9.27 -43.56 -8.84
CA GLY B 467 10.43 -44.41 -8.63
C GLY B 467 11.48 -43.86 -7.71
N LYS B 468 11.36 -42.63 -7.23
CA LYS B 468 12.33 -42.08 -6.30
C LYS B 468 12.26 -42.83 -4.97
N THR B 469 13.42 -43.06 -4.37
CA THR B 469 13.53 -43.86 -3.16
C THR B 469 14.26 -43.10 -2.07
N SER B 470 13.89 -41.84 -1.87
CA SER B 470 14.51 -41.02 -0.83
C SER B 470 13.54 -40.65 0.27
N TYR B 471 12.24 -40.87 0.10
CA TYR B 471 11.27 -40.60 1.14
C TYR B 471 10.64 -41.85 1.72
N GLY B 472 10.94 -43.02 1.17
CA GLY B 472 10.46 -44.27 1.71
C GLY B 472 8.96 -44.41 1.73
N PHE B 473 8.32 -44.16 0.60
CA PHE B 473 6.86 -44.29 0.52
C PHE B 473 6.41 -45.60 -0.08
N ASP B 474 7.19 -46.18 -1.00
CA ASP B 474 6.90 -47.50 -1.57
C ASP B 474 5.53 -47.53 -2.24
N VAL B 475 5.44 -46.74 -3.30
CA VAL B 475 4.25 -46.67 -4.14
C VAL B 475 4.64 -47.22 -5.50
N LEU B 476 3.73 -47.18 -6.45
CA LEU B 476 4.01 -47.55 -7.83
C LEU B 476 5.40 -47.11 -8.24
N LEU B 477 6.14 -48.02 -8.87
CA LEU B 477 7.45 -47.77 -9.44
C LEU B 477 8.53 -47.60 -8.39
N SER B 478 8.13 -47.52 -7.12
CA SER B 478 9.06 -47.71 -6.01
C SER B 478 8.53 -48.75 -5.05
N SER B 479 7.45 -49.41 -5.39
CA SER B 479 7.04 -50.66 -4.77
C SER B 479 7.97 -51.75 -5.29
N THR B 480 7.65 -53.01 -5.06
CA THR B 480 8.39 -54.08 -5.72
C THR B 480 7.51 -55.13 -6.38
N ASN B 481 6.24 -55.26 -6.00
CA ASN B 481 5.35 -56.20 -6.66
C ASN B 481 4.18 -55.50 -7.32
N SER B 482 4.31 -54.20 -7.58
CA SER B 482 3.24 -53.47 -8.22
C SER B 482 3.04 -53.94 -9.65
N PRO B 483 1.83 -53.86 -10.18
CA PRO B 483 1.65 -54.10 -11.62
C PRO B 483 2.36 -53.07 -12.46
N ALA B 484 2.42 -51.83 -12.01
CA ALA B 484 3.07 -50.77 -12.79
C ALA B 484 4.55 -51.04 -12.95
N LEU B 485 5.22 -51.38 -11.84
CA LEU B 485 6.65 -51.63 -11.91
C LEU B 485 6.95 -52.91 -12.65
N ASN B 486 6.08 -53.91 -12.55
CA ASN B 486 6.32 -55.18 -13.21
C ASN B 486 6.06 -55.12 -14.70
N ALA B 487 5.16 -54.24 -15.13
CA ALA B 487 4.72 -54.25 -16.52
C ALA B 487 5.72 -53.58 -17.45
N GLY B 488 6.51 -52.64 -16.95
CA GLY B 488 7.50 -51.98 -17.77
C GLY B 488 8.90 -52.25 -17.31
N ARG B 489 9.08 -53.28 -16.49
CA ARG B 489 10.37 -53.55 -15.88
C ARG B 489 11.44 -53.89 -16.90
N SER B 490 11.06 -54.28 -18.11
CA SER B 490 12.03 -54.70 -19.09
C SER B 490 12.20 -53.72 -20.24
N ILE B 491 11.36 -52.70 -20.34
CA ILE B 491 11.44 -51.80 -21.49
C ILE B 491 12.23 -50.56 -21.15
N TRP B 492 11.69 -49.73 -20.28
CA TRP B 492 12.31 -48.45 -19.96
C TRP B 492 12.54 -48.26 -18.48
N LEU B 493 11.94 -49.08 -17.64
CA LEU B 493 12.10 -48.91 -16.21
C LEU B 493 13.54 -49.06 -15.72
N PRO B 494 14.38 -49.93 -16.27
CA PRO B 494 15.76 -49.97 -15.80
C PRO B 494 16.44 -48.61 -15.89
N GLY B 495 16.48 -48.06 -17.11
CA GLY B 495 17.12 -46.77 -17.29
C GLY B 495 16.42 -45.66 -16.53
N TRP B 496 15.09 -45.70 -16.49
CA TRP B 496 14.36 -44.65 -15.79
C TRP B 496 14.67 -44.66 -14.31
N LEU B 497 14.55 -45.82 -13.67
CA LEU B 497 14.81 -45.92 -12.25
C LEU B 497 16.26 -45.63 -11.93
N ASN B 498 17.18 -45.95 -12.85
CA ASN B 498 18.57 -45.62 -12.61
C ASN B 498 18.79 -44.12 -12.67
N ALA B 499 18.10 -43.43 -13.57
CA ALA B 499 18.31 -42.00 -13.71
C ALA B 499 17.62 -41.21 -12.62
N ILE B 500 16.44 -41.65 -12.19
CA ILE B 500 15.69 -40.86 -11.23
C ILE B 500 16.31 -40.96 -9.84
N ASN B 501 16.81 -42.13 -9.49
CA ASN B 501 17.43 -42.33 -8.18
C ASN B 501 18.86 -41.83 -8.14
N GLU B 502 19.38 -41.35 -9.26
CA GLU B 502 20.64 -40.63 -9.26
C GLU B 502 20.38 -39.18 -8.86
N ASN B 503 21.25 -38.64 -8.01
CA ASN B 503 21.02 -37.33 -7.43
C ASN B 503 22.09 -36.32 -7.84
N SER B 504 22.67 -36.51 -9.01
CA SER B 504 23.55 -35.52 -9.61
C SER B 504 22.92 -34.81 -10.80
N ASN B 505 21.76 -35.27 -11.27
CA ASN B 505 21.04 -34.64 -12.35
C ASN B 505 19.90 -33.81 -11.77
N SER B 506 19.04 -33.29 -12.64
CA SER B 506 17.90 -32.50 -12.23
C SER B 506 16.58 -33.23 -12.42
N LEU B 507 16.63 -34.51 -12.77
CA LEU B 507 15.41 -35.30 -12.94
C LEU B 507 14.81 -35.55 -11.56
N PHE B 508 13.76 -34.79 -11.23
CA PHE B 508 13.02 -34.93 -9.97
C PHE B 508 13.93 -34.70 -8.76
N LEU B 509 14.38 -33.46 -8.64
CA LEU B 509 15.18 -33.05 -7.51
C LEU B 509 14.46 -33.31 -6.19
N THR B 510 15.24 -33.56 -5.15
CA THR B 510 14.68 -33.73 -3.81
C THR B 510 14.13 -32.41 -3.31
N ILE B 511 12.97 -32.46 -2.66
CA ILE B 511 12.28 -31.25 -2.24
C ILE B 511 12.06 -31.28 -0.74
N GLY B 512 11.98 -30.09 -0.15
CA GLY B 512 11.74 -29.94 1.27
C GLY B 512 10.76 -28.83 1.56
N PRO B 513 10.77 -28.33 2.80
CA PRO B 513 9.79 -27.29 3.16
C PRO B 513 9.93 -26.01 2.38
N GLY B 514 11.16 -25.59 2.06
CA GLY B 514 11.32 -24.41 1.23
C GLY B 514 10.64 -24.55 -0.11
N ASP B 515 10.71 -25.73 -0.70
CA ASP B 515 10.00 -25.98 -1.94
C ASP B 515 8.51 -25.83 -1.76
N PHE B 516 7.97 -26.29 -0.64
CA PHE B 516 6.55 -26.11 -0.34
C PHE B 516 6.18 -24.64 -0.33
N LEU B 517 6.90 -23.85 0.46
CA LEU B 517 6.55 -22.43 0.57
C LEU B 517 6.64 -21.73 -0.77
N VAL B 518 7.69 -22.02 -1.54
CA VAL B 518 7.84 -21.28 -2.78
C VAL B 518 6.84 -21.76 -3.83
N HIS B 519 6.45 -23.03 -3.79
CA HIS B 519 5.40 -23.46 -4.71
C HIS B 519 4.08 -22.79 -4.39
N HIS B 520 3.81 -22.52 -3.12
CA HIS B 520 2.57 -21.82 -2.86
C HIS B 520 2.66 -20.35 -3.22
N ALA B 521 3.85 -19.76 -3.15
CA ALA B 521 4.04 -18.45 -3.75
C ALA B 521 3.72 -18.48 -5.24
N ILE B 522 4.19 -19.52 -5.93
CA ILE B 522 3.90 -19.66 -7.36
C ILE B 522 2.40 -19.76 -7.59
N ALA B 523 1.72 -20.56 -6.78
CA ALA B 523 0.27 -20.72 -6.94
C ALA B 523 -0.45 -19.40 -6.75
N LEU B 524 -0.04 -18.63 -5.75
CA LEU B 524 -0.64 -17.31 -5.55
C LEU B 524 -0.40 -16.42 -6.75
N GLY B 525 0.81 -16.45 -7.30
CA GLY B 525 1.08 -15.63 -8.47
C GLY B 525 0.18 -15.98 -9.63
N LEU B 526 0.06 -17.28 -9.93
CA LEU B 526 -0.81 -17.71 -11.02
C LEU B 526 -2.24 -17.27 -10.79
N HIS B 527 -2.74 -17.49 -9.57
CA HIS B 527 -4.15 -17.19 -9.30
C HIS B 527 -4.42 -15.70 -9.39
N THR B 528 -3.50 -14.87 -8.91
CA THR B 528 -3.75 -13.43 -8.96
C THR B 528 -3.66 -12.91 -10.38
N THR B 529 -2.68 -13.38 -11.14
CA THR B 529 -2.59 -12.95 -12.53
C THR B 529 -3.84 -13.34 -13.29
N THR B 530 -4.30 -14.57 -13.12
CA THR B 530 -5.51 -14.97 -13.80
C THR B 530 -6.72 -14.22 -13.28
N LEU B 531 -6.73 -13.83 -12.00
CA LEU B 531 -7.82 -13.01 -11.50
C LEU B 531 -7.89 -11.70 -12.25
N ILE B 532 -6.75 -11.02 -12.35
CA ILE B 532 -6.73 -9.73 -13.06
C ILE B 532 -7.18 -9.91 -14.51
N LEU B 533 -6.61 -10.90 -15.19
CA LEU B 533 -6.90 -11.05 -16.61
C LEU B 533 -8.34 -11.48 -16.85
N VAL B 534 -8.84 -12.42 -16.07
CA VAL B 534 -10.21 -12.90 -16.23
C VAL B 534 -11.20 -11.81 -15.88
N LYS B 535 -10.90 -11.02 -14.84
CA LYS B 535 -11.77 -9.89 -14.53
C LYS B 535 -11.78 -8.89 -15.66
N GLY B 536 -10.63 -8.67 -16.30
CA GLY B 536 -10.60 -7.76 -17.43
C GLY B 536 -11.37 -8.29 -18.62
N ALA B 537 -11.33 -9.60 -18.83
CA ALA B 537 -12.02 -10.19 -19.99
C ALA B 537 -13.53 -10.21 -19.77
N LEU B 538 -13.98 -10.75 -18.65
CA LEU B 538 -15.40 -10.88 -18.39
C LEU B 538 -16.08 -9.55 -18.13
N ASP B 539 -15.33 -8.51 -17.80
CA ASP B 539 -15.86 -7.18 -17.59
C ASP B 539 -15.61 -6.26 -18.77
N ALA B 540 -15.20 -6.81 -19.91
CA ALA B 540 -14.84 -5.95 -21.04
C ALA B 540 -16.07 -5.34 -21.69
N ARG B 541 -17.17 -6.08 -21.74
CA ARG B 541 -18.37 -5.60 -22.40
C ARG B 541 -19.16 -4.62 -21.56
N GLY B 542 -18.79 -4.42 -20.31
CA GLY B 542 -19.47 -3.47 -19.45
C GLY B 542 -19.67 -4.02 -18.05
N SER B 543 -19.75 -3.11 -17.09
CA SER B 543 -19.91 -3.46 -15.69
C SER B 543 -20.97 -2.53 -15.10
N LYS B 544 -21.06 -2.51 -13.77
CA LYS B 544 -22.00 -1.60 -13.14
C LYS B 544 -21.48 -0.17 -13.10
N LEU B 545 -20.16 0.00 -13.04
CA LEU B 545 -19.60 1.35 -13.02
C LEU B 545 -19.67 2.00 -14.40
N MET B 546 -19.64 1.21 -15.45
CA MET B 546 -19.84 1.72 -16.81
C MET B 546 -20.53 0.62 -17.60
N PRO B 547 -21.85 0.72 -17.78
CA PRO B 547 -22.58 -0.38 -18.44
C PRO B 547 -22.42 -0.39 -19.94
N ASP B 548 -21.95 0.68 -20.56
CA ASP B 548 -21.84 0.78 -22.00
C ASP B 548 -20.39 0.78 -22.46
N LYS B 549 -19.56 -0.01 -21.79
CA LYS B 549 -18.12 0.02 -22.09
C LYS B 549 -17.83 -0.47 -23.49
N LYS B 550 -18.68 -1.36 -24.03
CA LYS B 550 -18.35 -2.03 -25.27
C LYS B 550 -18.23 -1.06 -26.44
N ASP B 551 -19.03 0.00 -26.45
CA ASP B 551 -18.94 0.94 -27.56
C ASP B 551 -17.85 1.98 -27.36
N PHE B 552 -16.96 1.79 -26.39
CA PHE B 552 -15.82 2.66 -26.23
C PHE B 552 -14.53 2.06 -26.73
N GLY B 553 -14.55 0.79 -27.14
CA GLY B 553 -13.37 0.14 -27.66
C GLY B 553 -12.68 -0.71 -26.62
N TYR B 554 -11.53 -1.25 -27.03
CA TYR B 554 -10.75 -2.07 -26.12
C TYR B 554 -9.90 -1.21 -25.21
N SER B 555 -9.30 -0.16 -25.74
CA SER B 555 -8.39 0.69 -24.98
C SER B 555 -8.90 2.12 -25.04
N PHE B 556 -9.12 2.71 -23.86
CA PHE B 556 -9.45 4.11 -23.74
C PHE B 556 -9.02 4.56 -22.36
N PRO B 557 -8.54 5.92 -22.17
CA PRO B 557 -7.94 6.93 -20.95
C PRO B 557 -8.72 6.59 -19.67
N CYS B 558 -10.02 6.91 -19.69
CA CYS B 558 -10.97 6.68 -18.57
C CYS B 558 -12.36 7.19 -19.01
N ASP B 559 -13.29 7.27 -18.06
CA ASP B 559 -14.60 7.83 -18.38
C ASP B 559 -14.84 9.11 -17.58
N GLY B 560 -13.81 9.97 -17.58
CA GLY B 560 -13.86 11.28 -16.89
C GLY B 560 -13.64 11.06 -15.41
N PRO B 561 -13.88 12.09 -14.34
CA PRO B 561 -13.83 12.04 -12.88
C PRO B 561 -15.22 11.86 -12.25
N GLY B 562 -16.27 11.71 -13.06
CA GLY B 562 -17.60 11.55 -12.54
C GLY B 562 -17.84 10.15 -12.03
N ARG B 563 -18.96 10.00 -11.32
CA ARG B 563 -19.36 8.74 -10.72
C ARG B 563 -18.27 8.17 -9.81
N GLY B 564 -17.51 9.05 -9.18
CA GLY B 564 -16.48 8.65 -8.26
C GLY B 564 -15.08 8.63 -8.85
N GLY B 565 -14.96 8.58 -10.16
CA GLY B 565 -13.66 8.52 -10.79
C GLY B 565 -13.49 7.17 -11.48
N THR B 566 -13.06 7.19 -12.73
CA THR B 566 -12.97 5.89 -13.47
C THR B 566 -11.60 5.71 -14.11
N CYS B 567 -10.52 6.00 -13.37
CA CYS B 567 -9.16 5.80 -13.93
C CYS B 567 -8.94 4.30 -14.12
N ASP B 568 -8.33 3.92 -15.25
CA ASP B 568 -7.96 2.53 -15.55
C ASP B 568 -9.18 1.61 -15.50
N ILE B 569 -10.16 1.94 -16.31
CA ILE B 569 -11.40 1.17 -16.40
C ILE B 569 -11.50 0.35 -17.67
N SER B 570 -10.57 0.51 -18.60
CA SER B 570 -10.58 -0.28 -19.83
C SER B 570 -10.36 -1.74 -19.54
N ALA B 571 -10.38 -2.58 -20.57
CA ALA B 571 -9.81 -3.90 -20.45
C ALA B 571 -8.32 -3.88 -20.77
N TRP B 572 -7.90 -2.94 -21.61
CA TRP B 572 -6.48 -2.72 -21.83
C TRP B 572 -5.79 -2.39 -20.52
N ASP B 573 -6.45 -1.63 -19.66
CA ASP B 573 -5.86 -1.32 -18.37
C ASP B 573 -5.76 -2.56 -17.49
N ALA B 574 -6.70 -3.49 -17.63
CA ALA B 574 -6.57 -4.75 -16.90
C ALA B 574 -5.39 -5.56 -17.38
N PHE B 575 -5.19 -5.63 -18.71
CA PHE B 575 -3.99 -6.27 -19.21
C PHE B 575 -2.73 -5.60 -18.69
N TYR B 576 -2.75 -4.26 -18.71
CA TYR B 576 -1.59 -3.44 -18.30
C TYR B 576 -1.25 -3.77 -16.83
N LEU B 577 -2.27 -3.91 -15.99
CA LEU B 577 -2.05 -4.23 -14.60
C LEU B 577 -1.60 -5.67 -14.43
N ALA B 578 -2.07 -6.57 -15.29
CA ALA B 578 -1.71 -7.97 -15.15
C ALA B 578 -0.28 -8.26 -15.60
N VAL B 579 0.29 -7.43 -16.46
CA VAL B 579 1.66 -7.70 -16.87
C VAL B 579 2.60 -7.56 -15.69
N PHE B 580 2.32 -6.64 -14.76
CA PHE B 580 3.14 -6.53 -13.56
C PHE B 580 3.14 -7.84 -12.78
N TRP B 581 1.96 -8.42 -12.60
CA TRP B 581 1.88 -9.66 -11.84
C TRP B 581 2.50 -10.82 -12.61
N MET B 582 2.41 -10.81 -13.94
CA MET B 582 3.10 -11.83 -14.71
C MET B 582 4.61 -11.74 -14.50
N LEU B 583 5.16 -10.53 -14.61
CA LEU B 583 6.57 -10.34 -14.36
C LEU B 583 6.95 -10.82 -12.98
N ASN B 584 6.14 -10.48 -11.98
CA ASN B 584 6.46 -10.84 -10.60
C ASN B 584 6.45 -12.35 -10.41
N THR B 585 5.45 -13.02 -10.96
CA THR B 585 5.36 -14.46 -10.77
C THR B 585 6.46 -15.20 -11.51
N ILE B 586 6.74 -14.80 -12.74
CA ILE B 586 7.85 -15.42 -13.45
C ILE B 586 9.16 -15.11 -12.73
N GLY B 587 9.24 -13.95 -12.08
CA GLY B 587 10.40 -13.67 -11.27
C GLY B 587 10.55 -14.64 -10.12
N TRP B 588 9.47 -14.91 -9.41
CA TRP B 588 9.52 -15.90 -8.33
C TRP B 588 9.95 -17.26 -8.87
N VAL B 589 9.33 -17.68 -9.99
CA VAL B 589 9.63 -18.98 -10.57
C VAL B 589 11.12 -19.08 -10.88
N THR B 590 11.65 -18.09 -11.57
CA THR B 590 13.03 -18.19 -12.03
C THR B 590 14.02 -17.99 -10.90
N PHE B 591 13.69 -17.16 -9.90
CA PHE B 591 14.51 -17.09 -8.70
C PHE B 591 14.62 -18.44 -8.04
N TYR B 592 13.48 -19.09 -7.84
CA TYR B 592 13.46 -20.42 -7.22
C TYR B 592 14.34 -21.39 -8.00
N TRP B 593 14.11 -21.48 -9.31
CA TRP B 593 14.87 -22.40 -10.13
C TRP B 593 16.36 -22.12 -10.02
N HIS B 594 16.74 -20.85 -10.17
CA HIS B 594 18.15 -20.50 -10.20
C HIS B 594 18.82 -20.81 -8.88
N TRP B 595 18.16 -20.48 -7.76
CA TRP B 595 18.82 -20.71 -6.48
C TRP B 595 18.93 -22.20 -6.19
N LYS B 596 17.86 -22.96 -6.42
CA LYS B 596 17.93 -24.39 -6.19
C LYS B 596 19.06 -25.01 -7.01
N HIS B 597 19.17 -24.61 -8.28
CA HIS B 597 20.19 -25.22 -9.12
C HIS B 597 21.58 -24.72 -8.78
N ILE B 598 21.72 -23.45 -8.39
CA ILE B 598 23.04 -22.92 -8.09
C ILE B 598 23.57 -23.48 -6.79
N THR B 599 22.68 -23.94 -5.90
CA THR B 599 23.15 -24.65 -4.73
C THR B 599 23.35 -26.13 -5.00
N LEU B 600 22.63 -26.70 -5.97
CA LEU B 600 22.86 -28.09 -6.32
C LEU B 600 24.18 -28.26 -7.08
N TRP B 601 24.53 -27.27 -7.90
CA TRP B 601 25.74 -27.38 -8.70
C TRP B 601 27.01 -27.21 -7.88
N GLN B 602 26.89 -26.68 -6.67
CA GLN B 602 28.03 -26.54 -5.78
C GLN B 602 28.11 -27.68 -4.76
N GLY B 603 27.24 -28.67 -4.87
CA GLY B 603 27.19 -29.71 -3.86
C GLY B 603 26.86 -29.20 -2.48
N ASN B 604 26.08 -28.13 -2.38
CA ASN B 604 25.78 -27.46 -1.14
C ASN B 604 24.28 -27.33 -0.94
N VAL B 605 23.53 -28.38 -1.27
CA VAL B 605 22.08 -28.30 -1.28
C VAL B 605 21.52 -28.00 0.10
N SER B 606 22.27 -28.32 1.16
CA SER B 606 21.76 -28.03 2.50
C SER B 606 21.65 -26.52 2.72
N GLN B 607 22.45 -25.75 1.99
CA GLN B 607 22.46 -24.26 2.09
C GLN B 607 21.09 -23.71 1.70
N PHE B 608 20.53 -24.19 0.59
CA PHE B 608 19.16 -23.87 0.19
C PHE B 608 18.16 -24.51 1.14
N ASN B 609 18.30 -25.82 1.36
CA ASN B 609 17.35 -26.55 2.18
C ASN B 609 17.09 -25.87 3.51
N GLU B 610 18.08 -25.14 4.03
CA GLU B 610 17.94 -24.55 5.35
C GLU B 610 17.62 -23.06 5.32
N SER B 611 18.20 -22.32 4.38
CA SER B 611 18.00 -20.85 4.33
C SER B 611 16.85 -20.43 3.41
N SER B 612 16.15 -21.39 2.79
CA SER B 612 15.08 -21.00 1.88
C SER B 612 13.75 -20.81 2.58
N THR B 613 13.66 -21.08 3.87
CA THR B 613 12.39 -21.05 4.57
C THR B 613 12.09 -19.71 5.22
N TYR B 614 12.93 -18.71 5.02
CA TYR B 614 12.64 -17.38 5.51
C TYR B 614 13.21 -16.36 4.53
N LEU B 615 12.54 -15.22 4.43
CA LEU B 615 12.84 -14.31 3.34
C LEU B 615 14.18 -13.60 3.52
N MET B 616 14.67 -13.46 4.75
CA MET B 616 16.03 -12.97 4.90
C MET B 616 17.02 -13.93 4.28
N GLY B 617 16.70 -15.22 4.29
CA GLY B 617 17.54 -16.18 3.61
C GLY B 617 17.59 -15.94 2.11
N TRP B 618 16.44 -15.65 1.51
CA TRP B 618 16.42 -15.34 0.09
C TRP B 618 17.20 -14.07 -0.20
N LEU B 619 17.04 -13.05 0.62
CA LEU B 619 17.74 -11.79 0.35
C LEU B 619 19.25 -11.96 0.51
N ARG B 620 19.69 -12.51 1.63
CA ARG B 620 21.11 -12.55 1.94
C ARG B 620 21.81 -13.69 1.22
N ASP B 621 21.33 -14.91 1.39
CA ASP B 621 22.05 -16.08 0.88
C ASP B 621 21.89 -16.27 -0.62
N TYR B 622 20.97 -15.58 -1.27
CA TYR B 622 20.80 -15.69 -2.71
C TYR B 622 21.12 -14.41 -3.44
N LEU B 623 20.47 -13.30 -3.09
CA LEU B 623 20.67 -12.06 -3.82
C LEU B 623 21.98 -11.40 -3.45
N TRP B 624 22.19 -11.13 -2.17
CA TRP B 624 23.37 -10.40 -1.75
C TRP B 624 24.63 -11.25 -1.89
N LEU B 625 24.51 -12.56 -1.70
CA LEU B 625 25.67 -13.42 -1.72
C LEU B 625 26.18 -13.65 -3.13
N ASN B 626 25.28 -13.99 -4.04
CA ASN B 626 25.65 -14.34 -5.41
C ASN B 626 25.85 -13.13 -6.30
N SER B 627 25.98 -11.94 -5.71
CA SER B 627 26.09 -10.72 -6.50
C SER B 627 27.44 -10.03 -6.34
N SER B 628 28.44 -10.72 -5.80
CA SER B 628 29.71 -10.08 -5.52
C SER B 628 30.56 -9.96 -6.78
N GLN B 629 30.75 -11.06 -7.50
CA GLN B 629 31.52 -11.02 -8.74
C GLN B 629 30.89 -10.08 -9.74
N LEU B 630 29.57 -10.15 -9.88
CA LEU B 630 28.88 -9.31 -10.85
C LEU B 630 29.16 -7.84 -10.60
N ILE B 631 28.97 -7.36 -9.37
CA ILE B 631 29.21 -5.96 -9.11
C ILE B 631 30.70 -5.65 -9.07
N ASN B 632 31.55 -6.66 -8.93
CA ASN B 632 32.98 -6.44 -9.05
C ASN B 632 33.46 -6.63 -10.49
N GLY B 633 32.54 -6.71 -11.44
CA GLY B 633 32.93 -6.76 -12.84
C GLY B 633 33.90 -5.65 -13.23
N TYR B 634 33.71 -4.46 -12.67
CA TYR B 634 34.71 -3.41 -12.82
C TYR B 634 34.74 -2.58 -11.56
N ASN B 635 35.94 -2.16 -11.18
CA ASN B 635 36.16 -1.49 -9.91
C ASN B 635 37.33 -0.54 -10.09
N PRO B 636 37.64 0.28 -9.08
CA PRO B 636 38.79 1.18 -9.22
C PRO B 636 40.13 0.49 -9.47
N PHE B 637 40.19 -0.83 -9.44
CA PHE B 637 41.43 -1.56 -9.65
C PHE B 637 41.44 -2.34 -10.96
N GLY B 638 40.57 -1.99 -11.89
CA GLY B 638 40.52 -2.63 -13.18
C GLY B 638 39.19 -3.30 -13.44
N MET B 639 39.09 -3.94 -14.59
CA MET B 639 37.89 -4.64 -15.01
C MET B 639 38.27 -6.02 -15.54
N ASN B 640 37.27 -6.91 -15.56
CA ASN B 640 37.47 -8.22 -16.14
C ASN B 640 36.36 -8.53 -17.13
N SER B 641 36.27 -9.79 -17.58
CA SER B 641 35.32 -10.14 -18.62
C SER B 641 33.87 -10.01 -18.18
N LEU B 642 33.60 -9.89 -16.88
CA LEU B 642 32.24 -9.72 -16.41
C LEU B 642 31.76 -8.29 -16.51
N SER B 643 32.62 -7.36 -16.92
CA SER B 643 32.27 -5.95 -16.89
C SER B 643 31.03 -5.67 -17.72
N VAL B 644 30.94 -6.28 -18.91
CA VAL B 644 29.78 -6.03 -19.77
C VAL B 644 28.50 -6.38 -19.05
N TRP B 645 28.53 -7.38 -18.19
CA TRP B 645 27.34 -7.68 -17.41
C TRP B 645 27.16 -6.67 -16.29
N ALA B 646 28.25 -6.37 -15.59
CA ALA B 646 28.19 -5.36 -14.54
C ALA B 646 27.60 -4.07 -15.06
N TRP B 647 27.91 -3.72 -16.30
CA TRP B 647 27.31 -2.55 -16.92
C TRP B 647 25.83 -2.79 -17.17
N MET B 648 25.50 -3.87 -17.87
CA MET B 648 24.10 -4.15 -18.20
C MET B 648 23.26 -4.24 -16.95
N PHE B 649 23.80 -4.84 -15.89
CA PHE B 649 23.11 -4.92 -14.61
C PHE B 649 22.66 -3.55 -14.15
N LEU B 650 23.53 -2.55 -14.24
CA LEU B 650 23.14 -1.21 -13.85
C LEU B 650 22.20 -0.61 -14.88
N PHE B 651 22.43 -0.91 -16.16
CA PHE B 651 21.52 -0.48 -17.21
C PHE B 651 20.10 -0.87 -16.88
N GLY B 652 19.88 -2.16 -16.61
CA GLY B 652 18.54 -2.61 -16.26
C GLY B 652 17.97 -1.93 -15.03
N HIS B 653 18.82 -1.46 -14.13
CA HIS B 653 18.32 -0.72 -12.98
C HIS B 653 17.87 0.66 -13.39
N LEU B 654 18.59 1.30 -14.30
CA LEU B 654 18.21 2.61 -14.77
C LEU B 654 16.88 2.56 -15.50
N VAL B 655 16.79 1.71 -16.52
CA VAL B 655 15.58 1.59 -17.32
C VAL B 655 14.37 1.36 -16.43
N TRP B 656 14.42 0.29 -15.64
CA TRP B 656 13.36 0.03 -14.67
C TRP B 656 12.94 1.29 -13.94
N ALA B 657 13.91 2.01 -13.38
CA ALA B 657 13.59 3.17 -12.57
C ALA B 657 12.88 4.24 -13.39
N THR B 658 13.33 4.48 -14.62
CA THR B 658 12.64 5.52 -15.37
C THR B 658 11.26 5.07 -15.78
N GLY B 659 11.03 3.76 -15.85
CA GLY B 659 9.68 3.28 -16.05
C GLY B 659 8.74 3.76 -14.96
N PHE B 660 9.26 4.03 -13.78
CA PHE B 660 8.42 4.52 -12.70
C PHE B 660 7.86 5.89 -13.05
N MET B 661 8.64 6.72 -13.75
CA MET B 661 8.17 8.06 -14.07
C MET B 661 6.84 8.01 -14.78
N PHE B 662 6.82 7.39 -15.96
CA PHE B 662 5.59 7.27 -16.74
C PHE B 662 4.49 6.56 -15.97
N LEU B 663 4.81 5.85 -14.90
CA LEU B 663 3.77 5.16 -14.17
C LEU B 663 3.21 5.98 -13.02
N ILE B 664 4.04 6.85 -12.43
CA ILE B 664 3.60 7.67 -11.26
C ILE B 664 3.15 9.05 -11.72
N SER B 665 4.04 9.84 -12.31
CA SER B 665 3.67 11.20 -12.78
C SER B 665 2.60 11.06 -13.87
N TRP B 666 1.55 11.89 -13.82
CA TRP B 666 0.48 11.77 -14.85
C TRP B 666 0.51 12.94 -15.83
N ARG B 667 -0.17 12.76 -16.97
CA ARG B 667 -0.25 13.67 -18.14
C ARG B 667 -0.43 15.17 -17.86
N GLY B 668 -1.39 15.59 -17.05
CA GLY B 668 -1.63 17.03 -16.82
C GLY B 668 -0.38 17.82 -16.50
N TYR B 669 0.41 17.31 -15.56
CA TYR B 669 1.67 17.93 -15.09
C TYR B 669 2.56 18.20 -16.29
N TRP B 670 2.79 17.14 -17.07
CA TRP B 670 3.71 17.19 -18.19
C TRP B 670 3.18 18.07 -19.30
N GLN B 671 1.86 18.06 -19.50
CA GLN B 671 1.29 18.89 -20.55
C GLN B 671 1.53 20.36 -20.28
N GLU B 672 1.35 20.79 -19.04
CA GLU B 672 1.57 22.20 -18.73
C GLU B 672 3.04 22.56 -18.80
N LEU B 673 3.92 21.65 -18.34
CA LEU B 673 5.35 21.88 -18.52
C LEU B 673 5.71 22.04 -20.00
N ILE B 674 5.12 21.19 -20.85
CA ILE B 674 5.43 21.26 -22.27
C ILE B 674 4.94 22.57 -22.86
N GLU B 675 3.78 23.05 -22.42
CA GLU B 675 3.27 24.29 -22.96
C GLU B 675 4.15 25.47 -22.59
N THR B 676 4.68 25.49 -21.36
CA THR B 676 5.60 26.59 -21.06
C THR B 676 6.91 26.44 -21.81
N LEU B 677 7.35 25.20 -22.07
CA LEU B 677 8.51 25.02 -22.94
C LEU B 677 8.26 25.60 -24.32
N ALA B 678 7.06 25.39 -24.85
CA ALA B 678 6.71 25.92 -26.16
C ALA B 678 6.77 27.44 -26.17
N TRP B 679 6.23 28.07 -25.14
CA TRP B 679 6.37 29.51 -25.00
C TRP B 679 7.84 29.91 -25.06
N ALA B 680 8.66 29.25 -24.26
CA ALA B 680 10.08 29.60 -24.18
C ALA B 680 10.74 29.51 -25.55
N HIS B 681 10.45 28.45 -26.30
CA HIS B 681 11.09 28.31 -27.60
C HIS B 681 10.62 29.40 -28.55
N GLU B 682 9.32 29.69 -28.56
CA GLU B 682 8.83 30.70 -29.48
C GLU B 682 9.35 32.09 -29.15
N ARG B 683 9.77 32.33 -27.91
CA ARG B 683 10.12 33.67 -27.48
C ARG B 683 11.61 33.97 -27.52
N THR B 684 12.43 33.09 -28.07
CA THR B 684 13.84 33.37 -27.88
C THR B 684 14.52 33.71 -29.19
N PRO B 685 15.51 34.61 -29.17
CA PRO B 685 16.15 35.02 -30.42
C PRO B 685 16.99 33.91 -31.03
N LEU B 686 17.15 34.00 -32.35
CA LEU B 686 18.06 33.15 -33.12
C LEU B 686 17.58 31.72 -33.19
N ALA B 687 16.53 31.41 -32.43
CA ALA B 687 15.97 30.07 -32.43
C ALA B 687 14.50 30.04 -32.74
N ASN B 688 13.78 31.15 -32.59
CA ASN B 688 12.45 31.23 -33.16
C ASN B 688 12.48 31.27 -34.68
N LEU B 689 13.66 31.44 -35.27
CA LEU B 689 13.80 31.27 -36.71
C LEU B 689 13.51 29.84 -37.14
N ILE B 690 13.57 28.89 -36.20
CA ILE B 690 13.26 27.50 -36.46
C ILE B 690 11.89 27.21 -35.85
N ARG B 691 11.03 26.54 -36.60
CA ARG B 691 9.67 26.26 -36.16
C ARG B 691 9.39 24.77 -36.29
N TRP B 692 8.77 24.20 -35.26
CA TRP B 692 8.33 22.83 -35.36
C TRP B 692 7.20 22.73 -36.37
N ARG B 693 6.85 21.50 -36.72
CA ARG B 693 5.77 21.25 -37.65
C ARG B 693 4.60 20.51 -37.04
N ASP B 694 4.81 19.77 -35.95
CA ASP B 694 3.72 19.30 -35.10
C ASP B 694 3.83 19.98 -33.76
N LYS B 695 2.71 20.51 -33.29
CA LYS B 695 2.69 21.10 -31.97
C LYS B 695 3.05 20.03 -30.95
N PRO B 696 4.05 20.26 -30.11
CA PRO B 696 4.42 19.26 -29.10
C PRO B 696 3.31 19.09 -28.08
N VAL B 697 2.94 17.84 -27.83
CA VAL B 697 1.96 17.51 -26.83
C VAL B 697 2.55 16.45 -25.92
N ALA B 698 2.11 16.45 -24.67
CA ALA B 698 2.45 15.36 -23.78
C ALA B 698 1.87 14.05 -24.33
N LEU B 699 2.49 12.95 -23.94
CA LEU B 699 2.00 11.65 -24.37
C LEU B 699 0.54 11.47 -23.96
N SER B 700 -0.14 10.58 -24.67
CA SER B 700 -1.50 10.26 -24.29
C SER B 700 -1.50 9.54 -22.95
N ILE B 701 -2.70 9.29 -22.41
CA ILE B 701 -2.84 8.54 -21.13
C ILE B 701 -2.48 7.06 -21.38
N VAL B 702 -3.15 6.39 -22.34
CA VAL B 702 -2.87 5.01 -22.65
C VAL B 702 -1.45 4.85 -23.17
N GLN B 703 -1.01 5.81 -23.99
CA GLN B 703 0.35 5.75 -24.51
C GLN B 703 1.36 5.79 -23.38
N ALA B 704 1.10 6.61 -22.36
CA ALA B 704 2.04 6.71 -21.26
C ALA B 704 2.06 5.45 -20.42
N ARG B 705 0.87 4.86 -20.23
CA ARG B 705 0.81 3.58 -19.47
C ARG B 705 1.62 2.54 -20.25
N LEU B 706 1.51 2.54 -21.58
CA LEU B 706 2.24 1.59 -22.39
C LEU B 706 3.74 1.82 -22.31
N VAL B 707 4.18 3.07 -22.40
CA VAL B 707 5.59 3.37 -22.36
C VAL B 707 6.18 2.99 -21.02
N GLY B 708 5.47 3.31 -19.94
CA GLY B 708 5.96 2.94 -18.62
C GLY B 708 6.05 1.44 -18.44
N LEU B 709 5.05 0.71 -18.93
CA LEU B 709 5.10 -0.75 -18.84
C LEU B 709 6.27 -1.31 -19.64
N VAL B 710 6.53 -0.75 -20.81
CA VAL B 710 7.63 -1.22 -21.64
C VAL B 710 8.95 -0.99 -20.93
N HIS B 711 9.13 0.20 -20.35
CA HIS B 711 10.35 0.49 -19.62
C HIS B 711 10.52 -0.45 -18.44
N PHE B 712 9.47 -0.61 -17.65
CA PHE B 712 9.50 -1.51 -16.51
C PHE B 712 9.94 -2.90 -16.91
N SER B 713 9.30 -3.46 -17.94
CA SER B 713 9.59 -4.84 -18.31
C SER B 713 10.98 -4.97 -18.92
N VAL B 714 11.41 -3.99 -19.71
CA VAL B 714 12.74 -4.07 -20.31
C VAL B 714 13.80 -4.01 -19.22
N GLY B 715 13.65 -3.07 -18.28
CA GLY B 715 14.58 -3.02 -17.17
C GLY B 715 14.60 -4.32 -16.39
N TYR B 716 13.43 -4.84 -16.07
CA TYR B 716 13.30 -6.13 -15.40
C TYR B 716 14.11 -7.22 -16.09
N ILE B 717 13.78 -7.47 -17.36
CA ILE B 717 14.44 -8.53 -18.11
C ILE B 717 15.93 -8.33 -18.14
N PHE B 718 16.38 -7.10 -18.39
CA PHE B 718 17.81 -6.88 -18.59
C PHE B 718 18.59 -7.07 -17.30
N THR B 719 18.11 -6.52 -16.19
CA THR B 719 18.87 -6.68 -14.96
C THR B 719 18.86 -8.13 -14.50
N TYR B 720 17.73 -8.83 -14.65
CA TYR B 720 17.77 -10.22 -14.22
C TYR B 720 18.65 -11.06 -15.11
N ALA B 721 18.65 -10.81 -16.41
CA ALA B 721 19.52 -11.57 -17.29
C ALA B 721 20.98 -11.32 -16.97
N ALA B 722 21.33 -10.06 -16.73
CA ALA B 722 22.69 -9.74 -16.33
C ALA B 722 23.08 -10.50 -15.07
N PHE B 723 22.24 -10.43 -14.04
CA PHE B 723 22.58 -11.09 -12.78
C PHE B 723 22.70 -12.59 -12.97
N LEU B 724 21.75 -13.20 -13.67
CA LEU B 724 21.74 -14.64 -13.83
C LEU B 724 22.99 -15.11 -14.57
N ILE B 725 23.27 -14.49 -15.71
CA ILE B 725 24.40 -14.95 -16.52
C ILE B 725 25.72 -14.62 -15.84
N ALA B 726 25.80 -13.52 -15.09
CA ALA B 726 27.06 -13.19 -14.44
C ALA B 726 27.29 -14.04 -13.20
N SER B 727 26.25 -14.40 -12.48
CA SER B 727 26.42 -15.21 -11.27
C SER B 727 26.65 -16.67 -11.60
N THR B 728 26.06 -17.17 -12.69
CA THR B 728 26.39 -18.53 -13.08
C THR B 728 27.69 -18.58 -13.85
N SER B 729 27.94 -17.58 -14.69
CA SER B 729 29.15 -17.55 -15.50
C SER B 729 30.39 -17.28 -14.65
N GLY B 730 30.22 -16.54 -13.56
CA GLY B 730 31.36 -16.25 -12.70
C GLY B 730 31.89 -17.49 -12.01
N LYS B 731 31.02 -18.21 -11.31
CA LYS B 731 31.41 -19.46 -10.70
C LYS B 731 31.57 -20.56 -11.73
N PHE B 732 30.88 -20.43 -12.87
CA PHE B 732 30.77 -21.49 -13.85
C PHE B 732 30.34 -22.79 -13.19
N GLY B 733 29.48 -22.68 -12.20
CA GLY B 733 29.07 -23.81 -11.41
C GLY B 733 28.36 -23.35 -10.17
N SER C 1 -12.66 15.60 -33.80
CA SER C 1 -13.83 16.12 -33.13
C SER C 1 -14.51 15.04 -32.30
N HIS C 2 -14.64 15.27 -31.01
CA HIS C 2 -15.37 14.33 -30.17
C HIS C 2 -16.85 14.35 -30.55
N SER C 3 -17.55 13.28 -30.20
CA SER C 3 -18.96 13.13 -30.55
C SER C 3 -19.78 13.06 -29.28
N VAL C 4 -20.70 14.00 -29.11
CA VAL C 4 -21.58 14.06 -27.96
C VAL C 4 -22.97 13.69 -28.39
N LYS C 5 -23.57 12.75 -27.68
CA LYS C 5 -24.93 12.28 -27.96
C LYS C 5 -25.81 12.54 -26.76
N ILE C 6 -27.09 12.80 -27.05
CA ILE C 6 -28.14 13.01 -26.00
C ILE C 6 -29.20 11.92 -26.19
N TYR C 7 -29.56 11.23 -25.11
CA TYR C 7 -30.50 10.11 -25.17
C TYR C 7 -31.82 10.52 -24.55
N ASP C 8 -32.88 9.83 -24.95
CA ASP C 8 -34.24 10.24 -24.59
C ASP C 8 -34.55 10.07 -23.12
N THR C 9 -33.65 9.51 -22.32
CA THR C 9 -33.87 9.49 -20.88
C THR C 9 -33.62 10.85 -20.25
N CYS C 10 -33.18 11.82 -21.05
CA CYS C 10 -32.89 13.20 -20.57
C CYS C 10 -34.12 13.76 -19.86
N ILE C 11 -33.95 14.25 -18.62
CA ILE C 11 -35.08 14.84 -17.84
C ILE C 11 -35.09 16.36 -18.05
N GLY C 12 -34.16 16.86 -18.87
CA GLY C 12 -34.06 18.30 -19.17
C GLY C 12 -33.74 19.12 -17.94
N CYS C 13 -32.91 18.59 -17.04
CA CYS C 13 -32.49 19.33 -15.81
C CYS C 13 -31.67 20.56 -16.20
N THR C 14 -30.84 20.41 -17.24
CA THR C 14 -29.96 21.45 -17.85
C THR C 14 -28.70 21.69 -17.00
N GLN C 15 -28.45 20.85 -16.00
CA GLN C 15 -27.23 21.02 -15.15
C GLN C 15 -25.98 20.84 -16.03
N CYS C 16 -26.01 19.86 -16.93
CA CYS C 16 -24.87 19.58 -17.84
C CYS C 16 -24.58 20.81 -18.70
N VAL C 17 -25.61 21.38 -19.32
CA VAL C 17 -25.44 22.58 -20.19
C VAL C 17 -24.71 23.66 -19.38
N ARG C 18 -25.14 23.89 -18.15
CA ARG C 18 -24.54 24.90 -17.25
C ARG C 18 -23.13 24.46 -16.82
N ALA C 19 -22.72 23.25 -17.20
CA ALA C 19 -21.40 22.77 -16.80
C ALA C 19 -20.38 22.85 -17.92
N CYS C 20 -20.79 22.71 -19.16
CA CYS C 20 -19.83 22.64 -20.26
C CYS C 20 -19.08 23.96 -20.39
N PRO C 21 -17.63 24.00 -20.38
CA PRO C 21 -16.43 25.18 -20.52
C PRO C 21 -16.45 25.73 -21.96
N THR C 22 -17.18 25.10 -22.91
CA THR C 22 -16.94 25.59 -24.26
C THR C 22 -18.23 25.87 -25.02
N ASP C 23 -19.38 25.84 -24.34
CA ASP C 23 -20.67 26.14 -24.96
C ASP C 23 -20.92 25.22 -26.15
N VAL C 24 -20.95 23.93 -25.86
CA VAL C 24 -21.28 22.93 -26.86
C VAL C 24 -22.74 22.57 -26.83
N LEU C 25 -23.32 22.49 -25.64
CA LEU C 25 -24.69 22.04 -25.48
C LEU C 25 -25.66 23.20 -25.43
N GLU C 26 -26.94 22.86 -25.56
CA GLU C 26 -28.03 23.82 -25.62
C GLU C 26 -29.28 23.15 -25.09
N MET C 27 -30.31 23.97 -24.84
CA MET C 27 -31.65 23.50 -24.40
C MET C 27 -32.63 23.77 -25.55
N ILE C 28 -33.39 22.75 -25.96
CA ILE C 28 -34.31 22.87 -27.09
C ILE C 28 -35.66 22.31 -26.71
N PRO C 29 -36.72 22.82 -27.33
CA PRO C 29 -38.06 22.34 -27.00
C PRO C 29 -38.25 20.88 -27.33
N TRP C 30 -39.15 20.25 -26.59
CA TRP C 30 -39.45 18.83 -26.74
C TRP C 30 -40.82 18.58 -26.14
N GLY C 31 -41.26 17.33 -26.17
CA GLY C 31 -42.55 17.01 -25.61
C GLY C 31 -42.56 15.73 -24.80
N GLY C 32 -41.41 15.06 -24.71
CA GLY C 32 -41.35 13.78 -24.04
C GLY C 32 -41.16 13.81 -22.54
N CYS C 33 -41.18 14.99 -21.92
CA CYS C 33 -41.02 15.09 -20.48
C CYS C 33 -41.88 16.23 -19.95
N LYS C 34 -41.73 16.50 -18.66
CA LYS C 34 -42.52 17.52 -17.99
C LYS C 34 -41.90 18.91 -18.09
N ALA C 35 -40.66 19.01 -18.54
CA ALA C 35 -40.04 20.30 -18.78
C ALA C 35 -40.21 20.78 -20.22
N LYS C 36 -40.69 19.90 -21.11
CA LYS C 36 -40.77 20.20 -22.54
C LYS C 36 -39.42 20.70 -23.06
N GLN C 37 -38.35 20.18 -22.45
CA GLN C 37 -36.98 20.59 -22.86
C GLN C 37 -36.07 19.36 -22.94
N ILE C 38 -35.06 19.45 -23.80
CA ILE C 38 -34.08 18.39 -23.95
C ILE C 38 -32.79 19.03 -24.44
N ALA C 39 -31.67 18.37 -24.16
CA ALA C 39 -30.32 18.90 -24.48
C ALA C 39 -29.90 18.56 -25.92
N SER C 40 -29.33 19.56 -26.61
CA SER C 40 -28.83 19.41 -27.96
C SER C 40 -27.33 19.73 -27.95
N ALA C 41 -26.63 19.20 -28.95
CA ALA C 41 -25.19 19.39 -29.09
C ALA C 41 -24.87 19.89 -30.49
N PRO C 42 -25.20 21.14 -30.79
CA PRO C 42 -25.00 21.63 -32.16
C PRO C 42 -23.60 22.11 -32.47
N ARG C 43 -22.70 22.15 -31.49
CA ARG C 43 -21.38 22.73 -31.68
C ARG C 43 -20.30 21.82 -31.13
N THR C 44 -20.37 20.53 -31.46
CA THR C 44 -19.39 19.60 -30.94
C THR C 44 -18.01 19.78 -31.54
N GLU C 45 -17.86 20.65 -32.55
CA GLU C 45 -16.53 20.92 -33.04
C GLU C 45 -15.70 21.73 -32.06
N ASP C 46 -16.30 22.22 -30.98
CA ASP C 46 -15.59 22.91 -29.93
C ASP C 46 -15.47 22.09 -28.66
N CYS C 47 -15.93 20.84 -28.68
CA CYS C 47 -15.88 20.02 -27.48
C CYS C 47 -14.45 19.59 -27.19
N VAL C 48 -14.00 19.85 -25.96
CA VAL C 48 -12.60 19.51 -25.58
C VAL C 48 -12.53 18.08 -25.05
N GLY C 49 -13.68 17.44 -24.84
CA GLY C 49 -13.68 16.06 -24.30
C GLY C 49 -13.52 16.04 -22.80
N CYS C 50 -13.75 17.18 -22.13
CA CYS C 50 -13.63 17.33 -20.66
C CYS C 50 -14.63 16.45 -19.92
N LYS C 51 -15.81 16.22 -20.50
CA LYS C 51 -16.87 15.34 -19.92
C LYS C 51 -17.36 15.89 -18.57
N ARG C 52 -17.42 17.21 -18.42
CA ARG C 52 -17.97 17.80 -17.17
C ARG C 52 -19.47 17.52 -17.20
N CYS C 53 -20.04 17.65 -18.40
CA CYS C 53 -21.48 17.41 -18.68
C CYS C 53 -21.86 16.02 -18.15
N GLU C 54 -20.98 15.02 -18.27
CA GLU C 54 -21.44 13.72 -17.77
C GLU C 54 -21.48 13.68 -16.26
N SER C 55 -20.57 14.37 -15.60
CA SER C 55 -20.60 14.37 -14.14
C SER C 55 -21.76 15.16 -13.59
N ALA C 56 -22.41 15.95 -14.44
CA ALA C 56 -23.54 16.80 -14.00
C ALA C 56 -24.88 16.13 -14.32
N CYS C 57 -24.85 15.02 -15.08
CA CYS C 57 -26.11 14.30 -15.43
C CYS C 57 -26.62 13.52 -14.21
N PRO C 58 -27.83 13.81 -13.70
CA PRO C 58 -28.36 13.10 -12.52
C PRO C 58 -29.17 11.84 -12.89
N THR C 59 -29.22 11.50 -14.18
CA THR C 59 -29.97 10.30 -14.62
C THR C 59 -29.11 9.04 -14.44
N ASP C 60 -29.71 7.85 -14.54
CA ASP C 60 -28.98 6.60 -14.39
C ASP C 60 -29.59 5.59 -15.33
N PHE C 61 -28.87 5.23 -16.40
CA PHE C 61 -27.53 5.76 -16.66
C PHE C 61 -27.59 7.14 -17.28
N LEU C 62 -26.44 7.64 -17.72
CA LEU C 62 -26.36 8.99 -18.22
C LEU C 62 -27.25 9.18 -19.43
N SER C 63 -27.61 10.45 -19.68
CA SER C 63 -28.44 10.85 -20.84
C SER C 63 -27.57 11.65 -21.82
N VAL C 64 -26.41 12.10 -21.35
CA VAL C 64 -25.43 12.86 -22.17
C VAL C 64 -24.15 12.03 -22.21
N ARG C 65 -23.68 11.67 -23.40
CA ARG C 65 -22.50 10.82 -23.51
C ARG C 65 -21.49 11.47 -24.43
N VAL C 66 -20.23 11.45 -24.02
CA VAL C 66 -19.14 12.01 -24.79
C VAL C 66 -18.24 10.87 -25.22
N TYR C 67 -18.16 10.63 -26.52
CA TYR C 67 -17.26 9.64 -27.08
C TYR C 67 -16.09 10.39 -27.70
N LEU C 68 -14.92 10.26 -27.07
CA LEU C 68 -13.73 10.87 -27.61
C LEU C 68 -13.41 10.27 -28.97
N TRP C 69 -12.91 11.11 -29.87
CA TRP C 69 -12.75 10.74 -31.26
C TRP C 69 -11.53 11.48 -31.80
N HIS C 70 -11.45 11.60 -33.13
CA HIS C 70 -10.34 12.29 -33.76
C HIS C 70 -10.08 13.64 -33.10
N GLU C 71 -8.80 13.95 -32.94
CA GLU C 71 -8.37 15.16 -32.26
C GLU C 71 -8.11 16.28 -33.26
N THR C 72 -8.53 17.47 -32.89
CA THR C 72 -8.17 18.70 -33.58
C THR C 72 -7.34 19.55 -32.63
N THR C 73 -6.90 20.71 -33.12
CA THR C 73 -6.25 21.64 -32.21
C THR C 73 -7.26 22.32 -31.30
N ARG C 74 -8.51 22.41 -31.75
CA ARG C 74 -9.59 22.83 -30.84
C ARG C 74 -9.86 21.76 -29.81
N SER C 75 -9.82 20.49 -30.22
CA SER C 75 -10.12 19.40 -29.31
C SER C 75 -9.04 19.21 -28.26
N MET C 76 -7.80 19.54 -28.59
CA MET C 76 -6.70 19.30 -27.69
C MET C 76 -6.44 20.45 -26.73
N GLY C 77 -7.19 21.54 -26.89
CA GLY C 77 -7.04 22.73 -26.03
C GLY C 77 -5.60 23.22 -26.05
N LEU C 78 -5.07 23.51 -27.23
CA LEU C 78 -3.66 23.98 -27.38
C LEU C 78 -3.69 25.47 -27.73
N ALA C 79 -2.95 26.28 -26.98
CA ALA C 79 -2.90 27.74 -27.21
C ALA C 79 -1.65 28.10 -28.03
N TYR C 80 -0.92 27.10 -28.54
CA TYR C 80 0.27 27.40 -29.32
C TYR C 80 0.25 26.62 -30.62
N GLY D 1 -34.12 37.60 -37.05
CA GLY D 1 -33.83 36.53 -36.12
C GLY D 1 -32.54 36.75 -35.35
N PHE D 2 -32.50 37.82 -34.57
CA PHE D 2 -31.34 38.19 -33.77
C PHE D 2 -30.10 38.35 -34.66
N THR D 3 -30.14 39.40 -35.46
CA THR D 3 -28.93 39.85 -36.11
C THR D 3 -27.83 39.99 -35.04
N PRO D 4 -26.77 39.19 -35.10
CA PRO D 4 -25.75 39.27 -34.07
C PRO D 4 -25.10 40.64 -34.06
N PRO D 5 -24.62 41.09 -32.92
CA PRO D 5 -23.89 42.36 -32.89
C PRO D 5 -22.61 42.25 -33.69
N GLU D 6 -22.30 43.29 -34.44
CA GLU D 6 -21.06 43.31 -35.21
C GLU D 6 -19.92 43.86 -34.34
N LEU D 7 -18.76 43.24 -34.46
CA LEU D 7 -17.61 43.67 -33.68
C LEU D 7 -17.24 45.09 -34.03
N ASP D 8 -17.07 45.92 -33.01
CA ASP D 8 -16.74 47.33 -33.18
C ASP D 8 -15.31 47.55 -32.71
N PRO D 9 -14.33 47.46 -33.63
CA PRO D 9 -12.98 47.92 -33.26
C PRO D 9 -13.02 49.41 -32.92
N ASN D 10 -11.98 49.87 -32.24
CA ASN D 10 -11.87 51.13 -31.52
C ASN D 10 -12.56 51.04 -30.17
N THR D 11 -13.17 49.91 -29.83
CA THR D 11 -13.64 49.72 -28.47
C THR D 11 -12.43 49.47 -27.58
N PRO D 12 -12.28 50.22 -26.49
CA PRO D 12 -11.10 50.05 -25.64
C PRO D 12 -11.09 48.68 -24.99
N SER D 13 -9.93 48.33 -24.44
CA SER D 13 -9.72 47.06 -23.76
C SER D 13 -9.20 47.34 -22.36
N PRO D 14 -9.34 46.38 -21.44
CA PRO D 14 -8.99 46.63 -20.05
C PRO D 14 -7.56 47.10 -19.87
N ILE D 15 -7.32 47.76 -18.73
CA ILE D 15 -5.99 48.26 -18.39
C ILE D 15 -5.18 47.08 -17.86
N PHE D 16 -4.26 46.58 -18.66
CA PHE D 16 -3.42 45.45 -18.29
C PHE D 16 -1.96 45.85 -18.40
N GLY D 17 -1.13 45.21 -17.59
CA GLY D 17 0.29 45.47 -17.62
C GLY D 17 1.10 44.58 -18.52
N GLY D 18 0.47 43.61 -19.17
CA GLY D 18 1.19 42.67 -19.99
C GLY D 18 1.44 41.36 -19.26
N SER D 19 1.57 40.29 -20.02
CA SER D 19 1.73 38.97 -19.43
C SER D 19 2.35 38.03 -20.45
N THR D 20 2.94 36.96 -19.95
CA THR D 20 3.44 35.89 -20.80
C THR D 20 2.41 34.81 -21.05
N GLY D 21 1.16 35.05 -20.66
CA GLY D 21 0.08 34.13 -20.94
C GLY D 21 -0.83 34.55 -22.06
N GLY D 22 -0.45 35.56 -22.84
CA GLY D 22 -1.29 36.07 -23.90
C GLY D 22 -1.25 35.23 -25.16
N LEU D 23 -1.36 35.91 -26.29
CA LEU D 23 -1.45 35.22 -27.57
C LEU D 23 -0.09 34.66 -27.99
N LEU D 24 -0.11 33.76 -28.96
CA LEU D 24 1.09 33.10 -29.44
C LEU D 24 0.97 32.96 -30.95
N ARG D 25 1.79 32.10 -31.54
CA ARG D 25 1.83 31.96 -32.99
C ARG D 25 0.52 31.40 -33.54
N LYS D 26 -0.22 30.63 -32.74
CA LYS D 26 -1.48 30.07 -33.20
C LYS D 26 -2.47 31.18 -33.54
N ALA D 27 -2.48 32.25 -32.75
CA ALA D 27 -3.31 33.39 -33.09
C ALA D 27 -2.84 34.06 -34.37
N GLN D 28 -1.56 33.93 -34.69
CA GLN D 28 -1.06 34.52 -35.93
C GLN D 28 -1.49 33.73 -37.14
N VAL D 29 -1.51 32.41 -37.04
CA VAL D 29 -1.66 31.57 -38.23
C VAL D 29 -3.00 30.86 -38.31
N GLU D 30 -3.70 30.62 -37.20
CA GLU D 30 -4.96 29.89 -37.31
C GLU D 30 -6.18 30.67 -36.82
N GLU D 31 -6.19 31.17 -35.59
CA GLU D 31 -7.40 31.81 -35.09
C GLU D 31 -7.16 32.34 -33.68
N PHE D 32 -8.03 33.25 -33.25
CA PHE D 32 -8.07 33.70 -31.88
C PHE D 32 -9.49 34.17 -31.60
N TYR D 33 -9.76 34.48 -30.34
CA TYR D 33 -11.14 34.88 -29.96
C TYR D 33 -11.15 36.29 -29.40
N VAL D 34 -12.35 36.89 -29.39
CA VAL D 34 -12.54 38.25 -28.90
C VAL D 34 -13.85 38.31 -28.12
N ILE D 35 -13.80 38.81 -26.90
CA ILE D 35 -14.97 38.92 -26.04
C ILE D 35 -15.23 40.38 -25.75
N THR D 36 -16.50 40.74 -25.62
CA THR D 36 -16.89 42.12 -25.35
C THR D 36 -17.95 42.15 -24.26
N TRP D 37 -17.84 43.15 -23.39
CA TRP D 37 -18.83 43.42 -22.37
C TRP D 37 -18.87 44.93 -22.14
N GLU D 38 -19.70 45.37 -21.18
CA GLU D 38 -20.04 46.79 -21.13
C GLU D 38 -19.87 47.50 -19.79
N SER D 39 -19.59 46.80 -18.69
CA SER D 39 -18.97 47.49 -17.55
C SER D 39 -19.70 48.71 -16.99
N PRO D 40 -20.72 48.53 -16.15
CA PRO D 40 -21.31 49.70 -15.47
C PRO D 40 -20.31 50.66 -14.86
N LYS D 41 -19.18 50.15 -14.35
CA LYS D 41 -18.15 51.02 -13.80
C LYS D 41 -16.79 50.38 -14.01
N GLU D 42 -15.76 51.14 -13.68
CA GLU D 42 -14.37 50.72 -13.82
C GLU D 42 -13.97 49.90 -12.60
N GLN D 43 -13.62 48.62 -12.82
CA GLN D 43 -13.42 47.71 -11.70
C GLN D 43 -12.24 46.78 -11.97
N ILE D 44 -11.84 46.04 -10.95
CA ILE D 44 -10.74 45.09 -11.04
C ILE D 44 -11.31 43.69 -11.18
N PHE D 45 -10.78 42.93 -12.13
CA PHE D 45 -11.21 41.55 -12.34
C PHE D 45 -10.00 40.70 -12.67
N GLU D 46 -10.06 39.43 -12.29
CA GLU D 46 -8.97 38.52 -12.51
C GLU D 46 -8.93 38.07 -13.96
N MET D 47 -7.77 38.20 -14.60
CA MET D 47 -7.63 37.81 -15.99
C MET D 47 -7.63 36.30 -16.12
N PRO D 48 -8.29 35.74 -17.12
CA PRO D 48 -8.31 34.28 -17.29
C PRO D 48 -6.97 33.68 -17.70
N THR D 49 -5.95 34.49 -17.90
CA THR D 49 -4.63 34.00 -18.28
C THR D 49 -3.55 34.35 -17.26
N GLY D 50 -3.60 35.53 -16.67
CA GLY D 50 -2.56 35.96 -15.76
C GLY D 50 -3.08 36.55 -14.47
N GLY D 51 -2.71 37.78 -14.17
CA GLY D 51 -3.12 38.44 -12.94
C GLY D 51 -4.43 39.18 -13.05
N ALA D 52 -4.45 40.42 -12.59
CA ALA D 52 -5.66 41.22 -12.51
C ALA D 52 -5.59 42.39 -13.48
N ALA D 53 -6.73 42.72 -14.08
CA ALA D 53 -6.86 43.86 -14.98
C ALA D 53 -8.00 44.73 -14.49
N ILE D 54 -8.15 45.90 -15.12
CA ILE D 54 -9.16 46.87 -14.75
C ILE D 54 -10.04 47.10 -15.96
N MET D 55 -11.29 46.67 -15.88
CA MET D 55 -12.25 46.94 -16.93
C MET D 55 -12.70 48.40 -16.84
N ARG D 56 -12.75 49.03 -18.01
CA ARG D 56 -13.10 50.45 -18.13
C ARG D 56 -14.60 50.64 -18.10
N GLU D 57 -15.03 51.77 -17.56
CA GLU D 57 -16.42 52.17 -17.69
C GLU D 57 -16.73 52.42 -19.14
N GLY D 58 -17.59 51.59 -19.72
CA GLY D 58 -17.84 51.62 -21.14
C GLY D 58 -17.34 50.36 -21.80
N PRO D 59 -17.34 50.34 -23.13
CA PRO D 59 -17.09 49.09 -23.86
C PRO D 59 -15.73 48.49 -23.56
N ASN D 60 -15.72 47.20 -23.28
CA ASN D 60 -14.50 46.44 -23.07
C ASN D 60 -14.43 45.31 -24.08
N LEU D 61 -13.28 45.20 -24.74
CA LEU D 61 -13.04 44.20 -25.78
C LEU D 61 -11.69 43.56 -25.52
N LEU D 62 -11.69 42.27 -25.24
CA LEU D 62 -10.50 41.53 -24.87
C LEU D 62 -10.26 40.40 -25.85
N LYS D 63 -9.01 40.24 -26.30
CA LYS D 63 -8.66 39.18 -27.23
C LYS D 63 -7.94 38.06 -26.49
N LEU D 64 -8.51 36.86 -26.58
CA LEU D 64 -7.93 35.65 -25.92
C LEU D 64 -7.57 34.62 -27.00
N ALA D 65 -6.66 33.69 -26.68
CA ALA D 65 -6.21 32.66 -27.67
C ALA D 65 -7.04 31.38 -27.58
N ARG D 66 -7.90 31.24 -26.58
CA ARG D 66 -8.71 29.99 -26.43
C ARG D 66 -10.18 30.32 -26.17
N LYS D 67 -11.09 29.60 -26.83
CA LYS D 67 -12.55 29.78 -26.63
C LYS D 67 -12.90 29.43 -25.18
N GLU D 68 -12.28 28.38 -24.64
CA GLU D 68 -12.56 27.94 -23.24
C GLU D 68 -12.18 29.06 -22.27
N GLN D 69 -11.05 29.74 -22.54
CA GLN D 69 -10.60 30.88 -21.68
C GLN D 69 -11.67 31.98 -21.74
N CYS D 70 -12.20 32.24 -22.93
CA CYS D 70 -13.25 33.28 -23.11
C CYS D 70 -14.49 32.90 -22.28
N LEU D 71 -14.98 31.67 -22.41
CA LEU D 71 -16.16 31.26 -21.66
C LEU D 71 -15.91 31.33 -20.16
N ALA D 72 -14.69 31.02 -19.71
CA ALA D 72 -14.39 31.14 -18.29
C ALA D 72 -14.51 32.58 -17.84
N LEU D 73 -13.89 33.49 -18.58
CA LEU D 73 -14.00 34.91 -18.25
C LEU D 73 -15.46 35.36 -18.33
N GLY D 74 -16.21 34.84 -19.29
CA GLY D 74 -17.60 35.23 -19.40
C GLY D 74 -18.43 34.78 -18.21
N THR D 75 -18.23 33.55 -17.77
CA THR D 75 -18.94 33.07 -16.58
C THR D 75 -18.59 33.91 -15.36
N ARG D 76 -17.31 34.17 -15.15
CA ARG D 76 -16.90 35.01 -14.03
C ARG D 76 -17.53 36.40 -14.12
N LEU D 77 -17.56 36.97 -15.32
CA LEU D 77 -18.18 38.28 -15.49
C LEU D 77 -19.67 38.23 -15.26
N ARG D 78 -20.30 37.12 -15.60
CA ARG D 78 -21.74 37.06 -15.64
C ARG D 78 -22.35 36.79 -14.27
N SER D 79 -21.67 36.04 -13.41
CA SER D 79 -22.27 35.74 -12.12
C SER D 79 -21.61 36.46 -10.95
N LYS D 80 -20.29 36.67 -10.96
CA LYS D 80 -19.69 37.47 -9.91
C LYS D 80 -20.09 38.93 -10.06
N TYR D 81 -19.80 39.52 -11.21
CA TYR D 81 -20.46 40.74 -11.61
C TYR D 81 -21.77 40.35 -12.30
N LYS D 82 -22.55 41.35 -12.69
CA LYS D 82 -23.77 41.10 -13.47
C LYS D 82 -23.60 41.85 -14.78
N ILE D 83 -22.95 41.20 -15.74
CA ILE D 83 -22.54 41.83 -16.99
C ILE D 83 -22.85 40.87 -18.13
N LYS D 84 -23.43 41.40 -19.20
CA LYS D 84 -23.75 40.60 -20.37
C LYS D 84 -22.63 40.72 -21.39
N TYR D 85 -22.19 39.58 -21.91
CA TYR D 85 -21.00 39.50 -22.75
C TYR D 85 -21.33 38.74 -24.03
N GLN D 86 -20.53 38.98 -25.05
CA GLN D 86 -20.59 38.20 -26.28
C GLN D 86 -19.18 37.98 -26.79
N PHE D 87 -18.92 36.81 -27.36
CA PHE D 87 -17.61 36.61 -27.96
C PHE D 87 -17.71 35.99 -29.35
N TYR D 88 -16.66 36.27 -30.11
CA TYR D 88 -16.50 35.99 -31.53
C TYR D 88 -15.18 35.27 -31.75
N ARG D 89 -15.07 34.64 -32.92
CA ARG D 89 -13.83 33.99 -33.34
C ARG D 89 -13.32 34.68 -34.60
N VAL D 90 -12.03 35.05 -34.58
CA VAL D 90 -11.40 35.78 -35.67
C VAL D 90 -10.34 34.87 -36.29
N PHE D 91 -10.34 34.80 -37.61
CA PHE D 91 -9.39 34.06 -38.42
C PHE D 91 -8.32 34.98 -38.96
N PRO D 92 -7.20 34.44 -39.45
CA PRO D 92 -6.16 35.31 -40.04
C PRO D 92 -6.61 36.01 -41.30
N SER D 93 -7.78 35.63 -41.84
CA SER D 93 -8.36 36.29 -43.00
C SER D 93 -8.72 37.73 -42.73
N GLY D 94 -9.15 38.03 -41.52
CA GLY D 94 -9.94 39.21 -41.24
C GLY D 94 -11.43 38.93 -41.13
N GLU D 95 -11.83 37.67 -41.10
CA GLU D 95 -13.20 37.31 -40.85
C GLU D 95 -13.45 37.29 -39.35
N VAL D 96 -14.64 37.70 -38.94
CA VAL D 96 -15.11 37.50 -37.58
C VAL D 96 -16.37 36.66 -37.64
N GLN D 97 -16.65 35.96 -36.55
CA GLN D 97 -17.75 35.00 -36.52
C GLN D 97 -18.37 35.03 -35.14
N TYR D 98 -19.57 35.59 -35.03
CA TYR D 98 -20.24 35.69 -33.75
C TYR D 98 -20.48 34.30 -33.18
N LEU D 99 -20.04 34.09 -31.95
CA LEU D 99 -20.02 32.77 -31.34
C LEU D 99 -21.02 32.62 -30.20
N HIS D 100 -21.08 33.58 -29.28
CA HIS D 100 -21.87 33.31 -28.09
C HIS D 100 -22.35 34.61 -27.46
N PRO D 101 -23.61 34.69 -27.01
CA PRO D 101 -24.63 33.65 -27.12
C PRO D 101 -25.23 33.55 -28.51
N LYS D 102 -25.27 32.34 -29.06
CA LYS D 102 -25.48 32.16 -30.50
C LYS D 102 -26.75 32.84 -30.97
N ASP D 103 -27.89 32.58 -30.32
CA ASP D 103 -29.17 33.13 -30.75
C ASP D 103 -29.73 34.12 -29.75
N GLY D 104 -28.86 34.90 -29.11
CA GLY D 104 -29.28 36.01 -28.29
C GLY D 104 -29.65 35.67 -26.86
N VAL D 105 -30.05 34.43 -26.60
CA VAL D 105 -30.41 33.99 -25.27
C VAL D 105 -29.43 32.91 -24.84
N TYR D 106 -29.05 32.93 -23.58
CA TYR D 106 -28.07 31.98 -23.07
C TYR D 106 -28.57 30.56 -23.24
N PRO D 107 -27.67 29.61 -23.48
CA PRO D 107 -28.12 28.24 -23.82
C PRO D 107 -28.80 27.51 -22.68
N GLU D 108 -28.69 28.04 -21.46
CA GLU D 108 -29.36 27.40 -20.28
C GLU D 108 -30.85 27.76 -20.28
N LYS D 109 -31.27 28.65 -21.18
CA LYS D 109 -32.65 29.09 -21.31
C LYS D 109 -33.19 28.61 -22.65
N VAL D 110 -34.26 27.84 -22.61
CA VAL D 110 -34.79 27.23 -23.83
C VAL D 110 -35.38 28.31 -24.72
N ASN D 111 -35.07 28.24 -26.02
CA ASN D 111 -35.56 29.19 -27.00
C ASN D 111 -36.28 28.45 -28.12
N PRO D 112 -37.41 28.96 -28.59
CA PRO D 112 -38.20 28.26 -29.59
C PRO D 112 -37.66 28.31 -31.02
N GLY D 113 -36.42 28.74 -31.22
CA GLY D 113 -35.90 28.80 -32.57
C GLY D 113 -34.72 27.88 -32.81
N ARG D 114 -34.57 26.84 -32.01
CA ARG D 114 -33.41 25.97 -32.08
C ARG D 114 -33.82 24.57 -32.52
N GLN D 115 -32.99 23.96 -33.36
CA GLN D 115 -33.21 22.61 -33.84
C GLN D 115 -32.37 21.62 -33.06
N GLY D 116 -32.79 20.36 -33.09
CA GLY D 116 -32.10 19.32 -32.36
C GLY D 116 -30.94 18.78 -33.17
N VAL D 117 -29.76 18.76 -32.57
CA VAL D 117 -28.56 18.25 -33.21
C VAL D 117 -27.97 17.16 -32.33
N GLY D 118 -27.80 15.98 -32.88
CA GLY D 118 -27.21 14.88 -32.14
C GLY D 118 -28.09 14.35 -31.02
N VAL D 119 -29.38 14.16 -31.29
CA VAL D 119 -30.32 13.62 -30.31
C VAL D 119 -30.76 12.25 -30.78
N ASN D 120 -30.68 11.27 -29.88
CA ASN D 120 -31.10 9.90 -30.18
C ASN D 120 -32.38 9.60 -29.43
N PHE D 121 -33.37 9.06 -30.13
CA PHE D 121 -34.67 8.80 -29.53
C PHE D 121 -34.73 7.34 -29.08
N ARG D 122 -33.97 7.08 -28.03
CA ARG D 122 -33.86 5.79 -27.37
C ARG D 122 -32.97 5.99 -26.15
N SER D 123 -33.01 5.02 -25.25
CA SER D 123 -32.15 5.08 -24.08
C SER D 123 -30.79 4.49 -24.41
N ILE D 124 -29.77 4.96 -23.67
CA ILE D 124 -28.39 4.62 -23.99
C ILE D 124 -28.12 3.12 -23.96
N GLY D 125 -29.02 2.34 -23.40
CA GLY D 125 -28.80 0.92 -23.36
C GLY D 125 -29.21 0.17 -24.59
N LYS D 126 -29.62 0.87 -25.64
CA LYS D 126 -30.13 0.24 -26.85
C LYS D 126 -29.28 0.58 -28.05
N ASN D 127 -27.97 0.66 -27.85
CA ASN D 127 -27.01 0.75 -28.94
C ASN D 127 -26.64 -0.65 -29.40
N VAL D 128 -26.39 -0.78 -30.69
CA VAL D 128 -26.06 -2.10 -31.22
C VAL D 128 -24.65 -2.50 -30.80
N SER D 129 -24.41 -3.81 -30.82
CA SER D 129 -23.08 -4.32 -30.55
C SER D 129 -22.11 -3.87 -31.63
N PRO D 130 -20.83 -3.70 -31.29
CA PRO D 130 -19.85 -3.35 -32.32
C PRO D 130 -19.79 -4.35 -33.46
N ILE D 131 -20.06 -5.63 -33.19
CA ILE D 131 -20.04 -6.64 -34.25
C ILE D 131 -21.04 -6.29 -35.33
N GLU D 132 -22.10 -5.57 -34.99
CA GLU D 132 -23.12 -5.23 -35.97
C GLU D 132 -22.64 -4.16 -36.94
N VAL D 133 -21.64 -3.37 -36.56
CA VAL D 133 -21.13 -2.33 -37.45
C VAL D 133 -19.69 -2.60 -37.85
N LYS D 134 -19.25 -3.85 -37.77
CA LYS D 134 -17.92 -4.19 -38.21
C LYS D 134 -17.83 -4.08 -39.72
N PHE D 135 -16.70 -3.56 -40.21
CA PHE D 135 -16.36 -3.41 -41.62
C PHE D 135 -17.22 -2.38 -42.34
N THR D 136 -18.07 -1.64 -41.62
CA THR D 136 -18.66 -0.42 -42.14
C THR D 136 -18.14 0.76 -41.33
N GLY D 137 -17.97 1.88 -42.01
CA GLY D 137 -17.31 3.02 -41.41
C GLY D 137 -18.04 3.66 -40.25
N LYS D 138 -19.25 3.21 -39.94
CA LYS D 138 -20.04 3.84 -38.91
C LYS D 138 -19.62 3.34 -37.53
N GLN D 139 -19.90 4.17 -36.53
CA GLN D 139 -19.71 3.87 -35.12
C GLN D 139 -21.03 3.53 -34.47
N PRO D 140 -21.05 2.60 -33.52
CA PRO D 140 -22.34 2.17 -32.95
C PRO D 140 -23.11 3.28 -32.28
N TYR D 141 -22.44 4.33 -31.82
CA TYR D 141 -23.12 5.46 -31.21
C TYR D 141 -23.59 6.47 -32.23
N ASP D 142 -22.82 6.68 -33.31
CA ASP D 142 -23.22 7.62 -34.35
C ASP D 142 -24.55 7.25 -34.98
N LEU D 143 -25.00 6.00 -34.80
CA LEU D 143 -26.28 5.57 -35.32
C LEU D 143 -27.41 6.19 -34.52
N PRO E 1 -58.81 4.66 -15.13
CA PRO E 1 -57.81 3.59 -15.12
C PRO E 1 -56.38 4.11 -15.18
N PRO E 2 -55.64 3.99 -14.08
CA PRO E 2 -54.27 4.49 -14.04
C PRO E 2 -53.30 3.55 -14.75
N ILE E 3 -52.07 4.02 -14.87
CA ILE E 3 -51.04 3.35 -15.67
C ILE E 3 -49.93 2.86 -14.74
N GLY E 4 -49.31 1.76 -15.13
CA GLY E 4 -48.18 1.22 -14.42
C GLY E 4 -48.54 0.77 -13.03
N PRO E 5 -47.54 0.40 -12.24
CA PRO E 5 -47.81 -0.04 -10.87
C PRO E 5 -48.32 1.11 -10.01
N LYS E 6 -49.00 0.74 -8.93
CA LYS E 6 -49.55 1.73 -8.04
C LYS E 6 -48.46 2.38 -7.21
N ARG E 7 -48.78 3.53 -6.61
CA ARG E 7 -47.82 4.22 -5.78
C ARG E 7 -47.47 3.39 -4.55
N GLY E 8 -46.20 3.45 -4.16
CA GLY E 8 -45.72 2.70 -3.02
C GLY E 8 -45.45 1.24 -3.26
N ALA E 9 -45.59 0.76 -4.49
CA ALA E 9 -45.39 -0.65 -4.79
C ALA E 9 -43.92 -1.02 -4.66
N LYS E 10 -43.62 -2.28 -4.93
CA LYS E 10 -42.26 -2.83 -4.87
C LYS E 10 -41.97 -3.46 -6.22
N VAL E 11 -41.18 -2.78 -7.03
CA VAL E 11 -40.93 -3.19 -8.41
C VAL E 11 -39.47 -3.56 -8.59
N LYS E 12 -39.25 -4.59 -9.41
CA LYS E 12 -37.93 -5.02 -9.80
C LYS E 12 -37.54 -4.34 -11.10
N ILE E 13 -36.29 -3.91 -11.20
CA ILE E 13 -35.79 -3.17 -12.34
C ILE E 13 -35.29 -4.14 -13.40
N LEU E 14 -35.53 -3.80 -14.67
CA LEU E 14 -35.10 -4.65 -15.78
C LEU E 14 -34.23 -3.91 -16.79
N ARG E 15 -33.89 -2.65 -16.56
CA ARG E 15 -33.01 -1.91 -17.45
C ARG E 15 -31.57 -2.25 -17.08
N GLN E 16 -30.88 -2.99 -17.95
CA GLN E 16 -29.59 -3.55 -17.56
C GLN E 16 -28.48 -2.51 -17.51
N GLU E 17 -28.71 -1.29 -17.99
CA GLU E 17 -27.71 -0.25 -17.83
C GLU E 17 -27.92 0.56 -16.56
N SER E 18 -28.81 0.11 -15.68
CA SER E 18 -29.10 0.82 -14.45
C SER E 18 -28.29 0.23 -13.30
N TYR E 19 -28.01 1.08 -12.31
CA TYR E 19 -27.23 0.65 -11.17
C TYR E 19 -27.98 -0.40 -10.36
N TRP E 20 -29.28 -0.24 -10.21
CA TRP E 20 -30.09 -1.16 -9.42
C TRP E 20 -30.68 -2.29 -10.25
N TYR E 21 -30.06 -2.60 -11.38
CA TYR E 21 -30.54 -3.68 -12.24
C TYR E 21 -30.70 -4.97 -11.46
N LYS E 22 -31.83 -5.64 -11.68
CA LYS E 22 -32.26 -6.85 -10.98
C LYS E 22 -32.51 -6.61 -9.51
N GLY E 23 -32.40 -5.39 -9.02
CA GLY E 23 -32.77 -5.04 -7.67
C GLY E 23 -34.21 -4.60 -7.59
N THR E 24 -34.60 -4.12 -6.42
CA THR E 24 -35.96 -3.69 -6.18
C THR E 24 -35.99 -2.25 -5.68
N GLY E 25 -37.13 -1.61 -5.89
CA GLY E 25 -37.33 -0.24 -5.46
C GLY E 25 -38.81 -0.01 -5.22
N SER E 26 -39.12 1.17 -4.69
CA SER E 26 -40.47 1.54 -4.34
C SER E 26 -40.96 2.63 -5.29
N VAL E 27 -42.13 2.41 -5.88
CA VAL E 27 -42.71 3.40 -6.78
C VAL E 27 -43.13 4.63 -5.98
N VAL E 28 -42.89 5.80 -6.56
CA VAL E 28 -43.24 7.07 -5.94
C VAL E 28 -44.39 7.75 -6.67
N ALA E 29 -44.35 7.76 -8.00
CA ALA E 29 -45.37 8.41 -8.81
C ALA E 29 -45.22 7.93 -10.24
N VAL E 30 -46.35 7.64 -10.88
CA VAL E 30 -46.38 7.32 -12.30
C VAL E 30 -47.32 8.32 -12.94
N ASP E 31 -46.75 9.24 -13.73
CA ASP E 31 -47.58 10.25 -14.38
C ASP E 31 -48.59 9.57 -15.30
N GLN E 32 -49.85 9.97 -15.16
CA GLN E 32 -50.90 9.50 -16.04
C GLN E 32 -50.76 10.02 -17.45
N ASP E 33 -49.88 10.99 -17.66
CA ASP E 33 -49.68 11.56 -18.98
C ASP E 33 -49.23 10.49 -19.97
N PRO E 34 -49.79 10.45 -21.17
CA PRO E 34 -49.09 9.85 -22.30
C PRO E 34 -47.95 10.76 -22.70
N ASN E 35 -47.33 10.52 -23.86
CA ASN E 35 -46.31 11.42 -24.43
C ASN E 35 -45.02 11.41 -23.61
N THR E 36 -45.01 10.72 -22.48
CA THR E 36 -43.80 10.54 -21.69
C THR E 36 -43.33 9.10 -21.85
N ARG E 37 -42.05 8.94 -22.16
CA ARG E 37 -41.51 7.62 -22.39
C ARG E 37 -41.05 6.92 -21.13
N TYR E 38 -40.90 7.65 -20.02
CA TYR E 38 -40.43 7.08 -18.76
C TYR E 38 -41.26 7.67 -17.64
N PRO E 39 -42.48 7.20 -17.47
CA PRO E 39 -43.37 7.80 -16.47
C PRO E 39 -43.08 7.35 -15.05
N VAL E 40 -42.70 6.09 -14.87
CA VAL E 40 -42.54 5.55 -13.52
C VAL E 40 -41.37 6.24 -12.84
N VAL E 41 -41.52 6.53 -11.56
CA VAL E 41 -40.46 7.11 -10.74
C VAL E 41 -40.24 6.18 -9.57
N VAL E 42 -39.00 5.73 -9.39
CA VAL E 42 -38.69 4.72 -8.39
C VAL E 42 -37.63 5.24 -7.46
N ARG E 43 -37.83 5.03 -6.17
CA ARG E 43 -36.87 5.38 -5.13
C ARG E 43 -36.26 4.11 -4.57
N PHE E 44 -34.95 4.15 -4.33
CA PHE E 44 -34.21 3.01 -3.82
C PHE E 44 -33.61 3.35 -2.47
N ASN E 45 -33.21 2.32 -1.75
CA ASN E 45 -32.60 2.48 -0.44
C ASN E 45 -31.09 2.66 -0.50
N LYS E 46 -30.50 2.58 -1.68
CA LYS E 46 -29.06 2.67 -1.86
C LYS E 46 -28.73 3.67 -2.94
N VAL E 47 -27.76 4.54 -2.68
CA VAL E 47 -27.31 5.46 -3.71
C VAL E 47 -26.57 4.69 -4.79
N ASN E 48 -26.49 5.30 -5.96
CA ASN E 48 -25.65 4.79 -7.03
C ASN E 48 -24.29 5.48 -6.94
N TYR E 49 -23.47 5.31 -7.97
CA TYR E 49 -22.14 5.91 -7.92
C TYR E 49 -22.18 7.42 -8.00
N ALA E 50 -23.29 8.00 -8.48
CA ALA E 50 -23.43 9.44 -8.54
C ALA E 50 -24.14 10.01 -7.32
N ASN E 51 -24.35 9.20 -6.28
CA ASN E 51 -25.05 9.63 -5.08
C ASN E 51 -26.47 10.11 -5.40
N VAL E 52 -27.20 9.26 -6.11
CA VAL E 52 -28.57 9.54 -6.52
C VAL E 52 -29.41 8.33 -6.16
N SER E 53 -30.61 8.57 -5.62
CA SER E 53 -31.42 7.48 -5.11
C SER E 53 -32.79 7.38 -5.75
N THR E 54 -33.07 8.17 -6.79
CA THR E 54 -34.35 8.09 -7.48
C THR E 54 -34.12 8.16 -8.97
N ASN E 55 -34.97 7.48 -9.72
CA ASN E 55 -34.78 7.46 -11.17
C ASN E 55 -36.10 7.18 -11.87
N ASN E 56 -36.19 7.66 -13.11
CA ASN E 56 -37.36 7.43 -13.96
C ASN E 56 -37.16 6.21 -14.82
N TYR E 57 -38.26 5.51 -15.08
CA TYR E 57 -38.26 4.28 -15.85
C TYR E 57 -39.51 4.21 -16.69
N ALA E 58 -39.43 3.43 -17.76
CA ALA E 58 -40.60 3.14 -18.58
C ALA E 58 -41.37 1.97 -17.99
N LEU E 59 -42.62 1.83 -18.44
CA LEU E 59 -43.50 0.83 -17.85
C LEU E 59 -42.96 -0.58 -18.05
N ASP E 60 -42.29 -0.84 -19.17
CA ASP E 60 -41.76 -2.18 -19.42
C ASP E 60 -40.48 -2.45 -18.64
N GLU E 61 -39.76 -1.39 -18.25
CA GLU E 61 -38.51 -1.60 -17.52
C GLU E 61 -38.75 -2.02 -16.08
N VAL E 62 -39.86 -1.59 -15.50
CA VAL E 62 -40.23 -2.01 -14.15
C VAL E 62 -41.05 -3.28 -14.24
N GLU E 63 -41.07 -4.04 -13.15
CA GLU E 63 -41.88 -5.24 -13.10
C GLU E 63 -42.29 -5.47 -11.65
N GLU E 64 -43.59 -5.33 -11.36
CA GLU E 64 -44.03 -5.38 -9.97
C GLU E 64 -43.76 -6.75 -9.37
N VAL E 65 -43.13 -6.75 -8.20
CA VAL E 65 -42.67 -7.96 -7.53
C VAL E 65 -43.26 -7.98 -6.12
N LYS E 66 -43.00 -9.06 -5.39
CA LYS E 66 -43.75 -9.35 -4.17
C LYS E 66 -42.93 -9.14 -2.91
N ASP F 1 11.38 -42.89 8.43
CA ASP F 1 9.96 -42.72 8.69
C ASP F 1 9.28 -41.99 7.53
N ILE F 2 8.19 -41.29 7.84
CA ILE F 2 7.45 -40.57 6.83
C ILE F 2 8.34 -39.53 6.20
N ALA F 3 8.46 -39.57 4.87
CA ALA F 3 9.28 -38.63 4.10
C ALA F 3 10.75 -38.68 4.50
N GLY F 4 11.21 -39.84 4.96
CA GLY F 4 12.59 -39.99 5.34
C GLY F 4 13.01 -39.25 6.59
N LEU F 5 12.09 -38.58 7.27
CA LEU F 5 12.42 -37.88 8.48
C LEU F 5 12.61 -38.85 9.64
N THR F 6 13.30 -38.37 10.68
CA THR F 6 13.58 -39.22 11.87
C THR F 6 13.06 -38.50 13.12
N PRO F 7 12.38 -39.19 14.21
CA PRO F 7 11.69 -38.79 15.71
C PRO F 7 12.80 -37.88 16.26
N CYS F 8 12.47 -36.64 16.61
CA CYS F 8 13.51 -35.67 17.06
C CYS F 8 14.24 -36.21 18.29
N LYS F 9 13.50 -36.81 19.23
CA LYS F 9 14.09 -37.38 20.47
C LYS F 9 15.29 -38.29 20.14
N ASP F 10 15.24 -39.00 19.01
CA ASP F 10 16.35 -39.95 18.68
C ASP F 10 17.31 -39.35 17.64
N SER F 11 16.99 -38.15 17.12
CA SER F 11 17.87 -37.51 16.11
C SER F 11 19.12 -36.93 16.79
N LYS F 12 20.21 -36.75 16.03
CA LYS F 12 21.42 -36.20 16.60
C LYS F 12 21.53 -34.69 16.35
N GLN F 13 21.12 -34.27 15.15
CA GLN F 13 21.19 -32.83 14.78
C GLN F 13 20.23 -32.02 15.66
N PHE F 14 19.09 -32.62 16.05
CA PHE F 14 18.11 -31.92 16.92
C PHE F 14 18.76 -31.63 18.27
N ALA F 15 19.50 -32.61 18.80
CA ALA F 15 20.20 -32.46 20.10
C ALA F 15 21.29 -31.40 19.94
N LYS F 16 22.14 -31.55 18.93
CA LYS F 16 23.22 -30.61 18.66
C LYS F 16 22.70 -29.18 18.63
N ARG F 17 21.55 -28.96 17.98
CA ARG F 17 20.94 -27.64 17.97
C ARG F 17 20.59 -27.20 19.38
N GLU F 18 20.01 -28.10 20.16
CA GLU F 18 19.60 -27.75 21.52
C GLU F 18 20.80 -27.32 22.34
N LYS F 19 21.86 -28.13 22.30
CA LYS F 19 23.10 -27.84 23.07
C LYS F 19 23.73 -26.52 22.60
N GLN F 20 23.74 -26.27 21.28
CA GLN F 20 24.33 -25.03 20.77
C GLN F 20 23.55 -23.82 21.23
N SER F 21 22.24 -23.87 21.09
CA SER F 21 21.36 -22.81 21.58
C SER F 21 21.65 -22.52 23.05
N ILE F 22 21.51 -23.56 23.87
CA ILE F 22 21.75 -23.41 25.30
C ILE F 22 23.13 -22.85 25.56
N LYS F 23 24.10 -23.22 24.73
CA LYS F 23 25.51 -22.78 24.96
C LYS F 23 25.66 -21.25 24.93
N LYS F 24 25.16 -20.60 23.89
CA LYS F 24 25.33 -19.13 23.67
C LYS F 24 24.68 -18.34 24.80
N LEU F 25 23.49 -18.76 25.25
CA LEU F 25 22.81 -18.01 26.33
C LEU F 25 23.69 -18.02 27.58
N GLU F 26 24.24 -19.19 27.93
CA GLU F 26 25.15 -19.34 29.10
C GLU F 26 26.27 -18.30 29.02
N SER F 27 26.81 -18.06 27.82
CA SER F 27 27.90 -17.05 27.64
C SER F 27 27.39 -15.66 28.01
N SER F 28 26.14 -15.34 27.63
CA SER F 28 25.52 -14.02 27.94
C SER F 28 25.39 -13.83 29.45
N LEU F 29 25.13 -14.93 30.18
CA LEU F 29 24.96 -14.93 31.66
C LEU F 29 26.28 -14.49 32.32
N LYS F 30 27.41 -14.93 31.74
CA LYS F 30 28.77 -14.60 32.23
C LYS F 30 29.14 -13.13 31.97
N LEU F 31 30.12 -12.64 32.75
CA LEU F 31 30.73 -11.27 32.80
C LEU F 31 29.87 -10.34 33.66
N TYR F 32 28.82 -10.88 34.28
CA TYR F 32 27.93 -10.10 35.19
C TYR F 32 27.97 -10.77 36.58
N ALA F 33 27.33 -10.13 37.57
CA ALA F 33 27.22 -10.72 38.92
C ALA F 33 26.46 -12.04 38.80
N PRO F 34 26.88 -13.12 39.48
CA PRO F 34 26.22 -14.44 39.36
C PRO F 34 24.72 -14.48 39.69
N ASP F 35 24.24 -13.59 40.56
CA ASP F 35 22.82 -13.58 40.93
C ASP F 35 22.22 -12.20 40.72
N SER F 36 22.46 -11.62 39.54
CA SER F 36 21.95 -10.26 39.23
C SER F 36 20.63 -10.35 38.45
N ALA F 37 19.91 -9.22 38.35
CA ALA F 37 18.63 -9.17 37.61
C ALA F 37 18.85 -9.69 36.19
N PRO F 38 19.75 -9.08 35.39
CA PRO F 38 20.01 -9.53 34.02
C PRO F 38 20.39 -11.02 34.00
N ALA F 39 21.28 -11.43 34.91
CA ALA F 39 21.73 -12.85 34.98
C ALA F 39 20.53 -13.74 35.30
N LEU F 40 19.66 -13.30 36.21
CA LEU F 40 18.45 -14.09 36.59
C LEU F 40 17.55 -14.21 35.36
N ALA F 41 17.40 -13.13 34.60
CA ALA F 41 16.56 -13.12 33.39
C ALA F 41 17.14 -14.10 32.36
N ILE F 42 18.46 -14.09 32.19
CA ILE F 42 19.14 -14.99 31.22
C ILE F 42 18.91 -16.45 31.66
N ASN F 43 19.01 -16.71 32.96
CA ASN F 43 18.79 -18.08 33.50
C ASN F 43 17.37 -18.52 33.13
N ALA F 44 16.38 -17.68 33.44
CA ALA F 44 14.98 -17.94 33.14
C ALA F 44 14.81 -18.38 31.69
N THR F 45 15.39 -17.62 30.76
CA THR F 45 15.21 -17.98 29.35
C THR F 45 15.98 -19.25 29.00
N ILE F 46 17.07 -19.54 29.70
CA ILE F 46 17.78 -20.81 29.49
C ILE F 46 16.88 -21.98 29.86
N GLU F 47 16.26 -21.91 31.03
CA GLU F 47 15.34 -22.96 31.45
C GLU F 47 14.18 -23.07 30.49
N LYS F 48 13.70 -21.92 30.02
CA LYS F 48 12.57 -21.87 29.05
C LYS F 48 12.98 -22.62 27.78
N THR F 49 14.20 -22.35 27.29
CA THR F 49 14.71 -22.99 26.05
C THR F 49 14.81 -24.51 26.25
N LYS F 50 15.30 -24.95 27.42
CA LYS F 50 15.44 -26.40 27.70
C LYS F 50 14.04 -27.04 27.70
N ARG F 51 13.07 -26.35 28.30
CA ARG F 51 11.67 -26.84 28.36
C ARG F 51 11.09 -26.96 26.96
N ARG F 52 11.37 -25.98 26.08
CA ARG F 52 10.84 -26.01 24.70
C ARG F 52 11.39 -27.22 23.94
N PHE F 53 12.70 -27.48 24.06
CA PHE F 53 13.31 -28.64 23.34
C PHE F 53 12.75 -29.96 23.89
N ASP F 54 12.63 -30.07 25.22
CA ASP F 54 12.08 -31.31 25.83
C ASP F 54 10.61 -31.49 25.42
N ASN F 55 9.85 -30.38 25.38
CA ASN F 55 8.43 -30.42 24.97
C ASN F 55 8.34 -30.90 23.52
N TYR F 56 9.23 -30.39 22.66
CA TYR F 56 9.25 -30.81 21.24
C TYR F 56 9.56 -32.32 21.19
N GLY F 57 10.59 -32.74 21.91
CA GLY F 57 10.94 -34.15 21.95
C GLY F 57 9.77 -35.02 22.40
N LYS F 58 9.11 -34.59 23.47
CA LYS F 58 7.98 -35.36 24.06
C LYS F 58 6.80 -35.50 23.08
N GLN F 59 6.50 -34.44 22.32
CA GLN F 59 5.31 -34.43 21.49
C GLN F 59 5.45 -35.29 20.24
N GLY F 60 6.66 -35.82 20.01
CA GLY F 60 6.94 -36.71 18.87
C GLY F 60 6.94 -36.00 17.53
N LEU F 61 7.68 -34.89 17.41
CA LEU F 61 7.79 -34.14 16.13
C LEU F 61 8.79 -34.86 15.21
N LEU F 62 8.73 -34.56 13.91
CA LEU F 62 9.65 -35.19 12.92
C LEU F 62 10.75 -34.18 12.56
N CYS F 63 12.01 -34.61 12.62
CA CYS F 63 13.18 -33.73 12.35
C CYS F 63 13.92 -34.20 11.09
N GLY F 64 14.28 -33.26 10.21
CA GLY F 64 15.00 -33.54 8.95
C GLY F 64 16.52 -33.52 9.12
N ALA F 65 17.27 -33.19 8.07
CA ALA F 65 18.72 -33.18 8.18
C ALA F 65 19.24 -31.94 8.90
N ASP F 66 18.42 -30.90 9.01
CA ASP F 66 18.82 -29.65 9.69
C ASP F 66 18.41 -29.71 11.17
N GLY F 67 17.63 -30.73 11.55
CA GLY F 67 17.19 -30.91 12.94
C GLY F 67 15.97 -30.07 13.28
N LEU F 68 15.37 -29.41 12.28
CA LEU F 68 14.17 -28.55 12.49
C LEU F 68 12.91 -29.43 12.45
N PRO F 69 11.99 -29.30 13.44
CA PRO F 69 10.77 -30.11 13.48
C PRO F 69 9.81 -29.83 12.31
N HIS F 70 9.83 -30.71 11.30
CA HIS F 70 8.93 -30.57 10.12
C HIS F 70 7.50 -30.93 10.52
N LEU F 71 6.50 -30.39 9.80
CA LEU F 71 5.07 -30.65 10.12
C LEU F 71 4.42 -31.43 8.97
N ILE F 72 3.74 -32.54 9.30
CA ILE F 72 3.04 -33.38 8.29
C ILE F 72 1.56 -32.99 8.27
N VAL F 73 1.03 -32.68 7.08
CA VAL F 73 -0.35 -32.26 6.92
C VAL F 73 -1.11 -33.16 5.97
N SER F 74 -0.55 -34.32 5.62
CA SER F 74 -1.22 -35.21 4.68
C SER F 74 -2.50 -35.80 5.25
N GLY F 75 -2.65 -35.81 6.57
CA GLY F 75 -3.76 -36.47 7.21
C GLY F 75 -3.38 -37.68 8.02
N ASP F 76 -2.09 -38.02 8.08
CA ASP F 76 -1.66 -39.14 8.90
C ASP F 76 -2.09 -38.93 10.35
N GLN F 77 -2.67 -39.97 10.94
CA GLN F 77 -3.25 -39.83 12.27
C GLN F 77 -2.19 -39.70 13.34
N ARG F 78 -0.94 -40.06 13.06
CA ARG F 78 0.11 -39.80 14.02
C ARG F 78 0.46 -38.32 14.11
N HIS F 79 -0.19 -37.47 13.33
CA HIS F 79 0.24 -36.08 13.24
C HIS F 79 -0.92 -35.09 13.21
N TRP F 80 -2.12 -35.49 13.63
CA TRP F 80 -3.24 -34.58 13.59
C TRP F 80 -3.01 -33.37 14.47
N GLY F 81 -2.23 -33.52 15.55
CA GLY F 81 -1.93 -32.38 16.39
C GLY F 81 -1.17 -31.30 15.69
N GLU F 82 -0.54 -31.61 14.56
CA GLU F 82 0.26 -30.60 13.86
C GLU F 82 -0.60 -29.68 13.01
N PHE F 83 -1.58 -30.22 12.32
CA PHE F 83 -2.39 -29.35 11.48
C PHE F 83 -3.89 -29.52 11.64
N ILE F 84 -4.37 -30.73 11.83
CA ILE F 84 -5.80 -30.97 11.61
C ILE F 84 -6.63 -30.62 12.84
N THR F 85 -6.19 -30.97 14.02
CA THR F 85 -6.99 -30.55 15.17
C THR F 85 -6.87 -29.03 15.38
N PRO F 86 -5.69 -28.41 15.22
CA PRO F 86 -5.68 -26.95 15.21
C PRO F 86 -6.51 -26.37 14.09
N GLY F 87 -6.60 -27.07 12.96
CA GLY F 87 -7.43 -26.59 11.88
C GLY F 87 -8.91 -26.61 12.22
N ILE F 88 -9.37 -27.68 12.87
CA ILE F 88 -10.76 -27.73 13.30
C ILE F 88 -11.03 -26.63 14.32
N LEU F 89 -10.09 -26.42 15.25
CA LEU F 89 -10.27 -25.34 16.21
C LEU F 89 -10.37 -23.99 15.50
N PHE F 90 -9.51 -23.75 14.52
CA PHE F 90 -9.57 -22.48 13.80
C PHE F 90 -10.91 -22.33 13.09
N LEU F 91 -11.33 -23.38 12.39
CA LEU F 91 -12.59 -23.28 11.66
C LEU F 91 -13.73 -22.97 12.61
N TYR F 92 -13.71 -23.57 13.79
CA TYR F 92 -14.73 -23.26 14.78
C TYR F 92 -14.69 -21.79 15.17
N ILE F 93 -13.51 -21.27 15.49
CA ILE F 93 -13.42 -19.89 15.94
C ILE F 93 -13.80 -18.92 14.83
N ALA F 94 -13.37 -19.21 13.61
CA ALA F 94 -13.66 -18.31 12.49
C ALA F 94 -15.12 -18.34 12.12
N GLY F 95 -15.75 -19.51 12.18
CA GLY F 95 -17.18 -19.57 12.00
C GLY F 95 -17.91 -18.82 13.09
N TRP F 96 -17.44 -18.91 14.32
CA TRP F 96 -17.98 -18.11 15.40
C TRP F 96 -17.99 -16.64 15.02
N ILE F 97 -16.83 -16.13 14.65
CA ILE F 97 -16.69 -14.71 14.32
C ILE F 97 -17.63 -14.33 13.18
N GLY F 98 -17.56 -15.09 12.08
CA GLY F 98 -18.35 -14.73 10.91
C GLY F 98 -19.83 -14.83 11.15
N TRP F 99 -20.26 -15.85 11.89
CA TRP F 99 -21.67 -16.02 12.17
C TRP F 99 -22.20 -14.92 13.06
N VAL F 100 -21.43 -14.53 14.07
CA VAL F 100 -21.86 -13.42 14.91
C VAL F 100 -21.99 -12.15 14.10
N GLY F 101 -20.99 -11.86 13.26
CA GLY F 101 -21.07 -10.70 12.41
C GLY F 101 -22.28 -10.72 11.49
N ARG F 102 -22.56 -11.87 10.88
CA ARG F 102 -23.68 -11.97 9.96
C ARG F 102 -25.00 -11.81 10.67
N SER F 103 -25.13 -12.42 11.85
CA SER F 103 -26.29 -12.28 12.72
C SER F 103 -26.57 -10.82 13.07
N TYR F 104 -25.49 -10.11 13.38
CA TYR F 104 -25.63 -8.69 13.71
C TYR F 104 -26.09 -7.90 12.51
N LEU F 105 -25.45 -8.11 11.36
CA LEU F 105 -25.82 -7.41 10.16
C LEU F 105 -27.29 -7.63 9.82
N ILE F 106 -27.75 -8.87 9.93
CA ILE F 106 -29.15 -9.16 9.64
C ILE F 106 -30.06 -8.46 10.64
N ALA F 107 -29.67 -8.43 11.92
CA ALA F 107 -30.55 -7.85 12.93
C ALA F 107 -30.70 -6.34 12.75
N ILE F 108 -29.63 -5.65 12.34
CA ILE F 108 -29.71 -4.20 12.21
C ILE F 108 -30.19 -3.74 10.84
N ARG F 109 -30.47 -4.67 9.94
CA ARG F 109 -30.83 -4.30 8.57
C ARG F 109 -32.22 -3.73 8.45
N ASP F 110 -33.00 -3.68 9.52
CA ASP F 110 -34.41 -3.34 9.43
C ASP F 110 -34.73 -1.93 9.89
N ASP F 111 -33.78 -1.21 10.49
CA ASP F 111 -34.03 0.16 10.85
C ASP F 111 -34.01 1.05 9.62
N LYS F 112 -34.49 2.29 9.81
CA LYS F 112 -34.47 3.34 8.77
C LYS F 112 -33.04 3.82 8.52
N LYS F 113 -32.24 3.95 9.59
CA LYS F 113 -30.88 4.48 9.52
C LYS F 113 -29.92 3.35 9.88
N PRO F 114 -29.84 2.31 9.04
CA PRO F 114 -29.01 1.16 9.42
C PRO F 114 -27.54 1.50 9.45
N THR F 115 -27.09 2.46 8.64
CA THR F 115 -25.69 2.86 8.69
C THR F 115 -25.33 3.48 10.02
N GLN F 116 -26.31 4.07 10.71
CA GLN F 116 -26.04 4.64 12.03
C GLN F 116 -25.57 3.55 12.99
N LYS F 117 -26.14 2.36 12.89
CA LYS F 117 -25.79 1.25 13.75
C LYS F 117 -24.58 0.49 13.25
N GLU F 118 -23.90 0.99 12.23
CA GLU F 118 -22.68 0.38 11.72
C GLU F 118 -21.45 1.19 12.02
N ILE F 119 -21.59 2.53 12.05
CA ILE F 119 -20.46 3.42 12.40
C ILE F 119 -20.44 3.59 13.92
N ILE F 120 -21.56 3.26 14.58
CA ILE F 120 -21.69 3.35 16.02
C ILE F 120 -22.37 2.05 16.46
N ILE F 121 -21.59 1.14 17.04
CA ILE F 121 -22.08 -0.18 17.35
C ILE F 121 -23.14 -0.12 18.44
N ASP F 122 -24.24 -0.83 18.23
CA ASP F 122 -25.18 -1.12 19.32
C ASP F 122 -24.55 -2.24 20.12
N VAL F 123 -23.89 -1.89 21.20
CA VAL F 123 -23.18 -2.89 22.01
C VAL F 123 -24.15 -3.75 22.80
N PRO F 124 -25.29 -3.26 23.30
CA PRO F 124 -26.25 -4.18 23.92
C PRO F 124 -26.74 -5.27 22.97
N LEU F 125 -27.09 -4.92 21.74
CA LEU F 125 -27.48 -5.94 20.78
C LEU F 125 -26.31 -6.87 20.47
N ALA F 126 -25.10 -6.31 20.36
CA ALA F 126 -23.94 -7.13 20.06
C ALA F 126 -23.67 -8.13 21.17
N THR F 127 -23.80 -7.71 22.43
CA THR F 127 -23.56 -8.63 23.53
C THR F 127 -24.67 -9.65 23.65
N GLY F 128 -25.89 -9.30 23.25
CA GLY F 128 -26.92 -10.31 23.13
C GLY F 128 -26.61 -11.33 22.06
N LEU F 129 -25.89 -10.93 21.02
CA LEU F 129 -25.67 -11.81 19.88
C LEU F 129 -24.38 -12.61 19.94
N VAL F 130 -23.38 -12.17 20.70
CA VAL F 130 -22.05 -12.78 20.59
C VAL F 130 -22.08 -14.27 20.90
N PHE F 131 -22.90 -14.68 21.84
CA PHE F 131 -22.80 -16.05 22.33
C PHE F 131 -23.55 -17.06 21.46
N ARG F 132 -24.26 -16.63 20.43
CA ARG F 132 -24.80 -17.58 19.48
C ARG F 132 -23.72 -18.23 18.64
N GLY F 133 -22.55 -17.59 18.55
CA GLY F 133 -21.43 -18.22 17.88
C GLY F 133 -21.06 -19.56 18.50
N PHE F 134 -21.36 -19.74 19.79
CA PHE F 134 -21.05 -21.00 20.44
C PHE F 134 -21.72 -22.16 19.72
N SER F 135 -22.96 -21.97 19.29
CA SER F 135 -23.70 -22.99 18.57
C SER F 135 -23.77 -22.74 17.08
N TRP F 136 -23.02 -21.76 16.58
CA TRP F 136 -22.97 -21.47 15.15
C TRP F 136 -22.93 -22.68 14.21
N PRO F 137 -22.23 -23.78 14.52
CA PRO F 137 -22.25 -24.89 13.54
C PRO F 137 -23.63 -25.49 13.35
N ILE F 138 -24.34 -25.76 14.45
CA ILE F 138 -25.68 -26.33 14.33
C ILE F 138 -26.62 -25.32 13.68
N ALA F 139 -26.53 -24.06 14.08
CA ALA F 139 -27.40 -23.04 13.51
C ALA F 139 -27.16 -22.92 12.01
N ALA F 140 -25.90 -22.93 11.58
CA ALA F 140 -25.60 -22.79 10.16
C ALA F 140 -26.04 -24.02 9.39
N TYR F 141 -25.85 -25.21 9.95
CA TYR F 141 -26.32 -26.42 9.29
C TYR F 141 -27.83 -26.37 9.07
N ARG F 142 -28.57 -26.04 10.13
CA ARG F 142 -30.03 -25.97 10.01
C ARG F 142 -30.47 -24.80 9.14
N GLU F 143 -29.67 -23.76 9.01
CA GLU F 143 -30.03 -22.68 8.12
C GLU F 143 -29.81 -23.06 6.67
N LEU F 144 -28.75 -23.81 6.39
CA LEU F 144 -28.53 -24.32 5.05
C LEU F 144 -29.64 -25.29 4.66
N LEU F 145 -29.96 -26.23 5.55
CA LEU F 145 -31.05 -27.16 5.27
C LEU F 145 -32.37 -26.42 5.08
N ASN F 146 -32.65 -25.43 5.92
CA ASN F 146 -33.84 -24.62 5.75
C ASN F 146 -33.83 -23.93 4.39
N GLY F 147 -32.65 -23.59 3.88
CA GLY F 147 -32.55 -22.81 2.67
C GLY F 147 -32.51 -21.32 2.89
N GLU F 148 -32.19 -20.88 4.10
CA GLU F 148 -32.20 -19.46 4.44
C GLU F 148 -30.81 -18.90 4.68
N LEU F 149 -29.77 -19.71 4.53
CA LEU F 149 -28.42 -19.18 4.66
C LEU F 149 -28.04 -18.39 3.42
N VAL F 150 -28.28 -18.95 2.24
CA VAL F 150 -28.00 -18.27 0.99
C VAL F 150 -29.23 -17.50 0.56
N ALA F 151 -29.05 -16.23 0.24
CA ALA F 151 -30.16 -15.44 -0.27
C ALA F 151 -30.58 -15.95 -1.63
N LYS F 152 -31.83 -16.37 -1.74
CA LYS F 152 -32.44 -16.52 -3.05
C LYS F 152 -32.64 -15.13 -3.62
N ASP F 153 -33.27 -15.03 -4.79
CA ASP F 153 -33.63 -13.75 -5.38
C ASP F 153 -32.39 -13.04 -5.92
N VAL F 154 -31.21 -13.60 -5.67
CA VAL F 154 -29.97 -13.04 -6.19
C VAL F 154 -29.23 -14.08 -7.00
N LEU G 1 3.03 -64.49 -38.30
CA LEU G 1 4.44 -64.66 -38.61
C LEU G 1 4.70 -64.41 -40.09
N ASN G 2 4.03 -65.18 -40.96
CA ASN G 2 4.09 -64.91 -42.38
C ASN G 2 3.46 -63.54 -42.62
N PRO G 3 4.25 -62.51 -42.92
CA PRO G 3 3.69 -61.16 -42.92
C PRO G 3 2.62 -60.96 -43.96
N SER G 4 2.79 -61.52 -45.15
CA SER G 4 1.84 -61.26 -46.22
C SER G 4 0.51 -61.95 -45.96
N LEU G 5 0.56 -63.19 -45.48
CA LEU G 5 -0.62 -63.88 -44.99
C LEU G 5 -1.43 -62.96 -44.08
N VAL G 6 -0.78 -62.42 -43.06
CA VAL G 6 -1.46 -61.64 -42.04
C VAL G 6 -1.99 -60.33 -42.60
N ILE G 7 -1.18 -59.63 -43.40
CA ILE G 7 -1.61 -58.35 -43.96
C ILE G 7 -2.84 -58.54 -44.82
N SER G 8 -2.77 -59.45 -45.79
CA SER G 8 -3.89 -59.67 -46.67
C SER G 8 -5.12 -60.11 -45.90
N LEU G 9 -4.97 -61.05 -44.96
CA LEU G 9 -6.11 -61.52 -44.19
C LEU G 9 -6.76 -60.39 -43.41
N SER G 10 -5.96 -59.59 -42.71
CA SER G 10 -6.53 -58.56 -41.86
C SER G 10 -7.20 -57.48 -42.68
N THR G 11 -6.58 -57.04 -43.78
CA THR G 11 -7.23 -56.01 -44.57
C THR G 11 -8.46 -56.55 -45.28
N GLY G 12 -8.45 -57.81 -45.69
CA GLY G 12 -9.66 -58.40 -46.24
C GLY G 12 -10.78 -58.44 -45.22
N LEU G 13 -10.46 -58.78 -43.98
CA LEU G 13 -11.48 -58.77 -42.93
C LEU G 13 -12.01 -57.36 -42.67
N SER G 14 -11.11 -56.38 -42.65
CA SER G 14 -11.55 -55.01 -42.42
C SER G 14 -12.45 -54.52 -43.56
N LEU G 15 -12.10 -54.86 -44.80
CA LEU G 15 -12.93 -54.46 -45.92
C LEU G 15 -14.28 -55.17 -45.88
N PHE G 16 -14.28 -56.45 -45.50
CA PHE G 16 -15.54 -57.17 -45.36
C PHE G 16 -16.43 -56.50 -44.32
N LEU G 17 -15.85 -56.14 -43.18
CA LEU G 17 -16.61 -55.42 -42.16
C LEU G 17 -17.15 -54.10 -42.69
N GLY G 18 -16.32 -53.35 -43.39
CA GLY G 18 -16.75 -52.06 -43.88
C GLY G 18 -17.83 -52.14 -44.93
N ARG G 19 -17.82 -53.18 -45.75
CA ARG G 19 -18.80 -53.30 -46.83
C ARG G 19 -20.07 -54.00 -46.39
N PHE G 20 -20.01 -54.86 -45.39
CA PHE G 20 -21.14 -55.69 -45.04
C PHE G 20 -21.67 -55.49 -43.64
N VAL G 21 -20.96 -54.77 -42.78
CA VAL G 21 -21.39 -54.65 -41.39
C VAL G 21 -21.67 -53.19 -41.05
N PHE G 22 -20.64 -52.36 -41.13
CA PHE G 22 -20.76 -50.97 -40.69
C PHE G 22 -21.06 -50.01 -41.83
N PHE G 23 -21.42 -50.52 -43.00
CA PHE G 23 -21.66 -49.63 -44.13
C PHE G 23 -22.85 -48.72 -43.87
N ASN G 24 -23.99 -49.31 -43.52
CA ASN G 24 -25.20 -48.50 -43.33
C ASN G 24 -25.03 -47.50 -42.22
N PHE G 25 -24.39 -47.91 -41.12
CA PHE G 25 -24.19 -47.00 -40.00
C PHE G 25 -23.32 -45.82 -40.41
N GLN G 26 -22.20 -46.09 -41.06
CA GLN G 26 -21.32 -45.02 -41.50
C GLN G 26 -22.02 -44.12 -42.51
N ARG G 27 -22.83 -44.71 -43.39
CA ARG G 27 -23.53 -43.90 -44.38
C ARG G 27 -24.54 -42.98 -43.74
N GLU G 28 -25.34 -43.48 -42.80
CA GLU G 28 -26.32 -42.62 -42.17
C GLU G 28 -25.66 -41.57 -41.29
N ASN G 29 -24.52 -41.89 -40.67
CA ASN G 29 -23.84 -40.88 -39.88
C ASN G 29 -23.23 -39.80 -40.75
N VAL G 30 -22.64 -40.18 -41.89
CA VAL G 30 -22.08 -39.17 -42.76
C VAL G 30 -23.17 -38.33 -43.40
N ALA G 31 -24.37 -38.91 -43.58
CA ALA G 31 -25.47 -38.11 -44.08
C ALA G 31 -25.95 -37.12 -43.03
N LYS G 32 -26.14 -37.58 -41.80
CA LYS G 32 -26.67 -36.69 -40.77
C LYS G 32 -25.65 -35.66 -40.31
N GLN G 33 -24.36 -35.91 -40.48
CA GLN G 33 -23.38 -34.88 -40.13
C GLN G 33 -23.23 -33.86 -41.25
N GLY G 34 -23.31 -34.31 -42.49
CA GLY G 34 -23.37 -33.39 -43.61
C GLY G 34 -22.04 -32.74 -43.93
N LEU G 35 -22.08 -31.87 -44.92
CA LEU G 35 -20.90 -31.14 -45.33
C LEU G 35 -20.59 -30.05 -44.32
N PRO G 36 -19.30 -29.74 -44.12
CA PRO G 36 -18.95 -28.60 -43.27
C PRO G 36 -19.47 -27.30 -43.86
N GLU G 37 -19.86 -26.39 -42.98
CA GLU G 37 -20.50 -25.14 -43.38
C GLU G 37 -19.84 -23.97 -42.67
N GLN G 38 -19.85 -22.82 -43.35
CA GLN G 38 -19.43 -21.56 -42.74
C GLN G 38 -20.54 -20.54 -42.96
N ASN G 39 -21.10 -20.04 -41.86
CA ASN G 39 -22.17 -19.04 -41.90
C ASN G 39 -23.42 -19.56 -42.59
N GLY G 40 -23.66 -20.86 -42.49
CA GLY G 40 -24.87 -21.46 -43.00
C GLY G 40 -24.77 -22.04 -44.39
N VAL G 41 -23.79 -21.62 -45.17
CA VAL G 41 -23.58 -22.17 -46.50
C VAL G 41 -22.46 -23.20 -46.42
N THR G 42 -22.48 -24.15 -47.34
CA THR G 42 -21.33 -25.02 -47.47
C THR G 42 -20.14 -24.21 -47.99
N HIS G 43 -18.95 -24.80 -47.88
CA HIS G 43 -17.74 -24.07 -48.22
C HIS G 43 -17.72 -23.66 -49.69
N PHE G 44 -18.31 -24.48 -50.56
CA PHE G 44 -18.33 -24.12 -51.98
C PHE G 44 -19.29 -22.97 -52.25
N GLU G 45 -20.41 -22.93 -51.53
CA GLU G 45 -21.43 -21.92 -51.75
C GLU G 45 -21.04 -20.57 -51.13
N ALA G 46 -19.92 -20.50 -50.45
CA ALA G 46 -19.42 -19.24 -49.90
C ALA G 46 -18.36 -18.60 -50.79
N GLY G 47 -17.99 -19.25 -51.89
CA GLY G 47 -17.02 -18.71 -52.82
C GLY G 47 -15.74 -19.51 -52.93
N ASP G 48 -15.58 -20.58 -52.15
CA ASP G 48 -14.37 -21.38 -52.16
C ASP G 48 -14.46 -22.40 -53.29
N THR G 49 -13.69 -22.18 -54.35
CA THR G 49 -13.76 -23.07 -55.51
C THR G 49 -13.08 -24.40 -55.23
N ARG G 50 -12.05 -24.41 -54.39
CA ARG G 50 -11.31 -25.63 -54.11
C ARG G 50 -12.07 -26.58 -53.20
N ALA G 51 -13.08 -26.09 -52.48
CA ALA G 51 -13.81 -26.92 -51.53
C ALA G 51 -15.03 -27.57 -52.14
N LYS G 52 -15.00 -27.85 -53.43
CA LYS G 52 -16.12 -28.52 -54.10
C LYS G 52 -15.92 -30.02 -54.01
N GLU G 53 -16.97 -30.73 -53.60
CA GLU G 53 -16.89 -32.18 -53.50
C GLU G 53 -16.60 -32.81 -54.85
N TYR G 54 -15.77 -33.85 -54.84
CA TYR G 54 -15.35 -34.52 -56.07
C TYR G 54 -16.39 -35.57 -56.45
N VAL G 55 -17.46 -35.08 -57.08
CA VAL G 55 -18.60 -35.95 -57.36
C VAL G 55 -18.29 -36.99 -58.45
N SER G 56 -17.24 -36.79 -59.24
CA SER G 56 -16.98 -37.73 -60.32
C SER G 56 -16.36 -39.02 -59.79
N LEU G 57 -15.30 -38.91 -59.00
CA LEU G 57 -14.65 -40.12 -58.47
C LEU G 57 -15.40 -40.72 -57.30
N LEU G 58 -16.33 -39.99 -56.69
CA LEU G 58 -17.04 -40.52 -55.53
C LEU G 58 -18.17 -41.46 -55.93
N LYS G 59 -18.81 -41.22 -57.07
CA LYS G 59 -19.84 -42.15 -57.53
C LYS G 59 -19.20 -43.46 -57.94
N SER G 60 -19.90 -44.55 -57.70
CA SER G 60 -19.35 -45.87 -57.94
C SER G 60 -20.43 -46.76 -58.55
N ASN G 61 -20.01 -47.96 -58.96
CA ASN G 61 -20.91 -48.94 -59.53
C ASN G 61 -21.24 -50.06 -58.55
N ASP G 62 -20.82 -49.93 -57.30
CA ASP G 62 -21.15 -50.94 -56.33
C ASP G 62 -22.65 -50.95 -56.06
N PRO G 63 -23.22 -52.13 -55.82
CA PRO G 63 -24.66 -52.19 -55.50
C PRO G 63 -25.06 -51.29 -54.35
N VAL G 64 -24.18 -51.06 -53.37
CA VAL G 64 -24.53 -50.26 -52.20
C VAL G 64 -23.85 -48.91 -52.19
N GLY G 65 -22.90 -48.64 -53.08
CA GLY G 65 -22.22 -47.37 -53.12
C GLY G 65 -20.81 -47.38 -52.63
N PHE G 66 -20.22 -48.56 -52.38
CA PHE G 66 -18.82 -48.65 -52.02
C PHE G 66 -17.97 -48.04 -53.14
N ASN G 67 -17.14 -47.07 -52.80
CA ASN G 67 -16.35 -46.39 -53.82
C ASN G 67 -14.87 -46.34 -53.45
N ILE G 68 -14.09 -45.53 -54.15
CA ILE G 68 -12.64 -45.59 -53.99
C ILE G 68 -12.22 -45.14 -52.60
N VAL G 69 -12.77 -44.03 -52.11
CA VAL G 69 -12.24 -43.49 -50.87
C VAL G 69 -12.59 -44.36 -49.68
N ASP G 70 -13.73 -45.04 -49.71
CA ASP G 70 -14.02 -45.86 -48.55
C ASP G 70 -13.25 -47.18 -48.56
N VAL G 71 -12.94 -47.73 -49.74
CA VAL G 71 -11.99 -48.85 -49.73
C VAL G 71 -10.64 -48.38 -49.26
N LEU G 72 -10.26 -47.14 -49.60
CA LEU G 72 -9.02 -46.60 -49.09
C LEU G 72 -9.02 -46.56 -47.56
N ALA G 73 -10.08 -46.01 -46.98
CA ALA G 73 -10.14 -45.87 -45.52
C ALA G 73 -10.16 -47.24 -44.85
N TRP G 74 -11.05 -48.12 -45.27
CA TRP G 74 -11.16 -49.43 -44.62
C TRP G 74 -9.88 -50.23 -44.78
N GLY G 75 -9.30 -50.23 -45.98
CA GLY G 75 -8.07 -50.96 -46.19
C GLY G 75 -6.92 -50.40 -45.39
N SER G 76 -6.87 -49.07 -45.23
CA SER G 76 -5.81 -48.48 -44.42
C SER G 76 -5.95 -48.88 -42.96
N ILE G 77 -7.18 -48.98 -42.48
CA ILE G 77 -7.40 -49.49 -41.13
C ILE G 77 -6.91 -50.92 -41.03
N GLY G 78 -7.27 -51.74 -42.01
CA GLY G 78 -6.82 -53.12 -42.01
C GLY G 78 -5.31 -53.22 -41.96
N HIS G 79 -4.62 -52.39 -42.74
CA HIS G 79 -3.16 -52.40 -42.75
C HIS G 79 -2.59 -51.95 -41.42
N ILE G 80 -3.19 -50.92 -40.82
CA ILE G 80 -2.69 -50.45 -39.53
C ILE G 80 -2.73 -51.55 -38.49
N VAL G 81 -3.89 -52.23 -38.38
CA VAL G 81 -3.94 -53.24 -37.33
C VAL G 81 -3.14 -54.48 -37.73
N ALA G 82 -2.98 -54.74 -39.02
CA ALA G 82 -2.12 -55.84 -39.43
C ALA G 82 -0.68 -55.60 -39.00
N TYR G 83 -0.20 -54.37 -39.18
CA TYR G 83 1.17 -54.08 -38.78
C TYR G 83 1.32 -54.03 -37.28
N TYR G 84 0.28 -53.58 -36.57
CA TYR G 84 0.32 -53.67 -35.12
C TYR G 84 0.47 -55.12 -34.68
N ILE G 85 -0.31 -56.01 -35.28
CA ILE G 85 -0.23 -57.43 -34.94
C ILE G 85 1.17 -57.96 -35.21
N LEU G 86 1.73 -57.66 -36.38
CA LEU G 86 3.06 -58.14 -36.70
C LEU G 86 4.10 -57.63 -35.71
N ALA G 87 4.13 -56.32 -35.50
CA ALA G 87 5.14 -55.71 -34.64
C ALA G 87 5.07 -56.26 -33.23
N THR G 88 3.88 -56.27 -32.63
CA THR G 88 3.79 -56.75 -31.26
C THR G 88 3.92 -58.26 -31.16
N SER G 89 3.65 -58.99 -32.23
CA SER G 89 3.80 -60.43 -32.19
C SER G 89 5.24 -60.85 -32.26
N SER G 90 6.13 -60.00 -32.76
CA SER G 90 7.53 -60.38 -32.69
C SER G 90 8.39 -59.42 -31.87
N ASN G 91 7.80 -58.49 -31.13
CA ASN G 91 8.63 -57.65 -30.27
C ASN G 91 9.22 -58.41 -29.09
N GLY G 92 8.70 -59.60 -28.80
CA GLY G 92 9.26 -60.40 -27.72
C GLY G 92 9.04 -59.85 -26.33
N TYR G 93 8.12 -58.90 -26.17
CA TYR G 93 7.86 -58.32 -24.87
C TYR G 93 7.04 -59.28 -24.01
N ASP G 94 7.16 -59.11 -22.69
CA ASP G 94 6.39 -59.94 -21.78
C ASP G 94 6.20 -59.25 -20.44
N PRO G 95 4.95 -59.03 -20.01
CA PRO G 95 4.72 -58.54 -18.65
C PRO G 95 4.84 -59.67 -17.65
N LYS G 96 4.53 -59.42 -16.38
CA LYS G 96 4.62 -60.47 -15.39
C LYS G 96 3.44 -60.39 -14.44
N PHE G 97 2.85 -61.54 -14.16
CA PHE G 97 1.80 -61.68 -13.18
C PHE G 97 2.39 -61.64 -11.77
N TYR H 1 -5.43 50.98 -35.19
CA TYR H 1 -4.63 50.19 -34.22
C TYR H 1 -3.68 51.12 -33.46
N GLY H 2 -3.68 51.03 -32.13
CA GLY H 2 -2.81 51.87 -31.28
C GLY H 2 -3.28 53.32 -31.26
N ASP H 3 -4.60 53.53 -31.19
CA ASP H 3 -5.17 54.91 -31.16
C ASP H 3 -5.47 55.30 -29.71
N LYS H 4 -4.43 55.37 -28.88
CA LYS H 4 -4.59 55.73 -27.44
C LYS H 4 -4.90 54.52 -26.56
N SER H 5 -6.07 53.89 -26.73
CA SER H 5 -6.41 52.72 -25.86
C SER H 5 -6.74 51.46 -26.68
N VAL H 6 -7.20 51.63 -27.92
CA VAL H 6 -7.59 50.45 -28.76
C VAL H 6 -6.32 49.72 -29.22
N TYR H 7 -6.44 48.41 -29.44
CA TYR H 7 -5.30 47.56 -29.92
C TYR H 7 -5.86 46.50 -30.86
N PHE H 8 -7.17 46.57 -31.15
CA PHE H 8 -7.84 45.59 -32.02
C PHE H 8 -8.48 46.28 -33.24
N ASP H 9 -8.15 45.76 -34.43
CA ASP H 9 -8.66 46.26 -35.74
C ASP H 9 -8.63 45.12 -36.75
N LEU H 10 -9.77 44.85 -37.39
CA LEU H 10 -9.92 43.76 -38.39
C LEU H 10 -9.00 44.02 -39.61
N GLU H 11 -8.84 45.28 -40.01
CA GLU H 11 -8.03 45.65 -41.20
C GLU H 11 -6.56 45.23 -41.03
N ASP H 12 -6.01 45.29 -39.81
CA ASP H 12 -4.58 44.93 -39.61
C ASP H 12 -4.47 43.85 -38.52
N LEU H 13 -4.81 42.61 -38.88
CA LEU H 13 -4.76 41.43 -37.97
C LEU H 13 -3.32 41.16 -37.53
N GLY H 14 -2.36 41.30 -38.44
CA GLY H 14 -0.95 40.99 -38.10
C GLY H 14 -0.45 41.86 -36.95
N ASN H 15 -0.75 43.16 -36.98
CA ASN H 15 -0.36 44.07 -35.88
C ASN H 15 -1.08 43.63 -34.61
N THR H 16 -2.37 43.28 -34.74
CA THR H 16 -3.22 42.84 -33.62
C THR H 16 -2.68 41.55 -33.00
N THR H 17 -2.23 40.60 -33.85
CA THR H 17 -1.72 39.29 -33.37
C THR H 17 -0.22 39.36 -33.08
N GLY H 18 0.38 40.56 -33.09
CA GLY H 18 1.80 40.66 -32.82
C GLY H 18 2.69 39.94 -33.81
N GLN H 19 2.37 40.00 -35.10
CA GLN H 19 3.21 39.37 -36.11
C GLN H 19 4.36 40.29 -36.49
N TRP H 20 5.09 40.77 -35.49
CA TRP H 20 6.23 41.61 -35.76
C TRP H 20 7.49 40.77 -35.87
N ASP H 21 8.57 41.43 -36.30
CA ASP H 21 9.90 40.84 -36.30
C ASP H 21 10.76 41.76 -35.44
N LEU H 22 11.00 41.36 -34.20
CA LEU H 22 11.54 42.28 -33.21
C LEU H 22 13.02 42.60 -33.42
N TYR H 23 13.73 41.85 -34.28
CA TYR H 23 15.17 42.02 -34.37
C TYR H 23 15.72 42.08 -35.79
N GLY H 24 14.90 41.99 -36.81
CA GLY H 24 15.40 42.05 -38.17
C GLY H 24 15.92 43.43 -38.52
N SER H 25 16.95 43.46 -39.36
CA SER H 25 17.70 44.69 -39.55
C SER H 25 17.09 45.59 -40.60
N ASP H 26 16.62 45.03 -41.71
CA ASP H 26 16.14 45.83 -42.85
C ASP H 26 17.25 46.74 -43.37
N ALA H 27 18.50 46.32 -43.18
CA ALA H 27 19.67 47.10 -43.61
C ALA H 27 20.29 46.47 -44.86
N PRO H 28 21.22 47.17 -45.55
CA PRO H 28 21.87 46.62 -46.76
C PRO H 28 23.00 45.67 -46.37
N SER H 29 23.44 44.83 -47.33
CA SER H 29 24.54 43.86 -47.07
C SER H 29 25.75 44.58 -46.47
N PRO H 30 26.18 44.24 -45.24
CA PRO H 30 27.34 44.89 -44.62
C PRO H 30 28.65 44.42 -45.28
N TYR H 31 28.60 43.27 -45.98
CA TYR H 31 29.77 42.70 -46.67
C TYR H 31 30.05 43.52 -47.95
N ASN H 32 31.33 43.80 -48.24
CA ASN H 32 31.70 44.57 -49.46
C ASN H 32 31.38 43.72 -50.70
N SER H 33 30.86 44.35 -51.75
CA SER H 33 30.45 43.66 -52.99
C SER H 33 31.56 42.71 -53.50
N LEU H 34 32.80 43.17 -53.57
CA LEU H 34 33.95 42.34 -54.03
C LEU H 34 33.93 41.01 -53.26
N GLN H 35 33.88 41.09 -51.92
CA GLN H 35 33.87 39.87 -51.07
C GLN H 35 32.63 39.03 -51.41
N SER H 36 31.45 39.65 -51.52
CA SER H 36 30.23 38.88 -51.84
C SER H 36 30.44 38.10 -53.15
N LYS H 37 31.03 38.76 -54.15
CA LYS H 37 31.25 38.16 -55.51
C LYS H 37 32.27 37.02 -55.43
N PHE H 38 33.08 36.96 -54.38
CA PHE H 38 34.09 35.86 -54.27
C PHE H 38 33.41 34.60 -53.73
N PHE H 39 32.60 34.77 -52.68
CA PHE H 39 31.89 33.63 -52.05
C PHE H 39 30.82 32.99 -52.94
N GLU H 40 29.77 33.75 -53.30
CA GLU H 40 28.65 33.18 -54.04
C GLU H 40 29.05 32.60 -55.40
N THR H 41 30.33 32.72 -55.76
CA THR H 41 30.84 32.13 -57.02
C THR H 41 31.48 30.77 -56.68
N PHE H 42 32.14 30.66 -55.52
CA PHE H 42 32.82 29.42 -55.10
C PHE H 42 31.91 28.50 -54.28
N ALA H 43 30.96 29.07 -53.53
CA ALA H 43 30.07 28.26 -52.72
C ALA H 43 28.76 27.97 -53.42
N ALA H 44 28.67 28.24 -54.72
CA ALA H 44 27.41 28.03 -55.44
C ALA H 44 27.03 26.56 -55.58
N PRO H 45 27.91 25.65 -55.98
CA PRO H 45 27.46 24.28 -56.30
C PRO H 45 26.93 23.50 -55.11
N PHE H 46 26.86 24.09 -53.91
CA PHE H 46 26.41 23.40 -52.72
C PHE H 46 25.02 23.85 -52.27
N THR H 47 24.28 24.54 -53.12
CA THR H 47 23.02 25.15 -52.71
C THR H 47 21.81 24.51 -53.40
N LYS H 48 21.89 23.22 -53.71
CA LYS H 48 20.77 22.48 -54.26
C LYS H 48 20.38 21.41 -53.25
N ARG H 49 19.11 21.41 -52.84
CA ARG H 49 18.67 20.61 -51.70
C ARG H 49 19.01 19.13 -51.89
N GLY H 50 18.41 18.51 -52.90
CA GLY H 50 18.67 17.10 -53.12
C GLY H 50 20.13 16.81 -53.42
N LEU H 51 20.75 17.65 -54.25
CA LEU H 51 22.17 17.48 -54.56
C LEU H 51 23.01 17.53 -53.31
N LEU H 52 22.83 18.58 -52.50
CA LEU H 52 23.64 18.73 -51.29
C LEU H 52 23.40 17.58 -50.33
N LEU H 53 22.15 17.15 -50.17
CA LEU H 53 21.86 16.08 -49.24
C LEU H 53 22.50 14.77 -49.68
N LYS H 54 22.29 14.39 -50.94
CA LYS H 54 22.86 13.14 -51.43
C LYS H 54 24.38 13.17 -51.36
N PHE H 55 24.99 14.25 -51.82
CA PHE H 55 26.44 14.33 -51.78
C PHE H 55 26.96 14.29 -50.35
N LEU H 56 26.32 15.04 -49.45
CA LEU H 56 26.74 15.03 -48.06
C LEU H 56 26.70 13.63 -47.48
N ILE H 57 25.55 12.96 -47.62
CA ILE H 57 25.39 11.63 -47.05
C ILE H 57 26.45 10.68 -47.60
N LEU H 58 26.56 10.59 -48.92
CA LEU H 58 27.45 9.58 -49.49
C LEU H 58 28.92 9.94 -49.28
N GLY H 59 29.26 11.23 -49.39
CA GLY H 59 30.63 11.63 -49.16
C GLY H 59 31.07 11.40 -47.73
N GLY H 60 30.24 11.80 -46.77
CA GLY H 60 30.55 11.50 -45.38
C GLY H 60 30.58 10.01 -45.09
N GLY H 61 29.72 9.24 -45.75
CA GLY H 61 29.73 7.81 -45.55
C GLY H 61 31.03 7.18 -46.01
N SER H 62 31.46 7.48 -47.23
CA SER H 62 32.73 6.93 -47.69
C SER H 62 33.90 7.53 -46.92
N THR H 63 33.75 8.76 -46.42
CA THR H 63 34.76 9.33 -45.55
C THR H 63 34.97 8.46 -44.32
N LEU H 64 33.89 8.15 -43.62
CA LEU H 64 33.98 7.31 -42.44
C LEU H 64 34.50 5.92 -42.80
N ALA H 65 33.99 5.35 -43.90
CA ALA H 65 34.41 4.02 -44.31
C ALA H 65 35.91 3.97 -44.54
N TYR H 66 36.44 4.95 -45.27
CA TYR H 66 37.87 4.97 -45.54
C TYR H 66 38.65 5.19 -44.26
N PHE H 67 38.24 6.15 -43.44
CA PHE H 67 39.04 6.52 -42.27
C PHE H 67 39.02 5.45 -41.19
N SER H 68 38.02 4.57 -41.19
CA SER H 68 38.02 3.48 -40.22
C SER H 68 38.57 2.18 -40.78
N ALA H 69 38.37 1.92 -42.07
CA ALA H 69 38.95 0.72 -42.67
C ALA H 69 40.47 0.82 -42.78
N THR H 70 41.02 2.03 -42.70
CA THR H 70 42.45 2.27 -42.85
C THR H 70 42.98 3.09 -41.69
N ALA H 71 42.48 2.84 -40.49
CA ALA H 71 43.04 3.44 -39.30
C ALA H 71 44.19 2.59 -38.78
N SER H 72 45.16 3.25 -38.15
CA SER H 72 46.32 2.54 -37.67
C SER H 72 46.13 2.10 -36.23
N GLY H 73 47.02 1.21 -35.77
CA GLY H 73 46.86 0.61 -34.46
C GLY H 73 46.96 1.58 -33.31
N ASP H 74 47.71 2.66 -33.49
CA ASP H 74 47.89 3.63 -32.42
C ASP H 74 46.68 4.55 -32.24
N ILE H 75 45.65 4.37 -33.07
CA ILE H 75 44.43 5.21 -33.00
C ILE H 75 43.34 4.44 -32.24
N LEU H 76 43.11 3.17 -32.62
CA LEU H 76 42.08 2.35 -32.02
C LEU H 76 42.69 1.09 -31.43
N PRO H 77 42.64 0.90 -30.12
CA PRO H 77 43.08 -0.38 -29.55
C PRO H 77 42.26 -1.57 -30.05
N ILE H 78 41.09 -1.34 -30.64
CA ILE H 78 40.30 -2.47 -31.10
C ILE H 78 40.97 -3.15 -32.29
N LYS H 79 41.74 -2.40 -33.07
CA LYS H 79 42.45 -2.99 -34.20
C LYS H 79 43.89 -3.35 -33.88
N LYS H 80 44.46 -2.77 -32.83
CA LYS H 80 45.77 -3.22 -32.38
C LYS H 80 45.72 -4.66 -31.89
N GLY H 81 44.58 -5.09 -31.36
CA GLY H 81 44.42 -6.44 -30.91
C GLY H 81 45.07 -6.67 -29.56
N PRO H 82 44.86 -7.86 -28.99
CA PRO H 82 45.48 -8.18 -27.71
C PRO H 82 46.99 -8.30 -27.83
N GLN H 83 47.67 -8.06 -26.71
CA GLN H 83 49.13 -8.13 -26.66
C GLN H 83 49.63 -9.04 -25.56
N LEU H 84 48.75 -9.79 -24.91
CA LEU H 84 49.08 -10.63 -23.77
C LEU H 84 48.54 -12.03 -23.99
N PRO H 85 49.10 -13.03 -23.31
CA PRO H 85 48.49 -14.36 -23.36
C PRO H 85 47.20 -14.37 -22.57
N PRO H 86 46.25 -15.21 -22.94
CA PRO H 86 44.96 -15.22 -22.26
C PRO H 86 44.95 -16.14 -21.05
N GLN H 87 44.10 -15.79 -20.09
CA GLN H 87 43.94 -16.59 -18.89
C GLN H 87 42.93 -17.72 -19.14
N LEU H 88 42.80 -18.58 -18.15
CA LEU H 88 41.84 -19.67 -18.20
C LEU H 88 40.62 -19.35 -17.34
N GLY H 89 39.49 -19.91 -17.73
CA GLY H 89 38.27 -19.75 -16.96
C GLY H 89 38.31 -20.52 -15.67
N PRO H 90 37.28 -20.36 -14.84
CA PRO H 90 37.23 -21.09 -13.55
C PRO H 90 37.52 -22.57 -13.67
N ARG H 91 37.00 -23.23 -14.68
CA ARG H 91 37.46 -24.58 -14.96
C ARG H 91 37.85 -24.77 -16.41
N LEU H 92 37.18 -24.06 -17.34
CA LEU H 92 37.42 -24.18 -18.76
C LEU H 92 38.50 -23.19 -19.19
N GLY H 93 38.66 -23.01 -20.48
CA GLY H 93 39.63 -22.08 -21.00
C GLY H 93 40.53 -22.68 -22.07
N ILE I 1 40.30 -3.98 -44.73
CA ILE I 1 40.21 -5.36 -45.19
C ILE I 1 39.53 -6.21 -44.13
N ASN I 2 39.66 -5.82 -42.87
CA ASN I 2 38.94 -6.48 -41.81
C ASN I 2 37.46 -6.12 -41.92
N LEU I 3 36.63 -7.11 -42.22
CA LEU I 3 35.25 -6.81 -42.59
C LEU I 3 34.46 -6.09 -41.49
N PRO I 4 34.59 -6.43 -40.20
CA PRO I 4 33.92 -5.62 -39.19
C PRO I 4 34.26 -4.15 -39.27
N SER I 5 35.54 -3.84 -39.51
CA SER I 5 36.02 -2.46 -39.54
C SER I 5 35.22 -1.59 -40.50
N LEU I 6 34.47 -2.19 -41.41
CA LEU I 6 33.67 -1.46 -42.38
C LEU I 6 32.18 -1.57 -42.11
N PHE I 7 31.70 -2.75 -41.77
CA PHE I 7 30.27 -2.93 -41.66
C PHE I 7 29.73 -2.44 -40.32
N VAL I 8 30.50 -2.47 -39.25
CA VAL I 8 29.97 -2.00 -37.97
C VAL I 8 29.83 -0.48 -37.93
N PRO I 9 30.73 0.34 -38.52
CA PRO I 9 30.42 1.76 -38.58
C PRO I 9 29.27 2.07 -39.52
N LEU I 10 29.28 1.49 -40.71
CA LEU I 10 28.24 1.79 -41.69
C LEU I 10 26.86 1.42 -41.17
N VAL I 11 26.73 0.26 -40.54
CA VAL I 11 25.43 -0.16 -40.05
C VAL I 11 25.11 0.52 -38.72
N GLY I 12 26.12 0.93 -37.97
CA GLY I 12 25.84 1.58 -36.71
C GLY I 12 25.78 3.09 -36.79
N LEU I 13 26.45 3.68 -37.77
CA LEU I 13 26.51 5.14 -37.90
C LEU I 13 25.80 5.63 -39.16
N LEU I 14 26.19 5.14 -40.33
CA LEU I 14 25.59 5.63 -41.57
C LEU I 14 24.14 5.21 -41.69
N PHE I 15 23.87 3.91 -41.60
CA PHE I 15 22.53 3.41 -41.88
C PHE I 15 21.46 4.06 -41.01
N PRO I 16 21.62 4.18 -39.69
CA PRO I 16 20.59 4.88 -38.93
C PRO I 16 20.46 6.34 -39.32
N ALA I 17 21.56 7.00 -39.66
CA ALA I 17 21.47 8.37 -40.14
C ALA I 17 20.60 8.47 -41.37
N VAL I 18 20.91 7.67 -42.39
CA VAL I 18 20.14 7.71 -43.64
C VAL I 18 18.68 7.36 -43.38
N ALA I 19 18.46 6.27 -42.65
CA ALA I 19 17.09 5.80 -42.43
C ALA I 19 16.28 6.80 -41.65
N MET I 20 16.87 7.40 -40.61
CA MET I 20 16.11 8.33 -39.79
C MET I 20 15.88 9.65 -40.50
N ALA I 21 16.87 10.13 -41.28
CA ALA I 21 16.64 11.30 -42.10
C ALA I 21 15.50 11.06 -43.08
N SER I 22 15.53 9.92 -43.76
CA SER I 22 14.48 9.62 -44.73
C SER I 22 13.13 9.47 -44.07
N LEU I 23 13.08 8.82 -42.91
CA LEU I 23 11.79 8.57 -42.27
C LEU I 23 11.23 9.84 -41.66
N PHE I 24 12.09 10.72 -41.14
CA PHE I 24 11.62 12.04 -40.71
C PHE I 24 11.06 12.80 -41.91
N LEU I 25 11.79 12.78 -43.03
CA LEU I 25 11.32 13.48 -44.22
C LEU I 25 9.97 12.94 -44.67
N HIS I 26 9.76 11.64 -44.54
CA HIS I 26 8.51 11.04 -45.00
C HIS I 26 7.37 11.31 -44.05
N VAL I 27 7.65 11.27 -42.74
CA VAL I 27 6.58 11.40 -41.76
C VAL I 27 6.17 12.85 -41.57
N GLU I 28 7.10 13.78 -41.68
CA GLU I 28 6.85 15.17 -41.28
C GLU I 28 6.64 16.11 -42.47
N LYS I 29 5.89 15.71 -43.49
CA LYS I 29 5.30 16.74 -44.32
C LYS I 29 4.15 16.19 -45.16
N ARG I 30 3.25 17.10 -45.52
CA ARG I 30 1.98 16.79 -46.15
C ARG I 30 2.16 16.34 -47.59
N LEU I 31 1.35 15.37 -48.00
CA LEU I 31 1.25 15.02 -49.40
C LEU I 31 0.07 15.77 -50.03
N MET J 1 -22.61 10.90 29.82
CA MET J 1 -22.72 9.55 30.33
C MET J 1 -23.36 8.67 29.29
N ARG J 2 -24.60 9.00 28.94
CA ARG J 2 -25.23 8.37 27.79
C ARG J 2 -24.45 8.68 26.52
N ASP J 3 -24.08 9.94 26.34
CA ASP J 3 -23.28 10.33 25.19
C ASP J 3 -21.85 9.81 25.29
N LEU J 4 -21.32 9.72 26.50
CA LEU J 4 -20.01 9.09 26.67
C LEU J 4 -20.07 7.61 26.33
N LYS J 5 -21.13 6.93 26.76
CA LYS J 5 -21.32 5.54 26.36
C LYS J 5 -21.44 5.41 24.85
N THR J 6 -22.10 6.37 24.21
CA THR J 6 -22.21 6.33 22.75
C THR J 6 -20.84 6.48 22.12
N TYR J 7 -20.11 7.53 22.48
CA TYR J 7 -18.81 7.77 21.88
C TYR J 7 -17.85 6.62 22.13
N LEU J 8 -17.93 5.98 23.28
CA LEU J 8 -17.06 4.85 23.54
C LEU J 8 -17.43 3.62 22.72
N SER J 9 -18.52 3.67 21.96
CA SER J 9 -18.90 2.58 21.07
C SER J 9 -18.77 2.97 19.61
N VAL J 10 -18.20 4.14 19.32
CA VAL J 10 -17.90 4.47 17.93
C VAL J 10 -16.88 3.47 17.40
N ALA J 11 -16.87 3.30 16.08
CA ALA J 11 -16.10 2.21 15.48
C ALA J 11 -14.63 2.18 15.86
N PRO J 12 -13.87 3.28 15.75
CA PRO J 12 -12.43 3.18 16.11
C PRO J 12 -12.20 2.81 17.56
N VAL J 13 -12.96 3.39 18.48
CA VAL J 13 -12.74 3.09 19.90
C VAL J 13 -13.23 1.70 20.24
N ALA J 14 -14.38 1.31 19.71
CA ALA J 14 -14.84 -0.06 19.93
C ALA J 14 -13.80 -1.06 19.45
N SER J 15 -13.22 -0.81 18.27
CA SER J 15 -12.29 -1.77 17.72
C SER J 15 -10.95 -1.75 18.44
N THR J 16 -10.48 -0.59 18.90
CA THR J 16 -9.24 -0.60 19.65
C THR J 16 -9.41 -1.31 20.98
N LEU J 17 -10.54 -1.13 21.65
CA LEU J 17 -10.74 -1.84 22.91
C LEU J 17 -10.86 -3.33 22.66
N TRP J 18 -11.60 -3.72 21.62
CA TRP J 18 -11.73 -5.13 21.28
C TRP J 18 -10.37 -5.75 21.01
N PHE J 19 -9.55 -5.08 20.20
CA PHE J 19 -8.27 -5.66 19.82
C PHE J 19 -7.27 -5.62 20.96
N ALA J 20 -7.39 -4.65 21.86
CA ALA J 20 -6.54 -4.67 23.05
C ALA J 20 -6.90 -5.83 23.95
N ALA J 21 -8.19 -6.10 24.12
CA ALA J 21 -8.60 -7.28 24.89
C ALA J 21 -8.11 -8.56 24.23
N LEU J 22 -8.27 -8.66 22.91
CA LEU J 22 -7.81 -9.85 22.21
C LEU J 22 -6.29 -10.01 22.33
N ALA J 23 -5.56 -8.91 22.24
CA ALA J 23 -4.11 -8.97 22.37
C ALA J 23 -3.73 -9.43 23.77
N GLY J 24 -4.36 -8.87 24.79
CA GLY J 24 -4.10 -9.32 26.14
C GLY J 24 -4.35 -10.80 26.31
N LEU J 25 -5.47 -11.28 25.79
CA LEU J 25 -5.80 -12.69 25.91
C LEU J 25 -4.75 -13.57 25.24
N LEU J 26 -4.38 -13.24 24.00
CA LEU J 26 -3.41 -14.06 23.29
C LEU J 26 -2.04 -14.00 23.96
N ILE J 27 -1.66 -12.82 24.45
CA ILE J 27 -0.39 -12.67 25.12
C ILE J 27 -0.33 -13.55 26.36
N GLU J 28 -1.38 -13.52 27.18
CA GLU J 28 -1.39 -14.35 28.37
C GLU J 28 -1.39 -15.83 28.02
N ILE J 29 -2.18 -16.21 27.01
CA ILE J 29 -2.23 -17.61 26.62
C ILE J 29 -0.84 -18.10 26.24
N ASN J 30 -0.12 -17.33 25.44
CA ASN J 30 1.21 -17.76 25.06
C ASN J 30 2.23 -17.55 26.17
N ARG J 31 1.88 -16.78 27.19
CA ARG J 31 2.74 -16.71 28.37
C ARG J 31 2.58 -17.93 29.25
N PHE J 32 1.44 -18.62 29.19
CA PHE J 32 1.28 -19.83 29.98
C PHE J 32 1.68 -21.09 29.22
N PHE J 33 1.39 -21.14 27.93
CA PHE J 33 1.68 -22.30 27.09
C PHE J 33 2.61 -21.89 25.96
N PRO J 34 3.86 -21.56 26.27
CA PRO J 34 4.74 -20.98 25.26
C PRO J 34 5.33 -22.04 24.34
N ASP J 35 5.85 -21.56 23.21
CA ASP J 35 6.50 -22.42 22.18
C ASP J 35 5.58 -23.59 21.84
N ALA J 36 4.39 -23.30 21.28
CA ALA J 36 3.44 -24.37 20.93
C ALA J 36 3.31 -24.54 19.41
N LEU J 37 3.92 -25.59 18.86
CA LEU J 37 3.85 -25.87 17.41
C LEU J 37 2.70 -26.84 17.09
N THR J 38 2.06 -27.40 18.13
CA THR J 38 0.97 -28.39 17.91
C THR J 38 -0.04 -28.38 19.07
N PHE J 39 -1.06 -29.24 18.98
CA PHE J 39 -2.09 -29.41 19.99
C PHE J 39 -1.86 -30.73 20.68
N PRO J 40 -1.20 -30.74 21.84
CA PRO J 40 -0.70 -32.00 22.42
C PRO J 40 -1.63 -32.67 23.42
N PHE J 41 -2.84 -32.16 23.61
CA PHE J 41 -3.71 -32.72 24.63
C PHE J 41 -4.45 -33.95 24.13
N PHE J 42 -5.11 -33.83 22.98
CA PHE J 42 -5.83 -34.95 22.40
C PHE J 42 -6.02 -34.77 20.91
N PHE K 1 35.27 55.59 42.30
CA PHE K 1 34.76 54.97 41.06
C PHE K 1 33.60 55.80 40.50
N ILE K 2 33.26 56.90 41.20
CA ILE K 2 32.13 57.77 40.74
C ILE K 2 32.70 59.12 40.29
N GLY K 3 32.43 59.51 39.03
CA GLY K 3 32.89 60.79 38.48
C GLY K 3 34.38 60.81 38.17
N SER K 4 35.03 59.64 38.09
CA SER K 4 36.49 59.59 37.81
C SER K 4 36.80 58.64 36.65
N PRO K 5 36.43 57.34 36.73
CA PRO K 5 36.73 56.37 35.67
C PRO K 5 35.76 56.41 34.47
N THR K 6 35.02 55.32 34.28
CA THR K 6 34.06 55.18 33.14
C THR K 6 32.69 55.78 33.52
N ASN K 7 32.54 56.22 34.77
CA ASN K 7 31.26 56.81 35.24
C ASN K 7 30.96 58.08 34.41
N LEU K 8 31.97 58.90 34.16
CA LEU K 8 31.78 60.16 33.38
C LEU K 8 31.33 59.82 31.96
N ILE K 9 31.95 58.81 31.33
CA ILE K 9 31.60 58.40 29.93
C ILE K 9 30.15 57.90 29.90
N MET K 10 29.77 57.08 30.88
CA MET K 10 28.38 56.53 30.93
C MET K 10 27.38 57.66 31.13
N VAL K 11 27.71 58.63 31.98
CA VAL K 11 26.81 59.78 32.29
C VAL K 11 26.67 60.66 31.04
N THR K 12 27.79 61.14 30.49
CA THR K 12 27.74 62.04 29.31
C THR K 12 26.93 61.39 28.18
N SER K 13 27.10 60.08 27.99
CA SER K 13 26.37 59.33 26.92
C SER K 13 24.86 59.34 27.21
N THR K 14 24.46 58.79 28.36
CA THR K 14 23.05 58.72 28.72
C THR K 14 22.44 60.11 28.85
N SER K 15 23.11 60.97 29.63
CA SER K 15 22.67 62.36 29.82
C SER K 15 22.43 63.04 28.49
N LEU K 16 23.41 63.00 27.58
CA LEU K 16 23.23 63.64 26.28
C LEU K 16 22.08 63.02 25.51
N MET K 17 21.92 61.69 25.61
CA MET K 17 20.88 61.00 24.87
C MET K 17 19.50 61.46 25.29
N LEU K 18 19.23 61.48 26.59
CA LEU K 18 17.88 61.89 27.00
C LEU K 18 17.72 63.40 27.01
N PHE K 19 18.81 64.17 27.05
CA PHE K 19 18.71 65.60 26.76
C PHE K 19 18.21 65.81 25.35
N ALA K 20 18.74 65.05 24.38
CA ALA K 20 18.20 65.09 23.04
C ALA K 20 16.74 64.66 23.04
N GLY K 21 16.45 63.51 23.66
CA GLY K 21 15.11 62.95 23.57
C GLY K 21 14.03 63.87 24.10
N ARG K 22 14.27 64.54 25.23
CA ARG K 22 13.26 65.41 25.81
C ARG K 22 12.93 66.56 24.87
N PHE K 23 13.95 67.23 24.36
CA PHE K 23 13.79 68.25 23.34
C PHE K 23 13.62 67.56 22.00
N GLY K 24 13.88 68.26 20.90
CA GLY K 24 13.72 67.65 19.60
C GLY K 24 14.93 66.78 19.37
N LEU K 25 15.74 67.03 18.35
CA LEU K 25 17.05 66.43 18.22
C LEU K 25 17.00 64.91 18.09
N ALA K 26 15.83 64.29 18.13
CA ALA K 26 15.73 62.84 18.19
C ALA K 26 14.26 62.42 18.10
N PRO K 27 13.98 61.22 17.61
CA PRO K 27 12.61 60.72 17.64
C PRO K 27 12.07 60.63 19.06
N SER K 28 10.77 60.82 19.19
CA SER K 28 10.10 61.02 20.47
C SER K 28 9.13 59.88 20.73
N ALA K 29 8.29 60.07 21.75
CA ALA K 29 7.02 59.36 21.83
C ALA K 29 5.91 60.15 21.15
N ASN K 30 6.11 61.47 21.07
CA ASN K 30 5.15 62.40 20.42
C ASN K 30 5.68 62.79 19.04
N ARG K 31 6.94 62.42 18.74
CA ARG K 31 7.53 62.76 17.41
C ARG K 31 7.76 61.48 16.61
N LYS K 32 7.09 61.37 15.45
CA LYS K 32 7.24 60.20 14.53
C LYS K 32 8.47 60.43 13.65
N ALA K 33 8.95 59.40 12.96
CA ALA K 33 10.12 59.56 12.08
C ALA K 33 9.71 59.41 10.61
N THR K 34 10.03 60.41 9.78
CA THR K 34 9.70 60.35 8.33
C THR K 34 10.70 59.44 7.63
N ALA K 35 11.91 59.95 7.39
CA ALA K 35 12.97 59.14 6.78
C ALA K 35 14.28 59.34 7.52
N GLY K 36 14.21 59.66 8.81
CA GLY K 36 15.39 60.12 9.52
C GLY K 36 15.79 61.53 9.16
N LEU K 37 14.96 62.25 8.41
CA LEU K 37 15.20 63.66 8.08
C LEU K 37 14.23 64.58 8.81
N LYS K 38 12.93 64.30 8.71
CA LYS K 38 11.91 65.18 9.35
C LYS K 38 11.12 64.40 10.40
N LEU K 39 10.58 65.11 11.40
CA LEU K 39 9.78 64.46 12.46
C LEU K 39 8.43 65.17 12.61
N GLU K 40 7.32 64.42 12.47
CA GLU K 40 5.96 64.97 12.62
C GLU K 40 5.58 64.98 14.11
N ALA K 41 4.54 65.73 14.48
CA ALA K 41 4.08 65.79 15.90
C ALA K 41 2.79 64.98 16.05
N ARG K 42 2.75 64.06 17.02
CA ARG K 42 1.56 63.20 17.23
C ARG K 42 1.29 63.02 18.73
N ASP K 43 0.07 62.60 19.07
CA ASP K 43 -0.35 62.35 20.45
C ASP K 43 -0.51 60.84 20.61
N SER K 44 0.37 60.26 21.42
CA SER K 44 0.36 58.82 21.67
C SER K 44 -0.77 58.39 22.61
N GLY K 45 -1.55 59.36 23.10
CA GLY K 45 -2.67 59.03 24.01
C GLY K 45 -2.28 59.06 25.48
N LEU K 46 -1.18 58.40 25.86
CA LEU K 46 -0.77 58.37 27.30
C LEU K 46 -0.50 59.79 27.78
N GLN K 47 -0.94 60.11 29.00
CA GLN K 47 -0.78 61.48 29.58
C GLN K 47 0.66 61.67 30.08
N THR K 48 1.15 62.91 29.88
CA THR K 48 2.45 63.45 30.23
C THR K 48 2.27 64.48 31.34
N GLY K 49 3.33 64.70 32.09
CA GLY K 49 3.35 65.82 33.01
C GLY K 49 4.24 66.90 32.46
N ASP K 50 5.30 66.47 31.77
CA ASP K 50 6.31 67.40 31.30
C ASP K 50 5.73 68.37 30.28
N PRO K 51 6.14 69.64 30.32
CA PRO K 51 5.59 70.61 29.37
C PRO K 51 5.90 70.29 27.91
N ALA K 52 7.05 69.68 27.62
CA ALA K 52 7.42 69.39 26.24
C ALA K 52 6.90 68.05 25.74
N GLY K 53 5.94 67.46 26.45
CA GLY K 53 5.40 66.18 26.03
C GLY K 53 6.36 65.03 26.21
N PHE K 54 7.05 64.98 27.35
CA PHE K 54 8.03 63.93 27.64
C PHE K 54 7.35 62.90 28.54
N THR K 55 6.97 61.77 27.96
CA THR K 55 6.29 60.72 28.70
C THR K 55 7.29 59.70 29.24
N LEU K 56 6.77 58.75 30.03
CA LEU K 56 7.66 57.77 30.64
C LEU K 56 8.21 56.80 29.61
N ALA K 57 7.41 56.43 28.62
CA ALA K 57 7.95 55.60 27.55
C ALA K 57 9.17 56.26 26.92
N ASP K 58 9.12 57.58 26.75
CA ASP K 58 10.23 58.31 26.15
C ASP K 58 11.46 58.28 27.05
N THR K 59 11.28 58.59 28.35
CA THR K 59 12.42 58.59 29.26
C THR K 59 13.10 57.22 29.28
N LEU K 60 12.30 56.15 29.36
CA LEU K 60 12.88 54.82 29.40
C LEU K 60 13.58 54.48 28.09
N ALA K 61 12.96 54.82 26.95
CA ALA K 61 13.54 54.48 25.66
C ALA K 61 14.90 55.14 25.47
N CYS K 62 14.95 56.47 25.61
CA CYS K 62 16.22 57.13 25.36
C CYS K 62 17.23 56.84 26.45
N GLY K 63 16.79 56.61 27.69
CA GLY K 63 17.72 56.14 28.71
C GLY K 63 18.38 54.83 28.32
N VAL K 64 17.59 53.89 27.82
CA VAL K 64 18.12 52.58 27.42
C VAL K 64 19.13 52.76 26.30
N VAL K 65 18.75 53.50 25.25
CA VAL K 65 19.65 53.54 24.10
C VAL K 65 20.89 54.37 24.42
N GLY K 66 20.77 55.36 25.31
CA GLY K 66 21.96 56.06 25.78
C GLY K 66 22.86 55.15 26.58
N HIS K 67 22.27 54.29 27.40
CA HIS K 67 23.06 53.29 28.12
C HIS K 67 23.81 52.39 27.14
N ILE K 68 23.18 52.04 26.04
CA ILE K 68 23.82 51.08 25.15
C ILE K 68 24.95 51.74 24.37
N ILE K 69 24.75 52.98 23.93
CA ILE K 69 25.83 53.66 23.23
C ILE K 69 26.98 53.94 24.20
N GLY K 70 26.64 54.20 25.46
CA GLY K 70 27.64 54.40 26.52
C GLY K 70 28.44 53.12 26.75
N VAL K 71 27.76 51.98 26.78
CA VAL K 71 28.39 50.67 26.95
C VAL K 71 29.34 50.39 25.81
N GLY K 72 28.87 50.63 24.58
CA GLY K 72 29.71 50.39 23.41
C GLY K 72 30.97 51.21 23.42
N VAL K 73 30.81 52.53 23.62
CA VAL K 73 31.96 53.48 23.63
C VAL K 73 32.95 53.06 24.73
N VAL K 74 32.43 52.77 25.93
CA VAL K 74 33.26 52.39 27.11
C VAL K 74 34.07 51.13 26.79
N LEU K 75 33.41 50.06 26.32
CA LEU K 75 34.08 48.80 26.05
C LEU K 75 35.09 48.94 24.93
N GLY K 76 34.75 49.68 23.88
CA GLY K 76 35.70 49.86 22.79
C GLY K 76 36.94 50.62 23.23
N LEU K 77 36.75 51.74 23.92
CA LEU K 77 37.88 52.53 24.38
C LEU K 77 38.77 51.72 25.32
N LYS K 78 38.17 50.98 26.25
CA LYS K 78 38.95 50.15 27.15
C LYS K 78 39.55 48.93 26.45
N ASN K 79 39.07 48.59 25.26
CA ASN K 79 39.64 47.49 24.52
C ASN K 79 40.81 47.90 23.64
N ILE K 80 40.85 49.15 23.17
CA ILE K 80 42.01 49.62 22.42
C ILE K 80 42.86 50.62 23.19
N GLY K 81 42.41 51.12 24.33
CA GLY K 81 43.22 52.04 25.11
C GLY K 81 42.47 53.21 25.72
N TYR L 1 7.79 55.96 -12.52
CA TYR L 1 8.46 55.40 -13.68
C TYR L 1 8.55 53.88 -13.59
N GLN L 2 8.25 53.20 -14.69
CA GLN L 2 8.32 51.75 -14.74
C GLN L 2 9.16 51.31 -15.93
N VAL L 3 9.88 50.21 -15.74
CA VAL L 3 10.83 49.72 -16.80
C VAL L 3 10.15 48.69 -17.70
N VAL L 4 9.48 47.71 -17.12
CA VAL L 4 8.83 46.62 -17.92
C VAL L 4 7.50 47.12 -18.50
N GLN L 5 7.37 47.08 -19.82
CA GLN L 5 6.17 47.49 -20.53
C GLN L 5 5.64 46.33 -21.37
N PRO L 6 4.36 46.34 -21.71
CA PRO L 6 3.86 45.34 -22.66
C PRO L 6 4.48 45.55 -24.02
N ILE L 7 4.41 44.51 -24.85
CA ILE L 7 5.11 44.56 -26.13
C ILE L 7 4.43 45.59 -27.03
N ASN L 8 5.26 46.55 -27.50
CA ASN L 8 4.81 47.64 -28.41
C ASN L 8 3.61 48.36 -27.79
N GLY L 9 3.39 48.14 -26.49
CA GLY L 9 2.26 48.76 -25.77
C GLY L 9 0.99 47.92 -25.86
N ASP L 10 1.08 46.78 -26.55
CA ASP L 10 -0.08 45.85 -26.68
C ASP L 10 -0.04 44.88 -25.50
N PRO L 11 -0.94 45.01 -24.50
CA PRO L 11 -0.90 44.15 -23.32
C PRO L 11 -1.60 42.80 -23.49
N PHE L 12 -1.96 42.41 -24.72
CA PHE L 12 -2.63 41.13 -24.86
C PHE L 12 -1.89 40.20 -25.81
N ILE L 13 -0.65 40.51 -26.14
CA ILE L 13 0.24 39.60 -26.85
C ILE L 13 1.15 38.94 -25.83
N GLY L 14 1.34 37.63 -25.96
CA GLY L 14 1.99 36.86 -24.93
C GLY L 14 3.49 37.07 -24.82
N SER L 15 3.89 38.25 -24.37
CA SER L 15 5.30 38.57 -24.11
C SER L 15 5.37 39.92 -23.42
N LEU L 16 6.57 40.31 -23.02
CA LEU L 16 6.79 41.57 -22.35
C LEU L 16 8.00 42.27 -22.96
N GLU L 17 8.24 43.49 -22.49
CA GLU L 17 9.38 44.29 -22.91
C GLU L 17 10.22 44.62 -21.69
N THR L 18 11.41 44.04 -21.60
CA THR L 18 12.27 44.26 -20.41
C THR L 18 13.67 44.70 -20.85
N PRO L 19 14.65 44.81 -19.94
CA PRO L 19 16.00 45.20 -20.32
C PRO L 19 16.62 44.12 -21.21
N VAL L 20 16.66 42.86 -20.73
CA VAL L 20 17.30 41.79 -21.55
C VAL L 20 16.54 41.68 -22.88
N THR L 21 15.21 41.66 -22.84
CA THR L 21 14.41 41.54 -24.10
C THR L 21 14.49 42.79 -24.97
N SER L 22 14.39 44.00 -24.39
CA SER L 22 14.37 45.21 -25.26
C SER L 22 15.09 46.44 -24.69
N SER L 23 16.41 46.38 -24.48
CA SER L 23 17.21 47.59 -24.13
C SER L 23 18.06 47.85 -25.37
N PRO L 24 18.36 49.22 -25.91
CA PRO L 24 19.01 49.76 -27.09
C PRO L 24 20.19 48.96 -27.61
N LEU L 25 21.20 48.72 -26.77
CA LEU L 25 22.39 48.06 -27.27
C LEU L 25 22.11 46.61 -27.63
N VAL L 26 21.33 45.92 -26.77
CA VAL L 26 21.03 44.47 -26.97
C VAL L 26 20.15 44.30 -28.23
N ALA L 27 19.30 45.28 -28.53
CA ALA L 27 18.51 45.26 -29.76
C ALA L 27 19.40 45.47 -30.97
N TRP L 28 20.29 46.46 -30.88
CA TRP L 28 21.24 46.76 -31.98
C TRP L 28 22.09 45.52 -32.26
N TYR L 29 22.62 44.92 -31.19
CA TYR L 29 23.48 43.71 -31.33
C TYR L 29 22.72 42.59 -32.02
N LEU L 30 21.56 42.22 -31.48
CA LEU L 30 20.79 41.13 -32.06
C LEU L 30 20.44 41.41 -33.50
N SER L 31 20.13 42.68 -33.83
CA SER L 31 19.78 43.00 -35.20
C SER L 31 20.98 42.90 -36.13
N ASN L 32 22.18 43.10 -35.61
CA ASN L 32 23.38 43.08 -36.43
C ASN L 32 23.95 41.68 -36.63
N LEU L 33 23.11 40.65 -36.41
CA LEU L 33 23.56 39.24 -36.58
C LEU L 33 23.11 38.74 -37.95
N PRO L 34 23.86 37.84 -38.62
CA PRO L 34 23.50 37.31 -39.93
C PRO L 34 22.04 36.81 -39.98
N GLY L 35 21.66 36.02 -38.97
CA GLY L 35 20.29 35.47 -38.87
C GLY L 35 19.23 36.56 -38.99
N TYR L 36 19.50 37.74 -38.43
CA TYR L 36 18.52 38.82 -38.46
C TYR L 36 18.85 39.87 -39.50
N ARG L 37 19.78 39.56 -40.40
CA ARG L 37 20.10 40.46 -41.54
C ARG L 37 19.11 40.06 -42.63
N THR L 38 17.92 40.65 -42.61
CA THR L 38 16.85 40.18 -43.48
C THR L 38 17.10 40.56 -44.93
N ALA L 39 17.64 41.76 -45.17
CA ALA L 39 17.77 42.28 -46.52
C ALA L 39 19.05 41.82 -47.21
N VAL L 40 19.69 40.80 -46.65
CA VAL L 40 20.99 40.31 -47.22
C VAL L 40 20.76 38.93 -47.86
N ASN L 41 21.46 38.66 -48.97
CA ASN L 41 21.39 37.37 -49.64
C ASN L 41 21.69 36.26 -48.64
N PRO L 42 20.91 35.19 -48.61
CA PRO L 42 21.08 34.18 -47.55
C PRO L 42 22.40 33.46 -47.60
N LEU L 43 23.03 33.37 -48.78
CA LEU L 43 24.27 32.60 -48.88
C LEU L 43 25.38 33.23 -48.05
N LEU L 44 25.50 34.55 -48.09
CA LEU L 44 26.58 35.21 -47.37
C LEU L 44 26.36 35.13 -45.86
N ARG L 45 25.12 35.26 -45.42
CA ARG L 45 24.81 35.06 -44.02
C ARG L 45 25.17 33.65 -43.57
N GLY L 46 24.79 32.65 -44.38
CA GLY L 46 25.19 31.28 -44.07
C GLY L 46 26.69 31.13 -44.00
N ILE L 47 27.42 31.81 -44.89
CA ILE L 47 28.87 31.74 -44.88
C ILE L 47 29.42 32.23 -43.55
N GLU L 48 29.05 33.45 -43.19
CA GLU L 48 29.51 34.07 -41.92
C GLU L 48 29.17 33.13 -40.75
N VAL L 49 27.90 32.71 -40.67
CA VAL L 49 27.44 31.79 -39.58
C VAL L 49 28.26 30.50 -39.62
N GLY L 50 28.34 29.85 -40.79
CA GLY L 50 29.05 28.56 -40.89
C GLY L 50 30.51 28.67 -40.49
N LEU L 51 31.19 29.75 -40.92
CA LEU L 51 32.62 29.94 -40.58
C LEU L 51 32.79 30.06 -39.06
N ALA L 52 31.93 30.86 -38.42
CA ALA L 52 32.03 31.06 -36.96
C ALA L 52 31.75 29.75 -36.21
N HIS L 53 30.70 29.04 -36.61
CA HIS L 53 30.34 27.76 -35.93
C HIS L 53 31.44 26.71 -36.16
N GLY L 54 31.94 26.59 -37.39
CA GLY L 54 33.00 25.61 -37.71
C GLY L 54 34.24 25.81 -36.86
N PHE L 55 34.71 27.06 -36.77
CA PHE L 55 35.91 27.43 -35.97
C PHE L 55 35.71 26.99 -34.51
N LEU L 56 34.52 27.26 -33.96
CA LEU L 56 34.15 26.94 -32.56
C LEU L 56 34.24 25.44 -32.31
N LEU L 57 33.62 24.63 -33.18
CA LEU L 57 33.54 23.15 -33.00
C LEU L 57 34.94 22.51 -32.84
N VAL L 58 35.99 23.16 -33.32
CA VAL L 58 37.37 22.57 -33.20
C VAL L 58 37.87 22.69 -31.76
N GLY L 59 37.61 23.83 -31.10
CA GLY L 59 38.07 24.09 -29.72
C GLY L 59 37.89 22.93 -28.76
N PRO L 60 36.66 22.56 -28.35
CA PRO L 60 36.44 21.49 -27.38
C PRO L 60 36.72 20.05 -27.83
N PHE L 61 36.32 19.71 -29.06
CA PHE L 61 36.50 18.33 -29.61
C PHE L 61 37.95 17.85 -29.40
N VAL L 62 38.91 18.64 -29.86
CA VAL L 62 40.35 18.27 -29.78
C VAL L 62 40.82 18.14 -28.32
N LYS L 63 40.63 19.20 -27.52
CA LYS L 63 41.11 19.25 -26.11
C LYS L 63 40.40 18.21 -25.23
N ALA L 64 39.10 18.03 -25.39
CA ALA L 64 38.35 17.09 -24.52
C ALA L 64 38.24 15.69 -25.13
N GLY L 65 38.79 15.47 -26.33
CA GLY L 65 38.68 14.16 -27.02
C GLY L 65 39.48 13.02 -26.39
N PRO L 66 39.29 11.76 -26.86
CA PRO L 66 40.01 10.61 -26.32
C PRO L 66 41.47 10.53 -26.79
N LEU L 67 41.83 11.30 -27.82
CA LEU L 67 43.23 11.28 -28.34
C LEU L 67 43.93 12.58 -27.96
N ARG L 68 43.44 13.29 -26.94
CA ARG L 68 44.05 14.58 -26.54
C ARG L 68 45.54 14.38 -26.22
N ASN L 69 45.88 13.33 -25.46
CA ASN L 69 47.28 13.02 -25.06
C ASN L 69 48.12 12.61 -26.27
N THR L 70 47.49 11.93 -27.24
CA THR L 70 48.20 11.48 -28.48
C THR L 70 48.63 12.68 -29.34
N GLU L 71 49.67 12.48 -30.16
CA GLU L 71 50.25 13.51 -31.07
C GLU L 71 49.31 13.90 -32.21
N ILE L 72 48.33 13.03 -32.53
CA ILE L 72 47.35 13.28 -33.62
C ILE L 72 46.09 13.92 -33.02
N ALA L 73 46.21 14.47 -31.80
CA ALA L 73 45.07 15.11 -31.12
C ALA L 73 44.44 16.15 -32.06
N GLY L 74 45.26 17.06 -32.59
CA GLY L 74 44.77 18.10 -33.52
C GLY L 74 44.10 17.48 -34.74
N GLN L 75 44.79 16.57 -35.42
CA GLN L 75 44.22 15.91 -36.63
C GLN L 75 42.89 15.25 -36.26
N ALA L 76 42.89 14.46 -35.18
CA ALA L 76 41.71 13.68 -34.74
C ALA L 76 40.54 14.62 -34.40
N GLY L 77 40.73 15.52 -33.44
CA GLY L 77 39.62 16.41 -33.01
C GLY L 77 39.11 17.24 -34.16
N SER L 78 40.00 17.77 -35.00
CA SER L 78 39.56 18.58 -36.17
C SER L 78 38.68 17.72 -37.07
N LEU L 79 39.09 16.46 -37.31
CA LEU L 79 38.31 15.53 -38.15
C LEU L 79 36.94 15.33 -37.50
N ALA L 80 36.90 15.18 -36.17
CA ALA L 80 35.61 14.99 -35.46
C ALA L 80 34.73 16.23 -35.71
N ALA L 81 35.31 17.44 -35.67
CA ALA L 81 34.54 18.67 -35.92
C ALA L 81 33.97 18.61 -37.34
N GLY L 82 34.78 18.15 -38.31
CA GLY L 82 34.31 18.03 -39.70
C GLY L 82 33.13 17.08 -39.77
N GLY L 83 33.18 15.96 -39.03
CA GLY L 83 32.07 15.00 -38.99
C GLY L 83 30.83 15.65 -38.40
N LEU L 84 31.01 16.46 -37.35
CA LEU L 84 29.86 17.12 -36.68
C LEU L 84 29.27 18.18 -37.60
N VAL L 85 30.12 19.06 -38.16
CA VAL L 85 29.58 20.14 -39.05
C VAL L 85 28.79 19.48 -40.19
N VAL L 86 29.31 18.41 -40.78
CA VAL L 86 28.60 17.73 -41.90
C VAL L 86 27.24 17.24 -41.38
N ILE L 87 27.22 16.65 -40.18
CA ILE L 87 25.94 16.14 -39.59
C ILE L 87 24.98 17.33 -39.43
N LEU L 88 25.49 18.48 -38.97
CA LEU L 88 24.63 19.69 -38.79
C LEU L 88 24.06 20.07 -40.16
N SER L 89 24.87 20.01 -41.22
CA SER L 89 24.39 20.36 -42.58
C SER L 89 23.26 19.39 -42.96
N ILE L 90 23.42 18.10 -42.65
CA ILE L 90 22.37 17.08 -42.97
C ILE L 90 21.08 17.47 -42.22
N CYS L 91 21.22 17.89 -40.96
CA CYS L 91 20.04 18.31 -40.16
C CYS L 91 19.39 19.54 -40.82
N LEU L 92 20.22 20.46 -41.32
CA LEU L 92 19.76 21.72 -41.96
C LEU L 92 19.11 21.42 -43.30
N THR L 93 19.76 20.61 -44.15
CA THR L 93 19.17 20.35 -45.45
C THR L 93 17.84 19.62 -45.31
N ILE L 94 17.75 18.61 -44.44
CA ILE L 94 16.49 17.90 -44.34
C ILE L 94 15.43 18.77 -43.70
N TYR L 95 15.82 19.68 -42.79
CA TYR L 95 14.86 20.63 -42.26
C TYR L 95 14.30 21.50 -43.37
N GLY L 96 15.19 22.09 -44.16
CA GLY L 96 14.73 22.93 -45.25
C GLY L 96 13.86 22.18 -46.25
N ILE L 97 14.19 20.92 -46.48
CA ILE L 97 13.39 20.13 -47.42
C ILE L 97 12.01 19.88 -46.85
N SER L 98 11.92 19.58 -45.56
CA SER L 98 10.63 19.20 -44.99
C SER L 98 9.74 20.42 -44.81
N SER L 99 10.30 21.56 -44.44
CA SER L 99 9.47 22.68 -44.01
C SER L 99 9.16 23.70 -45.09
N PHE L 100 9.76 23.58 -46.29
CA PHE L 100 9.57 24.58 -47.32
C PHE L 100 9.25 23.92 -48.65
N ASN L 101 8.66 24.72 -49.54
CA ASN L 101 8.39 24.31 -50.92
C ASN L 101 8.61 25.50 -51.82
N GLU L 102 9.07 25.23 -53.05
CA GLU L 102 9.52 26.31 -53.92
C GLU L 102 8.38 27.24 -54.30
N GLY L 103 7.22 26.69 -54.59
CA GLY L 103 6.12 27.50 -55.07
C GLY L 103 5.47 28.37 -54.01
N ASP L 104 6.01 28.34 -52.79
CA ASP L 104 5.36 29.02 -51.69
C ASP L 104 6.15 30.25 -51.26
N PRO L 105 5.48 31.27 -50.72
CA PRO L 105 6.18 32.49 -50.31
C PRO L 105 6.87 32.31 -48.96
N SER L 106 7.48 33.39 -48.49
CA SER L 106 8.22 33.36 -47.25
C SER L 106 7.27 33.40 -46.06
N THR L 107 7.51 32.53 -45.08
CA THR L 107 6.73 32.51 -43.86
C THR L 107 7.14 33.58 -42.86
N ALA L 108 8.19 34.33 -43.15
CA ALA L 108 8.65 35.37 -42.24
C ALA L 108 7.60 36.47 -42.15
N PRO L 109 7.59 37.23 -41.05
CA PRO L 109 6.64 38.33 -40.91
C PRO L 109 6.91 39.44 -41.91
N SER L 110 5.83 40.12 -42.30
CA SER L 110 5.91 41.22 -43.24
C SER L 110 6.01 42.57 -42.55
N LEU L 111 5.64 42.66 -41.28
CA LEU L 111 5.60 43.91 -40.54
C LEU L 111 6.87 44.08 -39.72
N THR L 112 7.26 45.34 -39.53
CA THR L 112 8.36 45.65 -38.66
C THR L 112 7.81 46.01 -37.28
N LEU L 113 8.67 46.52 -36.40
CA LEU L 113 8.25 46.85 -35.04
C LEU L 113 7.47 48.14 -34.96
N THR L 114 7.33 48.86 -36.07
CA THR L 114 6.59 50.12 -36.09
C THR L 114 5.29 50.04 -36.86
N GLY L 115 5.01 48.92 -37.50
CA GLY L 115 3.81 48.80 -38.30
C GLY L 115 3.97 49.16 -39.76
N ARG L 116 5.20 49.22 -40.27
CA ARG L 116 5.44 49.49 -41.67
C ARG L 116 5.60 48.18 -42.43
N LYS L 117 5.21 48.22 -43.70
CA LYS L 117 5.45 47.08 -44.56
C LYS L 117 6.95 46.87 -44.76
N LYS L 118 7.30 45.65 -45.12
CA LYS L 118 8.68 45.32 -45.45
C LYS L 118 8.68 44.00 -46.20
N GLN L 119 9.66 43.83 -47.06
CA GLN L 119 9.75 42.60 -47.84
C GLN L 119 9.95 41.42 -46.91
N PRO L 120 9.14 40.38 -47.00
CA PRO L 120 9.34 39.21 -46.15
C PRO L 120 10.71 38.61 -46.36
N ASP L 121 11.34 38.23 -45.26
CA ASP L 121 12.71 37.73 -45.29
C ASP L 121 12.81 36.47 -46.13
N GLN L 122 13.68 36.51 -47.14
CA GLN L 122 13.78 35.43 -48.12
C GLN L 122 14.45 34.18 -47.56
N LEU L 123 15.06 34.26 -46.38
CA LEU L 123 15.69 33.07 -45.81
C LEU L 123 14.66 32.01 -45.49
N GLN L 124 13.40 32.39 -45.28
CA GLN L 124 12.35 31.46 -44.92
C GLN L 124 11.66 30.84 -46.12
N THR L 125 12.25 30.95 -47.30
CA THR L 125 11.69 30.31 -48.49
C THR L 125 12.32 28.94 -48.65
N ALA L 126 12.10 28.31 -49.79
CA ALA L 126 12.74 27.03 -50.05
C ALA L 126 14.17 27.21 -50.51
N ASP L 127 14.38 27.90 -51.64
CA ASP L 127 15.73 28.07 -52.13
C ASP L 127 16.49 29.16 -51.38
N GLY L 128 15.81 30.06 -50.69
CA GLY L 128 16.53 30.92 -49.77
C GLY L 128 17.21 30.10 -48.70
N TRP L 129 16.45 29.18 -48.12
CA TRP L 129 17.02 28.30 -47.11
C TRP L 129 18.08 27.39 -47.70
N ALA L 130 17.89 26.96 -48.95
CA ALA L 130 18.90 26.12 -49.59
C ALA L 130 20.22 26.86 -49.78
N LYS L 131 20.14 28.11 -50.26
CA LYS L 131 21.34 28.92 -50.38
C LYS L 131 22.00 29.13 -49.02
N PHE L 132 21.18 29.35 -48.00
CA PHE L 132 21.74 29.56 -46.66
C PHE L 132 22.45 28.33 -46.15
N THR L 133 21.86 27.14 -46.31
CA THR L 133 22.53 25.95 -45.79
C THR L 133 23.75 25.60 -46.61
N GLY L 134 23.74 25.84 -47.92
CA GLY L 134 24.95 25.65 -48.70
C GLY L 134 26.08 26.54 -48.20
N GLY L 135 25.79 27.83 -48.02
CA GLY L 135 26.78 28.72 -47.46
C GLY L 135 27.24 28.28 -46.09
N PHE L 136 26.30 27.81 -45.27
CA PHE L 136 26.63 27.37 -43.89
C PHE L 136 27.64 26.21 -43.94
N PHE L 137 27.37 25.20 -44.76
CA PHE L 137 28.26 24.03 -44.81
C PHE L 137 29.63 24.40 -45.34
N PHE L 138 29.65 25.19 -46.42
CA PHE L 138 30.92 25.65 -47.02
C PHE L 138 31.70 26.42 -45.95
N GLY L 139 31.02 27.34 -45.26
CA GLY L 139 31.65 28.12 -44.19
C GLY L 139 32.09 27.24 -43.04
N GLY L 140 31.26 26.26 -42.67
CA GLY L 140 31.59 25.37 -41.53
C GLY L 140 32.85 24.56 -41.77
N ILE L 141 32.98 23.95 -42.95
CA ILE L 141 34.21 23.16 -43.25
C ILE L 141 35.41 24.12 -43.31
N SER L 142 35.19 25.31 -43.88
CA SER L 142 36.24 26.35 -44.00
C SER L 142 36.66 26.81 -42.60
N GLY L 143 35.69 26.99 -41.70
CA GLY L 143 36.02 27.40 -40.32
C GLY L 143 36.85 26.35 -39.60
N VAL L 144 36.42 25.09 -39.70
CA VAL L 144 37.14 23.95 -39.05
C VAL L 144 38.57 23.92 -39.60
N THR L 145 38.71 24.01 -40.92
CA THR L 145 40.06 23.97 -41.56
C THR L 145 40.89 25.15 -41.09
N TRP L 146 40.29 26.35 -41.07
CA TRP L 146 41.03 27.57 -40.61
C TRP L 146 41.53 27.37 -39.18
N ALA L 147 40.63 26.99 -38.27
CA ALA L 147 41.01 26.76 -36.86
C ALA L 147 42.03 25.62 -36.79
N PHE L 148 41.83 24.58 -37.59
CA PHE L 148 42.73 23.39 -37.62
C PHE L 148 44.09 23.74 -38.25
N PHE L 149 44.13 24.74 -39.12
CA PHE L 149 45.38 25.25 -39.74
C PHE L 149 46.22 26.06 -38.75
N LEU L 150 45.55 26.94 -38.00
CA LEU L 150 46.18 27.85 -37.01
C LEU L 150 47.12 27.05 -36.10
N LEU L 151 46.57 26.20 -35.24
CA LEU L 151 47.37 25.34 -34.31
C LEU L 151 47.85 24.10 -35.07
N TYR L 152 48.88 23.42 -34.55
CA TYR L 152 49.47 22.15 -35.08
C TYR L 152 50.24 22.35 -36.39
N VAL L 153 49.59 22.82 -37.47
CA VAL L 153 50.29 23.08 -38.77
C VAL L 153 51.31 24.19 -38.52
N LEU L 154 50.89 25.21 -37.76
CA LEU L 154 51.75 26.35 -37.36
C LEU L 154 51.85 26.28 -35.83
N ASP L 155 53.02 26.59 -35.26
CA ASP L 155 53.18 26.52 -33.78
C ASP L 155 52.12 27.39 -33.10
N LEU L 156 52.15 28.71 -33.44
CA LEU L 156 51.43 29.95 -33.04
C LEU L 156 51.07 29.88 -31.58
N PRO L 157 51.80 30.62 -30.48
CA PRO L 157 51.74 30.53 -29.02
C PRO L 157 50.32 30.72 -28.47
N TYR L 158 49.77 29.66 -27.85
CA TYR L 158 48.41 29.72 -27.27
C TYR L 158 48.45 29.27 -25.81
N PHE L 159 47.36 29.37 -25.11
CA PHE L 159 47.23 29.04 -23.66
C PHE L 159 48.40 29.67 -22.89
N ASP M 1 -42.71 -49.89 -3.85
CA ASP M 1 -41.89 -48.73 -3.57
C ASP M 1 -40.58 -49.14 -2.93
N TRP M 2 -39.48 -48.55 -3.42
CA TRP M 2 -38.12 -48.88 -2.93
C TRP M 2 -37.90 -48.41 -1.49
N MET M 3 -38.72 -47.47 -1.00
CA MET M 3 -38.53 -46.98 0.35
C MET M 3 -39.87 -46.46 0.86
N PRO M 4 -40.63 -47.29 1.57
CA PRO M 4 -41.93 -46.86 2.06
C PRO M 4 -41.85 -45.51 2.76
N GLY M 5 -42.86 -44.68 2.53
CA GLY M 5 -42.89 -43.34 3.08
C GLY M 5 -42.12 -42.32 2.28
N GLN M 6 -41.75 -42.63 1.05
CA GLN M 6 -41.03 -41.71 0.19
C GLN M 6 -41.82 -41.49 -1.08
N PRO M 7 -42.05 -40.24 -1.49
CA PRO M 7 -42.82 -39.99 -2.70
C PRO M 7 -42.11 -40.50 -3.94
N ARG M 8 -42.89 -40.88 -4.92
CA ARG M 8 -42.37 -41.43 -6.15
C ARG M 8 -42.00 -40.32 -7.13
N PRO M 9 -40.99 -40.55 -7.97
CA PRO M 9 -40.77 -39.64 -9.10
C PRO M 9 -41.98 -39.69 -10.04
N SER M 10 -42.31 -38.53 -10.59
CA SER M 10 -43.51 -38.44 -11.41
C SER M 10 -43.43 -39.33 -12.64
N TYR M 11 -42.28 -39.36 -13.31
CA TYR M 11 -42.15 -40.10 -14.55
C TYR M 11 -42.07 -41.60 -14.32
N LEU M 12 -42.02 -42.06 -13.08
CA LEU M 12 -41.95 -43.48 -12.76
C LEU M 12 -43.25 -43.86 -12.06
N ASP M 13 -44.25 -44.22 -12.85
CA ASP M 13 -45.56 -44.54 -12.30
C ASP M 13 -45.55 -45.91 -11.63
N GLY M 14 -45.07 -46.92 -12.33
CA GLY M 14 -45.08 -48.26 -11.79
C GLY M 14 -45.57 -49.30 -12.77
N SER M 15 -45.74 -48.90 -14.02
CA SER M 15 -46.20 -49.83 -15.05
C SER M 15 -45.04 -50.59 -15.69
N ALA M 16 -43.90 -49.93 -15.85
CA ALA M 16 -42.75 -50.57 -16.46
C ALA M 16 -42.34 -51.79 -15.65
N PRO M 17 -41.87 -52.85 -16.29
CA PRO M 17 -41.51 -54.06 -15.55
C PRO M 17 -40.33 -53.82 -14.64
N GLY M 18 -40.58 -53.85 -13.33
CA GLY M 18 -39.53 -53.66 -12.36
C GLY M 18 -39.46 -52.28 -11.76
N ASP M 19 -40.40 -51.39 -12.06
CA ASP M 19 -40.37 -50.05 -11.51
C ASP M 19 -40.80 -50.09 -10.05
N PHE M 20 -39.87 -49.75 -9.16
CA PHE M 20 -40.17 -49.57 -7.75
C PHE M 20 -39.88 -48.15 -7.30
N GLY M 21 -39.84 -47.21 -8.24
CA GLY M 21 -39.69 -45.82 -7.91
C GLY M 21 -38.31 -45.40 -7.45
N PHE M 22 -37.30 -46.21 -7.79
CA PHE M 22 -35.90 -45.89 -7.36
C PHE M 22 -35.19 -45.03 -8.41
N ASP M 23 -34.88 -43.78 -8.04
CA ASP M 23 -34.17 -42.82 -8.93
C ASP M 23 -33.73 -41.62 -8.10
N PRO M 24 -32.89 -41.80 -7.05
CA PRO M 24 -32.44 -40.69 -6.19
C PRO M 24 -31.67 -39.59 -6.94
N LEU M 25 -30.94 -39.96 -8.00
CA LEU M 25 -30.15 -38.98 -8.79
C LEU M 25 -31.00 -38.36 -9.90
N ARG M 26 -32.25 -38.81 -10.03
CA ARG M 26 -33.18 -38.29 -11.09
C ARG M 26 -32.48 -38.36 -12.45
N LEU M 27 -31.94 -39.52 -12.79
CA LEU M 27 -31.26 -39.70 -14.06
C LEU M 27 -32.24 -39.93 -15.22
N GLY M 28 -33.44 -40.41 -14.93
CA GLY M 28 -34.39 -40.69 -15.98
C GLY M 28 -35.42 -39.58 -16.15
N GLU M 29 -35.02 -38.35 -15.82
CA GLU M 29 -35.93 -37.18 -15.85
C GLU M 29 -36.50 -36.96 -17.26
N VAL M 30 -35.68 -37.10 -18.30
CA VAL M 30 -36.07 -36.83 -19.68
C VAL M 30 -36.44 -38.14 -20.35
N PRO M 31 -37.63 -38.27 -20.94
CA PRO M 31 -38.13 -39.60 -21.33
C PRO M 31 -37.26 -40.33 -22.33
N GLU M 32 -36.65 -39.61 -23.26
CA GLU M 32 -35.86 -40.29 -24.28
C GLU M 32 -34.51 -40.75 -23.74
N ASN M 33 -34.09 -40.24 -22.58
CA ASN M 33 -32.99 -40.88 -21.87
C ASN M 33 -33.48 -42.09 -21.11
N LEU M 34 -34.72 -42.05 -20.61
CA LEU M 34 -35.26 -43.18 -19.86
C LEU M 34 -35.44 -44.40 -20.75
N GLU M 35 -35.80 -44.20 -22.02
CA GLU M 35 -35.91 -45.33 -22.93
C GLU M 35 -34.57 -46.04 -23.08
N ARG M 36 -33.53 -45.29 -23.43
CA ARG M 36 -32.20 -45.86 -23.55
C ARG M 36 -31.74 -46.47 -22.24
N PHE M 37 -32.15 -45.89 -21.12
CA PHE M 37 -31.75 -46.43 -19.82
C PHE M 37 -32.38 -47.78 -19.56
N LYS M 38 -33.66 -47.93 -19.89
CA LYS M 38 -34.30 -49.24 -19.76
C LYS M 38 -33.57 -50.26 -20.63
N GLU M 39 -33.26 -49.88 -21.87
CA GLU M 39 -32.57 -50.81 -22.76
C GLU M 39 -31.23 -51.24 -22.18
N SER M 40 -30.45 -50.27 -21.72
CA SER M 40 -29.11 -50.58 -21.22
C SER M 40 -29.17 -51.37 -19.94
N GLU M 41 -30.14 -51.08 -19.08
CA GLU M 41 -30.29 -51.87 -17.86
C GLU M 41 -30.60 -53.31 -18.19
N LEU M 42 -31.49 -53.53 -19.15
CA LEU M 42 -31.80 -54.91 -19.51
C LEU M 42 -30.58 -55.62 -20.09
N ILE M 43 -29.80 -54.91 -20.91
CA ILE M 43 -28.62 -55.54 -21.50
C ILE M 43 -27.62 -55.92 -20.42
N HIS M 44 -27.35 -54.99 -19.49
CA HIS M 44 -26.47 -55.28 -18.37
C HIS M 44 -26.96 -56.48 -17.57
N CYS M 45 -28.26 -56.48 -17.23
CA CYS M 45 -28.82 -57.54 -16.42
C CYS M 45 -28.66 -58.88 -17.12
N ARG M 46 -28.91 -58.92 -18.43
CA ARG M 46 -28.79 -60.17 -19.16
C ARG M 46 -27.34 -60.65 -19.19
N TRP M 47 -26.40 -59.75 -19.45
CA TRP M 47 -24.99 -60.14 -19.45
C TRP M 47 -24.59 -60.71 -18.10
N ALA M 48 -25.00 -60.06 -17.01
CA ALA M 48 -24.57 -60.53 -15.69
C ALA M 48 -25.27 -61.81 -15.29
N MET M 49 -26.55 -61.95 -15.64
CA MET M 49 -27.26 -63.20 -15.38
C MET M 49 -26.59 -64.34 -16.12
N LEU M 50 -26.03 -64.08 -17.30
CA LEU M 50 -25.28 -65.12 -17.97
C LEU M 50 -23.91 -65.33 -17.35
N ALA M 51 -23.31 -64.27 -16.81
CA ALA M 51 -21.93 -64.34 -16.37
C ALA M 51 -21.78 -65.04 -15.02
N VAL M 52 -22.64 -64.73 -14.07
CA VAL M 52 -22.45 -65.22 -12.71
C VAL M 52 -22.45 -66.76 -12.61
N PRO M 53 -23.40 -67.45 -13.25
CA PRO M 53 -23.23 -68.92 -13.34
C PRO M 53 -21.89 -69.31 -13.93
N GLY M 54 -21.41 -68.55 -14.92
CA GLY M 54 -20.12 -68.83 -15.50
C GLY M 54 -18.96 -68.49 -14.60
N ILE M 55 -19.16 -67.61 -13.63
CA ILE M 55 -18.11 -67.38 -12.65
C ILE M 55 -18.11 -68.49 -11.62
N LEU M 56 -19.28 -69.03 -11.29
CA LEU M 56 -19.38 -69.90 -10.12
C LEU M 56 -19.20 -71.38 -10.46
N VAL M 57 -19.91 -71.89 -11.46
CA VAL M 57 -19.95 -73.33 -11.67
C VAL M 57 -18.61 -73.94 -12.14
N PRO M 58 -17.72 -73.23 -12.85
CA PRO M 58 -16.42 -73.86 -13.13
C PRO M 58 -15.54 -73.91 -11.89
N GLU M 59 -15.62 -72.91 -11.02
CA GLU M 59 -14.90 -72.99 -9.75
C GLU M 59 -15.55 -74.01 -8.82
N ALA M 60 -16.86 -74.21 -8.92
CA ALA M 60 -17.50 -75.28 -8.19
C ALA M 60 -16.97 -76.63 -8.65
N LEU M 61 -16.55 -76.73 -9.90
CA LEU M 61 -15.86 -77.91 -10.38
C LEU M 61 -14.36 -77.70 -10.18
N GLY M 62 -13.57 -78.70 -10.54
CA GLY M 62 -12.16 -78.67 -10.19
C GLY M 62 -11.30 -77.78 -11.05
N LEU M 63 -11.77 -76.58 -11.35
CA LEU M 63 -11.01 -75.63 -12.15
C LEU M 63 -10.75 -74.38 -11.32
N GLY M 64 -9.84 -73.54 -11.81
CA GLY M 64 -9.48 -72.34 -11.08
C GLY M 64 -10.61 -71.34 -11.02
N ASN M 65 -10.42 -70.32 -10.19
CA ASN M 65 -11.43 -69.30 -10.02
C ASN M 65 -11.50 -68.42 -11.27
N TRP M 66 -12.43 -67.47 -11.25
CA TRP M 66 -12.72 -66.68 -12.44
C TRP M 66 -11.56 -65.82 -12.89
N VAL M 67 -10.62 -65.50 -11.99
CA VAL M 67 -9.48 -64.67 -12.35
C VAL M 67 -8.25 -65.52 -12.61
N LYS M 68 -8.10 -66.63 -11.91
CA LYS M 68 -7.05 -67.59 -12.29
C LYS M 68 -7.32 -68.17 -13.67
N ALA M 69 -8.59 -68.36 -14.00
CA ALA M 69 -8.97 -68.96 -15.27
C ALA M 69 -8.76 -68.03 -16.45
N GLN M 70 -8.21 -66.84 -16.25
CA GLN M 70 -7.98 -65.91 -17.35
C GLN M 70 -6.63 -65.24 -17.19
N GLU M 71 -5.61 -66.00 -16.79
CA GLU M 71 -4.29 -65.44 -16.61
C GLU M 71 -3.20 -66.21 -17.35
N TRP M 72 -3.51 -67.34 -17.98
CA TRP M 72 -2.56 -67.92 -18.91
C TRP M 72 -2.20 -66.92 -19.99
N ALA M 73 -3.15 -66.08 -20.38
CA ALA M 73 -2.91 -65.11 -21.44
C ALA M 73 -1.86 -64.10 -21.06
N ALA M 74 -1.61 -63.89 -19.78
CA ALA M 74 -0.58 -62.96 -19.33
C ALA M 74 0.83 -63.52 -19.50
N LEU M 75 0.95 -64.75 -19.99
CA LEU M 75 2.25 -65.38 -20.20
C LEU M 75 2.44 -65.67 -21.69
N PRO M 76 3.67 -65.55 -22.20
CA PRO M 76 3.86 -65.63 -23.66
C PRO M 76 3.34 -66.91 -24.29
N GLY M 77 3.77 -68.07 -23.81
CA GLY M 77 3.24 -69.31 -24.34
C GLY M 77 1.86 -69.62 -23.80
N GLY M 78 0.96 -68.65 -23.91
CA GLY M 78 -0.38 -68.83 -23.35
C GLY M 78 -1.15 -69.87 -24.13
N GLN M 79 -1.78 -70.79 -23.40
CA GLN M 79 -2.60 -71.82 -24.00
C GLN M 79 -3.81 -72.05 -23.11
N ALA M 80 -4.99 -71.94 -23.69
CA ALA M 80 -6.21 -72.01 -22.91
C ALA M 80 -6.47 -73.44 -22.44
N THR M 81 -7.58 -73.61 -21.73
CA THR M 81 -7.98 -74.89 -21.20
C THR M 81 -9.47 -74.88 -20.98
N TYR M 82 -10.18 -75.81 -21.62
CA TYR M 82 -11.61 -75.99 -21.40
C TYR M 82 -11.82 -77.39 -20.85
N LEU M 83 -12.37 -77.47 -19.63
CA LEU M 83 -12.67 -78.74 -18.97
C LEU M 83 -11.43 -79.61 -18.80
N GLY M 84 -10.25 -79.00 -18.82
CA GLY M 84 -9.03 -79.77 -18.73
C GLY M 84 -8.51 -80.26 -20.06
N ASN M 85 -8.72 -79.50 -21.14
CA ASN M 85 -8.25 -79.88 -22.45
C ASN M 85 -7.66 -78.63 -23.09
N PRO M 86 -6.45 -78.71 -23.61
CA PRO M 86 -5.85 -77.54 -24.26
C PRO M 86 -6.51 -77.27 -25.60
N VAL M 87 -7.27 -76.19 -25.69
CA VAL M 87 -7.99 -75.91 -26.94
C VAL M 87 -6.98 -75.55 -28.03
N PRO M 88 -7.21 -75.97 -29.27
CA PRO M 88 -6.20 -75.78 -30.32
C PRO M 88 -5.97 -74.33 -30.67
N TRP M 89 -7.05 -73.59 -30.93
CA TRP M 89 -6.94 -72.18 -31.26
C TRP M 89 -6.83 -71.34 -30.00
N GLY M 90 -5.90 -71.71 -29.12
CA GLY M 90 -5.94 -71.19 -27.76
C GLY M 90 -5.05 -70.01 -27.47
N THR M 91 -4.16 -69.67 -28.39
CA THR M 91 -3.27 -68.55 -28.15
C THR M 91 -4.07 -67.26 -28.04
N LEU M 92 -3.39 -66.20 -27.60
CA LEU M 92 -4.12 -64.97 -27.34
C LEU M 92 -4.66 -64.32 -28.60
N PRO M 93 -3.87 -64.07 -29.65
CA PRO M 93 -4.40 -63.28 -30.78
C PRO M 93 -5.58 -63.92 -31.50
N THR M 94 -5.53 -65.22 -31.74
CA THR M 94 -6.66 -65.91 -32.36
C THR M 94 -7.94 -65.65 -31.56
N ILE M 95 -7.88 -65.95 -30.27
CA ILE M 95 -8.99 -65.72 -29.34
C ILE M 95 -9.47 -64.28 -29.45
N LEU M 96 -8.53 -63.35 -29.38
CA LEU M 96 -8.87 -61.94 -29.28
C LEU M 96 -9.64 -61.48 -30.50
N VAL M 97 -9.12 -61.75 -31.69
CA VAL M 97 -9.77 -61.17 -32.86
C VAL M 97 -11.03 -61.96 -33.25
N ILE M 98 -11.08 -63.28 -33.02
CA ILE M 98 -12.33 -63.97 -33.27
C ILE M 98 -13.43 -63.40 -32.37
N GLU M 99 -13.11 -63.21 -31.08
CA GLU M 99 -14.08 -62.62 -30.17
C GLU M 99 -14.47 -61.22 -30.63
N PHE M 100 -13.49 -60.43 -31.06
CA PHE M 100 -13.76 -59.06 -31.46
C PHE M 100 -14.79 -59.00 -32.57
N LEU M 101 -14.50 -59.63 -33.71
CA LEU M 101 -15.42 -59.41 -34.82
C LEU M 101 -16.73 -60.18 -34.61
N SER M 102 -16.71 -61.32 -33.90
CA SER M 102 -17.96 -61.97 -33.53
C SER M 102 -18.89 -61.00 -32.80
N ILE M 103 -18.39 -60.47 -31.68
CA ILE M 103 -19.25 -59.61 -30.86
C ILE M 103 -19.61 -58.35 -31.62
N ALA M 104 -18.69 -57.79 -32.40
CA ALA M 104 -18.97 -56.56 -33.11
C ALA M 104 -20.10 -56.75 -34.11
N PHE M 105 -20.05 -57.83 -34.88
CA PHE M 105 -21.13 -58.10 -35.81
C PHE M 105 -22.45 -58.21 -35.08
N VAL M 106 -22.51 -59.02 -34.02
CA VAL M 106 -23.81 -59.25 -33.40
C VAL M 106 -24.32 -57.99 -32.70
N GLU M 107 -23.41 -57.18 -32.15
CA GLU M 107 -23.84 -55.98 -31.43
C GLU M 107 -24.34 -54.92 -32.40
N HIS M 108 -23.66 -54.78 -33.54
CA HIS M 108 -24.18 -53.86 -34.55
C HIS M 108 -25.54 -54.33 -35.05
N GLN M 109 -25.66 -55.61 -35.38
CA GLN M 109 -26.94 -56.17 -35.76
C GLN M 109 -28.01 -55.86 -34.73
N ARG M 110 -27.62 -55.83 -33.45
CA ARG M 110 -28.59 -55.51 -32.42
C ARG M 110 -28.99 -54.05 -32.46
N SER M 111 -28.03 -53.15 -32.51
CA SER M 111 -28.43 -51.75 -32.45
C SER M 111 -28.81 -51.18 -33.81
N MET M 112 -29.01 -52.03 -34.81
CA MET M 112 -29.61 -51.59 -36.07
C MET M 112 -31.12 -51.74 -36.09
N GLU M 113 -31.77 -51.61 -34.93
CA GLU M 113 -33.21 -51.68 -34.80
C GLU M 113 -33.73 -50.44 -34.09
N LYS M 114 -34.92 -49.99 -34.49
CA LYS M 114 -35.52 -48.72 -34.06
C LYS M 114 -36.99 -48.90 -33.66
N ASP M 115 -37.29 -49.88 -32.80
CA ASP M 115 -38.70 -50.20 -32.51
C ASP M 115 -39.40 -49.10 -31.73
N PRO M 116 -39.01 -48.79 -30.48
CA PRO M 116 -37.92 -49.19 -29.58
C PRO M 116 -38.28 -50.19 -28.48
N GLU M 117 -39.38 -50.93 -28.62
CA GLU M 117 -39.71 -51.94 -27.63
C GLU M 117 -39.04 -53.28 -27.97
N LYS M 118 -39.04 -53.67 -29.23
CA LYS M 118 -38.26 -54.82 -29.65
C LYS M 118 -36.77 -54.58 -29.43
N LYS M 119 -36.37 -53.35 -29.17
CA LYS M 119 -34.99 -53.07 -28.77
C LYS M 119 -34.66 -53.80 -27.47
N LYS M 120 -35.62 -53.86 -26.55
CA LYS M 120 -35.43 -54.58 -25.29
C LYS M 120 -35.95 -56.00 -25.37
N TYR M 121 -37.09 -56.20 -26.05
CA TYR M 121 -37.77 -57.49 -26.10
C TYR M 121 -37.96 -57.89 -27.55
N PRO M 122 -36.89 -58.23 -28.25
CA PRO M 122 -37.03 -58.52 -29.68
C PRO M 122 -37.89 -59.75 -29.96
N GLY M 123 -37.60 -60.87 -29.33
CA GLY M 123 -38.43 -62.01 -29.56
C GLY M 123 -38.23 -62.59 -30.94
N GLY M 124 -39.22 -63.36 -31.37
CA GLY M 124 -39.11 -64.07 -32.63
C GLY M 124 -38.08 -65.18 -32.56
N ALA M 125 -36.98 -65.01 -33.29
CA ALA M 125 -35.92 -66.01 -33.26
C ALA M 125 -35.30 -66.15 -31.88
N PHE M 126 -35.51 -65.16 -31.01
CA PHE M 126 -35.01 -65.21 -29.65
C PHE M 126 -36.07 -65.64 -28.65
N ASP M 127 -37.21 -66.13 -29.12
CA ASP M 127 -38.24 -66.67 -28.24
C ASP M 127 -38.74 -67.99 -28.82
N PRO M 128 -37.89 -69.02 -28.82
CA PRO M 128 -38.33 -70.31 -29.36
C PRO M 128 -39.53 -70.89 -28.63
N LEU M 129 -39.46 -70.94 -27.30
CA LEU M 129 -40.55 -71.52 -26.53
C LEU M 129 -41.84 -70.73 -26.69
N GLY M 130 -41.74 -69.44 -27.00
CA GLY M 130 -42.91 -68.62 -27.19
C GLY M 130 -43.65 -68.35 -25.91
N TYR M 131 -42.95 -67.81 -24.91
CA TYR M 131 -43.58 -67.43 -23.66
C TYR M 131 -44.25 -66.06 -23.73
N SER M 132 -44.25 -65.41 -24.88
CA SER M 132 -44.85 -64.08 -25.03
C SER M 132 -46.26 -64.13 -25.57
N LYS M 133 -46.99 -65.22 -25.33
CA LYS M 133 -48.32 -65.35 -25.92
C LYS M 133 -49.36 -64.57 -25.11
N ASP M 134 -49.35 -64.74 -23.78
CA ASP M 134 -50.32 -64.04 -22.93
C ASP M 134 -49.74 -62.70 -22.52
N PRO M 135 -50.37 -61.58 -22.90
CA PRO M 135 -49.78 -60.27 -22.61
C PRO M 135 -49.63 -59.94 -21.14
N LYS M 136 -50.17 -60.73 -20.22
CA LYS M 136 -49.89 -60.44 -18.82
C LYS M 136 -49.03 -61.52 -18.16
N LYS M 137 -49.17 -62.80 -18.53
CA LYS M 137 -48.12 -63.75 -18.16
C LYS M 137 -46.79 -63.28 -18.71
N PHE M 138 -46.81 -62.70 -19.90
CA PHE M 138 -45.62 -62.06 -20.46
C PHE M 138 -45.13 -60.94 -19.56
N HIS M 139 -46.04 -60.12 -19.03
CA HIS M 139 -45.61 -59.00 -18.21
C HIS M 139 -44.97 -59.48 -16.90
N GLU M 140 -45.55 -60.50 -16.27
CA GLU M 140 -44.95 -60.95 -15.03
C GLU M 140 -43.68 -61.75 -15.27
N TYR M 141 -43.55 -62.38 -16.45
CA TYR M 141 -42.24 -62.91 -16.82
C TYR M 141 -41.23 -61.79 -16.95
N LYS M 142 -41.63 -60.65 -17.51
CA LYS M 142 -40.75 -59.50 -17.60
C LYS M 142 -40.30 -59.05 -16.22
N ILE M 143 -41.25 -58.99 -15.29
CA ILE M 143 -40.93 -58.57 -13.93
C ILE M 143 -39.92 -59.54 -13.31
N LYS M 144 -40.19 -60.84 -13.42
CA LYS M 144 -39.28 -61.83 -12.87
C LYS M 144 -37.90 -61.69 -13.49
N GLU M 145 -37.84 -61.41 -14.80
CA GLU M 145 -36.56 -61.27 -15.47
C GLU M 145 -35.76 -60.13 -14.89
N VAL M 146 -36.33 -58.93 -14.86
CA VAL M 146 -35.53 -57.79 -14.43
C VAL M 146 -35.22 -57.90 -12.94
N LYS M 147 -36.09 -58.57 -12.16
CA LYS M 147 -35.78 -58.76 -10.75
C LYS M 147 -34.57 -59.67 -10.57
N ASN M 148 -34.60 -60.87 -11.18
CA ASN M 148 -33.44 -61.74 -11.14
C ASN M 148 -32.21 -61.05 -11.68
N GLY M 149 -32.37 -60.19 -12.69
CA GLY M 149 -31.21 -59.55 -13.29
C GLY M 149 -30.59 -58.52 -12.37
N ARG M 150 -31.41 -57.74 -11.68
CA ARG M 150 -30.86 -56.83 -10.69
C ARG M 150 -30.15 -57.60 -9.58
N LEU M 151 -30.74 -58.73 -9.18
CA LEU M 151 -30.06 -59.56 -8.19
C LEU M 151 -28.71 -60.05 -8.70
N ALA M 152 -28.65 -60.42 -9.97
CA ALA M 152 -27.40 -60.93 -10.53
C ALA M 152 -26.37 -59.83 -10.68
N LEU M 153 -26.79 -58.63 -11.04
CA LEU M 153 -25.87 -57.50 -11.07
C LEU M 153 -25.27 -57.26 -9.69
N LEU M 154 -26.13 -57.25 -8.67
CA LEU M 154 -25.65 -57.13 -7.31
C LEU M 154 -24.64 -58.22 -6.98
N ALA M 155 -24.97 -59.46 -7.34
CA ALA M 155 -24.08 -60.57 -7.02
C ALA M 155 -22.74 -60.42 -7.74
N PHE M 156 -22.75 -59.92 -8.97
CA PHE M 156 -21.50 -59.81 -9.70
C PHE M 156 -20.61 -58.72 -9.13
N VAL M 157 -21.18 -57.56 -8.83
CA VAL M 157 -20.36 -56.51 -8.25
C VAL M 157 -19.83 -56.97 -6.90
N GLY M 158 -20.63 -57.72 -6.15
CA GLY M 158 -20.13 -58.30 -4.91
C GLY M 158 -18.98 -59.25 -5.14
N ILE M 159 -19.09 -60.10 -6.17
CA ILE M 159 -18.02 -61.03 -6.50
C ILE M 159 -16.73 -60.27 -6.75
N CYS M 160 -16.79 -59.25 -7.60
CA CYS M 160 -15.55 -58.61 -8.00
C CYS M 160 -14.95 -57.77 -6.87
N VAL M 161 -15.78 -57.16 -6.03
CA VAL M 161 -15.17 -56.42 -4.92
C VAL M 161 -14.65 -57.38 -3.84
N GLN M 162 -15.30 -58.54 -3.65
CA GLN M 162 -14.70 -59.57 -2.81
C GLN M 162 -13.34 -59.97 -3.34
N GLN M 163 -13.24 -60.14 -4.66
CA GLN M 163 -11.95 -60.48 -5.26
C GLN M 163 -10.92 -59.41 -4.97
N SER M 164 -11.31 -58.14 -5.08
CA SER M 164 -10.37 -57.07 -4.76
C SER M 164 -10.07 -56.99 -3.27
N ALA M 165 -10.87 -57.64 -2.43
CA ALA M 165 -10.57 -57.68 -1.00
C ALA M 165 -9.62 -58.82 -0.64
N TYR M 166 -9.85 -60.00 -1.19
CA TYR M 166 -8.99 -61.16 -1.01
C TYR M 166 -8.44 -61.56 -2.37
N PRO M 167 -7.37 -60.91 -2.81
CA PRO M 167 -6.84 -61.20 -4.15
C PRO M 167 -6.40 -62.65 -4.27
N GLY M 168 -6.66 -63.24 -5.42
CA GLY M 168 -6.31 -64.62 -5.64
C GLY M 168 -7.21 -65.62 -4.97
N THR M 169 -8.48 -65.28 -4.80
CA THR M 169 -9.46 -66.17 -4.20
C THR M 169 -10.75 -66.11 -5.02
N GLY M 170 -11.53 -67.17 -4.92
CA GLY M 170 -12.78 -67.24 -5.63
C GLY M 170 -13.97 -67.02 -4.71
N PRO M 171 -15.13 -66.73 -5.30
CA PRO M 171 -16.32 -66.51 -4.47
C PRO M 171 -16.69 -67.72 -3.63
N LEU M 172 -16.62 -68.92 -4.20
CA LEU M 172 -16.91 -70.11 -3.41
C LEU M 172 -15.87 -70.33 -2.32
N GLU M 173 -14.63 -69.95 -2.58
CA GLU M 173 -13.63 -69.99 -1.52
C GLU M 173 -13.99 -69.03 -0.39
N ASN M 174 -14.54 -67.86 -0.73
CA ASN M 174 -14.99 -66.93 0.29
C ASN M 174 -16.14 -67.51 1.09
N LEU M 175 -17.11 -68.12 0.41
CA LEU M 175 -18.19 -68.80 1.11
C LEU M 175 -17.64 -69.88 2.04
N ALA M 176 -16.60 -70.58 1.59
CA ALA M 176 -16.01 -71.64 2.41
C ALA M 176 -15.36 -71.07 3.66
N THR M 177 -14.55 -70.02 3.51
CA THR M 177 -13.89 -69.47 4.70
C THR M 177 -14.87 -68.76 5.62
N HIS M 178 -16.01 -68.32 5.11
CA HIS M 178 -17.03 -67.78 6.00
C HIS M 178 -17.72 -68.89 6.77
N LEU M 179 -18.08 -69.97 6.08
CA LEU M 179 -18.68 -71.11 6.75
C LEU M 179 -17.72 -71.79 7.71
N ALA M 180 -16.41 -71.63 7.51
CA ALA M 180 -15.45 -72.24 8.43
C ALA M 180 -15.56 -71.65 9.82
N ASP M 181 -15.77 -70.35 9.92
CA ASP M 181 -15.96 -69.68 11.20
C ASP M 181 -16.75 -68.41 10.97
N PRO M 182 -18.09 -68.48 10.98
CA PRO M 182 -18.89 -67.31 10.59
C PRO M 182 -18.68 -66.11 11.48
N TRP M 183 -18.49 -66.30 12.77
CA TRP M 183 -18.40 -65.19 13.70
C TRP M 183 -17.06 -64.50 13.68
N HIS M 184 -16.10 -65.00 12.91
CA HIS M 184 -14.78 -64.38 12.84
C HIS M 184 -14.31 -64.09 11.43
N ASN M 185 -14.88 -64.71 10.41
CA ASN M 185 -14.51 -64.47 9.02
C ASN M 185 -15.68 -63.78 8.33
N THR M 186 -15.71 -62.46 8.41
CA THR M 186 -16.79 -61.67 7.82
C THR M 186 -16.19 -60.40 7.25
N ILE M 187 -17.07 -59.51 6.78
CA ILE M 187 -16.65 -58.24 6.22
C ILE M 187 -15.99 -57.36 7.27
N GLY M 188 -16.21 -57.66 8.56
CA GLY M 188 -15.64 -56.83 9.60
C GLY M 188 -14.16 -56.59 9.40
N ASN M 189 -13.39 -57.66 9.25
CA ASN M 189 -11.95 -57.52 9.14
C ASN M 189 -11.50 -56.83 7.87
N VAL M 190 -12.36 -56.69 6.85
CA VAL M 190 -11.95 -55.91 5.70
C VAL M 190 -12.43 -54.46 5.80
N LEU M 191 -13.37 -54.17 6.70
CA LEU M 191 -13.74 -52.80 6.95
C LEU M 191 -12.87 -52.18 8.03
N ILE M 192 -12.67 -52.91 9.14
CA ILE M 192 -11.76 -52.47 10.18
C ILE M 192 -10.64 -53.49 10.31
N PRO M 193 -9.51 -53.29 9.63
CA PRO M 193 -8.36 -54.20 9.55
C PRO M 193 -7.71 -54.46 10.91
N THR N 1 -40.79 10.40 45.93
CA THR N 1 -39.88 11.52 45.89
C THR N 1 -40.50 12.74 46.55
N VAL N 2 -39.72 13.31 47.48
CA VAL N 2 -40.03 14.61 48.16
C VAL N 2 -38.92 15.55 47.66
N ALA N 3 -39.23 16.40 46.69
CA ALA N 3 -38.20 17.19 46.04
C ALA N 3 -37.78 18.30 46.99
N GLU N 4 -36.85 17.97 47.87
CA GLU N 4 -36.28 18.92 48.78
C GLU N 4 -35.54 19.97 47.98
N PRO N 5 -36.07 21.18 47.87
CA PRO N 5 -35.45 22.17 47.00
C PRO N 5 -34.27 22.83 47.68
N ASP N 6 -34.33 22.91 49.00
CA ASP N 6 -33.35 23.60 49.83
C ASP N 6 -32.67 22.63 50.79
N ARG N 7 -32.44 21.40 50.34
CA ARG N 7 -31.69 20.47 51.16
C ARG N 7 -30.26 20.97 51.33
N PRO N 8 -29.59 20.60 52.43
CA PRO N 8 -28.19 21.00 52.59
C PRO N 8 -27.32 20.32 51.54
N LEU N 9 -26.49 21.12 50.87
CA LEU N 9 -25.68 20.66 49.76
C LEU N 9 -24.24 20.43 50.19
N TRP N 10 -23.52 19.68 49.37
CA TRP N 10 -22.10 19.44 49.64
C TRP N 10 -21.29 20.70 49.35
N PHE N 11 -21.65 21.45 48.33
CA PHE N 11 -20.98 22.71 48.03
C PHE N 11 -21.97 23.84 48.23
N PRO N 12 -22.05 24.42 49.41
CA PRO N 12 -23.02 25.49 49.66
C PRO N 12 -22.89 26.61 48.64
N GLY N 13 -24.04 27.12 48.21
CA GLY N 13 -24.07 28.24 47.30
C GLY N 13 -24.13 27.90 45.83
N SER N 14 -23.91 26.64 45.46
CA SER N 14 -23.92 26.22 44.07
C SER N 14 -25.10 25.29 43.82
N THR N 15 -25.70 25.42 42.64
CA THR N 15 -26.93 24.71 42.34
C THR N 15 -26.66 23.22 42.07
N PRO N 16 -27.49 22.34 42.60
CA PRO N 16 -27.32 20.91 42.37
C PRO N 16 -27.73 20.52 40.97
N PRO N 17 -27.26 19.38 40.47
CA PRO N 17 -27.60 19.00 39.10
C PRO N 17 -29.08 18.67 38.99
N PRO N 18 -29.65 18.79 37.78
CA PRO N 18 -31.11 18.60 37.65
C PRO N 18 -31.56 17.19 37.97
N TRP N 19 -30.79 16.17 37.62
CA TRP N 19 -31.21 14.81 37.88
C TRP N 19 -31.13 14.43 39.34
N LEU N 20 -30.61 15.30 40.19
CA LEU N 20 -30.53 15.06 41.63
C LEU N 20 -31.47 16.05 42.31
N ASP N 21 -32.72 15.62 42.48
CA ASP N 21 -33.78 16.47 43.11
C ASP N 21 -33.98 16.01 44.57
N GLY N 22 -33.04 15.25 45.11
CA GLY N 22 -33.12 14.79 46.52
C GLY N 22 -33.98 13.55 46.67
N SER N 23 -34.47 13.01 45.56
CA SER N 23 -35.33 11.79 45.57
C SER N 23 -34.64 10.68 46.37
N LEU N 24 -33.38 10.39 46.05
CA LEU N 24 -32.61 9.29 46.70
C LEU N 24 -32.29 9.69 48.15
N PRO N 25 -32.14 8.69 49.20
CA PRO N 25 -31.75 8.64 50.86
C PRO N 25 -30.34 9.20 51.07
N GLY N 26 -30.21 10.45 51.56
CA GLY N 26 -28.86 11.02 51.75
C GLY N 26 -28.35 11.71 50.49
N ASP N 27 -29.23 12.44 49.80
CA ASP N 27 -28.86 13.16 48.56
C ASP N 27 -28.36 14.56 48.92
N PHE N 28 -27.09 14.86 48.62
CA PHE N 28 -26.53 16.16 48.92
C PHE N 28 -26.07 16.87 47.65
N GLY N 29 -26.43 16.35 46.48
CA GLY N 29 -26.15 17.03 45.24
C GLY N 29 -24.73 16.88 44.73
N PHE N 30 -24.10 15.75 45.02
CA PHE N 30 -22.70 15.54 44.65
C PHE N 30 -22.64 14.65 43.43
N ASP N 31 -22.39 15.25 42.28
CA ASP N 31 -22.15 14.52 41.05
C ASP N 31 -21.43 15.44 40.06
N PRO N 32 -20.20 15.84 40.36
CA PRO N 32 -19.52 16.77 39.45
C PRO N 32 -19.29 16.20 38.07
N LEU N 33 -18.86 14.95 37.99
CA LEU N 33 -18.61 14.33 36.69
C LEU N 33 -19.90 13.95 35.98
N GLY N 34 -21.05 14.14 36.59
CA GLY N 34 -22.31 13.83 35.92
C GLY N 34 -22.48 12.38 35.56
N LEU N 35 -22.04 11.46 36.42
CA LEU N 35 -22.10 10.05 36.12
C LEU N 35 -23.49 9.45 36.28
N GLY N 36 -24.48 10.24 36.68
CA GLY N 36 -25.81 9.70 36.88
C GLY N 36 -26.91 10.53 36.27
N SER N 37 -26.63 11.15 35.12
CA SER N 37 -27.61 12.00 34.47
C SER N 37 -28.68 11.24 33.71
N ASP N 38 -28.58 9.92 33.65
CA ASP N 38 -29.54 9.08 32.97
C ASP N 38 -30.41 8.37 34.00
N PRO N 39 -31.73 8.42 33.87
CA PRO N 39 -32.59 7.76 34.87
C PRO N 39 -32.26 6.29 35.09
N GLU N 40 -32.08 5.52 34.02
CA GLU N 40 -31.73 4.12 34.18
C GLU N 40 -30.36 3.97 34.83
N SER N 41 -29.39 4.76 34.37
CA SER N 41 -28.07 4.74 34.99
C SER N 41 -28.13 5.21 36.44
N LEU N 42 -28.99 6.20 36.70
CA LEU N 42 -29.16 6.70 38.10
C LEU N 42 -29.62 5.54 38.98
N ARG N 43 -30.67 4.83 38.54
CA ARG N 43 -31.21 3.70 39.28
C ARG N 43 -30.12 2.66 39.54
N TRP N 44 -29.43 2.27 38.48
CA TRP N 44 -28.36 1.29 38.58
C TRP N 44 -27.31 1.73 39.61
N ASN N 45 -26.95 3.00 39.58
CA ASN N 45 -25.89 3.48 40.47
C ASN N 45 -26.36 3.59 41.91
N VAL N 46 -27.67 3.81 42.08
CA VAL N 46 -28.28 3.84 43.45
C VAL N 46 -28.09 2.43 44.02
N GLN N 47 -28.44 1.41 43.23
CA GLN N 47 -28.26 0.02 43.64
C GLN N 47 -26.81 -0.27 43.95
N ALA N 48 -25.91 0.23 43.10
CA ALA N 48 -24.48 -0.02 43.29
C ALA N 48 -23.97 0.58 44.58
N GLU N 49 -24.32 1.84 44.83
CA GLU N 49 -23.85 2.50 46.05
C GLU N 49 -24.38 1.79 47.28
N LEU N 50 -25.63 1.35 47.25
CA LEU N 50 -26.20 0.66 48.39
C LEU N 50 -25.47 -0.64 48.67
N VAL N 51 -25.28 -1.46 47.64
CA VAL N 51 -24.64 -2.75 47.88
C VAL N 51 -23.17 -2.57 48.26
N HIS N 52 -22.51 -1.57 47.69
CA HIS N 52 -21.14 -1.27 48.07
C HIS N 52 -21.06 -0.89 49.53
N SER N 53 -21.96 -0.01 49.98
CA SER N 53 -21.90 0.46 51.35
C SER N 53 -22.22 -0.66 52.31
N ARG N 54 -23.12 -1.56 51.94
CA ARG N 54 -23.43 -2.67 52.84
C ARG N 54 -22.25 -3.62 52.96
N TRP N 55 -21.69 -4.04 51.82
CA TRP N 55 -20.49 -4.87 51.85
C TRP N 55 -19.38 -4.20 52.65
N ALA N 56 -19.22 -2.89 52.48
CA ALA N 56 -18.12 -2.19 53.11
C ALA N 56 -18.37 -1.99 54.59
N MET N 57 -19.63 -1.87 55.03
CA MET N 57 -19.89 -1.82 56.46
C MET N 57 -19.54 -3.15 57.10
N LEU N 58 -19.92 -4.25 56.43
CA LEU N 58 -19.59 -5.60 56.94
C LEU N 58 -18.06 -5.73 57.00
N GLY N 59 -17.35 -5.20 56.00
CA GLY N 59 -15.90 -5.30 55.98
C GLY N 59 -15.23 -4.42 57.01
N ALA N 60 -15.73 -3.20 57.18
CA ALA N 60 -15.17 -2.30 58.19
C ALA N 60 -15.30 -2.91 59.57
N ALA N 61 -16.46 -3.47 59.88
CA ALA N 61 -16.58 -4.21 61.13
C ALA N 61 -15.51 -5.30 61.22
N GLY N 62 -15.51 -6.20 60.23
CA GLY N 62 -14.64 -7.36 60.27
C GLY N 62 -13.16 -7.05 60.20
N ILE N 63 -12.77 -5.82 59.90
CA ILE N 63 -11.37 -5.41 59.98
C ILE N 63 -11.08 -4.70 61.28
N PHE N 64 -11.90 -3.71 61.63
CA PHE N 64 -11.52 -2.80 62.68
C PHE N 64 -11.82 -3.33 64.06
N ILE N 65 -12.90 -4.09 64.25
CA ILE N 65 -13.12 -4.59 65.60
C ILE N 65 -12.17 -5.73 65.94
N PRO N 66 -11.82 -6.67 65.05
CA PRO N 66 -11.03 -7.80 65.52
C PRO N 66 -9.63 -7.39 65.90
N GLU N 67 -9.08 -6.40 65.21
CA GLU N 67 -7.73 -5.96 65.57
C GLU N 67 -7.76 -4.91 66.67
N PHE N 68 -8.84 -4.16 66.82
CA PHE N 68 -8.97 -3.34 68.01
C PHE N 68 -9.21 -4.18 69.26
N LEU N 69 -9.73 -5.39 69.09
CA LEU N 69 -9.99 -6.29 70.20
C LEU N 69 -8.89 -7.32 70.39
N THR N 70 -7.97 -7.46 69.46
CA THR N 70 -6.77 -8.26 69.68
C THR N 70 -5.54 -7.42 69.92
N LYS N 71 -5.60 -6.11 69.68
CA LYS N 71 -4.60 -5.21 70.21
C LYS N 71 -4.61 -5.27 71.73
N LEU N 72 -5.76 -4.95 72.32
CA LEU N 72 -6.04 -5.42 73.68
C LEU N 72 -6.16 -6.94 73.65
N GLY N 73 -5.63 -7.60 74.67
CA GLY N 73 -5.54 -9.05 74.63
C GLY N 73 -6.84 -9.78 74.88
N ILE N 74 -7.77 -9.76 73.93
CA ILE N 74 -9.01 -10.52 74.07
C ILE N 74 -8.88 -11.85 73.36
N LEU N 75 -8.51 -11.84 72.09
CA LEU N 75 -8.16 -13.08 71.39
C LEU N 75 -7.18 -12.72 70.28
N ASN N 76 -6.95 -13.65 69.37
CA ASN N 76 -5.72 -13.66 68.59
C ASN N 76 -5.97 -13.71 67.09
N THR N 77 -6.82 -12.82 66.59
CA THR N 77 -6.99 -12.71 65.16
C THR N 77 -5.71 -12.15 64.53
N PRO N 78 -5.19 -12.79 63.49
CA PRO N 78 -4.00 -12.26 62.82
C PRO N 78 -4.28 -10.98 62.04
N SER N 79 -3.27 -10.45 61.35
CA SER N 79 -3.45 -9.20 60.63
C SER N 79 -4.41 -9.39 59.46
N TRP N 80 -5.45 -8.56 59.42
CA TRP N 80 -6.49 -8.64 58.36
C TRP N 80 -5.85 -8.67 56.96
N TYR N 81 -4.73 -7.97 56.76
CA TYR N 81 -4.12 -7.94 55.44
C TYR N 81 -3.60 -9.32 55.06
N THR N 82 -2.68 -9.84 55.83
CA THR N 82 -2.21 -11.18 55.51
C THR N 82 -3.08 -12.26 56.06
N ALA N 83 -4.33 -11.94 56.44
CA ALA N 83 -5.26 -12.97 56.89
C ALA N 83 -5.75 -13.85 55.77
N GLY N 84 -5.34 -13.59 54.53
CA GLY N 84 -5.84 -14.35 53.41
C GLY N 84 -5.20 -15.71 53.23
N GLU N 85 -3.93 -15.84 53.60
CA GLU N 85 -3.20 -17.07 53.32
C GLU N 85 -2.97 -17.94 54.55
N GLN N 86 -3.20 -17.42 55.75
CA GLN N 86 -3.09 -18.28 56.93
C GLN N 86 -4.08 -19.42 56.80
N GLU N 87 -3.56 -20.63 56.65
CA GLU N 87 -4.34 -21.74 56.14
C GLU N 87 -5.46 -22.14 57.10
N TYR N 88 -6.52 -22.68 56.52
CA TYR N 88 -7.69 -23.19 57.24
C TYR N 88 -7.83 -24.67 56.94
N PHE N 89 -8.95 -25.25 57.35
CA PHE N 89 -9.11 -26.69 57.22
C PHE N 89 -9.03 -27.16 55.76
N THR N 90 -9.33 -26.27 54.81
CA THR N 90 -9.17 -26.62 53.42
C THR N 90 -8.29 -25.59 52.70
N ASP N 91 -8.18 -25.75 51.38
CA ASP N 91 -7.43 -24.79 50.52
C ASP N 91 -8.36 -23.63 50.19
N THR N 92 -7.79 -22.47 49.81
CA THR N 92 -8.62 -21.28 49.49
C THR N 92 -9.51 -21.53 48.28
N THR N 93 -9.01 -22.29 47.29
CA THR N 93 -9.77 -22.53 46.02
C THR N 93 -11.08 -23.28 46.29
N THR N 94 -11.06 -24.31 47.12
CA THR N 94 -12.29 -25.11 47.40
C THR N 94 -13.35 -24.22 48.07
N LEU N 95 -12.91 -23.38 49.02
CA LEU N 95 -13.80 -22.48 49.78
C LEU N 95 -14.27 -21.35 48.84
N PHE N 96 -13.37 -20.80 48.04
CA PHE N 96 -13.73 -19.69 47.13
C PHE N 96 -14.74 -20.18 46.07
N ILE N 97 -14.48 -21.34 45.46
CA ILE N 97 -15.41 -21.88 44.42
C ILE N 97 -16.75 -22.29 45.05
N VAL N 98 -16.69 -22.93 46.23
CA VAL N 98 -17.93 -23.38 46.95
C VAL N 98 -18.74 -22.13 47.28
N GLU N 99 -18.08 -21.12 47.86
CA GLU N 99 -18.75 -19.85 48.23
C GLU N 99 -19.26 -19.13 46.98
N LEU N 100 -18.52 -19.21 45.87
CA LEU N 100 -18.92 -18.48 44.64
C LEU N 100 -20.30 -18.96 44.17
N VAL N 101 -20.53 -20.28 44.17
CA VAL N 101 -21.86 -20.82 43.78
C VAL N 101 -22.89 -20.34 44.80
N PHE N 102 -22.56 -20.45 46.09
CA PHE N 102 -23.46 -20.03 47.20
C PHE N 102 -23.78 -18.53 47.06
N ILE N 103 -22.73 -17.71 46.98
CA ILE N 103 -22.88 -16.22 46.89
C ILE N 103 -23.52 -15.84 45.55
N GLY N 104 -23.16 -16.61 44.51
CA GLY N 104 -23.62 -16.42 43.12
C GLY N 104 -25.12 -16.51 43.01
N TRP N 105 -25.74 -17.55 43.58
CA TRP N 105 -27.22 -17.70 43.44
C TRP N 105 -27.91 -16.47 44.01
N ALA N 106 -27.49 -16.01 45.20
CA ALA N 106 -28.11 -14.82 45.83
C ALA N 106 -27.91 -13.61 44.91
N GLU N 107 -26.70 -13.48 44.34
CA GLU N 107 -26.40 -12.33 43.44
C GLU N 107 -27.34 -12.41 42.24
N GLY N 108 -27.56 -13.61 41.70
CA GLY N 108 -28.45 -13.81 40.54
C GLY N 108 -29.85 -13.36 40.93
N ARG N 109 -30.31 -13.70 42.13
CA ARG N 109 -31.67 -13.28 42.56
C ARG N 109 -31.70 -11.75 42.57
N ARG N 110 -30.66 -11.11 43.09
CA ARG N 110 -30.63 -9.62 43.14
C ARG N 110 -30.70 -9.07 41.70
N TRP N 111 -29.97 -9.70 40.76
CA TRP N 111 -29.98 -9.24 39.35
C TRP N 111 -31.40 -9.39 38.79
N ALA N 112 -32.06 -10.51 39.13
CA ALA N 112 -33.41 -10.82 38.63
C ALA N 112 -34.35 -9.72 39.09
N ASP N 113 -34.15 -9.17 40.29
CA ASP N 113 -35.07 -8.12 40.71
C ASP N 113 -34.59 -6.72 40.36
N ILE N 114 -33.28 -6.45 40.38
CA ILE N 114 -32.80 -5.13 40.00
C ILE N 114 -33.27 -4.77 38.60
N LEU N 115 -33.28 -5.76 37.71
CA LEU N 115 -33.67 -5.52 36.32
C LEU N 115 -35.16 -5.74 36.08
N ASN N 116 -35.89 -6.21 37.07
CA ASN N 116 -37.32 -6.42 36.95
C ASN N 116 -37.93 -6.37 38.33
N PRO N 117 -38.31 -5.19 38.81
CA PRO N 117 -38.66 -5.04 40.22
C PRO N 117 -39.84 -5.91 40.62
N GLY N 118 -39.66 -6.67 41.69
CA GLY N 118 -40.75 -7.44 42.28
C GLY N 118 -41.18 -8.66 41.50
N CYS N 119 -40.23 -9.38 40.90
CA CYS N 119 -40.55 -10.56 40.12
C CYS N 119 -39.88 -11.82 40.64
N VAL N 120 -39.16 -11.75 41.76
CA VAL N 120 -38.46 -12.90 42.30
C VAL N 120 -38.79 -13.04 43.78
N ASN N 121 -39.72 -12.22 44.26
CA ASN N 121 -39.92 -12.04 45.69
C ASN N 121 -40.19 -13.35 46.42
N THR N 122 -40.85 -14.31 45.78
CA THR N 122 -41.33 -15.48 46.49
C THR N 122 -40.32 -16.62 46.44
N ASP N 123 -40.49 -17.55 47.37
CA ASP N 123 -39.61 -18.70 47.49
C ASP N 123 -40.04 -19.80 46.51
N PRO N 124 -39.04 -20.44 45.69
CA PRO N 124 -38.90 -21.66 44.52
C PRO N 124 -39.29 -23.03 45.08
N ILE N 125 -39.25 -23.17 46.41
CA ILE N 125 -39.59 -24.46 47.08
C ILE N 125 -40.95 -24.32 47.78
N PHE N 126 -41.07 -23.36 48.68
CA PHE N 126 -42.31 -23.15 49.45
C PHE N 126 -42.87 -21.80 49.06
N PRO N 127 -43.73 -21.74 48.06
CA PRO N 127 -44.19 -20.48 47.49
C PRO N 127 -45.24 -19.75 48.33
N ASN N 128 -44.95 -19.61 49.62
CA ASN N 128 -45.86 -18.92 50.53
C ASN N 128 -45.08 -18.07 51.52
N ASN N 129 -43.87 -17.65 51.14
CA ASN N 129 -42.93 -17.02 52.07
C ASN N 129 -42.68 -15.54 51.80
N LYS N 130 -42.50 -15.15 50.54
CA LYS N 130 -42.85 -13.80 50.08
C LYS N 130 -42.07 -12.70 50.82
N LEU N 131 -40.78 -12.58 50.48
CA LEU N 131 -40.00 -11.41 50.85
C LEU N 131 -40.83 -10.13 50.73
N THR N 132 -40.70 -9.26 51.73
CA THR N 132 -41.65 -8.15 51.91
C THR N 132 -41.36 -6.98 50.98
N GLY N 133 -40.16 -6.41 51.07
CA GLY N 133 -39.84 -5.10 50.53
C GLY N 133 -40.37 -4.77 49.15
N THR N 134 -40.87 -3.55 48.99
CA THR N 134 -41.44 -3.10 47.73
C THR N 134 -40.52 -2.17 46.95
N ASP N 135 -39.33 -1.90 47.46
CA ASP N 135 -38.35 -1.06 46.77
C ASP N 135 -37.13 -1.89 46.42
N VAL N 136 -36.49 -1.54 45.31
CA VAL N 136 -35.27 -2.22 44.90
C VAL N 136 -34.12 -1.77 45.78
N GLY N 137 -33.36 -2.73 46.30
CA GLY N 137 -32.34 -2.45 47.27
C GLY N 137 -32.79 -2.57 48.70
N TYR N 138 -34.10 -2.57 48.95
CA TYR N 138 -34.67 -2.65 50.28
C TYR N 138 -35.63 -3.84 50.29
N PRO N 139 -35.10 -5.06 50.34
CA PRO N 139 -35.95 -6.24 50.08
C PRO N 139 -36.84 -6.66 51.23
N GLY N 140 -36.56 -6.24 52.45
CA GLY N 140 -37.41 -6.63 53.57
C GLY N 140 -37.44 -8.13 53.75
N GLY N 141 -38.62 -8.64 54.10
CA GLY N 141 -38.80 -10.06 54.31
C GLY N 141 -38.53 -10.46 55.75
N LEU N 142 -39.00 -11.66 56.11
CA LEU N 142 -38.67 -12.18 57.42
C LEU N 142 -37.17 -12.41 57.55
N TRP N 143 -36.50 -12.68 56.43
CA TRP N 143 -35.08 -12.95 56.46
C TRP N 143 -34.28 -11.66 56.67
N PHE N 144 -34.63 -10.60 55.94
CA PHE N 144 -33.91 -9.34 56.02
C PHE N 144 -34.67 -8.28 56.79
N ASP N 145 -35.80 -8.62 57.40
CA ASP N 145 -36.49 -7.71 58.30
C ASP N 145 -37.19 -8.47 59.42
N PRO N 146 -36.51 -9.35 60.16
CA PRO N 146 -37.22 -10.07 61.23
C PRO N 146 -37.75 -9.15 62.30
N LEU N 147 -37.08 -8.03 62.55
CA LEU N 147 -37.58 -7.13 63.59
C LEU N 147 -38.58 -6.13 63.05
N GLY N 148 -38.67 -5.99 61.72
CA GLY N 148 -39.56 -5.00 61.16
C GLY N 148 -39.27 -3.59 61.62
N TRP N 149 -38.01 -3.32 61.98
CA TRP N 149 -37.66 -2.07 62.64
C TRP N 149 -38.07 -0.85 61.81
N GLY N 150 -38.06 -0.99 60.48
CA GLY N 150 -38.38 0.15 59.61
C GLY N 150 -39.45 -0.15 58.58
N SER N 151 -40.58 -0.72 59.01
CA SER N 151 -41.71 -1.02 58.09
C SER N 151 -42.82 0.03 58.29
N ALA N 152 -42.52 1.08 59.07
CA ALA N 152 -43.47 2.17 59.40
C ALA N 152 -43.67 3.11 58.19
N SER N 153 -44.71 3.96 58.27
CA SER N 153 -45.07 4.95 57.22
C SER N 153 -43.83 5.69 56.70
N PRO N 154 -43.68 5.88 55.36
CA PRO N 154 -42.50 6.53 54.76
C PRO N 154 -42.12 7.94 55.24
N GLN N 155 -41.63 8.05 56.48
CA GLN N 155 -41.15 9.31 57.09
C GLN N 155 -39.86 8.97 57.84
N LYS N 156 -40.00 8.14 58.89
CA LYS N 156 -38.86 7.64 59.70
C LYS N 156 -37.99 6.76 58.80
N LEU N 157 -38.62 5.97 57.93
CA LEU N 157 -37.88 5.06 57.01
C LEU N 157 -36.97 5.89 56.09
N LYS N 158 -37.47 7.03 55.60
CA LYS N 158 -36.63 7.89 54.71
C LYS N 158 -35.41 8.39 55.48
N GLU N 159 -35.60 8.82 56.73
CA GLU N 159 -34.45 9.33 57.53
C GLU N 159 -33.61 8.13 58.00
N LEU N 160 -34.21 6.94 58.02
CA LEU N 160 -33.45 5.71 58.40
C LEU N 160 -32.55 5.30 57.23
N ARG N 161 -33.06 5.41 56.00
CA ARG N 161 -32.24 5.04 54.81
C ARG N 161 -31.04 6.00 54.70
N THR N 162 -31.25 7.29 54.93
CA THR N 162 -30.12 8.25 54.86
C THR N 162 -29.06 7.80 55.86
N LYS N 163 -29.49 7.47 57.09
CA LYS N 163 -28.57 6.98 58.11
C LYS N 163 -27.72 5.85 57.58
N GLU N 164 -28.38 4.85 56.98
CA GLU N 164 -27.66 3.70 56.43
C GLU N 164 -26.62 4.14 55.40
N ILE N 165 -27.03 4.99 54.46
CA ILE N 165 -26.12 5.36 53.38
C ILE N 165 -24.97 6.21 53.88
N LYS N 166 -25.17 7.02 54.92
CA LYS N 166 -24.08 7.83 55.43
C LYS N 166 -23.06 6.97 56.16
N ASN N 167 -23.56 6.10 57.06
CA ASN N 167 -22.66 5.13 57.69
C ASN N 167 -21.91 4.33 56.63
N GLY N 168 -22.58 4.00 55.53
CA GLY N 168 -21.95 3.19 54.52
C GLY N 168 -20.86 3.91 53.75
N ARG N 169 -21.11 5.16 53.39
CA ARG N 169 -20.05 5.95 52.75
C ARG N 169 -18.83 6.05 53.66
N LEU N 170 -19.08 6.33 54.93
CA LEU N 170 -17.97 6.35 55.89
C LEU N 170 -17.23 5.02 55.90
N ALA N 171 -17.96 3.91 55.84
CA ALA N 171 -17.32 2.61 55.93
C ALA N 171 -16.49 2.31 54.68
N MET N 172 -17.01 2.67 53.50
CA MET N 172 -16.25 2.49 52.27
C MET N 172 -14.91 3.20 52.38
N LEU N 173 -14.95 4.50 52.73
CA LEU N 173 -13.71 5.23 52.91
C LEU N 173 -12.84 4.58 53.97
N ALA N 174 -13.45 4.05 55.03
CA ALA N 174 -12.67 3.46 56.12
C ALA N 174 -11.86 2.27 55.64
N VAL N 175 -12.56 1.35 54.98
CA VAL N 175 -11.99 0.06 54.45
C VAL N 175 -10.86 0.37 53.46
N MET N 176 -11.09 1.31 52.54
CA MET N 176 -10.05 1.70 51.55
C MET N 176 -8.86 2.27 52.30
N GLY N 177 -9.11 3.08 53.33
CA GLY N 177 -8.03 3.69 54.13
C GLY N 177 -7.19 2.64 54.82
N ALA N 178 -7.83 1.61 55.38
CA ALA N 178 -7.07 0.54 56.08
C ALA N 178 -6.16 -0.14 55.06
N TRP N 179 -6.68 -0.42 53.86
CA TRP N 179 -5.88 -1.09 52.80
C TRP N 179 -4.71 -0.17 52.40
N PHE N 180 -5.00 1.11 52.20
CA PHE N 180 -3.95 2.10 51.82
C PHE N 180 -2.95 2.26 52.97
N GLN N 181 -3.44 2.33 54.20
CA GLN N 181 -2.54 2.49 55.37
C GLN N 181 -1.64 1.25 55.47
N HIS N 182 -2.22 0.07 55.28
CA HIS N 182 -1.46 -1.21 55.37
C HIS N 182 -0.43 -1.35 54.24
N ILE N 183 -0.66 -0.72 53.10
CA ILE N 183 0.31 -0.78 51.96
C ILE N 183 1.41 0.27 52.16
N TYR N 184 1.07 1.45 52.67
CA TYR N 184 2.06 2.51 52.84
C TYR N 184 2.98 2.22 54.02
N THR N 185 2.40 2.05 55.21
CA THR N 185 3.15 1.57 56.36
C THR N 185 3.23 0.05 56.30
N GLY N 186 3.63 -0.58 57.40
CA GLY N 186 3.60 -2.02 57.48
C GLY N 186 2.96 -2.49 58.77
N THR N 187 2.00 -1.72 59.25
CA THR N 187 1.42 -1.92 60.58
C THR N 187 -0.08 -2.21 60.47
N GLY N 188 -0.73 -2.25 61.61
CA GLY N 188 -2.17 -2.42 61.66
C GLY N 188 -2.87 -1.09 61.82
N PRO N 189 -4.16 -1.04 61.50
CA PRO N 189 -4.90 0.22 61.64
C PRO N 189 -4.97 0.73 63.06
N ILE N 190 -5.19 -0.15 64.02
CA ILE N 190 -5.22 0.31 65.41
C ILE N 190 -3.84 0.79 65.84
N ASP N 191 -2.79 0.15 65.32
CA ASP N 191 -1.43 0.63 65.60
C ASP N 191 -1.25 2.04 65.06
N ASN N 192 -1.71 2.29 63.83
CA ASN N 192 -1.60 3.62 63.26
C ASN N 192 -2.38 4.64 64.07
N LEU N 193 -3.59 4.29 64.50
CA LEU N 193 -4.38 5.19 65.31
C LEU N 193 -3.67 5.51 66.62
N PHE N 194 -3.16 4.48 67.29
CA PHE N 194 -2.48 4.69 68.56
C PHE N 194 -1.24 5.55 68.39
N ALA N 195 -0.48 5.33 67.32
CA ALA N 195 0.73 6.12 67.09
C ALA N 195 0.38 7.58 66.81
N HIS N 196 -0.56 7.81 65.89
CA HIS N 196 -0.95 9.18 65.56
C HIS N 196 -1.55 9.89 66.76
N LEU N 197 -2.16 9.16 67.68
CA LEU N 197 -2.65 9.79 68.89
C LEU N 197 -1.57 9.96 69.93
N ALA N 198 -0.50 9.18 69.86
CA ALA N 198 0.63 9.37 70.76
C ALA N 198 1.41 10.62 70.38
N ASP N 199 1.60 10.86 69.09
CA ASP N 199 2.34 12.03 68.60
C ASP N 199 1.63 12.61 67.39
N PRO N 200 0.57 13.39 67.61
CA PRO N 200 -0.21 13.88 66.46
C PRO N 200 0.56 14.80 65.54
N GLY N 201 1.42 15.66 66.08
CA GLY N 201 2.11 16.61 65.23
C GLY N 201 3.10 15.97 64.28
N HIS N 202 3.63 14.81 64.64
CA HIS N 202 4.71 14.19 63.87
C HIS N 202 4.36 12.83 63.30
N ALA N 203 3.47 12.07 63.93
CA ALA N 203 3.17 10.71 63.49
C ALA N 203 1.95 10.73 62.58
N THR N 204 2.18 11.16 61.35
CA THR N 204 1.13 11.23 60.34
C THR N 204 1.61 10.57 59.06
N ILE N 205 0.89 10.78 57.96
CA ILE N 205 1.36 10.25 56.69
C ILE N 205 2.65 10.93 56.27
N PHE N 206 2.88 12.16 56.70
CA PHE N 206 4.15 12.82 56.40
C PHE N 206 5.21 12.34 57.37
N ALA N 207 5.35 11.03 57.52
CA ALA N 207 6.36 10.43 58.37
C ALA N 207 7.45 9.71 57.61
N ALA N 208 7.21 9.36 56.35
CA ALA N 208 8.25 8.77 55.52
C ALA N 208 9.16 9.85 54.95
N ARG O 1 -9.42 65.74 43.36
CA ARG O 1 -8.80 64.42 43.05
C ARG O 1 -7.71 64.59 42.00
N PRO O 2 -6.28 64.28 42.34
CA PRO O 2 -4.97 64.27 41.69
C PRO O 2 -4.68 62.95 41.00
N LEU O 3 -3.98 63.03 39.88
CA LEU O 3 -3.83 61.89 38.98
C LEU O 3 -2.35 61.71 38.65
N TRP O 4 -1.94 60.45 38.51
CA TRP O 4 -0.55 60.09 38.27
C TRP O 4 -0.43 59.29 37.00
N PHE O 5 0.43 59.75 36.07
CA PHE O 5 0.75 59.03 34.84
C PHE O 5 -0.50 58.41 34.23
N ALA O 6 -1.55 59.21 34.05
CA ALA O 6 -2.83 58.71 33.51
C ALA O 6 -2.79 58.44 32.00
N SER O 7 -3.84 57.80 31.49
CA SER O 7 -3.98 57.49 30.04
C SER O 7 -5.40 57.87 29.61
N LYS O 8 -5.57 58.36 28.39
CA LYS O 8 -6.94 58.73 27.94
C LYS O 8 -7.82 57.47 27.96
N GLN O 9 -7.30 56.35 27.47
CA GLN O 9 -8.03 55.07 27.50
C GLN O 9 -8.26 54.66 28.96
N SER O 10 -7.22 54.78 29.78
CA SER O 10 -7.26 54.41 31.22
C SER O 10 -8.24 55.29 32.00
N LEU O 11 -8.25 56.59 31.72
CA LEU O 11 -9.12 57.55 32.46
C LEU O 11 -10.59 57.17 32.25
N SER O 12 -10.95 56.78 31.02
CA SER O 12 -12.35 56.41 30.68
C SER O 12 -12.90 55.38 31.67
N TYR O 13 -12.16 54.30 31.94
CA TYR O 13 -12.65 53.23 32.83
C TYR O 13 -12.25 53.49 34.30
N LEU O 14 -11.55 54.58 34.56
CA LEU O 14 -11.12 54.93 35.94
C LEU O 14 -11.57 56.37 36.25
N ASP O 15 -12.85 56.54 36.59
CA ASP O 15 -13.41 57.90 36.85
C ASP O 15 -13.47 58.22 38.34
N GLY O 16 -13.32 57.23 39.23
CA GLY O 16 -13.38 57.58 40.64
C GLY O 16 -14.38 56.84 41.50
N SER O 17 -15.12 55.88 40.95
CA SER O 17 -16.06 55.15 41.79
C SER O 17 -15.37 54.18 42.75
N LEU O 18 -14.06 53.98 42.61
CA LEU O 18 -13.35 53.04 43.44
C LEU O 18 -12.37 53.77 44.36
N PRO O 19 -12.11 53.24 45.56
CA PRO O 19 -11.17 53.91 46.46
C PRO O 19 -9.75 53.82 45.93
N GLY O 20 -8.97 54.85 46.23
CA GLY O 20 -7.61 54.91 45.74
C GLY O 20 -7.49 55.09 44.25
N ASP O 21 -8.56 55.53 43.59
CA ASP O 21 -8.56 55.73 42.14
C ASP O 21 -7.70 56.93 41.80
N TYR O 22 -6.50 56.67 41.30
CA TYR O 22 -5.59 57.73 40.88
C TYR O 22 -5.43 57.78 39.37
N GLY O 23 -6.22 56.96 38.66
CA GLY O 23 -6.17 56.91 37.19
C GLY O 23 -4.87 56.32 36.66
N PHE O 24 -4.12 55.64 37.52
CA PHE O 24 -2.85 55.04 37.13
C PHE O 24 -3.10 53.63 36.61
N ASP O 25 -3.09 53.47 35.29
CA ASP O 25 -3.17 52.15 34.66
C ASP O 25 -2.38 52.21 33.35
N PRO O 26 -1.06 52.37 33.44
CA PRO O 26 -0.27 52.53 32.21
C PRO O 26 -0.30 51.33 31.30
N LEU O 27 -0.71 50.16 31.78
CA LEU O 27 -0.85 49.01 30.91
C LEU O 27 -2.30 48.66 30.64
N GLY O 28 -3.25 49.45 31.13
CA GLY O 28 -4.65 49.31 30.80
C GLY O 28 -5.21 47.92 31.03
N LEU O 29 -5.28 47.50 32.30
CA LEU O 29 -5.70 46.14 32.62
C LEU O 29 -7.13 46.06 33.11
N SER O 30 -7.66 47.12 33.71
CA SER O 30 -9.04 47.12 34.18
C SER O 30 -10.02 47.59 33.12
N ASP O 31 -9.65 47.44 31.85
CA ASP O 31 -10.51 47.86 30.76
C ASP O 31 -11.81 47.07 30.73
N PRO O 32 -12.96 47.72 30.89
CA PRO O 32 -14.23 46.99 30.78
C PRO O 32 -14.53 46.56 29.36
N GLU O 33 -13.63 46.82 28.42
CA GLU O 33 -13.85 46.31 27.08
C GLU O 33 -13.64 44.81 27.03
N GLY O 34 -12.44 44.35 27.35
CA GLY O 34 -12.14 42.94 27.28
C GLY O 34 -12.32 42.15 28.54
N THR O 35 -13.47 42.27 29.18
CA THR O 35 -13.71 41.56 30.43
C THR O 35 -14.02 40.09 30.14
N GLY O 36 -13.21 39.20 30.69
CA GLY O 36 -13.47 37.79 30.65
C GLY O 36 -13.09 37.15 31.96
N GLY O 37 -12.32 36.07 31.90
CA GLY O 37 -11.86 35.40 33.11
C GLY O 37 -10.82 36.25 33.82
N PHE O 38 -11.07 36.58 35.09
CA PHE O 38 -10.10 37.16 36.00
C PHE O 38 -9.52 38.48 35.51
N ILE O 39 -10.05 39.05 34.44
CA ILE O 39 -9.66 40.37 33.98
C ILE O 39 -10.78 41.39 34.16
N GLU O 40 -11.94 40.94 34.62
CA GLU O 40 -13.05 41.85 34.85
C GLU O 40 -12.67 42.86 35.93
N PRO O 41 -13.04 44.14 35.76
CA PRO O 41 -12.54 45.18 36.69
C PRO O 41 -12.98 45.00 38.13
N ARG O 42 -14.22 44.55 38.38
CA ARG O 42 -14.64 44.31 39.75
C ARG O 42 -13.73 43.29 40.44
N TRP O 43 -13.38 42.22 39.72
CA TRP O 43 -12.51 41.21 40.28
C TRP O 43 -11.13 41.79 40.59
N LEU O 44 -10.64 42.69 39.73
CA LEU O 44 -9.33 43.29 39.99
C LEU O 44 -9.37 44.19 41.20
N ALA O 45 -10.46 44.94 41.38
CA ALA O 45 -10.60 45.75 42.59
C ALA O 45 -10.61 44.86 43.83
N TYR O 46 -11.45 43.82 43.80
CA TYR O 46 -11.50 42.86 44.90
C TYR O 46 -10.12 42.31 45.20
N GLY O 47 -9.37 41.94 44.17
CA GLY O 47 -8.05 41.39 44.36
C GLY O 47 -7.08 42.37 44.97
N GLU O 48 -7.13 43.63 44.53
CA GLU O 48 -6.28 44.65 45.15
C GLU O 48 -6.59 44.77 46.64
N VAL O 49 -7.87 44.80 47.00
CA VAL O 49 -8.20 44.95 48.41
C VAL O 49 -7.73 43.75 49.21
N ILE O 50 -7.97 42.53 48.70
CA ILE O 50 -7.64 41.34 49.48
C ILE O 50 -6.13 41.18 49.60
N ASN O 51 -5.40 41.40 48.50
CA ASN O 51 -3.94 41.38 48.57
C ASN O 51 -3.44 42.41 49.57
N GLY O 52 -4.02 43.61 49.56
CA GLY O 52 -3.58 44.61 50.50
C GLY O 52 -3.83 44.21 51.94
N ARG O 53 -4.97 43.56 52.20
CA ARG O 53 -5.27 43.14 53.56
C ARG O 53 -4.30 42.06 54.02
N PHE O 54 -4.13 41.01 53.21
CA PHE O 54 -3.19 39.96 53.58
C PHE O 54 -1.77 40.49 53.69
N ALA O 55 -1.44 41.52 52.91
CA ALA O 55 -0.10 42.07 52.96
C ALA O 55 0.09 42.91 54.20
N MET O 56 -0.93 43.66 54.63
CA MET O 56 -0.82 44.36 55.90
C MET O 56 -0.58 43.37 57.03
N LEU O 57 -1.38 42.30 57.05
CA LEU O 57 -1.21 41.26 58.05
C LEU O 57 0.23 40.74 58.03
N GLY O 58 0.68 40.26 56.87
CA GLY O 58 1.98 39.65 56.76
C GLY O 58 3.14 40.61 56.92
N ALA O 59 2.91 41.91 56.71
CA ALA O 59 3.98 42.88 56.81
C ALA O 59 4.20 43.38 58.21
N VAL O 60 3.13 43.46 59.02
CA VAL O 60 3.40 43.67 60.43
C VAL O 60 3.82 42.36 61.08
N GLY O 61 3.43 41.23 60.52
CA GLY O 61 3.77 39.96 61.12
C GLY O 61 5.17 39.46 60.85
N ALA O 62 5.70 39.73 59.66
CA ALA O 62 7.03 39.27 59.33
C ALA O 62 8.10 40.06 60.06
N ILE O 63 7.83 41.34 60.32
CA ILE O 63 8.79 42.17 61.03
C ILE O 63 8.63 42.05 62.53
N ALA O 64 7.50 41.56 63.01
CA ALA O 64 7.26 41.54 64.45
C ALA O 64 8.34 40.72 65.16
N PRO O 65 8.39 39.39 65.00
CA PRO O 65 9.14 38.58 65.96
C PRO O 65 10.58 39.03 66.18
N GLU O 66 11.24 39.56 65.15
CA GLU O 66 12.62 39.99 65.31
C GLU O 66 12.73 41.40 65.86
N TYR O 67 11.62 42.10 66.07
CA TYR O 67 11.68 43.35 66.83
C TYR O 67 11.69 43.07 68.32
N LEU O 68 10.62 42.48 68.84
CA LEU O 68 10.62 42.08 70.24
C LEU O 68 11.57 40.93 70.50
N GLY O 69 12.20 40.38 69.46
CA GLY O 69 13.40 39.60 69.68
C GLY O 69 14.53 40.40 70.28
N LYS O 70 14.43 41.72 70.23
CA LYS O 70 15.40 42.61 70.88
C LYS O 70 14.88 43.19 72.19
N VAL O 71 13.57 43.35 72.34
CA VAL O 71 12.98 43.95 73.53
C VAL O 71 12.06 42.91 74.17
N GLY O 72 12.32 42.61 75.43
CA GLY O 72 11.38 41.85 76.24
C GLY O 72 11.83 40.42 76.48
N LEU O 73 11.04 39.74 77.32
CA LEU O 73 11.32 38.39 77.77
C LEU O 73 11.38 37.39 76.62
N ILE O 74 10.78 37.72 75.48
CA ILE O 74 10.70 36.86 74.30
C ILE O 74 12.06 36.23 74.03
N PRO O 75 12.19 34.91 74.16
CA PRO O 75 13.50 34.27 74.01
C PRO O 75 14.13 34.49 72.64
N GLN O 76 15.31 33.93 72.41
CA GLN O 76 15.93 34.08 71.10
C GLN O 76 15.58 32.94 70.16
N GLU O 77 15.23 31.77 70.68
CA GLU O 77 14.72 30.69 69.84
C GLU O 77 13.40 31.10 69.19
N THR O 78 12.62 31.92 69.86
CA THR O 78 11.39 32.49 69.33
C THR O 78 11.63 33.74 68.51
N ALA O 79 12.89 34.10 68.27
CA ALA O 79 13.24 35.34 67.58
C ALA O 79 14.00 34.98 66.32
N LEU O 80 13.25 34.70 65.26
CA LEU O 80 13.83 34.41 63.96
C LEU O 80 13.61 35.58 63.02
N ALA O 81 14.35 35.58 61.92
CA ALA O 81 13.94 36.39 60.80
C ALA O 81 12.74 35.75 60.14
N TRP O 82 12.09 36.50 59.25
CA TRP O 82 10.90 35.94 58.62
C TRP O 82 11.22 34.82 57.63
N PHE O 83 12.47 34.68 57.20
CA PHE O 83 12.82 33.62 56.26
C PHE O 83 13.39 32.39 56.95
N GLN O 84 13.82 32.51 58.21
CA GLN O 84 14.38 31.39 58.97
C GLN O 84 13.32 30.61 59.71
N THR O 85 12.05 30.97 59.56
CA THR O 85 11.00 30.36 60.37
C THR O 85 10.66 28.94 59.96
N GLY O 86 11.25 28.44 58.88
CA GLY O 86 10.84 27.18 58.30
C GLY O 86 10.06 27.34 57.02
N VAL O 87 9.72 28.57 56.64
CA VAL O 87 9.05 28.78 55.36
C VAL O 87 9.96 28.37 54.22
N ILE O 88 11.23 28.78 54.27
CA ILE O 88 12.22 28.33 53.31
C ILE O 88 13.21 27.45 54.05
N PRO O 89 13.01 26.13 54.03
CA PRO O 89 13.86 25.24 54.82
C PRO O 89 15.34 25.40 54.50
N PRO O 90 15.73 25.53 53.21
CA PRO O 90 17.17 25.70 52.95
C PRO O 90 17.75 26.99 53.50
N ALA O 91 16.91 27.82 54.12
CA ALA O 91 17.38 29.04 54.77
C ALA O 91 17.19 29.00 56.28
N GLY O 92 16.73 27.89 56.84
CA GLY O 92 16.55 27.78 58.26
C GLY O 92 15.20 27.18 58.63
N THR O 93 15.19 26.25 59.58
CA THR O 93 13.97 25.58 60.00
C THR O 93 13.76 25.75 61.50
N TYR O 94 12.65 25.21 61.98
CA TYR O 94 12.32 25.20 63.39
C TYR O 94 11.59 23.90 63.70
N ASN O 95 11.41 23.63 64.98
CA ASN O 95 10.72 22.43 65.44
C ASN O 95 9.53 22.85 66.27
N TYR O 96 8.40 23.04 65.61
CA TYR O 96 7.16 23.37 66.29
C TYR O 96 6.54 22.09 66.83
N TRP O 97 5.31 22.20 67.34
CA TRP O 97 4.61 21.02 67.82
C TRP O 97 4.21 20.06 66.70
N ALA O 98 4.49 20.40 65.45
CA ALA O 98 4.07 19.60 64.32
C ALA O 98 5.24 19.50 63.34
N ASP O 99 4.94 19.04 62.13
CA ASP O 99 5.95 18.54 61.21
C ASP O 99 6.45 19.58 60.19
N ASN O 100 5.74 20.70 60.04
CA ASN O 100 5.89 21.71 58.99
C ASN O 100 5.26 21.25 57.69
N TYR O 101 4.80 20.01 57.59
CA TYR O 101 3.95 19.58 56.49
C TYR O 101 2.52 19.33 56.94
N THR O 102 2.34 18.64 58.06
CA THR O 102 1.03 18.63 58.70
C THR O 102 0.63 20.03 59.13
N LEU O 103 1.60 20.83 59.56
CA LEU O 103 1.33 22.24 59.79
C LEU O 103 0.69 22.86 58.55
N PHE O 104 1.28 22.58 57.40
CA PHE O 104 0.79 23.18 56.16
C PHE O 104 -0.60 22.68 55.81
N VAL O 105 -0.84 21.37 55.93
CA VAL O 105 -2.13 20.86 55.50
C VAL O 105 -3.23 21.24 56.49
N LEU O 106 -2.90 21.37 57.77
CA LEU O 106 -3.88 21.88 58.72
C LEU O 106 -4.18 23.34 58.44
N GLU O 107 -3.13 24.13 58.22
CA GLU O 107 -3.31 25.53 57.83
C GLU O 107 -4.22 25.63 56.63
N MET O 108 -4.00 24.80 55.62
CA MET O 108 -4.78 24.95 54.40
C MET O 108 -6.15 24.31 54.49
N ALA O 109 -6.38 23.38 55.42
CA ALA O 109 -7.76 22.94 55.67
C ALA O 109 -8.56 24.08 56.29
N LEU O 110 -8.00 24.73 57.30
CA LEU O 110 -8.69 25.88 57.90
C LEU O 110 -8.88 27.01 56.88
N MET O 111 -7.81 27.34 56.16
CA MET O 111 -7.92 28.40 55.18
C MET O 111 -8.84 28.01 54.03
N GLY O 112 -8.92 26.71 53.77
CA GLY O 112 -9.79 26.20 52.70
C GLY O 112 -11.24 26.56 52.96
N PHE O 113 -11.75 26.23 54.15
CA PHE O 113 -13.16 26.55 54.48
C PHE O 113 -13.38 28.07 54.45
N ALA O 114 -12.46 28.84 55.04
CA ALA O 114 -12.63 30.31 55.07
C ALA O 114 -12.63 30.91 53.66
N GLU O 115 -11.65 30.51 52.84
CA GLU O 115 -11.54 31.04 51.44
C GLU O 115 -12.71 30.56 50.57
N HIS O 116 -13.07 29.27 50.67
CA HIS O 116 -14.16 28.74 49.82
C HIS O 116 -15.47 29.44 50.17
N ARG O 117 -15.73 29.65 51.46
CA ARG O 117 -16.97 30.35 51.89
C ARG O 117 -16.94 31.77 51.34
N ARG O 118 -15.77 32.43 51.41
CA ARG O 118 -15.64 33.82 50.92
C ARG O 118 -15.94 33.85 49.43
N PHE O 119 -15.39 32.89 48.66
CA PHE O 119 -15.64 32.83 47.20
C PHE O 119 -17.12 32.55 46.94
N GLN O 120 -17.70 31.62 47.70
CA GLN O 120 -19.14 31.27 47.51
C GLN O 120 -19.98 32.54 47.67
N ASP O 121 -19.50 33.48 48.49
CA ASP O 121 -20.19 34.75 48.67
C ASP O 121 -19.89 35.72 47.55
N TRP O 122 -18.68 35.68 46.99
CA TRP O 122 -18.40 36.53 45.83
C TRP O 122 -19.29 36.17 44.65
N ALA O 123 -19.43 34.87 44.37
CA ALA O 123 -20.08 34.45 43.14
C ALA O 123 -21.58 34.69 43.18
N LYS O 124 -22.27 34.05 44.12
CA LYS O 124 -23.70 34.26 44.33
C LYS O 124 -23.86 35.06 45.61
N PRO O 125 -23.86 36.39 45.54
CA PRO O 125 -23.78 37.19 46.77
C PRO O 125 -24.97 36.96 47.68
N GLY O 126 -24.67 36.68 48.95
CA GLY O 126 -25.70 36.44 49.93
C GLY O 126 -26.11 35.00 50.09
N SER O 127 -25.26 34.05 49.70
CA SER O 127 -25.60 32.65 49.76
C SER O 127 -25.11 31.96 51.02
N MET O 128 -24.20 32.59 51.76
CA MET O 128 -23.65 31.94 52.94
C MET O 128 -24.55 32.09 54.15
N GLY O 129 -25.50 33.00 54.12
CA GLY O 129 -26.44 33.13 55.20
C GLY O 129 -27.68 32.27 55.00
N LYS O 130 -27.54 31.19 54.22
CA LYS O 130 -28.70 30.31 53.95
C LYS O 130 -28.51 28.93 54.60
N GLN O 131 -27.47 28.19 54.21
CA GLN O 131 -27.24 26.83 54.77
C GLN O 131 -26.73 26.90 56.21
N TYR O 132 -27.01 25.85 57.00
CA TYR O 132 -26.61 25.73 58.43
C TYR O 132 -25.10 25.54 58.58
N PHE O 133 -24.50 26.21 59.57
CA PHE O 133 -23.05 26.08 59.83
C PHE O 133 -22.82 26.14 61.35
N LEU O 134 -23.45 25.26 62.13
CA LEU O 134 -23.44 25.30 63.62
C LEU O 134 -23.87 26.71 64.05
N GLY O 135 -25.01 27.19 63.51
CA GLY O 135 -25.45 28.58 63.73
C GLY O 135 -24.48 29.44 62.94
N LEU O 136 -24.23 30.72 63.28
CA LEU O 136 -23.15 31.52 62.70
C LEU O 136 -23.40 31.84 61.23
N GLU O 137 -24.58 31.60 60.65
CA GLU O 137 -24.83 31.87 59.20
C GLU O 137 -25.50 33.23 59.16
N LYS O 138 -26.24 33.57 60.22
CA LYS O 138 -26.83 34.90 60.21
C LYS O 138 -25.78 36.00 60.21
N GLY O 139 -24.52 35.68 60.54
CA GLY O 139 -23.47 36.67 60.55
C GLY O 139 -22.68 36.68 59.26
N PHE O 140 -22.85 35.63 58.45
CA PHE O 140 -22.15 35.51 57.18
C PHE O 140 -23.04 35.91 56.00
N GLY O 141 -23.92 36.87 56.20
CA GLY O 141 -24.80 37.29 55.13
C GLY O 141 -24.05 38.02 54.04
N GLY O 142 -23.43 39.13 54.39
CA GLY O 142 -22.76 39.98 53.43
C GLY O 142 -23.43 41.33 53.34
N SER O 143 -22.90 42.16 52.42
CA SER O 143 -23.42 43.51 52.25
C SER O 143 -23.56 43.90 50.79
N GLY O 144 -23.63 42.93 49.88
CA GLY O 144 -23.72 43.27 48.46
C GLY O 144 -22.36 43.53 47.85
N ASN O 145 -21.48 44.22 48.60
CA ASN O 145 -20.11 44.44 48.15
C ASN O 145 -19.23 43.34 48.71
N PRO O 146 -18.50 42.61 47.89
CA PRO O 146 -17.70 41.49 48.39
C PRO O 146 -16.55 41.95 49.27
N ALA O 147 -15.78 42.92 48.78
CA ALA O 147 -14.61 43.40 49.52
C ALA O 147 -15.00 43.99 50.87
N TYR O 148 -16.27 44.32 51.07
CA TYR O 148 -16.73 44.94 52.31
C TYR O 148 -17.98 44.23 52.78
N PRO O 149 -17.82 43.02 53.35
CA PRO O 149 -19.01 42.24 53.74
C PRO O 149 -19.70 42.77 54.97
N GLY O 150 -18.94 43.28 55.94
CA GLY O 150 -19.59 43.75 57.15
C GLY O 150 -20.22 42.62 57.93
N GLY O 151 -21.08 43.01 58.87
CA GLY O 151 -21.79 42.06 59.69
C GLY O 151 -21.31 42.08 61.13
N PRO O 152 -21.83 41.17 61.94
CA PRO O 152 -21.40 41.12 63.35
C PRO O 152 -20.00 40.59 63.52
N PHE O 153 -19.47 39.87 62.54
CA PHE O 153 -18.12 39.30 62.64
C PHE O 153 -17.08 40.26 62.08
N PHE O 154 -17.20 40.59 60.79
CA PHE O 154 -16.20 41.39 60.11
C PHE O 154 -16.29 42.86 60.42
N ASN O 155 -17.27 43.29 61.23
CA ASN O 155 -17.36 44.67 61.67
C ASN O 155 -18.12 44.71 62.99
N PRO O 156 -17.49 44.27 64.08
CA PRO O 156 -18.18 44.28 65.37
C PRO O 156 -18.24 45.66 65.99
N LEU O 157 -17.20 46.47 65.80
CA LEU O 157 -17.11 47.76 66.44
C LEU O 157 -17.96 48.83 65.74
N GLY O 158 -18.50 48.52 64.56
CA GLY O 158 -19.40 49.43 63.88
C GLY O 158 -18.76 50.75 63.47
N PHE O 159 -17.66 50.68 62.73
CA PHE O 159 -17.04 51.88 62.19
C PHE O 159 -17.75 52.33 60.93
N GLY O 160 -17.94 53.64 60.80
CA GLY O 160 -18.54 54.18 59.59
C GLY O 160 -20.00 53.86 59.42
N LYS O 161 -20.86 54.42 60.28
CA LYS O 161 -22.30 54.23 60.14
C LYS O 161 -22.90 55.19 59.12
N ASP O 162 -22.29 56.34 58.92
CA ASP O 162 -22.51 57.11 57.71
C ASP O 162 -21.46 56.72 56.69
N GLU O 163 -21.60 57.21 55.47
CA GLU O 163 -20.92 56.64 54.31
C GLU O 163 -19.79 57.49 53.75
N LYS O 164 -19.65 58.76 54.14
CA LYS O 164 -18.37 59.39 53.90
C LYS O 164 -17.33 58.85 54.88
N SER O 165 -17.79 58.43 56.07
CA SER O 165 -16.92 57.68 56.97
C SER O 165 -16.36 56.49 56.25
N LEU O 166 -17.23 55.66 55.66
CA LEU O 166 -16.78 54.51 54.90
C LEU O 166 -15.93 54.92 53.70
N LYS O 167 -16.25 56.06 53.07
CA LYS O 167 -15.47 56.49 51.90
C LYS O 167 -14.02 56.77 52.28
N GLU O 168 -13.81 57.70 53.21
CA GLU O 168 -12.43 58.01 53.58
C GLU O 168 -11.76 56.84 54.28
N LEU O 169 -12.53 55.99 54.98
CA LEU O 169 -11.94 54.84 55.61
C LEU O 169 -11.45 53.82 54.59
N LYS O 170 -12.23 53.62 53.52
CA LYS O 170 -11.79 52.74 52.44
C LYS O 170 -10.57 53.31 51.74
N LEU O 171 -10.54 54.63 51.55
CA LEU O 171 -9.37 55.26 50.98
C LEU O 171 -8.13 54.96 51.82
N LYS O 172 -8.23 55.19 53.13
CA LYS O 172 -7.11 54.91 54.03
C LYS O 172 -6.74 53.44 53.98
N GLU O 173 -7.73 52.56 53.93
CA GLU O 173 -7.47 51.12 53.89
C GLU O 173 -6.64 50.75 52.67
N VAL O 174 -7.09 51.18 51.49
CA VAL O 174 -6.39 50.77 50.28
C VAL O 174 -5.02 51.45 50.18
N LYS O 175 -4.88 52.64 50.73
CA LYS O 175 -3.57 53.29 50.73
C LYS O 175 -2.59 52.52 51.60
N ASN O 176 -3.01 52.19 52.83
CA ASN O 176 -2.15 51.38 53.70
C ASN O 176 -1.90 50.02 53.11
N GLY O 177 -2.85 49.49 52.35
CA GLY O 177 -2.64 48.19 51.71
C GLY O 177 -1.57 48.25 50.63
N ARG O 178 -1.61 49.29 49.79
CA ARG O 178 -0.54 49.46 48.81
C ARG O 178 0.81 49.63 49.49
N LEU O 179 0.85 50.42 50.55
CA LEU O 179 2.08 50.59 51.31
C LEU O 179 2.60 49.24 51.81
N ALA O 180 1.71 48.44 52.40
CA ALA O 180 2.15 47.15 52.92
C ALA O 180 2.58 46.20 51.81
N MET O 181 1.93 46.27 50.65
CA MET O 181 2.30 45.39 49.54
C MET O 181 3.72 45.68 49.08
N LEU O 182 4.03 46.97 48.82
CA LEU O 182 5.40 47.24 48.38
C LEU O 182 6.38 47.06 49.53
N ALA O 183 5.94 47.21 50.77
CA ALA O 183 6.79 46.87 51.91
C ALA O 183 7.18 45.40 51.88
N ILE O 184 6.23 44.53 51.57
CA ILE O 184 6.51 43.10 51.53
C ILE O 184 7.43 42.78 50.37
N LEU O 185 7.23 43.45 49.23
CA LEU O 185 8.14 43.23 48.11
C LEU O 185 9.57 43.64 48.49
N GLY O 186 9.71 44.76 49.20
CA GLY O 186 11.01 45.15 49.70
C GLY O 186 11.58 44.12 50.65
N TYR O 187 10.75 43.62 51.57
CA TYR O 187 11.17 42.52 52.43
C TYR O 187 11.77 41.40 51.62
N PHE O 188 11.07 40.95 50.59
CA PHE O 188 11.51 39.81 49.81
C PHE O 188 12.87 40.07 49.17
N ILE O 189 12.94 41.09 48.33
CA ILE O 189 14.17 41.28 47.58
C ILE O 189 15.33 41.62 48.51
N GLN O 190 15.05 42.30 49.62
CA GLN O 190 16.10 42.76 50.51
C GLN O 190 16.65 41.58 51.29
N GLY O 191 15.75 40.75 51.83
CA GLY O 191 16.16 39.53 52.44
C GLY O 191 16.85 38.57 51.48
N LEU O 192 16.64 38.74 50.18
CA LEU O 192 17.44 37.89 49.29
C LEU O 192 18.83 38.47 49.08
N VAL O 193 18.94 39.64 48.46
CA VAL O 193 20.27 40.08 48.05
C VAL O 193 21.07 40.66 49.20
N THR O 194 20.45 40.93 50.35
CA THR O 194 21.21 41.24 51.55
C THR O 194 21.17 40.13 52.58
N GLY O 195 20.09 39.35 52.63
CA GLY O 195 20.04 38.17 53.49
C GLY O 195 20.27 38.43 54.95
N VAL O 196 19.66 39.48 55.50
CA VAL O 196 19.88 39.87 56.88
C VAL O 196 18.58 39.83 57.69
N GLY O 197 17.46 40.21 57.09
CA GLY O 197 16.24 40.41 57.84
C GLY O 197 15.93 41.89 57.98
N PRO O 198 14.67 42.28 57.75
CA PRO O 198 14.37 43.71 57.57
C PRO O 198 14.60 44.58 58.79
N TYR O 199 14.13 44.12 59.96
CA TYR O 199 14.27 44.89 61.22
C TYR O 199 15.76 45.11 61.53
N GLN O 200 16.52 44.01 61.66
CA GLN O 200 17.97 44.09 61.98
C GLN O 200 18.67 44.87 60.87
N ASN O 201 18.31 44.60 59.62
CA ASN O 201 18.90 45.33 58.45
C ASN O 201 18.57 46.82 58.61
N LEU O 202 17.33 47.15 59.01
CA LEU O 202 16.99 48.59 59.19
C LEU O 202 17.91 49.18 60.27
N LEU O 203 18.14 48.44 61.37
CA LEU O 203 19.02 48.98 62.45
C LEU O 203 20.42 49.22 61.87
N ASP O 204 20.93 48.29 61.04
CA ASP O 204 22.30 48.52 60.49
C ASP O 204 22.26 49.80 59.62
N HIS O 205 21.20 49.98 58.83
CA HIS O 205 21.09 51.21 57.99
C HIS O 205 21.05 52.45 58.90
N VAL O 206 20.38 52.39 60.06
CA VAL O 206 20.30 53.58 60.95
C VAL O 206 21.60 53.78 61.74
N ALA O 207 22.52 52.80 61.76
CA ALA O 207 23.81 53.06 62.45
C ALA O 207 24.42 54.31 61.79
N ASP O 208 24.59 54.21 60.47
CA ASP O 208 24.99 55.28 59.54
C ASP O 208 24.92 54.70 58.14
N PRO O 209 24.65 55.52 57.13
CA PRO O 209 24.24 54.99 55.83
C PRO O 209 25.39 54.49 54.96
N VAL O 210 26.54 54.23 55.56
CA VAL O 210 27.68 53.67 54.82
C VAL O 210 27.25 52.47 53.99
N ASN O 211 26.37 51.67 54.60
CA ASN O 211 25.80 50.43 54.03
C ASN O 211 24.57 50.76 53.19
N ASN O 212 24.82 51.34 52.00
CA ASN O 212 23.79 51.72 50.99
C ASN O 212 23.40 50.49 50.15
N ASN O 213 22.32 50.58 49.38
CA ASN O 213 21.86 49.44 48.53
C ASN O 213 23.00 49.00 47.61
N VAL O 214 23.75 49.95 47.05
CA VAL O 214 24.90 49.64 46.16
C VAL O 214 25.94 48.81 46.94
N LEU O 215 26.12 49.10 48.24
CA LEU O 215 27.19 48.43 49.03
C LEU O 215 26.97 46.91 48.95
N THR O 216 25.72 46.47 49.09
CA THR O 216 25.39 45.05 48.92
C THR O 216 25.05 44.72 47.46
N SER O 217 25.58 45.66 46.66
CA SER O 217 25.81 45.53 45.22
C SER O 217 26.28 44.14 44.84
N LEU O 218 27.14 43.57 45.68
CA LEU O 218 27.92 42.39 45.36
C LEU O 218 27.20 41.08 45.57
N LYS O 219 25.97 41.11 46.10
CA LYS O 219 25.14 39.91 46.23
C LYS O 219 25.87 38.82 47.02
N PHE O 220 26.08 39.13 48.32
CA PHE O 220 26.79 38.28 49.25
C PHE O 220 26.45 36.79 49.11
N HIS O 221 25.19 36.48 48.80
CA HIS O 221 24.74 35.10 48.69
C HIS O 221 23.63 34.96 47.65
N LYS P 1 -47.84 -20.31 34.34
CA LYS P 1 -46.68 -20.90 34.99
C LYS P 1 -46.20 -22.13 34.23
N LYS P 2 -45.36 -21.89 33.23
CA LYS P 2 -44.80 -22.94 32.39
C LYS P 2 -43.41 -23.36 32.85
N GLY P 3 -43.00 -22.97 34.04
CA GLY P 3 -41.65 -23.24 34.49
C GLY P 3 -40.69 -22.21 33.94
N GLU P 4 -39.79 -21.70 34.79
CA GLU P 4 -38.81 -20.69 34.31
C GLU P 4 -37.41 -21.09 34.77
N TRP P 5 -36.49 -21.27 33.80
CA TRP P 5 -35.07 -21.60 34.12
C TRP P 5 -34.45 -20.42 34.89
N LEU P 6 -34.80 -19.18 34.50
CA LEU P 6 -34.33 -17.96 35.18
C LEU P 6 -35.57 -17.18 35.63
N PRO P 7 -35.96 -17.24 36.92
CA PRO P 7 -37.16 -16.56 37.43
C PRO P 7 -37.46 -15.16 36.89
N GLY P 8 -36.45 -14.29 36.80
CA GLY P 8 -36.64 -12.92 36.34
C GLY P 8 -36.67 -12.77 34.82
N LEU P 9 -36.46 -13.85 34.05
CA LEU P 9 -36.47 -13.67 32.61
C LEU P 9 -37.70 -14.31 31.99
N ALA P 10 -38.31 -13.58 31.05
CA ALA P 10 -39.45 -14.10 30.29
C ALA P 10 -38.99 -15.20 29.34
N SER P 11 -39.94 -15.94 28.86
CA SER P 11 -39.68 -17.09 28.01
C SER P 11 -39.82 -16.72 26.54
N PRO P 12 -39.14 -17.43 25.65
CA PRO P 12 -39.19 -17.06 24.23
C PRO P 12 -40.58 -17.26 23.64
N GLY P 13 -40.80 -16.59 22.51
CA GLY P 13 -42.10 -16.65 21.87
C GLY P 13 -42.34 -17.98 21.16
N TYR P 14 -41.30 -18.54 20.56
CA TYR P 14 -41.46 -19.80 19.85
C TYR P 14 -41.76 -20.95 20.80
N LEU P 15 -41.35 -20.85 22.05
CA LEU P 15 -41.69 -21.86 23.06
C LEU P 15 -42.96 -21.42 23.77
N THR P 16 -43.97 -22.30 23.78
CA THR P 16 -45.27 -21.95 24.34
C THR P 16 -45.78 -22.99 25.31
N GLY P 17 -44.87 -23.83 25.83
CA GLY P 17 -45.22 -24.86 26.83
C GLY P 17 -46.02 -26.01 26.26
N SER P 18 -46.30 -25.98 24.95
CA SER P 18 -47.08 -27.07 24.30
C SER P 18 -46.31 -28.38 24.41
N LEU P 19 -44.99 -28.34 24.21
CA LEU P 19 -44.11 -29.55 24.28
C LEU P 19 -43.78 -29.86 25.73
N PRO P 20 -43.80 -31.15 26.15
CA PRO P 20 -43.48 -31.53 27.53
C PRO P 20 -42.02 -31.16 27.88
N GLY P 21 -41.79 -30.74 29.13
CA GLY P 21 -40.45 -30.36 29.59
C GLY P 21 -40.07 -28.94 29.21
N ASP P 22 -41.01 -28.18 28.65
CA ASP P 22 -40.76 -26.77 28.23
C ASP P 22 -40.63 -25.88 29.48
N ASN P 23 -39.43 -25.36 29.73
CA ASN P 23 -39.18 -24.47 30.89
C ASN P 23 -38.68 -23.12 30.38
N GLY P 24 -38.87 -22.84 29.08
CA GLY P 24 -38.42 -21.59 28.52
C GLY P 24 -36.93 -21.47 28.39
N PHE P 25 -36.25 -22.62 28.27
CA PHE P 25 -34.76 -22.58 28.22
C PHE P 25 -34.21 -22.69 26.80
N ASP P 26 -34.03 -21.55 26.13
CA ASP P 26 -33.36 -21.52 24.84
C ASP P 26 -32.64 -20.19 24.69
N PRO P 27 -31.56 -19.96 25.44
CA PRO P 27 -30.91 -18.66 25.38
C PRO P 27 -30.25 -18.38 24.05
N LEU P 28 -29.74 -19.40 23.38
CA LEU P 28 -28.99 -19.21 22.15
C LEU P 28 -29.87 -19.13 20.92
N GLY P 29 -31.18 -19.07 21.10
CA GLY P 29 -32.09 -18.92 19.97
C GLY P 29 -31.97 -20.04 18.96
N LEU P 30 -31.74 -21.26 19.43
CA LEU P 30 -31.46 -22.36 18.51
C LEU P 30 -32.71 -22.82 17.77
N ALA P 31 -33.88 -22.58 18.33
CA ALA P 31 -35.13 -23.09 17.77
C ALA P 31 -36.10 -21.96 17.45
N GLU P 32 -35.57 -20.81 17.02
CA GLU P 32 -36.45 -19.71 16.63
C GLU P 32 -37.33 -20.08 15.44
N ASP P 33 -36.99 -21.14 14.72
CA ASP P 33 -37.75 -21.59 13.57
C ASP P 33 -38.58 -22.81 13.92
N PRO P 34 -39.83 -22.87 13.47
CA PRO P 34 -40.70 -24.01 13.81
C PRO P 34 -40.16 -25.35 13.36
N GLU P 35 -39.62 -25.45 12.15
CA GLU P 35 -39.10 -26.73 11.68
C GLU P 35 -37.85 -27.13 12.46
N ASN P 36 -36.99 -26.15 12.76
CA ASN P 36 -35.85 -26.42 13.62
C ASN P 36 -36.30 -27.00 14.95
N LEU P 37 -37.33 -26.39 15.53
CA LEU P 37 -37.88 -26.84 16.83
C LEU P 37 -38.42 -28.27 16.71
N LYS P 38 -39.16 -28.55 15.63
CA LYS P 38 -39.75 -29.87 15.43
C LYS P 38 -38.67 -30.94 15.30
N TRP P 39 -37.58 -30.61 14.63
CA TRP P 39 -36.46 -31.55 14.54
C TRP P 39 -35.75 -31.70 15.88
N PHE P 40 -35.60 -30.59 16.61
CA PHE P 40 -34.81 -30.63 17.83
C PHE P 40 -35.52 -31.38 18.94
N VAL P 41 -36.85 -31.36 18.96
CA VAL P 41 -37.59 -32.10 20.03
C VAL P 41 -37.31 -33.60 19.84
N GLN P 42 -37.30 -34.08 18.60
CA GLN P 42 -36.99 -35.47 18.30
C GLN P 42 -35.55 -35.78 18.65
N ALA P 43 -34.65 -34.86 18.30
CA ALA P 43 -33.24 -35.04 18.63
C ALA P 43 -33.04 -35.18 20.13
N GLU P 44 -33.66 -34.29 20.91
CA GLU P 44 -33.54 -34.36 22.36
C GLU P 44 -34.07 -35.68 22.88
N LEU P 45 -35.23 -36.12 22.37
CA LEU P 45 -35.82 -37.34 22.89
C LEU P 45 -34.91 -38.54 22.63
N VAL P 46 -34.39 -38.66 21.41
CA VAL P 46 -33.60 -39.85 21.09
C VAL P 46 -32.26 -39.80 21.82
N ASN P 47 -31.62 -38.62 21.85
CA ASN P 47 -30.38 -38.49 22.60
C ASN P 47 -30.60 -38.81 24.07
N GLY P 48 -31.71 -38.36 24.64
CA GLY P 48 -31.95 -38.59 26.05
C GLY P 48 -32.25 -40.04 26.36
N ARG P 49 -33.01 -40.71 25.50
CA ARG P 49 -33.27 -42.13 25.72
C ARG P 49 -31.98 -42.94 25.62
N TRP P 50 -31.15 -42.63 24.63
CA TRP P 50 -29.88 -43.32 24.52
C TRP P 50 -28.99 -43.04 25.72
N ALA P 51 -29.01 -41.80 26.23
CA ALA P 51 -28.19 -41.47 27.39
C ALA P 51 -28.70 -42.17 28.63
N MET P 52 -30.01 -42.28 28.79
CA MET P 52 -30.58 -43.02 29.91
C MET P 52 -30.08 -44.46 29.88
N LEU P 53 -30.31 -45.16 28.77
CA LEU P 53 -29.82 -46.53 28.66
C LEU P 53 -28.33 -46.59 28.90
N GLY P 54 -27.59 -45.61 28.37
CA GLY P 54 -26.15 -45.68 28.42
C GLY P 54 -25.61 -45.57 29.83
N VAL P 55 -25.98 -44.52 30.55
CA VAL P 55 -25.43 -44.38 31.88
C VAL P 55 -26.06 -45.36 32.85
N ALA P 56 -27.26 -45.87 32.57
CA ALA P 56 -27.73 -47.02 33.32
C ALA P 56 -26.74 -48.17 33.19
N GLY P 57 -26.46 -48.59 31.95
CA GLY P 57 -25.53 -49.68 31.73
C GLY P 57 -24.11 -49.36 32.12
N MET P 58 -23.78 -48.09 32.31
CA MET P 58 -22.45 -47.68 32.73
C MET P 58 -22.28 -47.71 34.24
N LEU P 59 -23.31 -47.31 34.97
CA LEU P 59 -23.21 -47.12 36.42
C LEU P 59 -23.79 -48.27 37.21
N LEU P 60 -25.00 -48.75 36.87
CA LEU P 60 -25.59 -49.83 37.64
C LEU P 60 -24.71 -51.07 37.69
N PRO P 61 -24.14 -51.57 36.58
CA PRO P 61 -23.20 -52.68 36.69
C PRO P 61 -22.03 -52.37 37.60
N GLU P 62 -21.60 -51.11 37.69
CA GLU P 62 -20.44 -50.79 38.50
C GLU P 62 -20.72 -50.96 39.99
N VAL P 63 -21.87 -50.49 40.46
CA VAL P 63 -22.16 -50.72 41.87
C VAL P 63 -22.51 -52.18 42.10
N PHE P 64 -23.13 -52.84 41.13
CA PHE P 64 -23.39 -54.27 41.30
C PHE P 64 -22.09 -55.04 41.44
N THR P 65 -21.01 -54.61 40.75
CA THR P 65 -19.76 -55.35 40.82
C THR P 65 -18.93 -54.98 42.04
N SER P 66 -19.12 -53.77 42.54
CA SER P 66 -18.43 -53.23 43.69
C SER P 66 -19.13 -53.50 45.01
N ILE P 67 -20.29 -54.15 44.97
CA ILE P 67 -20.85 -54.72 46.19
C ILE P 67 -20.86 -56.25 46.11
N GLY P 68 -20.07 -56.80 45.21
CA GLY P 68 -19.78 -58.22 45.18
C GLY P 68 -20.95 -59.11 44.79
N ILE P 69 -21.55 -58.86 43.64
CA ILE P 69 -22.55 -59.74 43.06
C ILE P 69 -22.13 -60.26 41.70
N ILE P 70 -21.69 -59.37 40.82
CA ILE P 70 -21.16 -59.78 39.52
C ILE P 70 -19.71 -59.33 39.46
N ASN P 71 -19.03 -59.66 38.36
CA ASN P 71 -17.67 -59.17 38.13
C ASN P 71 -17.60 -58.69 36.69
N VAL P 72 -17.92 -57.42 36.48
CA VAL P 72 -17.86 -56.81 35.15
C VAL P 72 -16.68 -55.87 35.10
N PRO P 73 -16.09 -55.64 33.94
CA PRO P 73 -15.02 -54.66 33.84
C PRO P 73 -15.53 -53.25 34.00
N LYS P 74 -14.63 -52.28 33.95
CA LYS P 74 -15.06 -50.89 33.91
C LYS P 74 -15.55 -50.57 32.51
N TRP P 75 -16.47 -49.61 32.43
CA TRP P 75 -17.04 -49.25 31.13
C TRP P 75 -15.94 -48.78 30.17
N TYR P 76 -14.96 -48.06 30.69
CA TYR P 76 -13.88 -47.60 29.85
C TYR P 76 -12.88 -48.71 29.53
N ASP P 77 -13.13 -49.94 29.98
CA ASP P 77 -12.34 -51.10 29.63
C ASP P 77 -13.11 -52.21 28.96
N ALA P 78 -14.44 -52.24 29.10
CA ALA P 78 -15.21 -53.40 28.68
C ALA P 78 -15.10 -53.66 27.19
N GLY P 79 -14.70 -52.67 26.40
CA GLY P 79 -14.54 -52.89 24.99
C GLY P 79 -13.34 -53.75 24.66
N LYS P 80 -12.34 -53.77 25.54
CA LYS P 80 -11.10 -54.49 25.23
C LYS P 80 -11.22 -55.97 25.56
N GLU P 81 -11.98 -56.32 26.59
CA GLU P 81 -12.33 -57.72 26.83
C GLU P 81 -12.85 -58.34 25.55
N GLU P 82 -12.38 -59.55 25.25
CA GLU P 82 -12.77 -60.21 24.02
C GLU P 82 -13.99 -61.09 24.28
N TYR P 83 -14.90 -61.12 23.32
CA TYR P 83 -16.16 -61.83 23.43
C TYR P 83 -16.20 -62.97 22.42
N PHE P 84 -17.38 -63.60 22.31
CA PHE P 84 -17.52 -64.78 21.46
C PHE P 84 -17.28 -64.50 20.00
N ALA P 85 -17.30 -63.23 19.60
CA ALA P 85 -17.07 -62.85 18.21
C ALA P 85 -16.03 -61.74 18.16
N SER P 86 -15.46 -61.55 16.98
CA SER P 86 -14.57 -60.43 16.80
C SER P 86 -15.32 -59.13 17.07
N SER P 87 -14.57 -58.08 17.35
CA SER P 87 -15.21 -56.80 17.60
C SER P 87 -15.73 -56.19 16.31
N SER P 88 -14.95 -56.28 15.23
CA SER P 88 -15.40 -55.72 13.96
C SER P 88 -16.65 -56.44 13.46
N THR P 89 -16.74 -57.75 13.70
CA THR P 89 -17.96 -58.47 13.36
C THR P 89 -19.17 -57.87 14.07
N LEU P 90 -19.06 -57.69 15.39
CA LEU P 90 -20.13 -57.07 16.14
C LEU P 90 -20.44 -55.69 15.60
N PHE P 91 -19.41 -54.95 15.21
CA PHE P 91 -19.63 -53.59 14.74
C PHE P 91 -20.45 -53.58 13.45
N VAL P 92 -20.09 -54.43 12.49
CA VAL P 92 -20.85 -54.38 11.24
C VAL P 92 -22.23 -54.96 11.44
N ILE P 93 -22.40 -55.93 12.35
CA ILE P 93 -23.73 -56.42 12.67
C ILE P 93 -24.60 -55.27 13.17
N GLU P 94 -24.11 -54.58 14.19
CA GLU P 94 -24.83 -53.45 14.74
C GLU P 94 -25.09 -52.40 13.68
N PHE P 95 -24.10 -52.19 12.80
CA PHE P 95 -24.26 -51.14 11.75
C PHE P 95 -25.49 -51.46 10.87
N ILE P 96 -25.54 -52.69 10.34
CA ILE P 96 -26.67 -53.09 9.45
C ILE P 96 -27.99 -53.03 10.21
N LEU P 97 -28.02 -53.55 11.44
CA LEU P 97 -29.28 -53.55 12.23
C LEU P 97 -29.72 -52.10 12.53
N PHE P 98 -28.78 -51.26 12.96
CA PHE P 98 -29.09 -49.85 13.28
C PHE P 98 -29.49 -49.07 12.01
N HIS P 99 -28.85 -49.37 10.88
CA HIS P 99 -29.15 -48.61 9.64
C HIS P 99 -30.63 -48.81 9.27
N TYR P 100 -31.14 -50.03 9.35
CA TYR P 100 -32.57 -50.27 9.01
C TYR P 100 -33.51 -49.59 10.01
N VAL P 101 -33.24 -49.76 11.32
CA VAL P 101 -34.15 -49.18 12.36
C VAL P 101 -34.11 -47.65 12.32
N GLU P 102 -32.93 -47.05 12.22
CA GLU P 102 -32.82 -45.56 12.19
C GLU P 102 -33.50 -45.02 10.93
N ILE P 103 -33.27 -45.68 9.79
CA ILE P 103 -33.91 -45.23 8.52
C ILE P 103 -35.43 -45.23 8.72
N ARG P 104 -35.97 -46.31 9.29
CA ARG P 104 -37.41 -46.35 9.58
C ARG P 104 -37.83 -45.14 10.40
N ARG P 105 -37.12 -44.91 11.51
CA ARG P 105 -37.45 -43.77 12.37
C ARG P 105 -37.36 -42.46 11.61
N TRP P 106 -36.36 -42.32 10.75
CA TRP P 106 -36.22 -41.12 9.94
C TRP P 106 -37.42 -40.92 9.04
N GLN P 107 -37.83 -41.98 8.35
CA GLN P 107 -38.96 -41.86 7.44
C GLN P 107 -40.22 -41.46 8.18
N ASP P 108 -40.35 -41.85 9.44
CA ASP P 108 -41.51 -41.35 10.17
C ASP P 108 -41.34 -39.92 10.65
N ILE P 109 -40.11 -39.50 10.94
CA ILE P 109 -39.92 -38.11 11.34
C ILE P 109 -40.26 -37.18 10.18
N LYS P 110 -39.82 -37.55 8.97
CA LYS P 110 -40.03 -36.67 7.82
C LYS P 110 -41.48 -36.64 7.38
N ASN P 111 -42.20 -37.76 7.50
CA ASN P 111 -43.59 -37.86 7.07
C ASN P 111 -44.31 -38.75 8.07
N PRO P 112 -44.89 -38.17 9.11
CA PRO P 112 -45.45 -38.98 10.19
C PRO P 112 -46.53 -39.91 9.70
N GLY P 113 -46.49 -41.15 10.20
CA GLY P 113 -47.49 -42.14 9.85
C GLY P 113 -47.23 -42.87 8.55
N SER P 114 -46.16 -42.55 7.83
CA SER P 114 -45.93 -43.20 6.56
C SER P 114 -45.28 -44.57 6.69
N VAL P 115 -44.72 -44.89 7.86
CA VAL P 115 -44.00 -46.15 8.03
C VAL P 115 -44.58 -46.92 9.21
N ASN P 116 -45.85 -46.67 9.51
CA ASN P 116 -46.43 -47.28 10.70
C ASN P 116 -46.59 -48.79 10.54
N GLN P 117 -46.79 -49.27 9.33
CA GLN P 117 -47.17 -50.66 9.14
C GLN P 117 -45.97 -51.55 8.90
N ASP P 118 -46.12 -52.80 9.31
CA ASP P 118 -45.09 -53.81 9.13
C ASP P 118 -44.87 -54.04 7.64
N PRO P 119 -43.63 -53.95 7.15
CA PRO P 119 -43.39 -54.18 5.72
C PRO P 119 -43.40 -55.63 5.30
N ILE P 120 -43.33 -56.58 6.23
CA ILE P 120 -43.31 -57.98 5.86
C ILE P 120 -44.72 -58.55 5.98
N PHE P 121 -45.30 -58.47 7.18
CA PHE P 121 -46.67 -58.87 7.40
C PHE P 121 -47.56 -57.65 7.24
N LYS P 122 -48.49 -57.71 6.30
CA LYS P 122 -49.25 -56.50 5.97
C LYS P 122 -50.34 -56.18 6.97
N GLN P 123 -50.67 -57.11 7.86
CA GLN P 123 -51.40 -56.75 9.08
C GLN P 123 -50.38 -56.20 10.07
N TYR P 124 -50.75 -56.05 11.33
CA TYR P 124 -49.81 -55.70 12.39
C TYR P 124 -49.12 -54.37 12.07
N SER P 125 -49.92 -53.32 11.95
CA SER P 125 -49.39 -51.98 11.81
C SER P 125 -49.27 -51.35 13.19
N LEU P 126 -49.00 -50.06 13.23
CA LEU P 126 -48.94 -49.36 14.50
C LEU P 126 -50.12 -48.40 14.63
N PRO P 127 -50.63 -48.20 15.84
CA PRO P 127 -51.68 -47.20 16.04
C PRO P 127 -51.13 -45.80 15.80
N ALA P 128 -52.00 -44.94 15.25
CA ALA P 128 -51.56 -43.63 14.82
C ALA P 128 -51.28 -42.72 16.01
N GLY P 129 -50.08 -42.82 16.55
CA GLY P 129 -49.68 -41.95 17.64
C GLY P 129 -49.13 -40.65 17.13
N GLU P 130 -48.01 -40.22 17.69
CA GLU P 130 -47.39 -38.96 17.31
C GLU P 130 -45.87 -39.14 17.34
N VAL P 131 -45.21 -38.37 16.49
CA VAL P 131 -43.79 -38.59 16.23
C VAL P 131 -42.99 -38.37 17.51
N GLY P 132 -42.10 -39.31 17.81
CA GLY P 132 -41.32 -39.30 19.02
C GLY P 132 -41.80 -40.31 20.04
N TYR P 133 -43.10 -40.49 20.16
CA TYR P 133 -43.49 -41.47 21.18
C TYR P 133 -44.30 -42.50 20.43
N PRO P 134 -43.74 -43.58 19.54
CA PRO P 134 -44.40 -44.61 18.73
C PRO P 134 -44.96 -45.71 19.61
N GLY P 135 -46.28 -45.71 19.78
CA GLY P 135 -46.89 -46.62 20.72
C GLY P 135 -47.00 -48.04 20.20
N GLY P 136 -48.13 -48.68 20.46
CA GLY P 136 -48.36 -50.01 19.93
C GLY P 136 -47.42 -51.02 20.53
N ILE P 137 -46.72 -51.75 19.67
CA ILE P 137 -45.84 -52.82 20.14
C ILE P 137 -44.67 -52.25 20.94
N PHE P 138 -44.30 -51.00 20.69
CA PHE P 138 -43.24 -50.38 21.49
C PHE P 138 -43.71 -49.99 22.85
N ASN P 139 -44.92 -50.40 23.21
CA ASN P 139 -45.51 -50.08 24.51
C ASN P 139 -46.31 -51.29 24.98
N PRO P 140 -45.62 -52.38 25.33
CA PRO P 140 -46.34 -53.60 25.70
C PRO P 140 -47.20 -53.46 26.94
N LEU P 141 -46.64 -52.96 28.04
CA LEU P 141 -47.43 -52.80 29.26
C LEU P 141 -48.54 -51.79 29.10
N ASN P 142 -48.57 -51.05 27.99
CA ASN P 142 -49.70 -50.20 27.62
C ASN P 142 -49.94 -49.11 28.65
N PHE P 143 -48.86 -48.53 29.17
CA PHE P 143 -49.01 -47.41 30.09
C PHE P 143 -49.67 -46.23 29.39
N ALA P 144 -50.19 -45.31 30.18
CA ALA P 144 -50.84 -44.14 29.63
C ALA P 144 -49.79 -43.13 29.20
N PRO P 145 -49.72 -42.75 27.93
CA PRO P 145 -48.74 -41.74 27.50
C PRO P 145 -49.17 -40.35 27.93
N THR P 146 -49.48 -40.19 29.21
CA THR P 146 -49.96 -38.92 29.72
C THR P 146 -48.88 -37.85 29.61
N LEU P 147 -49.33 -36.59 29.62
CA LEU P 147 -48.43 -35.42 29.49
C LEU P 147 -47.43 -35.41 30.66
N GLU P 148 -47.91 -35.60 31.89
CA GLU P 148 -47.01 -35.60 33.07
C GLU P 148 -45.98 -36.73 32.90
N ALA P 149 -46.42 -37.89 32.39
CA ALA P 149 -45.52 -39.04 32.17
C ALA P 149 -44.45 -38.66 31.15
N LYS P 150 -44.85 -37.96 30.08
CA LYS P 150 -43.89 -37.52 29.03
C LYS P 150 -42.88 -36.55 29.65
N GLU P 151 -43.36 -35.64 30.51
CA GLU P 151 -42.48 -34.65 31.19
C GLU P 151 -41.44 -35.39 32.03
N LYS P 152 -41.88 -36.42 32.76
CA LYS P 152 -40.96 -37.21 33.62
C LYS P 152 -39.84 -37.80 32.76
N GLU P 153 -40.18 -38.34 31.58
CA GLU P 153 -39.18 -38.95 30.68
C GLU P 153 -38.19 -37.86 30.22
N ILE P 154 -38.70 -36.69 29.85
CA ILE P 154 -37.83 -35.56 29.40
C ILE P 154 -36.92 -35.11 30.55
N ALA P 155 -37.49 -35.00 31.76
CA ALA P 155 -36.72 -34.58 32.95
C ALA P 155 -35.59 -35.58 33.23
N ASN P 156 -35.92 -36.87 33.26
CA ASN P 156 -34.92 -37.93 33.52
C ASN P 156 -33.87 -37.93 32.41
N GLY P 157 -34.30 -37.91 31.15
CA GLY P 157 -33.39 -37.94 30.03
C GLY P 157 -32.36 -36.83 30.09
N ARG P 158 -32.79 -35.62 30.47
CA ARG P 158 -31.83 -34.50 30.58
C ARG P 158 -30.85 -34.83 31.71
N LEU P 159 -31.34 -35.38 32.82
CA LEU P 159 -30.43 -35.70 33.94
C LEU P 159 -29.43 -36.78 33.47
N ALA P 160 -29.90 -37.76 32.69
CA ALA P 160 -28.99 -38.79 32.23
C ALA P 160 -27.95 -38.24 31.27
N MET P 161 -28.33 -37.30 30.41
CA MET P 161 -27.37 -36.70 29.50
C MET P 161 -26.26 -35.99 30.29
N LEU P 162 -26.66 -35.23 31.30
CA LEU P 162 -25.64 -34.52 32.14
C LEU P 162 -24.80 -35.59 32.87
N ALA P 163 -25.43 -36.67 33.30
CA ALA P 163 -24.69 -37.73 33.97
C ALA P 163 -23.65 -38.34 33.05
N PHE P 164 -23.97 -38.47 31.76
CA PHE P 164 -23.00 -39.05 30.83
C PHE P 164 -21.84 -38.11 30.60
N LEU P 165 -22.14 -36.82 30.38
CA LEU P 165 -21.09 -35.82 30.30
C LEU P 165 -20.15 -35.95 31.49
N GLY P 166 -20.73 -36.02 32.68
CA GLY P 166 -19.94 -36.16 33.88
C GLY P 166 -19.12 -37.43 33.88
N PHE P 167 -19.72 -38.54 33.48
CA PHE P 167 -18.99 -39.81 33.47
C PHE P 167 -17.74 -39.71 32.62
N ILE P 168 -17.87 -39.21 31.40
CA ILE P 168 -16.71 -39.24 30.51
C ILE P 168 -15.66 -38.23 30.96
N ILE P 169 -16.08 -37.04 31.42
CA ILE P 169 -15.06 -36.08 31.85
C ILE P 169 -14.39 -36.55 33.13
N GLN P 170 -15.17 -37.10 34.06
CA GLN P 170 -14.64 -37.68 35.28
C GLN P 170 -13.60 -38.73 34.97
N HIS P 171 -13.92 -39.67 34.09
CA HIS P 171 -12.95 -40.70 33.79
C HIS P 171 -11.73 -40.15 33.08
N ASN P 172 -11.91 -39.10 32.28
CA ASN P 172 -10.78 -38.58 31.53
C ASN P 172 -9.77 -37.88 32.44
N VAL P 173 -10.25 -37.13 33.42
CA VAL P 173 -9.31 -36.40 34.26
C VAL P 173 -8.95 -37.17 35.53
N THR P 174 -9.86 -38.00 36.05
CA THR P 174 -9.61 -38.78 37.24
C THR P 174 -8.81 -40.04 36.92
N GLY P 175 -9.36 -40.91 36.09
CA GLY P 175 -8.78 -42.17 35.78
C GLY P 175 -9.52 -43.38 36.26
N LYS P 176 -10.79 -43.26 36.60
CA LYS P 176 -11.57 -44.39 37.10
C LYS P 176 -13.05 -44.12 36.88
N GLY P 177 -13.87 -45.13 37.19
CA GLY P 177 -15.28 -45.11 36.92
C GLY P 177 -16.05 -44.10 37.75
N PRO P 178 -17.36 -44.15 37.68
CA PRO P 178 -18.16 -43.21 38.49
C PRO P 178 -18.33 -43.59 39.95
N PHE P 179 -18.53 -44.87 40.25
CA PHE P 179 -18.83 -45.24 41.63
C PHE P 179 -17.60 -45.13 42.51
N ASP P 180 -16.44 -45.52 41.98
CA ASP P 180 -15.19 -45.31 42.71
C ASP P 180 -15.02 -43.83 43.03
N ASN P 181 -15.31 -42.97 42.06
CA ASN P 181 -15.24 -41.53 42.27
C ASN P 181 -16.13 -41.10 43.42
N LEU P 182 -17.39 -41.54 43.40
CA LEU P 182 -18.33 -41.08 44.42
C LEU P 182 -17.95 -41.60 45.81
N LEU P 183 -17.57 -42.87 45.91
CA LEU P 183 -17.23 -43.39 47.22
C LEU P 183 -15.93 -42.79 47.73
N GLN P 184 -14.97 -42.55 46.83
CA GLN P 184 -13.72 -41.94 47.22
C GLN P 184 -13.89 -40.48 47.59
N HIS P 185 -14.93 -39.82 47.08
CA HIS P 185 -15.21 -38.46 47.50
C HIS P 185 -15.93 -38.42 48.83
N ILE P 186 -17.08 -39.09 48.92
CA ILE P 186 -17.84 -39.10 50.16
C ILE P 186 -17.11 -39.78 51.30
N SER P 187 -16.01 -40.47 51.01
CA SER P 187 -15.16 -40.95 52.09
C SER P 187 -14.60 -39.79 52.90
N ASP P 188 -13.98 -38.83 52.22
CA ASP P 188 -13.43 -37.63 52.85
C ASP P 188 -13.71 -36.46 51.93
N PRO P 189 -14.85 -35.80 52.11
CA PRO P 189 -15.34 -34.85 51.09
C PRO P 189 -14.49 -33.62 50.96
N TRP P 190 -14.15 -33.00 52.10
CA TRP P 190 -13.48 -31.71 52.07
C TRP P 190 -12.09 -31.78 51.45
N HIS P 191 -11.54 -32.96 51.26
CA HIS P 191 -10.24 -33.12 50.62
C HIS P 191 -10.32 -33.96 49.36
N ASN P 192 -11.52 -34.21 48.84
CA ASN P 192 -11.71 -34.94 47.58
C ASN P 192 -12.76 -34.20 46.76
N THR P 193 -12.30 -33.25 45.95
CA THR P 193 -13.15 -32.51 45.02
C THR P 193 -12.39 -32.37 43.71
N ILE P 194 -12.86 -31.47 42.85
CA ILE P 194 -12.13 -31.18 41.62
C ILE P 194 -10.85 -30.45 41.93
N VAL P 195 -10.93 -29.52 42.89
CA VAL P 195 -9.75 -28.67 43.28
C VAL P 195 -8.56 -29.60 43.56
N GLN P 196 -8.76 -30.61 44.40
CA GLN P 196 -7.72 -31.59 44.67
C GLN P 196 -7.45 -32.46 43.44
N THR P 197 -8.47 -32.69 42.63
CA THR P 197 -8.28 -33.46 41.40
C THR P 197 -7.45 -32.69 40.39
N LEU P 198 -7.66 -31.38 40.30
CA LEU P 198 -6.91 -30.55 39.38
C LEU P 198 -5.75 -29.85 40.09
N ALA Q 1 -45.95 15.97 13.66
CA ALA Q 1 -46.58 14.99 12.79
C ALA Q 1 -47.01 15.64 11.48
N SER Q 2 -48.32 15.65 11.21
CA SER Q 2 -48.86 16.19 9.92
C SER Q 2 -49.25 17.68 10.06
N TYR Q 3 -48.25 18.55 10.16
CA TYR Q 3 -48.47 20.01 10.29
C TYR Q 3 -48.91 20.59 8.94
N LYS Q 4 -49.88 21.51 8.95
CA LYS Q 4 -50.39 22.15 7.71
C LYS Q 4 -49.25 22.90 7.00
N VAL Q 5 -49.20 22.85 5.67
CA VAL Q 5 -48.13 23.53 4.89
C VAL Q 5 -48.75 24.60 3.98
N LYS Q 6 -48.27 25.85 4.07
CA LYS Q 6 -48.80 26.96 3.25
C LYS Q 6 -47.81 27.29 2.13
N LEU Q 7 -48.29 27.41 0.89
CA LEU Q 7 -47.41 27.71 -0.24
C LEU Q 7 -48.02 28.85 -1.06
N VAL Q 8 -47.35 30.01 -1.02
CA VAL Q 8 -47.65 31.06 -1.98
C VAL Q 8 -47.26 30.53 -3.37
N THR Q 9 -48.03 30.95 -4.38
CA THR Q 9 -47.88 30.45 -5.73
C THR Q 9 -48.63 31.37 -6.68
N PRO Q 10 -48.15 31.57 -7.92
CA PRO Q 10 -48.92 32.33 -8.90
C PRO Q 10 -50.37 31.87 -9.04
N ASP Q 11 -50.65 30.61 -8.77
CA ASP Q 11 -52.02 30.12 -8.75
C ASP Q 11 -52.78 30.62 -7.51
N GLY Q 12 -52.05 31.04 -6.47
CA GLY Q 12 -52.68 31.44 -5.22
C GLY Q 12 -51.93 30.89 -4.03
N THR Q 13 -52.64 30.65 -2.94
CA THR Q 13 -52.05 30.07 -1.73
C THR Q 13 -53.01 29.01 -1.19
N GLN Q 14 -52.56 27.75 -1.13
CA GLN Q 14 -53.42 26.64 -0.66
C GLN Q 14 -52.83 25.97 0.58
N GLU Q 15 -53.63 25.12 1.25
CA GLU Q 15 -53.21 24.38 2.47
C GLU Q 15 -53.45 22.88 2.23
N PHE Q 16 -52.46 22.05 2.54
CA PHE Q 16 -52.59 20.57 2.34
C PHE Q 16 -52.09 19.82 3.58
N GLU Q 17 -52.51 18.56 3.73
CA GLU Q 17 -52.12 17.71 4.89
C GLU Q 17 -51.03 16.73 4.44
N CYS Q 18 -49.93 16.67 5.19
CA CYS Q 18 -48.76 15.80 4.88
C CYS Q 18 -47.92 15.65 6.14
N PRO Q 19 -47.55 14.31 6.71
CA PRO Q 19 -46.78 13.83 7.86
C PRO Q 19 -45.32 14.32 7.77
N SER Q 20 -44.74 14.73 8.91
CA SER Q 20 -43.37 15.24 8.92
C SER Q 20 -42.38 14.27 8.29
N ASP Q 21 -42.74 13.00 8.10
CA ASP Q 21 -41.70 12.08 7.54
C ASP Q 21 -41.66 12.20 6.00
N VAL Q 22 -42.48 13.08 5.41
CA VAL Q 22 -42.54 13.13 3.91
C VAL Q 22 -42.20 14.53 3.40
N TYR Q 23 -41.74 14.62 2.15
CA TYR Q 23 -41.40 15.92 1.50
C TYR Q 23 -42.70 16.66 1.18
N ILE Q 24 -42.68 17.98 1.33
CA ILE Q 24 -43.86 18.86 1.04
C ILE Q 24 -44.29 18.66 -0.42
N LEU Q 25 -43.33 18.62 -1.34
CA LEU Q 25 -43.60 18.49 -2.79
C LEU Q 25 -44.31 17.16 -3.09
N ASP Q 26 -43.86 16.07 -2.45
CA ASP Q 26 -44.48 14.74 -2.70
C ASP Q 26 -45.96 14.75 -2.27
N HIS Q 27 -46.29 15.24 -1.08
CA HIS Q 27 -47.74 15.17 -0.73
C HIS Q 27 -48.54 16.22 -1.52
N ALA Q 28 -47.87 17.29 -1.95
CA ALA Q 28 -48.56 18.34 -2.75
C ALA Q 28 -49.18 17.67 -3.98
N GLU Q 29 -48.40 16.79 -4.62
CA GLU Q 29 -48.84 16.03 -5.82
C GLU Q 29 -50.04 15.16 -5.46
N GLU Q 30 -50.03 14.55 -4.26
CA GLU Q 30 -51.15 13.68 -3.81
C GLU Q 30 -52.43 14.51 -3.74
N VAL Q 31 -52.37 15.73 -3.19
CA VAL Q 31 -53.56 16.63 -3.14
C VAL Q 31 -53.84 17.04 -4.60
N GLY Q 32 -53.00 17.91 -5.15
CA GLY Q 32 -53.06 18.29 -6.55
C GLY Q 32 -52.87 19.75 -6.84
N ILE Q 33 -51.95 20.41 -6.16
CA ILE Q 33 -51.56 21.77 -6.51
C ILE Q 33 -50.19 21.67 -7.19
N ASP Q 34 -50.19 21.92 -8.51
CA ASP Q 34 -49.04 21.62 -9.35
C ASP Q 34 -47.87 22.55 -9.02
N LEU Q 35 -46.69 21.96 -8.95
CA LEU Q 35 -45.45 22.68 -8.67
C LEU Q 35 -44.38 22.29 -9.69
N PRO Q 36 -43.42 22.92 -9.94
CA PRO Q 36 -42.33 22.53 -10.87
C PRO Q 36 -41.32 21.55 -10.23
N TYR Q 37 -40.78 20.73 -11.14
CA TYR Q 37 -39.67 19.87 -10.73
C TYR Q 37 -38.94 19.35 -11.97
N SER Q 38 -37.76 18.75 -11.74
CA SER Q 38 -37.01 18.09 -12.80
C SER Q 38 -36.32 16.78 -12.31
N CYS Q 39 -35.20 16.92 -11.59
CA CYS Q 39 -34.43 15.77 -11.13
C CYS Q 39 -35.08 15.00 -10.02
N ARG Q 40 -35.85 15.71 -9.15
CA ARG Q 40 -36.48 15.02 -7.98
C ARG Q 40 -35.42 14.41 -7.05
N ALA Q 41 -34.13 14.78 -7.16
CA ALA Q 41 -33.14 14.13 -6.28
C ALA Q 41 -32.35 15.14 -5.47
N GLY Q 42 -32.82 16.41 -5.29
CA GLY Q 42 -32.02 17.44 -4.54
C GLY Q 42 -30.70 17.96 -5.14
N SER Q 43 -30.60 17.90 -6.48
CA SER Q 43 -29.37 18.35 -6.96
C SER Q 43 -29.53 19.46 -7.97
N CYS Q 44 -30.75 20.02 -8.06
CA CYS Q 44 -30.93 21.07 -9.06
C CYS Q 44 -31.72 22.31 -8.56
N SER Q 45 -31.95 23.37 -9.38
CA SER Q 45 -32.67 24.55 -8.87
C SER Q 45 -34.16 24.52 -9.23
N SER Q 46 -34.56 23.53 -10.01
CA SER Q 46 -35.91 23.56 -10.49
C SER Q 46 -37.04 23.70 -9.47
N CYS Q 47 -37.02 22.98 -8.36
CA CYS Q 47 -38.14 22.98 -7.45
C CYS Q 47 -37.94 24.02 -6.33
N ALA Q 48 -37.04 24.95 -6.56
CA ALA Q 48 -36.70 25.97 -5.49
C ALA Q 48 -37.92 26.81 -5.05
N GLY Q 49 -37.88 27.06 -3.76
CA GLY Q 49 -38.80 27.96 -3.08
C GLY Q 49 -37.99 28.81 -2.03
N LYS Q 50 -38.38 29.61 -1.05
CA LYS Q 50 -37.97 30.20 0.22
C LYS Q 50 -39.16 30.20 1.17
N VAL Q 51 -38.85 30.48 2.45
CA VAL Q 51 -39.81 30.33 3.57
C VAL Q 51 -40.22 31.68 4.18
N VAL Q 52 -41.44 31.73 4.73
CA VAL Q 52 -41.99 32.94 5.42
C VAL Q 52 -41.92 32.72 6.93
N GLY Q 53 -42.34 31.54 7.41
CA GLY Q 53 -42.33 31.21 8.85
C GLY Q 53 -41.93 29.75 9.08
N GLY Q 54 -41.32 29.45 10.24
CA GLY Q 54 -40.84 28.13 10.58
C GLY Q 54 -39.54 27.86 9.84
N GLU Q 55 -39.17 26.58 9.80
CA GLU Q 55 -38.03 26.17 8.99
C GLU Q 55 -38.11 24.68 8.73
N VAL Q 56 -37.57 24.25 7.58
CA VAL Q 56 -37.61 22.82 7.18
C VAL Q 56 -36.24 22.19 7.49
N ASP Q 57 -36.21 20.85 7.61
CA ASP Q 57 -34.97 20.08 7.90
C ASP Q 57 -34.04 20.20 6.68
N GLN Q 58 -32.77 20.54 6.93
CA GLN Q 58 -31.75 20.71 5.85
C GLN Q 58 -31.01 19.39 5.63
N SER Q 59 -31.40 18.34 6.34
CA SER Q 59 -30.73 17.01 6.20
C SER Q 59 -30.88 16.51 4.77
N ASP Q 60 -32.06 16.67 4.16
CA ASP Q 60 -32.27 16.23 2.75
C ASP Q 60 -31.84 17.36 1.81
N GLY Q 61 -30.54 17.66 1.75
CA GLY Q 61 -30.00 18.73 0.89
C GLY Q 61 -28.66 18.35 0.27
N SER Q 62 -28.41 18.83 -0.95
CA SER Q 62 -27.14 18.56 -1.68
C SER Q 62 -27.03 19.52 -2.86
N PHE Q 63 -25.81 19.72 -3.38
CA PHE Q 63 -25.62 20.64 -4.54
C PHE Q 63 -26.22 22.01 -4.21
N LEU Q 64 -25.89 22.52 -3.02
CA LEU Q 64 -26.39 23.84 -2.59
C LEU Q 64 -25.19 24.64 -2.08
N ASP Q 65 -25.32 25.97 -2.05
CA ASP Q 65 -24.22 26.81 -1.51
C ASP Q 65 -24.17 26.63 0.01
N ASP Q 66 -22.97 26.76 0.61
CA ASP Q 66 -22.81 26.64 2.07
C ASP Q 66 -23.59 27.78 2.74
N GLU Q 67 -24.56 28.36 2.02
CA GLU Q 67 -25.36 29.50 2.56
C GLU Q 67 -26.84 29.32 2.21
N GLN Q 68 -27.14 28.84 1.00
CA GLN Q 68 -28.53 28.67 0.50
C GLN Q 68 -29.42 28.01 1.57
N ILE Q 69 -28.80 27.23 2.46
CA ILE Q 69 -29.50 26.54 3.58
C ILE Q 69 -30.03 27.56 4.60
N GLU Q 70 -29.23 28.57 4.97
CA GLU Q 70 -29.63 29.54 6.02
C GLU Q 70 -30.02 30.92 5.46
N ALA Q 71 -29.97 31.13 4.14
CA ALA Q 71 -30.33 32.45 3.59
C ALA Q 71 -31.77 32.47 3.11
N GLY Q 72 -32.48 31.34 3.30
CA GLY Q 72 -33.85 31.20 2.88
C GLY Q 72 -34.27 30.15 1.87
N PHE Q 73 -33.46 29.97 0.83
CA PHE Q 73 -33.86 29.02 -0.26
C PHE Q 73 -33.97 27.57 0.24
N VAL Q 74 -34.64 26.72 -0.53
CA VAL Q 74 -34.82 25.28 -0.17
C VAL Q 74 -35.35 24.53 -1.39
N LEU Q 75 -35.29 23.19 -1.35
CA LEU Q 75 -35.80 22.35 -2.46
C LEU Q 75 -37.04 21.59 -1.97
N THR Q 76 -38.16 21.75 -2.66
CA THR Q 76 -39.45 21.11 -2.27
C THR Q 76 -39.33 19.59 -2.32
N CYS Q 77 -38.63 19.07 -3.34
CA CYS Q 77 -38.48 17.60 -3.53
C CYS Q 77 -37.75 16.97 -2.34
N VAL Q 78 -36.69 17.62 -1.84
CA VAL Q 78 -35.89 17.04 -0.72
C VAL Q 78 -36.02 17.93 0.54
N ALA Q 79 -37.18 17.87 1.20
CA ALA Q 79 -37.39 18.66 2.41
C ALA Q 79 -38.51 18.10 3.26
N TYR Q 80 -38.26 17.96 4.58
CA TYR Q 80 -39.18 17.51 5.63
C TYR Q 80 -39.74 18.69 6.38
N PRO Q 81 -41.07 18.88 6.39
CA PRO Q 81 -41.66 20.06 7.04
C PRO Q 81 -41.84 19.90 8.55
N THR Q 82 -40.80 20.22 9.32
CA THR Q 82 -40.84 20.01 10.77
C THR Q 82 -41.94 20.79 11.47
N SER Q 83 -42.48 21.84 10.86
CA SER Q 83 -43.53 22.61 11.57
C SER Q 83 -44.65 23.01 10.60
N ASP Q 84 -45.51 23.94 11.03
CA ASP Q 84 -46.59 24.51 10.20
C ASP Q 84 -45.97 25.68 9.42
N VAL Q 85 -44.92 25.40 8.67
CA VAL Q 85 -44.13 26.40 7.90
C VAL Q 85 -44.90 26.93 6.69
N VAL Q 86 -44.61 28.17 6.29
CA VAL Q 86 -45.19 28.82 5.08
C VAL Q 86 -44.04 29.01 4.09
N ILE Q 87 -44.13 28.41 2.90
CA ILE Q 87 -43.04 28.42 1.88
C ILE Q 87 -43.58 29.05 0.57
N GLU Q 88 -42.67 29.45 -0.32
CA GLU Q 88 -42.78 29.99 -1.67
C GLU Q 88 -42.55 28.89 -2.69
N THR Q 89 -43.13 29.08 -3.87
CA THR Q 89 -42.92 28.19 -5.01
C THR Q 89 -42.47 29.02 -6.20
N HIS Q 90 -42.04 28.33 -7.24
CA HIS Q 90 -41.51 28.96 -8.46
C HIS Q 90 -40.48 30.03 -8.11
N LYS Q 91 -39.40 29.57 -7.47
CA LYS Q 91 -38.40 30.47 -6.89
C LYS Q 91 -36.99 30.12 -7.36
N GLU Q 92 -36.88 29.58 -8.57
CA GLU Q 92 -35.58 29.11 -9.03
C GLU Q 92 -34.66 30.27 -9.39
N GLU Q 93 -35.15 31.23 -10.16
CA GLU Q 93 -34.20 32.20 -10.73
C GLU Q 93 -33.81 33.30 -9.75
N ASP Q 94 -34.74 33.79 -8.92
CA ASP Q 94 -34.29 34.75 -7.91
C ASP Q 94 -33.42 34.08 -6.87
N LEU Q 95 -33.20 32.78 -7.13
CA LEU Q 95 -32.25 31.88 -6.42
C LEU Q 95 -31.07 31.71 -7.40
N THR Q 96 -31.40 31.52 -8.69
CA THR Q 96 -30.40 31.45 -9.76
C THR Q 96 -29.67 32.76 -9.92
N ALA Q 97 -30.29 33.88 -9.53
CA ALA Q 97 -29.71 35.20 -9.63
C ALA Q 97 -29.41 35.53 -11.09
N VAL R 1 53.37 -16.47 6.38
CA VAL R 1 52.35 -16.76 5.34
C VAL R 1 51.23 -15.73 5.45
N GLU R 2 50.73 -15.24 4.31
CA GLU R 2 49.65 -14.21 4.29
C GLU R 2 48.47 -14.74 3.46
N VAL R 3 47.27 -14.77 4.07
CA VAL R 3 46.05 -15.27 3.36
C VAL R 3 45.16 -14.06 3.00
N LEU R 4 44.89 -13.87 1.70
CA LEU R 4 44.03 -12.74 1.26
C LEU R 4 42.56 -13.17 1.22
N LEU R 5 41.73 -12.54 2.07
CA LEU R 5 40.27 -12.80 2.11
C LEU R 5 39.60 -12.06 0.94
N GLY R 6 38.97 -12.81 0.04
CA GLY R 6 38.33 -12.20 -1.14
C GLY R 6 39.27 -12.22 -2.32
N ALA R 7 38.75 -12.41 -3.52
CA ALA R 7 39.58 -12.43 -4.69
C ALA R 7 39.51 -11.13 -5.46
N SER R 8 40.47 -10.90 -6.35
CA SER R 8 40.43 -9.69 -7.17
C SER R 8 39.21 -9.68 -8.09
N ASP R 9 38.76 -10.86 -8.51
CA ASP R 9 37.56 -10.96 -9.33
C ASP R 9 36.29 -10.75 -8.51
N GLY R 10 36.39 -10.38 -7.24
CA GLY R 10 35.25 -10.31 -6.37
C GLY R 10 34.77 -11.66 -5.86
N GLY R 11 35.45 -12.75 -6.26
CA GLY R 11 35.09 -14.07 -5.77
C GLY R 11 35.29 -14.14 -4.26
N LEU R 12 34.30 -14.78 -3.62
CA LEU R 12 34.32 -14.96 -2.15
C LEU R 12 35.08 -16.25 -1.82
N ALA R 13 36.41 -16.14 -1.67
CA ALA R 13 37.23 -17.27 -1.27
C ALA R 13 38.45 -16.73 -0.54
N PHE R 14 39.31 -17.64 -0.10
CA PHE R 14 40.60 -17.25 0.55
C PHE R 14 41.73 -17.46 -0.46
N VAL R 15 42.86 -16.78 -0.27
CA VAL R 15 44.00 -16.89 -1.22
C VAL R 15 45.29 -17.18 -0.44
N PRO R 16 45.95 -18.34 -0.64
CA PRO R 16 45.26 -19.59 -1.00
C PRO R 16 44.26 -20.03 0.07
N SER R 17 43.07 -20.49 -0.36
CA SER R 17 42.02 -20.94 0.57
C SER R 17 42.47 -22.14 1.40
N SER R 18 43.16 -23.09 0.75
CA SER R 18 43.66 -24.30 1.45
C SER R 18 45.19 -24.31 1.39
N LEU R 19 45.85 -24.48 2.54
CA LEU R 19 47.34 -24.51 2.60
C LEU R 19 47.79 -25.14 3.93
N GLU R 20 49.10 -25.26 4.11
CA GLU R 20 49.69 -25.84 5.34
C GLU R 20 50.90 -25.01 5.76
N VAL R 21 50.93 -24.55 7.01
CA VAL R 21 52.06 -23.74 7.54
C VAL R 21 52.79 -24.56 8.62
N SER R 22 53.94 -24.05 9.10
CA SER R 22 54.67 -24.77 10.13
C SER R 22 54.21 -24.37 11.53
N ALA R 23 54.76 -25.06 12.53
CA ALA R 23 54.39 -24.88 13.96
C ALA R 23 54.69 -23.47 14.49
N GLY R 24 53.91 -23.00 15.46
CA GLY R 24 54.10 -21.66 16.05
C GLY R 24 54.23 -20.58 14.98
N GLU R 25 53.97 -20.95 13.72
CA GLU R 25 54.09 -20.00 12.58
C GLU R 25 52.80 -19.17 12.46
N THR R 26 52.92 -17.85 12.61
CA THR R 26 51.76 -16.93 12.52
C THR R 26 51.22 -16.90 11.09
N ILE R 27 49.88 -16.90 10.94
CA ILE R 27 49.24 -16.80 9.60
C ILE R 27 48.45 -15.48 9.60
N VAL R 28 48.64 -14.66 8.58
CA VAL R 28 47.93 -13.33 8.53
C VAL R 28 46.78 -13.41 7.53
N PHE R 29 45.55 -13.21 8.01
CA PHE R 29 44.35 -13.19 7.12
C PHE R 29 44.13 -11.74 6.67
N LYS R 30 44.55 -11.41 5.45
CA LYS R 30 44.44 -10.02 4.95
C LYS R 30 43.18 -9.88 4.10
N ASN R 31 42.61 -8.67 4.02
CA ASN R 31 41.40 -8.50 3.16
C ASN R 31 41.84 -7.98 1.79
N ASN R 32 41.48 -8.67 0.70
CA ASN R 32 41.90 -8.25 -0.64
C ASN R 32 40.82 -7.41 -1.30
N ALA R 33 39.59 -7.94 -1.36
CA ALA R 33 38.45 -7.21 -1.96
C ALA R 33 37.13 -7.86 -1.52
N GLY R 34 36.00 -7.15 -1.70
CA GLY R 34 34.66 -7.65 -1.35
C GLY R 34 34.32 -7.48 0.13
N PHE R 35 35.22 -6.86 0.90
CA PHE R 35 35.02 -6.63 2.36
C PHE R 35 33.61 -6.11 2.61
N PRO R 36 32.76 -6.69 3.65
CA PRO R 36 32.90 -7.07 5.30
C PRO R 36 33.40 -8.50 5.52
N HIS R 37 34.65 -8.80 5.11
CA HIS R 37 35.09 -10.20 5.31
C HIS R 37 35.51 -10.43 6.77
N ASN R 38 34.92 -11.45 7.41
CA ASN R 38 35.22 -11.82 8.82
C ASN R 38 35.70 -13.27 8.84
N VAL R 39 36.91 -13.52 9.37
CA VAL R 39 37.43 -14.91 9.44
C VAL R 39 36.97 -15.52 10.77
N VAL R 40 36.16 -16.58 10.70
CA VAL R 40 35.63 -17.27 11.91
C VAL R 40 35.96 -18.76 11.79
N PHE R 41 36.59 -19.32 12.82
CA PHE R 41 36.98 -20.76 12.79
C PHE R 41 35.73 -21.66 12.93
N ASP R 42 35.86 -22.90 12.44
CA ASP R 42 34.80 -23.94 12.48
C ASP R 42 34.43 -24.28 13.93
N GLU R 43 35.40 -24.17 14.83
CA GLU R 43 35.28 -24.51 16.28
C GLU R 43 35.01 -26.02 16.40
N ASP R 44 34.48 -26.63 15.33
CA ASP R 44 34.20 -28.08 15.29
C ASP R 44 35.50 -28.84 15.01
N GLU R 45 35.56 -30.14 15.35
CA GLU R 45 36.77 -30.97 15.10
C GLU R 45 37.98 -30.32 15.77
N ILE R 46 39.06 -30.15 14.99
CA ILE R 46 40.35 -29.51 15.38
C ILE R 46 40.88 -30.07 16.71
N PRO R 47 41.51 -31.26 16.73
CA PRO R 47 42.05 -31.86 17.96
C PRO R 47 42.99 -30.90 18.72
N ALA R 48 42.64 -30.59 19.98
CA ALA R 48 43.34 -29.73 20.99
C ALA R 48 43.07 -28.24 20.77
N GLY R 49 43.50 -27.39 21.71
CA GLY R 49 43.27 -25.94 21.62
C GLY R 49 41.82 -25.63 21.27
N VAL R 50 40.89 -26.12 22.09
CA VAL R 50 39.43 -25.96 21.82
C VAL R 50 38.90 -24.62 22.32
N ASP R 51 39.70 -23.60 22.56
CA ASP R 51 39.16 -22.23 22.81
C ASP R 51 38.50 -21.71 21.52
N ALA R 52 37.47 -20.86 21.69
CA ALA R 52 36.73 -20.30 20.55
C ALA R 52 37.32 -18.94 20.17
N SER R 53 37.43 -18.03 21.14
CA SER R 53 37.96 -16.65 20.95
C SER R 53 39.45 -16.64 20.60
N LYS R 54 40.20 -17.68 20.95
CA LYS R 54 41.66 -17.72 20.71
C LYS R 54 41.98 -17.60 19.21
N ILE R 55 41.20 -18.25 18.34
CA ILE R 55 41.45 -18.18 16.87
C ILE R 55 40.27 -17.51 16.17
N SER R 56 39.06 -17.67 16.73
CA SER R 56 37.84 -17.06 16.12
C SER R 56 37.85 -15.53 16.31
N MET R 57 37.18 -14.85 15.38
CA MET R 57 36.88 -13.41 15.41
C MET R 57 35.38 -13.37 15.73
N PRO R 58 34.91 -12.69 16.80
CA PRO R 58 33.49 -12.76 17.18
C PRO R 58 32.49 -12.31 16.11
N GLU R 59 31.40 -13.07 15.94
CA GLU R 59 30.36 -12.65 14.96
C GLU R 59 30.02 -11.17 15.16
N GLU R 60 29.29 -10.58 14.21
CA GLU R 60 28.84 -9.16 14.14
C GLU R 60 30.03 -8.26 13.76
N ASP R 61 31.03 -8.14 14.65
CA ASP R 61 32.23 -7.33 14.35
C ASP R 61 33.07 -8.10 13.32
N LEU R 62 33.48 -7.44 12.24
CA LEU R 62 34.31 -8.09 11.18
C LEU R 62 35.37 -7.11 10.68
N LEU R 63 36.22 -7.55 9.74
CA LEU R 63 37.29 -6.68 9.17
C LEU R 63 36.64 -5.45 8.52
N ASN R 64 37.19 -4.25 8.78
CA ASN R 64 36.63 -3.00 8.19
C ASN R 64 37.63 -2.44 7.18
N ALA R 65 37.13 -1.66 6.21
CA ALA R 65 37.88 -0.97 5.10
C ALA R 65 38.33 -1.93 3.99
N PRO R 66 38.96 -1.41 2.91
CA PRO R 66 39.41 -2.25 1.80
C PRO R 66 40.42 -3.32 2.23
N GLY R 67 41.54 -2.90 2.81
CA GLY R 67 42.58 -3.85 3.27
C GLY R 67 42.66 -3.91 4.78
N GLU R 68 42.26 -5.04 5.36
CA GLU R 68 42.31 -5.23 6.84
C GLU R 68 43.00 -6.57 7.14
N THR R 69 43.67 -6.66 8.30
CA THR R 69 44.37 -7.90 8.69
C THR R 69 44.11 -8.27 10.15
N TYR R 70 43.43 -9.41 10.37
CA TYR R 70 43.18 -9.97 11.72
C TYR R 70 44.25 -11.05 11.95
N SER R 71 45.24 -10.73 12.79
CA SER R 71 46.39 -11.64 13.01
C SER R 71 46.07 -12.74 14.03
N VAL R 72 46.16 -13.99 13.56
CA VAL R 72 46.00 -15.23 14.37
C VAL R 72 47.36 -15.93 14.43
N LYS R 73 47.51 -16.95 15.27
CA LYS R 73 48.81 -17.65 15.38
C LYS R 73 48.74 -19.18 15.41
N LEU R 74 47.53 -19.76 15.55
CA LEU R 74 47.35 -21.23 15.62
C LEU R 74 48.25 -21.84 16.72
N ASP R 75 49.34 -22.52 16.33
CA ASP R 75 50.36 -23.17 17.20
C ASP R 75 49.77 -24.43 17.84
N ALA R 76 48.80 -25.06 17.17
CA ALA R 76 48.12 -26.28 17.68
C ALA R 76 48.32 -27.41 16.65
N LYS R 77 48.87 -28.54 17.09
CA LYS R 77 49.10 -29.70 16.19
C LYS R 77 47.72 -30.21 15.71
N GLY R 78 47.54 -30.38 14.40
CA GLY R 78 46.20 -30.79 13.91
C GLY R 78 45.77 -29.90 12.75
N THR R 79 44.60 -30.18 12.17
CA THR R 79 44.10 -29.39 11.01
C THR R 79 42.85 -28.60 11.43
N TYR R 80 42.76 -27.34 10.97
CA TYR R 80 41.59 -26.48 11.31
C TYR R 80 40.97 -25.94 10.03
N LYS R 81 39.68 -25.63 10.06
CA LYS R 81 38.96 -25.09 8.88
C LYS R 81 38.48 -23.67 9.18
N PHE R 82 39.10 -22.67 8.54
CA PHE R 82 38.72 -21.25 8.76
C PHE R 82 37.78 -20.82 7.63
N TYR R 83 36.60 -20.29 7.99
CA TYR R 83 35.61 -19.83 6.99
C TYR R 83 35.20 -18.40 7.30
N CYS R 84 34.18 -17.90 6.59
CA CYS R 84 33.67 -16.51 6.78
C CYS R 84 32.14 -16.59 6.88
N SER R 85 31.60 -16.45 8.10
CA SER R 85 30.18 -16.65 8.39
C SER R 85 29.24 -16.01 7.38
N PRO R 86 29.43 -14.74 6.97
CA PRO R 86 28.53 -14.19 5.94
C PRO R 86 28.69 -14.86 4.58
N HIS R 87 29.91 -15.34 4.27
CA HIS R 87 30.15 -15.89 2.92
C HIS R 87 30.32 -17.42 2.89
N GLN R 88 30.35 -18.08 4.05
CA GLN R 88 30.51 -19.53 4.02
C GLN R 88 29.41 -20.20 3.23
N GLY R 89 28.33 -19.48 2.94
CA GLY R 89 27.31 -20.01 2.05
C GLY R 89 27.64 -19.91 0.58
N ALA R 90 28.54 -19.00 0.20
CA ALA R 90 29.04 -18.92 -1.16
C ALA R 90 30.31 -19.72 -1.36
N GLY R 91 30.63 -20.62 -0.43
CA GLY R 91 31.82 -21.42 -0.53
C GLY R 91 33.07 -20.78 -0.01
N MET R 92 32.97 -19.59 0.60
CA MET R 92 34.18 -18.91 1.13
C MET R 92 34.63 -19.57 2.43
N VAL R 93 35.04 -20.84 2.35
CA VAL R 93 35.51 -21.64 3.53
C VAL R 93 36.92 -22.16 3.19
N GLY R 94 37.77 -22.34 4.21
CA GLY R 94 39.15 -22.81 3.99
C GLY R 94 39.62 -23.77 5.07
N GLN R 95 40.62 -24.60 4.74
CA GLN R 95 41.20 -25.57 5.70
C GLN R 95 42.70 -25.28 5.83
N VAL R 96 43.22 -25.17 7.06
CA VAL R 96 44.67 -24.87 7.25
C VAL R 96 45.22 -25.72 8.40
N THR R 97 46.17 -26.61 8.09
CA THR R 97 46.80 -27.46 9.11
C THR R 97 48.22 -27.02 9.38
N VAL R 98 48.79 -27.56 10.46
CA VAL R 98 50.23 -27.40 10.85
C VAL R 98 50.74 -28.75 11.34
N ASN R 99 51.42 -29.53 10.47
CA ASN R 99 51.92 -30.85 10.83
C ASN R 99 53.32 -30.72 11.46
MG CL0 S . 17.88 -2.76 -1.34
CHA CL0 S . 17.57 0.40 0.21
CHB CL0 S . 14.91 -2.08 -2.97
CHC CL0 S . 18.34 -5.64 -2.91
CHD CL0 S . 20.95 -3.21 0.34
NA CL0 S . 16.40 -1.05 -1.40
C1A CL0 S . 16.44 0.09 -0.71
C2A CL0 S . 15.21 0.92 -0.91
C3A CL0 S . 14.40 0.06 -1.86
C4A CL0 S . 15.28 -1.09 -2.14
CMA CL0 S . 13.08 -0.37 -1.30
CAA CL0 S . 15.48 2.22 -1.65
CBA CL0 S . 14.18 2.74 -2.24
CGA CL0 S . 14.41 3.91 -3.15
O1A CL0 S . 13.71 4.19 -4.10
O2A CL0 S . 15.37 4.79 -3.02
NB CL0 S . 16.77 -3.71 -2.76
C1B CL0 S . 15.62 -3.32 -3.31
C2B CL0 S . 15.09 -4.30 -4.29
C3B CL0 S . 16.11 -5.34 -4.24
C4B CL0 S . 17.12 -4.89 -3.27
CMB CL0 S . 13.83 -4.20 -5.10
CAB CL0 S . 16.21 -6.60 -4.99
CBB CL0 S . 14.98 -7.32 -5.49
NC CL0 S . 19.43 -4.21 -1.33
C1C CL0 S . 19.37 -5.34 -2.01
C2C CL0 S . 20.47 -6.28 -1.75
C3C CL0 S . 21.26 -5.53 -0.78
C4C CL0 S . 20.53 -4.27 -0.60
CMC CL0 S . 20.72 -7.64 -2.34
CAC CL0 S . 22.52 -5.92 -0.09
CBC CL0 S . 22.12 -6.70 1.14
ND CL0 S . 19.09 -1.76 -0.06
C1D CL0 S . 20.22 -1.96 0.58
C2D CL0 S . 20.62 -0.87 1.50
C3D CL0 S . 19.58 0.01 1.32
C4D CL0 S . 18.69 -0.52 0.40
CMD CL0 S . 21.75 -0.58 2.43
CAD CL0 S . 19.08 1.32 1.77
OBD CL0 S . 19.76 2.21 2.38
CBD CL0 S . 17.78 1.61 1.08
CGD CL0 S . 18.04 2.78 0.21
O1D CL0 S . 18.70 2.64 -0.80
O2D CL0 S . 17.51 4.09 0.50
CED CL0 S . 17.43 5.03 -0.54
C1 CL0 S . 16.01 5.53 -4.29
C2 CL0 S . 17.33 5.07 -4.82
C3 CL0 S . 18.40 5.86 -4.70
C4 CL0 S . 18.28 7.20 -4.03
C5 CL0 S . 19.73 5.41 -5.22
C6 CL0 S . 20.60 4.98 -4.06
C7 CL0 S . 21.68 4.02 -4.53
C8 CL0 S . 22.56 4.71 -5.57
C9 CL0 S . 23.60 3.74 -6.12
C10 CL0 S . 23.24 5.90 -4.93
C11 CL0 S . 23.96 6.69 -6.01
C12 CL0 S . 24.32 8.07 -5.49
C13 CL0 S . 25.24 8.76 -6.48
C14 CL0 S . 25.82 10.03 -5.87
C15 CL0 S . 24.43 9.11 -7.71
C16 CL0 S . 23.28 10.01 -7.32
C17 CL0 S . 22.27 10.15 -8.45
C18 CL0 S . 21.06 10.93 -7.97
C19 CL0 S . 20.71 12.04 -8.95
C20 CL0 S . 19.88 10.02 -7.77
MG CLA T . -11.05 7.55 13.70
CHA CLA T . -11.72 4.75 11.79
CHB CLA T . -7.72 6.75 13.80
CHC CLA T . -10.57 10.27 15.48
CHD CLA T . -14.52 8.34 13.59
NA CLA T . -9.82 5.92 12.87
C1A CLA T . -10.26 4.90 12.15
C2A CLA T . -9.16 3.96 11.76
C3A CLA T . -7.93 4.61 12.40
C4A CLA T . -8.49 5.84 13.07
CMA CLA T . -6.90 3.75 13.13
CAA CLA T . -9.03 3.93 10.24
CBA CLA T . -9.23 2.51 9.71
CGA CLA T . -8.12 1.62 10.23
O1A CLA T . -7.37 2.04 11.09
O2A CLA T . -8.01 0.40 9.75
NB CLA T . -9.39 8.39 14.52
C1B CLA T . -8.11 7.92 14.47
C2B CLA T . -7.25 8.83 15.22
C3B CLA T . -8.07 9.81 15.68
C4B CLA T . -9.43 9.53 15.23
CMB CLA T . -5.76 8.70 15.42
CAB CLA T . -7.70 10.99 16.49
CBB CLA T . -6.30 11.11 17.07
NC CLA T . -12.35 9.07 14.39
C1C CLA T . -11.93 10.09 15.14
C2C CLA T . -13.03 10.99 15.54
C3C CLA T . -14.14 10.44 14.98
C4C CLA T . -13.71 9.23 14.28
CMC CLA T . -12.93 12.24 16.37
CAC CLA T . -15.55 10.96 15.09
CBC CLA T . -15.71 12.08 14.08
ND CLA T . -12.73 6.83 12.95
C1D CLA T . -14.06 7.18 12.93
C2D CLA T . -14.86 6.24 12.16
C3D CLA T . -13.94 5.30 11.73
C4D CLA T . -12.68 5.67 12.20
CMD CLA T . -16.33 6.14 11.83
CAD CLA T . -13.82 4.08 10.96
OBD CLA T . -14.75 3.38 10.62
CBD CLA T . -12.39 3.64 11.02
CGD CLA T . -12.33 2.39 11.84
O1D CLA T . -13.10 2.23 12.79
O2D CLA T . -11.45 1.43 11.56
CED CLA T . -11.98 0.11 11.54
C1 CLA T . -8.21 -0.74 10.63
C2 CLA T . -7.88 -0.64 12.10
C3 CLA T . -7.42 -1.71 12.76
C4 CLA T . -7.21 -3.03 12.08
C5 CLA T . -7.06 -1.67 14.24
C6 CLA T . -6.66 -0.25 14.62
C7 CLA T . -7.20 0.11 16.01
C8 CLA T . -6.12 -0.06 17.07
C9 CLA T . -5.06 1.03 16.96
C10 CLA T . -5.49 -1.44 16.94
C11 CLA T . -5.26 -2.06 18.32
C12 CLA T . -3.77 -2.18 18.62
C13 CLA T . -3.41 -3.61 19.01
C14 CLA T . -4.09 -3.99 20.32
C15 CLA T . -1.90 -3.73 19.13
C16 CLA T . -1.24 -3.62 17.76
C17 CLA T . -1.07 -5.00 17.13
C18 CLA T . -0.90 -4.89 15.62
C19 CLA T . -0.77 -6.27 14.98
C20 CLA T . -2.04 -4.09 14.99
MG CLA U . -7.50 15.67 16.11
CHA CLA U . -10.78 16.70 16.29
CHB CLA U . -6.55 18.20 18.21
CHC CLA U . -4.42 14.50 15.99
CHD CLA U . -8.49 13.13 13.89
NA CLA U . -8.55 17.29 17.16
C1A CLA U . -9.84 17.55 17.10
C2A CLA U . -10.21 18.72 17.94
C3A CLA U . -8.86 19.18 18.47
C4A CLA U . -7.92 18.17 17.94
CMA CLA U . -8.44 20.61 18.26
CAA CLA U . -11.02 18.15 19.12
CBA CLA U . -10.55 18.64 20.48
CGA CLA U . -10.88 17.69 21.61
O1A CLA U . -12.03 17.37 21.83
O2A CLA U . -9.88 17.24 22.37
NB CLA U . -5.76 16.25 16.98
C1B CLA U . -5.54 17.33 17.77
C2B CLA U . -4.16 17.43 18.11
C3B CLA U . -3.56 16.38 17.48
C4B CLA U . -4.59 15.64 16.76
CMB CLA U . -3.50 18.47 18.97
CAB CLA U . -2.12 16.06 17.52
CBB CLA U . -1.63 14.77 18.08
NC CLA U . -6.62 14.03 15.16
C1C CLA U . -5.33 13.76 15.21
C2C CLA U . -4.97 12.61 14.36
C3C CLA U . -6.15 12.22 13.80
C4C CLA U . -7.17 13.12 14.30
CMC CLA U . -3.61 12.00 14.16
CAC CLA U . -6.38 11.09 12.84
CBC CLA U . -6.34 11.63 11.43
ND CLA U . -9.14 15.00 15.26
C1D CLA U . -9.47 14.00 14.41
C2D CLA U . -10.88 13.98 14.10
C3D CLA U . -11.38 15.03 14.84
C4D CLA U . -10.34 15.64 15.52
CMD CLA U . -11.75 13.11 13.24
CAD CLA U . -12.60 15.73 15.14
OBD CLA U . -13.71 15.41 14.79
CBD CLA U . -12.28 16.79 16.14
CGD CLA U . -12.72 18.09 15.55
O1D CLA U . -13.85 18.50 15.77
O2D CLA U . -11.93 18.80 14.79
CED CLA U . -12.19 20.20 14.82
C1 CLA U . -9.97 16.04 23.18
C2 CLA U . -10.15 16.07 24.68
C3 CLA U . -9.50 15.21 25.47
C4 CLA U . -9.68 15.22 26.96
C5 CLA U . -8.56 14.16 24.92
C6 CLA U . -8.63 12.88 25.75
C7 CLA U . -9.23 11.73 24.94
C8 CLA U . -8.37 10.47 25.02
C9 CLA U . -7.38 10.43 23.86
C10 CLA U . -9.26 9.23 25.04
C11 CLA U . -8.63 8.04 24.32
C12 CLA U . -8.51 6.80 25.21
C13 CLA U . -8.83 5.53 24.43
C14 CLA U . -9.93 4.73 25.11
C15 CLA U . -7.55 4.70 24.25
C16 CLA U . -7.32 3.71 25.38
C17 CLA U . -6.54 2.49 24.90
C18 CLA U . -5.85 1.77 26.05
C19 CLA U . -5.85 0.27 25.86
C20 CLA U . -4.44 2.30 26.25
MG CLA V . -0.34 24.69 13.51
CHA CLA V . 2.69 26.21 14.00
CHB CLA V . 0.56 22.12 15.62
CHC CLA V . -3.31 23.37 13.05
CHD CLA V . -1.23 27.32 11.35
NA CLA V . 1.44 24.19 14.70
C1A CLA V . 2.54 24.92 14.75
C2A CLA V . 3.53 24.34 15.70
C3A CLA V . 2.86 23.05 16.14
C4A CLA V . 1.54 23.11 15.47
CMA CLA V . 3.67 21.78 15.98
CAA CLA V . 3.42 25.25 16.90
CBA CLA V . 4.75 25.58 17.54
CGA CLA V . 5.28 24.33 18.17
O1A CLA V . 4.70 23.87 19.13
O2A CLA V . 6.35 23.78 17.63
NB CLA V . -1.24 23.02 14.24
C1B CLA V . -0.72 22.06 15.05
C2B CLA V . -1.69 21.03 15.27
C3B CLA V . -2.78 21.39 14.53
C4B CLA V . -2.47 22.65 13.89
CMB CLA V . -1.47 19.82 16.12
CAB CLA V . -4.08 20.74 14.33
CBB CLA V . -4.58 19.57 15.15
NC CLA V . -2.03 25.30 12.45
C1C CLA V . -3.11 24.56 12.32
C2C CLA V . -4.07 25.12 11.36
C3C CLA V . -3.48 26.25 10.91
C4C CLA V . -2.20 26.35 11.59
CMC CLA V . -5.41 24.55 10.98
CAC CLA V . -4.03 27.21 9.90
CBC CLA V . -3.54 26.82 8.53
ND CLA V . 0.43 26.34 12.79
C1D CLA V . 0.02 27.33 11.96
C2D CLA V . 1.05 28.35 11.79
C3D CLA V . 2.07 27.90 12.59
C4D CLA V . 1.70 26.71 13.18
CMD CLA V . 1.12 29.63 11.01
CAD CLA V . 3.41 28.23 13.02
OBD CLA V . 4.14 29.02 12.47
CBD CLA V . 3.84 27.17 13.98
CGD CLA V . 5.08 26.52 13.44
O1D CLA V . 5.84 25.94 14.19
O2D CLA V . 5.36 26.55 12.15
CED CLA V . 5.84 25.34 11.60
C1 CLA V . 7.18 22.83 18.37
C2 CLA V . 7.56 23.04 19.81
C3 CLA V . 8.57 23.85 20.12
C4 CLA V . 9.33 24.59 19.06
C5 CLA V . 8.98 24.08 21.55
C6 CLA V . 8.72 22.81 22.33
C7 CLA V . 8.62 23.14 23.80
C8 CLA V . 9.39 22.16 24.66
C9 CLA V . 8.41 21.27 25.40
C10 CLA V . 10.25 22.93 25.65
C11 CLA V . 10.94 21.99 26.64
C12 CLA V . 11.02 22.62 28.01
C13 CLA V . 11.74 23.95 27.96
C14 CLA V . 13.00 23.91 28.80
C15 CLA V . 10.78 25.05 28.41
C16 CLA V . 10.82 25.28 29.92
C17 CLA V . 11.04 26.76 30.20
C18 CLA V . 10.44 27.14 31.54
C19 CLA V . 10.75 28.59 31.89
C20 CLA V . 8.94 26.90 31.54
MG CLA W . 4.33 17.00 15.76
CHA CLA W . 1.26 15.99 14.62
CHB CLA W . 4.46 19.44 13.37
CHC CLA W . 7.18 18.00 17.05
CHD CLA W . 4.20 14.44 18.18
NA CLA W . 2.99 17.66 14.15
C1A CLA W . 1.83 17.13 13.83
C2A CLA W . 1.20 17.79 12.66
C3A CLA W . 2.25 18.83 12.27
C4A CLA W . 3.29 18.67 13.31
CMA CLA W . 2.71 18.81 10.84
CAA CLA W . 0.04 18.63 13.15
CBA CLA W . -1.31 18.16 12.67
CGA CLA W . -1.54 18.67 11.28
O1A CLA W . -1.28 19.84 11.04
O2A CLA W . -2.04 17.86 10.37
NB CLA W . 5.61 18.50 15.29
C1B CLA W . 5.52 19.38 14.26
C2B CLA W . 6.68 20.22 14.25
C3B CLA W . 7.44 19.80 15.29
C4B CLA W . 6.75 18.71 15.94
CMB CLA W . 6.93 21.31 13.25
CAB CLA W . 8.74 20.30 15.75
CBB CLA W . 9.09 21.77 15.72
NC CLA W . 5.46 16.38 17.41
C1C CLA W . 6.64 16.87 17.69
C2C CLA W . 7.34 16.10 18.74
C3C CLA W . 6.45 15.12 19.07
C4C CLA W . 5.29 15.29 18.22
CMC CLA W . 8.69 16.39 19.31
CAC CLA W . 6.63 14.03 20.08
CBC CLA W . 7.08 12.78 19.36
ND CLA W . 3.11 15.57 16.35
C1D CLA W . 3.13 14.59 17.28
C2D CLA W . 1.97 13.74 17.21
C3D CLA W . 1.24 14.30 16.17
C4D CLA W . 1.93 15.40 15.67
CMD CLA W . 1.49 12.55 17.97
CAD CLA W . 0.02 14.16 15.41
OBD CLA W . -0.62 13.13 15.32
CBD CLA W . -0.06 15.28 14.44
CGD CLA W . -0.12 14.68 13.08
O1D CLA W . 0.57 13.73 12.79
O2D CLA W . -0.94 15.18 12.19
CED CLA W . -2.18 14.51 12.05
C1 CLA W . -1.15 17.01 9.60
C2 CLA W . -0.77 17.30 8.18
C3 CLA W . 0.05 16.47 7.53
C4 CLA W . 0.44 16.74 6.12
C5 CLA W . 0.64 15.23 8.15
C6 CLA W . 1.89 14.80 7.39
C7 CLA W . 3.15 15.30 8.06
C8 CLA W . 4.26 14.24 8.00
C9 CLA W . 4.02 13.17 9.04
C10 CLA W . 5.61 14.90 8.22
C11 CLA W . 5.59 15.81 9.43
C12 CLA W . 6.83 15.63 10.29
C13 CLA W . 6.71 16.49 11.54
C14 CLA W . 7.76 17.59 11.52
C15 CLA W . 6.88 15.62 12.77
C16 CLA W . 5.79 14.57 12.82
C17 CLA W . 5.80 13.87 14.18
C18 CLA W . 4.77 12.77 14.25
C19 CLA W . 4.10 12.51 12.92
C20 CLA W . 5.41 11.49 14.78
MG CLA X . 6.49 4.26 29.57
CHA CLA X . 6.96 0.98 30.44
CHB CLA X . 6.84 3.46 26.23
CHC CLA X . 5.98 7.40 28.82
CHD CLA X . 6.03 5.06 32.96
NA CLA X . 6.85 2.42 28.43
C1A CLA X . 7.02 1.21 28.96
C2A CLA X . 7.28 0.17 27.91
C3A CLA X . 7.25 0.99 26.60
C4A CLA X . 6.96 2.37 27.10
CMA CLA X . 8.34 0.79 25.58
CAA CLA X . 6.12 -0.81 27.91
CBA CLA X . 4.92 -0.27 27.16
CGA CLA X . 3.73 -0.37 28.08
O1A CLA X . 3.18 0.65 28.45
O2A CLA X . 3.33 -1.56 28.48
NB CLA X . 6.41 5.26 27.81
C1B CLA X . 6.58 4.80 26.54
C2B CLA X . 6.47 5.87 25.60
C3B CLA X . 6.23 6.98 26.35
C4B CLA X . 6.20 6.57 27.73
CMB CLA X . 6.59 5.75 24.10
CAB CLA X . 6.01 8.39 25.98
CBB CLA X . 5.97 8.91 24.58
NC CLA X . 6.07 5.96 30.71
C1C CLA X . 5.88 7.15 30.19
C2C CLA X . 5.55 8.18 31.17
C3C CLA X . 5.56 7.51 32.37
C4C CLA X . 5.89 6.11 32.06
CMC CLA X . 5.26 9.62 30.86
CAC CLA X . 5.25 8.08 33.73
CBC CLA X . 6.23 9.17 34.11
ND CLA X . 6.45 3.35 31.31
C1D CLA X . 6.31 3.72 32.60
C2D CLA X . 6.50 2.60 33.51
C3D CLA X . 6.76 1.54 32.65
C4D CLA X . 6.72 2.00 31.34
CMD CLA X . 6.46 2.45 35.00
CAD CLA X . 7.04 0.12 32.63
OBD CLA X . 7.14 -0.61 33.61
CBD CLA X . 7.14 -0.31 31.20
CGD CLA X . 8.51 -0.83 30.89
O1D CLA X . 9.38 -0.08 30.52
O2D CLA X . 8.80 -2.12 31.03
CED CLA X . 10.09 -2.37 31.56
C1 CLA X . 2.05 -2.11 28.08
C2 CLA X . 0.88 -1.20 27.77
C3 CLA X . -0.22 -1.24 28.53
C4 CLA X . -0.34 -2.14 29.71
C5 CLA X . -1.40 -0.35 28.26
C6 CLA X . -1.14 0.97 28.96
C7 CLA X . -2.35 1.40 29.79
C8 CLA X . -1.93 2.22 31.01
C9 CLA X . -2.93 2.04 32.15
C10 CLA X . -1.76 3.69 30.66
C11 CLA X . -2.50 4.12 29.39
C12 CLA X . -3.93 4.53 29.69
C13 CLA X . -4.30 5.77 28.90
C14 CLA X . -4.07 7.02 29.74
C15 CLA X . -5.76 5.67 28.45
MG CLA Y . 12.14 2.28 20.58
CHA CLA Y . 13.75 5.15 21.55
CHB CLA Y . 9.36 3.19 22.37
CHC CLA Y . 10.64 -0.41 19.46
CHD CLA Y . 15.01 1.36 18.77
NA CLA Y . 11.59 3.98 21.83
C1A CLA Y . 12.37 5.01 22.12
C2A CLA Y . 11.70 5.99 23.00
C3A CLA Y . 10.37 5.33 23.30
C4A CLA Y . 10.41 4.10 22.46
CMA CLA Y . 10.01 5.17 24.76
CAA CLA Y . 11.45 7.20 22.12
CBA CLA Y . 9.98 7.55 21.98
CGA CLA Y . 9.52 7.40 20.56
O1A CLA Y . 10.08 6.59 19.85
O2A CLA Y . 8.52 8.14 20.15
NB CLA Y . 10.28 1.51 20.86
C1B CLA Y . 9.29 1.99 21.64
C2B CLA Y . 8.15 1.13 21.59
C3B CLA Y . 8.51 0.10 20.76
C4B CLA Y . 9.88 0.37 20.31
CMB CLA Y . 6.86 1.34 22.32
CAB CLA Y . 7.77 -1.10 20.33
CBB CLA Y . 6.65 -1.70 21.13
NC CLA Y . 12.71 0.76 19.26
C1C CLA Y . 11.95 -0.28 18.98
C2C CLA Y . 12.65 -1.28 18.14
C3C CLA Y . 13.88 -0.74 17.94
C4C CLA Y . 13.90 0.53 18.64
CMC CLA Y . 12.11 -2.58 17.64
CAC CLA Y . 15.01 -1.33 17.15
CBC CLA Y . 15.86 -2.16 18.09
ND CLA Y . 13.93 2.97 20.18
C1D CLA Y . 15.01 2.57 19.48
C2D CLA Y . 16.11 3.51 19.58
C3D CLA Y . 15.61 4.50 20.39
C4D CLA Y . 14.31 4.18 20.74
CMD CLA Y . 17.50 3.54 19.02
CAD CLA Y . 15.95 5.75 21.00
OBD CLA Y . 16.96 6.38 20.82
CBD CLA Y . 14.73 6.29 21.68
CGD CLA Y . 15.05 6.64 23.10
O1D CLA Y . 15.65 7.66 23.34
O2D CLA Y . 14.70 5.87 24.11
CED CLA Y . 14.45 6.58 25.33
C1 CLA Y . 7.54 7.62 19.19
C2 CLA Y . 7.80 7.66 17.70
C3 CLA Y . 6.81 7.51 16.80
C4 CLA Y . 7.10 7.57 15.34
C5 CLA Y . 5.36 7.25 17.14
C6 CLA Y . 4.88 5.99 16.43
C7 CLA Y . 3.66 6.27 15.59
C8 CLA Y . 2.41 5.54 16.09
C9 CLA Y . 1.90 6.15 17.38
C10 CLA Y . 2.70 4.05 16.27
C11 CLA Y . 1.61 3.41 17.10
C12 CLA Y . 1.29 2.00 16.64
C13 CLA Y . -0.09 1.57 17.12
C14 CLA Y . 0.00 0.50 18.21
C15 CLA Y . -0.87 1.04 15.95
C16 CLA Y . -1.60 2.18 15.26
C17 CLA Y . -2.82 1.65 14.50
C18 CLA Y . -3.53 2.74 13.72
C19 CLA Y . -3.06 4.14 14.12
C20 CLA Y . -3.36 2.53 12.23
MG CLA Z . 6.98 -7.11 20.93
CHA CLA Z . 7.25 -4.71 23.39
CHB CLA Z . 4.17 -8.38 22.40
CHC CLA Z . 6.74 -9.25 18.44
CHD CLA Z . 9.91 -5.82 19.46
NA CLA Z . 5.80 -6.61 22.72
C1A CLA Z . 6.07 -5.63 23.57
C2A CLA Z . 5.10 -5.65 24.72
C3A CLA Z . 4.16 -6.80 24.37
C4A CLA Z . 4.72 -7.29 23.08
CMA CLA Z . 3.84 -7.82 25.44
CAA CLA Z . 4.26 -4.39 24.80
CBA CLA Z . 4.19 -3.57 23.53
CGA CLA Z . 3.61 -2.27 23.98
O1A CLA Z . 3.30 -2.18 25.15
O2A CLA Z . 3.47 -1.26 23.14
NB CLA Z . 5.65 -8.57 20.48
C1B CLA Z . 4.58 -8.98 21.20
C2B CLA Z . 3.96 -10.10 20.55
C3B CLA Z . 4.70 -10.33 19.44
C4B CLA Z . 5.77 -9.36 19.41
CMB CLA Z . 2.73 -10.80 21.07
CAB CLA Z . 4.56 -11.34 18.35
CBB CLA Z . 3.72 -12.59 18.47
NC CLA Z . 8.10 -7.41 19.19
C1C CLA Z . 7.86 -8.39 18.34
C2C CLA Z . 8.88 -8.48 17.28
C3C CLA Z . 9.75 -7.48 17.56
C4C CLA Z . 9.26 -6.83 18.76
CMC CLA Z . 8.92 -9.46 16.15
CAC CLA Z . 10.99 -7.12 16.80
CBC CLA Z . 10.72 -5.96 15.90
ND CLA Z . 8.27 -5.64 21.23
C1D CLA Z . 9.42 -5.22 20.65
C2D CLA Z . 10.04 -4.15 21.37
C3D CLA Z . 9.19 -3.96 22.44
C4D CLA Z . 8.14 -4.86 22.35
CMD CLA Z . 11.28 -3.34 21.19
CAD CLA Z . 8.99 -3.15 23.62
OBD CLA Z . 9.78 -2.34 24.05
CBD CLA Z . 7.72 -3.56 24.26
CGD CLA Z . 8.05 -4.04 25.63
O1D CLA Z . 8.55 -5.11 25.82
O2D CLA Z . 7.80 -3.25 26.67
CED CLA Z . 8.91 -3.06 27.54
C1 CLA Z . 3.49 0.12 23.61
C2 CLA Z . 2.64 0.60 24.76
C3 CLA Z . 2.56 1.89 25.11
C4 CLA Z . 3.30 2.96 24.37
C5 CLA Z . 1.71 2.34 26.27
C6 CLA Z . 0.92 3.58 25.89
C7 CLA Z . -0.54 3.33 26.21
C8 CLA Z . -1.43 4.20 25.33
C9 CLA Z . -0.91 4.24 23.90
C10 CLA Z . -1.47 5.59 25.93
C11 CLA Z . -2.26 6.54 25.04
C12 CLA Z . -3.04 7.53 25.89
C13 CLA Z . -2.33 8.88 25.91
C14 CLA Z . -2.49 9.54 27.27
C15 CLA Z . -2.90 9.74 24.79
C16 CLA Z . -2.34 11.14 24.83
C17 CLA Z . -3.45 12.18 24.85
C18 CLA Z . -3.02 13.41 25.61
C19 CLA Z . -3.32 14.68 24.82
C20 CLA Z . -3.67 13.46 26.99
MG CLA AA . -3.20 31.92 29.53
CHA CLA AA . -5.49 34.21 30.64
CHB CLA AA . -2.43 33.95 26.84
CHC CLA AA . -0.91 29.75 28.64
CHD CLA AA . -4.05 29.82 32.22
NA CLA AA . -3.88 33.89 28.79
C1A CLA AA . -4.81 34.64 29.38
C2A CLA AA . -5.05 35.91 28.62
C3A CLA AA . -4.11 35.78 27.44
C4A CLA AA . -3.42 34.48 27.67
CMA CLA AA . -4.69 36.07 26.07
CAA CLA AA . -4.54 37.10 29.42
CBA CLA AA . -3.17 36.82 30.02
CGA CLA AA . -2.65 37.99 30.82
O1A CLA AA . -3.43 38.70 31.41
O2A CLA AA . -1.34 38.21 30.85
NB CLA AA . -1.88 31.86 27.99
C1B CLA AA . -1.71 32.75 26.98
C2B CLA AA . -0.68 32.30 26.08
C3B CLA AA . -0.27 31.11 26.61
C4B CLA AA . -1.04 30.85 27.81
CMB CLA AA . -0.23 33.02 24.86
CAB CLA AA . 0.76 30.15 26.13
CBB CLA AA . 1.24 30.08 24.70
NC CLA AA . -2.53 30.11 30.34
C1C CLA AA . -1.59 29.38 29.81
C2C CLA AA . -1.34 28.13 30.56
C3C CLA AA . -2.22 28.18 31.59
C4C CLA AA . -2.97 29.42 31.44
CMC CLA AA . -0.33 27.06 30.24
CAC CLA AA . -2.39 27.16 32.68
CBC CLA AA . -1.70 27.67 33.93
ND CLA AA . -4.41 31.91 31.07
C1D CLA AA . -4.71 31.06 32.08
C2D CLA AA . -5.75 31.58 32.94
C3D CLA AA . -6.04 32.81 32.36
C4D CLA AA . -5.24 32.99 31.25
CMD CLA AA . -6.46 31.10 34.17
CAD CLA AA . -6.88 33.97 32.51
OBD CLA AA . -7.56 34.19 33.49
CBD CLA AA . -6.51 34.95 31.45
CGD CLA AA . -7.67 35.23 30.57
O1D CLA AA . -8.48 34.34 30.32
O2D CLA AA . -7.84 36.41 30.04
CED CLA AA . -9.18 36.90 30.10
C1 CLA AA . -0.56 37.83 32.03
C2 CLA AA . -0.75 38.53 33.36
C3 CLA AA . -0.02 38.22 34.45
C4 CLA AA . -0.25 38.94 35.74
C5 CLA AA . 1.04 37.15 34.46
MG CLA BA . -12.97 20.03 23.38
CHA CLA BA . -14.27 20.99 20.33
CHB CLA BA . -15.89 18.44 24.17
CHC CLA BA . -11.54 19.02 26.15
CHD CLA BA . -10.01 21.76 22.55
NA CLA BA . -14.90 19.72 22.37
C1A CLA BA . -15.24 20.21 21.17
C2A CLA BA . -16.63 19.86 20.79
C3A CLA BA . -17.13 19.08 22.02
C4A CLA BA . -15.93 19.06 22.92
CMA CLA BA . -18.47 19.51 22.58
CAA CLA BA . -16.58 18.95 19.57
CBA CLA BA . -16.42 17.47 19.92
CGA CLA BA . -15.04 16.97 19.60
O1A CLA BA . -14.08 17.63 19.95
O2A CLA BA . -14.90 15.84 18.93
NB CLA BA . -13.61 18.89 24.93
C1B CLA BA . -14.84 18.35 25.09
C2B CLA BA . -14.90 17.66 26.34
C3B CLA BA . -13.67 17.82 26.93
C4B CLA BA . -12.86 18.61 26.00
CMB CLA BA . -16.08 16.93 26.92
CAB CLA BA . -13.31 17.26 28.25
CBB CLA BA . -12.00 17.49 28.95
NC CLA BA . -11.06 20.30 24.19
C1C CLA BA . -10.67 19.78 25.33
C2C CLA BA . -9.26 20.08 25.64
C3C CLA BA . -8.84 20.82 24.58
C4C CLA BA . -9.97 20.97 23.69
CMC CLA BA . -8.45 19.63 26.83
CAC CLA BA . -7.47 21.40 24.37
CBC CLA BA . -6.78 20.69 23.22
ND CLA BA . -12.23 21.08 21.88
C1D CLA BA . -11.07 21.76 21.63
C2D CLA BA . -11.11 22.44 20.36
C3D CLA BA . -12.36 22.13 19.87
C4D CLA BA . -13.02 21.33 20.78
CMD CLA BA . -10.15 23.33 19.61
CAD CLA BA . -13.22 22.36 18.73
OBD CLA BA . -12.89 22.86 17.68
CBD CLA BA . -14.42 21.51 18.92
CGD CLA BA . -15.67 22.32 18.77
O1D CLA BA . -15.96 23.18 19.58
O2D CLA BA . -16.47 22.12 17.74
CED CLA BA . -16.94 23.31 17.13
C1 CLA BA . -13.64 15.08 18.91
C2 CLA BA . -13.21 14.17 20.05
C3 CLA BA . -11.97 13.63 20.11
C4 CLA BA . -11.61 12.73 21.24
C5 CLA BA . -10.90 13.90 19.08
C6 CLA BA . -9.55 13.43 19.60
C7 CLA BA . -8.58 14.59 19.72
C8 CLA BA . -7.43 14.28 20.65
C9 CLA BA . -6.76 15.55 21.18
C10 CLA BA . -6.40 13.44 19.92
C11 CLA BA . -5.17 13.26 20.80
C12 CLA BA . -3.92 13.09 19.96
C13 CLA BA . -3.52 11.63 19.89
C14 CLA BA . -2.88 11.19 21.20
C15 CLA BA . -2.58 11.45 18.72
C16 CLA BA . -1.73 10.20 18.89
C17 CLA BA . -1.67 9.42 17.58
C18 CLA BA . -1.53 7.94 17.88
C19 CLA BA . -2.55 7.53 18.92
C20 CLA BA . -1.70 7.11 16.61
MG CLA CA . 3.52 41.74 28.07
CHA CLA CA . 0.43 41.69 26.54
CHB CLA CA . 3.88 45.05 27.32
CHC CLA CA . 6.38 41.70 29.70
CHD CLA CA . 3.14 38.31 28.80
NA CLA CA . 2.29 43.24 27.04
C1A CLA CA . 1.10 43.03 26.47
C2A CLA CA . 0.57 44.26 25.79
C3A CLA CA . 1.70 45.27 26.04
C4A CLA CA . 2.69 44.51 26.85
CMA CLA CA . 2.23 46.03 24.84
CAA CLA CA . -0.69 44.90 26.39
CBA CLA CA . -1.41 44.22 27.55
CGA CLA CA . -0.54 44.15 28.78
O1A CLA CA . 0.28 45.02 28.90
O2A CLA CA . -0.71 43.18 29.67
NB CLA CA . 4.91 43.15 28.46
C1B CLA CA . 4.90 44.45 28.07
C2B CLA CA . 6.08 45.12 28.52
C3B CLA CA . 6.80 44.18 29.19
C4B CLA CA . 6.03 42.93 29.14
CMB CLA CA . 6.45 46.55 28.30
CAB CLA CA . 8.11 44.43 29.83
CBB CLA CA . 8.67 43.62 30.97
NC CLA CA . 4.55 40.26 29.13
C1C CLA CA . 5.73 40.45 29.70
C2C CLA CA . 6.26 39.21 30.32
C3C CLA CA . 5.31 38.27 30.07
C4C CLA CA . 4.25 38.94 29.33
CMC CLA CA . 7.55 39.04 31.05
CAC CLA CA . 5.34 36.82 30.46
CBC CLA CA . 4.31 36.55 31.55
ND CLA CA . 2.20 40.30 27.81
C1D CLA CA . 2.11 38.98 28.10
C2D CLA CA . 0.90 38.38 27.58
C3D CLA CA . 0.26 39.45 26.97
C4D CLA CA . 1.04 40.58 27.12
CMD CLA CA . 0.32 37.00 27.59
CAD CLA CA . -0.93 39.79 26.24
OBD CLA CA . -1.71 39.02 25.72
CBD CLA CA . -0.93 41.26 26.06
CGD CLA CA . -1.16 41.64 24.64
O1D CLA CA . -0.25 41.86 23.88
O2D CLA CA . -2.40 41.74 24.18
CED CLA CA . -2.56 41.72 22.77
C1 CLA CA . 0.33 42.88 30.67
C2 CLA CA . 0.91 41.51 30.89
C3 CLA CA . 1.83 41.29 31.85
C4 CLA CA . 2.41 39.93 32.08
C5 CLA CA . 2.38 42.38 32.74
C6 CLA CA . 3.85 42.62 32.43
C7 CLA CA . 4.75 42.31 33.62
C8 CLA CA . 6.02 43.14 33.59
C9 CLA CA . 7.24 42.31 33.94
C10 CLA CA . 5.90 44.31 34.56
MG CLA DA . 3.10 33.50 22.91
CHA CLA DA . 2.55 30.67 21.05
CHB CLA DA . 5.61 31.92 24.64
CHC CLA DA . 3.62 36.29 24.54
CHD CLA DA . 0.52 35.09 21.11
NA CLA DA . 4.02 31.50 22.86
C1A CLA DA . 3.65 30.51 22.06
C2A CLA DA . 4.42 29.27 22.30
C3A CLA DA . 5.34 29.68 23.45
C4A CLA DA . 4.99 31.12 23.67
CMA CLA DA . 5.34 28.81 24.68
CAA CLA DA . 5.28 29.05 21.07
CBA CLA DA . 5.71 27.61 20.89
CGA CLA DA . 7.05 27.41 21.60
O1A CLA DA . 8.01 28.04 21.24
O2A CLA DA . 7.11 26.53 22.57
NB CLA DA . 4.42 34.03 24.35
C1B CLA DA . 5.36 33.26 24.96
C2B CLA DA . 6.04 34.02 25.96
C3B CLA DA . 5.47 35.26 25.93
C4B CLA DA . 4.44 35.24 24.90
CMB CLA DA . 7.14 33.50 26.85
CAB CLA DA . 5.76 36.46 26.74
CBB CLA DA . 7.12 36.75 27.32
NC CLA DA . 2.24 35.39 22.81
C1C CLA DA . 2.62 36.41 23.55
C2C CLA DA . 1.87 37.65 23.24
C3C CLA DA . 1.02 37.28 22.23
C4C CLA DA . 1.26 35.88 21.99
CMC CLA DA . 2.08 38.98 23.90
CAC CLA DA . 0.04 38.12 21.46
CBC CLA DA . -0.96 38.76 22.38
ND CLA DA . 1.85 33.10 21.45
C1D CLA DA . 0.84 33.75 20.82
C2D CLA DA . 0.17 32.91 19.84
C3D CLA DA . 0.85 31.72 19.94
C4D CLA DA . 1.85 31.85 20.90
CMD CLA DA . -0.97 33.12 18.90
CAD CLA DA . 0.90 30.38 19.41
OBD CLA DA . 0.00 29.86 18.79
CBD CLA DA . 1.95 29.63 20.16
CGD CLA DA . 1.17 28.75 21.07
O1D CLA DA . 0.15 29.17 21.57
O2D CLA DA . 1.56 27.53 21.36
CED CLA DA . 0.58 26.82 22.10
C1 CLA DA . 7.98 26.74 23.71
C2 CLA DA . 7.57 26.08 25.01
C3 CLA DA . 7.85 26.64 26.18
C4 CLA DA . 8.58 27.94 26.31
C5 CLA DA . 7.41 25.95 27.46
C6 CLA DA . 7.09 27.00 28.50
C7 CLA DA . 5.68 27.52 28.33
C8 CLA DA . 5.51 28.73 29.22
C9 CLA DA . 4.98 28.33 30.58
C10 CLA DA . 4.57 29.72 28.53
C11 CLA DA . 4.19 30.84 29.50
C12 CLA DA . 4.16 32.18 28.79
C13 CLA DA . 2.74 32.74 28.78
C14 CLA DA . 2.67 33.99 27.91
C15 CLA DA . 2.34 33.05 30.20
C16 CLA DA . 1.19 34.04 30.24
C17 CLA DA . -0.11 33.31 30.58
C18 CLA DA . -0.42 33.44 32.06
C19 CLA DA . -1.69 34.27 32.23
C20 CLA DA . -0.58 32.06 32.69
MG CLA EA . 18.17 24.75 36.30
CHA CLA EA . 18.57 21.87 38.07
CHB CLA EA . 16.92 22.97 33.64
CHC CLA EA . 17.66 27.61 34.73
CHD CLA EA . 19.48 26.55 39.02
NA CLA EA . 17.76 22.63 35.88
C1A CLA EA . 17.99 21.63 36.70
C2A CLA EA . 17.69 20.29 36.09
C3A CLA EA . 17.19 20.69 34.69
C4A CLA EA . 17.29 22.17 34.72
CMA CLA EA . 17.70 19.95 33.48
CAA CLA EA . 16.57 19.58 36.81
CBA CLA EA . 15.38 20.49 36.96
CGA CLA EA . 14.14 19.64 37.08
O1A CLA EA . 13.47 19.42 36.09
O2A CLA EA . 13.79 19.18 38.26
NB CLA EA . 17.41 25.21 34.48
C1B CLA EA . 16.97 24.37 33.52
C2B CLA EA . 16.56 25.09 32.36
C3B CLA EA . 16.78 26.39 32.67
C4B CLA EA . 17.31 26.46 34.02
CMB CLA EA . 16.03 24.47 31.10
CAB CLA EA . 16.55 27.59 31.85
CBB CLA EA . 15.55 27.64 30.71
NC CLA EA . 18.48 26.76 36.80
C1C CLA EA . 18.24 27.76 35.99
C2C CLA EA . 18.64 29.06 36.58
C3C CLA EA . 19.14 28.75 37.79
C4C CLA EA . 19.04 27.31 37.94
CMC CLA EA . 18.51 30.42 35.95
CAC CLA EA . 19.69 29.72 38.81
CBC CLA EA . 21.15 29.93 38.50
ND CLA EA . 18.85 24.41 38.11
C1D CLA EA . 19.36 25.16 39.12
C2D CLA EA . 19.75 24.33 40.24
C3D CLA EA . 19.44 23.04 39.82
C4D CLA EA . 18.89 23.11 38.55
CMD CLA EA . 20.35 24.63 41.58
CAD CLA EA . 19.45 21.66 40.22
OBD CLA EA . 19.45 21.30 41.38
CBD CLA EA . 18.95 20.84 39.08
CGD CLA EA . 20.10 20.16 38.42
O1D CLA EA . 21.09 20.80 38.12
O2D CLA EA . 20.07 18.88 38.12
CED CLA EA . 21.39 18.36 37.97
C1 CLA EA . 12.45 19.49 38.75
C2 CLA EA . 11.84 20.83 38.42
C3 CLA EA . 11.04 21.45 39.30
C4 CLA EA . 10.44 22.78 38.97
C5 CLA EA . 10.71 20.86 40.65
C6 CLA EA . 9.45 20.01 40.55
C7 CLA EA . 8.31 20.61 41.34
C8 CLA EA . 6.95 20.25 40.75
C9 CLA EA . 6.93 18.80 40.30
C10 CLA EA . 6.61 21.19 39.59
C11 CLA EA . 6.92 22.63 39.95
C12 CLA EA . 5.67 23.51 39.89
C13 CLA EA . 6.06 24.98 39.91
C14 CLA EA . 5.92 25.56 41.32
C15 CLA EA . 5.24 25.74 38.86
C16 CLA EA . 3.96 26.34 39.44
C17 CLA EA . 2.75 25.49 39.10
C18 CLA EA . 1.96 25.17 40.36
C19 CLA EA . 0.53 25.68 40.25
C20 CLA EA . 1.98 23.68 40.67
MG CLA FA . 24.25 34.97 38.60
CHA CLA FA . 25.58 35.22 41.73
CHB CLA FA . 21.18 34.14 39.92
CHC CLA FA . 23.04 34.83 35.53
CHD CLA FA . 27.39 35.82 37.24
NA CLA FA . 23.44 34.72 40.62
C1A CLA FA . 24.13 34.86 41.74
C2A CLA FA . 23.30 34.53 42.95
C3A CLA FA . 21.92 34.21 42.34
C4A CLA FA . 22.17 34.36 40.88
CMA CLA FA . 21.15 32.98 42.80
CAA CLA FA . 23.30 35.71 43.92
CBA CLA FA . 21.92 35.96 44.49
CGA CLA FA . 21.62 37.41 44.20
O1A CLA FA . 21.97 38.24 45.01
O2A CLA FA . 21.02 37.71 43.07
NB CLA FA . 22.40 34.56 37.85
C1B CLA FA . 21.27 34.24 38.52
C2B CLA FA . 20.20 34.01 37.59
C3B CLA FA . 20.75 34.19 36.36
C4B CLA FA . 22.14 34.55 36.55
CMB CLA FA . 18.79 33.62 37.95
CAB CLA FA . 20.14 34.10 35.02
CBB CLA FA . 18.73 34.53 34.75
NC CLA FA . 25.07 35.34 36.70
C1C CLA FA . 24.41 35.15 35.57
C2C CLA FA . 25.26 35.30 34.38
C3C CLA FA . 26.48 35.62 34.87
C4C CLA FA . 26.35 35.64 36.33
CMC CLA FA . 24.83 35.16 32.94
CAC CLA FA . 27.72 35.89 34.06
CBC CLA FA . 27.84 37.36 33.82
ND CLA FA . 26.06 35.43 39.22
C1D CLA FA . 27.24 35.75 38.64
C2D CLA FA . 28.28 35.96 39.63
C3D CLA FA . 27.62 35.76 40.83
C4D CLA FA . 26.30 35.44 40.57
CMD CLA FA . 29.74 36.32 39.55
CAD CLA FA . 27.81 35.75 42.26
OBD CLA FA . 28.84 36.01 42.84
CBD CLA FA . 26.51 35.37 42.90
CGD CLA FA . 26.57 34.02 43.52
O1D CLA FA . 27.25 33.13 43.03
O2D CLA FA . 25.85 33.75 44.60
CED CLA FA . 26.39 32.84 45.55
MG CLA GA . 16.98 22.53 44.59
CHA CLA GA . 16.92 19.42 46.07
CHB CLA GA . 15.77 21.19 41.67
CHC CLA GA . 17.01 25.54 43.30
CHD CLA GA . 18.15 23.88 47.63
NA CLA GA . 16.39 20.52 43.92
C1A CLA GA . 16.44 19.41 44.65
C2A CLA GA . 15.97 18.20 43.89
C3A CLA GA . 15.63 18.79 42.52
C4A CLA GA . 15.94 20.24 42.69
CMA CLA GA . 16.05 18.08 41.25
CAA CLA GA . 14.69 17.65 44.51
CBA CLA GA . 13.73 18.78 44.87
CGA CLA GA . 13.43 18.75 46.36
O1A CLA GA . 12.84 17.81 46.83
O2A CLA GA . 13.83 19.76 47.12
NB CLA GA . 16.47 23.26 42.76
C1B CLA GA . 16.02 22.57 41.70
C2B CLA GA . 15.81 23.46 40.60
C3B CLA GA . 16.16 24.69 41.05
C4B CLA GA . 16.58 24.55 42.43
CMB CLA GA . 15.32 23.13 39.23
CAB CLA GA . 16.09 25.91 40.21
CBB CLA GA . 16.42 27.31 40.67
NC CLA GA . 17.44 24.41 45.37
C1C CLA GA . 17.44 25.52 44.64
C2C CLA GA . 17.93 26.68 45.37
C3C CLA GA . 18.22 26.20 46.61
C4C CLA GA . 17.92 24.78 46.60
CMC CLA GA . 18.05 28.09 44.85
CAC CLA GA . 18.76 27.01 47.77
CBC CLA GA . 17.60 27.61 48.52
ND CLA GA . 17.43 21.93 46.42
C1D CLA GA . 17.90 22.49 47.55
C2D CLA GA . 18.12 21.52 48.60
C3D CLA GA . 17.73 20.33 48.00
C4D CLA GA . 17.32 20.59 46.70
CMD CLA GA . 18.62 21.58 50.01
CAD CLA GA . 17.61 18.92 48.27
OBD CLA GA . 18.28 18.32 49.09
CBD CLA GA . 17.06 18.28 47.03
CGD CLA GA . 18.07 17.32 46.50
O1D CLA GA . 18.25 16.25 47.04
O2D CLA GA . 18.77 17.62 45.43
CED CLA GA . 19.16 16.50 44.64
C1 CLA GA . 13.52 21.15 46.74
MG CLA HA . 31.72 39.70 25.68
CHA CLA HA . 35.07 39.25 25.09
CHB CLA HA . 32.23 39.45 29.06
CHC CLA HA . 28.50 40.22 26.14
CHD CLA HA . 31.22 40.02 22.21
NA CLA HA . 33.47 39.39 26.97
C1A CLA HA . 34.72 39.22 26.55
C2A CLA HA . 35.66 38.98 27.69
C3A CLA HA . 34.73 39.05 28.90
C4A CLA HA . 33.39 39.32 28.30
CMA CLA HA . 34.77 37.92 29.91
CAA CLA HA . 36.71 40.08 27.75
CBA CLA HA . 36.13 41.41 28.21
CGA CLA HA . 35.65 42.21 27.03
O1A CLA HA . 36.45 42.74 26.29
O2A CLA HA . 34.34 42.28 26.85
NB CLA HA . 30.55 39.82 27.34
C1B CLA HA . 30.91 39.69 28.64
C2B CLA HA . 29.75 39.81 29.49
C3B CLA HA . 28.71 40.02 28.64
C4B CLA HA . 29.24 40.03 27.29
CMB CLA HA . 29.71 39.72 30.99
CAB CLA HA . 27.28 40.22 28.92
CBB CLA HA . 26.84 41.21 29.97
NC CLA HA . 30.13 40.11 24.39
C1C CLA HA . 28.88 40.30 24.78
C2C CLA HA . 27.97 40.61 23.67
C3C CLA HA . 28.77 40.58 22.56
C4C CLA HA . 30.11 40.26 23.03
CMC CLA HA . 26.50 40.90 23.76
CAC CLA HA . 28.36 40.85 21.15
CBC CLA HA . 27.67 39.65 20.55
ND CLA HA . 32.78 39.67 24.02
C1D CLA HA . 32.52 39.78 22.70
C2D CLA HA . 33.71 39.63 21.90
C3D CLA HA . 34.71 39.42 22.85
C4D CLA HA . 34.13 39.44 24.10
CMD CLA HA . 33.99 39.66 20.42
CAD CLA HA . 36.13 39.19 22.98
OBD CLA HA . 36.84 38.71 22.12
CBD CLA HA . 36.42 39.08 24.43
CGD CLA HA . 36.94 37.71 24.69
O1D CLA HA . 36.23 36.74 24.49
O2D CLA HA . 38.19 37.52 25.10
CED CLA HA . 38.98 36.69 24.27
C1 CLA HA . 33.77 42.40 25.52
C2 CLA HA . 34.02 43.59 24.64
C3 CLA HA . 33.04 44.03 23.86
C4 CLA HA . 33.26 45.23 22.97
C5 CLA HA . 31.67 43.39 23.82
C6 CLA HA . 30.62 44.46 23.58
C7 CLA HA . 29.24 43.94 23.92
C8 CLA HA . 28.28 45.10 24.17
C9 CLA HA . 27.27 44.74 25.25
C10 CLA HA . 27.61 45.47 22.85
C11 CLA HA . 26.09 45.60 22.95
C12 CLA HA . 25.53 46.09 21.64
C13 CLA HA . 24.45 45.16 21.09
C14 CLA HA . 24.78 43.69 21.33
C15 CLA HA . 24.26 45.43 19.60
C16 CLA HA . 25.35 44.79 18.76
C17 CLA HA . 24.75 44.01 17.59
C18 CLA HA . 25.80 43.72 16.53
C19 CLA HA . 26.03 42.23 16.36
C20 CLA HA . 25.41 44.35 15.19
MG CLA IA . 28.14 31.83 18.54
CHA CLA IA . 28.08 28.63 17.31
CHB CLA IA . 30.54 30.95 20.83
CHC CLA IA . 28.14 34.94 19.60
CHD CLA IA . 25.68 32.72 16.19
NA CLA IA . 29.22 29.98 19.04
C1A CLA IA . 29.05 28.81 18.45
C2A CLA IA . 29.86 27.72 19.08
C3A CLA IA . 30.59 28.48 20.20
C4A CLA IA . 30.11 29.89 20.03
CMA CLA IA . 30.55 27.86 21.57
CAA CLA IA . 30.83 27.08 18.08
CBA CLA IA . 32.29 27.37 18.34
CGA CLA IA . 32.55 28.71 17.70
O1A CLA IA . 32.15 28.86 16.57
O2A CLA IA . 33.13 29.67 18.39
NB CLA IA . 29.18 32.79 19.99
C1B CLA IA . 30.14 32.30 20.82
C2B CLA IA . 30.63 33.35 21.65
C3B CLA IA . 29.93 34.46 21.29
C4B CLA IA . 29.02 34.10 20.24
CMB CLA IA . 31.69 33.20 22.71
CAB CLA IA . 30.00 35.85 21.81
CBB CLA IA . 31.32 36.53 22.04
NC CLA IA . 27.13 33.56 17.94
C1C CLA IA . 27.26 34.73 18.53
C2C CLA IA . 26.39 35.77 17.93
C3C CLA IA . 25.73 35.13 16.93
C4C CLA IA . 26.20 33.75 16.95
CMC CLA IA . 26.28 37.21 18.33
CAC CLA IA . 24.74 35.73 15.98
CBC CLA IA . 23.30 35.45 16.34
ND CLA IA . 27.10 30.99 17.10
C1D CLA IA . 26.15 31.39 16.21
C2D CLA IA . 25.73 30.32 15.36
C3D CLA IA . 26.48 29.25 15.79
C4D CLA IA . 27.30 29.66 16.83
CMD CLA IA . 24.74 30.19 14.25
CAD CLA IA . 26.71 27.85 15.55
OBD CLA IA . 25.94 27.10 15.03
CBD CLA IA . 27.77 27.39 16.50
CGD CLA IA . 27.17 26.36 17.37
O1D CLA IA . 26.34 26.68 18.20
O2D CLA IA . 27.51 25.09 17.24
CED CLA IA . 26.43 24.18 17.11
C1 CLA IA . 32.71 31.05 18.16
C2 CLA IA . 33.07 31.72 16.87
C3 CLA IA . 32.28 32.57 16.22
C4 CLA IA . 32.76 33.15 14.93
C5 CLA IA . 30.91 32.99 16.69
C6 CLA IA . 30.36 34.12 15.83
C7 CLA IA . 30.62 35.47 16.48
C8 CLA IA . 29.44 36.40 16.27
C9 CLA IA . 28.87 36.25 14.87
C10 CLA IA . 29.89 37.84 16.53
C11 CLA IA . 28.86 38.84 16.00
MG CLA JA . 20.89 27.06 22.21
CHA CLA JA . 21.96 24.22 23.77
CHB CLA JA . 23.46 26.82 19.94
CHC CLA JA . 19.73 29.76 20.74
CHD CLA JA . 18.24 27.28 24.53
NA CLA JA . 22.55 25.68 21.86
C1A CLA JA . 22.82 24.61 22.60
C2A CLA JA . 24.05 23.90 22.14
C3A CLA JA . 24.52 24.76 20.98
C4A CLA JA . 23.47 25.82 20.89
CMA CLA JA . 25.98 25.18 20.95
CAA CLA JA . 23.63 22.56 21.55
CBA CLA JA . 22.34 22.64 20.75
CGA CLA JA . 22.65 22.90 19.30
O1A CLA JA . 23.69 22.48 18.85
O2A CLA JA . 21.80 23.56 18.55
NB CLA JA . 21.50 28.12 20.60
C1B CLA JA . 22.56 27.88 19.78
C2B CLA JA . 22.62 28.87 18.75
C3B CLA JA . 21.56 29.70 18.99
C4B CLA JA . 20.87 29.21 20.16
CMB CLA JA . 23.66 28.91 17.68
CAB CLA JA . 21.09 30.91 18.27
CBB CLA JA . 21.49 31.23 16.86
NC CLA JA . 19.22 28.29 22.55
C1C CLA JA . 18.97 29.37 21.85
C2C CLA JA . 17.80 30.12 22.34
C3C CLA JA . 17.37 29.39 23.40
C4C CLA JA . 18.28 28.26 23.54
CMC CLA JA . 17.23 31.38 21.76
CAC CLA JA . 16.20 29.69 24.30
CBC CLA JA . 14.97 29.12 23.66
ND CLA JA . 20.20 26.08 23.78
C1D CLA JA . 19.15 26.21 24.62
C2D CLA JA . 19.11 25.12 25.58
C3D CLA JA . 20.22 24.36 25.25
C4D CLA JA . 20.85 24.94 24.17
CMD CLA JA . 18.18 24.80 26.71
CAD CLA JA . 20.95 23.17 25.61
OBD CLA JA . 20.66 22.37 26.47
CBD CLA JA . 22.12 23.04 24.69
CGD CLA JA . 23.40 23.22 25.44
O1D CLA JA . 23.48 24.04 26.34
O2D CLA JA . 24.46 22.49 25.15
CED CLA JA . 25.20 22.03 26.27
C1 CLA JA . 22.26 24.40 17.47
C2 CLA JA . 21.49 25.65 17.12
C3 CLA JA . 21.59 26.20 15.90
C4 CLA JA . 22.48 25.62 14.86
C5 CLA JA . 20.83 27.44 15.50
C6 CLA JA . 19.48 27.49 16.20
C7 CLA JA . 18.55 28.45 15.47
C8 CLA JA . 18.10 29.59 16.36
C9 CLA JA . 17.13 29.10 17.42
C10 CLA JA . 17.45 30.67 15.50
C11 CLA JA . 18.15 32.00 15.66
C12 CLA JA . 18.23 32.73 14.33
C13 CLA JA . 19.20 33.91 14.43
C14 CLA JA . 18.45 35.21 14.65
C15 CLA JA . 20.02 33.99 13.16
C16 CLA JA . 21.02 32.85 13.08
C17 CLA JA . 20.77 32.03 11.83
C18 CLA JA . 21.69 30.82 11.81
C19 CLA JA . 20.93 29.59 11.36
C20 CLA JA . 22.89 31.08 10.91
MG CLA KA . 11.05 46.32 27.78
CHA CLA KA . 8.63 47.72 25.77
CHB CLA KA . 12.20 49.42 28.66
CHC CLA KA . 13.27 44.84 29.71
CHD CLA KA . 9.91 43.13 26.79
NA CLA KA . 10.48 48.38 27.28
C1A CLA KA . 9.50 48.74 26.45
C2A CLA KA . 9.42 50.22 26.29
C3A CLA KA . 10.55 50.71 27.19
C4A CLA KA . 11.13 49.45 27.76
CMA CLA KA . 11.51 51.75 26.65
CAA CLA KA . 8.10 50.79 26.77
CBA CLA KA . 7.73 50.28 28.16
CGA CLA KA . 6.99 51.37 28.87
O1A CLA KA . 7.54 52.45 29.04
O2A CLA KA . 5.77 51.15 29.33
NB CLA KA . 12.50 47.02 29.00
C1B CLA KA . 12.84 48.31 29.25
C2B CLA KA . 13.93 48.34 30.20
C3B CLA KA . 14.22 47.04 30.47
C4B CLA KA . 13.31 46.22 29.70
CMB CLA KA . 14.60 49.57 30.74
CAB CLA KA . 15.24 46.48 31.37
CBB CLA KA . 15.35 46.95 32.81
NC CLA KA . 11.44 44.32 28.27
C1C CLA KA . 12.44 43.93 29.03
C2C CLA KA . 12.59 42.47 29.10
C3C CLA KA . 11.58 42.00 28.31
C4C CLA KA . 10.88 43.17 27.78
CMC CLA KA . 13.61 41.70 29.88
CAC CLA KA . 11.28 40.57 28.02
CBC CLA KA . 10.00 40.19 28.71
ND CLA KA . 9.68 45.52 26.61
C1D CLA KA . 9.26 44.28 26.30
C2D CLA KA . 8.12 44.29 25.40
C3D CLA KA . 7.89 45.64 25.21
C4D CLA KA . 8.83 46.36 25.93
CMD CLA KA . 7.29 43.23 24.74
CAD CLA KA . 7.01 46.54 24.52
OBD CLA KA . 6.30 46.25 23.59
CBD CLA KA . 7.42 47.93 24.89
CGD CLA KA . 7.71 48.63 23.60
O1D CLA KA . 6.93 49.46 23.17
O2D CLA KA . 8.80 48.36 22.91
CED CLA KA . 9.22 49.41 22.04
C1 CLA KA . 5.57 50.93 30.76
C2 CLA KA . 6.33 49.86 31.48
C3 CLA KA . 6.05 49.55 32.75
C4 CLA KA . 6.80 48.47 33.48
C5 CLA KA . 4.96 50.25 33.54
MG CLA LA . 14.42 40.26 12.57
CHA CLA LA . 12.94 42.24 10.19
CHB CLA LA . 12.08 37.80 12.02
CHC CLA LA . 16.03 38.36 14.71
CHD CLA LA . 16.78 42.81 13.14
NA CLA LA . 12.69 40.02 11.24
C1A CLA LA . 12.24 40.92 10.39
C2A CLA LA . 11.00 40.48 9.69
C3A CLA LA . 10.75 39.10 10.30
C4A CLA LA . 11.89 38.94 11.24
CMA CLA LA . 9.36 38.85 10.84
CAA CLA LA . 11.32 40.31 8.21
CBA CLA LA . 11.85 38.93 7.87
CGA CLA LA . 13.06 39.09 6.98
O1A CLA LA . 13.07 39.96 6.14
O2A CLA LA . 14.09 38.29 7.15
NB CLA LA . 14.11 38.37 13.25
C1B CLA LA . 13.11 37.53 12.94
C2B CLA LA . 13.23 36.31 13.67
C3B CLA LA . 14.35 36.48 14.43
C4B CLA LA . 14.89 37.79 14.15
CMB CLA LA . 12.29 35.15 13.56
CAB CLA LA . 14.96 35.53 15.39
CBB CLA LA . 14.87 34.04 15.25
NC CLA LA . 16.16 40.53 13.70
C1C CLA LA . 16.61 39.63 14.55
C2C CLA LA . 17.78 40.11 15.30
C3C CLA LA . 17.99 41.37 14.84
C4C CLA LA . 16.97 41.62 13.84
CMC CLA LA . 18.54 39.33 16.35
CAC CLA LA . 19.07 42.32 15.27
CBC CLA LA . 20.14 42.42 14.21
ND CLA LA . 14.86 42.06 11.90
C1D CLA LA . 15.77 43.01 12.17
C2D CLA LA . 15.56 44.21 11.38
C3D CLA LA . 14.45 43.89 10.61
C4D CLA LA . 14.05 42.61 10.93
CMD CLA LA . 16.25 45.54 11.26
CAD CLA LA . 13.56 44.40 9.59
OBD CLA LA . 13.49 45.56 9.23
CBD CLA LA . 12.63 43.32 9.21
CGD CLA LA . 11.23 43.79 9.40
O1D CLA LA . 10.96 44.55 10.30
O2D CLA LA . 10.27 43.38 8.59
CED CLA LA . 9.39 44.37 8.10
C1 CLA LA . 14.89 37.87 6.01
C2 CLA LA . 14.44 36.77 5.07
C3 CLA LA . 15.30 35.79 4.77
C4 CLA LA . 16.67 35.77 5.36
C5 CLA LA . 14.96 34.65 3.86
C6 CLA LA . 13.77 34.98 2.98
C7 CLA LA . 12.78 33.82 3.12
C8 CLA LA . 11.78 33.73 1.98
C9 CLA LA . 10.59 32.90 2.42
C10 CLA LA . 12.44 33.12 0.76
C11 CLA LA . 11.44 32.33 -0.08
C12 CLA LA . 11.09 33.08 -1.35
C13 CLA LA . 10.54 32.13 -2.40
C14 CLA LA . 11.61 31.20 -2.92
C15 CLA LA . 9.98 32.95 -3.55
C16 CLA LA . 8.53 33.33 -3.29
C17 CLA LA . 7.63 32.66 -4.31
C18 CLA LA . 6.18 33.08 -4.11
C19 CLA LA . 5.91 34.45 -4.69
C20 CLA LA . 5.26 32.04 -4.73
MG CLA MA . 15.53 49.47 4.33
CHA CLA MA . 13.88 51.92 6.04
CHB CLA MA . 16.02 51.60 1.66
CHC CLA MA . 17.20 47.07 2.82
CHD CLA MA . 15.03 47.29 7.07
NA CLA MA . 15.01 51.56 3.88
C1A CLA MA . 14.35 52.38 4.69
C2A CLA MA . 14.13 53.74 4.08
C3A CLA MA . 14.80 53.59 2.71
C4A CLA MA . 15.31 52.18 2.73
CMA CLA MA . 14.08 54.11 1.48
CAA CLA MA . 14.85 54.84 4.85
CBA CLA MA . 16.11 54.38 5.57
CGA CLA MA . 16.82 55.57 6.16
O1A CLA MA . 17.46 56.29 5.42
O2A CLA MA . 16.76 55.79 7.47
NB CLA MA . 16.47 49.35 2.53
C1B CLA MA . 16.55 50.30 1.56
C2B CLA MA . 17.26 49.77 0.43
C3B CLA MA . 17.58 48.50 0.77
C4B CLA MA . 17.07 48.25 2.11
CMB CLA MA . 17.58 50.48 -0.85
CAB CLA MA . 18.33 47.49 -0.01
CBB CLA MA . 19.75 47.77 -0.43
NC CLA MA . 16.07 47.52 4.88
C1C CLA MA . 16.74 46.69 4.09
C2C CLA MA . 16.91 45.35 4.67
C3C CLA MA . 16.31 45.44 5.89
C4C CLA MA . 15.78 46.79 6.01
CMC CLA MA . 17.61 44.18 4.05
CAC CLA MA . 16.20 44.33 6.90
CBC CLA MA . 17.39 44.44 7.83
ND CLA MA . 14.70 49.49 6.11
C1D CLA MA . 14.53 48.61 7.13
C2D CLA MA . 13.78 49.21 8.23
C3D CLA MA . 13.54 50.49 7.79
C4D CLA MA . 14.08 50.65 6.53
CMD CLA MA . 13.31 48.71 9.57
CAD CLA MA . 12.90 51.72 8.18
OBD CLA MA . 12.08 51.84 9.07
CBD CLA MA . 13.12 52.71 7.07
CGD CLA MA . 11.80 53.05 6.47
O1D CLA MA . 10.92 52.22 6.42
O2D CLA MA . 11.58 54.27 6.00
CED CLA MA . 10.28 54.79 6.27
C1 CLA MA . 17.95 56.14 8.23
C2 CLA MA . 19.27 55.42 7.98
C3 CLA MA . 20.14 55.13 8.96
C4 CLA MA . 21.41 54.41 8.63
C5 CLA MA . 19.93 55.50 10.41
C6 CLA MA . 19.01 54.52 11.13
C7 CLA MA . 19.70 53.20 11.44
C8 CLA MA . 20.27 53.22 12.85
C9 CLA MA . 21.14 52.00 13.07
C10 CLA MA . 19.13 53.30 13.85
C11 CLA MA . 18.75 51.93 14.41
C12 CLA MA . 18.90 51.90 15.92
C13 CLA MA . 18.95 50.46 16.42
C14 CLA MA . 19.01 50.41 17.94
C15 CLA MA . 20.14 49.75 15.80
MG CLA NA . 15.05 51.40 14.08
CHA CLA NA . 13.35 54.22 15.08
CHB CLA NA . 15.74 52.85 11.04
CHC CLA NA . 16.73 48.70 13.29
CHD CLA NA . 14.31 49.94 17.20
NA CLA NA . 14.61 53.34 13.13
C1A CLA NA . 13.92 54.33 13.69
C2A CLA NA . 13.81 55.51 12.78
C3A CLA NA . 14.54 55.03 11.52
C4A CLA NA . 15.00 53.66 11.89
CMA CLA NA . 13.89 55.26 10.17
CAA CLA NA . 14.59 56.63 13.45
CBA CLA NA . 15.99 56.81 12.87
CGA CLA NA . 17.01 56.84 13.98
O1A CLA NA . 16.97 55.98 14.84
O2A CLA NA . 17.91 57.80 14.00
NB CLA NA . 16.08 50.86 12.42
C1B CLA NA . 16.23 51.56 11.26
C2B CLA NA . 17.00 50.78 10.33
C3B CLA NA . 17.27 49.61 10.97
C4B CLA NA . 16.68 49.68 12.30
CMB CLA NA . 17.40 51.18 8.94
CAB CLA NA . 18.03 48.47 10.42
CBB CLA NA . 19.25 47.95 11.14
NC CLA NA . 15.52 49.65 15.12
C1C CLA NA . 16.21 48.65 14.60
C2C CLA NA . 16.38 47.53 15.55
C3C CLA NA . 15.73 47.94 16.68
C4C CLA NA . 15.18 49.25 16.39
CMC CLA NA . 17.11 46.25 15.31
CAC CLA NA . 15.58 47.21 17.97
CBC CLA NA . 16.50 47.84 18.99
ND CLA NA . 14.15 51.87 15.76
C1D CLA NA . 13.84 51.24 16.92
C2D CLA NA . 12.97 52.02 17.77
C3D CLA NA . 12.80 53.18 17.04
C4D CLA NA . 13.50 53.08 15.84
CMD CLA NA . 12.32 51.82 19.11
CAD CLA NA . 12.13 54.44 17.09
OBD CLA NA . 11.18 54.66 17.80
CBD CLA NA . 12.57 55.22 15.89
CGD CLA NA . 11.36 55.67 15.15
O1D CLA NA . 10.82 54.95 14.34
O2D CLA NA . 10.88 56.89 15.36
CED CLA NA . 9.94 57.00 16.44
C1 CLA NA . 19.17 57.68 13.27
C2 CLA NA . 20.31 56.82 13.78
C3 CLA NA . 21.58 57.25 13.64
C4 CLA NA . 21.89 58.57 13.00
C5 CLA NA . 22.77 56.45 14.11
C6 CLA NA . 22.56 55.99 15.54
C7 CLA NA . 23.28 54.69 15.81
C8 CLA NA . 23.22 54.32 17.28
C9 CLA NA . 23.82 55.42 18.15
C10 CLA NA . 23.93 52.99 17.51
C11 CLA NA . 23.49 52.37 18.83
C12 CLA NA . 22.47 51.26 18.58
C13 CLA NA . 22.98 49.91 19.10
C14 CLA NA . 23.65 49.12 17.98
C15 CLA NA . 21.83 49.12 19.70
MG CLA OA . 11.08 41.10 -0.54
CHA CLA OA . 11.51 41.97 2.74
CHB CLA OA . 13.98 42.74 -1.39
CHC CLA OA . 10.63 40.12 -3.65
CHD CLA OA . 8.08 39.45 0.34
NA CLA OA . 12.62 42.23 0.55
C1A CLA OA . 12.61 42.48 1.85
C2A CLA OA . 13.77 43.30 2.28
C3A CLA OA . 14.51 43.54 0.97
C4A CLA OA . 13.69 42.80 -0.03
CMA CLA OA . 14.96 44.96 0.65
CAA CLA OA . 14.67 42.44 3.16
CBA CLA OA . 14.81 41.03 2.62
CGA CLA OA . 16.15 40.47 3.05
O1A CLA OA . 16.39 40.34 4.23
O2A CLA OA . 17.03 40.14 2.12
NB CLA OA . 12.14 41.38 -2.25
C1B CLA OA . 13.29 42.08 -2.42
C2B CLA OA . 13.68 42.05 -3.80
C3B CLA OA . 12.74 41.31 -4.43
C4B CLA OA . 11.76 40.90 -3.43
CMB CLA OA . 14.89 42.69 -4.42
CAB CLA OA . 12.69 41.00 -5.86
CBB CLA OA . 12.51 39.58 -6.34
NC CLA OA . 9.61 39.95 -1.50
C1C CLA OA . 9.62 39.67 -2.78
C2C CLA OA . 8.49 38.83 -3.19
C3C CLA OA . 7.79 38.64 -2.04
C4C CLA OA . 8.50 39.34 -0.99
CMC CLA OA . 8.20 38.32 -4.58
CAC CLA OA . 6.53 37.83 -1.89
CBC CLA OA . 5.36 38.59 -2.46
ND CLA OA . 10.01 40.73 1.07
C1D CLA OA . 8.84 40.10 1.35
C2D CLA OA . 8.50 40.20 2.76
C3D CLA OA . 9.55 40.94 3.28
C4D CLA OA . 10.43 41.23 2.27
CMD CLA OA . 7.35 39.71 3.59
CAD CLA OA . 10.05 41.50 4.52
OBD CLA OA . 9.41 41.61 5.54
CBD CLA OA . 11.35 42.15 4.23
CGD CLA OA . 11.24 43.61 4.52
O1D CLA OA . 10.17 44.16 4.49
O2D CLA OA . 12.33 44.31 4.80
CED CLA OA . 12.28 45.11 5.96
C1 CLA OA . 16.85 38.96 1.29
C2 CLA OA . 17.00 37.55 1.82
C3 CLA OA . 17.38 36.55 1.03
C4 CLA OA . 17.53 35.16 1.56
C5 CLA OA . 17.68 36.73 -0.45
C6 CLA OA . 17.45 35.43 -1.20
C7 CLA OA . 15.97 35.17 -1.46
C8 CLA OA . 15.70 34.33 -2.69
C9 CLA OA . 14.52 33.40 -2.44
C10 CLA OA . 16.93 33.54 -3.11
C11 CLA OA . 16.56 32.51 -4.18
C12 CLA OA . 16.36 33.18 -5.53
C13 CLA OA . 17.10 32.46 -6.64
C14 CLA OA . 18.60 32.36 -6.34
C15 CLA OA . 16.86 33.17 -7.97
C16 CLA OA . 17.03 34.68 -7.81
C17 CLA OA . 15.76 35.44 -8.17
C18 CLA OA . 15.48 36.52 -7.14
C19 CLA OA . 15.18 37.84 -7.82
C20 CLA OA . 14.34 36.14 -6.21
MG CLA PA . 7.50 36.20 10.50
CHA CLA PA . 7.32 34.38 13.40
CHB CLA PA . 10.01 34.18 9.34
CHC CLA PA . 7.53 37.98 7.74
CHD CLA PA . 4.88 38.25 11.70
NA CLA PA . 8.57 34.45 11.28
C1A CLA PA . 8.35 33.86 12.44
C2A CLA PA . 9.25 32.68 12.65
C3A CLA PA . 10.08 32.64 11.36
C4A CLA PA . 9.54 33.81 10.60
CMA CLA PA . 11.59 32.42 11.38
CAA CLA PA . 8.42 31.41 12.78
CBA CLA PA . 9.34 30.24 13.07
CGA CLA PA . 8.53 29.03 13.47
O1A CLA PA . 7.61 28.67 12.77
O2A CLA PA . 8.88 28.37 14.56
NB CLA PA . 8.59 36.09 8.80
C1B CLA PA . 9.60 35.23 8.51
C2B CLA PA . 10.15 35.56 7.22
C3B CLA PA . 9.43 36.63 6.78
C4B CLA PA . 8.46 36.95 7.79
CMB CLA PA . 11.27 34.83 6.54
CAB CLA PA . 9.53 37.41 5.52
CBB CLA PA . 10.81 37.52 4.72
NC CLA PA . 6.31 37.77 9.79
C1C CLA PA . 6.57 38.43 8.67
C2C CLA PA . 5.77 39.65 8.50
C3C CLA PA . 4.99 39.68 9.62
C4C CLA PA . 5.33 38.52 10.41
CMC CLA PA . 5.82 40.62 7.36
CAC CLA PA . 3.98 40.74 9.95
CBC CLA PA . 2.63 40.29 9.42
ND CLA PA . 6.32 36.35 12.08
C1D CLA PA . 5.34 37.19 12.50
C2D CLA PA . 4.90 36.86 13.85
C3D CLA PA . 5.68 35.77 14.17
C4D CLA PA . 6.53 35.48 13.12
CMD CLA PA . 3.88 37.45 14.78
CAD CLA PA . 5.92 34.83 15.23
OBD CLA PA . 5.74 35.08 16.41
CBD CLA PA . 6.97 33.89 14.77
CGD CLA PA . 8.16 34.07 15.65
O1D CLA PA . 8.63 33.14 16.27
O2D CLA PA . 8.73 35.25 15.75
CED CLA PA . 10.05 35.21 16.25
C1 CLA PA . 7.95 28.19 15.67
C2 CLA PA . 6.82 29.14 15.94
C3 CLA PA . 6.80 29.89 17.05
C4 CLA PA . 7.91 29.82 18.06
C5 CLA PA . 5.69 30.86 17.34
C6 CLA PA . 4.44 30.46 16.56
C7 CLA PA . 3.35 31.48 16.81
C8 CLA PA . 2.39 31.56 15.64
C9 CLA PA . 1.78 30.20 15.37
C10 CLA PA . 3.13 32.07 14.42
C11 CLA PA . 2.59 33.42 13.95
C12 CLA PA . 1.06 33.45 13.97
C13 CLA PA . 0.52 34.45 12.94
C14 CLA PA . 1.44 35.65 12.76
C15 CLA PA . -0.86 34.91 13.37
C16 CLA PA . -1.42 35.88 12.34
C17 CLA PA . -2.87 36.20 12.68
C18 CLA PA . -3.80 35.96 11.51
C19 CLA PA . -3.25 34.94 10.53
C20 CLA PA . -5.17 35.51 12.00
MG CLA QA . 17.94 24.43 0.42
CHA CLA QA . 20.99 23.92 1.89
CHB CLA QA . 18.64 27.77 0.06
CHC CLA QA . 15.09 24.77 -1.16
CHD CLA QA . 17.27 20.99 0.79
NA CLA QA . 19.63 25.73 0.91
C1A CLA QA . 20.75 25.35 1.50
C2A CLA QA . 21.69 26.48 1.72
C3A CLA QA . 20.90 27.67 1.18
C4A CLA QA . 19.65 27.05 0.69
CMA CLA QA . 20.78 28.90 2.06
CAA CLA QA . 22.85 26.22 0.76
CBA CLA QA . 23.38 27.48 0.09
CGA CLA QA . 24.28 27.10 -1.06
O1A CLA QA . 24.76 25.99 -1.12
O2A CLA QA . 24.50 28.00 -2.00
NB CLA QA . 17.01 26.02 -0.43
C1B CLA QA . 17.42 27.32 -0.44
C2B CLA QA . 16.43 28.13 -1.09
C3B CLA QA . 15.43 27.27 -1.43
C4B CLA QA . 15.82 25.94 -1.00
CMB CLA QA . 16.52 29.61 -1.31
CAB CLA QA . 14.16 27.54 -2.12
CBB CLA QA . 14.04 28.59 -3.20
NC CLA QA . 16.42 23.09 -0.10
C1C CLA QA . 15.33 23.44 -0.75
C2C CLA QA . 14.41 22.32 -0.98
C3C CLA QA . 15.03 21.26 -0.41
C4C CLA QA . 16.29 21.74 0.14
CMC CLA QA . 13.09 22.35 -1.68
CAC CLA QA . 14.49 19.84 -0.36
CBC CLA QA . 15.28 18.92 -1.25
ND CLA QA . 18.82 22.80 1.11
C1D CLA QA . 18.50 21.51 1.24
C2D CLA QA . 19.54 20.75 1.90
C3D CLA QA . 20.51 21.71 2.15
C4D CLA QA . 20.07 22.93 1.67
CMD CLA QA . 19.69 19.31 2.30
CAD CLA QA . 21.82 21.89 2.72
OBD CLA QA . 22.32 21.16 3.55
CBD CLA QA . 22.19 23.32 2.57
CGD CLA QA . 22.33 23.93 3.91
O1D CLA QA . 21.40 24.56 4.40
O2D CLA QA . 23.44 23.80 4.61
CED CLA QA . 23.26 23.75 6.02
C1 CLA QA . 25.84 28.41 -2.39
C2 CLA QA . 26.78 29.09 -1.42
C3 CLA QA . 27.35 30.25 -1.76
C4 CLA QA . 27.07 30.91 -3.08
C5 CLA QA . 28.30 30.98 -0.86
C6 CLA QA . 27.66 32.27 -0.38
C7 CLA QA . 28.71 33.38 -0.27
C8 CLA QA . 28.06 34.69 0.15
C9 CLA QA . 28.96 35.86 -0.18
C10 CLA QA . 27.77 34.60 1.64
MG CLA RA . 27.77 27.51 8.55
CHA CLA RA . 25.48 27.89 6.03
CHB CLA RA . 26.87 30.53 9.89
CHC CLA RA . 29.90 26.96 10.98
CHD CLA RA . 28.68 24.40 7.14
NA CLA RA . 26.31 29.07 8.03
C1A CLA RA . 25.50 29.05 6.98
C2A CLA RA . 24.71 30.31 6.87
C3A CLA RA . 25.18 31.11 8.08
C4A CLA RA . 26.18 30.21 8.73
CMA CLA RA . 25.55 32.56 7.91
CAA CLA RA . 23.23 29.99 7.00
CBA CLA RA . 22.43 31.17 6.48
CGA CLA RA . 20.96 30.90 6.67
O1A CLA RA . 20.38 30.18 5.88
O2A CLA RA . 20.34 31.43 7.70
NB CLA RA . 28.30 28.58 10.20
C1B CLA RA . 27.84 29.79 10.59
C2B CLA RA . 28.49 30.20 11.79
C3B CLA RA . 29.35 29.19 12.09
C4B CLA RA . 29.21 28.16 11.07
CMB CLA RA . 28.23 31.50 12.50
CAB CLA RA . 30.28 29.06 13.22
CBB CLA RA . 30.10 29.80 14.53
NC CLA RA . 29.02 25.90 9.02
C1C CLA RA . 29.88 25.92 10.02
C2C CLA RA . 30.78 24.76 10.00
C3C CLA RA . 30.39 24.03 8.91
C4C CLA RA . 29.30 24.76 8.32
CMC CLA RA . 31.88 24.45 10.98
CAC CLA RA . 30.94 22.75 8.38
CBC CLA RA . 31.96 22.98 7.29
ND CLA RA . 27.30 26.36 7.02
C1D CLA RA . 27.67 25.16 6.53
C2D CLA RA . 26.93 24.79 5.34
C3D CLA RA . 26.09 25.86 5.16
C4D CLA RA . 26.31 26.80 6.16
CMD CLA RA . 26.95 23.61 4.41
CAD CLA RA . 25.05 26.37 4.29
OBD CLA RA . 24.72 25.87 3.24
CBD CLA RA . 24.64 27.70 4.79
CGD CLA RA . 25.06 28.70 3.77
O1D CLA RA . 25.98 28.46 3.02
O2D CLA RA . 24.43 29.86 3.67
CED CLA RA . 24.26 30.32 2.33
C1 CLA RA . 19.19 30.77 8.27
C2 CLA RA . 17.78 31.31 8.12
C3 CLA RA . 16.99 31.31 9.21
C4 CLA RA . 17.46 30.79 10.52
C5 CLA RA . 15.57 31.83 9.19
C6 CLA RA . 15.40 32.84 10.31
C7 CLA RA . 15.06 34.23 9.77
C8 CLA RA . 16.18 35.21 10.03
C9 CLA RA . 16.74 34.96 11.43
C10 CLA RA . 15.66 36.63 9.87
C11 CLA RA . 16.38 37.62 10.78
C12 CLA RA . 17.66 38.14 10.14
C13 CLA RA . 17.86 39.61 10.49
C14 CLA RA . 17.22 40.49 9.42
C15 CLA RA . 19.35 39.91 10.60
C16 CLA RA . 20.01 39.04 11.67
C17 CLA RA . 21.46 39.46 11.87
C18 CLA RA . 21.96 39.06 13.25
C19 CLA RA . 21.46 37.67 13.62
C20 CLA RA . 23.48 39.12 13.31
MG CLA SA . 13.64 9.87 13.90
CHA CLA SA . 13.33 9.84 17.31
CHB CLA SA . 16.87 8.73 14.15
CHC CLA SA . 13.82 9.83 10.61
CHD CLA SA . 10.38 11.14 13.64
NA CLA SA . 14.98 9.34 15.55
C1A CLA SA . 14.69 9.43 16.83
C2A CLA SA . 15.85 9.06 17.70
C3A CLA SA . 16.94 8.77 16.68
C4A CLA SA . 16.26 8.94 15.38
CMA CLA SA . 18.23 9.53 16.86
CAA CLA SA . 15.51 7.79 18.43
CBA CLA SA . 15.78 6.53 17.61
CGA CLA SA . 14.61 6.29 16.70
O1A CLA SA . 14.74 5.54 15.75
O2A CLA SA . 13.47 6.89 16.96
NB CLA SA . 15.11 9.37 12.60
C1B CLA SA . 16.35 8.88 12.87
C2B CLA SA . 17.05 8.58 11.66
C3B CLA SA . 16.18 8.92 10.67
C4B CLA SA . 14.96 9.41 11.28
CMB CLA SA . 18.44 8.04 11.51
CAB CLA SA . 16.36 8.80 9.22
CBB CLA SA . 16.66 7.47 8.60
NC CLA SA . 12.28 10.30 12.37
C1C CLA SA . 12.60 10.32 11.09
C2C CLA SA . 11.52 10.87 10.25
C3C CLA SA . 10.54 11.20 11.12
C4C CLA SA . 11.02 10.86 12.44
CMC CLA SA . 11.53 11.02 8.76
CAC CLA SA . 9.21 11.81 10.79
CBC CLA SA . 8.14 10.75 10.79
ND CLA SA . 12.18 10.43 15.09
C1D CLA SA . 10.90 10.85 14.92
C2D CLA SA . 10.20 10.96 16.18
C3D CLA SA . 11.16 10.56 17.11
C4D CLA SA . 12.33 10.25 16.43
CMD CLA SA . 8.82 11.37 16.56
CAD CLA SA . 11.37 10.36 18.52
OBD CLA SA . 10.46 10.12 19.29
CBD CLA SA . 12.75 9.83 18.69
CGD CLA SA . 13.53 10.73 19.59
O1D CLA SA . 13.46 11.92 19.45
O2D CLA SA . 14.26 10.21 20.57
CED CLA SA . 13.76 10.44 21.87
C1 CLA SA . 12.38 6.17 17.59
C2 CLA SA . 12.35 4.68 17.46
C3 CLA SA . 11.59 4.14 16.51
C4 CLA SA . 10.77 4.99 15.59
C5 CLA SA . 11.51 2.66 16.31
C6 CLA SA . 10.24 2.19 16.98
C7 CLA SA . 9.28 1.70 15.92
C8 CLA SA . 7.86 2.14 16.20
C9 CLA SA . 7.69 2.70 17.61
C10 CLA SA . 6.94 0.95 15.99
C11 CLA SA . 7.63 -0.34 16.44
C12 CLA SA . 6.84 -1.56 16.03
C13 CLA SA . 7.07 -2.66 17.05
C14 CLA SA . 8.38 -3.39 16.75
C15 CLA SA . 5.88 -3.61 17.01
C16 CLA SA . 6.23 -4.93 17.67
C17 CLA SA . 4.94 -5.67 18.00
C18 CLA SA . 4.62 -6.76 16.98
C19 CLA SA . 3.23 -6.55 16.38
C20 CLA SA . 5.66 -6.88 15.87
MG CLA TA . 15.32 18.07 17.52
CHA CLA TA . 17.96 17.68 19.68
CHB CLA TA . 14.16 14.94 18.31
CHC CLA TA . 12.75 18.60 15.54
CHD CLA TA . 16.51 21.27 16.73
NA CLA TA . 15.97 16.45 18.85
C1A CLA TA . 17.06 16.47 19.61
C2A CLA TA . 17.25 15.19 20.35
C3A CLA TA . 16.07 14.35 19.87
C4A CLA TA . 15.35 15.28 18.96
CMA CLA TA . 16.37 12.96 19.35
CAA CLA TA . 17.00 15.44 21.83
CBA CLA TA . 15.87 16.46 21.99
CGA CLA TA . 15.79 16.95 23.40
O1A CLA TA . 14.87 16.59 24.10
O2A CLA TA . 16.73 17.75 23.85
NB CLA TA . 13.71 16.95 17.01
C1B CLA TA . 13.39 15.70 17.42
C2B CLA TA . 12.17 15.28 16.81
C3B CLA TA . 11.79 16.32 16.01
C4B CLA TA . 12.77 17.37 16.16
CMB CLA TA . 11.52 13.95 17.04
CAB CLA TA . 10.61 16.49 15.14
CBB CLA TA . 9.39 15.62 15.22
NC CLA TA . 14.71 19.69 16.36
C1C CLA TA . 13.64 19.69 15.58
C2C CLA TA . 13.49 20.92 14.81
C3C CLA TA . 14.56 21.68 15.18
C4C CLA TA . 15.31 20.91 16.14
CMC CLA TA . 12.41 21.27 13.83
CAC CLA TA . 14.90 23.06 14.67
CBC CLA TA . 14.41 24.08 15.66
ND CLA TA . 16.80 19.25 18.01
C1D CLA TA . 17.20 20.49 17.66
C2D CLA TA . 18.43 20.85 18.32
C3D CLA TA . 18.72 19.75 19.11
C4D CLA TA . 17.73 18.81 18.92
CMD CLA TA . 19.28 22.07 18.26
CAD CLA TA . 19.67 19.22 20.05
OBD CLA TA . 20.63 19.82 20.51
CBD CLA TA . 19.19 17.89 20.52
CGD CLA TA . 20.18 16.84 20.19
O1D CLA TA . 20.71 16.81 19.10
O2D CLA TA . 20.49 15.90 21.08
CED CLA TA . 21.87 15.64 21.26
C1 CLA TA . 16.47 19.18 23.97
C2 CLA TA . 16.99 20.12 22.91
C3 CLA TA . 17.91 21.01 23.28
C4 CLA TA . 18.41 21.06 24.68
C5 CLA TA . 18.50 22.00 22.32
C6 CLA TA . 17.41 22.91 21.80
C7 CLA TA . 18.02 24.28 21.54
C8 CLA TA . 17.22 25.04 20.51
C9 CLA TA . 18.10 26.08 19.84
C10 CLA TA . 16.04 25.71 21.20
C11 CLA TA . 15.46 26.82 20.35
C12 CLA TA . 14.00 26.52 20.01
C13 CLA TA . 13.17 27.79 19.97
C14 CLA TA . 12.32 27.93 21.22
C15 CLA TA . 12.28 27.75 18.74
C16 CLA TA . 13.11 27.73 17.48
C17 CLA TA . 13.41 29.15 17.01
C18 CLA TA . 12.62 29.48 15.77
C19 CLA TA . 11.29 30.13 16.13
C20 CLA TA . 13.41 30.39 14.84
MG CLA UA . -0.20 20.28 6.09
CHA CLA UA . -3.20 19.76 4.53
CHB CLA UA . -1.78 21.83 8.71
CHC CLA UA . 2.73 20.63 7.57
CHD CLA UA . 1.43 18.76 3.38
NA CLA UA . -2.29 20.74 6.60
C1A CLA UA . -3.34 20.47 5.85
C2A CLA UA . -4.62 20.92 6.47
C3A CLA UA . -4.14 21.59 7.75
C4A CLA UA . -2.66 21.39 7.71
CMA CLA UA . -4.64 22.99 8.01
CAA CLA UA . -5.45 19.72 6.87
CBA CLA UA . -4.59 18.59 7.43
CGA CLA UA . -5.49 17.43 7.82
O1A CLA UA . -6.37 17.61 8.62
O2A CLA UA . -5.28 16.25 7.28
NB CLA UA . 0.38 21.09 7.87
C1B CLA UA . -0.40 21.70 8.78
C2B CLA UA . 0.41 22.17 9.85
C3B CLA UA . 1.70 21.84 9.54
C4B CLA UA . 1.65 21.15 8.26
CMB CLA UA . -0.12 22.87 11.04
CAB CLA UA . 2.96 22.07 10.27
CBB CLA UA . 3.11 23.11 11.36
NC CLA UA . 1.75 19.75 5.58
C1C CLA UA . 2.80 19.94 6.35
C2C CLA UA . 4.03 19.34 5.81
C3C CLA UA . 3.63 18.78 4.64
C4C CLA UA . 2.22 19.05 4.48
CMC CLA UA . 5.38 19.35 6.45
CAC CLA UA . 4.49 18.01 3.67
CBC CLA UA . 4.18 16.55 3.81
ND CLA UA . -0.66 19.47 4.36
C1D CLA UA . 0.02 18.87 3.35
C2D CLA UA . -0.87 18.41 2.31
C3D CLA UA . -2.13 18.77 2.78
C4D CLA UA . -1.98 19.39 4.00
CMD CLA UA . -0.66 17.72 1.00
CAD CLA UA . -3.53 18.72 2.45
OBD CLA UA . -4.01 18.01 1.59
CBD CLA UA . -4.28 19.28 3.59
CGD CLA UA . -5.14 20.39 3.08
O1D CLA UA . -6.06 20.13 2.33
O2D CLA UA . -4.95 21.65 3.42
CED CLA UA . -6.12 22.44 3.45
C1 CLA UA . -5.38 15.05 8.10
C2 CLA UA . -4.19 14.41 8.75
C3 CLA UA . -3.95 13.12 8.55
C4 CLA UA . -4.86 12.30 7.69
C5 CLA UA . -2.79 12.37 9.15
C6 CLA UA . -2.29 11.35 8.13
C7 CLA UA . -1.37 10.33 8.78
C8 CLA UA . 0.03 10.41 8.18
C9 CLA UA . -0.04 10.61 6.68
C10 CLA UA . 0.75 9.11 8.50
C11 CLA UA . 2.07 9.40 9.21
C12 CLA UA . 2.74 8.09 9.58
C13 CLA UA . 3.37 8.18 10.95
C14 CLA UA . 4.28 9.39 11.00
C15 CLA UA . 4.16 6.91 11.23
C16 CLA UA . 3.38 5.68 10.86
C17 CLA UA . 2.32 5.36 11.92
C18 CLA UA . 1.64 4.03 11.62
C19 CLA UA . 2.65 2.98 11.18
C20 CLA UA . 0.85 3.55 12.83
MG CLA VA . 11.67 37.60 -12.09
CHA CLA VA . 10.61 40.78 -12.79
CHB CLA VA . 12.96 37.31 -15.26
CHC CLA VA . 12.73 34.59 -11.29
CHD CLA VA . 10.34 37.93 -8.85
NA CLA VA . 11.79 38.91 -13.86
C1A CLA VA . 11.31 40.14 -13.95
C2A CLA VA . 11.53 40.73 -15.31
C3A CLA VA . 12.24 39.60 -16.04
C4A CLA VA . 12.35 38.53 -15.01
CMA CLA VA . 11.71 39.19 -17.40
CAA CLA VA . 12.50 41.89 -15.23
CBA CLA VA . 13.84 41.45 -14.65
CGA CLA VA . 14.94 42.36 -15.17
O1A CLA VA . 14.74 43.55 -15.23
O2A CLA VA . 16.08 41.81 -15.54
NB CLA VA . 12.69 36.18 -13.11
C1B CLA VA . 13.13 36.22 -14.40
C2B CLA VA . 13.78 34.99 -14.73
C3B CLA VA . 13.70 34.23 -13.61
C4B CLA VA . 13.01 34.99 -12.59
CMB CLA VA . 14.39 34.66 -16.06
CAB CLA VA . 14.22 32.86 -13.40
CBB CLA VA . 15.59 32.46 -13.90
NC CLA VA . 11.60 36.47 -10.33
C1C CLA VA . 12.08 35.24 -10.23
C2C CLA VA . 11.84 34.64 -8.92
C3C CLA VA . 11.19 35.61 -8.22
C4C CLA VA . 11.03 36.75 -9.11
CMC CLA VA . 12.27 33.26 -8.47
CAC CLA VA . 10.71 35.53 -6.79
CBC CLA VA . 9.51 34.64 -6.71
ND CLA VA . 10.71 38.94 -11.00
C1D CLA VA . 10.22 39.01 -9.75
C2D CLA VA . 9.57 40.27 -9.49
C3D CLA VA . 9.72 40.96 -10.70
C4D CLA VA . 10.42 40.15 -11.58
CMD CLA VA . 8.86 40.88 -8.32
CAD CLA VA . 9.44 42.21 -11.34
OBD CLA VA . 8.62 43.01 -10.96
CBD CLA VA . 9.94 42.12 -12.75
CGD CLA VA . 8.76 42.00 -13.65
O1D CLA VA . 8.01 41.05 -13.55
O2D CLA VA . 8.50 42.91 -14.55
CED CLA VA . 7.12 43.13 -14.77
C1 CLA VA . 17.18 41.66 -14.59
C2 CLA VA . 18.04 42.82 -14.15
C3 CLA VA . 19.32 42.62 -13.82
C4 CLA VA . 19.93 41.24 -13.87
C5 CLA VA . 20.23 43.74 -13.36
C6 CLA VA . 21.27 44.03 -14.45
C7 CLA VA . 21.57 45.51 -14.55
C8 CLA VA . 21.38 46.07 -15.96
C9 CLA VA . 20.24 47.09 -15.99
C10 CLA VA . 21.14 44.95 -16.98
C11 CLA VA . 21.77 45.27 -18.34
C12 CLA VA . 22.18 44.00 -19.08
C13 CLA VA . 22.90 44.35 -20.38
C14 CLA VA . 21.99 45.19 -21.28
C15 CLA VA . 23.34 43.08 -21.09
C16 CLA VA . 24.78 42.72 -20.73
C17 CLA VA . 25.79 43.26 -21.73
C18 CLA VA . 27.04 43.79 -21.04
C19 CLA VA . 28.24 43.79 -21.98
C20 CLA VA . 26.80 45.17 -20.46
MG CLA WA . 17.35 34.09 -20.15
CHA CLA WA . 15.09 36.63 -20.64
CHB CLA WA . 16.16 32.47 -22.94
CHC CLA WA . 19.63 31.77 -19.66
CHD CLA WA . 18.51 35.77 -17.29
NA CLA WA . 15.79 34.49 -21.65
C1A CLA WA . 14.99 35.55 -21.68
C2A CLA WA . 14.01 35.49 -22.80
C3A CLA WA . 14.38 34.18 -23.50
C4A CLA WA . 15.51 33.67 -22.67
CMA CLA WA . 13.26 33.21 -23.85
CAA CLA WA . 14.22 36.68 -23.75
CBA CLA WA . 15.30 36.45 -24.79
CGA CLA WA . 16.58 37.15 -24.38
O1A CLA WA . 17.12 36.84 -23.33
O2A CLA WA . 17.06 38.09 -25.16
NB CLA WA . 17.83 32.39 -21.15
C1B CLA WA . 17.24 31.87 -22.25
C2B CLA WA . 17.86 30.63 -22.60
C3B CLA WA . 18.83 30.43 -21.67
C4B CLA WA . 18.80 31.57 -20.75
CMB CLA WA . 17.45 29.78 -23.78
CAB CLA WA . 19.82 29.34 -21.50
CBB CLA WA . 19.98 28.20 -22.47
NC CLA WA . 18.89 33.87 -18.75
C1C CLA WA . 19.67 32.80 -18.69
C2C CLA WA . 20.57 32.82 -17.52
C3C CLA WA . 20.27 33.99 -16.89
C4C CLA WA . 19.22 34.62 -17.66
CMC CLA WA . 21.58 31.78 -17.14
CAC CLA WA . 20.89 34.52 -15.63
CBC CLA WA . 20.12 33.99 -14.44
ND CLA WA . 16.99 35.75 -19.15
C1D CLA WA . 17.46 36.33 -18.03
C2D CLA WA . 16.75 37.56 -17.71
C3D CLA WA . 15.83 37.66 -18.74
C4D CLA WA . 15.98 36.58 -19.59
CMD CLA WA . 16.86 38.57 -16.61
CAD CLA WA . 14.76 38.50 -19.23
OBD CLA WA . 14.57 39.65 -18.90
CBD CLA WA . 14.29 37.90 -20.52
CGD CLA WA . 12.86 37.51 -20.41
O1D CLA WA . 12.49 36.74 -19.54
O2D CLA WA . 11.96 37.98 -21.26
CED CLA WA . 10.67 38.21 -20.71
C1 CLA WA . 18.45 38.05 -25.63
C2 CLA WA . 19.61 38.48 -24.76
C3 CLA WA . 20.85 38.58 -25.27
C4 CLA WA . 21.10 38.26 -26.71
C5 CLA WA . 22.04 38.99 -24.44
C6 CLA WA . 23.25 39.21 -25.35
C7 CLA WA . 24.54 39.29 -24.52
C8 CLA WA . 25.14 37.91 -24.31
C9 CLA WA . 25.66 37.74 -22.90
C10 CLA WA . 26.27 37.70 -25.33
MG CLA XA . 28.37 21.44 -22.03
CHA CLA XA . 25.01 21.94 -22.55
CHB CLA XA . 28.10 18.24 -23.26
CHC CLA XA . 31.61 21.09 -21.60
CHD CLA XA . 28.59 24.67 -20.68
NA CLA XA . 26.74 20.19 -22.83
C1A CLA XA . 25.47 20.56 -22.93
C2A CLA XA . 24.60 19.44 -23.41
C3A CLA XA . 25.60 18.30 -23.61
C4A CLA XA . 26.89 18.92 -23.23
CMA CLA XA . 25.27 16.98 -22.95
CAA CLA XA . 23.99 19.81 -24.76
CBA CLA XA . 23.22 18.65 -25.34
CGA CLA XA . 21.81 18.71 -24.80
O1A CLA XA . 21.62 18.83 -23.61
O2A CLA XA . 20.79 18.63 -25.62
NB CLA XA . 29.66 19.92 -22.38
C1B CLA XA . 29.38 18.70 -22.91
C2B CLA XA . 30.58 17.93 -23.02
C3B CLA XA . 31.57 18.73 -22.53
C4B CLA XA . 30.96 19.99 -22.14
CMB CLA XA . 30.67 16.53 -23.55
CAB CLA XA . 33.00 18.45 -22.42
CBB CLA XA . 33.78 18.05 -23.65
NC CLA XA . 29.88 22.71 -21.35
C1C CLA XA . 31.13 22.35 -21.19
C2C CLA XA . 31.95 23.39 -20.55
C3C CLA XA . 31.08 24.42 -20.33
C4C CLA XA . 29.79 23.98 -20.82
CMC CLA XA . 33.41 23.31 -20.23
CAC CLA XA . 31.36 25.75 -19.69
CBC CLA XA . 31.00 25.69 -18.23
ND CLA XA . 27.20 22.97 -21.65
C1D CLA XA . 27.34 24.22 -21.15
C2D CLA XA . 26.08 24.95 -21.14
C3D CLA XA . 25.19 24.04 -21.69
C4D CLA XA . 25.86 22.87 -21.99
CMD CLA XA . 25.67 26.32 -20.69
CAD CLA XA . 23.81 23.89 -22.04
OBD CLA XA . 22.94 24.73 -21.93
CBD CLA XA . 23.65 22.55 -22.67
CGD CLA XA . 22.67 21.78 -21.87
O1D CLA XA . 22.95 21.40 -20.76
O2D CLA XA . 21.48 21.49 -22.36
CED CLA XA . 20.40 21.82 -21.50
C1 CLA XA . 19.51 18.23 -25.07
C2 CLA XA . 19.11 16.79 -24.98
C3 CLA XA . 17.82 16.46 -24.85
C4 CLA XA . 16.77 17.53 -24.77
C5 CLA XA . 17.35 15.04 -24.76
C6 CLA XA . 17.35 14.45 -26.16
C7 CLA XA . 16.46 13.21 -26.21
C8 CLA XA . 17.16 12.09 -26.93
C9 CLA XA . 18.55 11.88 -26.36
C10 CLA XA . 17.25 12.44 -28.42
C11 CLA XA . 15.86 12.36 -29.04
C12 CLA XA . 15.81 13.19 -30.32
C13 CLA XA . 14.45 13.09 -31.01
C14 CLA XA . 13.52 14.19 -30.53
C15 CLA XA . 13.82 11.73 -30.76
C16 CLA XA . 13.32 11.15 -32.08
C17 CLA XA . 11.83 11.40 -32.22
C18 CLA XA . 11.20 10.38 -33.16
C19 CLA XA . 10.07 9.63 -32.48
C20 CLA XA . 10.71 11.05 -34.44
MG CLA YA . 31.33 11.43 -22.33
CHA CLA YA . 34.22 10.89 -24.16
CHB CLA YA . 32.42 14.59 -21.49
CHC CLA YA . 28.54 11.82 -20.65
CHD CLA YA . 30.29 8.14 -23.18
NA CLA YA . 33.13 12.63 -22.78
C1A CLA YA . 34.17 12.24 -23.52
C2A CLA YA . 35.22 13.29 -23.64
C3A CLA YA . 34.64 14.44 -22.78
C4A CLA YA . 33.33 13.89 -22.31
CMA CLA YA . 35.54 15.18 -21.80
CAA CLA YA . 35.24 13.73 -25.09
CBA CLA YA . 33.83 13.86 -25.64
CGA CLA YA . 33.81 14.91 -26.72
O1A CLA YA . 34.85 15.29 -27.20
O2A CLA YA . 32.64 15.37 -27.14
NB CLA YA . 30.59 12.98 -21.23
C1B CLA YA . 31.16 14.19 -20.99
C2B CLA YA . 30.29 14.98 -20.15
C3B CLA YA . 29.20 14.18 -19.93
C4B CLA YA . 29.40 12.91 -20.61
CMB CLA YA . 30.53 16.37 -19.65
CAB CLA YA . 28.00 14.51 -19.13
CBB CLA YA . 27.73 15.95 -18.75
NC CLA YA . 29.69 10.17 -21.99
C1C CLA YA . 28.64 10.55 -21.26
C2C CLA YA . 27.59 9.49 -21.18
C3C CLA YA . 28.10 8.46 -21.92
C4C CLA YA . 29.41 8.89 -22.41
CMC CLA YA . 26.28 9.57 -20.46
CAC CLA YA . 27.45 7.12 -22.17
CBC CLA YA . 27.40 6.33 -20.88
ND CLA YA . 31.98 9.87 -23.36
C1D CLA YA . 31.53 8.62 -23.67
C2D CLA YA . 32.45 7.88 -24.52
C3D CLA YA . 33.49 8.79 -24.71
C4D CLA YA . 33.20 9.95 -24.01
CMD CLA YA . 32.45 6.51 -25.15
CAD CLA YA . 34.78 8.93 -25.36
OBD CLA YA . 35.44 8.03 -25.84
CBD CLA YA . 35.29 10.31 -25.06
CGD CLA YA . 36.58 10.20 -24.30
O1D CLA YA . 37.55 9.67 -24.82
O2D CLA YA . 36.68 10.70 -23.08
CED CLA YA . 37.87 11.45 -22.82
C1 CLA YA . 32.54 16.65 -27.83
C2 CLA YA . 32.58 17.97 -27.09
C3 CLA YA . 31.79 18.98 -27.48
C4 CLA YA . 30.87 18.84 -28.66
C5 CLA YA . 31.77 20.32 -26.79
C6 CLA YA . 30.39 20.54 -26.16
C7 CLA YA . 29.96 22.00 -26.29
C8 CLA YA . 30.95 22.93 -25.61
C9 CLA YA . 31.38 22.36 -24.26
C10 CLA YA . 30.33 24.31 -25.45
C11 CLA YA . 28.86 24.20 -25.07
C12 CLA YA . 28.48 25.27 -24.05
C13 CLA YA . 28.71 26.67 -24.61
C14 CLA YA . 29.86 27.37 -23.89
C15 CLA YA . 27.43 27.48 -24.50
C16 CLA YA . 27.73 28.95 -24.24
C17 CLA YA . 27.39 29.79 -25.47
C18 CLA YA . 27.82 31.24 -25.25
C19 CLA YA . 29.25 31.31 -24.73
C20 CLA YA . 27.66 32.05 -26.53
MG CLA ZA . 33.51 32.85 6.29
CHA CLA ZA . 34.74 33.65 9.38
CHB CLA ZA . 31.23 30.70 7.73
CHC CLA ZA . 32.30 32.23 3.30
CHD CLA ZA . 35.85 35.03 4.85
NA CLA ZA . 33.02 32.24 8.34
C1A CLA ZA . 33.62 32.65 9.43
C2A CLA ZA . 33.07 32.00 10.66
C3A CLA ZA . 32.02 31.06 10.10
C4A CLA ZA . 32.06 31.34 8.64
CMA CLA ZA . 32.18 29.62 10.48
CAA CLA ZA . 32.27 33.03 11.45
CBA CLA ZA . 31.71 34.12 10.54
CGA CLA ZA . 30.50 34.79 11.15
O1A CLA ZA . 30.47 35.03 12.34
O2A CLA ZA . 29.52 35.11 10.34
NB CLA ZA . 32.01 31.66 5.62
C1B CLA ZA . 31.19 30.85 6.34
C2B CLA ZA . 30.30 30.15 5.46
C3B CLA ZA . 30.61 30.59 4.21
C4B CLA ZA . 31.69 31.55 4.34
CMB CLA ZA . 29.25 29.17 5.89
CAB CLA ZA . 30.03 30.25 2.89
CBB CLA ZA . 29.34 28.94 2.62
NC CLA ZA . 33.97 33.56 4.38
C1C CLA ZA . 33.36 33.17 3.29
C2C CLA ZA . 33.87 33.83 2.08
C3C CLA ZA . 34.86 34.64 2.54
C4C CLA ZA . 34.92 34.45 3.98
CMC CLA ZA . 33.40 33.64 0.67
CAC CLA ZA . 35.71 35.54 1.70
CBC CLA ZA . 35.10 36.93 1.76
ND CLA ZA . 34.93 34.08 6.86
C1D CLA ZA . 35.83 34.86 6.25
C2D CLA ZA . 36.75 35.47 7.18
C3D CLA ZA . 36.31 34.99 8.41
C4D CLA ZA . 35.24 34.16 8.19
CMD CLA ZA . 37.91 36.41 6.96
CAD CLA ZA . 36.57 35.02 9.83
OBD CLA ZA . 37.55 35.48 10.38
CBD CLA ZA . 35.50 34.25 10.52
CGD CLA ZA . 36.06 33.15 11.35
O1D CLA ZA . 36.58 32.19 10.80
O2D CLA ZA . 35.99 33.18 12.67
CED CLA ZA . 36.89 32.31 13.37
C1 CLA ZA . 28.34 35.86 10.79
C2 CLA ZA . 27.39 35.27 11.80
C3 CLA ZA . 26.08 35.22 11.54
C4 CLA ZA . 25.12 34.65 12.53
C5 CLA ZA . 25.50 35.73 10.25
C6 CLA ZA . 24.10 35.16 10.06
C7 CLA ZA . 23.44 35.74 8.82
C8 CLA ZA . 21.92 35.74 8.95
C9 CLA ZA . 21.28 34.75 8.00
C10 CLA ZA . 21.39 37.15 8.68
C11 CLA ZA . 21.69 37.56 7.25
C12 CLA ZA . 20.47 38.20 6.59
C13 CLA ZA . 20.80 39.61 6.10
C14 CLA ZA . 20.04 40.65 6.89
C15 CLA ZA . 20.49 39.71 4.62
C16 CLA ZA . 21.39 40.73 3.94
C17 CLA ZA . 20.57 41.76 3.20
C18 CLA ZA . 21.07 41.95 1.77
C19 CLA ZA . 19.94 41.83 0.77
C20 CLA ZA . 21.79 43.29 1.62
MG CLA AB . 37.29 40.33 11.99
CHA CLA AB . 37.00 40.36 15.42
CHB CLA AB . 34.67 38.13 11.74
CHC CLA AB . 37.54 40.52 8.69
CHD CLA AB . 39.99 42.58 12.26
NA CLA AB . 35.95 39.34 13.42
C1A CLA AB . 35.99 39.46 14.73
C2A CLA AB . 34.96 38.61 15.41
C3A CLA AB . 34.26 37.93 14.23
C4A CLA AB . 34.98 38.48 13.05
CMA CLA AB . 33.99 36.43 14.27
CAA CLA AB . 33.96 39.51 16.12
CBA CLA AB . 33.03 40.19 15.13
CGA CLA AB . 32.65 41.55 15.64
O1A CLA AB . 33.53 42.32 16.01
O2A CLA AB . 31.38 41.88 15.66
NB CLA AB . 36.26 39.48 10.46
C1B CLA AB . 35.24 38.57 10.54
C2B CLA AB . 34.84 38.16 9.23
C3B CLA AB . 35.65 38.83 8.38
C4B CLA AB . 36.55 39.67 9.17
CMB CLA AB . 33.76 37.18 8.89
CAB CLA AB . 35.63 38.73 6.91
CBB CLA AB . 34.96 39.82 6.10
NC CLA AB . 38.53 41.42 10.69
C1C CLA AB . 38.52 41.29 9.38
C2C CLA AB . 39.60 42.03 8.71
C3C CLA AB . 40.28 42.62 9.74
C4C CLA AB . 39.60 42.22 10.96
CMC CLA AB . 39.87 42.12 7.24
CAC CLA AB . 41.50 43.51 9.63
CBC CLA AB . 42.73 42.64 9.47
ND CLA AB . 38.29 41.27 13.39
C1D CLA AB . 39.33 42.15 13.43
C2D CLA AB . 39.67 42.52 14.80
C3D CLA AB . 38.75 41.82 15.56
C4D CLA AB . 37.94 41.08 14.71
CMD CLA AB . 40.70 43.43 15.42
CAD CLA AB . 38.33 41.58 16.92
OBD CLA AB . 38.94 41.91 17.92
CBD CLA AB . 37.20 40.61 16.88
CGD CLA AB . 37.65 39.33 17.51
O1D CLA AB . 38.82 39.15 17.79
O2D CLA AB . 36.78 38.35 17.77
CED CLA AB . 36.80 37.81 19.06
C1 CLA AB . 30.90 43.00 14.85
C2 CLA AB . 31.26 44.42 15.19
C3 CLA AB . 30.45 45.42 14.82
C4 CLA AB . 30.76 46.85 15.14
C5 CLA AB . 29.19 45.17 14.03
C6 CLA AB . 29.34 45.80 12.66
C7 CLA AB . 28.97 44.81 11.54
C8 CLA AB . 30.02 44.78 10.42
C9 CLA AB . 30.96 45.97 10.46
C10 CLA AB . 29.31 44.70 9.08
MG CLA BB . 29.04 20.83 2.01
CHA CLA BB . 31.57 23.12 2.10
CHB CLA BB . 27.06 23.04 0.27
CHC CLA BB . 26.70 18.53 1.89
CHD CLA BB . 31.10 18.56 3.74
NA CLA BB . 29.28 22.88 1.24
C1A CLA BB . 30.36 23.64 1.38
C2A CLA BB . 30.16 25.01 0.79
C3A CLA BB . 28.73 24.93 0.24
C4A CLA BB . 28.32 23.54 0.59
CMA CLA BB . 27.77 26.07 0.55
CAA CLA BB . 31.09 25.31 -0.36
CBA CLA BB . 31.65 26.71 -0.17
CGA CLA BB . 31.63 27.46 -1.48
O1A CLA BB . 32.22 26.99 -2.42
O2A CLA BB . 30.96 28.59 -1.56
NB CLA BB . 27.18 20.78 1.20
C1B CLA BB . 26.53 21.78 0.54
C2B CLA BB . 25.21 21.35 0.19
C3B CLA BB . 25.11 20.07 0.65
C4B CLA BB . 26.38 19.74 1.29
CMB CLA BB . 24.22 22.19 -0.54
CAB CLA BB . 24.01 19.10 0.58
CBB CLA BB . 22.68 19.36 -0.10
NC CLA BB . 28.95 18.84 2.63
C1C CLA BB . 27.87 18.09 2.54
C2C CLA BB . 28.02 16.79 3.19
C3C CLA BB . 29.29 16.78 3.68
C4C CLA BB . 29.87 18.08 3.33
CMC CLA BB . 26.98 15.70 3.27
CAC CLA BB . 29.97 15.68 4.43
CBC CLA BB . 29.67 15.81 5.90
ND CLA BB . 30.86 20.74 2.73
C1D CLA BB . 31.59 19.85 3.44
C2D CLA BB . 32.86 20.39 3.85
C3D CLA BB . 32.84 21.67 3.32
C4D CLA BB . 31.64 21.86 2.65
CMD CLA BB . 34.02 19.86 4.65
CAD CLA BB . 33.63 22.88 3.21
OBD CLA BB . 34.52 23.18 3.98
CBD CLA BB . 32.86 23.84 2.38
CGD CLA BB . 32.54 25.03 3.22
O1D CLA BB . 33.17 26.05 3.12
O2D CLA BB . 31.54 24.96 4.09
CED CLA BB . 30.78 26.15 4.23
C1 CLA BB . 31.09 29.45 -2.73
C2 CLA BB . 32.08 30.59 -2.84
C3 CLA BB . 31.89 31.57 -3.73
C4 CLA BB . 30.71 31.57 -4.66
C5 CLA BB . 32.84 32.73 -3.87
C6 CLA BB . 32.02 34.03 -3.88
MG CLA CB . 29.56 25.09 -9.03
CHA CLA CB . 31.19 24.68 -6.06
CHB CLA CB . 26.52 24.85 -7.43
CHC CLA CB . 28.10 25.58 -11.93
CHD CLA CB . 32.69 25.34 -10.64
NA CLA CB . 28.90 24.81 -6.96
C1A CLA CB . 29.70 24.65 -5.91
C2A CLA CB . 28.94 24.48 -4.64
C3A CLA CB . 27.49 24.51 -5.10
C4A CLA CB . 27.62 24.73 -6.58
CMA CLA CB . 26.59 23.39 -4.62
CAA CLA CB . 29.16 25.74 -3.80
CBA CLA CB . 28.66 27.04 -4.44
CGA CLA CB . 29.62 27.55 -5.47
O1A CLA CB . 30.78 27.74 -5.17
O2A CLA CB . 29.22 27.75 -6.70
NB CLA CB . 27.61 25.20 -9.59
C1B CLA CB . 26.51 25.06 -8.81
C2B CLA CB . 25.33 25.19 -9.62
C3B CLA CB . 25.77 25.39 -10.89
C4B CLA CB . 27.23 25.40 -10.86
CMB CLA CB . 23.91 25.10 -9.16
CAB CLA CB . 24.93 25.57 -12.07
CBB CLA CB . 25.09 26.80 -12.92
NC CLA CB . 30.27 25.46 -10.96
C1C CLA CB . 29.50 25.63 -12.01
C2C CLA CB . 30.26 25.86 -13.25
C3C CLA CB . 31.57 25.82 -12.86
C4C CLA CB . 31.57 25.56 -11.43
CMC CLA CB . 29.69 26.10 -14.62
CAC CLA CB . 32.77 26.01 -13.73
CBC CLA CB . 33.06 24.72 -14.47
ND CLA CB . 31.47 25.04 -8.57
C1D CLA CB . 32.65 25.14 -9.24
C2D CLA CB . 33.79 25.00 -8.37
C3D CLA CB . 33.21 24.82 -7.12
C4D CLA CB . 31.83 24.85 -7.26
CMD CLA CB . 35.27 25.02 -8.59
CAD CLA CB . 33.51 24.61 -5.73
OBD CLA CB . 34.58 24.85 -5.21
CBD CLA CB . 32.22 24.51 -4.98
CGD CLA CB . 32.03 23.13 -4.43
O1D CLA CB . 32.25 22.17 -5.14
O2D CLA CB . 31.59 22.94 -3.20
CED CLA CB . 32.01 21.75 -2.57
C1 CLA CB . 29.99 28.63 -7.57
C2 CLA CB . 29.62 28.78 -9.02
C3 CLA CB . 30.24 29.68 -9.80
C4 CLA CB . 31.29 30.60 -9.28
C5 CLA CB . 29.87 29.84 -11.24
C6 CLA CB . 28.35 29.94 -11.28
C7 CLA CB . 27.85 30.08 -12.70
C8 CLA CB . 27.75 31.56 -13.10
C9 CLA CB . 26.91 32.34 -12.10
C10 CLA CB . 27.21 31.71 -14.51
C11 CLA CB . 26.36 30.51 -14.94
C12 CLA CB . 27.09 29.71 -16.02
C13 CLA CB . 26.14 29.26 -17.13
C14 CLA CB . 25.72 27.81 -16.92
C15 CLA CB . 26.85 29.43 -18.47
C16 CLA CB . 26.74 30.86 -18.96
C17 CLA CB . 25.29 31.21 -19.27
C18 CLA CB . 25.07 31.24 -20.77
C19 CLA CB . 23.59 31.04 -21.11
C20 CLA CB . 25.59 32.52 -21.37
MG CLA DB . 19.90 28.76 -8.31
CHA CLA DB . 22.03 27.95 -5.76
CHB CLA DB . 17.21 28.37 -6.22
CHC CLA DB . 17.95 29.65 -10.81
CHD CLA DB . 22.68 29.18 -10.43
NA CLA DB . 19.63 28.23 -6.20
C1A CLA DB . 20.59 27.94 -5.34
C2A CLA DB . 20.06 27.55 -3.99
C3A CLA DB . 18.55 27.66 -4.20
C4A CLA DB . 18.43 28.12 -5.60
CMA CLA DB . 17.71 26.44 -3.85
CAA CLA DB . 20.45 28.48 -2.85
CBA CLA DB . 20.55 29.96 -3.20
CGA CLA DB . 20.66 30.77 -1.92
O1A CLA DB . 19.66 31.24 -1.42
O2A CLA DB . 21.85 30.95 -1.36
NB CLA DB . 17.89 28.98 -8.49
C1B CLA DB . 16.95 28.78 -7.54
C2B CLA DB . 15.64 29.03 -8.07
C3B CLA DB . 15.84 29.38 -9.37
C4B CLA DB . 17.27 29.35 -9.63
CMB CLA DB . 14.33 28.92 -7.36
CAB CLA DB . 14.72 29.72 -10.27
CBB CLA DB . 14.89 30.12 -11.71
NC CLA DB . 20.26 29.35 -10.29
C1C CLA DB . 19.31 29.66 -11.14
C2C CLA DB . 19.84 30.03 -12.47
C3C CLA DB . 21.20 29.90 -12.33
C4C CLA DB . 21.44 29.47 -10.97
CMC CLA DB . 19.06 30.47 -13.68
CAC CLA DB . 22.24 30.17 -13.39
CBC CLA DB . 22.41 28.93 -14.21
ND CLA DB . 21.86 28.62 -8.24
C1D CLA DB . 22.89 28.82 -9.09
C2D CLA DB . 24.17 28.60 -8.45
C3D CLA DB . 23.81 28.27 -7.15
C4D CLA DB . 22.44 28.30 -7.04
CMD CLA DB . 25.60 28.67 -8.90
CAD CLA DB . 24.38 27.91 -5.88
OBD CLA DB . 25.52 28.10 -5.54
CBD CLA DB . 23.24 27.57 -4.96
CGD CLA DB . 23.24 26.08 -4.87
O1D CLA DB . 24.27 25.48 -5.01
O2D CLA DB . 22.13 25.40 -4.62
CED CLA DB . 22.19 24.51 -3.51
C1 CLA DB . 22.10 32.09 -0.47
C2 CLA DB . 22.09 33.51 -0.98
C3 CLA DB . 23.07 34.37 -0.65
C4 CLA DB . 24.22 33.93 0.20
C5 CLA DB . 23.11 35.80 -1.12
C6 CLA DB . 24.39 36.07 -1.93
C7 CLA DB . 24.14 35.95 -3.43
C8 CLA DB . 25.37 36.20 -4.29
C9 CLA DB . 26.68 35.98 -3.53
C10 CLA DB . 25.31 37.61 -4.85
C11 CLA DB . 24.81 37.61 -6.28
C12 CLA DB . 25.30 38.85 -7.03
C13 CLA DB . 26.36 38.49 -8.05
C14 CLA DB . 27.76 38.75 -7.50
C15 CLA DB . 26.11 39.28 -9.33
C16 CLA DB . 24.93 38.70 -10.09
C17 CLA DB . 25.38 38.02 -11.38
C18 CLA DB . 24.30 37.11 -11.96
C19 CLA DB . 24.45 36.98 -13.47
C20 CLA DB . 24.30 35.74 -11.29
MG CLA EB . -1.40 0.87 5.50
CHA CLA EB . -2.55 4.10 5.61
CHB CLA EB . 1.25 1.71 7.51
CHC CLA EB . -0.45 -2.26 5.40
CHD CLA EB . -4.11 0.06 3.40
NA CLA EB . -0.71 2.72 6.48
C1A CLA EB . -1.28 3.90 6.40
C2A CLA EB . -0.58 4.95 7.18
C3A CLA EB . 0.60 4.18 7.74
C4A CLA EB . 0.40 2.79 7.24
CMA CLA EB . 1.98 4.82 7.61
CAA CLA EB . -1.49 5.37 8.33
CBA CLA EB . -1.94 4.16 9.17
CGA CLA EB . -3.32 3.70 8.82
O1A CLA EB . -4.29 4.26 9.31
O2A CLA EB . -3.49 2.71 7.96
NB CLA EB . 0.15 -0.12 6.33
C1B CLA EB . 1.15 0.38 7.10
C2B CLA EB . 2.08 -0.67 7.42
C3B CLA EB . 1.60 -1.79 6.83
C4B CLA EB . 0.37 -1.43 6.13
CMB CLA EB . 3.32 -0.53 8.26
CAB CLA EB . 2.21 -3.13 6.87
CBB CLA EB . 1.44 -4.35 7.29
NC CLA EB . -2.19 -0.83 4.59
C1C CLA EB . -1.65 -2.03 4.69
C2C CLA EB . -2.43 -3.05 3.98
C3C CLA EB . -3.48 -2.37 3.44
C4C CLA EB . -3.31 -0.99 3.84
CMC CLA EB . -2.14 -4.52 3.88
CAC CLA EB . -4.63 -2.94 2.63
CBC CLA EB . -4.39 -2.74 1.16
ND CLA EB . -2.95 1.75 4.66
C1D CLA EB . -3.98 1.38 3.87
C2D CLA EB . -4.87 2.48 3.56
C3D CLA EB . -4.30 3.53 4.25
C4D CLA EB . -3.16 3.09 4.90
CMD CLA EB . -6.12 2.62 2.75
CAD CLA EB . -4.47 4.93 4.53
OBD CLA EB . -5.37 5.64 4.12
CBD CLA EB . -3.38 5.36 5.45
CGD CLA EB . -2.57 6.41 4.78
O1D CLA EB . -1.67 6.10 4.02
O2D CLA EB . -2.81 7.68 5.00
CED CLA EB . -2.78 8.50 3.84
C1 CLA EB . -4.54 1.71 8.09
C2 CLA EB . -4.20 0.26 7.95
C3 CLA EB . -5.05 -0.58 7.36
C4 CLA EB . -6.35 -0.11 6.80
C5 CLA EB . -4.73 -2.05 7.19
C6 CLA EB . -5.66 -2.91 8.03
C7 CLA EB . -5.30 -4.38 7.85
C8 CLA EB . -6.12 -5.31 8.74
C9 CLA EB . -7.54 -4.80 8.90
C10 CLA EB . -5.44 -5.47 10.09
C11 CLA EB . -6.12 -6.54 10.92
C12 CLA EB . -5.90 -6.29 12.40
C13 CLA EB . -5.35 -7.54 13.06
C14 CLA EB . -6.40 -8.64 13.06
C15 CLA EB . -4.93 -7.21 14.48
C16 CLA EB . -4.57 -8.48 15.24
C17 CLA EB . -4.71 -8.26 16.73
C18 CLA EB . -3.60 -8.96 17.49
C19 CLA EB . -3.96 -9.02 18.96
C20 CLA EB . -3.37 -10.37 16.95
MG CLA FB . 16.83 49.35 -6.13
CHA CLA FB . 17.94 50.78 -9.06
CHB CLA FB . 18.57 46.47 -6.84
CHC CLA FB . 15.78 48.12 -3.26
CHD CLA FB . 15.05 52.31 -5.44
NA CLA FB . 18.14 48.67 -7.78
C1A CLA FB . 18.46 49.38 -8.86
C2A CLA FB . 19.35 48.60 -9.80
C3A CLA FB . 19.51 47.27 -9.08
C4A CLA FB . 18.71 47.45 -7.83
CMA CLA FB . 19.39 45.96 -9.84
CAA CLA FB . 20.72 49.25 -9.98
CBA CLA FB . 21.26 49.87 -8.69
CGA CLA FB . 22.64 49.33 -8.44
O1A CLA FB . 22.79 48.13 -8.25
O2A CLA FB . 23.69 50.15 -8.43
NB CLA FB . 17.14 47.58 -5.19
C1B CLA FB . 17.86 46.51 -5.63
C2B CLA FB . 17.79 45.44 -4.67
C3B CLA FB . 17.00 45.91 -3.67
C4B CLA FB . 16.59 47.27 -4.01
CMB CLA FB . 18.45 44.10 -4.79
CAB CLA FB . 16.60 45.22 -2.42
CBB CLA FB . 17.63 44.55 -1.55
NC CLA FB . 15.67 50.12 -4.57
C1C CLA FB . 15.35 49.44 -3.48
C2C CLA FB . 14.48 50.20 -2.56
C3C CLA FB . 14.33 51.41 -3.18
C4C CLA FB . 15.06 51.34 -4.43
CMC CLA FB . 13.94 49.75 -1.24
CAC CLA FB . 13.54 52.59 -2.67
CBC CLA FB . 14.52 53.60 -2.13
ND CLA FB . 16.50 51.12 -6.94
C1D CLA FB . 15.80 52.23 -6.62
C2D CLA FB . 15.92 53.27 -7.64
C3D CLA FB . 16.75 52.68 -8.58
C4D CLA FB . 17.10 51.40 -8.15
CMD CLA FB . 15.35 54.65 -7.80
CAD CLA FB . 17.40 52.93 -9.84
OBD CLA FB . 17.39 53.99 -10.45
CBD CLA FB . 18.22 51.74 -10.18
CGD CLA FB . 17.72 51.13 -11.44
O1D CLA FB . 16.87 50.28 -11.39
O2D CLA FB . 18.18 51.51 -12.62
CED CLA FB . 17.18 51.96 -13.53
C1 CLA FB . 24.66 50.07 -7.34
C2 CLA FB . 24.40 50.73 -6.01
C3 CLA FB . 25.41 51.11 -5.22
C4 CLA FB . 26.84 50.88 -5.59
C5 CLA FB . 25.17 51.78 -3.89
C6 CLA FB . 25.50 50.80 -2.76
C7 CLA FB . 25.04 51.36 -1.42
C8 CLA FB . 23.73 50.71 -0.97
C9 CLA FB . 22.82 51.74 -0.30
C10 CLA FB . 24.04 49.53 -0.04
C11 CLA FB . 24.21 49.98 1.41
C12 CLA FB . 23.54 49.00 2.36
C13 CLA FB . 24.32 47.70 2.46
C14 CLA FB . 23.38 46.49 2.43
C15 CLA FB . 25.16 47.71 3.73
C1 PQN GB . -5.40 0.13 -4.52
O1 PQN GB . -4.26 -0.26 -4.81
C2 PQN GB . -6.24 -0.66 -3.60
C2M PQN GB . -5.68 -1.93 -3.04
C3 PQN GB . -7.48 -0.25 -3.29
C4 PQN GB . -8.00 1.01 -3.86
O4 PQN GB . -9.15 1.39 -3.56
C5 PQN GB . -7.18 1.83 -4.77
C6 PQN GB . -7.68 3.00 -5.30
C7 PQN GB . -6.89 3.75 -6.16
C8 PQN GB . -5.62 3.31 -6.48
C9 PQN GB . -5.12 2.13 -5.96
C10 PQN GB . -5.90 1.39 -5.10
C11 PQN GB . -8.36 -1.01 -2.35
C12 PQN GB . -8.00 -0.58 -0.96
C13 PQN GB . -8.89 -0.62 0.03
C14 PQN GB . -10.29 -1.08 -0.26
C15 PQN GB . -8.50 -0.18 1.41
C16 PQN GB . -8.79 -1.30 2.40
C17 PQN GB . -8.85 -0.77 3.82
C18 PQN GB . -9.11 -1.92 4.79
C19 PQN GB . -8.22 -3.11 4.46
C20 PQN GB . -10.57 -2.30 4.73
C21 PQN GB . -11.29 -1.72 5.92
C22 PQN GB . -11.28 -2.70 7.09
C23 PQN GB . -12.28 -2.27 8.14
C24 PQN GB . -11.67 -1.18 9.01
C25 PQN GB . -12.68 -3.47 8.95
C26 PQN GB . -11.51 -3.93 9.81
C27 PQN GB . -12.01 -4.81 10.95
C28 PQN GB . -10.92 -5.78 11.34
C29 PQN GB . -10.50 -6.64 10.16
C30 PQN GB . -9.73 -5.02 11.90
C1 BCR HB . 10.53 21.11 32.66
C2 BCR HB . 10.05 20.47 31.37
C3 BCR HB . 11.00 19.40 30.87
C4 BCR HB . 12.32 20.07 30.56
C5 BCR HB . 12.84 20.83 31.74
C6 BCR HB . 12.01 21.38 32.64
C7 BCR HB . 12.58 22.27 33.68
C8 BCR HB . 12.82 23.54 33.48
C9 BCR HB . 13.36 24.45 34.45
C10 BCR HB . 13.60 25.81 34.06
C11 BCR HB . 13.70 27.16 34.48
C33 BCR HB . 14.31 20.95 31.91
C31 BCR HB . 10.25 20.19 33.83
C32 BCR HB . 9.78 22.41 32.86
C34 BCR HB . 13.68 23.99 35.83
C12 BCR HB . 13.75 28.33 34.73
C13 BCR HB . 14.21 29.53 35.31
C14 BCR HB . 14.06 30.60 34.48
C15 BCR HB . 14.40 31.96 34.74
C16 BCR HB . 14.23 33.23 34.33
C17 BCR HB . 14.80 34.25 34.88
C18 BCR HB . 15.03 35.44 34.31
C19 BCR HB . 15.68 36.55 35.00
C20 BCR HB . 15.89 37.85 35.09
C21 BCR HB . 16.40 39.09 35.60
C22 BCR HB . 16.59 40.23 34.92
C23 BCR HB . 17.15 41.37 35.68
C24 BCR HB . 17.23 42.79 35.21
C25 BCR HB . 17.83 43.74 36.14
C26 BCR HB . 17.21 44.05 37.26
C27 BCR HB . 18.02 44.16 38.52
C28 BCR HB . 19.28 44.99 38.29
C29 BCR HB . 19.44 45.47 36.87
C30 BCR HB . 19.19 44.37 35.84
C35 BCR HB . 14.77 29.61 36.68
C36 BCR HB . 14.60 35.64 32.89
C37 BCR HB . 16.25 40.34 33.48
C38 BCR HB . 15.73 44.28 37.32
C39 BCR HB . 20.27 43.31 35.88
C40 BCR HB . 19.12 45.02 34.46
C1 BCR IB . 11.04 37.71 37.74
C2 BCR IB . 12.38 37.91 38.43
C3 BCR IB . 12.90 39.33 38.21
C4 BCR IB . 13.06 39.60 36.72
C5 BCR IB . 11.85 39.20 35.93
C6 BCR IB . 11.12 38.15 36.29
C7 BCR IB . 10.34 37.41 35.27
C8 BCR IB . 10.90 36.51 34.49
C9 BCR IB . 10.24 35.73 33.47
C10 BCR IB . 10.78 34.46 33.06
C11 BCR IB . 11.01 33.61 31.95
C33 BCR IB . 11.45 40.00 34.72
C31 BCR IB . 9.97 38.56 38.40
C32 BCR IB . 10.64 36.24 37.82
C34 BCR IB . 8.98 36.23 32.84
C12 BCR IB . 11.27 32.84 31.07
C13 BCR IB . 11.12 32.13 29.86
C14 BCR IB . 11.97 31.09 29.71
C15 BCR IB . 12.07 30.17 28.62
C16 BCR IB . 12.79 29.12 28.20
C17 BCR IB . 12.58 28.48 27.10
C18 BCR IB . 13.30 27.47 26.62
C19 BCR IB . 13.04 26.75 25.37
C20 BCR IB . 13.19 25.60 24.75
C21 BCR IB . 13.18 24.57 23.76
C22 BCR IB . 13.74 23.36 23.85
C23 BCR IB . 13.64 22.44 22.71
C24 BCR IB . 12.39 22.07 21.99
C25 BCR IB . 12.45 21.14 20.85
C26 BCR IB . 12.60 21.62 19.64
C27 BCR IB . 12.24 20.76 18.46
C28 BCR IB . 11.13 19.81 18.88
C29 BCR IB . 11.59 18.91 20.02
C30 BCR IB . 12.35 19.64 21.11
C35 BCR IB . 10.10 32.48 28.83
C36 BCR IB . 14.49 27.03 27.42
C37 BCR IB . 14.47 22.96 25.08
C38 BCR IB . 13.09 23.00 19.36
C39 BCR IB . 13.77 19.12 21.19
C40 BCR IB . 11.61 19.41 22.40
C1 BCR JB . 3.43 34.93 0.31
C2 BCR JB . 2.49 34.36 -0.73
C3 BCR JB . 2.29 32.88 -0.48
C4 BCR JB . 3.63 32.20 -0.71
C5 BCR JB . 4.69 32.81 0.15
C6 BCR JB . 4.68 34.11 0.45
C7 BCR JB . 5.90 34.72 0.99
C8 BCR JB . 6.95 35.02 0.25
C9 BCR JB . 8.17 35.62 0.72
C10 BCR JB . 9.32 35.69 -0.15
C11 BCR JB . 10.48 36.44 -0.46
C33 BCR JB . 5.77 31.91 0.69
C31 BCR JB . 2.76 34.97 1.66
C32 BCR JB . 3.81 36.35 -0.09
C34 BCR JB . 8.24 36.14 2.12
C12 BCR JB . 11.48 37.03 -0.77
C13 BCR JB . 12.65 37.78 -0.56
C14 BCR JB . 13.49 37.98 -1.61
C15 BCR JB . 14.70 38.72 -1.47
C16 BCR JB . 15.79 39.30 -2.00
C17 BCR JB . 16.05 39.29 -3.27
C18 BCR JB . 17.24 39.48 -3.88
C19 BCR JB . 18.49 39.76 -3.16
C20 BCR JB . 19.71 40.28 -3.22
C21 BCR JB . 21.03 40.67 -2.86
C22 BCR JB . 22.00 41.11 -3.68
C23 BCR JB . 23.33 41.45 -3.15
C24 BCR JB . 24.26 42.47 -3.71
C25 BCR JB . 25.56 42.66 -3.04
C26 BCR JB . 25.63 43.09 -1.80
C27 BCR JB . 26.55 42.38 -0.84
C28 BCR JB . 27.87 42.00 -1.51
C29 BCR JB . 28.04 42.63 -2.88
C30 BCR JB . 26.85 42.33 -3.79
C35 BCR JB . 12.95 38.34 0.80
C36 BCR JB . 17.30 39.41 -5.36
C37 BCR JB . 21.75 41.22 -5.16
C38 BCR JB . 24.82 44.26 -1.30
C39 BCR JB . 26.85 40.86 -4.19
C40 BCR JB . 26.95 43.23 -5.01
C1 BCR KB . 30.36 37.32 4.69
C2 BCR KB . 31.71 37.37 5.37
C3 BCR KB . 32.22 35.99 5.75
C4 BCR KB . 31.19 35.28 6.63
C5 BCR KB . 29.83 35.31 6.01
C6 BCR KB . 29.41 36.44 5.46
C7 BCR KB . 28.02 36.87 5.61
C8 BCR KB . 27.10 36.53 4.73
C9 BCR KB . 25.71 36.90 4.77
C10 BCR KB . 24.72 35.90 5.06
C11 BCR KB . 23.62 35.22 4.50
C33 BCR KB . 28.98 34.09 6.02
C31 BCR KB . 30.49 36.74 3.29
C32 BCR KB . 29.79 38.73 4.65
C34 BCR KB . 25.28 38.31 4.53
C12 BCR KB . 22.69 34.60 4.09
C13 BCR KB . 21.44 34.41 3.48
C14 BCR KB . 20.85 33.23 3.71
C15 BCR KB . 19.60 32.74 3.25
C16 BCR KB . 18.56 31.96 3.58
C17 BCR KB . 17.55 31.73 2.81
C18 BCR KB . 16.79 30.63 2.81
C19 BCR KB . 15.65 30.44 1.92
C20 BCR KB . 14.51 29.84 1.63
C21 BCR KB . 13.35 29.56 0.87
C22 BCR KB . 12.69 28.39 0.78
C23 BCR KB . 11.52 28.36 -0.09
C24 BCR KB . 10.45 27.32 -0.09
C25 BCR KB . 9.35 27.47 -1.05
C26 BCR KB . 8.37 28.33 -0.79
C27 BCR KB . 7.60 28.94 -1.93
C28 BCR KB . 7.23 27.91 -2.99
C29 BCR KB . 7.89 26.56 -2.82
C30 BCR KB . 9.33 26.65 -2.34
C35 BCR KB . 20.81 35.49 2.66
C36 BCR KB . 17.13 29.54 3.76
C37 BCR KB . 13.15 27.19 1.52
C38 BCR KB . 8.00 28.72 0.60
C39 BCR KB . 10.24 27.26 -3.38
C40 BCR KB . 9.76 25.23 -2.00
C1 BCR LB . 9.91 6.45 11.40
C2 BCR LB . 11.25 7.07 11.05
C3 BCR LB . 12.45 6.14 11.03
C4 BCR LB . 12.03 4.80 10.48
C5 BCR LB . 10.98 4.21 11.38
C6 BCR LB . 9.94 4.97 11.67
C7 BCR LB . 8.76 4.36 12.30
C8 BCR LB . 7.92 3.62 11.61
C9 BCR LB . 6.74 2.99 12.12
C10 BCR LB . 6.19 1.80 11.51
C11 BCR LB . 6.47 0.62 10.80
C33 BCR LB . 11.13 2.83 11.92
C31 BCR LB . 8.92 6.70 10.30
C32 BCR LB . 9.41 7.10 12.68
C34 BCR LB . 6.05 3.57 13.31
C12 BCR LB . 6.56 -0.45 10.26
C13 BCR LB . 6.91 -1.43 9.30
C14 BCR LB . 6.11 -2.52 9.33
C15 BCR LB . 6.16 -3.68 8.52
C16 BCR LB . 5.57 -4.86 8.24
C17 BCR LB . 5.98 -5.67 7.32
C18 BCR LB . 5.38 -6.80 6.94
C19 BCR LB . 4.13 -7.18 7.60
C20 BCR LB . 3.33 -8.07 8.15
C21 BCR LB . 2.16 -8.55 8.79
C22 BCR LB . 1.62 -9.77 8.70
C23 BCR LB . 0.39 -10.03 9.45
C24 BCR LB . 0.15 -11.20 10.35
C25 BCR LB . -1.14 -11.28 11.01
C26 BCR LB . -1.41 -10.50 12.04
C27 BCR LB . -2.84 -10.12 12.34
C28 BCR LB . -3.82 -11.26 12.10
C29 BCR LB . -3.19 -12.54 11.56
C30 BCR LB . -2.17 -12.27 10.48
C35 BCR LB . 8.05 -1.27 8.35
C36 BCR LB . 5.93 -7.67 5.86
C37 BCR LB . 2.24 -10.82 7.83
C38 BCR LB . -0.34 -9.98 12.94
C39 BCR LB . -2.82 -11.73 9.22
C40 BCR LB . -1.45 -13.58 10.18
O1 LHG MB . 12.39 45.49 -2.31
C1 LHG MB . 12.36 46.81 -2.87
C2 LHG MB . 12.10 46.67 -4.36
O2 LHG MB . 12.54 45.40 -4.81
C3 LHG MB . 12.88 47.78 -5.06
O3 LHG MB . 14.04 47.25 -5.69
P LHG MB . 14.05 47.12 -7.29
O4 LHG MB . 12.65 46.95 -7.76
O5 LHG MB . 14.92 48.21 -7.88
O6 LHG MB . 14.82 45.73 -7.44
C4 LHG MB . 14.19 44.70 -8.18
C5 LHG MB . 15.25 43.99 -9.00
C6 LHG MB . 16.61 44.12 -8.33
O7 LHG MB . 14.93 42.61 -9.15
C7 LHG MB . 14.76 42.34 -10.44
O9 LHG MB . 15.42 42.97 -11.25
C8 LHG MB . 13.78 41.31 -10.90
C9 LHG MB . 14.31 39.93 -10.51
C10 LHG MB . 14.80 39.15 -11.71
O8 LHG MB . 17.52 43.25 -8.98
C23 LHG MB . 18.06 42.24 -8.32
O10 LHG MB . 17.72 42.03 -7.17
C24 LHG MB . 19.11 41.38 -8.97
C11 LHG MB . 15.95 38.24 -11.30
C12 LHG MB . 16.53 37.44 -12.46
C13 LHG MB . 17.68 36.55 -11.98
C14 LHG MB . 17.31 35.08 -12.10
C15 LHG MB . 18.16 34.13 -11.25
C16 LHG MB . 19.47 34.75 -10.77
C17 LHG MB . 20.11 33.88 -9.69
C18 LHG MB . 21.35 33.15 -10.21
C19 LHG MB . 22.45 33.09 -9.16
C20 LHG MB . 21.96 32.46 -7.86
C21 LHG MB . 23.13 32.22 -6.90
C22 LHG MB . 22.65 32.10 -5.48
C25 LHG MB . 18.88 39.92 -8.62
C26 LHG MB . 20.19 39.25 -8.28
C27 LHG MB . 20.04 37.75 -8.08
C28 LHG MB . 21.23 37.18 -7.32
C29 LHG MB . 20.96 37.11 -5.82
O1 LHG NB . -14.48 16.19 1.97
C1 LHG NB . -14.11 15.87 0.63
C2 LHG NB . -12.99 14.85 0.67
O2 LHG NB . -12.24 15.03 1.87
C3 LHG NB . -12.05 15.09 -0.51
O3 LHG NB . -10.72 14.73 -0.13
P LHG NB . -10.00 13.46 -0.80
O4 LHG NB . -10.95 12.29 -0.79
O5 LHG NB . -9.41 13.94 -2.09
O6 LHG NB . -8.81 13.15 0.23
C4 LHG NB . -8.74 11.85 0.79
C5 LHG NB . -7.32 11.55 1.27
C6 LHG NB . -6.41 12.71 0.92
O7 LHG NB . -7.32 11.39 2.68
C7 LHG NB . -6.70 10.26 3.06
O9 LHG NB . -5.73 9.89 2.43
C8 LHG NB . -7.21 9.47 4.23
C9 LHG NB . -6.74 10.13 5.52
C10 LHG NB . -6.12 9.10 6.45
O8 LHG NB . -5.79 13.12 2.14
C23 LHG NB . -5.26 14.32 2.25
O10 LHG NB . -4.74 14.82 1.28
C24 LHG NB . -5.31 15.07 3.55
C11 LHG NB . -7.20 8.23 7.08
C12 LHG NB . -6.62 7.30 8.12
C13 LHG NB . -6.36 8.02 9.43
C14 LHG NB . -4.97 7.73 9.93
C15 LHG NB . -5.03 6.84 11.15
C16 LHG NB . -4.17 7.41 12.26
C17 LHG NB . -2.78 7.73 11.74
C18 LHG NB . -1.89 8.22 12.89
C19 LHG NB . -0.67 8.91 12.31
C20 LHG NB . -0.11 9.94 13.28
C21 LHG NB . 0.56 9.27 14.47
C22 LHG NB . 1.57 10.21 15.09
C25 LHG NB . -4.15 14.61 4.42
C26 LHG NB . -2.87 15.33 4.00
C27 LHG NB . -1.68 14.47 4.38
C28 LHG NB . -1.44 13.39 3.33
C29 LHG NB . -0.32 13.80 2.39
C30 LHG NB . 0.78 12.75 2.36
C31 LHG NB . 1.99 13.20 3.16
C32 LHG NB . 3.08 12.15 3.10
C33 LHG NB . 3.99 12.22 4.32
C34 LHG NB . 3.90 10.95 5.13
C35 LHG NB . 5.29 10.36 5.32
C36 LHG NB . 5.43 9.71 6.68
C37 LHG NB . 6.32 8.49 6.61
C38 LHG NB . 7.75 8.85 6.94
C1B LMT OB . 11.34 -6.32 34.90
C2B LMT OB . 11.18 -7.50 33.93
C3B LMT OB . 12.30 -7.51 32.88
C4B LMT OB . 13.40 -6.48 33.23
C5B LMT OB . 13.70 -6.61 34.73
C6B LMT OB . 14.86 -5.69 35.10
O1B LMT OB . 10.28 -6.29 35.81
O2B LMT OB . 11.21 -8.65 34.68
O3B LMT OB . 11.81 -7.30 31.62
O4' LMT OB . 14.55 -6.73 32.52
O5B LMT OB . 12.57 -6.36 35.56
O6B LMT OB . 15.58 -5.38 33.97
C1' LMT OB . 6.60 -4.45 36.24
C2' LMT OB . 6.57 -5.75 35.39
C3' LMT OB . 7.91 -6.53 35.51
C4' LMT OB . 9.12 -5.59 35.42
C5' LMT OB . 8.84 -4.47 36.45
C6' LMT OB . 10.01 -3.58 36.75
O1' LMT OB . 5.56 -3.64 35.89
O2' LMT OB . 5.57 -6.54 35.85
O3' LMT OB . 7.99 -7.48 34.54
O5' LMT OB . 7.77 -3.72 36.01
O6' LMT OB . 10.76 -4.25 37.68
C1 LMT OB . 5.57 -2.40 36.54
C2 LMT OB . 4.71 -1.53 35.67
C3 LMT OB . 3.51 -2.19 35.06
C4 LMT OB . 3.38 -1.67 33.65
C5 LMT OB . 3.33 -0.18 33.67
C6 LMT OB . 3.18 0.38 32.29
C7 LMT OB . 2.75 1.80 32.41
C8 LMT OB . 2.88 2.47 31.09
C9 LMT OB . 2.53 3.92 31.14
C10 LMT OB . 2.63 4.48 29.76
C11 LMT OB . 2.62 5.97 29.81
C12 LMT OB . 2.02 6.57 28.58
MG CLA PB . 7.15 -8.20 -3.55
CHA CLA PB . 10.13 -7.20 -2.17
CHB CLA PB . 6.60 -10.33 -0.93
CHC CLA PB . 4.26 -8.98 -4.91
CHD CLA PB . 7.77 -6.10 -6.29
NA CLA PB . 8.24 -8.72 -1.72
C1A CLA PB . 9.43 -8.26 -1.35
C2A CLA PB . 9.94 -8.91 -0.11
C3A CLA PB . 8.82 -9.88 0.20
C4A CLA PB . 7.82 -9.65 -0.85
CMA CLA PB . 9.22 -11.33 0.39
CAA CLA PB . 10.00 -7.90 1.03
CBA CLA PB . 10.97 -8.35 2.11
CGA CLA PB . 10.22 -9.05 3.22
O1A CLA PB . 9.18 -8.59 3.64
O2A CLA PB . 10.71 -10.17 3.73
NB CLA PB . 5.66 -9.46 -3.00
C1B CLA PB . 5.58 -10.23 -1.89
C2B CLA PB . 4.33 -10.92 -1.87
C3B CLA PB . 3.70 -10.53 -3.01
C4B CLA PB . 4.55 -9.61 -3.71
CMB CLA PB . 3.81 -11.86 -0.83
CAB CLA PB . 2.36 -10.94 -3.48
CBB CLA PB . 1.14 -10.69 -2.61
NC CLA PB . 6.13 -7.56 -5.27
C1C CLA PB . 4.98 -8.07 -5.68
C2C CLA PB . 4.57 -7.55 -7.00
C3C CLA PB . 5.57 -6.71 -7.35
C4C CLA PB . 6.54 -6.73 -6.28
CMC CLA PB . 3.33 -7.90 -7.77
CAC CLA PB . 5.68 -5.91 -8.62
CBC CLA PB . 6.46 -6.68 -9.64
ND CLA PB . 8.56 -7.01 -4.20
C1D CLA PB . 8.68 -6.13 -5.22
C2D CLA PB . 9.83 -5.27 -5.07
C3D CLA PB . 10.38 -5.69 -3.87
C4D CLA PB . 9.62 -6.73 -3.37
CMD CLA PB . 10.38 -4.15 -5.90
CAD CLA PB . 11.46 -5.43 -2.97
OBD CLA PB . 11.85 -4.30 -2.76
CBD CLA PB . 11.38 -6.42 -1.86
CGD CLA PB . 12.63 -7.22 -1.90
O1D CLA PB . 12.92 -7.87 -2.88
O2D CLA PB . 13.46 -7.19 -0.88
CED CLA PB . 14.80 -6.87 -1.23
C1 CLA PB . 10.19 -10.64 5.01
C2 CLA PB . 10.76 -10.21 6.34
C3 CLA PB . 9.90 -9.73 7.25
C4 CLA PB . 8.46 -9.64 6.92
C5 CLA PB . 10.30 -9.26 8.61
C6 CLA PB . 9.32 -8.16 9.02
C7 CLA PB . 8.95 -8.33 10.47
C8 CLA PB . 7.82 -7.39 10.85
C9 CLA PB . 8.33 -6.31 11.79
C10 CLA PB . 6.72 -8.23 11.47
C11 CLA PB . 5.85 -7.41 12.41
C12 CLA PB . 4.76 -6.71 11.62
C13 CLA PB . 3.69 -6.16 12.57
C14 CLA PB . 2.60 -7.19 12.80
C15 CLA PB . 3.12 -4.89 11.96
C16 CLA PB . 3.84 -3.66 12.49
C17 CLA PB . 3.35 -3.31 13.88
C18 CLA PB . 2.57 -2.01 13.87
C19 CLA PB . 1.35 -2.11 14.80
C20 CLA PB . 3.46 -0.84 14.27
MG CLA QB . -0.80 -6.49 -5.22
CHA CLA QB . -3.87 -8.02 -5.47
CHB CLA QB . -0.39 -7.73 -2.08
CHC CLA QB . 2.21 -5.16 -5.17
CHD CLA QB . -1.28 -5.15 -8.42
NA CLA QB . -1.99 -7.75 -3.89
C1A CLA QB . -3.20 -8.23 -4.14
C2A CLA QB . -3.75 -8.98 -2.98
C3A CLA QB . -2.68 -8.79 -1.93
C4A CLA QB . -1.61 -8.06 -2.65
CMA CLA QB . -3.13 -8.11 -0.66
CAA CLA QB . -3.67 -10.43 -3.37
CBA CLA QB . -4.39 -11.32 -2.37
CGA CLA QB . -3.40 -11.90 -1.39
O1A CLA QB . -2.32 -12.25 -1.82
O2A CLA QB . -3.74 -11.99 -0.12
NB CLA QB . 0.68 -6.46 -3.84
C1B CLA QB . 0.67 -7.01 -2.61
C2B CLA QB . 1.90 -6.75 -1.96
C3B CLA QB . 2.64 -6.00 -2.83
C4B CLA QB . 1.85 -5.84 -4.02
CMB CLA QB . 2.25 -7.21 -0.57
CAB CLA QB . 3.99 -5.46 -2.68
CBB CLA QB . 5.07 -6.21 -1.94
NC CLA QB . 0.32 -5.40 -6.62
C1C CLA QB . 1.52 -4.91 -6.37
C2C CLA QB . 2.04 -4.10 -7.49
C3C CLA QB . 1.05 -4.15 -8.42
C4C CLA QB . -0.02 -4.95 -7.86
CMC CLA QB . 3.36 -3.40 -7.57
CAC CLA QB . 1.04 -3.50 -9.77
CBC CLA QB . 0.34 -2.17 -9.69
ND CLA QB . -2.14 -6.54 -6.66
C1D CLA QB . -2.28 -5.94 -7.86
C2D CLA QB . -3.58 -6.22 -8.44
C3D CLA QB . -4.19 -7.03 -7.50
C4D CLA QB . -3.32 -7.20 -6.44
CMD CLA QB . -4.23 -5.81 -9.72
CAD CLA QB . -5.40 -7.76 -7.21
OBD CLA QB . -6.34 -7.87 -7.96
CBD CLA QB . -5.12 -8.64 -6.05
CGD CLA QB . -6.27 -8.66 -5.09
O1D CLA QB . -6.87 -7.65 -4.83
O2D CLA QB . -6.62 -9.80 -4.51
CED CLA QB . -8.01 -10.05 -4.43
C1 CLA QB . -3.06 -11.19 0.90
C2 CLA QB . -1.60 -10.93 0.74
C3 CLA QB . -0.93 -10.01 1.43
C4 CLA QB . 0.52 -9.82 1.19
C5 CLA QB . -1.56 -9.09 2.45
C6 CLA QB . -0.53 -8.95 3.56
C7 CLA QB . -0.74 -7.69 4.38
C8 CLA QB . -1.06 -8.12 5.80
C9 CLA QB . -2.53 -8.47 5.90
C10 CLA QB . -0.74 -7.00 6.76
C11 CLA QB . -1.43 -7.30 8.08
C12 CLA QB . -1.67 -6.03 8.86
C13 CLA QB . -1.09 -6.20 10.25
C14 CLA QB . -2.14 -6.71 11.23
C15 CLA QB . -0.49 -4.89 10.73
C16 CLA QB . -0.92 -3.72 9.86
C17 CLA QB . -0.09 -2.49 10.18
C18 CLA QB . -0.94 -1.41 10.85
C19 CLA QB . -0.30 -0.04 10.66
C20 CLA QB . -2.34 -1.41 10.29
MG CLA RB . -15.55 -11.00 4.04
CHA CLA RB . -14.56 -12.82 1.30
CHB CLA RB . -17.57 -13.56 5.08
CHC CLA RB . -16.27 -9.23 6.71
CHD CLA RB . -13.47 -8.37 2.94
NA CLA RB . -16.02 -13.00 3.29
C1A CLA RB . -15.56 -13.53 2.17
C2A CLA RB . -16.13 -14.89 1.92
C3A CLA RB . -17.08 -15.07 3.11
C4A CLA RB . -16.89 -13.82 3.89
CMA CLA RB . -18.51 -15.46 2.83
CAA CLA RB . -15.02 -15.93 2.00
CBA CLA RB . -14.34 -15.99 3.35
CGA CLA RB . -13.19 -15.02 3.34
O1A CLA RB . -12.23 -15.24 2.64
O2A CLA RB . -13.29 -13.94 4.08
NB CLA RB . -16.72 -11.36 5.65
C1B CLA RB . -17.50 -12.43 5.90
C2B CLA RB . -18.23 -12.24 7.12
C3B CLA RB . -17.85 -11.01 7.57
C4B CLA RB . -16.90 -10.46 6.61
CMB CLA RB . -19.18 -13.22 7.74
CAB CLA RB . -18.28 -10.29 8.78
CBB CLA RB . -19.74 -10.20 9.12
NC CLA RB . -14.95 -9.11 4.72
C1C CLA RB . -15.37 -8.58 5.85
C2C CLA RB . -14.79 -7.24 6.09
C3C CLA RB . -13.99 -7.02 5.01
C4C CLA RB . -14.11 -8.18 4.16
CMC CLA RB . -15.02 -6.35 7.26
CAC CLA RB . -13.15 -5.80 4.75
CBC CLA RB . -11.69 -6.11 4.91
ND CLA RB . -14.31 -10.60 2.56
C1D CLA RB . -13.53 -9.55 2.19
C2D CLA RB . -12.84 -9.81 0.94
C3D CLA RB . -13.25 -11.08 0.61
C4D CLA RB . -14.12 -11.55 1.57
CMD CLA RB . -11.90 -8.99 0.11
CAD CLA RB . -13.10 -12.10 -0.40
OBD CLA RB . -12.43 -12.01 -1.40
CBD CLA RB . -13.84 -13.31 0.06
CGD CLA RB . -14.80 -13.75 -1.00
O1D CLA RB . -15.22 -12.98 -1.82
O2D CLA RB . -15.19 -15.03 -1.03
CED CLA RB . -15.37 -15.60 -2.32
C1 CLA RB . -12.13 -13.09 4.31
C2 CLA RB . -12.06 -12.25 5.56
C3 CLA RB . -11.43 -11.07 5.53
C4 CLA RB . -10.77 -10.59 4.29
C5 CLA RB . -11.32 -10.18 6.73
C6 CLA RB . -12.47 -10.44 7.70
C7 CLA RB . -12.65 -9.23 8.63
C8 CLA RB . -13.03 -9.65 10.04
C9 CLA RB . -12.30 -10.91 10.47
C10 CLA RB . -14.53 -9.86 10.11
C11 CLA RB . -15.21 -8.66 10.74
C12 CLA RB . -16.18 -9.11 11.84
C13 CLA RB . -16.97 -7.94 12.38
C14 CLA RB . -16.16 -6.65 12.39
C15 CLA RB . -17.42 -8.29 13.80
C16 CLA RB . -18.67 -7.52 14.17
C17 CLA RB . -19.49 -8.37 15.13
C18 CLA RB . -20.41 -7.50 15.98
C19 CLA RB . -20.79 -8.26 17.25
C20 CLA RB . -19.75 -6.17 16.31
FE1 SF4 SB . -9.18 11.68 -14.55
FE2 SF4 SB . -9.21 9.73 -16.46
FE3 SF4 SB . -8.21 9.20 -13.97
FE4 SF4 SB . -6.83 10.84 -15.67
S1 SF4 SB . -7.27 8.61 -15.98
S2 SF4 SB . -7.24 11.20 -13.44
S3 SF4 SB . -8.56 11.90 -16.74
S4 SF4 SB . -10.37 9.73 -14.49
C1 BCR TB . 25.96 -2.00 -25.29
C2 BCR TB . 27.07 -2.25 -24.28
C3 BCR TB . 26.85 -3.51 -23.48
C4 BCR TB . 25.57 -3.35 -22.70
C5 BCR TB . 24.42 -3.02 -23.61
C6 BCR TB . 24.60 -2.29 -24.71
C7 BCR TB . 23.43 -1.77 -25.45
C8 BCR TB . 22.70 -0.73 -25.10
C9 BCR TB . 21.56 -0.23 -25.82
C10 BCR TB . 20.55 0.62 -25.23
C11 BCR TB . 19.95 1.91 -25.24
C33 BCR TB . 23.06 -3.58 -23.29
C31 BCR TB . 26.14 -2.89 -26.50
C32 BCR TB . 26.01 -0.56 -25.74
C34 BCR TB . 21.39 -0.61 -27.26
C12 BCR TB . 19.36 2.95 -25.25
C13 BCR TB . 19.16 4.28 -24.81
C14 BCR TB . 18.10 5.04 -25.19
C15 BCR TB . 18.09 6.34 -24.61
C16 BCR TB . 17.65 7.56 -24.25
C17 BCR TB . 18.38 8.37 -23.55
C18 BCR TB . 18.00 9.54 -22.99
C19 BCR TB . 16.69 10.16 -23.10
C20 BCR TB . 16.03 11.28 -22.90
C21 BCR TB . 14.98 12.23 -22.79
C22 BCR TB . 15.04 13.43 -22.18
C23 BCR TB . 13.83 14.26 -22.13
C24 BCR TB . 13.78 15.68 -21.70
C25 BCR TB . 12.46 16.33 -21.68
C26 BCR TB . 11.83 16.62 -22.80
C27 BCR TB . 10.32 16.67 -22.81
C28 BCR TB . 9.75 17.35 -21.58
C29 BCR TB . 10.79 17.77 -20.55
C30 BCR TB . 11.84 16.70 -20.34
C35 BCR TB . 20.16 4.87 -23.87
C36 BCR TB . 19.01 10.31 -22.20
C37 BCR TB . 16.29 13.91 -21.53
C38 BCR TB . 12.55 16.86 -24.09
C39 BCR TB . 11.24 15.46 -19.69
C40 BCR TB . 12.92 17.29 -19.45
MG CLA UB . -16.47 -3.03 5.83
CHA CLA UB . -17.99 -3.96 8.76
CHB CLA UB . -15.31 -0.14 7.29
CHC CLA UB . -14.89 -2.34 3.02
CHD CLA UB . -17.69 -5.96 4.32
NA CLA UB . -16.62 -2.12 7.84
C1A CLA UB . -17.28 -2.63 8.86
C2A CLA UB . -17.20 -1.74 10.07
C3A CLA UB . -16.37 -0.57 9.56
C4A CLA UB . -16.07 -0.95 8.15
CMA CLA UB . -16.84 0.86 9.83
CAA CLA UB . -16.41 -2.41 11.19
CBA CLA UB . -16.56 -1.66 12.51
CGA CLA UB . -15.70 -2.31 13.57
O1A CLA UB . -14.57 -2.65 13.30
O2A CLA UB . -16.21 -2.47 14.79
NB CLA UB . -15.28 -1.49 5.26
C1B CLA UB . -14.94 -0.38 5.95
C2B CLA UB . -14.14 0.48 5.13
C3B CLA UB . -14.05 -0.15 3.93
C4B CLA UB . -14.77 -1.40 4.03
CMB CLA UB . -13.59 1.81 5.55
CAB CLA UB . -13.37 0.22 2.67
CBB CLA UB . -12.17 1.13 2.63
NC CLA UB . -16.31 -3.99 3.98
C1C CLA UB . -15.58 -3.56 2.97
C2C CLA UB . -15.58 -4.44 1.81
C3C CLA UB . -16.37 -5.48 2.20
C4C CLA UB . -16.83 -5.18 3.55
CMC CLA UB . -14.84 -4.25 0.52
CAC CLA UB . -16.70 -6.68 1.36
CBC CLA UB . -17.85 -6.34 0.46
ND CLA UB . -17.55 -4.59 6.31
C1D CLA UB . -17.99 -5.70 5.67
C2D CLA UB . -18.78 -6.55 6.54
C3D CLA UB . -18.78 -5.86 7.74
C4D CLA UB . -18.04 -4.70 7.59
CMD CLA UB . -19.49 -7.85 6.34
CAD CLA UB . -19.26 -5.91 9.10
OBD CLA UB . -19.63 -6.94 9.64
CBD CLA UB . -18.69 -4.75 9.83
CGD CLA UB . -19.79 -3.93 10.43
O1D CLA UB . -20.79 -3.68 9.78
O2D CLA UB . -19.68 -3.48 11.66
CED CLA UB . -20.33 -4.25 12.66
C1 CLA UB . -15.48 -3.20 15.83
C2 CLA UB . -15.36 -4.70 15.80
C3 CLA UB . -15.62 -5.41 16.89
C4 CLA UB . -15.50 -6.91 16.89
C5 CLA UB . -16.05 -4.79 18.19
C6 CLA UB . -16.22 -5.85 19.26
C7 CLA UB . -17.41 -5.56 20.16
C8 CLA UB . -17.46 -6.62 21.25
C9 CLA UB . -17.98 -7.94 20.69
C10 CLA UB . -18.32 -6.11 22.40
C11 CLA UB . -17.74 -4.79 22.91
C12 CLA UB . -17.18 -4.96 24.32
C13 CLA UB . -15.87 -4.18 24.51
C14 CLA UB . -15.67 -3.11 23.44
C15 CLA UB . -14.70 -5.16 24.51
C16 CLA UB . -14.14 -5.34 25.91
C17 CLA UB . -13.91 -6.81 26.23
C18 CLA UB . -13.57 -7.00 27.70
C19 CLA UB . -13.20 -8.45 27.99
C20 CLA UB . -12.47 -6.05 28.12
C1 LMG VB . 15.06 58.55 -0.61
O1 LMG VB . 16.02 57.54 -0.30
C2 LMG VB . 13.92 57.94 -1.45
O2 LMG VB . 14.34 57.82 -2.81
C3 LMG VB . 12.64 58.75 -1.44
O3 LMG VB . 11.56 57.92 -1.86
C4 LMG VB . 12.34 59.31 -0.06
O4 LMG VB . 12.05 58.22 0.83
C5 LMG VB . 13.55 60.06 0.45
O5 LMG VB . 12.05 61.52 1.63
C6 LMG VB . 13.26 60.76 1.77
O6 LMG VB . 14.60 59.11 0.61
C7 LMG VB . 16.95 57.33 -1.35
C8 LMG VB . 17.99 56.31 -0.90
C9 LMG VB . 19.15 56.32 -1.87
O7 LMG VB . 18.46 56.71 0.39
C10 LMG VB . 18.21 55.77 1.30
O9 LMG VB . 17.37 55.98 2.16
C11 LMG VB . 18.96 54.47 1.28
C12 LMG VB . 20.03 54.49 2.37
C13 LMG VB . 20.77 53.16 2.42
C14 LMG VB . 19.85 52.03 2.84
C15 LMG VB . 19.25 52.29 4.22
C16 LMG VB . 18.80 50.98 4.86
C17 LMG VB . 19.95 49.99 4.90
C18 LMG VB . 19.53 48.75 5.65
C19 LMG VB . 20.40 47.82 6.03
C20 LMG VB . 21.89 47.94 5.76
C21 LMG VB . 22.56 48.90 6.71
C22 LMG VB . 22.41 48.77 8.03
C23 LMG VB . 23.07 49.73 8.98
C24 LMG VB . 22.73 49.33 10.39
C25 LMG VB . 23.64 49.42 11.37
C26 LMG VB . 23.28 49.01 12.77
C27 LMG VB . 24.51 49.14 13.66
O8 LMG VB . 18.75 55.80 -3.15
C28 LMG VB . 18.79 54.49 -3.38
O10 LMG VB . 19.10 53.74 -2.47
C29 LMG VB . 18.44 53.95 -4.74
C30 LMG VB . 18.67 52.45 -4.75
C31 LMG VB . 20.13 52.11 -5.05
C32 LMG VB . 20.32 50.60 -5.18
C33 LMG VB . 20.12 49.90 -3.85
C34 LMG VB . 20.44 48.42 -3.99
C35 LMG VB . 21.88 48.21 -4.43
C36 LMG VB . 22.05 46.78 -4.90
C37 LMG VB . 23.09 46.45 -5.64
C38 LMG VB . 23.28 45.03 -6.12
C39 LMG VB . 24.21 45.02 -7.31
C40 LMG VB . 24.29 43.95 -8.09
CA CA WB . -9.29 44.10 30.06
MG CLA XB . 16.66 7.25 -9.52
CHA CLA XB . 17.89 4.08 -9.18
CHB CLA XB . 19.55 8.20 -11.10
CHC CLA XB . 15.33 10.21 -9.97
CHD CLA XB . 13.76 6.26 -7.80
NA CLA XB . 18.54 6.26 -10.09
C1A CLA XB . 18.86 5.01 -9.82
C2A CLA XB . 20.25 4.66 -10.24
C3A CLA XB . 20.75 5.98 -10.79
C4A CLA XB . 19.57 6.88 -10.66
CMA CLA XB . 22.04 6.49 -10.21
CAA CLA XB . 20.20 3.66 -11.39
CBA CLA XB . 21.53 2.94 -11.52
CGA CLA XB . 22.34 3.53 -12.65
O1A CLA XB . 21.89 4.47 -13.26
O2A CLA XB . 23.51 3.00 -12.93
NB CLA XB . 17.33 8.94 -10.40
C1B CLA XB . 18.53 9.14 -11.01
C2B CLA XB . 18.59 10.46 -11.53
C3B CLA XB . 17.41 11.03 -11.19
C4B CLA XB . 16.61 10.05 -10.47
CMB CLA XB . 19.75 11.08 -12.27
CAB CLA XB . 16.96 12.39 -11.51
CBB CLA XB . 16.97 12.87 -12.94
NC CLA XB . 14.80 8.08 -9.05
C1C CLA XB . 14.50 9.35 -9.22
C2C CLA XB . 13.24 9.74 -8.56
C3C CLA XB . 12.81 8.58 -7.99
C4C CLA XB . 13.79 7.57 -8.30
CMC CLA XB . 12.59 11.09 -8.53
CAC CLA XB . 11.56 8.39 -7.16
CBC CLA XB . 11.93 8.60 -5.71
ND CLA XB . 15.95 5.67 -8.60
C1D CLA XB . 14.76 5.31 -8.07
C2D CLA XB . 14.68 3.89 -7.82
C3D CLA XB . 15.92 3.43 -8.24
C4D CLA XB . 16.65 4.50 -8.72
CMD CLA XB . 13.63 2.99 -7.25
CAD CLA XB . 16.69 2.22 -8.40
OBD CLA XB . 16.17 1.20 -8.79
CBD CLA XB . 18.02 2.60 -8.95
CGD CLA XB . 19.10 2.31 -7.98
O1D CLA XB . 19.07 2.75 -6.85
O2D CLA XB . 20.11 1.53 -8.33
CED CLA XB . 20.35 0.44 -7.47
C1 CLA XB . 24.28 3.44 -14.09
C2 CLA XB . 23.75 3.27 -15.49
C3 CLA XB . 24.56 2.88 -16.48
C4 CLA XB . 26.01 2.60 -16.22
C5 CLA XB . 24.09 2.70 -17.89
C6 CLA XB . 24.17 4.05 -18.59
C7 CLA XB . 23.68 3.97 -20.03
C8 CLA XB . 23.63 5.38 -20.61
C9 CLA XB . 22.69 6.25 -19.81
C10 CLA XB . 23.19 5.33 -22.07
C11 CLA XB . 23.92 4.25 -22.84
C12 CLA XB . 23.85 4.57 -24.32
C13 CLA XB . 24.11 3.32 -25.14
C14 CLA XB . 25.59 2.99 -25.12
C15 CLA XB . 23.63 3.56 -26.57
C16 CLA XB . 24.05 2.39 -27.46
C17 CLA XB . 23.38 2.51 -28.83
C18 CLA XB . 24.09 1.61 -29.83
C19 CLA XB . 25.45 2.17 -30.20
C20 CLA XB . 24.26 0.20 -29.28
MG CLA YB . 12.21 12.21 -13.37
CHA CLA YB . 12.08 15.52 -14.21
CHB CLA YB . 15.01 11.79 -15.28
CHC CLA YB . 12.43 9.13 -12.23
CHD CLA YB . 9.23 12.60 -11.55
NA CLA YB . 13.44 13.52 -14.62
C1A CLA YB . 13.21 14.79 -14.88
C2A CLA YB . 14.18 15.35 -15.86
C3A CLA YB . 15.04 14.13 -16.19
C4A CLA YB . 14.49 13.08 -15.32
CMA CLA YB . 15.21 13.79 -17.65
CAA CLA YB . 15.08 16.30 -15.10
CBA CLA YB . 15.91 17.16 -16.04
CGA CLA YB . 17.25 16.49 -16.23
O1A CLA YB . 17.74 15.89 -15.30
O2A CLA YB . 17.86 16.58 -17.40
NB CLA YB . 13.53 10.71 -13.69
C1B CLA YB . 14.60 10.70 -14.52
C2B CLA YB . 15.24 9.42 -14.51
C3B CLA YB . 14.49 8.67 -13.65
C4B CLA YB . 13.41 9.50 -13.14
CMB CLA YB . 16.45 9.01 -15.29
CAB CLA YB . 14.69 7.28 -13.24
CBB CLA YB . 16.06 6.84 -12.80
NC CLA YB . 11.05 11.07 -12.05
C1C CLA YB . 11.28 9.81 -11.78
C2C CLA YB . 10.23 9.21 -10.97
C3C CLA YB . 9.33 10.19 -10.76
C4C CLA YB . 9.85 11.36 -11.45
CMC CLA YB . 10.16 7.79 -10.47
CAC CLA YB . 8.05 10.07 -9.99
CBC CLA YB . 8.09 10.93 -8.75
ND CLA YB . 10.94 13.63 -12.91
C1D CLA YB . 9.78 13.71 -12.23
C2D CLA YB . 9.20 15.02 -12.29
C3D CLA YB . 10.10 15.74 -13.08
C4D CLA YB . 11.13 14.88 -13.44
CMD CLA YB . 7.94 15.60 -11.72
CAD CLA YB . 10.37 17.03 -13.65
OBD CLA YB . 9.74 18.04 -13.40
CBD CLA YB . 11.76 17.00 -14.16
CGD CLA YB . 11.88 17.65 -15.50
O1D CLA YB . 11.05 17.46 -16.34
O2D CLA YB . 12.91 18.43 -15.76
CED CLA YB . 12.60 19.67 -16.36
C1 CLA YB . 18.89 15.60 -17.74
C2 CLA YB . 18.56 14.16 -18.00
C3 CLA YB . 19.04 13.17 -17.23
C4 CLA YB . 19.92 13.47 -16.05
C5 CLA YB . 18.72 11.74 -17.49
C6 CLA YB . 20.01 10.98 -17.79
C7 CLA YB . 20.70 11.51 -19.04
C8 CLA YB . 21.58 10.44 -19.67
C9 CLA YB . 22.56 9.89 -18.65
C10 CLA YB . 22.31 11.04 -20.86
C11 CLA YB . 22.61 9.97 -21.90
C12 CLA YB . 22.42 10.51 -23.31
C13 CLA YB . 22.56 9.40 -24.34
C14 CLA YB . 23.85 9.58 -25.13
C15 CLA YB . 21.35 9.40 -25.27
C16 CLA YB . 21.69 8.83 -26.64
C17 CLA YB . 21.36 7.35 -26.72
C18 CLA YB . 21.02 6.96 -28.16
C19 CLA YB . 21.05 5.46 -28.35
C20 CLA YB . 19.66 7.52 -28.55
MG CLA ZB . 14.71 22.52 -27.89
CHA CLA ZB . 15.14 24.11 -24.85
CHB CLA ZB . 16.20 25.16 -29.52
CHC CLA ZB . 14.28 20.86 -30.69
CHD CLA ZB . 13.10 19.86 -26.15
NA CLA ZB . 15.58 24.45 -27.26
C1A CLA ZB . 15.67 24.91 -26.02
C2A CLA ZB . 16.30 26.27 -25.94
C3A CLA ZB . 16.62 26.56 -27.42
C4A CLA ZB . 16.12 25.33 -28.13
CMA CLA ZB . 16.34 27.95 -27.99
CAA CLA ZB . 17.59 26.25 -25.12
CBA CLA ZB . 18.43 25.01 -25.38
CGA CLA ZB . 18.11 23.94 -24.38
O1A CLA ZB . 18.34 24.12 -23.19
O2A CLA ZB . 17.62 22.80 -24.80
NB CLA ZB . 15.18 22.94 -29.83
C1B CLA ZB . 15.77 24.07 -30.32
C2B CLA ZB . 15.89 23.96 -31.75
C3B CLA ZB . 15.34 22.75 -32.07
C4B CLA ZB . 14.90 22.11 -30.82
CMB CLA ZB . 16.48 24.98 -32.70
CAB CLA ZB . 15.21 22.14 -33.41
CBB CLA ZB . 15.87 22.78 -34.59
NC CLA ZB . 13.82 20.66 -28.34
C1C CLA ZB . 13.79 20.15 -29.56
C2C CLA ZB . 13.21 18.80 -29.61
C3C CLA ZB . 12.89 18.53 -28.30
C4C CLA ZB . 13.27 19.69 -27.53
CMC CLA ZB . 13.04 17.93 -30.82
CAC CLA ZB . 12.27 17.27 -27.77
CBC CLA ZB . 13.31 16.47 -27.02
ND CLA ZB . 14.20 22.02 -26.04
C1D CLA ZB . 13.58 20.97 -25.42
C2D CLA ZB . 13.50 21.14 -23.98
C3D CLA ZB . 14.11 22.37 -23.78
C4D CLA ZB . 14.52 22.88 -25.01
CMD CLA ZB . 12.92 20.31 -22.87
CAD CLA ZB . 14.46 23.31 -22.73
OBD CLA ZB . 14.09 23.25 -21.58
CBD CLA ZB . 15.18 24.46 -23.38
CGD CLA ZB . 14.40 25.71 -23.14
O1D CLA ZB . 13.21 25.76 -23.38
O2D CLA ZB . 15.01 26.80 -22.66
CED CLA ZB . 14.46 27.33 -21.46
C1 CLA ZB . 18.40 22.06 -25.77
C2 CLA ZB . 18.60 22.59 -27.16
C3 CLA ZB . 18.79 21.69 -28.12
C4 CLA ZB . 18.80 20.24 -27.74
C5 CLA ZB . 19.00 22.07 -29.57
C6 CLA ZB . 19.98 21.13 -30.26
C7 CLA ZB . 19.67 21.04 -31.75
C8 CLA ZB . 20.79 20.33 -32.49
C9 CLA ZB . 20.55 20.22 -34.00
C10 CLA ZB . 21.00 18.96 -31.86
C11 CLA ZB . 22.42 18.89 -31.33
C12 CLA ZB . 23.41 18.58 -32.45
C13 CLA ZB . 24.64 19.41 -32.21
C14 CLA ZB . 25.36 18.94 -30.95
C15 CLA ZB . 24.16 20.85 -32.04
C16 CLA ZB . 25.24 21.71 -31.39
C17 CLA ZB . 26.21 22.20 -32.46
C18 CLA ZB . 26.21 23.72 -32.50
C19 CLA ZB . 27.15 24.29 -31.46
C20 CLA ZB . 26.55 24.23 -33.90
MG CLA AC . 18.76 -4.63 -6.81
CHA CLA AC . 17.32 -7.06 -8.76
CHB CLA AC . 16.17 -2.52 -7.47
CHC CLA AC . 20.11 -2.47 -4.73
CHD CLA AC . 21.46 -6.78 -6.23
NA CLA AC . 16.93 -4.75 -8.01
C1A CLA AC . 16.55 -5.77 -8.76
C2A CLA AC . 15.34 -5.47 -9.57
C3A CLA AC . 15.10 -4.03 -9.18
C4A CLA AC . 16.09 -3.73 -8.15
CMA CLA AC . 15.32 -3.19 -10.40
CAA CLA AC . 14.13 -6.26 -9.09
CBA CLA AC . 12.86 -5.56 -9.55
CGA CLA AC . 11.65 -6.31 -9.08
O1A CLA AC . 10.67 -5.69 -8.69
O2A CLA AC . 11.64 -7.62 -9.10
NB CLA AC . 18.23 -2.77 -6.20
C1B CLA AC . 17.11 -2.07 -6.54
C2B CLA AC . 17.09 -0.83 -5.83
C3B CLA AC . 18.23 -0.83 -5.07
C4B CLA AC . 18.92 -2.06 -5.32
CMB CLA AC . 16.02 0.20 -5.94
CAB CLA AC . 18.76 0.18 -4.12
CBB CLA AC . 18.16 1.54 -3.90
NC CLA AC . 20.48 -4.65 -5.62
C1C CLA AC . 20.87 -3.64 -4.86
C2C CLA AC . 22.15 -3.89 -4.20
C3C CLA AC . 22.50 -5.15 -4.62
C4C CLA AC . 21.45 -5.60 -5.51
CMC CLA AC . 22.89 -2.98 -3.27
CAC CLA AC . 23.72 -5.92 -4.25
CBC CLA AC . 24.79 -5.60 -5.26
ND CLA AC . 19.34 -6.44 -7.30
C1D CLA AC . 20.40 -7.22 -7.05
C2D CLA AC . 20.31 -8.49 -7.73
C3D CLA AC . 19.10 -8.42 -8.40
C4D CLA AC . 18.54 -7.18 -8.15
CMD CLA AC . 21.21 -9.69 -7.78
CAD CLA AC . 18.23 -9.15 -9.27
OBD CLA AC . 18.31 -10.33 -9.50
CBD CLA AC . 16.94 -8.40 -9.33
CGD CLA AC . 16.46 -8.34 -10.73
O1D CLA AC . 17.26 -8.27 -11.64
O2D CLA AC . 15.16 -8.36 -11.00
CED CLA AC . 14.62 -9.61 -11.42
C1 CLA AC . 10.76 -8.34 -8.20
C2 CLA AC . 11.13 -8.50 -6.74
C3 CLA AC . 11.29 -9.73 -6.28
C4 CLA AC . 11.10 -10.92 -7.17
C5 CLA AC . 11.65 -10.03 -4.85
C6 CLA AC . 12.83 -10.99 -4.87
C7 CLA AC . 13.58 -10.92 -3.56
C8 CLA AC . 12.95 -11.86 -2.56
C9 CLA AC . 13.55 -11.67 -1.17
C10 CLA AC . 13.17 -13.28 -3.06
C11 CLA AC . 12.24 -14.23 -2.32
C12 CLA AC . 11.09 -14.64 -3.23
C13 CLA AC . 10.34 -15.80 -2.63
C14 CLA AC . 10.77 -17.09 -3.30
C15 CLA AC . 8.86 -15.57 -2.86
C16 CLA AC . 8.28 -14.72 -1.74
C17 CLA AC . 7.13 -15.50 -1.13
C18 CLA AC . 6.03 -14.55 -0.71
C19 CLA AC . 4.69 -15.26 -0.79
C20 CLA AC . 6.29 -14.01 0.68
MG CLA BC . 5.56 -3.11 -39.97
CHA CLA BC . 3.52 -1.27 -42.02
CHB CLA BC . 4.82 -5.96 -41.71
CHC CLA BC . 7.67 -4.75 -38.04
CHD CLA BC . 6.28 -0.18 -38.14
NA CLA BC . 4.31 -3.58 -41.70
C1A CLA BC . 3.56 -2.72 -42.38
C2A CLA BC . 2.79 -3.39 -43.46
C3A CLA BC . 3.20 -4.85 -43.32
C4A CLA BC . 4.17 -4.82 -42.19
CMA CLA BC . 2.10 -5.91 -43.27
CAA CLA BC . 3.26 -2.86 -44.81
CBA CLA BC . 4.53 -3.54 -45.28
CGA CLA BC . 5.66 -2.54 -45.29
O1A CLA BC . 5.89 -1.91 -44.28
O2A CLA BC . 6.35 -2.42 -46.40
NB CLA BC . 6.16 -5.05 -39.90
C1B CLA BC . 5.75 -6.08 -40.67
C2B CLA BC . 6.38 -7.29 -40.26
C3B CLA BC . 7.18 -6.94 -39.21
C4B CLA BC . 7.02 -5.51 -39.00
CMB CLA BC . 6.16 -8.64 -40.88
CAB CLA BC . 8.08 -7.74 -38.35
CBB CLA BC . 8.01 -9.24 -38.25
NC CLA BC . 6.82 -2.54 -38.39
C1C CLA BC . 7.57 -3.38 -37.71
C2C CLA BC . 8.27 -2.74 -36.58
C3C CLA BC . 7.89 -1.44 -36.66
C4C CLA BC . 6.98 -1.32 -37.78
CMC CLA BC . 9.21 -3.39 -35.61
CAC CLA BC . 8.31 -0.32 -35.74
CBC CLA BC . 7.54 -0.43 -34.45
ND CLA BC . 5.10 -1.20 -39.98
C1D CLA BC . 5.40 -0.10 -39.25
C2D CLA BC . 4.73 1.09 -39.72
C3D CLA BC . 4.00 0.62 -40.81
C4D CLA BC . 4.24 -0.74 -40.95
CMD CLA BC . 4.74 2.51 -39.27
CAD CLA BC . 3.09 1.04 -41.83
OBD CLA BC . 2.83 2.20 -42.12
CBD CLA BC . 2.75 -0.15 -42.67
CGD CLA BC . 1.29 -0.44 -42.56
O1D CLA BC . 0.67 -0.12 -41.57
O2D CLA BC . 0.65 -1.06 -43.53
CED CLA BC . -0.32 -0.28 -44.22
C1 CLA BC . 7.77 -2.09 -46.36
C2 CLA BC . 8.27 -0.68 -46.17
C3 CLA BC . 9.57 -0.42 -46.22
C4 CLA BC . 10.11 0.98 -46.04
C5 CLA BC . 10.60 -1.50 -46.47
C6 CLA BC . 11.20 -1.92 -45.15
C7 CLA BC . 12.17 -3.08 -45.33
C8 CLA BC . 13.51 -2.78 -44.67
C9 CLA BC . 13.40 -2.83 -43.15
C10 CLA BC . 14.01 -1.41 -45.15
C11 CLA BC . 15.21 -1.55 -46.08
C12 CLA BC . 14.83 -1.28 -47.53
C13 CLA BC . 14.73 0.22 -47.80
C14 CLA BC . 13.36 0.58 -48.36
C15 CLA BC . 15.83 0.71 -48.75
C16 CLA BC . 16.89 -0.35 -49.03
C17 CLA BC . 18.21 0.01 -48.34
C18 CLA BC . 18.78 1.30 -48.88
C19 CLA BC . 20.00 1.75 -48.08
C20 CLA BC . 19.13 1.16 -50.36
MG CLA CC . -0.36 -13.28 -36.60
CHA CLA CC . -0.25 -16.60 -35.73
CHB CLA CC . 3.05 -13.22 -36.92
CHC CLA CC . -0.59 -10.16 -37.60
CHD CLA CC . -3.87 -13.38 -36.25
NA CLA CC . 1.25 -14.75 -36.37
C1A CLA CC . 1.10 -16.02 -35.99
C2A CLA CC . 2.41 -16.73 -35.89
C3A CLA CC . 3.40 -15.63 -36.25
C4A CLA CC . 2.54 -14.46 -36.55
CMA CLA CC . 4.59 -15.42 -35.34
CAA CLA CC . 2.43 -17.85 -36.92
CBA CLA CC . 3.40 -17.64 -38.07
CGA CLA CC . 4.78 -18.12 -37.72
O1A CLA CC . 5.70 -17.34 -37.77
O2A CLA CC . 4.97 -19.37 -37.36
NB CLA CC . 1.01 -11.91 -37.19
C1B CLA CC . 2.37 -12.06 -37.22
C2B CLA CC . 2.98 -10.82 -37.61
C3B CLA CC . 1.97 -9.94 -37.80
C4B CLA CC . 0.71 -10.65 -37.52
CMB CLA CC . 4.45 -10.57 -37.76
CAB CLA CC . 2.20 -8.54 -38.21
CBB CLA CC . 1.15 -7.65 -38.82
NC CLA CC . -1.98 -12.00 -36.94
C1C CLA CC . -1.84 -10.73 -37.24
C2C CLA CC . -3.10 -9.98 -37.15
C3C CLA CC . -4.01 -10.91 -36.78
C4C CLA CC . -3.31 -12.17 -36.64
CMC CLA CC . -3.30 -8.52 -37.44
CAC CLA CC . -5.49 -10.69 -36.54
CBC CLA CC . -5.74 -10.64 -35.04
ND CLA CC . -1.77 -14.57 -36.14
C1D CLA CC . -3.13 -14.55 -36.01
C2D CLA CC . -3.65 -15.83 -35.58
C3D CLA CC . -2.52 -16.62 -35.48
C4D CLA CC . -1.41 -15.86 -35.81
CMD CLA CC . -5.02 -16.35 -35.28
CAD CLA CC . -2.10 -17.95 -35.14
OBD CLA CC . -2.79 -18.82 -34.65
CBD CLA CC . -0.63 -18.03 -35.38
CGD CLA CC . 0.07 -18.47 -34.15
O1D CLA CC . 1.12 -19.09 -34.22
O2D CLA CC . -0.40 -18.22 -32.94
CED CLA CC . 0.60 -18.04 -31.94
C1 CLA CC . 5.24 -19.76 -35.98
C2 CLA CC . 4.20 -20.57 -35.27
C3 CLA CC . 4.53 -21.39 -34.25
C4 CLA CC . 5.95 -21.49 -33.79
C5 CLA CC . 3.53 -22.23 -33.53
C6 CLA CC . 2.20 -22.18 -34.27
C7 CLA CC . 2.09 -23.28 -35.31
C8 CLA CC . 0.75 -23.20 -36.01
C9 CLA CC . 0.64 -24.27 -37.08
C10 CLA CC . 0.55 -21.83 -36.63
C11 CLA CC . -0.70 -21.81 -37.49
C12 CLA CC . -0.91 -20.45 -38.13
C13 CLA CC . -2.38 -20.16 -38.31
C14 CLA CC . -3.05 -21.28 -39.07
C15 CLA CC . -2.52 -18.85 -39.07
C16 CLA CC . -3.76 -18.10 -38.63
C17 CLA CC . -4.85 -18.22 -39.68
C18 CLA CC . -5.14 -16.87 -40.32
C19 CLA CC . -6.28 -17.01 -41.31
C20 CLA CC . -5.49 -15.85 -39.25
MG CLA DC . 8.15 -12.43 -33.34
CHA CLA DC . 7.12 -9.26 -34.14
CHB CLA DC . 5.06 -13.16 -32.06
CHC CLA DC . 9.19 -15.50 -32.79
CHD CLA DC . 11.34 -11.65 -34.62
NA CLA DC . 6.27 -11.34 -33.13
C1A CLA DC . 6.06 -10.08 -33.48
C2A CLA DC . 4.68 -9.62 -33.14
C3A CLA DC . 4.10 -10.85 -32.46
C4A CLA DC . 5.17 -11.86 -32.57
CMA CLA DC . 3.58 -10.62 -31.06
CAA CLA DC . 3.93 -9.38 -34.43
CBA CLA DC . 2.46 -9.08 -34.16
CGA CLA DC . 2.36 -7.73 -33.49
O1A CLA DC . 2.89 -6.77 -34.02
O2A CLA DC . 1.69 -7.64 -32.37
NB CLA DC . 7.25 -14.08 -32.58
C1B CLA DC . 6.00 -14.19 -32.06
C2B CLA DC . 5.82 -15.51 -31.53
C3B CLA DC . 6.99 -16.16 -31.73
C4B CLA DC . 7.89 -15.23 -32.39
CMB CLA DC . 4.57 -16.04 -30.88
CAB CLA DC . 7.38 -17.53 -31.41
CBB CLA DC . 6.48 -18.68 -31.76
NC CLA DC . 9.95 -13.43 -33.73
C1C CLA DC . 10.19 -14.67 -33.34
C2C CLA DC . 11.58 -15.08 -33.56
C3C CLA DC . 12.16 -13.98 -34.12
C4C CLA DC . 11.14 -12.96 -34.21
CMC CLA DC . 12.19 -16.41 -33.24
CAC CLA DC . 13.60 -13.84 -34.54
CBC CLA DC . 14.38 -13.23 -33.40
ND CLA DC . 9.07 -10.93 -34.20
C1D CLA DC . 10.33 -10.67 -34.64
C2D CLA DC . 10.48 -9.29 -35.07
C3D CLA DC . 9.22 -8.76 -34.87
C4D CLA DC . 8.39 -9.75 -34.36
CMD CLA DC . 11.63 -8.50 -35.61
CAD CLA DC . 8.46 -7.54 -35.01
OBD CLA DC . 8.81 -6.59 -35.67
CBD CLA DC . 7.05 -7.85 -34.66
CGD CLA DC . 6.60 -6.95 -33.56
O1D CLA DC . 7.12 -6.98 -32.46
O2D CLA DC . 5.61 -6.09 -33.78
CED CLA DC . 5.92 -4.73 -33.49
C1 CLA DC . 1.92 -6.55 -31.43
C2 CLA DC . 3.18 -6.45 -30.63
C3 CLA DC . 3.13 -6.62 -29.31
C4 CLA DC . 1.85 -6.91 -28.61
C5 CLA DC . 4.35 -6.53 -28.44
C6 CLA DC . 5.06 -7.87 -28.49
C7 CLA DC . 5.14 -8.48 -27.10
C8 CLA DC . 6.54 -8.38 -26.49
C9 CLA DC . 7.56 -7.83 -27.47
C10 CLA DC . 6.98 -9.74 -25.94
C11 CLA DC . 6.24 -10.89 -26.59
C12 CLA DC . 7.13 -12.12 -26.69
C13 CLA DC . 6.80 -12.90 -27.95
C14 CLA DC . 6.31 -14.29 -27.61
C15 CLA DC . 8.05 -13.01 -28.81
C16 CLA DC . 8.46 -11.65 -29.33
C17 CLA DC . 9.89 -11.75 -29.82
C18 CLA DC . 10.23 -10.58 -30.72
C19 CLA DC . 9.72 -9.26 -30.14
C20 CLA DC . 11.73 -10.53 -30.94
MG CLA EC . 25.97 -10.08 -39.41
CHA CLA EC . 28.77 -8.27 -38.58
CHB CLA EC . 24.55 -9.35 -36.36
CHC CLA EC . 23.32 -11.78 -40.33
CHD CLA EC . 27.44 -10.81 -42.52
NA CLA EC . 26.58 -8.92 -37.64
C1A CLA EC . 27.73 -8.28 -37.50
C2A CLA EC . 27.88 -7.66 -36.15
C3A CLA EC . 26.56 -8.04 -35.47
C4A CLA EC . 25.84 -8.80 -36.52
CMA CLA EC . 26.72 -8.68 -34.11
CAA CLA EC . 28.02 -6.15 -36.23
CBA CLA EC . 26.71 -5.45 -36.53
CGA CLA EC . 26.66 -5.21 -38.02
O1A CLA EC . 27.59 -4.67 -38.58
O2A CLA EC . 25.59 -5.60 -38.68
NB CLA EC . 24.21 -10.50 -38.49
C1B CLA EC . 23.79 -10.11 -37.25
C2B CLA EC . 22.46 -10.61 -37.02
C3B CLA EC . 22.13 -11.30 -38.15
C4B CLA EC . 23.25 -11.21 -39.06
CMB CLA EC . 21.64 -10.41 -35.79
CAB CLA EC . 20.89 -12.02 -38.48
CBB CLA EC . 19.54 -11.42 -38.21
NC CLA EC . 25.42 -11.04 -41.18
C1C CLA EC . 24.32 -11.75 -41.32
C2C CLA EC . 24.25 -12.47 -42.60
C3C CLA EC . 25.42 -12.14 -43.23
C4C CLA EC . 26.14 -11.25 -42.33
CMC CLA EC . 23.15 -13.36 -43.09
CAC CLA EC . 25.88 -12.59 -44.59
CBC CLA EC . 26.46 -13.98 -44.49
ND CLA EC . 27.63 -9.71 -40.39
C1D CLA EC . 28.15 -10.02 -41.60
C2D CLA EC . 29.48 -9.45 -41.79
C3D CLA EC . 29.69 -8.77 -40.60
C4D CLA EC . 28.59 -8.92 -39.79
CMD CLA EC . 30.48 -9.48 -42.90
CAD CLA EC . 30.66 -7.96 -39.92
OBD CLA EC . 31.62 -7.43 -40.45
CBD CLA EC . 30.11 -7.60 -38.58
CGD CLA EC . 30.94 -8.25 -37.53
O1D CLA EC . 31.53 -9.29 -37.77
O2D CLA EC . 31.05 -7.71 -36.32
CED CLA EC . 32.26 -8.02 -35.63
C1 CLA EC . 25.73 -6.54 -39.77
C2 CLA EC . 26.46 -6.17 -41.03
C3 CLA EC . 26.04 -6.71 -42.18
C4 CLA EC . 26.71 -6.40 -43.48
C5 CLA EC . 24.86 -7.65 -42.21
C6 CLA EC . 24.23 -7.61 -43.59
C7 CLA EC . 23.52 -8.93 -43.87
C8 CLA EC . 22.13 -8.95 -43.24
C9 CLA EC . 21.29 -10.05 -43.88
C10 CLA EC . 21.47 -7.59 -43.42
C11 CLA EC . 19.99 -7.65 -43.08
C12 CLA EC . 19.36 -6.27 -43.16
C13 CLA EC . 17.85 -6.36 -43.32
C14 CLA EC . 17.37 -5.47 -44.46
C15 CLA EC . 17.18 -5.96 -42.01
C16 CLA EC . 16.60 -7.19 -41.31
C17 CLA EC . 15.50 -6.80 -40.33
C18 CLA EC . 15.92 -7.01 -38.87
C19 CLA EC . 17.32 -7.61 -38.73
C20 CLA EC . 15.81 -5.70 -38.09
MG CLA FC . 25.25 -10.55 -29.12
CHA CLA FC . 24.58 -13.89 -29.51
CHB CLA FC . 23.98 -9.88 -32.24
CHC CLA FC . 25.84 -7.37 -28.58
CHD CLA FC . 26.57 -11.26 -25.93
NA CLA FC . 24.36 -11.75 -30.73
C1A CLA FC . 24.22 -13.06 -30.70
C2A CLA FC . 23.57 -13.56 -31.94
C3A CLA FC . 23.45 -12.31 -32.79
C4A CLA FC . 23.94 -11.23 -31.90
CMA CLA FC . 24.02 -12.41 -34.19
CAA CLA FC . 22.15 -13.98 -31.54
CBA CLA FC . 21.28 -12.85 -30.97
CGA CLA FC . 21.60 -12.52 -29.52
O1A CLA FC . 21.44 -13.34 -28.65
O2A CLA FC . 22.07 -11.34 -29.20
NB CLA FC . 24.95 -8.87 -30.23
C1B CLA FC . 24.44 -8.78 -31.48
C2B CLA FC . 24.41 -7.40 -31.89
C3B CLA FC . 24.93 -6.71 -30.85
C4B CLA FC . 25.28 -7.66 -29.81
CMB CLA FC . 23.92 -6.84 -33.19
CAB CLA FC . 25.15 -5.25 -30.79
CBB CLA FC . 24.60 -4.45 -29.63
NC CLA FC . 26.03 -9.48 -27.50
C1C CLA FC . 26.21 -8.18 -27.50
C2C CLA FC . 26.82 -7.69 -26.25
C3C CLA FC . 26.99 -8.82 -25.50
C4C CLA FC . 26.51 -9.92 -26.29
CMC CLA FC . 27.14 -6.28 -25.89
CAC CLA FC . 27.57 -8.90 -24.12
CBC CLA FC . 26.45 -9.00 -23.13
ND CLA FC . 25.59 -12.10 -27.97
C1D CLA FC . 26.04 -12.30 -26.71
C2D CLA FC . 25.92 -13.69 -26.31
C3D CLA FC . 25.35 -14.29 -27.40
C4D CLA FC . 25.17 -13.34 -28.38
CMD CLA FC . 26.26 -14.44 -25.05
CAD CLA FC . 24.90 -15.57 -27.88
OBD CLA FC . 24.58 -16.49 -27.15
CBD CLA FC . 24.27 -15.34 -29.22
CGD CLA FC . 24.85 -16.31 -30.19
O1D CLA FC . 24.55 -17.49 -30.13
O2D CLA FC . 25.68 -15.93 -31.15
CED CLA FC . 25.64 -16.75 -32.31
C1 CLA FC . 22.07 -10.93 -27.81
C2 CLA FC . 22.25 -9.47 -27.47
C3 CLA FC . 22.60 -9.10 -26.23
C4 CLA FC . 22.79 -10.11 -25.15
C5 CLA FC . 22.80 -7.68 -25.84
C6 CLA FC . 21.46 -6.96 -25.81
C7 CLA FC . 21.59 -5.55 -26.37
C8 CLA FC . 21.42 -5.57 -27.87
C9 CLA FC . 21.16 -4.16 -28.38
C10 CLA FC . 20.25 -6.46 -28.24
C11 CLA FC . 20.21 -6.70 -29.74
C12 CLA FC . 19.83 -8.15 -30.01
C13 CLA FC . 19.76 -8.47 -31.49
C14 CLA FC . 19.61 -7.22 -32.34
C15 CLA FC . 18.60 -9.41 -31.73
C16 CLA FC . 18.67 -9.94 -33.15
C17 CLA FC . 17.36 -10.58 -33.57
C18 CLA FC . 16.60 -9.67 -34.52
C19 CLA FC . 16.78 -10.12 -35.97
C20 CLA FC . 15.14 -9.62 -34.15
MG CLA GC . 29.79 -1.43 -26.77
CHA CLA GC . 29.49 -3.82 -29.21
CHB CLA GC . 28.92 1.02 -28.99
CHC CLA GC . 29.96 0.76 -24.30
CHD CLA GC . 30.74 -3.94 -24.50
NA CLA GC . 29.25 -1.38 -28.91
C1A CLA GC . 29.21 -2.44 -29.71
C2A CLA GC . 28.90 -2.05 -31.12
C3A CLA GC . 28.75 -0.54 -31.01
C4A CLA GC . 28.97 -0.26 -29.57
CMA CLA GC . 29.53 0.30 -32.01
CAA CLA GC . 27.57 -2.64 -31.57
CBA CLA GC . 27.45 -2.43 -33.07
CGA CLA GC . 26.06 -2.75 -33.53
O1A CLA GC . 25.65 -3.90 -33.41
O2A CLA GC . 25.32 -1.81 -34.07
NB CLA GC . 29.48 0.58 -26.67
C1B CLA GC . 29.13 1.41 -27.67
C2B CLA GC . 29.04 2.76 -27.16
C3B CLA GC . 29.35 2.67 -25.83
C4B CLA GC . 29.61 1.27 -25.54
CMB CLA GC . 28.68 3.95 -27.96
CAB CLA GC . 29.41 3.71 -24.78
CBB CLA GC . 29.42 5.20 -25.07
NC CLA GC . 30.23 -1.57 -24.73
C1C CLA GC . 30.27 -0.55 -23.90
C2C CLA GC . 30.68 -0.93 -22.54
C3C CLA GC . 30.87 -2.27 -22.61
C4C CLA GC . 30.61 -2.66 -23.98
CMC CLA GC . 30.81 -0.01 -21.35
CAC CLA GC . 31.30 -3.19 -21.51
CBC CLA GC . 32.79 -3.41 -21.61
ND CLA GC . 30.10 -3.37 -26.75
C1D CLA GC . 30.43 -4.29 -25.83
C2D CLA GC . 30.44 -5.63 -26.36
C3D CLA GC . 30.07 -5.44 -27.69
C4D CLA GC . 29.88 -4.08 -27.91
CMD CLA GC . 30.73 -6.98 -25.78
CAD CLA GC . 29.82 -6.14 -28.92
OBD CLA GC . 29.55 -7.32 -28.99
CBD CLA GC . 29.37 -5.14 -29.93
CGD CLA GC . 30.27 -5.19 -31.12
O1D CLA GC . 31.48 -5.13 -31.00
O2D CLA GC . 29.74 -5.32 -32.33
CED CLA GC . 30.00 -6.57 -32.95
C1 CLA GC . 24.16 -1.29 -33.35
C2 CLA GC . 23.09 -2.23 -32.82
C3 CLA GC . 22.04 -1.72 -32.18
C4 CLA GC . 21.88 -0.24 -32.00
C5 CLA GC . 20.94 -2.58 -31.61
C6 CLA GC . 19.58 -1.92 -31.86
C7 CLA GC . 18.97 -1.45 -30.55
C8 CLA GC . 18.24 -0.13 -30.80
C9 CLA GC . 18.47 0.85 -29.65
C10 CLA GC . 16.76 -0.43 -30.98
C11 CLA GC . 16.22 0.19 -32.24
C12 CLA GC . 14.73 0.44 -32.14
C13 CLA GC . 14.19 1.03 -33.43
C14 CLA GC . 14.06 -0.04 -34.50
C15 CLA GC . 15.09 2.19 -33.84
C16 CLA GC . 15.46 2.16 -35.32
C17 CLA GC . 15.93 3.54 -35.78
C18 CLA GC . 16.79 3.45 -37.03
C19 CLA GC . 17.50 2.11 -37.14
C20 CLA GC . 15.95 3.71 -38.28
MG CLA HC . 1.07 -21.17 -52.43
CHA CLA HC . -1.07 -21.19 -55.13
CHB CLA HC . -1.56 -21.69 -50.30
CHC CLA HC . 3.22 -21.28 -49.94
CHD CLA HC . 3.75 -20.60 -54.65
NA CLA HC . -1.10 -21.44 -52.66
C1A CLA HC . -1.76 -21.38 -53.80
C2A CLA HC . -3.23 -21.52 -53.61
C3A CLA HC . -3.36 -21.63 -52.11
C4A CLA HC . -1.94 -21.60 -51.64
CMA CLA HC . -4.29 -20.60 -51.51
CAA CLA HC . -3.71 -22.84 -54.19
CBA CLA HC . -2.66 -23.92 -54.01
CGA CLA HC . -3.39 -25.23 -53.81
O1A CLA HC . -4.45 -25.43 -54.37
O2A CLA HC . -2.84 -26.12 -53.03
NB CLA HC . 0.87 -21.46 -50.43
C1B CLA HC . -0.28 -21.66 -49.73
C2B CLA HC . 0.01 -21.79 -48.34
C3B CLA HC . 1.35 -21.67 -48.22
C4B CLA HC . 1.90 -21.45 -49.56
CMB CLA HC . -0.98 -22.01 -47.22
CAB CLA HC . 2.05 -21.76 -46.93
CBB CLA HC . 3.50 -21.40 -46.70
NC CLA HC . 3.15 -21.00 -52.31
C1C CLA HC . 3.84 -21.06 -51.19
C2C CLA HC . 5.29 -20.89 -51.40
C3C CLA HC . 5.42 -20.71 -52.74
C4C CLA HC . 4.08 -20.77 -53.31
CMC CLA HC . 6.36 -20.93 -50.34
CAC CLA HC . 6.69 -20.48 -53.51
CBC CLA HC . 6.91 -19.01 -53.71
ND CLA HC . 1.37 -20.96 -54.36
C1D CLA HC . 2.44 -20.71 -55.17
C2D CLA HC . 2.05 -20.59 -56.56
C3D CLA HC . 0.67 -20.78 -56.53
C4D CLA HC . 0.29 -20.99 -55.21
CMD CLA HC . 2.78 -20.33 -57.84
CAD CLA HC . -0.50 -20.82 -57.38
OBD CLA HC . -0.58 -20.29 -58.47
CBD CLA HC . -1.67 -21.15 -56.51
CGD CLA HC . -2.69 -20.06 -56.59
O1D CLA HC . -2.44 -18.94 -56.18
O2D CLA HC . -3.87 -20.28 -57.12
CED CLA HC . -4.29 -19.33 -58.09
C1 CLA HC . -2.05 -27.22 -53.58
C2 CLA HC . -2.65 -28.58 -53.80
C3 CLA HC . -1.86 -29.66 -53.84
C4 CLA HC . -2.42 -31.03 -54.05
C5 CLA HC . -0.36 -29.58 -53.67
C6 CLA HC . 0.27 -29.38 -55.05
C7 CLA HC . 1.70 -29.87 -55.07
C8 CLA HC . 2.66 -28.72 -55.32
C9 CLA HC . 3.55 -29.00 -56.53
C10 CLA HC . 3.46 -28.45 -54.05
C11 CLA HC . 4.96 -28.62 -54.22
C12 CLA HC . 5.70 -27.86 -53.12
C13 CLA HC . 7.05 -28.45 -52.79
C14 CLA HC . 7.09 -29.97 -53.03
C15 CLA HC . 7.41 -28.15 -51.33
MG CLA IC . -3.58 -31.10 -50.22
CHA CLA IC . -5.75 -28.51 -50.86
CHB CLA IC . -6.12 -33.37 -50.60
CHC CLA IC . -1.39 -33.51 -49.75
CHD CLA IC . -0.99 -28.75 -49.81
NA CLA IC . -5.72 -30.98 -50.69
C1A CLA IC . -6.40 -29.86 -50.90
C2A CLA IC . -7.85 -30.11 -51.15
C3A CLA IC . -7.93 -31.63 -51.05
C4A CLA IC . -6.53 -32.05 -50.77
CMA CLA IC . -9.04 -32.22 -50.18
CAA CLA IC . -8.19 -29.72 -52.58
CBA CLA IC . -7.01 -30.01 -53.49
CGA CLA IC . -7.12 -29.12 -54.71
O1A CLA IC . -6.13 -28.93 -55.39
O2A CLA IC . -8.28 -28.58 -54.98
NB CLA IC . -3.74 -33.12 -50.19
C1B CLA IC . -4.85 -33.89 -50.34
C2B CLA IC . -4.51 -35.28 -50.17
C3B CLA IC . -3.16 -35.30 -49.93
C4B CLA IC . -2.70 -33.92 -49.94
CMB CLA IC . -5.48 -36.42 -50.27
CAB CLA IC . -2.22 -36.41 -49.69
CBB CLA IC . -2.65 -37.83 -49.42
NC CLA IC . -1.52 -31.12 -49.89
C1C CLA IC . -0.82 -32.23 -49.67
C2C CLA IC . 0.59 -31.95 -49.36
C3C CLA IC . 0.69 -30.60 -49.41
C4C CLA IC . -0.63 -30.09 -49.73
CMC CLA IC . 1.66 -32.96 -49.07
CAC CLA IC . 1.93 -29.79 -49.16
CBC CLA IC . 2.53 -29.40 -50.48
ND CLA IC . -3.32 -29.16 -50.31
C1D CLA IC . -2.29 -28.30 -50.11
C2D CLA IC . -2.71 -26.91 -50.20
C3D CLA IC . -4.06 -27.01 -50.51
C4D CLA IC . -4.40 -28.35 -50.58
CMD CLA IC . -2.00 -25.60 -50.06
CAD CLA IC . -5.22 -26.22 -50.78
OBD CLA IC . -5.32 -25.02 -50.62
CBD CLA IC . -6.36 -27.15 -51.05
CGD CLA IC . -7.43 -26.95 -50.03
O1D CLA IC . -7.31 -27.38 -48.91
O2D CLA IC . -8.54 -26.29 -50.33
CED CLA IC . -8.97 -25.35 -49.35
C1 CLA IC . -8.78 -28.57 -56.35
MG CLA JC . -0.72 -24.16 -44.33
CHA CLA JC . 0.24 -21.39 -42.55
CHB CLA JC . 2.33 -25.64 -43.69
CHC CLA JC . -1.77 -26.80 -45.90
CHD CLA JC . -3.84 -22.63 -44.92
NA CLA JC . 1.10 -23.60 -43.22
C1A CLA JC . 1.31 -22.45 -42.59
C2A CLA JC . 2.65 -22.36 -41.97
C3A CLA JC . 3.29 -23.70 -42.37
C4A CLA JC . 2.20 -24.37 -43.13
CMA CLA JC . 4.67 -23.69 -42.97
CAA CLA JC . 2.45 -22.41 -40.48
CBA CLA JC . 3.32 -21.41 -39.72
CGA CLA JC . 4.61 -22.10 -39.37
O1A CLA JC . 5.43 -22.25 -40.25
O2A CLA JC . 4.83 -22.51 -38.14
NB CLA JC . 0.14 -25.94 -44.72
C1B CLA JC . 1.40 -26.38 -44.42
C2B CLA JC . 1.61 -27.68 -44.96
C3B CLA JC . 0.45 -28.01 -45.59
C4B CLA JC . -0.46 -26.89 -45.42
CMB CLA JC . 2.87 -28.48 -44.83
CAB CLA JC . 0.10 -29.24 -46.32
CBB CLA JC . 0.56 -30.60 -45.85
NC CLA JC . -2.53 -24.64 -45.24
C1C CLA JC . -2.73 -25.79 -45.86
C2C CLA JC . -4.06 -25.88 -46.48
C3C CLA JC . -4.66 -24.69 -46.19
C4C CLA JC . -3.69 -23.92 -45.42
CMC CLA JC . -4.61 -27.03 -47.25
CAC CLA JC . -6.04 -24.30 -46.64
CBC CLA JC . -7.06 -24.39 -45.54
ND CLA JC . -1.67 -22.49 -43.88
C1D CLA JC . -2.86 -21.93 -44.18
C2D CLA JC . -2.97 -20.58 -43.64
C3D CLA JC . -1.75 -20.39 -43.00
C4D CLA JC . -0.99 -21.54 -43.16
CMD CLA JC . -4.03 -19.52 -43.66
CAD CLA JC . -1.00 -19.43 -42.24
OBD CLA JC . -1.21 -18.23 -42.23
CBD CLA JC . 0.33 -20.03 -41.94
CGD CLA JC . 1.32 -19.33 -42.80
O1D CLA JC . 1.19 -19.36 -44.00
O2D CLA JC . 2.36 -18.69 -42.30
CED CLA JC . 3.20 -18.14 -43.32
C1 CLA JC . 5.57 -23.75 -37.94
C2 CLA JC . 4.94 -24.97 -37.33
C3 CLA JC . 5.68 -26.06 -37.03
C4 CLA JC . 7.14 -26.12 -37.31
C5 CLA JC . 5.09 -27.30 -36.42
C6 CLA JC . 4.71 -26.96 -35.00
C7 CLA JC . 5.82 -27.35 -34.01
C8 CLA JC . 5.26 -27.28 -32.61
C9 CLA JC . 4.52 -25.97 -32.38
C10 CLA JC . 6.37 -27.41 -31.57
C11 CLA JC . 7.55 -28.21 -32.08
C12 CLA JC . 8.33 -28.73 -30.89
C13 CLA JC . 9.72 -29.16 -31.29
C14 CLA JC . 10.52 -29.48 -30.03
C15 CLA JC . 10.39 -28.05 -32.07
C16 CLA JC . 11.89 -28.25 -32.07
C17 CLA JC . 12.61 -26.97 -31.64
C18 CLA JC . 14.09 -27.02 -31.98
C19 CLA JC . 14.32 -27.67 -33.33
C20 CLA JC . 14.68 -25.63 -31.98
MG CLA KC . 18.63 -33.50 -42.90
CHA CLA KC . 21.92 -32.61 -43.33
CHB CLA KC . 18.10 -30.73 -40.95
CHC CLA KC . 15.46 -34.32 -42.72
CHD CLA KC . 19.21 -36.36 -44.86
NA CLA KC . 19.86 -31.84 -42.20
C1A CLA KC . 21.15 -31.67 -42.45
C2A CLA KC . 21.72 -30.49 -41.76
C3A CLA KC . 20.51 -29.96 -41.00
C4A CLA KC . 19.41 -30.86 -41.40
CMA CLA KC . 20.69 -29.69 -39.53
CAA CLA KC . 22.10 -29.43 -42.79
CBA CLA KC . 21.09 -29.45 -43.92
CGA CLA KC . 21.37 -28.32 -44.88
O1A CLA KC . 21.29 -27.17 -44.49
O2A CLA KC . 21.72 -28.61 -46.12
NB CLA KC . 17.02 -32.65 -41.99
C1B CLA KC . 16.99 -31.53 -41.22
C2B CLA KC . 15.67 -31.31 -40.73
C3B CLA KC . 14.92 -32.34 -41.23
C4B CLA KC . 15.80 -33.17 -42.03
CMB CLA KC . 15.27 -30.15 -39.85
CAB CLA KC . 13.49 -32.63 -41.06
CBB CLA KC . 12.67 -32.15 -39.89
NC CLA KC . 17.51 -35.06 -43.71
C1C CLA KC . 16.23 -35.23 -43.47
C2C CLA KC . 15.70 -36.45 -44.10
C3C CLA KC . 16.78 -37.01 -44.73
C4C CLA KC . 17.90 -36.13 -44.46
CMC CLA KC . 14.29 -36.95 -44.04
CAC CLA KC . 16.84 -38.26 -45.53
CBC CLA KC . 17.04 -39.41 -44.57
ND CLA KC . 20.11 -34.35 -43.87
C1D CLA KC . 20.27 -35.47 -44.62
C2D CLA KC . 21.64 -35.61 -45.08
C3D CLA KC . 22.27 -34.49 -44.56
C4D CLA KC . 21.34 -33.75 -43.84
CMD CLA KC . 22.37 -36.63 -45.89
CAD CLA KC . 23.54 -33.82 -44.51
OBD CLA KC . 24.47 -34.05 -45.26
CBD CLA KC . 23.32 -32.50 -43.84
CGD CLA KC . 24.34 -32.29 -42.77
O1D CLA KC . 25.03 -31.30 -42.79
O2D CLA KC . 24.49 -33.15 -41.78
CED CLA KC . 24.97 -32.59 -40.57
C1 CLA KC . 20.80 -28.28 -47.22
C2 CLA KC . 19.53 -29.04 -47.46
C3 CLA KC . 19.18 -29.37 -48.71
C4 CLA KC . 20.03 -28.99 -49.87
C5 CLA KC . 17.92 -30.14 -49.03
C6 CLA KC . 16.72 -29.44 -48.41
C7 CLA KC . 15.58 -29.35 -49.40
C8 CLA KC . 14.26 -29.71 -48.74
C9 CLA KC . 13.72 -31.02 -49.31
C10 CLA KC . 13.27 -28.57 -48.94
C11 CLA KC . 12.52 -28.29 -47.64
C12 CLA KC . 12.17 -26.81 -47.56
C13 CLA KC . 10.84 -26.61 -46.84
C14 CLA KC . 9.68 -27.03 -47.72
C15 CLA KC . 10.75 -25.14 -46.42
C16 CLA KC . 9.34 -24.58 -46.50
C17 CLA KC . 9.33 -23.22 -47.16
C18 CLA KC . 8.58 -22.20 -46.31
C19 CLA KC . 9.19 -20.81 -46.46
C20 CLA KC . 7.11 -22.16 -46.69
MG CLA LC . 15.11 -43.90 -44.52
CHA CLA LC . 17.00 -46.00 -46.48
CHB CLA LC . 14.78 -41.69 -47.13
CHC CLA LC . 13.18 -42.07 -42.60
CHD CLA LC . 15.50 -46.16 -41.83
NA CLA LC . 15.81 -43.84 -46.60
C1A CLA LC . 16.56 -44.75 -47.19
C2A CLA LC . 16.89 -44.39 -48.61
C3A CLA LC . 16.18 -43.04 -48.76
C4A CLA LC . 15.55 -42.83 -47.44
CMA CLA LC . 16.93 -41.88 -49.41
CAA CLA LC . 16.22 -45.38 -49.55
CBA CLA LC . 14.72 -45.41 -49.31
CGA CLA LC . 14.08 -46.44 -50.21
O1A CLA LC . 14.25 -46.36 -51.41
O2A CLA LC . 13.36 -47.40 -49.66
NB CLA LC . 14.12 -42.16 -44.82
C1B CLA LC . 14.13 -41.38 -45.93
C2B CLA LC . 13.34 -40.20 -45.69
C3B CLA LC . 12.90 -40.31 -44.40
C4B CLA LC . 13.41 -41.56 -43.88
CMB CLA LC . 13.09 -39.09 -46.68
CAB CLA LC . 12.05 -39.40 -43.62
CBB CLA LC . 10.84 -38.72 -44.21
NC CLA LC . 14.40 -44.12 -42.56
C1C CLA LC . 13.65 -43.22 -41.96
C2C CLA LC . 13.35 -43.57 -40.56
C3C CLA LC . 13.98 -44.75 -40.36
C4C CLA LC . 14.64 -45.09 -41.62
CMC CLA LC . 12.51 -42.77 -39.59
CAC CLA LC . 13.99 -45.55 -39.10
CBC CLA LC . 13.00 -46.68 -39.24
ND CLA LC . 15.98 -45.64 -44.14
C1D CLA LC . 16.10 -46.46 -43.07
C2D CLA LC . 16.91 -47.62 -43.38
C3D CLA LC . 17.25 -47.44 -44.71
C4D CLA LC . 16.70 -46.25 -45.15
CMD CLA LC . 17.34 -48.81 -42.57
CAD CLA LC . 17.99 -48.03 -45.80
OBD CLA LC . 18.46 -49.14 -45.82
CBD CLA LC . 17.79 -47.17 -47.01
CGD CLA LC . 19.14 -46.75 -47.49
O1D CLA LC . 19.80 -47.51 -48.18
O2D CLA LC . 19.64 -45.56 -47.19
CED CLA LC . 20.48 -44.99 -48.18
C1 CLA LC . 12.14 -47.89 -50.30
C2 CLA LC . 10.85 -47.12 -50.29
C3 CLA LC . 9.68 -47.78 -50.28
C4 CLA LC . 9.65 -49.28 -50.27
C5 CLA LC . 8.34 -47.10 -50.27
C6 CLA LC . 7.97 -46.73 -48.83
C7 CLA LC . 6.46 -46.55 -48.71
C8 CLA LC . 6.10 -45.09 -48.48
C9 CLA LC . 5.68 -44.84 -47.03
C10 CLA LC . 4.97 -44.69 -49.43
MG CLA MC . 7.65 -48.82 -31.50
CHA CLA MC . 9.12 -50.87 -29.18
CHB CLA MC . 9.86 -49.89 -33.90
CHC CLA MC . 6.09 -46.90 -33.67
CHD CLA MC . 5.38 -47.76 -29.03
NA CLA MC . 9.33 -50.24 -31.56
C1A CLA MC . 9.77 -50.94 -30.52
C2A CLA MC . 10.95 -51.80 -30.89
C3A CLA MC . 11.16 -51.47 -32.38
C4A CLA MC . 10.07 -50.48 -32.66
CMA CLA MC . 12.55 -51.18 -32.89
CAA CLA MC . 10.60 -53.26 -30.67
CBA CLA MC . 9.75 -53.85 -31.78
CGA CLA MC . 8.32 -53.35 -31.76
O1A CLA MC . 7.78 -53.22 -32.83
O2A CLA MC . 7.69 -53.08 -30.63
NB CLA MC . 7.92 -48.46 -33.47
C1B CLA MC . 8.88 -48.96 -34.30
C2B CLA MC . 8.73 -48.43 -35.61
C3B CLA MC . 7.67 -47.58 -35.53
C4B CLA MC . 7.17 -47.61 -34.17
CMB CLA MC . 9.59 -48.74 -36.80
CAB CLA MC . 7.06 -46.75 -36.58
CBB CLA MC . 6.74 -47.33 -37.94
NC CLA MC . 5.96 -47.57 -31.38
C1C CLA MC . 5.51 -46.85 -32.39
C2C CLA MC . 4.35 -46.01 -32.00
C3C CLA MC . 4.16 -46.28 -30.69
C4C CLA MC . 5.18 -47.25 -30.30
CMC CLA MC . 3.58 -45.07 -32.87
CAC CLA MC . 3.10 -45.68 -29.80
CBC CLA MC . 1.98 -46.69 -29.60
ND CLA MC . 7.25 -49.16 -29.60
C1D CLA MC . 6.36 -48.70 -28.69
C2D CLA MC . 6.60 -49.28 -27.38
C3D CLA MC . 7.68 -50.12 -27.58
C4D CLA MC . 8.06 -50.04 -28.92
CMD CLA MC . 5.94 -49.11 -26.03
CAD CLA MC . 8.55 -51.04 -26.90
OBD CLA MC . 8.31 -51.56 -25.83
CBD CLA MC . 9.46 -51.62 -27.92
CGD CLA MC . 10.88 -51.35 -27.58
O1D CLA MC . 11.23 -50.23 -27.25
O2D CLA MC . 11.79 -52.30 -27.65
CED CLA MC . 12.69 -52.35 -26.56
C1 CLA MC . 6.27 -52.74 -30.63
C2 CLA MC . 5.73 -51.65 -31.51
C3 CLA MC . 4.54 -51.07 -31.34
C4 CLA MC . 3.61 -51.45 -30.23
C5 CLA MC . 4.08 -49.96 -32.25
C6 CLA MC . 2.76 -50.29 -32.94
C7 CLA MC . 2.36 -49.09 -33.80
C8 CLA MC . 1.13 -49.40 -34.63
C9 CLA MC . 1.53 -50.09 -35.92
C10 CLA MC . 0.40 -48.09 -34.92
C11 CLA MC . -0.37 -47.63 -33.70
C12 CLA MC . -1.79 -48.20 -33.69
C13 CLA MC . -2.65 -47.51 -32.66
C14 CLA MC . -2.45 -46.00 -32.69
C15 CLA MC . -2.32 -48.07 -31.28
MG CLA NC . 8.12 -39.84 -25.98
CHA CLA NC . 9.52 -37.33 -24.10
CHB CLA NC . 11.14 -41.51 -26.03
CHC CLA NC . 6.67 -42.25 -27.64
CHD CLA NC . 5.07 -38.11 -25.93
NA CLA NC . 10.13 -39.48 -25.15
C1A CLA NC . 10.51 -38.41 -24.45
C2A CLA NC . 11.95 -38.44 -24.09
C3A CLA NC . 12.42 -39.75 -24.73
C4A CLA NC . 11.18 -40.29 -25.34
CMA CLA NC . 13.68 -39.74 -25.56
CAA CLA NC . 12.15 -38.54 -22.58
CBA CLA NC . 11.56 -39.83 -22.03
CGA CLA NC . 12.59 -40.54 -21.19
O1A CLA NC . 13.41 -39.88 -20.59
O2A CLA NC . 12.58 -41.86 -21.12
NB CLA NC . 8.79 -41.60 -26.70
C1B CLA NC . 10.05 -42.12 -26.65
C2B CLA NC . 10.08 -43.37 -27.34
C3B CLA NC . 8.81 -43.56 -27.80
C4B CLA NC . 8.02 -42.44 -27.38
CMB CLA NC . 11.27 -44.26 -27.51
CAB CLA NC . 8.29 -44.70 -28.56
CBB CLA NC . 8.14 -46.01 -27.85
NC CLA NC . 6.17 -40.15 -26.63
C1C CLA NC . 5.79 -41.20 -27.33
C2C CLA NC . 4.38 -41.14 -27.74
C3C CLA NC . 3.93 -39.97 -27.22
C4C CLA NC . 5.05 -39.35 -26.53
CMC CLA NC . 3.63 -42.17 -28.53
CAC CLA NC . 2.54 -39.40 -27.33
CBC CLA NC . 1.81 -39.63 -26.02
ND CLA NC . 7.37 -38.18 -25.23
C1D CLA NC . 6.18 -37.54 -25.26
C2D CLA NC . 6.23 -36.27 -24.58
C3D CLA NC . 7.53 -36.20 -24.13
C4D CLA NC . 8.20 -37.34 -24.53
CMD CLA NC . 5.23 -35.18 -24.31
CAD CLA NC . 8.44 -35.36 -23.39
OBD CLA NC . 8.30 -34.17 -23.19
CBD CLA NC . 9.72 -36.11 -23.24
CGD CLA NC . 10.84 -35.30 -23.79
O1D CLA NC . 10.88 -35.04 -24.97
O2D CLA NC . 11.79 -34.84 -23.00
CED CLA NC . 12.24 -33.53 -23.30
C1 CLA NC . 11.34 -42.60 -20.90
C2 CLA NC . 10.36 -42.16 -19.83
C3 CLA NC . 9.18 -42.77 -19.73
C4 CLA NC . 8.19 -42.35 -18.69
C5 CLA NC . 8.78 -43.90 -20.63
C6 CLA NC . 7.60 -43.43 -21.48
C7 CLA NC . 7.98 -42.22 -22.32
C8 CLA NC . 6.90 -41.89 -23.33
C9 CLA NC . 5.71 -41.25 -22.64
C10 CLA NC . 6.54 -43.17 -24.07
C11 CLA NC . 5.06 -43.50 -24.00
C12 CLA NC . 4.87 -44.95 -23.57
C13 CLA NC . 4.04 -45.69 -24.59
C14 CLA NC . 4.62 -45.48 -25.98
C15 CLA NC . 2.60 -45.20 -24.50
C16 CLA NC . 1.92 -45.27 -25.86
C17 CLA NC . 0.57 -45.97 -25.77
C18 CLA NC . -0.56 -44.95 -25.89
C19 CLA NC . -0.69 -44.47 -27.33
C20 CLA NC . -1.87 -45.52 -25.39
MG CLA OC . 10.72 -32.53 -31.36
CHA CLA OC . 14.10 -31.98 -31.15
CHB CLA OC . 10.64 -33.53 -28.08
CHC CLA OC . 7.48 -32.85 -31.63
CHD CLA OC . 10.85 -31.50 -34.74
NA CLA OC . 12.20 -32.74 -29.75
C1A CLA OC . 13.50 -32.51 -29.87
C2A CLA OC . 14.23 -32.75 -28.61
C3A CLA OC . 13.14 -33.29 -27.69
C4A CLA OC . 11.92 -33.19 -28.52
CMA CLA OC . 13.41 -34.60 -26.97
CAA CLA OC . 14.53 -31.32 -28.17
CBA CLA OC . 14.62 -31.11 -26.67
CGA CLA OC . 13.34 -30.61 -26.02
O1A CLA OC . 13.31 -30.51 -24.81
O2A CLA OC . 12.26 -30.32 -26.71
NB CLA OC . 9.28 -33.09 -30.06
C1B CLA OC . 9.42 -33.49 -28.77
C2B CLA OC . 8.15 -33.85 -28.24
C3B CLA OC . 7.25 -33.66 -29.24
C4B CLA OC . 8.00 -33.17 -30.39
CMB CLA OC . 7.91 -34.33 -26.83
CAB CLA OC . 5.79 -33.86 -29.28
CBB CLA OC . 5.07 -34.85 -28.42
NC CLA OC . 9.38 -32.18 -32.92
C1C CLA OC . 8.09 -32.42 -32.82
C2C CLA OC . 7.37 -32.18 -34.09
C3C CLA OC . 8.35 -31.78 -34.94
C4C CLA OC . 9.60 -31.80 -34.21
CMC CLA OC . 5.91 -32.33 -34.34
CAC CLA OC . 8.19 -31.41 -36.39
CBC CLA OC . 8.30 -29.90 -36.53
ND CLA OC . 12.05 -31.92 -32.69
C1D CLA OC . 12.03 -31.49 -33.97
C2D CLA OC . 13.33 -31.07 -34.44
C3D CLA OC . 14.14 -31.27 -33.32
C4D CLA OC . 13.35 -31.78 -32.29
CMD CLA OC . 13.86 -30.54 -35.73
CAD CLA OC . 15.49 -31.14 -32.85
OBD CLA OC . 16.33 -30.43 -33.35
CBD CLA OC . 15.53 -31.60 -31.43
CGD CLA OC . 16.38 -32.81 -31.34
O1D CLA OC . 16.18 -33.77 -32.06
O2D CLA OC . 17.38 -32.87 -30.48
CED CLA OC . 18.54 -33.56 -30.93
C1 CLA OC . 10.99 -30.69 -26.08
C2 CLA OC . 9.66 -30.10 -26.47
C3 CLA OC . 8.65 -30.12 -25.58
C4 CLA OC . 8.83 -30.72 -24.22
C5 CLA OC . 7.29 -29.56 -25.87
C6 CLA OC . 6.42 -30.60 -26.54
C7 CLA OC . 5.76 -30.01 -27.77
C8 CLA OC . 4.51 -30.80 -28.12
C9 CLA OC . 4.04 -30.47 -29.53
C10 CLA OC . 3.43 -30.48 -27.10
C11 CLA OC . 2.55 -31.69 -26.85
C12 CLA OC . 2.28 -31.84 -25.36
C13 CLA OC . 1.24 -32.91 -25.13
C14 CLA OC . -0.05 -32.58 -25.86
C15 CLA OC . 0.99 -33.05 -23.64
C16 CLA OC . 1.36 -34.46 -23.19
C17 CLA OC . 0.43 -35.49 -23.81
C18 CLA OC . 0.06 -36.53 -22.75
C19 CLA OC . -0.91 -37.56 -23.31
C20 CLA OC . 1.31 -37.20 -22.21
MG CLA PC . -7.38 -33.21 -31.78
CHA CLA PC . -10.70 -32.59 -31.17
CHB CLA PC . -6.77 -29.84 -31.97
CHC CLA PC . -4.19 -33.90 -32.17
CHD CLA PC . -8.05 -36.67 -31.57
NA CLA PC . -8.59 -31.39 -31.58
C1A CLA PC . -9.89 -31.35 -31.35
C2A CLA PC . -10.41 -29.94 -31.33
C3A CLA PC . -9.16 -29.12 -31.62
C4A CLA PC . -8.10 -30.16 -31.73
CMA CLA PC . -9.25 -28.13 -32.75
CAA CLA PC . -10.81 -29.62 -29.89
CBA CLA PC . -9.59 -29.60 -28.97
CGA CLA PC . -10.02 -29.47 -27.53
O1A CLA PC . -10.80 -28.60 -27.22
O2A CLA PC . -9.54 -30.30 -26.64
NB CLA PC . -5.74 -32.06 -32.02
C1B CLA PC . -5.68 -30.70 -32.10
C2B CLA PC . -4.33 -30.28 -32.32
C3B CLA PC . -3.61 -31.44 -32.38
C4B CLA PC . -4.52 -32.55 -32.19
CMB CLA PC . -3.86 -28.87 -32.46
CAB CLA PC . -2.16 -31.60 -32.59
CBB CLA PC . -1.18 -30.76 -31.81
NC CLA PC . -6.29 -35.00 -31.81
C1C CLA PC . -5.00 -35.04 -32.05
C2C CLA PC . -4.49 -36.42 -32.17
C3C CLA PC . -5.59 -37.19 -31.99
C4C CLA PC . -6.72 -36.31 -31.77
CMC CLA PC . -3.08 -36.84 -32.43
CAC CLA PC . -5.62 -38.70 -32.02
CBC CLA PC . -5.43 -39.21 -30.62
ND CLA PC . -8.91 -34.41 -31.44
C1D CLA PC . -9.11 -35.75 -31.41
C2D CLA PC . -10.51 -36.08 -31.21
C3D CLA PC . -11.13 -34.83 -31.12
C4D CLA PC . -10.16 -33.86 -31.25
CMD CLA PC . -11.28 -37.37 -31.10
CAD CLA PC . -12.40 -34.19 -30.93
OBD CLA PC . -13.47 -34.74 -30.75
CBD CLA PC . -12.16 -32.71 -30.87
CGD CLA PC . -12.90 -32.00 -31.97
O1D CLA PC . -12.88 -32.44 -33.10
O2D CLA PC . -13.55 -30.88 -31.70
CED CLA PC . -14.86 -30.78 -32.26
C1 CLA PC . -9.36 -29.86 -25.26
C2 CLA PC . -7.99 -29.65 -24.68
C3 CLA PC . -7.74 -29.95 -23.40
C4 CLA PC . -8.81 -30.50 -22.51
C5 CLA PC . -6.38 -29.76 -22.77
C6 CLA PC . -5.98 -31.02 -22.01
C7 CLA PC . -5.66 -32.18 -22.94
C8 CLA PC . -5.14 -33.35 -22.13
C9 CLA PC . -3.67 -33.15 -21.76
C10 CLA PC . -5.33 -34.65 -22.88
C11 CLA PC . -4.60 -35.79 -22.17
C12 CLA PC . -5.57 -36.77 -21.52
C13 CLA PC . -5.38 -38.20 -22.05
C14 CLA PC . -4.04 -38.77 -21.60
C15 CLA PC . -5.57 -38.22 -23.55
C16 CLA PC . -4.29 -38.58 -24.32
C17 CLA PC . -4.59 -39.55 -25.45
C18 CLA PC . -3.38 -40.42 -25.78
C19 CLA PC . -2.43 -39.70 -26.73
C20 CLA PC . -2.65 -40.86 -24.51
MG CLA QC . -4.18 -39.42 -46.76
CHA CLA QC . -7.20 -37.84 -47.13
CHB CLA QC . -5.62 -42.42 -47.57
CHC CLA QC . -1.21 -40.83 -46.47
CHD CLA QC . -2.72 -36.34 -45.93
NA CLA QC . -6.19 -40.09 -47.30
C1A CLA QC . -7.26 -39.32 -47.38
C2A CLA QC . -8.48 -40.09 -47.74
C3A CLA QC . -7.96 -41.51 -47.85
C4A CLA QC . -6.52 -41.36 -47.56
CMA CLA QC . -8.71 -42.61 -47.12
CAA CLA QC . -8.90 -39.65 -49.14
CBA CLA QC . -7.72 -39.60 -50.11
CGA CLA QC . -8.17 -40.20 -51.41
O1A CLA QC . -9.37 -40.37 -51.60
O2A CLA QC . -7.27 -40.51 -52.32
NB CLA QC . -3.51 -41.32 -46.99
C1B CLA QC . -4.24 -42.41 -47.31
C2B CLA QC . -3.39 -43.56 -47.34
C3B CLA QC . -2.15 -43.12 -47.04
C4B CLA QC . -2.25 -41.69 -46.81
CMB CLA QC . -3.82 -44.96 -47.66
CAB CLA QC . -0.91 -43.92 -46.94
CBB CLA QC . 0.20 -43.69 -47.93
NC CLA QC . -2.25 -38.68 -46.35
C1C CLA QC . -1.19 -39.45 -46.22
C2C CLA QC . 0.00 -38.70 -45.80
C3C CLA QC . -0.43 -37.42 -45.69
C4C CLA QC . -1.84 -37.42 -46.03
CMC CLA QC . 1.38 -39.24 -45.56
CAC CLA QC . 0.40 -36.24 -45.27
CBC CLA QC . 0.62 -35.29 -46.41
ND CLA QC . -4.71 -37.54 -46.55
C1D CLA QC . -4.09 -36.38 -46.24
C2D CLA QC . -5.01 -35.26 -46.24
C3D CLA QC . -6.21 -35.85 -46.59
C4D CLA QC . -6.02 -37.20 -46.77
CMD CLA QC . -4.86 -33.79 -45.96
CAD CLA QC . -7.60 -35.53 -46.83
OBD CLA QC . -8.16 -34.53 -46.43
CBD CLA QC . -8.29 -36.80 -47.20
CGD CLA QC . -9.37 -37.06 -46.18
O1D CLA QC . -10.52 -36.77 -46.43
O2D CLA QC . -9.10 -37.58 -45.00
CED CLA QC . -10.20 -38.21 -44.37
C1 CLA QC . -6.80 -39.50 -53.26
MG CLA RC . -18.79 -37.71 -27.61
CHA CLA RC . -20.33 -37.99 -30.66
CHB CLA RC . -21.75 -38.31 -26.00
CHC CLA RC . -17.17 -37.53 -24.75
CHD CLA RC . -15.75 -37.05 -29.27
NA CLA RC . -20.85 -38.12 -28.25
C1A CLA RC . -21.26 -38.17 -29.51
C2A CLA RC . -22.73 -38.41 -29.59
C3A CLA RC . -23.15 -38.50 -28.12
C4A CLA RC . -21.86 -38.30 -27.39
CMA CLA RC . -24.40 -37.77 -27.65
CAA CLA RC . -22.99 -39.74 -30.26
CBA CLA RC . -22.08 -40.79 -29.66
CGA CLA RC . -21.72 -41.76 -30.75
O1A CLA RC . -20.89 -41.43 -31.58
O2A CLA RC . -22.33 -42.93 -30.79
NB CLA RC . -19.36 -37.90 -25.68
C1B CLA RC . -20.61 -38.14 -25.20
C2B CLA RC . -20.56 -38.18 -23.76
C3B CLA RC . -19.26 -37.94 -23.42
C4B CLA RC . -18.52 -37.77 -24.66
CMB CLA RC . -21.74 -38.41 -22.87
CAB CLA RC . -18.58 -37.85 -22.11
CBB CLA RC . -19.16 -38.36 -20.82
NC CLA RC . -16.77 -37.41 -27.09
C1C CLA RC . -16.34 -37.34 -25.86
C2C CLA RC . -14.90 -37.05 -25.77
C3C CLA RC . -14.50 -36.96 -27.07
C4C CLA RC . -15.69 -37.17 -27.89
CMC CLA RC . -14.07 -36.93 -24.53
CAC CLA RC . -13.12 -36.67 -27.56
CBC CLA RC . -12.90 -35.18 -27.50
ND CLA RC . -18.10 -37.53 -29.45
C1D CLA RC . -16.91 -37.27 -30.03
C2D CLA RC . -17.00 -37.25 -31.47
C3D CLA RC . -18.34 -37.52 -31.71
C4D CLA RC . -18.98 -37.69 -30.50
CMD CLA RC . -16.01 -37.00 -32.56
CAD CLA RC . -19.29 -37.69 -32.76
OBD CLA RC . -19.04 -37.72 -33.95
CBD CLA RC . -20.59 -38.09 -32.15
CGD CLA RC . -21.63 -37.11 -32.58
O1D CLA RC . -21.35 -35.94 -32.76
O2D CLA RC . -22.88 -37.53 -32.77
CED CLA RC . -23.25 -37.78 -34.11
C1 CLA RC . -21.65 -44.13 -30.33
C2 CLA RC . -20.14 -44.16 -30.24
C3 CLA RC . -19.41 -44.44 -31.33
C4 CLA RC . -20.03 -44.70 -32.66
C5 CLA RC . -17.91 -44.48 -31.26
C6 CLA RC . -17.37 -45.60 -32.15
C7 CLA RC . -16.54 -45.01 -33.27
C8 CLA RC . -15.07 -45.39 -33.17
C9 CLA RC . -14.54 -45.25 -31.75
C10 CLA RC . -14.28 -44.49 -34.11
C11 CLA RC . -12.84 -44.98 -34.21
C12 CLA RC . -11.88 -43.91 -33.74
C13 CLA RC . -10.56 -44.52 -33.30
C14 CLA RC . -10.18 -44.06 -31.91
C15 CLA RC . -9.48 -44.15 -34.30
C16 CLA RC . -8.28 -45.09 -34.21
C17 CLA RC . -8.21 -46.00 -35.42
C18 CLA RC . -7.29 -47.18 -35.16
C19 CLA RC . -8.05 -48.50 -35.13
C20 CLA RC . -6.17 -47.22 -36.20
MG CLA SC . -15.81 -27.20 -23.71
CHA CLA SC . -14.72 -29.13 -26.33
CHB CLA SC . -16.65 -30.00 -21.93
CHC CLA SC . -16.60 -25.26 -21.18
CHD CLA SC . -14.99 -24.33 -25.57
NA CLA SC . -15.70 -29.36 -24.07
C1A CLA SC . -15.27 -29.92 -25.18
C2A CLA SC . -15.40 -31.41 -25.14
C3A CLA SC . -16.04 -31.64 -23.78
C4A CLA SC . -16.14 -30.27 -23.20
CMA CLA SC . -17.30 -32.48 -23.80
CAA CLA SC . -13.99 -31.95 -25.12
CBA CLA SC . -13.88 -33.30 -24.43
CGA CLA SC . -12.42 -33.56 -24.17
O1A CLA SC . -12.10 -34.55 -23.53
O2A CLA SC . -11.54 -32.71 -24.65
NB CLA SC . -16.51 -27.58 -21.84
C1B CLA SC . -16.82 -28.77 -21.29
C2B CLA SC . -17.34 -28.57 -19.96
C3B CLA SC . -17.33 -27.22 -19.78
C4B CLA SC . -16.79 -26.62 -20.98
CMB CLA SC . -17.80 -29.63 -19.02
CAB CLA SC . -17.74 -26.42 -18.60
CBB CLA SC . -17.29 -26.78 -17.21
NC CLA SC . -15.77 -25.13 -23.42
C1C CLA SC . -16.16 -24.54 -22.31
C2C CLA SC . -16.10 -23.08 -22.39
C3C CLA SC . -15.63 -22.83 -23.65
C4C CLA SC . -15.43 -24.12 -24.28
CMC CLA SC . -16.47 -22.11 -21.32
CAC CLA SC . -15.37 -21.48 -24.25
CBC CLA SC . -13.90 -21.18 -24.20
ND CLA SC . -15.03 -26.73 -25.45
C1D CLA SC . -14.78 -25.59 -26.15
C2D CLA SC . -14.32 -25.86 -27.49
C3D CLA SC . -14.30 -27.24 -27.54
C4D CLA SC . -14.73 -27.75 -26.33
CMD CLA SC . -13.93 -24.99 -28.64
CAD CLA SC . -14.01 -28.35 -28.42
OBD CLA SC . -13.81 -28.27 -29.62
CBD CLA SC . -14.13 -29.61 -27.63
CGD CLA SC . -15.07 -30.54 -28.30
O1D CLA SC . -16.01 -30.13 -28.95
O2D CLA SC . -14.91 -31.85 -28.17
CED CLA SC . -15.55 -32.67 -29.13
C1 CLA SC . -10.68 -33.11 -25.76
C2 CLA SC . -9.75 -34.30 -25.70
C3 CLA SC . -8.73 -34.42 -26.56
C4 CLA SC . -8.46 -33.39 -27.61
C5 CLA SC . -7.79 -35.59 -26.53
C6 CLA SC . -8.38 -36.83 -27.17
C7 CLA SC . -7.54 -38.04 -26.79
C8 CLA SC . -8.26 -39.37 -27.02
C9 CLA SC . -8.39 -39.66 -28.51
C10 CLA SC . -9.61 -39.35 -26.33
MG CLA TC . -8.19 -25.00 -32.98
CHA CLA TC . -5.37 -24.51 -34.88
CHB CLA TC . -6.29 -25.20 -30.15
CHC CLA TC . -10.96 -25.37 -31.24
CHD CLA TC . -10.12 -24.83 -35.92
NA CLA TC . -6.04 -24.86 -32.53
C1A CLA TC . -5.07 -24.67 -33.42
C2A CLA TC . -3.72 -24.63 -32.77
C3A CLA TC . -4.06 -24.87 -31.29
C4A CLA TC . -5.54 -24.97 -31.30
CMA CLA TC . -3.29 -25.90 -30.50
CAA CLA TC . -3.20 -23.21 -32.84
CBA CLA TC . -1.74 -23.13 -33.25
CGA CLA TC . -0.92 -24.12 -32.47
O1A CLA TC . -0.33 -24.98 -33.10
O2A CLA TC . -0.85 -24.02 -31.15
NB CLA TC . -8.56 -25.23 -31.00
C1B CLA TC . -7.67 -25.33 -29.99
C2B CLA TC . -8.32 -25.58 -28.75
C3B CLA TC . -9.65 -25.63 -29.06
C4B CLA TC . -9.78 -25.40 -30.50
CMB CLA TC . -7.63 -25.74 -27.44
CAB CLA TC . -10.80 -25.85 -28.17
CBB CLA TC . -10.80 -25.52 -26.71
NC CLA TC . -10.22 -24.99 -33.49
C1C CLA TC . -11.18 -25.22 -32.63
C2C CLA TC . -12.51 -25.31 -33.27
C3C CLA TC . -12.26 -25.10 -34.59
C4C CLA TC . -10.83 -24.91 -34.72
CMC CLA TC . -13.82 -25.56 -32.59
CAC CLA TC . -13.25 -25.09 -35.72
CBC CLA TC . -13.47 -23.65 -36.14
ND CLA TC . -7.94 -24.73 -34.92
C1D CLA TC . -8.73 -24.68 -36.01
C2D CLA TC . -7.96 -24.51 -37.22
C3D CLA TC . -6.67 -24.44 -36.76
C4D CLA TC . -6.65 -24.57 -35.39
CMD CLA TC . -8.30 -24.40 -38.69
CAD CLA TC . -5.31 -24.27 -37.22
OBD CLA TC . -4.96 -24.14 -38.37
CBD CLA TC . -4.41 -24.26 -36.02
CGD CLA TC . -3.51 -25.43 -36.19
O1D CLA TC . -2.54 -25.34 -36.90
O2D CLA TC . -3.75 -26.57 -35.58
CED CLA TC . -2.61 -27.41 -35.44
C1 CLA TC . 0.08 -24.76 -30.30
C2 CLA TC . 0.68 -26.10 -30.64
C3 CLA TC . 0.44 -27.24 -29.97
C4 CLA TC . 1.10 -28.51 -30.42
C5 CLA TC . -0.48 -27.38 -28.78
C6 CLA TC . -1.11 -28.77 -28.83
C7 CLA TC . -2.09 -28.99 -27.69
C8 CLA TC . -3.39 -29.62 -28.18
C9 CLA TC . -4.58 -28.72 -27.86
C10 CLA TC . -3.58 -30.96 -27.51
C11 CLA TC . -4.78 -31.70 -28.08
C12 CLA TC . -4.86 -33.11 -27.52
C13 CLA TC . -4.13 -34.10 -28.43
C14 CLA TC . -4.93 -35.39 -28.55
C15 CLA TC . -2.72 -34.35 -27.90
C16 CLA TC . -2.39 -35.84 -27.81
C17 CLA TC . -0.90 -36.04 -27.64
C18 CLA TC . -0.17 -35.81 -28.96
C19 CLA TC . 0.94 -34.78 -28.80
C20 CLA TC . 0.40 -37.13 -29.49
MG CLA UC . -0.27 -21.58 -16.07
CHA CLA UC . 2.18 -23.96 -15.64
CHB CLA UC . -2.68 -24.01 -16.05
CHC CLA UC . -2.53 -19.21 -16.29
CHD CLA UC . 2.24 -19.12 -16.13
NA CLA UC . -0.27 -23.77 -15.86
C1A CLA UC . 0.79 -24.53 -15.72
C2A CLA UC . 0.46 -25.97 -15.62
C3A CLA UC . -1.06 -25.95 -15.81
C4A CLA UC . -1.37 -24.50 -15.91
CMA CLA UC . -1.58 -26.87 -16.88
CAA CLA UC . 0.67 -26.33 -14.15
CBA CLA UC . -0.44 -27.19 -13.55
CGA CLA UC . -0.19 -27.55 -12.11
O1A CLA UC . 0.26 -26.72 -11.34
O2A CLA UC . -0.47 -28.78 -11.71
NB CLA UC . -2.30 -21.60 -16.14
C1B CLA UC . -3.11 -22.69 -16.16
C2B CLA UC . -4.48 -22.27 -16.27
C3B CLA UC . -4.43 -20.91 -16.33
C4B CLA UC . -3.04 -20.51 -16.26
CMB CLA UC . -5.65 -23.21 -16.30
CAB CLA UC . -5.53 -19.92 -16.46
CBB CLA UC . -6.98 -20.25 -16.22
NC CLA UC . -0.16 -19.50 -16.14
C1C CLA UC . -1.22 -18.71 -16.24
C2C CLA UC . -0.85 -17.28 -16.29
C3C CLA UC . 0.52 -17.28 -16.22
C4C CLA UC . 0.93 -18.66 -16.13
CMC CLA UC . -1.75 -16.10 -16.39
CAC CLA UC . 1.43 -16.09 -16.23
CBC CLA UC . 2.02 -15.87 -14.86
ND CLA UC . 1.69 -21.45 -15.93
C1D CLA UC . 2.61 -20.46 -15.96
C2D CLA UC . 3.95 -20.96 -15.81
C3D CLA UC . 3.77 -22.32 -15.69
C4D CLA UC . 2.42 -22.60 -15.77
CMD CLA UC . 5.31 -20.31 -15.78
CAD CLA UC . 4.49 -23.55 -15.52
OBD CLA UC . 5.66 -23.71 -15.75
CBD CLA UC . 3.50 -24.65 -15.43
CGD CLA UC . 3.82 -25.60 -16.53
O1D CLA UC . 4.68 -26.44 -16.36
O2D CLA UC . 3.21 -25.55 -17.69
CED CLA UC . 3.12 -26.80 -18.37
C1 CLA UC . -1.75 -29.11 -11.08
C2 CLA UC . -1.84 -29.80 -9.74
C3 CLA UC . -2.82 -30.68 -9.53
C4 CLA UC . -3.83 -30.97 -10.59
C5 CLA UC . -3.00 -31.43 -8.23
C6 CLA UC . -4.48 -31.67 -7.95
C7 CLA UC . -5.01 -30.72 -6.88
C8 CLA UC . -6.01 -31.37 -5.93
C9 CLA UC . -6.30 -32.82 -6.28
C10 CLA UC . -7.29 -30.55 -5.90
C11 CLA UC . -8.33 -31.17 -4.98
C12 CLA UC . -9.73 -31.02 -5.58
C13 CLA UC . -10.37 -29.74 -5.11
C14 CLA UC . -10.91 -29.90 -3.71
C15 CLA UC . -11.46 -29.32 -6.11
C16 CLA UC . -12.82 -29.87 -5.70
C17 CLA UC . -13.63 -30.28 -6.93
C18 CLA UC . -14.02 -29.07 -7.77
C19 CLA UC . -13.43 -29.18 -9.17
C20 CLA UC . -15.53 -28.90 -7.82
MG CLA VC . 5.90 -33.12 -17.05
CHA CLA VC . 3.29 -30.93 -16.73
CHB CLA VC . 4.19 -34.90 -19.41
CHC CLA VC . 8.52 -35.10 -17.34
CHD CLA VC . 7.70 -31.24 -14.67
NA CLA VC . 3.93 -32.95 -17.99
C1A CLA VC . 3.02 -32.01 -17.73
C2A CLA VC . 1.77 -32.22 -18.52
C3A CLA VC . 2.08 -33.47 -19.33
C4A CLA VC . 3.47 -33.81 -18.90
CMA CLA VC . 1.04 -34.57 -19.42
CAA CLA VC . 1.55 -31.07 -19.48
CBA CLA VC . 0.09 -30.64 -19.47
CGA CLA VC . -0.26 -30.03 -20.81
O1A CLA VC . 0.48 -29.18 -21.27
O2A CLA VC . -1.35 -30.43 -21.44
NB CLA VC . 6.29 -34.74 -18.20
C1B CLA VC . 5.48 -35.35 -19.09
C2B CLA VC . 6.14 -36.49 -19.66
C3B CLA VC . 7.37 -36.54 -19.06
C4B CLA VC . 7.43 -35.41 -18.15
CMB CLA VC . 5.53 -37.41 -20.68
CAB CLA VC . 8.50 -37.47 -19.22
CBB CLA VC . 8.53 -38.59 -20.21
NC CLA VC . 7.82 -33.12 -16.20
C1C CLA VC . 8.71 -34.07 -16.41
C2C CLA VC . 9.91 -33.92 -15.55
C3C CLA VC . 9.66 -32.81 -14.83
C4C CLA VC . 8.36 -32.32 -15.23
CMC CLA VC . 11.11 -34.81 -15.52
CAC CLA VC . 10.55 -32.19 -13.78
CBC CLA VC . 10.14 -32.68 -12.41
ND CLA VC . 5.67 -31.51 -15.95
C1D CLA VC . 6.40 -30.83 -15.04
C2D CLA VC . 5.69 -29.70 -14.50
C3D CLA VC . 4.49 -29.75 -15.17
C4D CLA VC . 4.48 -30.83 -16.03
CMD CLA VC . 6.03 -28.63 -13.49
CAD CLA VC . 3.23 -29.06 -15.28
OBD CLA VC . 2.75 -28.46 -14.35
CBD CLA VC . 2.43 -29.76 -16.32
CGD CLA VC . 1.13 -30.19 -15.70
O1D CLA VC . 0.07 -29.70 -16.09
O2D CLA VC . 1.08 -31.08 -14.74
CED CLA VC . -0.20 -31.68 -14.55
C1 CLA VC . -1.89 -29.58 -22.50
C2 CLA VC . -2.52 -28.25 -22.18
C3 CLA VC . -2.65 -27.33 -23.13
C4 CLA VC . -2.16 -27.57 -24.52
C5 CLA VC . -3.26 -25.98 -22.87
C6 CLA VC . -4.49 -25.80 -23.77
C7 CLA VC . -5.70 -25.56 -22.89
C8 CLA VC . -6.88 -25.05 -23.70
C9 CLA VC . -6.93 -23.53 -23.64
C10 CLA VC . -8.15 -25.68 -23.17
C11 CLA VC . -8.26 -25.54 -21.67
C12 CLA VC . -8.99 -26.74 -21.07
C13 CLA VC . -9.12 -26.57 -19.56
C14 CLA VC . -9.94 -27.71 -18.96
C15 CLA VC . -9.76 -25.23 -19.25
C16 CLA VC . -9.09 -24.57 -18.07
C17 CLA VC . -9.95 -24.65 -16.83
C18 CLA VC . -9.10 -24.55 -15.58
C19 CLA VC . -9.52 -23.35 -14.74
C20 CLA VC . -9.18 -25.82 -14.75
MG CLA WC . 16.20 -13.90 -24.52
CHA CLA WC . 18.17 -14.79 -27.17
CHB CLA WC . 18.38 -15.43 -22.34
CHC CLA WC . 14.29 -12.91 -22.04
CHD CLA WC . 13.94 -12.43 -26.76
NA CLA WC . 18.09 -15.01 -24.71
C1A CLA WC . 18.69 -15.29 -25.86
C2A CLA WC . 19.92 -16.10 -25.66
C3A CLA WC . 19.92 -16.32 -24.15
C4A CLA WC . 18.75 -15.55 -23.68
CMA CLA WC . 20.01 -17.76 -23.70
CAA CLA WC . 21.08 -15.18 -25.98
CBA CLA WC . 22.27 -15.35 -25.05
CGA CLA WC . 22.33 -14.24 -24.04
O1A CLA WC . 23.04 -14.39 -23.05
O2A CLA WC . 21.64 -13.14 -24.19
NB CLA WC . 16.32 -14.14 -22.52
C1B CLA WC . 17.28 -14.76 -21.79
C2B CLA WC . 16.99 -14.68 -20.40
C3B CLA WC . 15.82 -13.96 -20.33
C4B CLA WC . 15.42 -13.63 -21.67
CMB CLA WC . 17.82 -15.25 -19.28
CAB CLA WC . 15.07 -13.56 -19.13
CBB CLA WC . 15.75 -12.87 -17.97
NC CLA WC . 14.46 -12.75 -24.41
C1C CLA WC . 13.79 -12.54 -23.30
C2C CLA WC . 12.50 -11.88 -23.52
C3C CLA WC . 12.44 -11.71 -24.87
C4C CLA WC . 13.66 -12.26 -25.42
CMC CLA WC . 11.49 -11.49 -22.48
CAC CLA WC . 11.33 -11.08 -25.67
CBC CLA WC . 11.76 -9.70 -26.12
ND CLA WC . 15.98 -13.66 -26.46
C1D CLA WC . 15.11 -13.01 -27.27
C2D CLA WC . 15.55 -13.02 -28.66
C3D CLA WC . 16.74 -13.72 -28.60
C4D CLA WC . 16.98 -14.10 -27.29
CMD CLA WC . 14.99 -12.47 -29.93
CAD CLA WC . 17.82 -14.21 -29.43
OBD CLA WC . 18.02 -13.92 -30.58
CBD CLA WC . 18.80 -14.89 -28.53
CGD CLA WC . 18.92 -16.30 -28.98
O1D CLA WC . 17.94 -16.86 -29.40
O2D CLA WC . 20.06 -16.94 -28.93
CED CLA WC . 20.44 -17.55 -30.15
C1 CLA WC . 21.24 -12.38 -23.01
C2 CLA WC . 19.79 -12.04 -22.80
C3 CLA WC . 19.44 -10.82 -22.38
C4 CLA WC . 20.46 -9.75 -22.11
C5 CLA WC . 18.01 -10.44 -22.18
C6 CLA WC . 17.26 -10.80 -23.45
C7 CLA WC . 17.49 -9.73 -24.51
C8 CLA WC . 17.54 -10.35 -25.90
C9 CLA WC . 18.73 -11.29 -26.04
C10 CLA WC . 17.62 -9.23 -26.92
C11 CLA WC . 16.43 -8.32 -26.77
C12 CLA WC . 15.33 -8.75 -27.73
C13 CLA WC . 14.65 -7.54 -28.37
C14 CLA WC . 13.42 -7.96 -29.14
C15 CLA WC . 15.63 -6.82 -29.27
C16 CLA WC . 14.95 -5.60 -29.89
C17 CLA WC . 15.12 -5.58 -31.40
C18 CLA WC . 13.78 -5.84 -32.11
C19 CLA WC . 12.76 -4.75 -31.80
C20 CLA WC . 13.99 -6.00 -33.60
MG CLA XC . 12.81 -21.48 -28.48
CHA CLA XC . 15.35 -23.78 -28.56
CHB CLA XC . 15.05 -18.92 -28.94
CHC CLA XC . 10.28 -19.38 -28.52
CHD CLA XC . 10.53 -24.09 -27.95
NA CLA XC . 14.99 -21.33 -28.73
C1A CLA XC . 15.83 -22.35 -28.70
C2A CLA XC . 17.25 -21.90 -28.86
C3A CLA XC . 17.11 -20.39 -28.93
C4A CLA XC . 15.64 -20.17 -28.88
CMA CLA XC . 17.96 -19.58 -27.98
CAA CLA XC . 17.77 -22.42 -30.19
CBA CLA XC . 17.75 -21.38 -31.31
CGA CLA XC . 16.76 -21.80 -32.36
O1A CLA XC . 15.76 -22.40 -32.00
O2A CLA XC . 16.99 -21.51 -33.63
NB CLA XC . 12.68 -19.47 -28.71
C1B CLA XC . 13.69 -18.58 -28.88
C2B CLA XC . 13.17 -17.25 -29.00
C3B CLA XC . 11.81 -17.39 -28.86
C4B CLA XC . 11.54 -18.81 -28.68
CMB CLA XC . 13.98 -16.01 -29.19
CAB CLA XC . 10.74 -16.39 -28.89
CBB CLA XC . 10.86 -15.08 -29.64
NC CLA XC . 10.74 -21.70 -28.33
C1C CLA XC . 9.89 -20.70 -28.35
C2C CLA XC . 8.50 -21.13 -28.18
C3C CLA XC . 8.58 -22.49 -28.05
C4C CLA XC . 9.99 -22.83 -28.14
CMC CLA XC . 7.28 -20.26 -28.17
CAC CLA XC . 7.47 -23.46 -27.86
CBC CLA XC . 7.22 -24.09 -29.21
ND CLA XC . 12.82 -23.43 -28.30
C1D CLA XC . 11.89 -24.40 -28.08
C2D CLA XC . 12.50 -25.71 -28.01
C3D CLA XC . 13.85 -25.46 -28.19
C4D CLA XC . 14.02 -24.09 -28.35
CMD CLA XC . 11.96 -27.10 -27.78
CAD CLA XC . 15.12 -26.09 -28.26
OBD CLA XC . 15.37 -27.22 -27.90
CBD CLA XC . 16.13 -25.07 -28.65
CGD CLA XC . 17.24 -25.06 -27.67
O1D CLA XC . 17.05 -25.35 -26.51
O2D CLA XC . 18.46 -24.73 -28.06
CED CLA XC . 19.54 -25.34 -27.37
C1 CLA XC . 15.97 -21.73 -34.66
C2 CLA XC . 15.42 -23.09 -34.94
C3 CLA XC . 14.78 -23.41 -36.07
C4 CLA XC . 14.55 -22.41 -37.17
C5 CLA XC . 14.25 -24.81 -36.29
C6 CLA XC . 13.48 -24.95 -37.59
C7 CLA XC . 13.17 -26.41 -37.84
C8 CLA XC . 11.68 -26.67 -37.75
C9 CLA XC . 11.23 -26.72 -36.29
C10 CLA XC . 11.37 -27.99 -38.44
C11 CLA XC . 11.50 -27.84 -39.94
C12 CLA XC . 10.86 -29.01 -40.68
C13 CLA XC . 11.30 -29.04 -42.14
C14 CLA XC . 11.45 -27.62 -42.68
C15 CLA XC . 10.26 -29.78 -42.96
C16 CLA XC . 10.68 -31.22 -43.18
C17 CLA XC . 11.25 -31.40 -44.58
C18 CLA XC . 10.21 -31.91 -45.55
C19 CLA XC . 10.70 -31.79 -46.98
C20 CLA XC . 9.83 -33.35 -45.26
MG CLA YC . -1.07 -8.49 -29.45
CHA CLA YC . -2.82 -5.56 -29.78
CHB CLA YC . -1.41 -9.11 -32.82
CHC CLA YC . 0.69 -11.25 -29.05
CHD CLA YC . -0.72 -7.85 -26.02
NA CLA YC . -2.00 -7.46 -31.15
C1A CLA YC . -2.67 -6.31 -31.07
C2A CLA YC . -3.22 -5.90 -32.39
C3A CLA YC . -2.79 -7.04 -33.30
C4A CLA YC . -2.02 -7.93 -32.40
CMA CLA YC . -3.87 -7.64 -34.17
CAA CLA YC . -2.47 -4.67 -32.84
CBA CLA YC . -1.01 -4.72 -32.40
CGA CLA YC . -0.36 -3.51 -32.97
O1A CLA YC . -0.33 -3.35 -34.17
O2A CLA YC . 0.19 -2.62 -32.18
NB CLA YC . -0.45 -9.94 -30.72
C1B CLA YC . -0.68 -10.04 -32.05
C2B CLA YC . -0.08 -11.23 -32.55
C3B CLA YC . 0.51 -11.84 -31.49
C4B CLA YC . 0.25 -11.00 -30.34
CMB CLA YC . -0.14 -11.65 -33.98
CAB CLA YC . 1.29 -13.09 -31.41
CBB CLA YC . 1.23 -14.19 -32.44
NC CLA YC . -0.15 -9.40 -27.80
C1C CLA YC . 0.57 -10.49 -27.88
C2C CLA YC . 1.24 -10.83 -26.61
C3C CLA YC . 0.86 -9.83 -25.77
C4C CLA YC . -0.01 -8.94 -26.52
CMC CLA YC . 2.15 -11.99 -26.35
CAC CLA YC . 1.27 -9.66 -24.34
CBC CLA YC . 2.44 -8.70 -24.31
ND CLA YC . -1.57 -7.11 -28.15
C1D CLA YC . -1.43 -6.93 -26.82
C2D CLA YC . -2.11 -5.73 -26.36
C3D CLA YC . -2.65 -5.21 -27.53
C4D CLA YC . -2.32 -6.04 -28.58
CMD CLA YC . -2.29 -5.07 -25.04
CAD CLA YC . -3.44 -4.11 -28.03
OBD CLA YC . -3.81 -3.15 -27.39
CBD CLA YC . -3.43 -4.21 -29.52
CGD CLA YC . -4.82 -4.06 -30.04
O1D CLA YC . -5.10 -3.18 -30.82
O2D CLA YC . -5.79 -4.88 -29.68
CED CLA YC . -6.75 -5.11 -30.70
C1 CLA YC . 1.44 -2.00 -32.60
C2 CLA YC . 2.77 -2.63 -32.27
C3 CLA YC . 3.47 -2.10 -31.27
C4 CLA YC . 2.93 -0.93 -30.51
C5 CLA YC . 4.81 -2.64 -30.83
C6 CLA YC . 5.74 -1.47 -30.51
C7 CLA YC . 6.00 -1.35 -29.02
C8 CLA YC . 6.53 -2.64 -28.43
C9 CLA YC . 5.55 -3.24 -27.43
C10 CLA YC . 7.84 -2.34 -27.72
C11 CLA YC . 8.87 -3.40 -28.05
C12 CLA YC . 9.89 -3.55 -26.92
C13 CLA YC . 11.21 -2.86 -27.21
C14 CLA YC . 11.24 -2.15 -28.56
C15 CLA YC . 12.33 -3.89 -27.13
C16 CLA YC . 13.38 -3.47 -26.12
C17 CLA YC . 14.28 -2.37 -26.65
C18 CLA YC . 15.76 -2.74 -26.59
C19 CLA YC . 16.49 -2.00 -25.48
C20 CLA YC . 15.98 -4.25 -26.46
MG CLA ZC . -19.00 -22.32 -13.38
CHA CLA ZC . -22.20 -22.98 -14.38
CHB CLA ZC . -20.09 -21.70 -10.18
CHC CLA ZC . -15.87 -21.82 -12.49
CHD CLA ZC . -17.90 -22.98 -16.66
NA CLA ZC . -20.94 -22.36 -12.36
C1A CLA ZC . -22.10 -22.64 -12.92
C2A CLA ZC . -23.23 -22.52 -11.96
C3A CLA ZC . -22.53 -22.11 -10.68
C4A CLA ZC . -21.11 -22.05 -11.07
CMA CLA ZC . -23.10 -20.92 -9.94
CAA CLA ZC . -23.87 -23.89 -11.75
CBA CLA ZC . -22.84 -24.91 -11.32
CGA CLA ZC . -23.60 -26.10 -10.76
O1A CLA ZC . -24.65 -26.42 -11.29
O2A CLA ZC . -23.10 -26.74 -9.72
NB CLA ZC . -18.11 -21.85 -11.61
C1B CLA ZC . -18.71 -21.61 -10.41
C2B CLA ZC . -17.71 -21.26 -9.44
C3B CLA ZC . -16.53 -21.28 -10.11
C4B CLA ZC . -16.81 -21.67 -11.48
CMB CLA ZC . -17.95 -20.91 -8.00
CAB CLA ZC . -15.17 -21.01 -9.61
CBB CLA ZC . -14.66 -21.70 -8.38
NC CLA ZC . -17.17 -22.44 -14.41
C1C CLA ZC . -16.02 -22.15 -13.85
C2C CLA ZC . -14.90 -22.21 -14.80
C3C CLA ZC . -15.48 -22.57 -15.98
C4C CLA ZC . -16.91 -22.71 -15.72
CMC CLA ZC . -13.45 -21.95 -14.51
CAC CLA ZC . -14.76 -22.77 -17.28
CBC CLA ZC . -14.18 -24.16 -17.29
ND CLA ZC . -19.74 -22.89 -15.11
C1D CLA ZC . -19.27 -23.06 -16.36
C2D CLA ZC . -20.34 -23.31 -17.31
C3D CLA ZC . -21.48 -23.28 -16.52
C4D CLA ZC . -21.11 -23.03 -15.21
CMD CLA ZC . -20.37 -23.55 -18.79
CAD CLA ZC . -22.91 -23.42 -16.58
OBD CLA ZC . -23.57 -23.21 -17.57
CBD CLA ZC . -23.43 -23.30 -15.19
CGD CLA ZC . -24.34 -22.12 -15.11
O1D CLA ZC . -25.41 -22.21 -14.54
O2D CLA ZC . -24.00 -20.97 -15.66
CED CLA ZC . -24.20 -19.83 -14.84
C1 CLA ZC . -21.91 -27.56 -9.88
C2 CLA ZC . -21.87 -28.70 -10.87
C3 CLA ZC . -20.92 -29.63 -10.77
C4 CLA ZC . -19.90 -29.58 -9.67
C5 CLA ZC . -20.81 -30.80 -11.72
C6 CLA ZC . -19.36 -30.92 -12.16
C7 CLA ZC . -19.09 -32.19 -12.95
C8 CLA ZC . -18.21 -31.90 -14.18
C9 CLA ZC . -17.77 -33.18 -14.86
C10 CLA ZC . -17.00 -31.10 -13.77
C11 CLA ZC . -16.62 -30.15 -14.90
C12 CLA ZC . -15.15 -30.29 -15.30
C13 CLA ZC . -14.68 -29.04 -16.02
C14 CLA ZC . -14.08 -29.35 -17.37
C15 CLA ZC . -13.65 -28.32 -15.17
C16 CLA ZC . -12.42 -29.19 -14.99
C17 CLA ZC . -11.74 -28.87 -13.67
C18 CLA ZC . -11.50 -30.12 -12.84
C19 CLA ZC . -10.69 -29.78 -11.60
C20 CLA ZC . -12.82 -30.79 -12.45
MG CLA AD . -18.42 -21.58 -3.20
CHA CLA AD . -21.36 -21.17 -4.88
CHB CLA AD . -19.28 -19.08 -1.00
CHC CLA AD . -15.56 -22.07 -1.60
CHD CLA AD . -17.53 -24.13 -5.44
NA CLA AD . -20.15 -20.26 -2.94
C1A CLA AD . -21.21 -20.24 -3.72
C2A CLA AD . -22.20 -19.21 -3.28
C3A CLA AD . -21.51 -18.56 -2.09
C4A CLA AD . -20.24 -19.32 -1.98
CMA CLA AD . -21.40 -17.04 -2.05
CAA CLA AD . -23.45 -19.93 -2.77
CBA CLA AD . -23.19 -20.61 -1.43
CGA CLA AD . -24.05 -21.82 -1.28
O1A CLA AD . -25.25 -21.70 -1.07
O2A CLA AD . -23.48 -23.00 -1.40
NB CLA AD . -17.56 -20.72 -1.57
C1B CLA AD . -18.06 -19.72 -0.79
C2B CLA AD . -17.14 -19.42 0.25
C3B CLA AD . -16.08 -20.26 0.08
C4B CLA AD . -16.37 -21.08 -1.08
CMB CLA AD . -17.36 -18.38 1.30
CAB CLA AD . -14.83 -20.41 0.86
CBB CLA AD . -14.74 -20.05 2.32
NC CLA AD . -16.84 -22.94 -3.44
C1C CLA AD . -15.74 -22.93 -2.70
C2C CLA AD . -14.75 -23.91 -3.13
C3C CLA AD . -15.33 -24.51 -4.20
C4C CLA AD . -16.63 -23.89 -4.39
CMC CLA AD . -13.42 -24.16 -2.50
CAC CLA AD . -14.74 -25.62 -5.04
CBC CLA AD . -13.82 -25.01 -6.05
ND CLA AD . -19.15 -22.49 -4.77
C1D CLA AD . -18.76 -23.48 -5.60
C2D CLA AD . -19.75 -23.75 -6.63
C3D CLA AD . -20.76 -22.84 -6.33
C4D CLA AD . -20.38 -22.10 -5.23
CMD CLA AD . -19.83 -24.71 -7.77
CAD CLA AD . -22.06 -22.39 -6.77
OBD CLA AD . -22.82 -23.05 -7.46
CBD CLA AD . -22.50 -21.32 -5.84
CGD CLA AD . -22.71 -20.02 -6.55
O1D CLA AD . -21.88 -19.58 -7.31
O2D CLA AD . -23.82 -19.31 -6.34
CED CLA AD . -24.50 -18.83 -7.49
C1 CLA AD . -23.80 -24.09 -0.46
C2 CLA AD . -23.37 -24.03 0.98
C3 CLA AD . -22.79 -25.09 1.56
C4 CLA AD . -22.56 -26.36 0.79
C5 CLA AD . -22.37 -25.08 3.00
C6 CLA AD . -20.87 -25.37 3.07
C7 CLA AD . -20.61 -26.65 3.84
C8 CLA AD . -19.29 -27.28 3.39
C9 CLA AD . -19.51 -28.19 2.19
C10 CLA AD . -18.69 -28.05 4.55
C11 CLA AD . -17.42 -28.76 4.14
C12 CLA AD . -16.21 -28.07 4.75
C13 CLA AD . -15.28 -29.08 5.42
C14 CLA AD . -14.15 -28.38 6.16
C15 CLA AD . -14.73 -30.05 4.38
MG CLA BD . -6.41 -19.18 8.48
CHA CLA BD . -8.56 -17.61 6.35
CHB CLA BD . -5.37 -16.15 9.72
CHC CLA BD . -4.47 -20.80 10.58
CHD CLA BD . -7.45 -22.27 7.16
NA CLA BD . -6.91 -17.08 8.10
C1A CLA BD . -7.79 -16.65 7.20
C2A CLA BD . -7.85 -15.16 7.15
C3A CLA BD . -6.84 -14.74 8.21
C4A CLA BD . -6.33 -16.04 8.72
CMA CLA BD . -5.86 -13.62 7.90
CAA CLA BD . -9.22 -14.62 7.55
CBA CLA BD . -9.84 -15.32 8.75
CGA CLA BD . -11.21 -14.71 8.88
O1A CLA BD . -11.73 -14.28 7.88
O2A CLA BD . -11.81 -14.62 10.06
NB CLA BD . -5.13 -18.57 9.93
C1B CLA BD . -4.81 -17.30 10.30
C2B CLA BD . -3.85 -17.33 11.36
C3B CLA BD . -3.61 -18.65 11.58
C4B CLA BD . -4.43 -19.42 10.67
CMB CLA BD . -3.27 -16.13 12.02
CAB CLA BD . -2.71 -19.30 12.55
CBB CLA BD . -2.31 -18.65 13.85
NC CLA BD . -6.06 -21.22 8.84
C1C CLA BD . -5.21 -21.66 9.75
C2C CLA BD . -5.13 -23.12 9.78
C3C CLA BD . -6.00 -23.54 8.82
C4C CLA BD . -6.57 -22.34 8.24
CMC CLA BD . -4.28 -23.96 10.70
CAC CLA BD . -6.31 -24.96 8.43
CBC CLA BD . -7.72 -25.31 8.87
ND CLA BD . -7.65 -19.88 7.12
C1D CLA BD . -8.03 -21.09 6.66
C2D CLA BD . -9.04 -21.00 5.63
C3D CLA BD . -9.24 -19.63 5.52
C4D CLA BD . -8.40 -18.98 6.41
CMD CLA BD . -9.79 -22.00 4.81
CAD CLA BD . -10.01 -18.64 4.81
OBD CLA BD . -11.03 -18.87 4.19
CBD CLA BD . -9.59 -17.30 5.31
CGD CLA BD . -8.88 -16.57 4.23
O1D CLA BD . -7.73 -16.85 3.97
O2D CLA BD . -9.46 -15.61 3.54
CED CLA BD . -9.17 -15.64 2.16
C1 CLA BD . -13.26 -14.81 10.17
C2 CLA BD . -14.00 -15.59 9.11
C3 CLA BD . -14.76 -14.96 8.21
C4 CLA BD . -14.92 -13.47 8.24
C5 CLA BD . -15.51 -15.70 7.14
C6 CLA BD . -15.57 -17.18 7.48
C7 CLA BD . -14.48 -17.98 6.78
C8 CLA BD . -13.88 -18.97 7.77
C9 CLA BD . -12.83 -19.83 7.09
C10 CLA BD . -14.99 -19.84 8.33
C11 CLA BD . -15.43 -20.87 7.30
C12 CLA BD . -16.58 -21.71 7.84
C13 CLA BD . -16.96 -22.76 6.82
C14 CLA BD . -18.10 -23.63 7.30
C15 CLA BD . -15.72 -23.61 6.55
C16 CLA BD . -15.36 -23.57 5.07
C17 CLA BD . -14.38 -24.69 4.76
C18 CLA BD . -13.27 -24.20 3.85
C19 CLA BD . -12.41 -25.38 3.43
C20 CLA BD . -13.83 -23.50 2.61
MG CLA CD . 3.29 -17.08 14.51
CHA CLA CD . 4.15 -18.31 17.60
CHB CLA CD . 1.42 -19.88 13.88
CHC CLA CD . 2.36 -15.71 11.68
CHD CLA CD . 5.26 -14.23 15.18
NA CLA CD . 2.81 -18.92 15.61
C1A CLA CD . 3.25 -19.23 16.83
C2A CLA CD . 2.73 -20.54 17.31
C3A CLA CD . 1.90 -21.01 16.11
C4A CLA CD . 2.03 -19.89 15.14
CMA CLA CD . 2.11 -22.42 15.60
CAA CLA CD . 1.85 -20.19 18.49
CBA CLA CD . 0.73 -21.17 18.81
CGA CLA CD . -0.02 -20.60 20.00
O1A CLA CD . -0.18 -19.40 20.07
O2A CLA CD . -0.50 -21.40 20.94
NB CLA CD . 2.06 -17.69 13.02
C1B CLA CD . 1.43 -18.89 12.88
C2B CLA CD . 0.78 -18.94 11.60
C3B CLA CD . 1.06 -17.76 11.01
C4B CLA CD . 1.87 -16.97 11.91
CMB CLA CD . -0.02 -20.09 11.06
CAB CLA CD . 0.66 -17.26 9.67
CBB CLA CD . -0.70 -17.50 9.10
NC CLA CD . 3.72 -15.25 13.59
C1C CLA CD . 3.24 -14.89 12.42
C2C CLA CD . 3.70 -13.56 12.01
C3C CLA CD . 4.51 -13.15 13.02
C4C CLA CD . 4.53 -14.22 14.00
CMC CLA CD . 3.33 -12.81 10.76
CAC CLA CD . 5.26 -11.85 13.11
CBC CLA CD . 4.48 -10.90 13.99
ND CLA CD . 4.41 -16.36 15.96
C1D CLA CD . 5.18 -15.25 16.15
C2D CLA CD . 5.87 -15.28 17.41
C3D CLA CD . 5.46 -16.48 17.97
C4D CLA CD . 4.59 -17.11 17.09
CMD CLA CD . 6.81 -14.35 18.10
CAD CLA CD . 5.63 -17.30 19.14
OBD CLA CD . 6.59 -17.27 19.87
CBD CLA CD . 4.73 -18.48 18.98
CGD CLA CD . 5.55 -19.72 19.08
O1D CLA CD . 5.72 -20.26 20.14
O2D CLA CD . 6.11 -20.25 18.00
CED CLA CD . 6.11 -21.67 17.97
C1 CLA CD . -1.94 -21.67 21.02
C2 CLA CD . -2.96 -20.57 21.13
C3 CLA CD . -4.27 -20.88 21.16
C4 CLA CD . -4.70 -22.32 21.07
C5 CLA CD . -5.35 -19.82 21.26
C6 CLA CD . -6.73 -20.38 20.94
C7 CLA CD . -7.53 -20.68 22.20
C8 CLA CD . -8.81 -19.87 22.25
C9 CLA CD . -8.48 -18.47 22.73
C10 CLA CD . -9.81 -20.55 23.16
C11 CLA CD . -10.89 -21.30 22.38
C12 CLA CD . -11.83 -22.03 23.32
C13 CLA CD . -12.70 -23.02 22.56
MG CLA DD . 3.07 -39.73 -12.64
CHA CLA DD . 4.69 -41.99 -14.64
CHB CLA DD . 4.36 -37.12 -14.49
CHC CLA DD . 1.33 -37.65 -10.78
CHD CLA DD . 1.87 -42.38 -10.68
NA CLA DD . 4.38 -39.56 -14.40
C1A CLA DD . 4.94 -40.57 -15.05
C2A CLA DD . 5.85 -40.10 -16.15
C3A CLA DD . 5.73 -38.59 -16.05
C4A CLA DD . 4.77 -38.39 -14.93
CMA CLA DD . 7.03 -37.84 -15.92
CAA CLA DD . 5.33 -40.53 -17.52
CBA CLA DD . 4.05 -39.82 -17.91
CGA CLA DD . 3.52 -40.43 -19.18
O1A CLA DD . 4.02 -41.48 -19.58
O2A CLA DD . 2.53 -39.84 -19.83
NB CLA DD . 2.87 -37.71 -12.65
C1B CLA DD . 3.48 -36.80 -13.46
C2B CLA DD . 3.10 -35.48 -13.07
C3B CLA DD . 2.25 -35.64 -12.02
C4B CLA DD . 2.12 -37.06 -11.77
CMB CLA DD . 3.59 -34.22 -13.75
CAB CLA DD . 1.52 -34.64 -11.20
CBB CLA DD . 1.70 -33.15 -11.31
NC CLA DD . 1.75 -39.99 -11.04
C1C CLA DD . 1.17 -38.99 -10.42
C2C CLA DD . 0.32 -39.44 -9.29
C3C CLA DD . 0.44 -40.80 -9.30
C4C CLA DD . 1.35 -41.13 -10.40
CMC CLA DD . -0.49 -38.57 -8.38
CAC CLA DD . -0.22 -41.76 -8.36
CBC CLA DD . -1.41 -42.40 -9.05
ND CLA DD . 3.18 -41.69 -12.59
C1D CLA DD . 2.69 -42.67 -11.79
C2D CLA DD . 3.13 -43.99 -12.24
C3D CLA DD . 3.91 -43.70 -13.34
C4D CLA DD . 3.93 -42.33 -13.54
CMD CLA DD . 2.92 -45.39 -11.76
CAD CLA DD . 4.71 -44.34 -14.37
OBD CLA DD . 4.70 -45.53 -14.63
CBD CLA DD . 5.17 -43.26 -15.30
CGD CLA DD . 6.66 -43.23 -15.36
O1D CLA DD . 7.30 -42.50 -14.63
O2D CLA DD . 7.31 -44.00 -16.21
CED CLA DD . 8.61 -44.38 -15.78
C1 CLA DD . 1.29 -40.56 -20.07
C2 CLA DD . 1.16 -41.61 -21.14
C3 CLA DD . -0.01 -42.21 -21.35
C4 CLA DD . -0.17 -43.25 -22.41
C5 CLA DD . -1.24 -41.88 -20.53
C6 CLA DD . -1.48 -42.98 -19.51
C7 CLA DD . -2.39 -42.49 -18.39
C8 CLA DD . -2.98 -43.62 -17.56
C9 CLA DD . -3.41 -43.11 -16.19
C10 CLA DD . -1.99 -44.77 -17.41
C11 CLA DD . -2.68 -46.12 -17.44
C12 CLA DD . -2.88 -46.66 -16.03
C13 CLA DD . -3.92 -47.76 -16.00
C14 CLA DD . -5.12 -47.42 -16.88
C15 CLA DD . -4.36 -48.01 -14.56
MG CLA ED . 0.65 -47.19 -15.38
CHA CLA ED . 1.64 -49.25 -17.94
CHB CLA ED . 1.72 -44.43 -17.16
CHC CLA ED . -0.47 -45.28 -12.95
CHD CLA ED . -0.43 -50.02 -13.60
NA CLA ED . 1.58 -46.85 -17.35
C1A CLA ED . 1.91 -47.80 -18.22
C2A CLA ED . 2.54 -47.24 -19.46
C3A CLA ED . 2.57 -45.73 -19.16
C4A CLA ED . 1.92 -45.65 -17.82
CMA CLA ED . 3.86 -44.97 -19.40
CAA CLA ED . 1.57 -47.45 -20.62
CBA CLA ED . 0.41 -46.45 -20.67
CGA CLA ED . -0.79 -47.03 -21.39
O1A CLA ED . -1.01 -48.22 -21.27
O2A CLA ED . -1.58 -46.27 -22.14
NB CLA ED . 0.62 -45.17 -15.11
C1B CLA ED . 1.12 -44.20 -15.92
C2B CLA ED . 0.92 -42.91 -15.34
C3B CLA ED . 0.31 -43.16 -14.15
C4B CLA ED . 0.12 -44.60 -14.01
CMB CLA ED . 1.31 -41.59 -15.91
CAB CLA ED . -0.11 -42.13 -13.18
CBB CLA ED . -1.56 -42.01 -12.78
NC CLA ED . -0.32 -47.58 -13.57
C1C CLA ED . -0.70 -46.66 -12.71
C2C CLA ED . -1.37 -47.22 -11.53
C3C CLA ED . -1.37 -48.57 -11.74
C4C CLA ED . -0.70 -48.78 -13.02
CMC CLA ED . -1.94 -46.45 -10.37
CAC CLA ED . -1.93 -49.64 -10.85
CBC CLA ED . -0.85 -50.33 -10.05
ND CLA ED . 0.56 -49.13 -15.61
C1D CLA ED . 0.14 -50.19 -14.87
C2D CLA ED . 0.38 -51.46 -15.55
C3D CLA ED . 0.97 -51.07 -16.74
C4D CLA ED . 1.06 -49.69 -16.76
CMD CLA ED . 0.13 -52.90 -15.19
CAD CLA ED . 1.50 -51.60 -17.97
OBD CLA ED . 1.36 -52.73 -18.37
CBD CLA ED . 1.90 -50.44 -18.81
CGD CLA ED . 3.35 -50.53 -19.10
O1D CLA ED . 4.16 -50.54 -18.18
O2D CLA ED . 3.79 -50.60 -20.34
CED CLA ED . 4.43 -51.83 -20.69
C1 CLA ED . -2.88 -45.78 -21.66
C2 CLA ED . -3.99 -46.65 -21.11
C3 CLA ED . -5.21 -46.12 -20.88
C4 CLA ED . -5.50 -44.67 -21.16
C5 CLA ED . -6.37 -46.94 -20.34
C6 CLA ED . -7.61 -46.06 -20.10
C7 CLA ED . -7.98 -45.98 -18.62
C8 CLA ED . -8.47 -44.59 -18.24
C9 CLA ED . -7.66 -44.02 -17.07
C10 CLA ED . -9.95 -44.64 -17.88
MG CLA FD . 7.44 -27.84 -9.76
CHA CLA FD . 6.69 -30.99 -8.64
CHB CLA FD . 4.13 -27.26 -10.44
CHC CLA FD . 8.25 -24.78 -10.63
CHD CLA FD . 10.83 -28.44 -8.98
NA CLA FD . 5.58 -28.99 -9.56
C1A CLA FD . 5.48 -30.23 -9.10
C2A CLA FD . 4.07 -30.74 -9.15
C3A CLA FD . 3.32 -29.55 -9.73
C4A CLA FD . 4.38 -28.52 -9.92
CMA CLA FD . 2.38 -29.79 -10.90
CAA CLA FD . 3.54 -31.06 -7.77
CBA CLA FD . 2.12 -31.61 -7.85
CGA CLA FD . 1.82 -32.47 -6.65
O1A CLA FD . 2.72 -33.13 -6.18
O2A CLA FD . 0.61 -32.49 -6.12
NB CLA FD . 6.35 -26.26 -10.42
C1B CLA FD . 5.03 -26.21 -10.69
C2B CLA FD . 4.70 -24.92 -11.23
C3B CLA FD . 5.89 -24.24 -11.28
C4B CLA FD . 6.91 -25.11 -10.76
CMB CLA FD . 3.33 -24.49 -11.64
CAB CLA FD . 6.21 -22.88 -11.74
CBB CLA FD . 5.31 -22.06 -12.63
NC CLA FD . 9.24 -26.76 -9.73
C1C CLA FD . 9.36 -25.54 -10.22
C2C CLA FD . 10.77 -25.11 -10.31
C3C CLA FD . 11.48 -26.15 -9.81
C4C CLA FD . 10.52 -27.18 -9.47
CMC CLA FD . 11.26 -23.79 -10.82
CAC CLA FD . 12.98 -26.26 -9.71
CBC CLA FD . 13.52 -25.56 -8.48
ND CLA FD . 8.55 -29.25 -8.98
C1D CLA FD . 9.87 -29.44 -8.76
C2D CLA FD . 10.17 -30.78 -8.31
C3D CLA FD . 8.92 -31.37 -8.27
C4D CLA FD . 7.97 -30.44 -8.67
CMD CLA FD . 11.43 -31.49 -7.95
CAD CLA FD . 8.25 -32.61 -7.96
OBD CLA FD . 8.79 -33.69 -8.09
CBD CLA FD . 6.79 -32.39 -8.12
CGD CLA FD . 6.31 -33.32 -9.18
O1D CLA FD . 5.28 -33.94 -9.04
O2D CLA FD . 7.00 -33.45 -10.31
CED CLA FD . 6.25 -33.27 -11.50
C1 CLA FD . 0.05 -33.75 -5.66
C2 CLA FD . -1.31 -34.27 -6.08
C3 CLA FD . -1.85 -35.31 -5.43
C4 CLA FD . -1.13 -35.98 -4.29
C5 CLA FD . -3.20 -35.90 -5.76
C6 CLA FD . -3.70 -35.38 -7.10
C7 CLA FD . -4.59 -36.42 -7.78
C8 CLA FD . -5.06 -35.95 -9.14
C9 CLA FD . -6.25 -36.76 -9.62
C10 CLA FD . -3.91 -36.03 -10.14
MG CLA GD . -1.16 -27.02 -1.16
CHA CLA GD . 1.36 -28.94 -2.48
CHB CLA GD . -1.55 -25.42 -4.18
CHC CLA GD . -3.63 -25.30 0.17
CHD CLA GD . -0.71 -28.64 1.92
NA CLA GD . -0.21 -27.15 -3.13
C1A CLA GD . 0.78 -27.97 -3.45
C2A CLA GD . 1.19 -27.82 -4.88
C3A CLA GD . 0.30 -26.68 -5.36
C4A CLA GD . -0.54 -26.38 -4.18
CMA CLA GD . 0.99 -25.52 -6.05
CAA CLA GD . 0.74 -29.08 -5.61
CBA CLA GD . -0.78 -29.19 -5.70
CGA CLA GD . -1.37 -30.02 -4.59
O1A CLA GD . -1.41 -31.23 -4.72
O2A CLA GD . -1.82 -29.47 -3.49
NB CLA GD . -2.40 -25.59 -1.90
C1B CLA GD . -2.40 -25.04 -3.13
C2B CLA GD . -3.42 -24.04 -3.23
C3B CLA GD . -4.00 -24.01 -2.00
C4B CLA GD . -3.35 -24.99 -1.16
CMB CLA GD . -3.71 -23.24 -4.46
CAB CLA GD . -5.12 -23.15 -1.53
CBB CLA GD . -6.28 -22.80 -2.42
NC CLA GD . -2.08 -27.04 0.72
C1C CLA GD . -3.03 -26.19 1.07
C2C CLA GD . -3.38 -26.30 2.50
C3C CLA GD . -2.56 -27.28 2.97
C4C CLA GD . -1.74 -27.73 1.85
CMC CLA GD . -4.41 -25.50 3.25
CAC CLA GD . -2.47 -27.80 4.37
CBC CLA GD . -1.37 -27.04 5.08
ND CLA GD . -0.01 -28.42 -0.37
C1D CLA GD . 0.11 -29.02 0.83
C2D CLA GD . 1.15 -30.03 0.83
C3D CLA GD . 1.62 -29.99 -0.46
C4D CLA GD . 0.93 -29.02 -1.17
CMD CLA GD . 1.69 -30.97 1.86
CAD CLA GD . 2.59 -30.60 -1.35
OBD CLA GD . 3.29 -31.55 -1.10
CBD CLA GD . 2.47 -29.96 -2.68
CGD CLA GD . 3.73 -29.22 -2.95
O1D CLA GD . 4.32 -28.68 -2.04
O2D CLA GD . 4.24 -29.14 -4.17
CED CLA GD . 5.65 -28.98 -4.22
C1 CLA GD . -3.11 -29.87 -2.94
C2 CLA GD . -3.97 -28.86 -2.20
C3 CLA GD . -5.00 -29.25 -1.44
C4 CLA GD . -5.37 -30.69 -1.29
C5 CLA GD . -5.86 -28.28 -0.69
C6 CLA GD . -7.01 -27.83 -1.56
C7 CLA GD . -7.56 -26.50 -1.07
C8 CLA GD . -8.49 -26.70 0.11
C9 CLA GD . -9.94 -26.59 -0.34
C10 CLA GD . -8.18 -25.66 1.17
C11 CLA GD . -9.06 -25.85 2.40
C12 CLA GD . -8.72 -27.16 3.10
C13 CLA GD . -9.08 -27.06 4.58
C14 CLA GD . -8.35 -25.90 5.21
C15 CLA GD . -8.71 -28.38 5.27
C16 CLA GD . -9.11 -28.34 6.73
C17 CLA GD . -9.96 -29.57 7.07
C18 CLA GD . -9.47 -30.28 8.31
C19 CLA GD . -8.49 -29.44 9.11
C20 CLA GD . -10.64 -30.71 9.19
MG CLA HD . -7.19 -23.18 -8.80
CHA CLA HD . -4.21 -24.79 -9.35
CHB CLA HD . -6.95 -21.61 -11.83
CHC CLA HD . -10.07 -21.73 -8.17
CHD CLA HD . -7.40 -24.79 -5.68
NA CLA HD . -5.73 -23.19 -10.44
C1A CLA HD . -4.61 -23.88 -10.48
C2A CLA HD . -3.79 -23.60 -11.71
C3A CLA HD . -4.67 -22.59 -12.43
C4A CLA HD . -5.86 -22.44 -11.55
CMA CLA HD . -4.02 -21.30 -12.87
CAA CLA HD . -3.62 -24.81 -12.61
CBA CLA HD . -4.80 -25.77 -12.48
CGA CLA HD . -4.73 -26.79 -13.60
O1A CLA HD . -5.19 -26.51 -14.68
O2A CLA HD . -4.15 -27.95 -13.37
NB CLA HD . -8.33 -21.88 -9.84
C1B CLA HD . -8.10 -21.37 -11.08
C2B CLA HD . -9.18 -20.50 -11.46
C3B CLA HD . -10.05 -20.53 -10.41
C4B CLA HD . -9.50 -21.42 -9.40
CMB CLA HD . -9.29 -19.73 -12.74
CAB CLA HD . -11.35 -19.85 -10.26
CBB CLA HD . -12.36 -19.81 -11.37
NC CLA HD . -8.58 -23.35 -7.24
C1C CLA HD . -9.66 -22.59 -7.14
C2C CLA HD . -10.35 -22.76 -5.85
C3C CLA HD . -9.60 -23.67 -5.18
C4C CLA HD . -8.50 -24.02 -6.05
CMC CLA HD . -11.60 -22.06 -5.39
CAC CLA HD . -9.83 -24.22 -3.80
CBC CLA HD . -10.30 -25.65 -3.94
ND CLA HD . -6.15 -24.45 -7.70
C1D CLA HD . -6.30 -25.05 -6.50
C2D CLA HD . -5.20 -25.95 -6.20
C3D CLA HD . -4.40 -25.84 -7.32
C4D CLA HD . -4.98 -24.95 -8.21
CMD CLA HD . -4.86 -26.84 -5.05
CAD CLA HD . -3.17 -26.31 -7.91
OBD CLA HD . -2.61 -27.34 -7.60
CBD CLA HD . -2.96 -25.60 -9.19
CGD CLA HD . -1.85 -24.62 -8.99
O1D CLA HD . -1.81 -23.95 -7.98
O2D CLA HD . -0.89 -24.47 -9.88
CED CLA HD . 0.39 -24.22 -9.33
C1 CLA HD . -4.65 -29.16 -14.02
C2 CLA HD . -6.09 -29.58 -13.93
C3 CLA HD . -6.43 -30.87 -13.84
C4 CLA HD . -5.40 -31.95 -13.83
C5 CLA HD . -7.87 -31.31 -13.75
MG CLA ID . 10.16 18.32 -31.51
CHA CLA ID . 11.44 19.26 -34.59
CHB CLA ID . 9.61 15.13 -32.67
CHC CLA ID . 8.96 17.58 -28.55
CHD CLA ID . 10.71 21.66 -30.39
NA CLA ID . 10.49 17.28 -33.43
C1A CLA ID . 11.01 17.83 -34.53
C2A CLA ID . 11.14 16.84 -35.65
C3A CLA ID . 10.54 15.56 -35.03
C4A CLA ID . 10.19 15.98 -33.64
CMA CLA ID . 9.55 14.72 -35.83
CAA CLA ID . 12.64 16.63 -35.84
CBA CLA ID . 13.30 16.50 -34.47
CGA CLA ID . 14.71 17.04 -34.49
O1A CLA ID . 15.58 16.44 -35.11
O2A CLA ID . 14.97 18.16 -33.83
NB CLA ID . 9.41 16.61 -30.73
C1B CLA ID . 9.25 15.40 -31.35
C2B CLA ID . 8.67 14.46 -30.41
C3B CLA ID . 8.47 15.16 -29.26
C4B CLA ID . 8.96 16.53 -29.47
CMB CLA ID . 8.32 13.02 -30.68
CAB CLA ID . 7.91 14.63 -28.00
CBB CLA ID . 6.89 15.44 -27.23
NC CLA ID . 9.86 19.45 -29.76
C1C CLA ID . 9.41 18.93 -28.64
C2C CLA ID . 9.42 19.89 -27.51
C3C CLA ID . 9.91 21.04 -28.06
C4C CLA ID . 10.19 20.76 -29.46
CMC CLA ID . 8.98 19.64 -26.09
CAC CLA ID . 10.15 22.35 -27.34
CBC CLA ID . 8.85 23.11 -27.22
ND CLA ID . 10.87 20.05 -32.19
C1D CLA ID . 11.06 21.31 -31.72
C2D CLA ID . 11.63 22.21 -32.72
C3D CLA ID . 11.77 21.39 -33.83
C4D CLA ID . 11.32 20.11 -33.50
CMD CLA ID . 12.02 23.66 -32.72
CAD CLA ID . 12.21 21.40 -35.21
OBD CLA ID . 12.85 22.29 -35.75
CBD CLA ID . 12.06 20.01 -35.74
CGD CLA ID . 11.10 19.97 -36.90
O1D CLA ID . 9.90 20.00 -36.69
O2D CLA ID . 11.54 19.93 -38.15
CED CLA ID . 10.90 20.81 -39.07
C1 CLA ID . 16.23 18.32 -33.09
C2 CLA ID . 16.82 17.21 -32.26
C3 CLA ID . 17.35 17.47 -31.06
C4 CLA ID . 17.38 18.86 -30.49
C5 CLA ID . 17.96 16.39 -30.19
C6 CLA ID . 19.30 15.98 -30.78
C7 CLA ID . 20.43 16.30 -29.80
C8 CLA ID . 21.47 15.19 -29.81
C9 CLA ID . 22.01 14.94 -28.41
C10 CLA ID . 22.60 15.55 -30.76
C11 CLA ID . 23.23 14.30 -31.37
C12 CLA ID . 24.65 14.57 -31.85
C13 CLA ID . 25.20 13.36 -32.59
C14 CLA ID . 26.60 13.64 -33.10
C15 CLA ID . 24.27 12.99 -33.74
C16 CLA ID . 24.40 11.52 -34.10
C17 CLA ID . 25.14 11.35 -35.43
C18 CLA ID . 24.76 10.05 -36.11
C19 CLA ID . 23.36 9.61 -35.72
C20 CLA ID . 24.88 10.18 -37.62
MG CLA JD . 13.42 6.08 -22.91
CHA CLA JD . 11.33 4.67 -25.23
CHB CLA JD . 15.47 3.31 -23.02
CHC CLA JD . 15.36 7.54 -20.73
CHD CLA JD . 11.32 8.90 -22.84
NA CLA JD . 13.43 4.18 -24.02
C1A CLA JD . 12.50 3.78 -24.89
C2A CLA JD . 12.77 2.41 -25.42
C3A CLA JD . 14.06 2.03 -24.70
C4A CLA JD . 14.35 3.22 -23.87
CMA CLA JD . 14.12 0.67 -24.04
CAA CLA JD . 12.96 2.51 -26.93
CBA CLA JD . 14.19 1.80 -27.44
CGA CLA JD . 15.04 2.83 -28.15
O1A CLA JD . 15.60 3.67 -27.48
O2A CLA JD . 15.12 2.79 -29.47
NB CLA JD . 15.15 5.52 -22.01
C1B CLA JD . 15.84 4.38 -22.18
C2B CLA JD . 17.01 4.39 -21.37
C3B CLA JD . 17.00 5.57 -20.71
C4B CLA JD . 15.79 6.29 -21.14
CMB CLA JD . 18.06 3.33 -21.24
CAB CLA JD . 18.05 6.01 -19.75
CBB CLA JD . 18.01 7.27 -18.93
NC CLA JD . 13.38 7.95 -21.98
C1C CLA JD . 14.26 8.34 -21.10
C2C CLA JD . 13.98 9.67 -20.55
C3C CLA JD . 12.84 10.06 -21.18
C4C CLA JD . 12.47 8.98 -22.07
CMC CLA JD . 14.82 10.38 -19.53
CAC CLA JD . 12.09 11.36 -21.03
CBC CLA JD . 11.54 11.50 -19.64
ND CLA JD . 11.77 6.72 -23.76
C1D CLA JD . 10.98 7.82 -23.68
C2D CLA JD . 9.82 7.73 -24.52
C3D CLA JD . 9.96 6.49 -25.13
C4D CLA JD . 11.13 5.90 -24.66
CMD CLA JD . 8.66 8.63 -24.80
CAD CLA JD . 9.34 5.60 -26.05
OBD CLA JD . 8.30 5.81 -26.66
CBD CLA JD . 10.22 4.41 -26.21
CGD CLA JD . 9.50 3.18 -25.75
O1D CLA JD . 9.21 3.07 -24.59
O2D CLA JD . 9.20 2.22 -26.59
CED CLA JD . 7.92 1.63 -26.35
C1 CLA JD . 16.14 3.54 -30.22
C2 CLA JD . 16.35 5.02 -30.03
C3 CLA JD . 16.54 5.83 -31.08
C4 CLA JD . 16.56 5.28 -32.48
C5 CLA JD . 16.75 7.31 -30.93
C6 CLA JD . 17.65 7.84 -32.04
C7 CLA JD . 17.79 9.35 -31.93
C8 CLA JD . 19.08 9.81 -32.59
C9 CLA JD . 20.20 9.85 -31.56
C10 CLA JD . 18.85 11.18 -33.24
C11 CLA JD . 19.93 12.18 -32.88
C12 CLA JD . 19.54 13.57 -33.36
C13 CLA JD . 20.68 14.23 -34.13
C14 CLA JD . 20.24 15.58 -34.68
C15 CLA JD . 21.16 13.30 -35.23
C16 CLA JD . 20.39 13.47 -36.54
C17 CLA JD . 21.24 13.05 -37.72
C18 CLA JD . 20.40 12.35 -38.78
C19 CLA JD . 19.12 13.12 -39.06
C20 CLA JD . 21.20 12.15 -40.06
C1 PQN KD . 5.92 11.35 -18.34
O1 PQN KD . 6.34 10.75 -17.34
C2 PQN KD . 6.83 12.18 -19.14
C2M PQN KD . 8.26 12.29 -18.73
C3 PQN KD . 6.38 12.85 -20.22
C4 PQN KD . 4.97 12.76 -20.61
O4 PQN KD . 4.55 13.36 -21.61
C5 PQN KD . 4.03 11.93 -19.83
C6 PQN KD . 2.70 11.84 -20.20
C7 PQN KD . 1.85 11.06 -19.44
C8 PQN KD . 2.31 10.39 -18.33
C9 PQN KD . 3.65 10.47 -17.97
C10 PQN KD . 4.50 11.24 -18.71
C11 PQN KD . 7.29 13.71 -21.05
C12 PQN KD . 7.90 12.82 -22.09
C13 PQN KD . 7.93 13.22 -23.36
C14 PQN KD . 7.33 14.52 -23.76
C15 PQN KD . 8.55 12.32 -24.38
C16 PQN KD . 10.03 12.65 -24.45
C17 PQN KD . 10.59 12.02 -25.71
C18 PQN KD . 11.86 12.73 -26.10
C19 PQN KD . 11.68 13.47 -27.42
C20 PQN KD . 12.98 11.71 -26.20
C21 PQN KD . 12.46 10.30 -26.45
C22 PQN KD . 13.62 9.36 -26.71
C23 PQN KD . 13.15 7.96 -27.05
C24 PQN KD . 14.16 6.95 -26.54
C25 PQN KD . 12.99 7.84 -28.55
C26 PQN KD . 12.24 6.58 -28.93
C27 PQN KD . 11.44 6.84 -30.21
C28 PQN KD . 11.34 5.61 -31.09
C29 PQN KD . 12.70 4.95 -31.28
C30 PQN KD . 10.34 4.63 -30.53
C1 BCR LD . 4.73 -37.70 -48.39
C2 BCR LD . 4.97 -39.13 -47.92
C3 BCR LD . 5.80 -39.12 -46.65
C4 BCR LD . 7.19 -38.58 -46.98
C5 BCR LD . 7.16 -37.39 -47.89
C6 BCR LD . 6.03 -36.93 -48.45
C7 BCR LD . 6.05 -35.66 -49.21
C8 BCR LD . 5.91 -34.47 -48.63
C9 BCR LD . 5.92 -33.19 -49.31
C10 BCR LD . 5.81 -31.93 -48.62
C11 BCR LD . 6.11 -31.16 -47.48
C33 BCR LD . 8.46 -36.69 -48.18
C31 BCR LD . 3.79 -37.00 -47.43
C32 BCR LD . 4.13 -37.71 -49.78
C34 BCR LD . 6.03 -33.17 -50.81
C12 BCR LD . 6.33 -30.40 -46.57
C13 BCR LD . 6.57 -29.91 -45.26
C14 BCR LD . 6.99 -28.63 -45.20
C15 BCR LD . 7.30 -27.85 -44.04
C16 BCR LD . 7.31 -26.62 -43.50
C17 BCR LD . 7.77 -26.36 -42.32
C18 BCR LD . 8.25 -25.17 -41.90
C19 BCR LD . 8.77 -24.96 -40.54
C20 BCR LD . 9.03 -24.17 -39.51
C21 BCR LD . 9.51 -23.88 -38.20
C22 BCR LD . 9.52 -22.70 -37.57
C23 BCR LD . 10.07 -22.69 -36.22
C24 BCR LD . 9.58 -21.87 -35.07
C25 BCR LD . 10.25 -22.00 -33.78
C26 BCR LD . 10.00 -23.09 -33.06
C27 BCR LD . 11.05 -23.67 -32.14
C28 BCR LD . 12.15 -22.67 -31.82
C29 BCR LD . 11.65 -21.23 -31.89
C30 BCR LD . 11.21 -20.93 -33.30
C35 BCR LD . 6.36 -30.75 -44.05
C36 BCR LD . 8.27 -24.01 -42.85
C37 BCR LD . 9.00 -21.47 -38.21
C38 BCR LD . 8.68 -23.78 -33.11
C39 BCR LD . 12.39 -20.86 -34.24
C40 BCR LD . 10.46 -19.62 -33.25
C1 BCR MD . 10.00 -40.81 -51.14
C2 BCR MD . 8.61 -41.37 -51.38
C3 BCR MD . 8.50 -42.77 -50.78
C4 BCR MD . 9.48 -43.68 -51.51
C5 BCR MD . 10.85 -43.09 -51.60
C6 BCR MD . 11.07 -41.77 -51.59
C7 BCR MD . 12.37 -41.28 -52.04
C8 BCR MD . 13.23 -40.70 -51.23
C9 BCR MD . 14.55 -40.20 -51.59
C10 BCR MD . 15.13 -39.04 -50.95
C11 BCR MD . 14.96 -37.97 -50.03
C33 BCR MD . 12.03 -44.01 -51.72
C31 BCR MD . 10.18 -40.57 -49.65
C32 BCR MD . 10.16 -39.51 -51.93
C34 BCR MD . 15.34 -40.91 -52.63
C12 BCR MD . 14.94 -37.05 -49.25
C13 BCR MD . 14.45 -35.93 -48.55
C14 BCR MD . 15.39 -35.19 -47.92
C15 BCR MD . 15.19 -34.00 -47.17
C16 BCR MD . 15.78 -33.03 -46.47
C17 BCR MD . 15.15 -32.03 -45.93
C18 BCR MD . 15.72 -31.03 -45.23
C19 BCR MD . 14.99 -29.90 -44.63
C20 BCR MD . 15.19 -28.94 -43.75
C21 BCR MD . 16.07 -28.34 -42.81
C22 BCR MD . 15.95 -27.14 -42.22
C23 BCR MD . 17.06 -26.89 -41.29
C24 BCR MD . 17.58 -25.56 -40.89
C25 BCR MD . 18.72 -25.62 -39.96
C26 BCR MD . 18.52 -25.73 -38.66
C27 BCR MD . 19.35 -26.72 -37.90
C28 BCR MD . 20.83 -26.48 -38.18
C29 BCR MD . 21.14 -25.53 -39.33
C30 BCR MD . 20.15 -25.57 -40.49
C35 BCR MD . 13.01 -35.56 -48.49
C36 BCR MD . 17.19 -31.02 -45.05
C37 BCR MD . 14.84 -26.18 -42.43
C38 BCR MD . 17.51 -24.94 -37.91
C39 BCR MD . 20.41 -26.70 -41.44
C40 BCR MD . 20.38 -24.35 -41.33
C1 BCR ND . -16.72 -42.91 -21.16
C2 BCR ND . -16.56 -43.71 -22.44
C3 BCR ND . -15.25 -44.49 -22.47
C4 BCR ND . -14.09 -43.51 -22.37
C5 BCR ND . -14.24 -42.64 -21.15
C6 BCR ND . -15.44 -42.19 -20.78
C7 BCR ND . -15.54 -40.99 -19.94
C8 BCR ND . -15.21 -39.79 -20.36
C9 BCR ND . -15.28 -38.58 -19.57
C10 BCR ND . -14.37 -37.50 -19.80
C11 BCR ND . -14.25 -36.10 -19.94
C33 BCR ND . -13.02 -42.30 -20.36
C31 BCR ND . -17.08 -43.83 -20.00
C32 BCR ND . -17.81 -41.88 -21.37
C34 BCR ND . -16.32 -38.44 -18.50
C12 BCR ND . -14.07 -34.92 -20.10
C13 BCR ND . -14.20 -33.52 -19.92
C14 BCR ND . -13.38 -32.78 -20.69
C15 BCR ND . -13.29 -31.36 -20.71
C16 BCR ND . -12.96 -30.29 -21.45
C17 BCR ND . -13.01 -29.07 -21.00
C18 BCR ND . -12.65 -27.97 -21.67
C19 BCR ND . -12.75 -26.65 -21.05
C20 BCR ND . -12.74 -25.33 -21.12
C21 BCR ND . -12.82 -24.01 -20.62
C22 BCR ND . -12.20 -22.92 -21.09
C23 BCR ND . -12.45 -21.66 -20.37
C24 BCR ND . -11.78 -20.36 -20.63
C25 BCR ND . -12.15 -19.22 -19.79
C26 BCR ND . -13.07 -18.37 -20.24
C27 BCR ND . -13.24 -17.01 -19.60
C28 BCR ND . -12.89 -17.07 -18.13
C29 BCR ND . -11.49 -17.60 -17.99
C30 BCR ND . -11.48 -19.05 -18.42
C35 BCR ND . -15.16 -32.90 -18.95
C36 BCR ND . -12.14 -28.06 -23.07
C37 BCR ND . -11.33 -22.96 -22.30
C38 BCR ND . -13.96 -18.69 -21.41
C39 BCR ND . -12.19 -19.90 -17.39
C40 BCR ND . -10.03 -19.48 -18.53
C1 BCR OD . -1.17 -36.48 -15.17
C2 BCR OD . -0.35 -37.73 -14.92
C3 BCR OD . 0.62 -37.93 -16.06
C4 BCR OD . -0.18 -38.25 -17.31
C5 BCR OD . -1.30 -37.27 -17.54
C6 BCR OD . -1.79 -36.53 -16.54
C7 BCR OD . -3.02 -35.75 -16.79
C8 BCR OD . -2.91 -34.48 -17.06
C9 BCR OD . -4.01 -33.57 -17.35
C10 BCR OD . -3.68 -32.33 -17.98
C11 BCR OD . -3.99 -30.96 -18.07
C33 BCR OD . -1.84 -37.11 -18.92
C31 BCR OD . -0.26 -35.27 -15.11
C32 BCR OD . -2.29 -36.38 -14.13
C34 BCR OD . -5.42 -33.92 -17.00
C12 BCR OD . -4.18 -29.78 -18.18
C13 BCR OD . -4.92 -28.60 -18.36
C14 BCR OD . -4.21 -27.55 -18.83
C15 BCR OD . -4.72 -26.25 -19.11
C16 BCR OD . -4.44 -24.95 -19.25
C17 BCR OD . -5.34 -24.07 -19.57
C18 BCR OD . -5.14 -22.76 -19.80
C19 BCR OD . -6.27 -21.93 -20.17
C20 BCR OD . -6.78 -20.98 -20.91
C21 BCR OD . -7.76 -20.10 -21.44
C22 BCR OD . -7.58 -18.87 -21.91
C23 BCR OD . -8.78 -18.22 -22.42
C24 BCR OD . -8.85 -17.21 -23.51
C25 BCR OD . -10.18 -16.71 -23.88
C26 BCR OD . -10.81 -15.84 -23.10
C27 BCR OD . -12.28 -15.60 -23.26
C28 BCR OD . -12.65 -15.71 -24.73
C29 BCR OD . -12.27 -17.10 -25.22
C30 BCR OD . -10.77 -17.25 -25.18
C35 BCR OD . -6.38 -28.53 -18.07
C36 BCR OD . -3.76 -22.18 -19.68
C37 BCR OD . -6.25 -18.20 -21.94
C38 BCR OD . -10.10 -15.08 -22.02
C39 BCR OD . -10.13 -16.50 -26.33
C40 BCR OD . -10.47 -18.73 -25.28
O1 LHG PD . -28.66 -37.05 -15.24
C1 LHG PD . -28.15 -37.73 -16.39
C2 LHG PD . -28.83 -37.18 -17.63
O2 LHG PD . -28.79 -38.18 -18.66
C3 LHG PD . -28.15 -35.91 -18.13
O3 LHG PD . -27.34 -35.33 -17.11
P LHG PD . -25.85 -34.83 -17.42
O4 LHG PD . -25.24 -35.71 -18.48
O5 LHG PD . -25.88 -33.34 -17.60
O6 LHG PD . -25.10 -35.15 -16.02
C4 LHG PD . -24.25 -34.19 -15.42
C5 LHG PD . -24.02 -34.59 -13.97
C6 LHG PD . -22.86 -33.78 -13.40
O7 LHG PD . -25.20 -34.32 -13.21
C7 LHG PD . -25.42 -35.25 -12.27
O9 LHG PD . -25.03 -35.05 -11.13
C8 LHG PD . -26.14 -36.53 -12.62
O8 LHG PD . -21.63 -34.37 -13.80
C23 LHG PD . -21.30 -35.58 -13.39
O10 LHG PD . -22.18 -36.42 -13.25
C24 LHG PD . -19.85 -35.92 -13.10
O1 LHG QD . -2.51 -3.10 -44.11
C1 LHG QD . -3.24 -2.40 -45.12
C2 LHG QD . -3.91 -1.18 -44.50
O2 LHG QD . -4.94 -1.63 -43.62
C3 LHG QD . -4.51 -0.30 -45.59
O3 LHG QD . -3.65 0.82 -45.79
P LHG QD . -3.15 1.24 -47.25
O4 LHG QD . -3.24 0.03 -48.15
O5 LHG QD . -3.83 2.53 -47.65
O6 LHG QD . -1.58 1.55 -47.00
C4 LHG QD . -0.79 2.11 -48.04
C5 LHG QD . 0.56 1.41 -48.03
C6 LHG QD . 0.52 0.34 -49.12
O7 LHG QD . 1.61 2.32 -48.30
C7 LHG QD . 2.74 1.96 -47.67
O9 LHG QD . 3.46 1.12 -48.17
C8 LHG QD . 3.12 2.60 -46.37
C9 LHG QD . 4.63 2.50 -46.25
C10 LHG QD . 5.13 2.90 -44.86
O8 LHG QD . -0.04 -0.84 -48.54
C23 LHG QD . 0.76 -1.81 -48.10
O10 LHG QD . 1.89 -1.91 -48.54
C24 LHG QD . 0.25 -2.76 -47.05
C11 LHG QD . 6.39 2.14 -44.53
C12 LHG QD . 6.69 2.22 -43.04
C13 LHG QD . 7.99 1.50 -42.73
C14 LHG QD . 7.79 0.46 -41.65
C15 LHG QD . 9.14 -0.05 -41.16
C16 LHG QD . 9.13 -1.56 -41.04
C17 LHG QD . 8.43 -2.21 -42.23
C18 LHG QD . 8.49 -3.73 -42.11
C19 LHG QD . 9.93 -4.18 -41.92
C20 LHG QD . 10.06 -5.14 -40.76
C21 LHG QD . 11.51 -5.52 -40.53
C22 LHG QD . 11.85 -5.51 -39.05
C25 LHG QD . -0.17 -4.07 -47.70
C26 LHG QD . 0.34 -5.27 -46.91
C27 LHG QD . 1.85 -5.43 -47.04
C28 LHG QD . 2.28 -6.84 -46.69
C29 LHG QD . 3.75 -6.92 -46.32
C30 LHG QD . 4.15 -8.33 -45.93
C31 LHG QD . 5.59 -8.63 -46.32
C32 LHG QD . 6.51 -7.52 -45.82
C33 LHG QD . 6.94 -7.80 -44.39
C34 LHG QD . 8.38 -8.27 -44.34
C35 LHG QD . 9.34 -7.09 -44.23
C36 LHG QD . 10.66 -7.54 -43.63
C37 LHG QD . 11.65 -7.91 -44.73
C38 LHG QD . 12.65 -8.94 -44.27
C1 LMG RD . -28.74 -25.35 -11.52
O1 LMG RD . -28.95 -24.85 -10.21
C2 LMG RD . -29.52 -26.65 -11.70
O2 LMG RD . -29.05 -27.62 -10.75
C3 LMG RD . -29.34 -27.18 -13.11
O3 LMG RD . -30.21 -28.29 -13.32
C4 LMG RD . -29.65 -26.10 -14.14
O4 LMG RD . -31.05 -25.81 -14.13
C5 LMG RD . -28.88 -24.82 -13.82
O5 LMG RD . -30.63 -23.40 -14.68
C6 LMG RD . -29.23 -23.71 -14.80
O6 LMG RD . -29.19 -24.40 -12.49
C7 LMG RD . -28.52 -23.49 -10.09
C8 LMG RD . -28.10 -23.22 -8.65
C9 LMG RD . -26.90 -24.11 -8.33
O7 LMG RD . -27.75 -21.85 -8.51
C10 LMG RD . -27.13 -21.61 -7.34
O9 LMG RD . -25.93 -21.82 -7.26
C11 LMG RD . -27.91 -21.08 -6.16
C12 LMG RD . -27.22 -21.50 -4.87
C13 LMG RD . -26.76 -22.96 -4.95
C14 LMG RD . -25.52 -23.16 -4.09
C15 LMG RD . -24.79 -24.43 -4.51
C16 LMG RD . -23.44 -24.54 -3.82
C17 LMG RD . -22.67 -25.75 -4.33
C18 LMG RD . -21.34 -25.84 -3.63
C19 LMG RD . -20.52 -26.85 -3.90
C20 LMG RD . -19.18 -26.97 -3.21
C21 LMG RD . -18.48 -28.20 -3.69
O8 LMG RD . -27.32 -25.47 -8.34
C28 LMG RD . -26.51 -26.42 -8.77
O10 LMG RD . -26.81 -27.05 -9.77
C29 LMG RD . -25.22 -26.71 -8.03
C30 LMG RD . -25.55 -27.45 -6.73
C31 LMG RD . -24.28 -28.04 -6.12
C1 LMG SD . 0.66 -52.92 -0.67
O1 LMG SD . -0.62 -52.92 -0.04
C2 LMG SD . 1.61 -51.97 0.06
O2 LMG SD . 2.73 -51.66 -0.77
C3 LMG SD . 2.08 -52.56 1.39
O3 LMG SD . 0.98 -52.59 2.31
C4 LMG SD . 2.67 -53.96 1.18
O4 LMG SD . 2.95 -54.54 2.45
C5 LMG SD . 1.72 -54.88 0.41
O5 LMG SD . 1.19 -56.17 2.40
C6 LMG SD . 0.61 -55.45 1.29
O6 LMG SD . 1.20 -54.26 -0.78
C7 LMG SD . -1.15 -51.60 -0.01
C8 LMG SD . -2.54 -51.54 -0.65
C9 LMG SD . -2.45 -52.12 -2.06
O7 LMG SD . -3.49 -52.28 0.12
C10 LMG SD . -3.72 -51.73 1.32
O9 LMG SD . -3.06 -52.07 2.29
C11 LMG SD . -4.78 -50.68 1.48
C12 LMG SD . -4.09 -49.39 1.93
C13 LMG SD . -3.90 -48.44 0.76
C14 LMG SD . -5.20 -47.66 0.50
C15 LMG SD . -5.10 -46.81 -0.76
C16 LMG SD . -6.36 -45.98 -0.92
C17 LMG SD . -6.36 -45.19 -2.23
O8 LMG SD . -1.65 -51.26 -2.86
C28 LMG SD . -2.22 -50.45 -3.75
O10 LMG SD . -2.35 -50.86 -4.89
C29 LMG SD . -2.71 -49.07 -3.38
C30 LMG SD . -1.54 -48.10 -3.39
C31 LMG SD . -2.00 -46.69 -3.80
C32 LMG SD . -2.27 -46.61 -5.30
C33 LMG SD . -2.86 -45.25 -5.67
C1A DGD TD . 0.17 4.43 -28.26
C2A DGD TD . 1.52 3.95 -27.78
C3A DGD TD . 2.57 4.91 -28.31
C4A DGD TD . 3.94 4.56 -27.76
C5A DGD TD . 4.53 3.39 -28.52
C6A DGD TD . 4.94 3.83 -29.91
C7A DGD TD . 6.45 4.06 -29.98
C8A DGD TD . 7.20 2.77 -29.70
C9A DGD TD . 7.14 1.89 -30.91
CAA DGD TD . 8.19 1.14 -31.22
CBA DGD TD . 9.43 1.17 -30.35
CCA DGD TD . 10.59 0.62 -31.14
CDA DGD TD . 10.53 -0.60 -31.64
O1A DGD TD . 0.03 4.84 -29.38
C1B DGD TD . -1.59 0.42 -27.61
C2B DGD TD . -0.34 -0.03 -28.32
C3B DGD TD . -0.64 -1.22 -29.20
C4B DGD TD . -0.49 -2.52 -28.42
C5B DGD TD . 0.91 -2.63 -27.86
C6B DGD TD . 1.03 -3.84 -26.97
C7B DGD TD . 2.32 -3.72 -26.17
C8B DGD TD . 2.56 -4.92 -25.27
C9B DGD TD . 3.56 -4.50 -24.23
CAB DGD TD . 3.95 -5.35 -23.29
CBB DGD TD . 4.93 -4.92 -22.24
CCB DGD TD . 6.30 -4.79 -22.85
CDB DGD TD . 6.91 -5.87 -23.31
CEB DGD TD . 8.27 -5.76 -23.93
CFB DGD TD . 9.30 -6.33 -22.98
CGB DGD TD . 10.54 -6.51 -23.42
CHB DGD TD . 11.59 -7.08 -22.50
CIB DGD TD . 12.90 -7.15 -23.25
O1B DGD TD . -2.46 -0.38 -27.32
O1G DGD TD . -0.97 4.40 -27.39
C1G DGD TD . -2.20 3.94 -27.93
C2G DGD TD . -1.97 2.52 -28.43
O2G DGD TD . -1.76 1.69 -27.28
C3G DGD TD . -3.20 2.08 -29.21
O3G DGD TD . -4.25 3.02 -28.99
C1D DGD TD . -5.16 3.05 -30.08
C2D DGD TD . -6.44 2.32 -29.68
O2D DGD TD . -6.15 0.93 -29.48
C3D DGD TD . -7.47 2.43 -30.79
O3D DGD TD . -8.71 1.88 -30.34
C4D DGD TD . -7.67 3.90 -31.14
O4D DGD TD . -8.16 4.58 -29.99
C5D DGD TD . -6.33 4.49 -31.54
O5D DGD TD . -7.68 6.02 -32.77
C6D DGD TD . -6.51 5.95 -31.95
O6D DGD TD . -5.46 4.40 -30.42
C1E DGD TD . -7.45 6.74 -33.97
C2E DGD TD . -8.78 7.03 -34.65
O2E DGD TD . -9.65 7.67 -33.72
C3E DGD TD . -9.43 5.76 -35.17
O3E DGD TD . -10.56 6.09 -35.98
C4E DGD TD . -8.43 4.97 -36.01
O4E DGD TD . -8.11 5.73 -37.18
C5E DGD TD . -7.18 4.72 -35.22
O6E DGD TD . -6.61 5.98 -34.82
C6E DGD TD . -6.15 3.96 -36.04
O5E DGD TD . -6.72 2.71 -36.46
C1B LMT UD . 3.00 -47.11 5.30
C2B LMT UD . 2.77 -47.78 6.66
C3B LMT UD . 3.12 -46.80 7.81
C4B LMT UD . 4.53 -46.18 7.59
C5B LMT UD . 4.56 -45.60 6.17
C6B LMT UD . 5.91 -44.95 5.91
O1B LMT UD . 2.04 -46.14 5.12
O2B LMT UD . 1.46 -48.14 6.73
O3B LMT UD . 2.99 -47.39 9.04
O4' LMT UD . 4.77 -45.19 8.50
O5B LMT UD . 4.28 -46.57 5.20
O6B LMT UD . 5.74 -43.67 5.49
C1' LMT UD . -0.81 -44.88 2.47
C2' LMT UD . -1.19 -46.16 3.22
C3' LMT UD . -0.23 -46.35 4.42
C4' LMT UD . 1.23 -46.25 3.97
C5' LMT UD . 1.35 -44.94 3.17
C6' LMT UD . 2.74 -44.62 2.72
O1' LMT UD . -1.57 -44.71 1.35
O2' LMT UD . -2.46 -46.04 3.71
O3' LMT UD . -0.45 -47.55 5.04
O5' LMT UD . 0.52 -44.99 2.04
O6' LMT UD . 2.93 -45.36 1.58
C1 LMT UD . -2.03 -43.40 1.23
C2 LMT UD . -2.12 -43.13 -0.23
C3 LMT UD . -2.49 -41.74 -0.59
C4 LMT UD . -3.01 -41.73 -2.01
C5 LMT UD . -3.74 -40.47 -2.27
C6 LMT UD . -4.39 -40.48 -3.61
C7 LMT UD . -3.34 -40.48 -4.67
C8 LMT UD . -3.94 -39.98 -5.95
C9 LMT UD . -4.44 -41.05 -6.85
C1 LMG VD . -31.30 -33.23 -8.26
O1 LMG VD . -31.15 -34.61 -7.90
C2 LMG VD . -30.81 -33.05 -9.68
O2 LMG VD . -29.41 -33.34 -9.75
C3 LMG VD . -31.05 -31.62 -10.16
O3 LMG VD . -30.78 -31.54 -11.56
C4 LMG VD . -32.50 -31.22 -9.91
O4 LMG VD . -33.36 -31.97 -10.78
C5 LMG VD . -32.88 -31.48 -8.46
O5 LMG VD . -34.54 -29.72 -8.48
C6 LMG VD . -34.33 -31.11 -8.20
O6 LMG VD . -32.67 -32.86 -8.15
C7 LMG VD . -31.45 -34.84 -6.52
C8 LMG VD . -30.39 -34.18 -5.65
C9 LMG VD . -30.40 -34.84 -4.28
O7 LMG VD . -29.11 -34.33 -6.25
C10 LMG VD . -28.18 -33.53 -5.71
O9 LMG VD . -28.09 -33.46 -4.50
C11 LMG VD . -27.25 -32.75 -6.59
C12 LMG VD . -25.86 -33.38 -6.54
C13 LMG VD . -25.47 -33.72 -5.11
C14 LMG VD . -25.58 -32.48 -4.21
C15 LMG VD . -25.20 -32.82 -2.78
O8 LMG VD . -29.67 -36.06 -4.34
C28 LMG VD . -29.87 -36.99 -3.42
O10 LMG VD . -30.83 -36.90 -2.67
C29 LMG VD . -28.90 -38.15 -3.28
C30 LMG VD . -27.68 -37.68 -2.49
C31 LMG VD . -26.72 -38.84 -2.23
C32 LMG VD . -25.73 -38.46 -1.13
C33 LMG VD . -25.01 -37.16 -1.47
C34 LMG VD . -24.19 -36.68 -0.29
C35 LMG VD . -25.08 -36.34 0.90
C36 LMG VD . -24.23 -35.82 2.04
C1B LMT WD . 15.47 -53.55 -50.06
C2B LMT WD . 16.52 -53.21 -48.99
C3B LMT WD . 16.74 -51.69 -48.91
C4B LMT WD . 17.04 -51.12 -50.30
C5B LMT WD . 15.88 -51.54 -51.19
C6B LMT WD . 16.06 -50.94 -52.58
O1B LMT WD . 14.22 -53.19 -49.61
O2B LMT WD . 16.05 -53.68 -47.80
O3B LMT WD . 17.71 -51.37 -48.00
O4' LMT WD . 17.11 -49.75 -50.26
O5B LMT WD . 15.77 -52.93 -51.27
O6B LMT WD . 16.59 -49.68 -52.47
C1' LMT WD . 10.35 -54.59 -49.57
C2' LMT WD . 11.39 -55.58 -49.03
C3' LMT WD . 12.72 -54.83 -48.72
C4' LMT WD . 13.16 -54.04 -49.95
C5' LMT WD . 11.95 -53.15 -50.32
C6' LMT WD . 12.24 -52.14 -51.38
O1' LMT WD . 9.24 -55.26 -49.98
O2' LMT WD . 10.90 -56.12 -47.87
O3' LMT WD . 13.70 -55.69 -48.36
O5' LMT WD . 10.88 -53.95 -50.71
O6' LMT WD . 12.78 -51.09 -50.72
C1 LMT WD . 8.06 -54.86 -49.35
C2 LMT WD . 7.73 -53.52 -49.95
C3 LMT WD . 6.29 -53.12 -49.92
C4 LMT WD . 6.21 -51.69 -50.33
C5 LMT WD . 4.78 -51.32 -50.55
C6 LMT WD . 4.62 -49.90 -50.98
C7 LMT WD . 3.20 -49.68 -51.41
C8 LMT WD . 3.04 -48.27 -51.85
CA CA XD . 17.85 -38.02 -10.31
C1 BCR YD . 10.14 -45.18 -44.80
C2 BCR YD . 10.95 -45.18 -46.08
C3 BCR YD . 11.45 -43.79 -46.41
C4 BCR YD . 10.23 -42.93 -46.67
C5 BCR YD . 9.25 -42.94 -45.51
C6 BCR YD . 9.22 -43.98 -44.66
C7 BCR YD . 8.30 -44.02 -43.50
C8 BCR YD . 6.97 -44.06 -43.42
C9 BCR YD . 6.20 -44.12 -42.19
C10 BCR YD . 4.82 -43.71 -41.94
C11 BCR YD . 3.45 -43.59 -42.30
C33 BCR YD . 8.37 -41.75 -45.35
C31 BCR YD . 11.07 -45.16 -43.60
C32 BCR YD . 9.27 -46.41 -44.76
C34 BCR YD . 6.94 -44.69 -41.02
C12 BCR YD . 2.27 -43.48 -42.55
C13 BCR YD . 1.28 -43.17 -43.52
C14 BCR YD . -0.07 -43.12 -43.36
C15 BCR YD . -0.97 -43.35 -42.27
C16 BCR YD . -2.30 -43.39 -41.99
C17 BCR YD . -3.20 -43.13 -42.89
C18 BCR YD . -4.53 -43.22 -42.79
C19 BCR YD . -5.37 -43.63 -41.66
C20 BCR YD . -6.62 -44.01 -41.41
C21 BCR YD . -7.85 -44.47 -40.85
C22 BCR YD . -9.09 -44.11 -41.22
C23 BCR YD . -10.29 -44.70 -40.57
C24 BCR YD . -11.69 -44.24 -40.75
C25 BCR YD . -12.87 -44.89 -40.14
C26 BCR YD . -13.80 -45.32 -40.98
C27 BCR YD . -14.90 -46.24 -40.52
C28 BCR YD . -15.36 -45.92 -39.10
C29 BCR YD . -14.56 -44.84 -38.38
C30 BCR YD . -13.08 -45.03 -38.62
C35 BCR YD . 1.79 -42.85 -44.89
C36 BCR YD . -5.30 -42.86 -44.03
C37 BCR YD . -9.27 -43.11 -42.32
C38 BCR YD . -13.79 -44.93 -42.42
C39 BCR YD . -12.63 -46.37 -38.06
C40 BCR YD . -12.31 -43.95 -37.89
MG CLA ZD . 30.94 6.93 -31.15
CHA CLA ZD . 33.73 8.73 -30.24
CHB CLA ZD . 32.68 5.44 -33.72
CHC CLA ZD . 28.18 5.28 -31.90
CHD CLA ZD . 29.17 8.53 -28.49
NA CLA ZD . 33.00 7.06 -31.92
C1A CLA ZD . 33.96 7.83 -31.43
C2A CLA ZD . 35.26 7.69 -32.16
C3A CLA ZD . 34.90 6.65 -33.24
C4A CLA ZD . 33.45 6.36 -32.98
CMA CLA ZD . 35.36 6.87 -34.68
CAA CLA ZD . 36.28 7.12 -31.19
CBA CLA ZD . 37.31 6.25 -31.90
CGA CLA ZD . 38.43 7.14 -32.40
O1A CLA ZD . 38.98 7.89 -31.62
O2A CLA ZD . 38.76 7.07 -33.67
NB CLA ZD . 30.49 5.57 -32.61
C1B CLA ZD . 31.32 5.06 -33.56
C2B CLA ZD . 30.60 4.10 -34.35
C3B CLA ZD . 29.34 4.07 -33.83
C4B CLA ZD . 29.29 5.01 -32.71
CMB CLA ZD . 31.12 3.30 -35.52
CAB CLA ZD . 28.20 3.24 -34.28
CBB CLA ZD . 26.98 3.09 -33.40
NC CLA ZD . 29.00 6.91 -30.32
C1C CLA ZD . 28.01 6.15 -30.79
C2C CLA ZD . 26.75 6.33 -30.04
C3C CLA ZD . 27.05 7.25 -29.07
C4C CLA ZD . 28.45 7.61 -29.25
CMC CLA ZD . 25.44 5.63 -30.28
CAC CLA ZD . 26.11 7.79 -28.02
CBC CLA ZD . 26.56 7.38 -26.64
ND CLA ZD . 31.25 8.26 -29.71
C1D CLA ZD . 30.53 8.85 -28.72
C2D CLA ZD . 31.31 9.79 -27.94
C3D CLA ZD . 32.57 9.75 -28.56
C4D CLA ZD . 32.51 8.83 -29.60
CMD CLA ZD . 31.03 10.70 -26.77
CAD CLA ZD . 33.90 10.30 -28.48
OBD CLA ZD . 34.19 11.34 -27.92
CBD CLA ZD . 34.71 9.64 -29.55
CGD CLA ZD . 35.19 10.66 -30.55
O1D CLA ZD . 36.16 10.45 -31.24
O2D CLA ZD . 34.52 11.81 -30.69
CED CLA ZD . 34.07 12.09 -32.01
C1 CLA ZD . 39.12 8.30 -34.39
C2 CLA ZD . 38.70 9.65 -33.86
C3 CLA ZD . 38.12 10.54 -34.66
C4 CLA ZD . 37.70 11.89 -34.14
C5 CLA ZD . 37.82 10.26 -36.12
C6 CLA ZD . 36.66 11.14 -36.57
C7 CLA ZD . 35.55 10.29 -37.17
C8 CLA ZD . 35.39 10.58 -38.66
C9 CLA ZD . 36.73 10.99 -39.27
C10 CLA ZD . 34.36 11.68 -38.85
C11 CLA ZD . 33.99 11.84 -40.32
C12 CLA ZD . 32.58 11.32 -40.58
C13 CLA ZD . 32.04 11.86 -41.90
C14 CLA ZD . 32.63 13.23 -42.21
C15 CLA ZD . 30.51 11.92 -41.83
C16 CLA ZD . 30.00 11.82 -40.40
C17 CLA ZD . 29.04 10.64 -40.25
C18 CLA ZD . 28.32 10.36 -41.56
C19 CLA ZD . 28.70 8.99 -42.10
C20 CLA ZD . 26.82 10.49 -41.40
MG CLA AE . -14.62 -41.05 -36.02
CHA CLA AE . -16.73 -41.77 -38.60
CHB CLA AE . -17.18 -41.47 -33.77
CHC CLA AE . -12.48 -40.43 -33.61
CHD CLA AE . -12.02 -40.54 -38.37
NA CLA AE . -16.74 -41.58 -36.15
C1A CLA AE . -17.40 -41.83 -37.26
C2A CLA AE . -18.85 -42.13 -37.02
C3A CLA AE . -18.95 -42.02 -35.50
C4A CLA AE . -17.56 -41.68 -35.09
CMA CLA AE . -20.11 -41.26 -34.87
CAA CLA AE . -19.15 -43.56 -37.42
CBA CLA AE . -17.95 -44.44 -37.12
CGA CLA AE . -18.29 -45.86 -37.41
O1A CLA AE . -18.83 -46.17 -38.46
O2A CLA AE . -17.94 -46.76 -36.51
NB CLA AE . -14.80 -40.98 -34.00
C1B CLA AE . -15.92 -41.14 -33.26
C2B CLA AE . -15.62 -40.95 -31.87
C3B CLA AE . -14.29 -40.66 -31.82
C4B CLA AE . -13.78 -40.68 -33.19
CMB CLA AE . -16.56 -41.04 -30.72
CAB CLA AE . -13.53 -40.36 -30.59
CBB CLA AE . -12.13 -40.88 -30.37
NC CLA AE . -12.55 -40.67 -35.99
C1C CLA AE . -11.88 -40.41 -34.89
C2C CLA AE . -10.47 -40.07 -35.16
C3C CLA AE . -10.35 -40.16 -36.51
C4C CLA AE . -11.66 -40.53 -37.03
CMC CLA AE . -9.40 -39.71 -34.16
CAC CLA AE . -9.10 -39.92 -37.30
CBC CLA AE . -8.50 -41.25 -37.69
ND CLA AE . -14.33 -41.11 -37.97
C1D CLA AE . -13.30 -40.92 -38.83
C2D CLA AE . -13.70 -41.12 -40.21
C3D CLA AE . -15.05 -41.46 -40.11
C4D CLA AE . -15.40 -41.45 -38.76
CMD CLA AE . -13.00 -41.04 -41.52
CAD CLA AE . -16.21 -41.82 -40.89
OBD CLA AE . -16.30 -41.69 -42.09
CBD CLA AE . -17.36 -41.89 -39.95
CGD CLA AE . -18.05 -40.57 -40.06
O1D CLA AE . -17.44 -39.61 -40.48
O2D CLA AE . -19.30 -40.42 -39.69
CED CLA AE . -19.70 -39.05 -39.58
C1 CLA AE . -18.03 -48.19 -36.80
C2 CLA AE . -18.00 -49.14 -35.64
C3 CLA AE . -16.98 -49.99 -35.56
C4 CLA AE . -15.87 -49.96 -36.59
C5 CLA AE . -16.83 -50.99 -34.46
C6 CLA AE . -15.41 -50.93 -33.93
C7 CLA AE . -15.22 -49.70 -33.05
C8 CLA AE . -15.22 -50.12 -31.59
C9 CLA AE . -15.53 -48.93 -30.69
C10 CLA AE . -13.86 -50.72 -31.25
C11 CLA AE . -13.75 -51.00 -29.75
C12 CLA AE . -13.81 -52.50 -29.45
C13 CLA AE . -13.47 -52.75 -27.99
C14 CLA AE . -12.00 -52.49 -27.72
C15 CLA AE . -13.91 -54.16 -27.59
C16 CLA AE . -12.73 -55.11 -27.43
C17 CLA AE . -13.20 -56.45 -26.88
C18 CLA AE . -13.09 -57.52 -27.95
C19 CLA AE . -11.80 -58.32 -27.77
C20 CLA AE . -14.30 -58.43 -27.90
MG CLA BE . -23.82 -37.28 -19.78
CHA CLA BE . -21.88 -34.61 -20.71
CHB CLA BE . -22.32 -37.33 -16.69
CHC CLA BE . -25.89 -39.66 -18.95
CHD CLA BE . -25.24 -37.27 -23.01
NA CLA BE . -22.27 -36.09 -18.77
C1A CLA BE . -21.60 -35.07 -19.32
C2A CLA BE . -20.53 -34.54 -18.40
C3A CLA BE . -20.71 -35.42 -17.16
C4A CLA BE . -21.82 -36.34 -17.53
CMA CLA BE . -19.46 -35.99 -16.51
CAA CLA BE . -20.78 -33.10 -18.03
CBA CLA BE . -22.23 -32.91 -17.63
CGA CLA BE . -22.38 -31.51 -17.07
O1A CLA BE . -23.48 -31.11 -16.73
O2A CLA BE . -21.29 -30.79 -16.97
NB CLA BE . -24.08 -38.33 -18.07
C1B CLA BE . -23.35 -38.26 -16.92
C2B CLA BE . -23.81 -39.25 -15.99
C3B CLA BE . -24.82 -39.91 -16.64
C4B CLA BE . -24.98 -39.30 -17.96
CMB CLA BE . -23.25 -39.46 -14.61
CAB CLA BE . -25.68 -41.03 -16.19
CBB CLA BE . -25.33 -41.92 -15.02
NC CLA BE . -25.39 -38.25 -20.79
C1C CLA BE . -26.02 -39.28 -20.29
C2C CLA BE . -26.87 -39.97 -21.29
C3C CLA BE . -26.69 -39.24 -22.43
C4C CLA BE . -25.77 -38.18 -22.10
CMC CLA BE . -27.74 -41.18 -21.12
CAC CLA BE . -27.32 -39.52 -23.78
CBC CLA BE . -28.42 -38.53 -24.07
ND CLA BE . -23.69 -36.28 -21.46
C1D CLA BE . -24.28 -36.31 -22.69
C2D CLA BE . -23.77 -35.28 -23.57
C3D CLA BE . -22.84 -34.64 -22.78
C4D CLA BE . -22.80 -35.23 -21.53
CMD CLA BE . -24.04 -34.88 -24.99
CAD CLA BE . -21.91 -33.55 -22.80
OBD CLA BE . -21.65 -32.86 -23.78
CBD CLA BE . -21.23 -33.48 -21.48
CGD CLA BE . -19.83 -33.89 -21.78
O1D CLA BE . -19.59 -34.47 -22.82
O2D CLA BE . -18.84 -33.65 -20.95
CED CLA BE . -17.74 -34.54 -21.10
C1 CLA BE . -20.98 -30.07 -15.75
C2 CLA BE . -21.83 -28.91 -15.30
C3 CLA BE . -21.23 -27.80 -14.84
C4 CLA BE . -22.04 -26.63 -14.39
C5 CLA BE . -19.74 -27.67 -14.74
C6 CLA BE . -19.38 -26.77 -13.57
C7 CLA BE . -17.95 -26.31 -13.68
C8 CLA BE . -17.30 -26.22 -12.30
C9 CLA BE . -18.07 -25.22 -11.45
C10 CLA BE . -15.84 -25.83 -12.44
C11 CLA BE . -15.33 -25.22 -11.15
C12 CLA BE . -14.02 -25.87 -10.71
C13 CLA BE . -12.96 -24.80 -10.47
C14 CLA BE . -12.52 -24.23 -11.80
C15 CLA BE . -11.79 -25.38 -9.70
C16 CLA BE . -10.60 -25.68 -10.60
C17 CLA BE . -9.31 -25.80 -9.78
C18 CLA BE . -8.79 -27.23 -9.76
C19 CLA BE . -7.34 -27.28 -10.19
C20 CLA BE . -8.97 -27.85 -8.38
FE1 SF4 CE . -18.82 20.02 -22.70
FE2 SF4 CE . -18.87 17.32 -22.27
FE3 SF4 CE . -16.54 18.72 -21.96
FE4 SF4 CE . -17.59 18.33 -24.46
S1 SF4 CE . -16.81 16.71 -23.04
S2 SF4 CE . -16.74 20.28 -23.61
S3 SF4 CE . -19.83 18.44 -24.02
S4 SF4 CE . -18.44 18.94 -20.72
FE1 SF4 DE . -29.92 16.68 -17.25
FE2 SF4 DE . -30.23 15.78 -19.81
FE3 SF4 DE . -28.21 14.78 -18.23
FE4 SF4 DE . -28.09 17.35 -19.16
S1 SF4 DE . -28.04 15.44 -20.42
S2 SF4 DE . -27.64 16.64 -17.03
S3 SF4 DE . -30.30 17.95 -19.10
S4 SF4 DE . -30.47 14.55 -17.89
MG CLA EE . -4.34 -38.29 3.07
CHA CLA EE . -5.63 -39.43 6.05
CHB CLA EE . -7.12 -36.34 2.57
CHC CLA EE . -2.95 -37.21 0.30
CHD CLA EE . -1.48 -40.29 3.63
NA CLA EE . -6.19 -37.90 4.19
C1A CLA EE . -6.53 -38.45 5.35
C2A CLA EE . -7.86 -37.99 5.83
C3A CLA EE . -8.30 -37.03 4.71
C4A CLA EE . -7.16 -37.06 3.77
CMA CLA EE . -9.70 -37.17 4.13
CAA CLA EE . -7.64 -37.23 7.13
CBA CLA EE . -8.76 -36.25 7.45
CGA CLA EE . -10.00 -37.04 7.85
O1A CLA EE . -9.87 -38.11 8.40
O2A CLA EE . -11.18 -36.51 7.59
NB CLA EE . -4.93 -36.96 1.66
C1B CLA EE . -6.10 -36.28 1.59
C2B CLA EE . -6.14 -35.52 0.37
C3B CLA EE . -4.96 -35.78 -0.25
C4B CLA EE . -4.21 -36.70 0.58
CMB CLA EE . -7.25 -34.61 -0.11
CAB CLA EE . -4.46 -35.27 -1.55
CBB CLA EE . -4.10 -33.83 -1.70
NC CLA EE . -2.48 -38.63 2.16
C1C CLA EE . -2.16 -38.13 0.98
C2C CLA EE . -0.87 -38.64 0.48
C3C CLA EE . -0.44 -39.49 1.46
C4C CLA EE . -1.46 -39.48 2.50
CMC CLA EE . -0.20 -38.29 -0.81
CAC CLA EE . 0.83 -40.30 1.45
CBC CLA EE . 1.89 -39.52 2.17
ND CLA EE . -3.63 -39.53 4.43
C1D CLA EE . -2.52 -40.30 4.57
C2D CLA EE . -2.57 -41.11 5.77
C3D CLA EE . -3.79 -40.76 6.34
C4D CLA EE . -4.40 -39.81 5.53
CMD CLA EE . -1.64 -42.11 6.40
CAD CLA EE . -4.64 -41.02 7.48
OBD CLA EE . -4.54 -41.98 8.20
CBD CLA EE . -5.85 -40.16 7.35
CGD CLA EE . -7.06 -41.02 7.21
O1D CLA EE . -6.99 -42.13 6.71
O2D CLA EE . -8.23 -40.57 7.62
CED CLA EE . -8.88 -41.36 8.61
C1 CLA EE . -11.70 -35.42 8.43
C2 CLA EE . -11.48 -35.44 9.92
C3 CLA EE . -12.45 -35.07 10.76
C4 CLA EE . -12.25 -35.09 12.24
C5 CLA EE . -13.80 -34.61 10.27
C6 CLA EE . -14.14 -33.29 10.95
C7 CLA EE . -14.22 -32.15 9.93
C8 CLA EE . -15.56 -31.42 10.07
C9 CLA EE . -16.73 -32.35 9.78
C10 CLA EE . -15.55 -30.22 9.13
C11 CLA EE . -15.59 -28.92 9.94
C12 CLA EE . -16.50 -27.89 9.30
C13 CLA EE . -17.11 -26.95 10.34
C14 CLA EE . -16.20 -26.77 11.55
C15 CLA EE . -18.48 -27.48 10.77
C16 CLA EE . -19.40 -27.73 9.59
C17 CLA EE . -20.13 -26.46 9.18
C18 CLA EE . -21.03 -26.75 7.98
C19 CLA EE . -22.09 -27.77 8.36
C20 CLA EE . -21.66 -25.47 7.44
C1 BCR FE . -8.32 -5.90 -1.52
C2 BCR FE . -9.39 -5.98 -2.59
C3 BCR FE . -10.36 -4.81 -2.49
C4 BCR FE . -11.06 -4.92 -1.15
C5 BCR FE . -10.07 -4.95 -0.02
C6 BCR FE . -8.85 -5.47 -0.18
C7 BCR FE . -7.93 -5.61 0.96
C8 BCR FE . -8.06 -6.52 1.90
C9 BCR FE . -7.17 -6.69 3.02
C10 BCR FE . -7.70 -6.89 4.35
C11 BCR FE . -7.62 -7.68 5.51
C33 BCR FE . -10.48 -4.36 1.29
C31 BCR FE . -7.27 -4.88 -1.90
C32 BCR FE . -7.66 -7.26 -1.37
C34 BCR FE . -5.69 -6.68 2.81
C12 BCR FE . -7.63 -8.32 6.54
C13 BCR FE . -7.14 -9.18 7.55
C14 BCR FE . -8.07 -9.80 8.30
C15 BCR FE . -7.84 -10.72 9.36
C16 BCR FE . -8.31 -11.32 10.47
C17 BCR FE . -7.68 -12.23 11.12
C18 BCR FE . -8.23 -13.17 11.93
C19 BCR FE . -7.38 -14.15 12.60
C20 BCR FE . -7.22 -15.33 13.17
C21 BCR FE . -6.47 -16.36 13.80
C22 BCR FE . -6.93 -17.33 14.61
C23 BCR FE . -5.90 -18.25 15.07
C24 BCR FE . -5.97 -19.16 16.25
C25 BCR FE . -4.78 -19.99 16.50
C26 BCR FE . -3.66 -19.42 16.94
C27 BCR FE . -2.40 -20.22 16.99
C28 BCR FE . -2.75 -21.57 17.54
C29 BCR FE . -3.63 -22.28 16.53
C30 BCR FE . -4.90 -21.49 16.26
C35 BCR FE . -5.68 -9.38 7.78
C36 BCR FE . -9.70 -13.23 12.14
C37 BCR FE . -8.37 -17.46 14.99
C38 BCR FE . -3.57 -17.99 17.39
C39 BCR FE . -6.05 -22.02 17.10
C40 BCR FE . -5.16 -21.71 14.78
C1 BCR GE . -5.90 -31.63 3.36
C2 BCR GE . -5.29 -31.55 4.74
C3 BCR GE . -5.75 -32.70 5.60
C4 BCR GE . -7.24 -32.55 5.80
C5 BCR GE . -7.95 -32.49 4.49
C6 BCR GE . -7.37 -31.98 3.40
C7 BCR GE . -8.17 -31.81 2.18
C8 BCR GE . -9.02 -30.82 1.99
C9 BCR GE . -9.83 -30.62 0.82
C10 BCR GE . -11.19 -30.17 1.01
C11 BCR GE . -12.14 -29.20 0.64
C33 BCR GE . -9.35 -33.04 4.43
C31 BCR GE . -5.21 -32.72 2.55
C32 BCR GE . -5.74 -30.30 2.66
C34 BCR GE . -9.30 -30.90 -0.55
C12 BCR GE . -12.98 -28.37 0.39
C13 BCR GE . -14.02 -27.78 -0.33
C14 BCR GE . -14.84 -27.00 0.39
C15 BCR GE . -15.97 -26.31 -0.12
C16 BCR GE . -16.78 -25.24 -0.08
C17 BCR GE . -17.82 -25.11 -0.83
C18 BCR GE . -18.78 -24.18 -0.70
C19 BCR GE . -18.58 -23.26 0.42
C20 BCR GE . -19.00 -22.76 1.57
C21 BCR GE . -19.03 -21.98 2.75
C22 BCR GE . -20.06 -21.27 3.23
C23 BCR GE . -19.87 -20.55 4.48
C24 BCR GE . -20.94 -19.89 5.28
C25 BCR GE . -20.54 -19.23 6.51
C26 BCR GE . -20.32 -19.96 7.59
C27 BCR GE . -19.38 -19.49 8.67
C28 BCR GE . -19.37 -17.96 8.81
C29 BCR GE . -20.43 -17.26 7.99
C30 BCR GE . -20.38 -17.71 6.56
C35 BCR GE . -14.21 -28.01 -1.80
C36 BCR GE . -19.96 -24.08 -1.61
C37 BCR GE . -21.36 -21.24 2.50
C38 BCR GE . -20.96 -21.30 7.76
C39 BCR GE . -19.06 -17.34 5.91
C40 BCR GE . -21.54 -17.07 5.83
C1 LMG HE . -2.17 -45.25 8.57
O1 LMG HE . -3.47 -44.86 8.13
C2 LMG HE . -1.84 -44.44 9.81
O2 LMG HE . -1.90 -43.04 9.51
C3 LMG HE . -0.44 -44.80 10.28
O3 LMG HE . -0.19 -44.11 11.50
C4 LMG HE . -0.37 -46.29 10.51
O4 LMG HE . -1.24 -46.63 11.60
C5 LMG HE . -0.82 -47.05 9.27
O5 LMG HE . -1.20 -49.25 8.35
C6 LMG HE . -0.80 -48.55 9.53
O6 LMG HE . -2.14 -46.64 8.91
C7 LMG HE . -4.27 -45.93 7.64
C8 LMG HE . -5.56 -45.31 7.16
C9 LMG HE . -5.60 -45.42 5.65
O7 LMG HE . -6.70 -45.97 7.70
C10 LMG HE . -7.76 -45.16 7.80
O9 LMG HE . -7.79 -44.34 8.70
C11 LMG HE . -8.89 -45.22 6.80
C12 LMG HE . -10.23 -45.13 7.52
C13 LMG HE . -11.35 -45.03 6.49
C14 LMG HE . -12.71 -45.12 7.18
C15 LMG HE . -13.85 -44.94 6.20
C16 LMG HE . -15.16 -45.24 6.90
C17 LMG HE . -16.29 -44.37 6.35
C18 LMG HE . -16.28 -44.45 4.85
C19 LMG HE . -17.12 -43.69 4.15
O8 LMG HE . -4.55 -44.65 5.10
C28 LMG HE . -4.79 -44.05 3.94
O10 LMG HE . -4.31 -44.50 2.92
C29 LMG HE . -5.66 -42.84 3.90
C30 LMG HE . -5.53 -42.22 2.52
C31 LMG HE . -6.69 -41.27 2.27
C32 LMG HE . -6.42 -40.44 1.04
C33 LMG HE . -7.71 -39.82 0.53
C34 LMG HE . -7.39 -38.93 -0.64
C35 LMG HE . -8.66 -38.44 -1.34
C36 LMG HE . -8.22 -37.72 -2.59
C37 LMG HE . -7.27 -38.28 -3.34
C38 LMG HE . -6.82 -37.58 -4.59
C39 LMG HE . -8.03 -37.32 -5.46
C40 LMG HE . -7.92 -36.40 -6.42
C41 LMG HE . -9.09 -36.09 -7.32
C42 LMG HE . -8.79 -34.78 -8.02
C43 LMG HE . -9.43 -34.47 -9.15
C44 LMG HE . -9.12 -33.17 -9.84
C45 LMG HE . -9.73 -33.19 -11.22
C1 LMG IE . -33.08 -25.75 -0.14
O1 LMG IE . -31.74 -25.40 0.20
C2 LMG IE . -33.55 -26.83 0.83
O2 LMG IE . -32.72 -27.99 0.68
C3 LMG IE . -35.00 -27.20 0.54
O3 LMG IE . -35.48 -28.07 1.57
C4 LMG IE . -35.87 -25.95 0.49
O4 LMG IE . -36.01 -25.41 1.80
C5 LMG IE . -35.26 -24.90 -0.44
O5 LMG IE . -35.99 -23.00 0.86
C6 LMG IE . -36.08 -23.62 -0.43
O6 LMG IE . -33.93 -24.61 -0.03
C7 LMG IE . -31.06 -24.82 -0.91
C8 LMG IE . -29.66 -25.42 -0.98
C9 LMG IE . -29.76 -26.93 -0.73
O7 LMG IE . -29.13 -25.19 -2.29
C10 LMG IE . -28.11 -26.01 -2.59
O9 LMG IE . -27.26 -26.22 -1.74
C11 LMG IE . -28.01 -26.64 -3.95
C12 LMG IE . -27.96 -28.15 -3.82
C13 LMG IE . -29.32 -28.78 -4.11
C14 LMG IE . -30.40 -28.26 -3.17
O8 LMG IE . -29.97 -27.18 0.64
C28 LMG IE . -29.68 -28.40 1.12
O10 LMG IE . -30.58 -29.06 1.62
C29 LMG IE . -28.27 -28.90 1.04
C30 LMG IE . -28.25 -30.40 1.30
C31 LMG IE . -26.93 -31.02 0.86
C32 LMG IE . -25.81 -30.66 1.81
C33 LMG IE . -26.00 -31.37 3.15
C34 LMG IE . -24.80 -31.13 4.06
C35 LMG IE . -23.53 -31.74 3.47
C36 LMG IE . -22.38 -31.50 4.43
C37 LMG IE . -21.15 -31.91 4.11
C38 LMG IE . -20.01 -31.69 5.06
C39 LMG IE . -20.31 -32.36 6.38
C1 LMG JE . 3.80 -26.73 32.61
O1 LMG JE . 2.54 -27.25 33.03
C2 LMG JE . 4.49 -26.12 33.81
O2 LMG JE . 3.74 -24.99 34.26
C3 LMG JE . 5.90 -25.67 33.45
O3 LMG JE . 6.59 -25.23 34.62
C4 LMG JE . 6.66 -26.80 32.77
O4 LMG JE . 6.88 -27.86 33.71
C5 LMG JE . 5.85 -27.35 31.60
O5 LMG JE . 5.69 -29.08 29.96
C6 LMG JE . 6.56 -28.51 30.93
O6 LMG JE . 4.59 -27.80 32.09
C7 LMG JE . 1.60 -27.33 31.96
C8 LMG JE . 0.38 -26.54 32.39
C9 LMG JE . -0.35 -27.35 33.46
O7 LMG JE . 0.88 -25.30 32.90
C10 LMG JE . 0.10 -24.66 33.79
O9 LMG JE . 0.34 -24.77 34.98
C11 LMG JE . -1.04 -23.77 33.33
C12 LMG JE . -2.10 -23.71 34.42
C13 LMG JE . -3.28 -22.84 34.03
C14 LMG JE . -4.25 -23.59 33.14
C15 LMG JE . -5.46 -22.72 32.80
O8 LMG JE . -1.55 -27.91 32.91
C28 LMG JE . -1.55 -29.05 32.22
O10 LMG JE . -0.57 -29.80 32.27
C29 LMG JE . -2.76 -29.42 31.41
C30 LMG JE . -3.20 -28.17 30.65
C31 LMG JE . -4.69 -28.23 30.28
C32 LMG JE . -5.18 -26.84 29.87
C33 LMG JE . -6.71 -26.78 29.83
C34 LMG JE . -7.18 -25.34 29.70
C35 LMG JE . -8.69 -25.23 29.89
C36 LMG JE . -9.41 -26.06 28.84
C1A DGD KE . -29.38 -14.80 30.19
C2A DGD KE . -28.18 -15.50 30.78
C3A DGD KE . -28.19 -15.28 32.29
C4A DGD KE . -27.25 -16.22 33.02
C5A DGD KE . -25.95 -16.41 32.25
C6A DGD KE . -26.08 -17.55 31.24
C7A DGD KE . -26.43 -18.84 31.96
C8A DGD KE . -26.34 -20.03 31.00
C9A DGD KE . -24.90 -20.19 30.55
CAA DGD KE . -24.60 -21.07 29.59
CBA DGD KE . -25.70 -21.91 28.98
CCA DGD KE . -26.00 -23.08 29.88
CDA DGD KE . -25.09 -24.03 30.06
CEA DGD KE . -25.39 -25.21 30.96
CFA DGD KE . -24.18 -26.12 31.00
CGA DGD KE . -24.19 -27.21 31.76
CHA DGD KE . -22.99 -28.12 31.79
CIA DGD KE . -21.79 -27.35 32.31
O1A DGD KE . -30.48 -15.32 30.23
C1B DGD KE . -28.02 -14.82 27.11
C2B DGD KE . -27.09 -14.17 28.11
C3B DGD KE . -25.66 -14.22 27.58
C4B DGD KE . -24.98 -15.55 27.92
C5B DGD KE . -25.64 -16.71 27.19
C6B DGD KE . -24.85 -18.00 27.40
C7B DGD KE . -25.48 -19.16 26.64
C8B DGD KE . -24.63 -20.42 26.78
C9B DGD KE . -23.25 -20.16 26.22
O1B DGD KE . -27.60 -15.24 26.04
O1G DGD KE . -29.25 -13.49 29.58
C1G DGD KE . -30.22 -13.04 28.64
C2G DGD KE . -29.99 -13.65 27.27
O2G DGD KE . -29.33 -14.91 27.37
C3G DGD KE . -31.32 -13.83 26.55
O3G DGD KE . -31.14 -14.70 25.44
C1D DGD KE . -32.02 -14.36 24.36
C2D DGD KE . -33.47 -14.50 24.78
O2D DGD KE . -33.83 -15.89 24.85
C3D DGD KE . -34.37 -13.79 23.78
O3D DGD KE . -34.76 -12.52 24.31
C4D DGD KE . -33.67 -13.60 22.44
O4D DGD KE . -34.51 -12.80 21.58
C5D DGD KE . -32.30 -12.92 22.56
O5D DGD KE . -32.59 -10.60 23.22
C6D DGD KE . -32.29 -11.46 22.12
O6D DGD KE . -31.80 -13.03 23.90
C1E DGD KE . -31.64 -9.53 23.34
C2E DGD KE . -31.93 -8.42 22.34
O2E DGD KE . -32.37 -8.97 21.09
C3E DGD KE . -30.66 -7.61 22.10
O3E DGD KE . -31.00 -6.25 21.85
C4E DGD KE . -29.77 -7.68 23.34
O4E DGD KE . -30.48 -7.16 24.47
C5E DGD KE . -29.34 -9.11 23.62
O6E DGD KE . -30.32 -10.02 23.13
C6E DGD KE . -29.14 -9.35 25.11
O5E DGD KE . -28.36 -8.29 25.67
C1 LMG LE . -27.43 -4.36 28.24
O1 LMG LE . -26.72 -5.48 28.76
C2 LMG LE . -28.88 -4.76 27.96
O2 LMG LE . -28.92 -5.75 26.94
C3 LMG LE . -29.70 -3.54 27.53
O3 LMG LE . -31.08 -3.90 27.50
C4 LMG LE . -29.49 -2.39 28.50
O4 LMG LE . -30.07 -2.73 29.77
C5 LMG LE . -28.00 -2.13 28.67
O5 LMG LE . -28.40 0.22 29.07
C6 LMG LE . -27.75 -0.94 29.60
O6 LMG LE . -27.38 -3.29 29.18
C7 LMG LE . -25.38 -5.12 29.11
MG CLA ME . -12.06 -12.83 17.69
CHA CLA ME . -14.76 -13.93 19.47
CHB CLA ME . -10.05 -15.19 19.17
CHC CLA ME . -9.57 -11.79 15.81
CHD CLA ME . -14.11 -10.38 16.19
NA CLA ME . -12.35 -14.42 19.16
C1A CLA ME . -13.50 -14.69 19.78
C2A CLA ME . -13.34 -15.78 20.79
C3A CLA ME . -11.86 -16.13 20.68
C4A CLA ME . -11.37 -15.22 19.61
CMA CLA ME . -11.03 -16.18 21.95
CAA CLA ME . -14.16 -16.98 20.34
CBA CLA ME . -13.60 -18.27 20.90
CGA CLA ME . -14.25 -18.58 22.22
O1A CLA ME . -14.09 -19.69 22.71
O2A CLA ME . -15.01 -17.66 22.79
NB CLA ME . -10.12 -13.41 17.51
C1B CLA ME . -9.45 -14.38 18.20
C2B CLA ME . -8.08 -14.42 17.79
C3B CLA ME . -7.96 -13.44 16.84
C4B CLA ME . -9.26 -12.83 16.68
CMB CLA ME . -7.03 -15.35 18.33
CAB CLA ME . -6.81 -12.98 16.03
CBB CLA ME . -5.50 -13.73 15.94
NC CLA ME . -11.89 -11.36 16.20
C1C CLA ME . -10.77 -11.08 15.57
C2C CLA ME . -10.90 -9.96 14.61
C3C CLA ME . -12.20 -9.59 14.73
C4C CLA ME . -12.81 -10.46 15.72
CMC CLA ME . -9.83 -9.40 13.74
CAC CLA ME . -12.89 -8.49 13.96
CBC CLA ME . -12.61 -7.17 14.65
ND CLA ME . -13.93 -12.22 17.74
C1D CLA ME . -14.67 -11.27 17.12
C2D CLA ME . -16.06 -11.32 17.54
C3D CLA ME . -16.08 -12.36 18.47
C4D CLA ME . -14.80 -12.89 18.57
CMD CLA ME . -17.27 -10.52 17.18
CAD CLA ME . -16.95 -13.08 19.34
OBD CLA ME . -18.16 -13.10 19.24
CBD CLA ME . -16.14 -14.15 20.01
CGD CLA ME . -16.14 -13.99 21.49
O1D CLA ME . -15.61 -13.03 22.02
O2D CLA ME . -16.72 -14.90 22.26
CED CLA ME . -17.78 -14.43 23.09
C1 CLA ME . -14.88 -17.31 24.20
C2 CLA ME . -14.16 -18.18 25.20
C3 CLA ME . -14.82 -18.90 26.12
C4 CLA ME . -14.08 -19.75 27.10
C5 CLA ME . -16.33 -18.94 26.21
C6 CLA ME . -16.90 -20.04 25.34
C7 CLA ME . -17.30 -21.27 26.13
C8 CLA ME . -16.31 -22.43 25.96
C9 CLA ME . -15.56 -22.32 24.64
C10 CLA ME . -17.03 -23.77 26.06
C11 CLA ME . -17.80 -23.92 27.37
C12 CLA ME . -17.08 -24.87 28.32
C13 CLA ME . -16.07 -24.10 29.17
C14 CLA ME . -14.65 -24.66 28.96
C15 CLA ME . -16.47 -24.18 30.64
C16 CLA ME . -17.62 -23.24 30.93
C17 CLA ME . -17.30 -21.82 30.50
C18 CLA ME . -18.48 -20.88 30.75
C19 CLA ME . -19.70 -21.31 29.94
C20 CLA ME . -18.82 -20.81 32.23
C1 LMG NE . -24.25 2.20 23.95
O1 LMG NE . -24.35 1.04 24.78
C2 LMG NE . -24.48 1.75 22.52
O2 LMG NE . -23.36 0.96 22.11
C3 LMG NE . -24.62 2.93 21.56
O3 LMG NE . -25.13 2.46 20.32
C4 LMG NE . -25.58 3.97 22.12
O4 LMG NE . -26.92 3.46 22.07
C5 LMG NE . -25.21 4.30 23.56
O5 LMG NE . -25.51 5.88 25.29
C6 LMG NE . -26.17 5.32 24.16
O6 LMG NE . -25.27 3.11 24.34
C7 LMG NE . -24.48 1.34 26.16
C8 LMG NE . -23.26 0.74 26.84
C9 LMG NE . -23.35 -0.77 26.75
O7 LMG NE . -22.15 1.23 26.12
C10 LMG NE . -20.98 0.72 26.51
O9 LMG NE . -20.68 0.71 27.69
C11 LMG NE . -20.04 0.19 25.47
C12 LMG NE . -18.87 1.15 25.32
C13 LMG NE . -17.72 0.69 26.19
C14 LMG NE . -17.25 -0.67 25.72
C15 LMG NE . -16.29 -1.28 26.73
C16 LMG NE . -17.03 -1.66 28.01
C17 LMG NE . -16.06 -2.21 29.06
O8 LMG NE . -22.47 -1.42 27.66
C28 LMG NE . -22.36 -2.75 27.65
O10 LMG NE . -23.21 -3.42 27.10
C29 LMG NE . -21.18 -3.42 28.31
C30 LMG NE . -21.29 -4.92 28.10
C1B LMT OE . 9.10 -64.03 -45.51
C2B LMT OE . 9.73 -63.33 -44.27
C3B LMT OE . 11.27 -63.34 -44.29
C4B LMT OE . 11.84 -64.70 -44.75
C5B LMT OE . 11.08 -65.12 -46.02
C6B LMT OE . 11.66 -66.43 -46.56
O1B LMT OE . 9.21 -63.19 -46.62
O2B LMT OE . 9.27 -62.05 -44.27
O3B LMT OE . 11.77 -62.96 -43.07
O4' LMT OE . 13.19 -64.58 -45.06
O5B LMT OE . 9.71 -65.24 -45.78
O6B LMT OE . 13.01 -66.29 -46.77
C1' LMT OE . 6.86 -61.59 -49.64
C2' LMT OE . 7.00 -60.73 -48.37
C3' LMT OE . 8.15 -61.26 -47.48
C4' LMT OE . 8.01 -62.76 -47.23
C5' LMT OE . 7.91 -63.38 -48.64
C6' LMT OE . 7.97 -64.89 -48.70
O1' LMT OE . 5.71 -61.26 -50.31
O2' LMT OE . 7.30 -59.45 -48.74
O3' LMT OE . 8.19 -60.61 -46.29
O5' LMT OE . 6.72 -62.95 -49.27
O6' LMT OE . 7.14 -65.34 -47.72
C1 LMT OE . 5.84 -60.23 -51.26
C2 LMT OE . 4.87 -59.18 -50.82
C3 LMT OE . 5.11 -57.78 -51.30
C4 LMT OE . 3.76 -57.12 -51.41
C5 LMT OE . 3.89 -55.71 -51.85
C6 LMT OE . 2.56 -55.12 -52.22
C7 LMT OE . 2.68 -53.63 -52.34
C8 LMT OE . 1.42 -53.08 -52.92
MG CLA PE . -0.17 -53.47 -49.63
CHA CLA PE . -0.09 -56.89 -49.59
CHB CLA PE . -2.93 -53.53 -51.64
CHC CLA PE . -0.20 -50.19 -49.49
CHD CLA PE . 2.70 -53.44 -47.55
NA CLA PE . -1.41 -55.05 -50.53
C1A CLA PE . -1.23 -56.36 -50.40
C2A CLA PE . -2.25 -57.17 -51.14
C3A CLA PE . -3.11 -56.08 -51.79
C4A CLA PE . -2.47 -54.81 -51.30
CMA CLA PE . -3.48 -56.22 -53.27
CAA CLA PE . -3.09 -57.99 -50.14
CBA CLA PE . -4.59 -58.04 -50.42
CGA CLA PE . -5.20 -59.39 -50.07
O1A CLA PE . -4.70 -60.40 -50.53
O2A CLA PE . -6.27 -59.46 -49.28
NB CLA PE . -1.39 -52.08 -50.44
C1B CLA PE . -2.44 -52.27 -51.26
C2B CLA PE . -2.99 -50.99 -51.64
C3B CLA PE . -2.20 -50.06 -51.01
C4B CLA PE . -1.20 -50.77 -50.27
CMB CLA PE . -4.18 -50.79 -52.55
CAB CLA PE . -2.23 -48.58 -51.02
CBB CLA PE . -2.89 -47.77 -52.10
NC CLA PE . 1.01 -52.05 -48.62
C1C CLA PE . 0.82 -50.75 -48.71
C2C CLA PE . 1.79 -49.98 -47.91
C3C CLA PE . 2.57 -50.93 -47.32
C4C CLA PE . 2.09 -52.22 -47.78
CMC CLA PE . 1.88 -48.48 -47.76
CAC CLA PE . 3.72 -50.70 -46.38
CBC CLA PE . 4.96 -50.34 -47.15
ND CLA PE . 1.03 -54.73 -48.72
C1D CLA PE . 2.16 -54.65 -47.97
C2D CLA PE . 2.71 -55.96 -47.70
C3D CLA PE . 1.82 -56.81 -48.34
C4D CLA PE . 0.83 -56.07 -48.94
CMD CLA PE . 3.93 -56.46 -46.95
CAD CLA PE . 1.58 -58.19 -48.58
OBD CLA PE . 2.07 -59.03 -47.90
CBD CLA PE . 0.30 -58.33 -49.32
CGD CLA PE . 0.55 -59.04 -50.60
O1D CLA PE . 0.84 -58.42 -51.61
O2D CLA PE . 0.47 -60.36 -50.65
CED CLA PE . 1.68 -61.05 -50.97
C1 CLA PE . -6.99 -60.73 -49.11
C2 CLA PE . -8.49 -60.88 -49.33
C3 CLA PE . -9.17 -61.88 -48.75
C4 CLA PE . -8.49 -62.90 -47.88
C5 CLA PE . -10.66 -62.08 -48.95
C6 CLA PE . -11.22 -63.12 -47.99
C7 CLA PE . -11.99 -62.48 -46.84
C8 CLA PE . -12.55 -63.54 -45.90
C9 CLA PE . -13.63 -62.96 -44.98
C10 CLA PE . -11.42 -64.17 -45.08
MG CLA QE . -18.28 -55.58 -55.04
CHA CLA QE . -17.80 -53.31 -57.58
CHB CLA QE . -15.71 -54.13 -53.24
CHC CLA QE . -18.93 -57.68 -52.62
CHD CLA QE . -20.91 -57.02 -56.91
NA CLA QE . -16.89 -53.89 -55.35
C1A CLA QE . -16.86 -53.12 -56.43
C2A CLA QE . -15.78 -52.08 -56.33
C3A CLA QE . -15.14 -52.36 -54.97
C4A CLA QE . -15.95 -53.51 -54.47
CMA CLA QE . -13.64 -52.40 -54.85
CAA CLA QE . -16.43 -50.72 -56.27
CBA CLA QE . -15.88 -49.82 -57.36
CGA CLA QE . -14.65 -49.14 -56.84
O1A CLA QE . -14.29 -49.34 -55.69
O2A CLA QE . -13.98 -48.34 -57.65
NB CLA QE . -17.46 -55.84 -53.21
C1B CLA QE . -16.40 -55.20 -52.66
C2B CLA QE . -16.07 -55.77 -51.39
C3B CLA QE . -16.98 -56.77 -51.21
C4B CLA QE . -17.86 -56.81 -52.38
CMB CLA QE . -14.96 -55.31 -50.49
CAB CLA QE . -17.10 -57.69 -50.06
CBB CLA QE . -15.88 -58.34 -49.45
NC CLA QE . -19.74 -57.06 -54.78
C1C CLA QE . -19.78 -57.86 -53.73
C2C CLA QE . -20.80 -58.92 -53.85
C3C CLA QE . -21.38 -58.68 -55.07
C4C CLA QE . -20.70 -57.53 -55.64
CMC CLA QE . -21.13 -59.98 -52.85
CAC CLA QE . -22.48 -59.47 -55.72
CBC CLA QE . -21.93 -60.71 -56.39
ND CLA QE . -19.20 -55.32 -56.76
C1D CLA QE . -20.21 -55.91 -57.46
C2D CLA QE . -20.43 -55.29 -58.75
C3D CLA QE . -19.49 -54.29 -58.78
C4D CLA QE . -18.76 -54.30 -57.60
CMD CLA QE . -21.40 -55.55 -59.88
CAD CLA QE . -19.00 -53.22 -59.61
OBD CLA QE . -19.19 -53.11 -60.81
CBD CLA QE . -17.88 -52.55 -58.88
CGD CLA QE . -16.61 -52.83 -59.61
O1D CLA QE . -16.48 -53.86 -60.25
O2D CLA QE . -15.62 -51.96 -59.56
CED CLA QE . -15.30 -51.28 -60.77
C1 CLA QE . -14.63 -47.86 -58.86
MG CLA RE . -0.09 -54.83 -21.86
CHA CLA RE . 1.81 -54.54 -24.72
CHB CLA RE . -0.36 -51.41 -21.62
CHC CLA RE . -2.02 -55.28 -19.23
CHD CLA RE . 0.23 -58.33 -22.14
NA CLA RE . 0.64 -53.13 -23.05
C1A CLA RE . 1.39 -53.22 -24.14
C2A CLA RE . 1.74 -51.86 -24.70
C3A CLA RE . 1.06 -50.92 -23.71
C4A CLA RE . 0.40 -51.83 -22.72
CMA CLA RE . 1.84 -49.71 -23.22
CAA CLA RE . 1.06 -51.64 -26.05
CBA CLA RE . -0.24 -52.45 -26.16
CGA CLA RE . -1.30 -51.68 -26.90
O1A CLA RE . -1.05 -51.17 -27.97
O2A CLA RE . -2.50 -51.58 -26.34
NB CLA RE . -1.05 -53.54 -20.62
C1B CLA RE . -1.03 -52.18 -20.64
C2B CLA RE . -1.80 -51.68 -19.53
C3B CLA RE . -2.25 -52.77 -18.87
C4B CLA RE . -1.77 -53.95 -19.58
CMB CLA RE . -2.04 -50.24 -19.17
CAB CLA RE . -3.09 -52.81 -17.65
CBB CLA RE . -4.45 -52.18 -17.64
NC CLA RE . -0.83 -56.53 -20.88
C1C CLA RE . -1.62 -56.49 -19.83
C2C CLA RE . -2.05 -57.84 -19.39
C3C CLA RE . -1.43 -58.68 -20.27
C4C CLA RE . -0.67 -57.86 -21.18
CMC CLA RE . -2.96 -58.19 -18.26
CAC CLA RE . -1.50 -60.18 -20.33
CBC CLA RE . -2.23 -60.60 -21.59
ND CLA RE . 0.73 -56.17 -23.06
C1D CLA RE . 0.85 -57.52 -23.09
C2D CLA RE . 1.68 -57.99 -24.18
C3D CLA RE . 2.05 -56.81 -24.81
C4D CLA RE . 1.49 -55.75 -24.13
CMD CLA RE . 2.13 -59.35 -24.65
CAD CLA RE . 2.81 -56.30 -25.91
OBD CLA RE . 3.47 -56.97 -26.69
CBD CLA RE . 2.59 -54.83 -25.97
CGD CLA RE . 3.89 -54.11 -25.89
O1D CLA RE . 4.73 -54.41 -25.07
O2D CLA RE . 4.15 -53.12 -26.73
CED CLA RE . 5.54 -52.99 -27.03
C1 CLA RE . -3.59 -52.47 -26.73
C2 CLA RE . -4.50 -52.19 -27.90
C3 CLA RE . -5.81 -52.04 -27.68
C4 CLA RE . -6.79 -51.76 -28.78
C5 CLA RE . -6.42 -52.14 -26.30
C6 CLA RE . -7.16 -53.45 -26.15
C7 CLA RE . -6.16 -54.60 -25.98
C8 CLA RE . -6.55 -55.76 -26.88
C9 CLA RE . -6.62 -55.36 -28.34
C10 CLA RE . -7.88 -56.29 -26.37
C11 CLA RE . -7.71 -56.76 -24.94
C12 CLA RE . -8.71 -56.12 -23.98
C13 CLA RE . -9.56 -57.22 -23.37
C14 CLA RE . -9.96 -58.23 -24.45
C15 CLA RE . -10.79 -56.62 -22.69
C16 CLA RE . -12.04 -56.93 -23.49
C17 CLA RE . -13.07 -55.83 -23.31
C18 CLA RE . -13.94 -56.17 -22.11
C19 CLA RE . -13.95 -55.02 -21.12
C20 CLA RE . -15.34 -56.50 -22.57
C1 BCR SE . -14.73 -59.18 -55.09
C2 BCR SE . -16.18 -58.73 -55.11
C3 BCR SE . -16.54 -58.09 -56.45
C4 BCR SE . -15.65 -56.89 -56.69
C5 BCR SE . -14.19 -57.24 -56.54
C6 BCR SE . -13.81 -58.09 -55.59
C7 BCR SE . -12.43 -57.99 -55.05
C8 BCR SE . -12.00 -56.95 -54.37
C9 BCR SE . -10.68 -56.78 -53.81
C10 BCR SE . -10.22 -55.47 -53.38
C11 BCR SE . -9.27 -54.77 -52.60
C33 BCR SE . -13.20 -56.66 -57.49
C31 BCR SE . -14.54 -60.39 -55.99
C32 BCR SE . -14.33 -59.53 -53.67
C34 BCR SE . -9.76 -57.96 -53.71
C12 BCR SE . -8.47 -54.13 -51.94
C13 BCR SE . -7.34 -53.95 -51.09
C14 BCR SE . -6.97 -52.68 -50.74
C15 BCR SE . -5.85 -52.45 -49.88
C16 BCR SE . -5.06 -51.63 -49.15
C17 BCR SE . -5.27 -50.35 -49.05
C18 BCR SE . -4.55 -49.43 -48.38
C19 BCR SE . -3.35 -49.63 -47.56
C20 BCR SE . -2.58 -49.11 -46.59
C21 BCR SE . -1.54 -48.92 -45.61
C22 BCR SE . -1.24 -47.78 -44.95
C23 BCR SE . -0.18 -47.63 -43.93
C24 BCR SE . 1.05 -48.48 -43.81
C25 BCR SE . 2.00 -48.18 -42.73
C26 BCR SE . 3.11 -47.51 -43.02
C27 BCR SE . 4.14 -47.18 -41.96
C28 BCR SE . 4.21 -48.23 -40.85
C29 BCR SE . 3.02 -49.18 -40.72
C30 BCR SE . 1.73 -48.65 -41.30
C35 BCR SE . -6.56 -55.11 -50.58
C36 BCR SE . -5.08 -48.04 -48.48
C37 BCR SE . -2.04 -46.56 -45.22
C38 BCR SE . 3.41 -47.05 -44.41
C39 BCR SE . 1.14 -47.52 -40.46
C40 BCR SE . 0.76 -49.82 -41.35
C1B LMT TE . -7.01 -22.09 -60.09
C2B LMT TE . -8.36 -22.69 -59.60
C3B LMT TE . -9.42 -22.60 -60.72
C4B LMT TE . -8.93 -21.71 -61.88
C5B LMT TE . -7.58 -22.27 -62.39
C6B LMT TE . -6.95 -21.27 -63.36
O1B LMT TE . -6.00 -22.31 -59.17
O2B LMT TE . -8.16 -24.01 -59.26
O3B LMT TE . -10.63 -22.19 -60.23
O4' LMT TE . -9.83 -21.73 -62.92
O5B LMT TE . -6.67 -22.59 -61.35
O6B LMT TE . -7.90 -20.37 -63.77
C1' LMT TE . -2.64 -24.57 -58.53
C2' LMT TE . -2.79 -24.06 -59.96
C3' LMT TE . -3.84 -22.92 -59.99
C4' LMT TE . -5.14 -23.41 -59.35
C5' LMT TE . -4.74 -23.92 -57.95
C6' LMT TE . -5.88 -24.25 -57.05
O1' LMT TE . -1.80 -25.66 -58.49
O2' LMT TE . -1.59 -23.56 -60.38
O3' LMT TE . -4.06 -22.50 -61.26
O5' LMT TE . -3.89 -25.03 -58.07
O6' LMT TE . -6.24 -23.09 -56.44
C1 LMT TE . -1.39 -26.04 -57.21
C2 LMT TE . -0.27 -25.10 -56.87
C3 LMT TE . 0.48 -25.41 -55.63
C4 LMT TE . 1.26 -24.18 -55.27
C5 LMT TE . 2.24 -24.48 -54.18
C6 LMT TE . 1.57 -24.78 -52.90
C7 LMT TE . 2.61 -24.89 -51.82
C8 LMT TE . 1.93 -24.80 -50.51
C9 LMT TE . 2.41 -25.80 -49.51
C10 LMT TE . 3.65 -25.24 -48.90
C11 LMT TE . 3.78 -25.66 -47.48
C12 LMT TE . 4.98 -25.07 -46.84
C1 LMG UE . -1.82 -59.85 -9.81
O1 LMG UE . -2.30 -58.72 -10.53
C2 LMG UE . -0.56 -59.49 -9.05
O2 LMG UE . 0.41 -58.93 -9.94
C3 LMG UE . 0.00 -60.75 -8.41
O3 LMG UE . 1.15 -60.42 -7.62
C4 LMG UE . -1.06 -61.40 -7.53
O4 LMG UE . -1.33 -60.55 -6.41
C5 LMG UE . -2.35 -61.61 -8.33
O5 LMG UE . -4.44 -62.79 -8.26
C6 LMG UE . -3.44 -62.21 -7.44
O6 LMG UE . -2.79 -60.36 -8.88
C7 LMG UE . -1.97 -58.86 -11.92
C8 LMG UE . -2.05 -57.55 -12.69
C9 LMG UE . -1.37 -57.79 -14.02
O7 LMG UE . -3.40 -57.17 -12.92
C10 LMG UE . -3.52 -56.06 -13.69
O9 LMG UE . -4.15 -56.13 -14.73
C11 LMG UE . -2.90 -54.76 -13.25
C12 LMG UE . -3.99 -53.77 -12.82
O8 LMG UE . -0.19 -58.55 -13.81
C28 LMG UE . 0.74 -58.63 -14.77
O10 LMG UE . 1.03 -59.72 -15.22
C29 LMG UE . 1.43 -57.39 -15.27
C30 LMG UE . 0.88 -57.04 -16.65
C1 LMG VE . -28.50 -42.40 -29.60
O1 LMG VE . -27.26 -43.10 -29.73
C2 LMG VE . -29.58 -43.37 -29.14
O2 LMG VE . -29.76 -44.39 -30.13
C3 LMG VE . -30.89 -42.63 -28.91
O3 LMG VE . -31.85 -43.52 -28.31
C4 LMG VE . -30.68 -41.43 -28.00
O4 LMG VE . -30.39 -41.88 -26.67
C5 LMG VE . -29.53 -40.57 -28.52
O5 LMG VE . -30.41 -38.55 -27.55
C6 LMG VE . -29.26 -39.39 -27.58
O6 LMG VE . -28.35 -41.36 -28.65
C7 LMG VE . -26.70 -43.34 -28.44
C8 LMG VE . -25.18 -43.42 -28.55
C9 LMG VE . -24.61 -42.54 -27.45
O7 LMG VE . -24.77 -44.77 -28.40
C10 LMG VE . -25.34 -45.60 -29.30
O9 LMG VE . -26.15 -46.43 -28.90
C11 LMG VE . -25.01 -45.48 -30.76
C12 LMG VE . -24.50 -46.80 -31.31
C13 LMG VE . -23.22 -47.22 -30.60
C14 LMG VE . -22.23 -47.89 -31.54
C15 LMG VE . -20.81 -47.73 -31.00
C16 LMG VE . -20.23 -49.02 -30.46
C17 LMG VE . -19.18 -48.77 -29.39
C18 LMG VE . -18.54 -50.08 -28.98
C19 LMG VE . -17.94 -50.23 -27.80
C20 LMG VE . -17.32 -51.55 -27.45
C21 LMG VE . -16.98 -51.61 -25.99
O8 LMG VE . -23.44 -43.09 -26.87
C28 LMG VE . -23.07 -42.60 -25.70
O10 LMG VE . -23.77 -41.73 -25.20
C29 LMG VE . -21.84 -43.08 -24.98
C30 LMG VE . -20.71 -42.08 -25.15
C31 LMG VE . -20.01 -42.31 -26.48
C32 LMG VE . -18.93 -41.27 -26.72
C33 LMG VE . -17.77 -41.42 -25.75
C34 LMG VE . -16.45 -41.28 -26.49
C35 LMG VE . -15.32 -40.95 -25.53
C36 LMG VE . -14.07 -41.67 -26.00
C37 LMG VE . -12.91 -41.51 -25.38
C38 LMG VE . -12.75 -40.59 -24.18
C39 LMG VE . -11.56 -41.04 -23.36
C40 LMG VE . -10.90 -40.20 -22.56
C41 LMG VE . -11.31 -38.75 -22.44
C42 LMG VE . -10.20 -37.94 -21.81
C43 LMG VE . -10.43 -36.67 -21.49
C44 LMG VE . -9.33 -35.84 -20.85
C45 LMG VE . -9.95 -34.74 -20.03
C1 LMG WE . 1.35 -62.38 -28.11
O1 LMG WE . 1.42 -61.02 -28.58
C2 LMG WE . 2.66 -63.09 -28.41
O2 LMG WE . 2.76 -63.38 -29.80
C3 LMG WE . 2.75 -64.39 -27.62
O3 LMG WE . 3.56 -64.20 -26.46
C4 LMG WE . 1.36 -64.87 -27.20
O4 LMG WE . 1.46 -66.08 -26.46
C5 LMG WE . 0.66 -63.79 -26.36
O5 LMG WE . 0.28 -65.34 -24.54
C6 LMG WE . 0.83 -64.06 -24.88
O6 LMG WE . 1.13 -62.48 -26.71
C7 LMG WE . 0.72 -60.09 -27.74
C8 LMG WE . -0.54 -59.51 -28.39
C9 LMG WE . -0.53 -57.99 -28.26
O7 LMG WE . -0.64 -59.85 -29.77
C10 LMG WE . -1.93 -59.85 -30.16
O9 LMG WE . -2.67 -60.70 -29.68
C11 LMG WE . -2.46 -58.88 -31.17
C12 LMG WE . -3.86 -58.46 -30.74
C13 LMG WE . -4.59 -57.76 -31.88
C14 LMG WE . -6.00 -57.38 -31.48
C15 LMG WE . -7.02 -57.99 -32.42
C16 LMG WE . -8.40 -58.04 -31.77
C17 LMG WE . -8.93 -56.64 -31.52
C18 LMG WE . -9.07 -55.90 -32.83
C19 LMG WE . -8.50 -54.71 -32.97
C20 LMG WE . -7.73 -54.11 -31.83
C21 LMG WE . -6.59 -53.29 -32.37
C22 LMG WE . -5.48 -53.15 -31.67
C23 LMG WE . -4.33 -52.32 -32.22
C24 LMG WE . -4.79 -50.90 -32.43
O8 LMG WE . -0.36 -57.60 -26.91
C28 LMG WE . -1.38 -57.64 -26.05
O10 LMG WE . -1.52 -58.62 -25.36
C29 LMG WE . -2.35 -56.48 -26.00
C30 LMG WE . -2.53 -55.97 -24.57
C31 LMG WE . -3.45 -56.90 -23.78
C32 LMG WE . -4.43 -56.14 -22.89
C33 LMG WE . -5.45 -57.08 -22.27
C34 LMG WE . -5.53 -56.91 -20.77
C35 LMG WE . -6.96 -56.96 -20.26
C36 LMG WE . -6.96 -56.73 -18.77
C37 LMG WE . -8.11 -56.45 -18.15
C38 LMG WE . -9.37 -56.36 -18.97
C39 LMG WE . -10.55 -56.14 -18.05
C40 LMG WE . -11.68 -55.64 -18.54
C41 LMG WE . -12.85 -55.40 -17.62
C42 LMG WE . -12.39 -54.93 -16.27
C43 LMG WE . -13.26 -54.79 -15.28
C1A DGD XE . -5.69 -66.37 -36.30
C2A DGD XE . -6.60 -67.40 -36.93
C3A DGD XE . -8.02 -67.21 -36.41
C4A DGD XE . -8.67 -66.00 -37.08
C5A DGD XE . -10.18 -66.23 -37.24
C6A DGD XE . -10.44 -67.49 -38.03
C7A DGD XE . -11.92 -67.87 -38.02
O1A DGD XE . -5.20 -66.56 -35.21
C1B DGD XE . -5.01 -61.95 -37.35
C2B DGD XE . -6.40 -61.39 -37.55
C3B DGD XE . -6.34 -59.88 -37.64
C4B DGD XE . -7.67 -59.32 -38.12
C5B DGD XE . -7.96 -57.96 -37.48
C6B DGD XE . -9.13 -57.27 -38.15
C7B DGD XE . -9.54 -56.02 -37.38
C8B DGD XE . -10.35 -55.09 -38.26
C9B DGD XE . -11.13 -54.12 -37.39
CAB DGD XE . -11.97 -53.26 -37.95
O1B DGD XE . -4.12 -61.70 -38.16
O1G DGD XE . -5.41 -65.13 -37.01
C1G DGD XE . -4.05 -64.78 -37.33
C2G DGD XE . -3.62 -63.59 -36.49
O2G DGD XE . -4.74 -62.72 -36.29
C3G DGD XE . -3.12 -64.09 -35.13
O3G DGD XE . -1.93 -64.86 -35.32
C1D DGD XE . -1.64 -65.66 -34.18
C2D DGD XE . -1.77 -67.14 -34.53
O2D DGD XE . -3.13 -67.43 -34.87
C3D DGD XE . -1.37 -68.02 -33.35
O3D DGD XE . -1.30 -69.38 -33.78
C4D DGD XE . -0.01 -67.59 -32.80
O4D DGD XE . 1.02 -67.94 -33.73
C5D DGD XE . 0.00 -66.09 -32.54
O5D DGD XE . 1.67 -66.41 -30.86
C6D DGD XE . 1.35 -65.63 -32.01
O6D DGD XE . -0.31 -65.39 -33.74
C1E DGD XE . 3.03 -66.81 -30.89
C2E DGD XE . 3.23 -68.03 -30.00
O2E DGD XE . 2.95 -67.68 -28.64
C3E DGD XE . 4.69 -68.49 -30.12
O3E DGD XE . 4.90 -69.07 -31.41
C4E DGD XE . 5.65 -67.32 -29.89
O4E DGD XE . 6.96 -67.71 -30.33
C5E DGD XE . 5.25 -66.05 -30.63
O6E DGD XE . 3.87 -65.76 -30.43
C6E DGD XE . 5.56 -66.13 -32.12
O5E DGD XE . 4.97 -65.01 -32.80
MG CLA YE . 37.18 39.89 -46.28
CHA CLA YE . 36.90 43.23 -45.42
CHB CLA YE . 36.70 38.96 -43.01
CHC CLA YE . 37.45 36.77 -47.27
CHD CLA YE . 37.72 40.92 -49.66
NA CLA YE . 36.83 40.98 -44.39
C1A CLA YE . 36.75 42.30 -44.25
C2A CLA YE . 36.50 42.71 -42.83
C3A CLA YE . 36.44 41.36 -42.10
C4A CLA YE . 36.66 40.35 -43.20
CMA CLA YE . 37.17 41.18 -40.77
CAA CLA YE . 35.13 43.39 -42.79
CBA CLA YE . 34.43 43.20 -41.45
CGA CLA YE . 34.48 44.49 -40.68
O1A CLA YE . 34.74 45.52 -41.28
O2A CLA YE . 34.24 44.49 -39.39
NB CLA YE . 37.09 38.12 -45.29
C1B CLA YE . 36.89 37.92 -43.95
C2B CLA YE . 36.91 36.51 -43.68
C3B CLA YE . 37.13 35.89 -44.89
C4B CLA YE . 37.23 36.95 -45.90
CMB CLA YE . 36.73 35.83 -42.35
CAB CLA YE . 37.23 34.46 -45.17
CBB CLA YE . 36.76 33.46 -44.15
NC CLA YE . 37.51 39.00 -48.17
C1C CLA YE . 37.60 37.69 -48.33
C2C CLA YE . 37.85 37.31 -49.73
C3C CLA YE . 37.92 38.50 -50.40
C4C CLA YE . 37.71 39.55 -49.42
CMC CLA YE . 38.02 35.92 -50.27
CAC CLA YE . 38.16 38.68 -51.88
CBC CLA YE . 39.59 38.28 -52.20
ND CLA YE . 37.30 41.57 -47.35
C1D CLA YE . 37.50 41.90 -48.66
C2D CLA YE . 37.47 43.34 -48.87
C3D CLA YE . 37.23 43.84 -47.60
C4D CLA YE . 37.13 42.78 -46.71
CMD CLA YE . 37.62 44.23 -50.08
CAD CLA YE . 37.05 45.08 -46.87
OBD CLA YE . 36.93 46.19 -47.37
CBD CLA YE . 36.82 44.74 -45.43
CGD CLA YE . 37.95 45.29 -44.60
O1D CLA YE . 39.11 45.16 -44.97
O2D CLA YE . 37.70 45.91 -43.46
CED CLA YE . 38.15 47.25 -43.37
C1 CLA YE . 33.22 45.40 -38.86
C2 CLA YE . 32.94 46.72 -39.53
C3 CLA YE . 32.65 47.82 -38.82
C4 CLA YE . 32.59 47.78 -37.32
C5 CLA YE . 32.37 49.15 -39.48
C6 CLA YE . 31.16 49.80 -38.82
C7 CLA YE . 30.29 50.50 -39.84
C8 CLA YE . 28.82 50.11 -39.69
C9 CLA YE . 27.97 50.71 -40.80
C10 CLA YE . 28.32 50.54 -38.31
C11 CLA YE . 27.01 51.30 -38.41
C12 CLA YE . 27.02 52.54 -37.52
C13 CLA YE . 26.68 52.19 -36.09
C14 CLA YE . 27.45 50.97 -35.62
C15 CLA YE . 25.18 51.96 -35.96
C1 BCR ZE . 39.40 36.95 -57.03
C2 BCR ZE . 39.06 37.90 -58.16
C3 BCR ZE . 37.58 37.85 -58.50
C4 BCR ZE . 37.17 36.44 -58.89
C5 BCR ZE . 37.69 35.41 -57.92
C6 BCR ZE . 38.86 35.58 -57.32
C7 BCR ZE . 39.64 34.38 -56.92
C8 BCR ZE . 40.21 34.32 -55.73
C9 BCR ZE . 41.00 33.23 -55.21
C10 BCR ZE . 41.57 33.30 -53.88
C11 BCR ZE . 41.53 34.04 -52.67
C33 BCR ZE . 36.87 34.18 -57.63
C31 BCR ZE . 38.77 37.43 -55.72
C32 BCR ZE . 40.92 36.84 -56.88
C34 BCR ZE . 41.24 32.02 -56.06
C12 BCR ZE . 41.50 34.69 -51.65
C13 BCR ZE . 41.54 34.86 -50.23
C14 BCR ZE . 40.95 35.96 -49.69
C15 BCR ZE . 40.95 36.19 -48.28
C16 BCR ZE . 40.48 36.80 -47.17
C17 BCR ZE . 40.94 36.58 -45.96
C18 BCR ZE . 40.70 37.32 -44.86
C19 BCR ZE . 41.29 36.96 -43.56
C20 BCR ZE . 41.20 36.98 -42.23
C21 BCR ZE . 41.53 36.77 -40.85
C22 BCR ZE . 40.73 36.24 -39.89
C23 BCR ZE . 41.23 36.11 -38.51
C24 BCR ZE . 40.77 35.10 -37.50
C25 BCR ZE . 41.36 35.08 -36.15
C26 BCR ZE . 42.62 34.75 -35.96
C27 BCR ZE . 43.27 35.14 -34.65
C28 BCR ZE . 42.44 34.68 -33.46
C29 BCR ZE . 40.95 34.53 -33.76
C30 BCR ZE . 40.50 35.41 -34.92
C35 BCR ZE . 42.20 33.84 -49.36
C36 BCR ZE . 39.82 38.52 -44.96
C37 BCR ZE . 39.34 35.80 -40.23
C38 BCR ZE . 43.44 34.01 -36.99
C39 BCR ZE . 40.69 36.89 -34.57
C40 BCR ZE . 39.04 35.10 -35.21
C1 BCR AF . 25.35 13.63 -25.62
C2 BCR AF . 25.28 13.32 -24.12
C3 BCR AF . 26.62 13.36 -23.41
C4 BCR AF . 27.60 12.47 -24.13
C5 BCR AF . 27.69 12.94 -25.54
C6 BCR AF . 26.59 13.07 -26.25
C7 BCR AF . 26.62 12.72 -27.68
C8 BCR AF . 26.33 11.51 -28.10
C9 BCR AF . 26.33 11.08 -29.46
C10 BCR AF . 25.24 10.28 -30.00
C11 BCR AF . 25.08 9.30 -30.99
C33 BCR AF . 29.02 13.31 -26.13
C31 BCR AF . 25.39 15.12 -25.88
C32 BCR AF . 24.11 13.06 -26.28
C34 BCR AF . 27.49 11.43 -30.33
C12 BCR AF . 24.76 8.50 -31.83
C13 BCR AF . 25.24 7.78 -32.95
C14 BCR AF . 24.54 6.78 -33.55
C15 BCR AF . 23.26 6.35 -33.13
C16 BCR AF . 22.26 5.45 -33.11
C17 BCR AF . 22.34 4.30 -33.70
C18 BCR AF . 21.39 3.36 -33.80
C19 BCR AF . 21.67 2.10 -34.51
C20 BCR AF . 21.31 1.05 -35.25
C21 BCR AF . 21.50 -0.17 -35.95
C22 BCR AF . 20.61 -1.17 -36.11
C23 BCR AF . 21.03 -2.37 -36.87
C24 BCR AF . 20.19 -3.59 -37.10
C25 BCR AF . 20.76 -4.70 -37.87
C26 BCR AF . 20.80 -4.68 -39.20
C27 BCR AF . 21.89 -5.42 -39.93
C28 BCR AF . 22.09 -6.83 -39.38
C29 BCR AF . 21.32 -7.11 -38.09
C30 BCR AF . 21.32 -5.92 -37.14
C35 BCR AF . 26.58 8.16 -33.47
C36 BCR AF . 20.05 3.58 -33.18
C37 BCR AF . 19.25 -1.06 -35.52
C38 BCR AF . 19.80 -3.93 -40.01
C39 BCR AF . 22.71 -5.63 -36.60
C40 BCR AF . 20.37 -6.26 -36.00
C1 BCR BF . 30.30 10.24 -33.72
C2 BCR BF . 29.45 10.02 -34.97
C3 BCR BF . 30.06 10.74 -36.16
C4 BCR BF . 30.13 12.23 -35.88
C5 BCR BF . 30.73 12.54 -34.53
C6 BCR BF . 30.57 11.71 -33.51
C7 BCR BF . 30.68 12.21 -32.12
C8 BCR BF . 30.08 13.31 -31.70
C9 BCR BF . 30.15 13.86 -30.37
C10 BCR BF . 29.83 15.24 -30.07
C11 BCR BF . 28.83 16.12 -29.57
C33 BCR BF . 31.52 13.81 -34.35
C31 BCR BF . 31.63 9.54 -33.87
C32 BCR BF . 29.56 9.71 -32.49
C34 BCR BF . 30.59 12.97 -29.25
C12 BCR BF . 28.03 16.91 -29.11
C13 BCR BF . 27.63 17.88 -28.17
C14 BCR BF . 26.77 18.87 -28.53
C15 BCR BF . 26.36 19.88 -27.60
C16 BCR BF . 25.62 20.96 -27.25
C17 BCR BF . 24.80 21.55 -28.07
C18 BCR BF . 24.24 22.77 -27.93
C19 BCR BF . 24.50 23.62 -26.77
C20 BCR BF . 24.08 24.60 -25.96
C21 BCR BF . 24.06 25.54 -24.89
C22 BCR BF . 23.64 26.83 -24.94
C23 BCR BF . 23.22 27.46 -26.20
C24 BCR BF . 22.70 28.86 -26.35
C25 BCR BF . 22.31 29.41 -27.66
C26 BCR BF . 23.19 30.19 -28.31
C27 BCR BF . 22.95 30.66 -29.74
C28 BCR BF . 21.63 30.15 -30.32
C29 BCR BF . 20.54 30.13 -29.27
C30 BCR BF . 20.92 29.11 -28.21
C35 BCR BF . 28.15 17.81 -26.77
C36 BCR BF . 23.30 23.26 -29.00
C37 BCR BF . 23.67 27.66 -23.69
C38 BCR BF . 24.45 30.63 -27.65
C39 BCR BF . 20.91 27.72 -28.80
C40 BCR BF . 19.89 29.23 -27.08
C1 LUT CF . 4.11 -9.36 32.03
C2 LUT CF . 5.10 -10.42 32.49
C3 LUT CF . 6.30 -10.60 31.58
C4 LUT CF . 5.78 -10.91 30.20
C5 LUT CF . 4.98 -9.72 29.74
C6 LUT CF . 4.08 -9.16 30.54
C7 LUT CF . 3.03 -8.28 30.00
C8 LUT CF . 2.13 -8.75 29.15
C9 LUT CF . 1.06 -7.92 28.58
C10 LUT CF . 1.34 -6.90 27.77
C11 LUT CF . 0.23 -6.13 27.22
C12 LUT CF . 0.43 -5.44 26.11
C13 LUT CF . -0.66 -4.65 25.51
C14 LUT CF . -0.37 -3.60 24.75
C15 LUT CF . -1.43 -2.81 24.14
C16 LUT CF . 4.44 -8.03 32.67
C17 LUT CF . 2.71 -9.82 32.46
C18 LUT CF . 5.26 -9.19 28.38
C19 LUT CF . -0.36 -8.26 28.86
C20 LUT CF . -2.08 -5.04 25.76
O3 LUT CF . 7.05 -11.72 32.04
C21 LUT CF . -7.94 5.68 18.23
C22 LUT CF . -9.14 6.55 17.85
C23 LUT CF . -9.32 7.90 18.55
C24 LUT CF . -8.84 7.82 19.97
C25 LUT CF . -7.40 7.42 19.88
C26 LUT CF . -7.12 6.21 19.39
C27 LUT CF . -5.77 5.67 19.74
C28 LUT CF . -5.58 4.36 19.88
C29 LUT CF . -4.30 3.74 20.26
C30 LUT CF . -4.20 2.42 20.24
C31 LUT CF . -2.96 1.76 20.64
C32 LUT CF . -3.11 0.78 21.51
C33 LUT CF . -1.98 0.02 22.04
C34 LUT CF . -2.22 -1.14 22.65
C35 LUT CF . -1.13 -1.92 23.21
C36 LUT CF . -7.04 5.51 17.03
C37 LUT CF . -8.54 4.33 18.58
C38 LUT CF . -6.30 8.35 20.31
C39 LUT CF . -3.14 4.58 20.69
C40 LUT CF . -0.58 0.54 21.90
O23 LUT CF . -10.70 8.27 18.56
MG CLA DF . -2.66 -10.43 32.93
CHA CLA DF . -1.19 -12.03 35.61
CHB CLA DF . -4.84 -13.06 32.49
CHC CLA DF . -4.08 -8.72 30.48
CHD CLA DF . -0.42 -7.75 33.38
NA CLA DF . -3.01 -12.36 33.94
C1A CLA DF . -2.31 -12.83 34.98
C2A CLA DF . -2.78 -14.21 35.36
C3A CLA DF . -3.94 -14.46 34.39
C4A CLA DF . -3.94 -13.23 33.54
CMA CLA DF . -4.19 -15.82 33.73
CAA CLA DF . -3.28 -14.25 36.81
CBA CLA DF . -2.38 -15.17 37.62
CGA CLA DF . -2.42 -14.74 39.06
O1A CLA DF . -2.07 -13.61 39.36
O2A CLA DF . -2.83 -15.59 39.98
NB CLA DF . -4.22 -10.82 31.69
C1B CLA DF . -4.98 -11.95 31.63
C2B CLA DF . -5.93 -11.85 30.56
C3B CLA DF . -5.71 -10.62 29.99
C4B CLA DF . -4.63 -9.99 30.72
CMB CLA DF . -6.95 -12.88 30.15
CAB CLA DF . -6.44 -10.04 28.84
CBB CLA DF . -6.95 -8.62 28.86
NC CLA DF . -2.33 -8.52 32.10
C1C CLA DF . -3.03 -8.02 31.09
C2C CLA DF . -2.56 -6.67 30.68
C3C CLA DF . -1.54 -6.40 31.55
C4C CLA DF . -1.40 -7.56 32.42
CMC CLA DF . -3.12 -5.81 29.59
CAC CLA DF . -0.68 -5.14 31.61
CBC CLA DF . 0.66 -5.34 30.96
ND CLA DF . -1.18 -9.91 34.13
C1D CLA DF . -0.34 -8.86 34.25
C2D CLA DF . 0.61 -9.02 35.33
C3D CLA DF . 0.26 -10.27 35.86
C4D CLA DF . -0.81 -10.79 35.13
CMD CLA DF . 1.72 -8.20 35.90
CAD CLA DF . 0.62 -11.20 36.89
OBD CLA DF . 1.52 -11.06 37.70
CBD CLA DF . -0.33 -12.35 36.82
CGD CLA DF . 0.49 -13.61 36.67
O1D CLA DF . 0.27 -14.42 35.78
O2D CLA DF . 1.48 -13.86 37.53
CED CLA DF . 2.79 -13.94 37.00
C1 CLA DF . -4.20 -16.10 39.94
C2 CLA DF . -5.37 -15.17 40.00
C3 CLA DF . -6.55 -15.59 40.51
C4 CLA DF . -6.74 -16.99 41.01
C5 CLA DF . -7.75 -14.68 40.59
C1 BCR EF . 0.02 -13.73 15.50
C2 BCR EF . 0.40 -15.03 14.80
C3 BCR EF . 0.16 -16.24 15.66
C4 BCR EF . 1.03 -16.09 16.89
C5 BCR EF . 0.61 -14.87 17.64
C6 BCR EF . 0.14 -13.82 17.00
C7 BCR EF . -0.34 -12.68 17.82
C8 BCR EF . 0.42 -11.65 18.13
C9 BCR EF . 0.03 -10.52 18.94
C10 BCR EF . 0.57 -9.22 18.64
C11 BCR EF . 0.92 -7.97 19.17
C33 BCR EF . 0.70 -14.88 19.13
C31 BCR EF . -1.41 -13.37 15.17
C32 BCR EF . 0.96 -12.64 15.01
C34 BCR EF . -0.92 -10.70 20.08
C12 BCR EF . 1.31 -6.88 19.52
C13 BCR EF . 1.30 -5.62 20.17
C14 BCR EF . 1.92 -4.65 19.46
C15 BCR EF . 2.11 -3.27 19.78
C16 BCR EF . 2.59 -2.12 19.28
C17 BCR EF . 2.58 -1.00 19.93
C18 BCR EF . 3.24 0.11 19.61
C19 BCR EF . 3.14 1.34 20.39
C20 BCR EF . 3.30 2.65 20.42
C21 BCR EF . 3.32 3.99 20.88
C22 BCR EF . 4.22 4.93 20.58
C23 BCR EF . 4.09 6.27 21.14
C24 BCR EF . 3.04 7.26 20.78
C25 BCR EF . 3.01 8.58 21.41
C26 BCR EF . 2.55 8.72 22.64
C27 BCR EF . 2.78 10.00 23.40
C28 BCR EF . 2.73 11.25 22.53
C29 BCR EF . 2.71 10.99 21.02
C30 BCR EF . 3.49 9.77 20.59
C35 BCR EF . 0.69 -5.39 21.52
C36 BCR EF . 4.11 0.10 18.39
C37 BCR EF . 5.36 4.60 19.66
C38 BCR EF . 1.79 7.63 23.33
C39 BCR EF . 4.99 9.97 20.76
C40 BCR EF . 3.16 9.50 19.14
C1A DGD FF . -1.25 -25.18 19.42
C2A DGD FF . -0.13 -24.92 18.45
C3A DGD FF . -0.75 -24.75 17.08
C4A DGD FF . 0.15 -25.31 15.98
C5A DGD FF . -0.42 -24.91 14.63
C6A DGD FF . 0.65 -24.97 13.56
C7A DGD FF . 0.12 -24.44 12.25
C8A DGD FF . 1.24 -24.42 11.24
C9A DGD FF . 0.65 -24.71 9.89
CAA DGD FF . -0.16 -23.84 9.31
CBA DGD FF . -0.68 -24.27 7.96
CCA DGD FF . -1.35 -23.15 7.21
CDA DGD FF . -1.62 -23.47 5.95
CEA DGD FF . -2.30 -22.51 5.03
CFA DGD FF . -1.66 -22.65 3.67
CGA DGD FF . -0.37 -22.92 3.60
CHA DGD FF . 0.25 -23.06 2.23
CIA DGD FF . -0.03 -21.77 1.49
O1A DGD FF . -2.37 -24.75 19.18
C1B DGD FF . -1.86 -24.27 24.43
C2B DGD FF . -3.13 -23.45 24.32
C3B DGD FF . -4.19 -24.15 25.17
C4B DGD FF . -5.51 -23.41 25.07
C5B DGD FF . -5.68 -22.44 26.24
C6B DGD FF . -6.93 -21.58 26.06
C7B DGD FF . -7.30 -20.89 27.37
C8B DGD FF . -8.06 -19.60 27.14
C9B DGD FF . -9.48 -19.88 26.69
CAB DGD FF . -10.31 -18.87 26.48
O1B DGD FF . -1.80 -25.18 25.24
O1G DGD FF . -1.04 -25.95 20.62
C1G DGD FF . -1.58 -25.49 21.86
C2G DGD FF . -0.41 -24.98 22.69
O2G DGD FF . -0.80 -23.98 23.65
C3G DGD FF . 0.30 -26.15 23.36
O3G DGD FF . 1.23 -25.62 24.30
C1D DGD FF . 2.14 -26.60 24.79
C2D DGD FF . 3.31 -25.87 25.43
O2D DGD FF . 4.03 -25.15 24.43
C3D DGD FF . 4.25 -26.86 26.10
O3D DGD FF . 5.22 -26.12 26.81
C4D DGD FF . 3.48 -27.73 27.06
O4D DGD FF . 2.96 -26.91 28.11
C5D DGD FF . 2.32 -28.40 26.34
O5D DGD FF . 2.37 -30.18 27.96
C6D DGD FF . 1.52 -29.27 27.28
O6D DGD FF . 1.49 -27.40 25.77
C1E DGD FF . 1.86 -31.52 27.98
C2E DGD FF . 0.43 -31.53 28.53
O2E DGD FF . 0.42 -30.99 29.85
C3E DGD FF . -0.12 -32.95 28.55
O3E DGD FF . -0.34 -33.42 27.22
C4E DGD FF . 0.85 -33.89 29.30
O4E DGD FF . 0.45 -35.24 29.09
C5E DGD FF . 2.30 -33.71 28.86
O6E DGD FF . 2.68 -32.33 28.85
C6E DGD FF . 2.57 -34.35 27.50
O5E DGD FF . 3.95 -34.26 27.18
C1 BCR GF . 20.94 38.60 36.27
C2 BCR GF . 21.30 37.75 37.48
C3 BCR GF . 22.32 38.45 38.36
C4 BCR GF . 23.59 38.69 37.57
C5 BCR GF . 23.34 39.27 36.20
C6 BCR GF . 22.18 39.07 35.56
C7 BCR GF . 22.15 39.34 34.10
C8 BCR GF . 21.49 40.36 33.59
C9 BCR GF . 21.40 40.72 32.19
C10 BCR GF . 20.15 41.18 31.64
C11 BCR GF . 19.55 42.07 30.71
C33 BCR GF . 24.42 40.07 35.55
C31 BCR GF . 20.16 39.81 36.75
C32 BCR GF . 20.09 37.78 35.32
C34 BCR GF . 22.61 40.59 31.31
C12 BCR GF . 18.99 42.82 29.95
C13 BCR GF . 18.73 43.50 28.74
C14 BCR GF . 17.75 44.44 28.75
C15 BCR GF . 17.34 45.23 27.64
C16 BCR GF . 16.42 46.06 27.10
C17 BCR GF . 16.53 46.60 25.93
C18 BCR GF . 15.81 47.63 25.45
C19 BCR GF . 16.01 48.18 24.10
C20 BCR GF . 15.85 49.25 23.35
C21 BCR GF . 15.82 50.20 22.29
C22 BCR GF . 14.98 51.23 22.16
C23 BCR GF . 15.04 52.16 21.03
C24 BCR GF . 15.38 53.60 21.12
C25 BCR GF . 15.41 54.55 19.99
C26 BCR GF . 16.10 54.33 18.88
C27 BCR GF . 15.76 55.12 17.64
C28 BCR GF . 15.62 56.60 17.96
C29 BCR GF . 15.45 56.95 19.43
C30 BCR GF . 14.70 55.87 20.21
C35 BCR GF . 19.48 43.16 27.49
C36 BCR GF . 14.76 48.24 26.32
C37 BCR GF . 13.95 51.43 23.22
C38 BCR GF . 17.22 53.35 18.77
C39 BCR GF . 13.22 55.81 19.86
C40 BCR GF . 14.81 56.16 21.68
MG CLA HF . 22.80 52.32 35.12
CHA CLA HF . 24.93 54.96 35.82
CHB CLA HF . 20.07 54.26 35.93
CHC CLA HF . 20.90 49.74 34.39
CHD CLA HF . 25.66 50.35 34.33
NA CLA HF . 22.52 54.40 35.80
C1A CLA HF . 23.48 55.29 36.02
C2A CLA HF . 22.95 56.61 36.49
C3A CLA HF . 21.42 56.37 36.51
C4A CLA HF . 21.30 54.94 36.06
CMA CLA HF . 20.59 56.86 37.69
CAA CLA HF . 23.29 57.70 35.48
CBA CLA HF . 22.12 58.65 35.26
CGA CLA HF . 22.51 59.70 34.25
O1A CLA HF . 23.11 59.36 33.25
O2A CLA HF . 22.18 60.95 34.48
NB CLA HF . 20.78 52.04 35.16
C1B CLA HF . 19.82 52.93 35.52
C2B CLA HF . 18.52 52.30 35.40
C3B CLA HF . 18.77 51.03 34.98
C4B CLA HF . 20.22 50.88 34.82
CMB CLA HF . 17.18 52.92 35.71
CAB CLA HF . 17.78 49.96 34.69
CBB CLA HF . 16.31 50.21 34.94
NC CLA HF . 23.23 50.37 34.45
C1C CLA HF . 22.28 49.46 34.22
C2C CLA HF . 22.83 48.16 33.77
C3C CLA HF . 24.18 48.36 33.75
C4C CLA HF . 24.42 49.73 34.18
CMC CLA HF . 22.06 46.92 33.43
CAC CLA HF . 25.22 47.34 33.37
CBC CLA HF . 25.74 47.65 31.99
ND CLA HF . 24.78 52.49 35.06
C1D CLA HF . 25.83 51.69 34.72
C2D CLA HF . 27.11 52.38 34.86
C3D CLA HF . 26.74 53.66 35.28
C4D CLA HF . 25.35 53.70 35.39
CMD CLA HF . 28.55 52.00 34.64
CAD CLA HF . 27.29 54.95 35.65
OBD CLA HF . 28.45 55.27 35.58
CBD CLA HF . 26.14 55.83 36.03
CGD CLA HF . 26.24 56.18 37.49
O1D CLA HF . 26.97 57.09 37.86
O2D CLA HF . 25.55 55.50 38.38
CED CLA HF . 24.63 56.25 39.18
MG CLA IF . 33.01 49.32 19.05
CHA CLA IF . 33.70 45.97 18.52
CHB CLA IF . 36.33 50.11 18.67
CHC CLA IF . 32.20 52.50 19.44
CHD CLA IF . 29.59 48.48 19.43
NA CLA IF . 34.84 48.17 18.61
C1A CLA IF . 34.92 46.85 18.43
C2A CLA IF . 36.33 46.38 18.20
C3A CLA IF . 37.12 47.70 18.25
C4A CLA IF . 36.07 48.74 18.52
CMA CLA IF . 38.43 47.74 19.01
CAA CLA IF . 36.59 45.66 16.87
CBA CLA IF . 35.60 45.97 15.74
CGA CLA IF . 36.33 45.91 14.42
O1A CLA IF . 36.68 46.95 13.89
O2A CLA IF . 36.59 44.74 13.86
NB CLA IF . 34.10 51.04 19.04
C1B CLA IF . 35.45 51.17 18.91
C2B CLA IF . 35.81 52.56 19.04
C3B CLA IF . 34.64 53.23 19.27
C4B CLA IF . 33.56 52.24 19.27
CMB CLA IF . 37.20 53.16 18.95
CAB CLA IF . 34.47 54.69 19.47
CBB CLA IF . 33.60 55.51 18.55
NC CLA IF . 31.19 50.32 19.35
C1C CLA IF . 31.09 51.64 19.50
C2C CLA IF . 29.69 52.07 19.70
C3C CLA IF . 28.97 50.92 19.69
C4C CLA IF . 29.91 49.83 19.47
CMC CLA IF . 29.17 53.47 19.89
CAC CLA IF . 27.47 50.78 19.84
CBC CLA IF . 26.85 50.84 18.47
ND CLA IF . 31.85 47.72 19.00
C1D CLA IF . 30.53 47.45 19.16
C2D CLA IF . 30.23 46.03 19.05
C3D CLA IF . 31.47 45.48 18.79
C4D CLA IF . 32.43 46.48 18.76
CMD CLA IF . 28.98 45.20 19.13
CAD CLA IF . 32.12 44.21 18.54
OBD CLA IF . 31.59 43.12 18.57
CBD CLA IF . 33.59 44.47 18.40
CGD CLA IF . 34.27 43.83 19.57
O1D CLA IF . 33.59 43.32 20.45
O2D CLA IF . 35.58 43.80 19.68
CED CLA IF . 36.13 42.68 20.36
C1 CLA IF . 35.99 44.36 12.59
C2 CLA IF . 34.62 43.75 12.54
C3 CLA IF . 34.17 43.10 11.45
C4 CLA IF . 35.01 42.96 10.22
C5 CLA IF . 32.79 42.49 11.42
C6 CLA IF . 32.71 41.40 10.34
C7 CLA IF . 31.70 40.34 10.75
C8 CLA IF . 30.29 40.68 10.27
C9 CLA IF . 29.27 40.42 11.38
C10 CLA IF . 29.94 39.86 9.04
C11 CLA IF . 28.95 40.61 8.15
C12 CLA IF . 27.63 39.88 8.04
C13 CLA IF . 26.45 40.80 8.28
C14 CLA IF . 25.46 40.19 9.28
C15 CLA IF . 25.75 41.12 6.96
MG CLA JF . 20.48 63.71 16.25
CHA CLA JF . 18.88 65.13 13.54
CHB CLA JF . 21.82 66.77 17.12
CHC CLA JF . 21.88 62.26 18.84
CHD CLA JF . 19.05 60.58 15.38
NA CLA JF . 20.37 65.75 15.43
C1A CLA JF . 19.68 66.12 14.35
C2A CLA JF . 19.83 67.58 14.05
C3A CLA JF . 20.76 68.06 15.17
C4A CLA JF . 21.01 66.81 15.97
CMA CLA JF . 21.91 69.01 14.87
CAA CLA JF . 18.48 68.27 14.20
CBA CLA JF . 18.16 69.07 12.96
CGA CLA JF . 16.72 68.80 12.55
O1A CLA JF . 15.87 68.76 13.42
O2A CLA JF . 16.43 68.62 11.27
NB CLA JF . 21.66 64.40 17.76
C1B CLA JF . 22.13 65.67 17.94
C2B CLA JF . 22.98 65.71 19.11
C3B CLA JF . 22.98 64.43 19.59
C4B CLA JF . 22.15 63.62 18.72
CMB CLA JF . 23.70 66.90 19.69
CAB CLA JF . 23.72 63.94 20.79
CBB CLA JF . 23.12 62.96 21.76
NC CLA JF . 20.36 61.77 17.06
C1C CLA JF . 21.13 61.36 18.05
C2C CLA JF . 21.11 59.91 18.26
C3C CLA JF . 20.26 59.45 17.30
C4C CLA JF . 19.80 60.60 16.55
CMC CLA JF . 21.89 59.14 19.30
CAC CLA JF . 19.89 58.00 17.06
CBC CLA JF . 19.00 57.50 18.16
ND CLA JF . 19.31 62.93 14.86
C1D CLA JF . 18.75 61.72 14.60
C2D CLA JF . 17.85 61.78 13.44
C3D CLA JF . 17.91 63.10 13.05
C4D CLA JF . 18.77 63.78 13.90
CMD CLA JF . 17.00 60.76 12.73
CAD CLA JF . 17.39 64.03 12.08
OBD CLA JF . 16.32 63.91 11.51
CBD CLA JF . 18.15 65.32 12.25
CGD CLA JF . 19.17 65.38 11.14
O1D CLA JF . 19.09 66.23 10.27
O2D CLA JF . 20.17 64.50 11.10
CED CLA JF . 21.49 65.02 11.12
C1 CLA JF . 17.31 69.07 10.20
C2 CLA JF . 17.56 70.53 9.94
C3 CLA JF . 17.86 70.96 8.70
MG CLA KF . 9.94 67.89 33.41
CHA CLA KF . 7.82 70.23 34.79
CHB CLA KF . 7.91 65.33 34.50
CHC CLA KF . 11.99 65.74 31.96
CHD CLA KF . 12.04 70.52 32.31
NA CLA KF . 8.05 67.77 34.53
C1A CLA KF . 7.35 68.80 35.01
C2A CLA KF . 6.13 68.37 35.79
C3A CLA KF . 6.21 66.83 35.66
C4A CLA KF . 7.44 66.61 34.85
CMA CLA KF . 5.97 65.95 36.88
CAA CLA KF . 4.85 68.94 35.20
CBA CLA KF . 3.60 68.25 35.75
CGA CLA KF . 3.08 68.95 36.98
O1A CLA KF . 3.80 69.07 37.95
O2A CLA KF . 1.84 69.42 36.98
NB CLA KF . 9.94 65.86 33.24
C1B CLA KF . 9.04 64.97 33.76
C2B CLA KF . 9.45 63.62 33.44
C3B CLA KF . 10.60 63.76 32.72
C4B CLA KF . 10.91 65.18 32.62
CMB CLA KF . 8.74 62.35 33.81
CAB CLA KF . 11.44 62.69 32.15
CBB CLA KF . 12.13 61.70 33.05
NC CLA KF . 11.67 68.11 32.23
C1C CLA KF . 12.41 67.08 31.81
C2C CLA KF . 13.69 67.51 31.18
C3C CLA KF . 13.65 68.87 31.24
C4C CLA KF . 12.40 69.24 31.90
CMC CLA KF . 14.76 66.61 30.61
CAC CLA KF . 14.69 69.84 30.75
CBC CLA KF . 15.85 69.94 31.71
ND CLA KF . 10.01 69.86 33.46
C1D CLA KF . 10.86 70.82 33.02
C2D CLA KF . 10.42 72.16 33.41
C3D CLA KF . 9.23 71.92 34.09
C4D CLA KF . 9.00 70.53 34.12
CMD CLA KF . 10.96 73.55 33.20
CAD CLA KF . 8.17 72.59 34.79
OBD CLA KF . 8.26 73.71 35.29
CBD CLA KF . 7.17 71.54 35.21
CGD CLA KF . 6.94 71.61 36.70
O1D CLA KF . 7.86 71.44 37.48
O2D CLA KF . 5.72 71.86 37.15
CED CLA KF . 5.49 73.19 37.61
C1 CLA KF . 0.86 68.90 36.04
C1 BCR LF . 22.98 45.73 29.69
C2 BCR LF . 23.86 44.76 28.91
C3 BCR LF . 24.23 45.40 27.59
C4 BCR LF . 22.95 45.45 26.76
C5 BCR LF . 21.77 46.01 27.54
C6 BCR LF . 21.82 46.21 28.86
C7 BCR LF . 20.66 46.87 29.52
C8 BCR LF . 20.57 48.17 29.75
C9 BCR LF . 19.45 48.85 30.39
C10 BCR LF . 19.61 50.09 31.11
C11 BCR LF . 19.12 51.40 31.37
C33 BCR LF . 20.52 46.34 26.78
C31 BCR LF . 23.81 46.95 30.08
C32 BCR LF . 22.43 45.02 30.91
C34 BCR LF . 18.09 48.23 30.30
C12 BCR LF . 18.80 52.54 31.67
C13 BCR LF . 18.04 53.73 31.86
C14 BCR LF . 18.69 54.77 32.44
C15 BCR LF . 18.21 56.09 32.75
C16 BCR LF . 18.25 57.15 33.58
C17 BCR LF . 17.57 58.24 33.39
C18 BCR LF . 17.32 59.20 34.30
C19 BCR LF . 16.56 60.41 33.94
C20 BCR LF . 16.04 61.60 34.24
C21 BCR LF . 15.59 62.75 34.96
C22 BCR LF . 15.69 64.05 34.59
C23 BCR LF . 15.12 65.07 35.49
C24 BCR LF . 14.48 66.35 35.07
C25 BCR LF . 13.94 67.26 36.09
C26 BCR LF . 12.85 66.90 36.74
C27 BCR LF . 12.68 67.33 38.18
C28 BCR LF . 12.96 68.81 38.35
C29 BCR LF . 13.60 69.49 37.14
C30 BCR LF . 14.60 68.61 36.40
C35 BCR LF . 16.60 53.83 31.46
C36 BCR LF . 17.82 59.03 35.70
C37 BCR LF . 16.37 64.45 33.32
C38 BCR LF . 11.76 66.09 36.10
C39 BCR LF . 15.87 68.39 37.21
C40 BCR LF . 14.93 69.31 35.09
C1 BCR MF . 10.51 3.95 -37.18
C2 BCR MF . 9.10 3.39 -37.32
C3 BCR MF . 8.33 4.13 -38.41
C4 BCR MF . 8.26 5.62 -38.08
C5 BCR MF . 9.61 6.18 -37.69
C6 BCR MF . 10.48 5.45 -37.01
C7 BCR MF . 11.42 6.08 -36.06
C8 BCR MF . 12.22 7.08 -36.42
C9 BCR MF . 13.18 7.76 -35.56
C10 BCR MF . 14.06 8.83 -36.02
C11 BCR MF . 14.15 10.21 -36.43
C33 BCR MF . 9.95 7.59 -38.06
C31 BCR MF . 11.33 3.62 -38.43
C32 BCR MF . 11.19 3.36 -35.95
C34 BCR MF . 13.25 7.35 -34.12
C12 BCR MF . 14.27 11.37 -36.75
C13 BCR MF . 14.98 12.61 -36.87
C14 BCR MF . 14.66 13.52 -37.85
C15 BCR MF . 15.33 14.79 -38.02
C16 BCR MF . 15.41 15.99 -38.67
C17 BCR MF . 16.32 16.90 -38.42
C18 BCR MF . 16.11 18.21 -38.12
C19 BCR MF . 17.23 19.14 -37.86
C20 BCR MF . 17.75 20.23 -37.28
C21 BCR MF . 18.72 21.22 -36.92
C22 BCR MF . 18.79 22.51 -37.33
C23 BCR MF . 19.86 23.41 -36.89
C24 BCR MF . 20.43 24.57 -37.68
C25 BCR MF . 21.51 25.46 -37.21
C26 BCR MF . 21.40 26.79 -37.37
C27 BCR MF . 22.64 27.61 -37.54
C28 BCR MF . 23.65 27.18 -36.49
C29 BCR MF . 23.97 25.71 -36.69
C30 BCR MF . 22.72 24.85 -36.53
C35 BCR MF . 16.08 12.95 -35.91
C36 BCR MF . 14.70 18.74 -38.06
C37 BCR MF . 17.74 23.03 -38.27
C38 BCR MF . 20.08 27.51 -37.40
C39 BCR MF . 22.40 24.65 -35.06
C40 BCR MF . 23.02 23.53 -37.21
MG CLA NF . 30.75 39.35 -37.67
CHA CLA NF . 32.48 38.80 -40.61
CHB CLA NF . 31.86 36.35 -36.42
CHC CLA NF . 29.06 40.00 -34.93
CHD CLA NF . 29.59 42.43 -39.03
NA CLA NF . 32.04 37.73 -38.43
C1A CLA NF . 32.64 37.69 -39.61
C2A CLA NF . 33.46 36.46 -39.81
C3A CLA NF . 33.25 35.70 -38.48
C4A CLA NF . 32.33 36.61 -37.71
CMA CLA NF . 32.98 34.20 -38.51
CAA CLA NF . 34.91 36.90 -39.96
CBA CLA NF . 35.57 37.07 -38.60
CGA CLA NF . 36.44 38.30 -38.62
O1A CLA NF . 37.55 38.22 -39.10
O2A CLA NF . 35.96 39.42 -38.13
NB CLA NF . 30.50 38.33 -35.93
C1B CLA NF . 31.02 37.11 -35.58
C2B CLA NF . 30.57 36.76 -34.26
C3B CLA NF . 29.78 37.80 -33.86
C4B CLA NF . 29.74 38.78 -34.92
CMB CLA NF . 30.90 35.52 -33.48
CAB CLA NF . 29.08 37.94 -32.56
CBB CLA NF . 29.26 36.89 -31.49
NC CLA NF . 29.53 40.96 -37.09
C1C CLA NF . 28.93 41.02 -35.90
C2C CLA NF . 28.15 42.26 -35.72
C3C CLA NF . 28.32 42.94 -36.89
C4C CLA NF . 29.19 42.13 -37.74
CMC CLA NF . 27.34 42.67 -34.52
CAC CLA NF . 27.73 44.28 -37.26
CBC CLA NF . 28.82 45.33 -37.19
ND CLA NF . 30.91 40.41 -39.33
C1D CLA NF . 30.46 41.61 -39.80
C2D CLA NF . 30.94 41.91 -41.14
C3D CLA NF . 31.73 40.81 -41.44
C4D CLA NF . 31.71 39.93 -40.36
CMD CLA NF . 30.75 43.06 -42.10
CAD CLA NF . 32.57 40.24 -42.49
OBD CLA NF . 32.64 40.65 -43.63
CBD CLA NF . 33.10 38.94 -41.98
CGD CLA NF . 32.59 37.82 -42.86
O1D CLA NF . 31.42 37.77 -43.17
O2D CLA NF . 33.41 36.87 -43.27
CED CLA NF . 33.47 36.68 -44.69
C1 CLA NF . 36.87 40.46 -37.64
C2 CLA NF . 38.05 40.11 -36.76
C3 CLA NF . 38.49 40.98 -35.84
C4 CLA NF . 39.66 40.66 -34.96
C5 CLA NF . 37.83 42.32 -35.62
MG CLA OF . 24.65 29.91 -32.52
CHA CLA OF . 25.28 32.96 -34.05
CHB CLA OF . 27.43 30.29 -30.54
CHC CLA OF . 23.90 27.03 -31.15
CHD CLA OF . 21.80 29.57 -34.63
NA CLA OF . 26.20 31.47 -32.31
C1A CLA OF . 26.29 32.60 -32.99
C2A CLA OF . 27.46 33.44 -32.59
C3A CLA OF . 28.12 32.58 -31.50
C4A CLA OF . 27.22 31.37 -31.42
CMA CLA OF . 29.63 32.38 -31.49
CAA CLA OF . 26.92 34.73 -32.00
CBA CLA OF . 26.75 34.58 -30.49
CGA CLA OF . 25.44 35.23 -30.07
O1A CLA OF . 25.44 36.40 -29.69
O2A CLA OF . 24.34 34.52 -30.16
NB CLA OF . 25.53 28.82 -31.05
C1B CLA OF . 26.67 29.11 -30.37
C2B CLA OF . 26.96 28.05 -29.44
C3B CLA OF . 25.96 27.13 -29.62
C4B CLA OF . 25.06 27.64 -30.65
CMB CLA OF . 28.11 27.95 -28.49
CAB CLA OF . 25.79 25.84 -28.91
CBB CLA OF . 26.97 25.20 -28.24
NC CLA OF . 23.10 28.53 -32.85
C1C CLA OF . 22.98 27.40 -32.16
C2C CLA OF . 21.79 26.61 -32.54
C3C CLA OF . 21.20 27.36 -33.53
C4C CLA OF . 22.03 28.54 -33.71
CMC CLA OF . 21.34 25.30 -31.96
CAC CLA OF . 19.94 27.00 -34.28
CBC CLA OF . 18.79 27.80 -33.71
ND CLA OF . 23.70 30.90 -33.96
C1D CLA OF . 22.60 30.72 -34.73
C2D CLA OF . 22.38 31.84 -35.66
C3D CLA OF . 23.43 32.69 -35.37
C4D CLA OF . 24.21 32.13 -34.37
CMD CLA OF . 21.35 32.14 -36.71
CAD CLA OF . 24.01 33.97 -35.77
OBD CLA OF . 23.73 34.59 -36.78
CBD CLA OF . 25.22 34.20 -34.92
CGD CLA OF . 26.45 34.22 -35.78
O1D CLA OF . 26.66 33.32 -36.57
O2D CLA OF . 27.31 35.23 -35.69
CED CLA OF . 27.60 35.90 -36.91
C1 CLA OF . 23.17 34.85 -29.34
C2 CLA OF . 23.26 34.93 -27.84
C3 CLA OF . 22.22 34.55 -27.08
C4 CLA OF . 20.94 34.06 -27.69
C5 CLA OF . 22.26 34.62 -25.57
C6 CLA OF . 21.30 33.58 -24.99
C7 CLA OF . 21.15 33.76 -23.49
C8 CLA OF . 19.86 34.48 -23.14
C9 CLA OF . 18.91 34.50 -24.34
C10 CLA OF . 20.18 35.89 -22.67
C11 CLA OF . 20.12 35.99 -21.15
C12 CLA OF . 21.45 36.45 -20.59
C13 CLA OF . 21.25 37.56 -19.56
C14 CLA OF . 21.93 38.85 -20.01
C15 CLA OF . 21.81 37.11 -18.21
MG CLA PF . 37.28 27.74 -27.63
CHA CLA PF . 40.05 29.04 -29.25
CHB CLA PF . 39.13 25.05 -26.55
CHC CLA PF . 34.58 26.64 -26.12
CHD CLA PF . 35.41 30.53 -28.81
NA CLA PF . 39.38 27.10 -27.86
C1A CLA PF . 40.33 27.74 -28.55
C2A CLA PF . 41.65 27.03 -28.51
C3A CLA PF . 41.33 25.78 -27.67
C4A CLA PF . 39.88 25.96 -27.33
CMA CLA PF . 41.84 24.42 -28.13
CAA CLA PF . 42.70 27.89 -27.81
CBA CLA PF . 42.06 29.03 -27.03
CGA CLA PF . 43.07 29.67 -26.12
O1A CLA PF . 44.16 30.00 -26.57
O2A CLA PF . 42.76 29.83 -24.85
NB CLA PF . 36.92 26.09 -26.50
C1B CLA PF . 37.78 25.09 -26.16
C2B CLA PF . 37.09 24.11 -25.36
C3B CLA PF . 35.81 24.57 -25.24
C4B CLA PF . 35.71 25.83 -25.98
CMB CLA PF . 37.66 22.85 -24.76
CAB CLA PF . 34.69 23.95 -24.51
CBB CLA PF . 34.91 22.63 -23.80
NC CLA PF . 35.31 28.47 -27.51
C1C CLA PF . 34.36 27.86 -26.81
C2C CLA PF . 33.07 28.59 -26.83
C3C CLA PF . 33.33 29.69 -27.60
C4C CLA PF . 34.73 29.60 -28.02
CMC CLA PF . 31.79 28.21 -26.16
CAC CLA PF . 32.36 30.80 -27.96
CBC CLA PF . 31.07 30.20 -28.45
ND CLA PF . 37.53 29.37 -28.72
C1D CLA PF . 36.77 30.43 -29.14
C2D CLA PF . 37.52 31.38 -29.95
C3D CLA PF . 38.80 30.82 -29.98
C4D CLA PF . 38.79 29.64 -29.24
CMD CLA PF . 37.19 32.67 -30.65
CAD CLA PF . 40.13 31.04 -30.51
OBD CLA PF . 40.44 31.87 -31.34
CBD CLA PF . 41.00 29.90 -30.05
CGD CLA PF . 41.46 29.10 -31.22
O1D CLA PF . 40.67 28.43 -31.86
O2D CLA PF . 42.73 29.12 -31.59
CED CLA PF . 42.96 29.31 -32.99
C1 CLA PF . 41.49 29.32 -24.35
C2 CLA PF . 40.17 29.74 -24.98
C3 CLA PF . 39.01 29.43 -24.38
C4 CLA PF . 37.70 29.83 -25.00
C5 CLA PF . 38.94 28.68 -23.08
C1 BCR QF . 38.93 30.32 -47.36
C2 BCR QF . 39.07 29.16 -48.33
C3 BCR QF . 38.67 27.84 -47.67
C4 BCR QF . 39.58 27.58 -46.48
C5 BCR QF . 39.73 28.77 -45.58
C6 BCR QF . 39.59 30.02 -46.04
C7 BCR QF . 40.12 31.14 -45.25
C8 BCR QF . 39.61 31.45 -44.07
C9 BCR QF . 40.06 32.54 -43.21
C10 BCR QF . 39.23 33.06 -42.14
C11 BCR QF . 38.43 32.74 -41.01
C33 BCR QF . 40.04 28.57 -44.13
C31 BCR QF . 37.46 30.61 -47.11
C32 BCR QF . 39.60 31.56 -47.94
C34 BCR QF . 41.41 33.13 -43.45
C12 BCR QF . 37.77 32.51 -40.03
C13 BCR QF . 37.17 32.89 -38.79
C14 BCR QF . 36.40 32.02 -38.11
C15 BCR QF . 35.79 32.40 -36.87
C16 BCR QF . 35.18 32.12 -35.69
C17 BCR QF . 34.82 33.03 -34.84
C18 BCR QF . 34.14 32.84 -33.68
C19 BCR QF . 33.80 33.98 -32.82
C20 BCR QF . 33.59 34.45 -31.60
C21 BCR QF . 33.27 35.37 -30.54
C22 BCR QF . 32.36 35.21 -29.55
C23 BCR QF . 32.17 36.28 -28.56
C24 BCR QF . 31.27 36.21 -27.36
C25 BCR QF . 31.17 37.36 -26.44
C26 BCR QF . 31.97 37.44 -25.38
C27 BCR QF . 32.27 38.82 -24.84
C28 BCR QF . 30.99 39.62 -24.59
C29 BCR QF . 29.77 39.08 -25.35
C30 BCR QF . 30.16 38.47 -26.68
C35 BCR QF . 37.40 34.27 -38.26
C36 BCR QF . 33.75 31.45 -33.28
C37 BCR QF . 31.56 33.95 -29.48
C38 BCR QF . 32.58 36.25 -24.71
C39 BCR QF . 30.78 39.51 -27.60
C40 BCR QF . 28.90 37.86 -27.30
C1A DGD RF . -6.68 -57.71 -7.77
C2A DGD RF . -7.76 -57.24 -8.71
C3A DGD RF . -8.55 -56.13 -8.02
C4A DGD RF . -9.87 -55.88 -8.72
C5A DGD RF . -10.56 -57.20 -9.04
C6A DGD RF . -11.88 -56.98 -9.74
C7A DGD RF . -11.71 -56.13 -10.99
O1A DGD RF . -5.94 -58.62 -8.07
C1B DGD RF . -4.93 -53.76 -7.90
C2B DGD RF . -5.23 -52.28 -7.91
C3B DGD RF . -4.03 -51.52 -7.40
C4B DGD RF . -4.32 -50.02 -7.29
O1B DGD RF . -4.59 -54.33 -8.93
O1G DGD RF . -6.55 -57.04 -6.47
C1G DGD RF . -5.27 -56.72 -5.95
C2G DGD RF . -4.53 -55.80 -6.91
O2G DGD RF . -5.01 -54.46 -6.76
C3G DGD RF . -3.03 -55.85 -6.60
O3G DGD RF . -2.77 -55.39 -5.28
C1D DGD RF . -2.10 -56.37 -4.48
C2D DGD RF . -0.60 -56.09 -4.44
O2D DGD RF . -0.02 -56.26 -5.74
C3D DGD RF . 0.11 -57.00 -3.46
O3D DGD RF . 1.46 -56.55 -3.28
C4D DGD RF . -0.62 -56.98 -2.12
O4D DGD RF . -0.56 -55.65 -1.60
C5D DGD RF . -2.08 -57.34 -2.31
O5D DGD RF . -3.18 -56.07 -0.54
C6D DGD RF . -2.82 -57.38 -0.98
O6D DGD RF . -2.65 -56.36 -3.17
C1E DGD RF . -3.84 -56.10 0.72
C2E DGD RF . -5.14 -56.88 0.60
O2E DGD RF . -6.00 -56.18 -0.30
C3E DGD RF . -5.81 -56.97 1.96
O3E DGD RF . -5.02 -57.79 2.83
C4E DGD RF . -5.98 -55.59 2.56
O4E DGD RF . -6.35 -55.70 3.94
C5E DGD RF . -4.73 -54.72 2.44
O6E DGD RF . -4.19 -54.78 1.12
C6E DGD RF . -3.65 -55.10 3.47
O5E DGD RF . -4.13 -54.80 4.78
C1 LUT SF . -21.72 -64.31 -3.71
C2 LUT SF . -20.73 -64.42 -2.57
C3 LUT SF . -20.28 -65.86 -2.44
C4 LUT SF . -21.48 -66.69 -2.04
C5 LUT SF . -22.60 -66.50 -3.03
C6 LUT SF . -22.83 -65.30 -3.57
C7 LUT SF . -24.17 -64.96 -4.08
C8 LUT SF . -24.41 -65.14 -5.37
C9 LUT SF . -25.71 -64.83 -5.98
C10 LUT SF . -25.82 -65.02 -7.30
C11 LUT SF . -27.05 -64.78 -8.04
C12 LUT SF . -27.05 -65.22 -9.29
C13 LUT SF . -28.20 -65.10 -10.19
C14 LUT SF . -28.12 -65.73 -11.37
C15 LUT SF . -29.20 -65.73 -12.33
C16 LUT SF . -21.01 -64.67 -4.99
C17 LUT SF . -22.29 -62.90 -3.76
C18 LUT SF . -23.43 -67.69 -3.40
C19 LUT SF . -26.84 -64.33 -5.16
C20 LUT SF . -29.40 -64.32 -9.79
O3 LUT SF . -19.31 -65.93 -1.41
C21 LUT SF . -35.64 -69.73 -22.51
C22 LUT SF . -36.91 -69.79 -23.37
C23 LUT SF . -36.88 -68.78 -24.49
C24 LUT SF . -36.86 -67.42 -23.85
C25 LUT SF . -35.65 -67.28 -22.97
C26 LUT SF . -35.10 -68.32 -22.34
C27 LUT SF . -33.73 -68.18 -21.81
C28 LUT SF . -33.58 -68.03 -20.49
C29 LUT SF . -32.27 -67.91 -19.82
C30 LUT SF . -32.26 -67.87 -18.49
C31 LUT SF . -31.05 -67.79 -17.67
C32 LUT SF . -31.11 -67.07 -16.55
C33 LUT SF . -29.95 -67.00 -15.66
C34 LUT SF . -30.10 -66.44 -14.45
C35 LUT SF . -29.03 -66.38 -13.48
C36 LUT SF . -34.54 -70.55 -23.15
C37 LUT SF . -35.99 -70.31 -21.14
C38 LUT SF . -35.03 -65.93 -22.82
C39 LUT SF . -30.98 -67.86 -20.61
C40 LUT SF . -28.63 -67.56 -16.08
O23 LUT SF . -38.03 -68.90 -25.31
C1 LUT TF . -27.52 -44.65 -8.47
C2 LUT TF . -28.18 -43.47 -9.16
C3 LUT TF . -29.65 -43.75 -9.46
C4 LUT TF . -29.75 -44.93 -10.42
C5 LUT TF . -28.99 -46.11 -9.86
C6 LUT TF . -27.86 -45.94 -9.15
C7 LUT TF . -26.91 -47.08 -9.05
C8 LUT TF . -26.54 -47.72 -10.15
C9 LUT TF . -25.59 -48.85 -10.05
C10 LUT TF . -25.38 -49.63 -11.13
C11 LUT TF . -24.43 -50.75 -11.06
C12 LUT TF . -24.21 -51.43 -12.18
C13 LUT TF . -23.26 -52.56 -12.20
C14 LUT TF . -23.11 -53.27 -13.31
C15 LUT TF . -22.15 -54.37 -13.37
C16 LUT TF . -27.99 -44.74 -7.02
C17 LUT TF . -26.01 -44.47 -8.51
C18 LUT TF . -29.50 -47.49 -10.11
C19 LUT TF . -24.87 -49.12 -8.76
C20 LUT TF . -22.46 -52.89 -10.98
O3 LUT TF . -30.21 -42.60 -10.10
C21 LUT TF . -15.05 -63.27 -16.51
C22 LUT TF . -14.00 -64.32 -16.15
C23 LUT TF . -14.26 -65.61 -16.90
C24 LUT TF . -15.58 -66.19 -16.41
C25 LUT TF . -16.67 -65.17 -16.65
C26 LUT TF . -16.45 -63.86 -16.46
C27 LUT TF . -17.58 -62.92 -16.64
C28 LUT TF . -17.35 -61.68 -17.04
C29 LUT TF . -18.46 -60.72 -17.20
C30 LUT TF . -18.32 -59.50 -16.69
C31 LUT TF . -19.35 -58.47 -16.79
C32 LUT TF . -19.74 -57.86 -15.68
C33 LUT TF . -20.76 -56.80 -15.67
C34 LUT TF . -20.91 -56.05 -14.58
C35 LUT TF . -21.89 -54.96 -14.53
C36 LUT TF . -14.80 -62.75 -17.91
C37 LUT TF . -14.98 -62.11 -15.51
C38 LUT TF . -18.02 -65.63 -17.09
C39 LUT TF . -19.72 -61.11 -17.93
C40 LUT TF . -21.59 -56.55 -16.90
O23 LUT TF . -13.21 -66.55 -16.67
C1 BCR UF . -25.84 -61.87 -44.26
C2 BCR UF . -25.62 -60.37 -44.13
C3 BCR UF . -24.29 -59.93 -44.74
C4 BCR UF . -23.13 -60.71 -44.14
C5 BCR UF . -23.41 -62.20 -44.11
C6 BCR UF . -24.63 -62.63 -43.79
C7 BCR UF . -24.81 -63.86 -43.00
C8 BCR UF . -24.28 -64.02 -41.80
C9 BCR UF . -24.42 -65.18 -40.96
C10 BCR UF . -23.30 -65.72 -40.19
C11 BCR UF . -22.73 -65.77 -38.90
C33 BCR UF . -22.32 -63.16 -44.48
C31 BCR UF . -26.09 -62.24 -45.72
C32 BCR UF . -27.03 -62.32 -43.41
C34 BCR UF . -25.75 -65.88 -40.86
C12 BCR UF . -22.21 -65.85 -37.81
C13 BCR UF . -21.87 -65.39 -36.51
C14 BCR UF . -22.06 -66.22 -35.44
C15 BCR UF . -21.74 -65.76 -34.13
C16 BCR UF . -21.33 -65.81 -32.84
C17 BCR UF . -21.37 -64.78 -32.07
C18 BCR UF . -21.25 -64.75 -30.73
C19 BCR UF . -21.04 -65.90 -29.83
C20 BCR UF . -21.10 -66.29 -28.56
C21 BCR UF . -21.05 -67.10 -27.39
C22 BCR UF . -20.53 -66.77 -26.18
C23 BCR UF . -20.58 -67.75 -25.08
C24 BCR UF . -19.56 -68.80 -24.79
C25 BCR UF . -19.67 -69.76 -23.66
C26 BCR UF . -18.63 -69.91 -22.86
C27 BCR UF . -18.77 -70.58 -21.52
C28 BCR UF . -19.83 -71.66 -21.45
C29 BCR UF . -20.57 -71.89 -22.76
C30 BCR UF . -20.94 -70.59 -23.47
C35 BCR UF . -21.30 -64.03 -36.32
C36 BCR UF . -21.37 -63.41 -30.10
C37 BCR UF . -19.91 -65.43 -25.96
C38 BCR UF . -17.27 -69.42 -23.24
C39 BCR UF . -21.97 -69.80 -22.68
C40 BCR UF . -21.50 -71.00 -24.82
MG CLA VF . -34.58 -63.33 -20.81
CHA CLA VF . -36.59 -62.54 -23.48
CHB CLA VF . -37.31 -63.58 -18.76
CHC CLA VF . -32.56 -64.25 -18.37
CHD CLA VF . -31.77 -62.97 -22.90
NA CLA VF . -36.74 -63.09 -21.07
C1A CLA VF . -37.35 -62.73 -22.19
C2A CLA VF . -38.82 -62.52 -21.99
C3A CLA VF . -38.99 -62.80 -20.50
C4A CLA VF . -37.62 -63.19 -20.06
CMA CLA VF . -39.73 -61.73 -19.74
CAA CLA VF . -39.61 -63.59 -22.72
CBA CLA VF . -38.91 -64.94 -22.69
CGA CLA VF . -39.32 -65.72 -21.46
O1A CLA VF . -40.37 -65.44 -20.89
O2A CLA VF . -38.56 -66.69 -21.01
NB CLA VF . -34.89 -63.84 -18.87
C1B CLA VF . -36.07 -63.92 -18.20
C2B CLA VF . -35.84 -64.34 -16.84
C3B CLA VF . -34.49 -64.51 -16.75
C4B CLA VF . -33.91 -64.20 -18.04
CMB CLA VF . -36.92 -64.52 -15.81
CAB CLA VF . -33.65 -64.94 -15.60
CBB CLA VF . -34.19 -65.38 -14.27
NC CLA VF . -32.51 -63.63 -20.69
C1C CLA VF . -31.88 -64.04 -19.60
C2C CLA VF . -30.44 -64.24 -19.81
C3C CLA VF . -30.24 -63.92 -21.13
C4C CLA VF . -31.54 -63.54 -21.66
CMC CLA VF . -29.44 -64.71 -18.79
CAC CLA VF . -28.97 -63.95 -21.94
CBC CLA VF . -27.93 -62.97 -21.51
ND CLA VF . -34.17 -62.90 -22.69
C1D CLA VF . -33.06 -62.73 -23.44
C2D CLA VF . -33.36 -62.29 -24.79
C3D CLA VF . -34.75 -62.22 -24.79
C4D CLA VF . -35.22 -62.58 -23.53
CMD CLA VF . -32.54 -61.94 -25.99
CAD CLA VF . -35.89 -61.90 -25.62
OBD CLA VF . -35.87 -61.50 -26.77
CBD CLA VF . -37.10 -62.38 -24.89
CGD CLA VF . -38.18 -61.36 -24.98
O1D CLA VF . -37.99 -60.24 -24.56
O2D CLA VF . -39.36 -61.68 -25.50
CED CLA VF . -39.92 -60.71 -26.37
C1 CLA VF . -38.82 -67.21 -19.68
C2 CLA VF . -37.72 -67.27 -18.64
C3 CLA VF . -37.55 -68.42 -18.00
C4 CLA VF . -38.41 -69.62 -18.31
C5 CLA VF . -36.49 -68.62 -16.95
C6 CLA VF . -36.17 -70.10 -16.85
C7 CLA VF . -35.00 -70.46 -17.74
C8 CLA VF . -33.95 -71.21 -16.94
C9 CLA VF . -33.33 -70.28 -15.91
C10 CLA VF . -32.91 -71.75 -17.90
C11 CLA VF . -31.83 -72.51 -17.14
C12 CLA VF . -30.48 -71.84 -17.34
C13 CLA VF . -29.33 -72.80 -17.10
C14 CLA VF . -29.59 -73.68 -15.87
C15 CLA VF . -28.04 -72.02 -16.94
C16 CLA VF . -26.98 -72.49 -17.93
C17 CLA VF . -27.55 -72.59 -19.34
C18 CLA VF . -26.65 -71.90 -20.35
C19 CLA VF . -25.69 -72.89 -21.00
C20 CLA VF . -27.47 -71.16 -21.41
MG CLA WF . -34.02 -67.38 -9.21
CHA CLA WF . -37.42 -67.01 -9.56
CHB CLA WF . -33.81 -68.82 -12.32
CHC CLA WF . -30.76 -67.53 -8.80
CHD CLA WF . -34.27 -65.86 -6.02
NA CLA WF . -35.45 -67.86 -10.80
C1A CLA WF . -36.76 -67.65 -10.75
C2A CLA WF . -37.45 -68.19 -11.98
C3A CLA WF . -36.30 -68.75 -12.80
C4A CLA WF . -35.11 -68.47 -11.95
CMA CLA WF . -36.46 -70.14 -13.38
CAA CLA WF . -38.14 -67.10 -12.77
CBA CLA WF . -39.63 -67.39 -12.77
CGA CLA WF . -39.93 -68.76 -13.30
O1A CLA WF . -40.49 -69.57 -12.59
O2A CLA WF . -39.60 -69.03 -14.55
NB CLA WF . -32.52 -68.05 -10.39
C1B CLA WF . -32.60 -68.63 -11.61
C2B CLA WF . -31.29 -69.02 -12.06
C3B CLA WF . -30.45 -68.66 -11.06
C4B CLA WF . -31.24 -68.04 -10.01
CMB CLA WF . -30.91 -69.69 -13.35
CAB CLA WF . -28.98 -68.84 -11.04
CBB CLA WF . -28.36 -69.80 -10.07
NC CLA WF . -32.72 -66.72 -7.69
C1C CLA WF . -31.42 -66.98 -7.69
C2C CLA WF . -30.78 -66.62 -6.41
C3C CLA WF . -31.79 -66.12 -5.65
C4C CLA WF . -32.99 -66.18 -6.46
CMC CLA WF . -29.33 -66.78 -6.05
CAC CLA WF . -31.70 -65.61 -4.23
CBC CLA WF . -31.82 -66.79 -3.29
ND CLA WF . -35.39 -66.57 -8.04
C1D CLA WF . -35.44 -66.05 -6.79
C2D CLA WF . -36.78 -65.75 -6.36
C3D CLA WF . -37.54 -66.13 -7.45
C4D CLA WF . -36.71 -66.61 -8.45
CMD CLA WF . -37.38 -65.19 -5.11
CAD CLA WF . -38.90 -66.18 -7.93
OBD CLA WF . -39.89 -66.13 -7.23
CBD CLA WF . -38.87 -66.73 -9.32
CGD CLA WF . -39.57 -68.04 -9.32
O1D CLA WF . -38.99 -69.05 -8.95
O2D CLA WF . -40.83 -68.13 -9.72
CED CLA WF . -41.74 -68.60 -8.74
C1 CLA WF . -40.06 -68.13 -15.59
MG CLA XF . -20.15 -60.41 0.49
CHA CLA XF . -17.64 -61.36 2.67
CHB CLA XF . -21.85 -63.31 1.12
CHC CLA XF . -22.53 -59.32 -1.49
CHD CLA XF . -18.36 -57.42 -0.11
NA CLA XF . -19.80 -62.17 1.77
C1A CLA XF . -18.75 -62.38 2.55
C2A CLA XF . -18.83 -63.69 3.27
C3A CLA XF . -20.14 -64.27 2.72
C4A CLA XF . -20.65 -63.21 1.82
CMA CLA XF . -20.20 -65.71 2.27
CAA CLA XF . -19.11 -63.58 4.77
CBA CLA XF . -18.85 -62.28 5.55
CGA CLA XF . -19.84 -61.21 5.18
O1A CLA XF . -20.94 -61.55 4.83
O2A CLA XF . -19.50 -59.95 5.25
NB CLA XF . -21.92 -61.19 -0.09
C1B CLA XF . -22.45 -62.39 0.23
C2B CLA XF . -23.71 -62.57 -0.42
C3B CLA XF . -23.89 -61.45 -1.16
C4B CLA XF . -22.74 -60.57 -0.94
CMB CLA XF . -24.63 -63.76 -0.34
CAB CLA XF . -25.06 -61.19 -2.03
CBB CLA XF . -24.96 -60.51 -3.37
NC CLA XF . -20.41 -58.64 -0.60
C1C CLA XF . -21.48 -58.40 -1.34
C2C CLA XF . -21.44 -57.05 -1.96
C3C CLA XF . -20.26 -56.52 -1.54
C4C CLA XF . -19.63 -57.51 -0.69
CMC CLA XF . -22.47 -56.42 -2.84
CAC CLA XF . -19.76 -55.14 -1.88
CBC CLA XF . -19.79 -54.23 -0.69
ND CLA XF . -18.48 -59.52 1.07
C1D CLA XF . -17.83 -58.37 0.77
C2D CLA XF . -16.56 -58.27 1.47
C3D CLA XF . -16.50 -59.44 2.20
C4D CLA XF . -17.65 -60.18 1.95
CMD CLA XF . -15.47 -57.24 1.50
CAD CLA XF . -15.66 -60.17 3.13
OBD CLA XF . -14.72 -59.70 3.73
CBD CLA XF . -16.40 -61.39 3.53
CGD CLA XF . -15.60 -62.63 3.28
O1D CLA XF . -15.08 -62.83 2.20
O2D CLA XF . -15.43 -63.52 4.25
CED CLA XF . -14.08 -63.80 4.61
C1 CLA XF . -20.54 -58.94 5.02
C2 CLA XF . -21.07 -58.62 3.64
C3 CLA XF . -21.60 -57.41 3.39
C4 CLA XF . -21.70 -56.36 4.45
C5 CLA XF . -22.15 -57.03 2.04
C6 CLA XF . -23.64 -56.77 2.13
C7 CLA XF . -24.43 -58.09 2.19
C8 CLA XF . -25.52 -58.17 1.13
C9 CLA XF . -25.77 -56.84 0.43
C10 CLA XF . -26.81 -58.68 1.76
MG CLA YF . -31.49 -49.83 -11.75
CHA CLA YF . -34.55 -48.29 -11.49
CHB CLA YF . -30.95 -48.28 -14.78
CHC CLA YF . -28.52 -51.21 -11.84
CHD CLA YF . -32.09 -51.40 -8.67
NA CLA YF . -32.61 -48.42 -13.03
C1A CLA YF . -33.82 -47.94 -12.75
C2A CLA YF . -34.33 -47.06 -13.84
C3A CLA YF . -33.20 -47.11 -14.87
C4A CLA YF . -32.19 -47.97 -14.21
CMA CLA YF . -33.58 -47.42 -16.30
CAA CLA YF . -34.48 -45.64 -13.32
CBA CLA YF . -33.30 -45.24 -12.45
CGA CLA YF . -32.46 -44.35 -13.31
O1A CLA YF . -33.00 -43.73 -14.20
O2A CLA YF . -31.16 -44.26 -13.10
NB CLA YF . -29.97 -49.74 -13.09
C1B CLA YF . -29.92 -49.09 -14.29
C2B CLA YF . -28.67 -49.35 -14.93
C3B CLA YF . -27.99 -50.18 -14.10
C4B CLA YF . -28.83 -50.42 -12.93
CMB CLA YF . -28.25 -48.80 -16.26
CAB CLA YF . -26.64 -50.77 -14.27
CBB CLA YF . -25.50 -49.97 -14.81
NC CLA YF . -30.45 -51.08 -10.44
C1C CLA YF . -29.24 -51.54 -10.68
C2C CLA YF . -28.74 -52.43 -9.61
C3C CLA YF . -29.76 -52.44 -8.70
C4C CLA YF . -30.83 -51.61 -9.23
CMC CLA YF . -27.42 -53.11 -9.54
CAC CLA YF . -29.76 -53.22 -7.41
CBC CLA YF . -29.10 -52.37 -6.35
ND CLA YF . -32.88 -49.88 -10.36
C1D CLA YF . -33.07 -50.54 -9.19
C2D CLA YF . -34.39 -50.25 -8.63
C3D CLA YF . -34.94 -49.37 -9.53
C4D CLA YF . -34.03 -49.16 -10.56
CMD CLA YF . -35.13 -50.69 -7.40
CAD CLA YF . -36.12 -48.59 -9.78
OBD CLA YF . -37.20 -48.71 -9.23
CBD CLA YF . -35.89 -47.80 -11.03
CGD CLA YF . -36.90 -48.21 -12.05
O1D CLA YF . -37.81 -47.47 -12.35
O2D CLA YF . -36.81 -49.39 -12.64
CED CLA YF . -37.16 -49.40 -14.01
C1 CLA YF . -30.24 -44.72 -14.13
C2 CLA YF . -29.00 -45.50 -13.76
C3 CLA YF . -27.86 -45.26 -14.41
C4 CLA YF . -27.80 -44.23 -15.49
C5 CLA YF . -26.55 -45.96 -14.12
C6 CLA YF . -25.83 -45.18 -13.05
C7 CLA YF . -24.32 -45.23 -13.20
C8 CLA YF . -23.64 -44.43 -12.09
C9 CLA YF . -23.09 -43.12 -12.64
C10 CLA YF . -22.51 -45.23 -11.48
C11 CLA YF . -22.99 -46.05 -10.29
C12 CLA YF . -21.99 -45.99 -9.15
C13 CLA YF . -22.13 -47.20 -8.25
C14 CLA YF . -22.35 -46.77 -6.79
C15 CLA YF . -20.89 -48.05 -8.40
C16 CLA YF . -20.77 -49.09 -7.29
C17 CLA YF . -19.54 -49.96 -7.52
C18 CLA YF . -19.03 -50.65 -6.26
C19 CLA YF . -17.52 -50.45 -6.12
C20 CLA YF . -19.76 -50.21 -4.99
MG CLA ZF . -20.67 -50.39 -17.72
CHA CLA ZF . -22.05 -48.56 -20.29
CHB CLA ZF . -21.97 -48.21 -15.42
CHC CLA ZF . -19.47 -52.31 -15.33
CHD CLA ZF . -19.33 -52.59 -20.10
NA CLA ZF . -21.90 -48.57 -17.82
C1A CLA ZF . -22.33 -47.98 -18.92
C2A CLA ZF . -23.13 -46.77 -18.64
C3A CLA ZF . -23.05 -46.66 -17.12
C4A CLA ZF . -22.27 -47.87 -16.74
CMA CLA ZF . -22.62 -45.33 -16.51
CAA CLA ZF . -24.52 -47.20 -19.06
CBA CLA ZF . -25.59 -46.46 -18.29
CGA CLA ZF . -25.61 -45.07 -18.87
O1A CLA ZF . -26.15 -44.88 -19.94
O2A CLA ZF . -25.01 -44.14 -18.19
NB CLA ZF . -20.74 -50.28 -15.69
C1B CLA ZF . -21.25 -49.31 -14.91
C2B CLA ZF . -21.00 -49.59 -13.53
C3B CLA ZF . -20.28 -50.75 -13.52
C4B CLA ZF . -20.13 -51.17 -14.90
CMB CLA ZF . -21.43 -48.74 -12.37
CAB CLA ZF . -19.73 -51.54 -12.40
CBB CLA ZF . -19.28 -50.92 -11.10
NC CLA ZF . -19.64 -52.20 -17.72
C1C CLA ZF . -19.19 -52.79 -16.62
C2C CLA ZF . -18.40 -53.99 -16.92
C3C CLA ZF . -18.40 -54.07 -18.27
C4C CLA ZF . -19.17 -52.95 -18.77
CMC CLA ZF . -17.74 -54.91 -15.93
CAC CLA ZF . -17.72 -55.12 -19.10
CBC CLA ZF . -18.73 -56.22 -19.28
ND CLA ZF . -20.68 -50.65 -19.67
C1D CLA ZF . -20.06 -51.47 -20.54
C2D CLA ZF . -20.24 -51.05 -21.92
C3D CLA ZF . -21.03 -49.91 -21.80
C4D CLA ZF . -21.27 -49.69 -20.47
CMD CLA ZF . -19.78 -51.56 -23.25
CAD CLA ZF . -21.66 -48.89 -22.58
OBD CLA ZF . -21.79 -48.90 -23.79
CBD CLA ZF . -22.52 -48.11 -21.65
CGD CLA ZF . -22.27 -46.65 -21.89
O1D CLA ZF . -23.17 -45.95 -22.31
O2D CLA ZF . -21.09 -46.11 -21.65
CED CLA ZF . -21.13 -44.85 -21.01
C1 CLA ZF . -24.80 -42.81 -18.75
C2 CLA ZF . -24.14 -42.56 -20.07
C3 CLA ZF . -23.04 -41.82 -20.08
C4 CLA ZF . -22.33 -41.50 -21.35
C5 CLA ZF . -22.46 -41.28 -18.80
C6 CLA ZF . -21.23 -40.43 -19.06
C7 CLA ZF . -20.03 -41.02 -18.35
C8 CLA ZF . -20.12 -40.77 -16.84
C9 CLA ZF . -19.04 -39.80 -16.38
C10 CLA ZF . -19.98 -42.10 -16.13
C11 CLA ZF . -18.52 -42.49 -15.96
C12 CLA ZF . -18.34 -43.42 -14.77
C13 CLA ZF . -17.54 -44.65 -15.19
C14 CLA ZF . -18.32 -45.52 -16.16
C15 CLA ZF . -17.17 -45.44 -13.93
C16 CLA ZF . -18.37 -46.25 -13.43
C17 CLA ZF . -18.39 -46.25 -11.91
C18 CLA ZF . -17.01 -46.51 -11.30
C19 CLA ZF . -16.76 -45.57 -10.14
C20 CLA ZF . -16.87 -47.97 -10.88
MG CLA AG . -17.21 -70.43 -18.60
CHA CLA AG . -14.22 -72.10 -18.54
CHB CLA AG . -15.65 -67.64 -19.92
CHC CLA AG . -20.13 -68.92 -18.70
CHD CLA AG . -18.80 -73.31 -17.30
NA CLA AG . -15.15 -69.91 -19.18
C1A CLA AG . -14.10 -70.71 -19.09
C2A CLA AG . -12.83 -70.05 -19.55
C3A CLA AG . -13.32 -68.66 -19.96
C4A CLA AG . -14.78 -68.71 -19.68
CMA CLA AG . -12.52 -67.43 -19.55
CAA CLA AG . -12.34 -70.73 -20.82
CBA CLA AG . -13.48 -70.89 -21.82
CGA CLA AG . -12.97 -71.50 -23.09
O1A CLA AG . -12.14 -72.39 -23.01
O2A CLA AG . -13.44 -71.08 -24.25
NB CLA AG . -17.80 -68.59 -19.21
C1B CLA AG . -17.04 -67.58 -19.70
C2B CLA AG . -17.84 -66.44 -19.99
C3B CLA AG . -19.11 -66.80 -19.63
C4B CLA AG . -19.06 -68.16 -19.15
CMB CLA AG . -17.32 -65.15 -20.54
CAB CLA AG . -20.36 -66.01 -19.71
CBB CLA AG . -20.38 -64.51 -19.51
NC CLA AG . -19.16 -71.05 -18.14
C1C CLA AG . -20.21 -70.25 -18.21
C2C CLA AG . -21.44 -70.87 -17.73
C3C CLA AG . -21.07 -72.13 -17.36
C4C CLA AG . -19.63 -72.23 -17.62
CMC CLA AG . -22.80 -70.24 -17.68
CAC CLA AG . -21.98 -73.18 -16.80
CBC CLA AG . -22.38 -74.11 -17.92
ND CLA AG . -16.74 -72.27 -18.06
C1D CLA AG . -17.40 -73.34 -17.54
C2D CLA AG . -16.49 -74.44 -17.26
C3D CLA AG . -15.25 -73.95 -17.66
C4D CLA AG . -15.42 -72.65 -18.13
CMD CLA AG . -16.66 -75.83 -16.69
CAD CLA AG . -13.85 -74.29 -17.76
OBD CLA AG . -13.31 -75.26 -17.27
CBD CLA AG . -13.13 -73.10 -18.31
CGD CLA AG . -12.25 -72.52 -17.26
O1D CLA AG . -12.65 -72.39 -16.11
O2D CLA AG . -11.03 -72.12 -17.55
CED CLA AG . -10.00 -72.63 -16.70
C1 CLA AG . -14.66 -71.65 -24.78
C2 CLA AG . -14.80 -73.13 -25.05
C3 CLA AG . -15.62 -73.55 -26.02
C4 CLA AG . -16.42 -72.59 -26.86
C5 CLA AG . -15.80 -75.02 -26.34
MG CLA BG . -39.43 -62.04 -3.26
CHA CLA BG . -40.58 -62.72 -6.43
CHB CLA BG . -42.59 -62.43 -1.98
CHC CLA BG . -38.18 -61.50 -0.26
CHD CLA BG . -36.19 -61.60 -4.60
NA CLA BG . -41.40 -62.54 -4.11
C1A CLA BG . -41.67 -62.77 -5.39
C2A CLA BG . -43.12 -63.05 -5.63
C3A CLA BG . -43.71 -62.96 -4.22
C4A CLA BG . -42.52 -62.63 -3.38
CMA CLA BG . -45.03 -62.23 -4.00
CAA CLA BG . -43.33 -64.46 -6.18
CBA CLA BG . -42.53 -65.50 -5.41
CGA CLA BG . -43.49 -66.51 -4.81
O1A CLA BG . -43.37 -66.81 -3.63
O2A CLA BG . -44.42 -67.05 -5.57
NB CLA BG . -40.26 -61.99 -1.41
C1B CLA BG . -41.57 -62.14 -1.07
C2B CLA BG . -41.72 -61.96 0.36
C3B CLA BG . -40.46 -61.70 0.82
C4B CLA BG . -39.56 -61.72 -0.31
CMB CLA BG . -43.00 -62.05 1.13
CAB CLA BG . -40.00 -61.43 2.20
CBB CLA BG . -40.73 -60.48 3.10
NC CLA BG . -37.49 -61.70 -2.54
C1C CLA BG . -37.20 -61.45 -1.28
C2C CLA BG . -35.79 -61.13 -1.06
C3C CLA BG . -35.23 -61.20 -2.29
C4C CLA BG . -36.30 -61.55 -3.22
CMC CLA BG . -35.11 -60.81 0.25
CAC CLA BG . -33.78 -60.96 -2.64
CBC CLA BG . -33.03 -62.26 -2.54
ND CLA BG . -38.52 -62.08 -5.00
C1D CLA BG . -37.25 -61.94 -5.46
C2D CLA BG . -37.15 -62.19 -6.88
C3D CLA BG . -38.45 -62.49 -7.24
C4D CLA BG . -39.26 -62.42 -6.12
CMD CLA BG . -36.00 -62.17 -7.85
CAD CLA BG . -39.25 -62.84 -8.38
OBD CLA BG . -38.82 -63.43 -9.35
CBD CLA BG . -40.68 -62.97 -7.91
CGD CLA BG . -41.50 -61.89 -8.53
O1D CLA BG . -41.07 -60.76 -8.62
O2D CLA BG . -42.72 -62.16 -8.97
CED CLA BG . -43.16 -61.38 -10.09
C1 CLA BG . -45.70 -67.45 -4.98
MG CLA CG . -23.56 -65.75 7.62
CHA CLA CG . -23.25 -62.41 8.44
CHB CLA CG . -23.23 -66.63 10.91
CHC CLA CG . -23.95 -68.90 6.74
CHD CLA CG . -23.83 -64.84 4.24
NA CLA CG . -23.29 -64.65 9.50
C1A CLA CG . -23.17 -63.34 9.63
C2A CLA CG . -22.95 -62.93 11.06
C3A CLA CG . -22.92 -64.27 11.76
C4A CLA CG . -23.18 -65.26 10.69
CMA CLA CG . -21.69 -64.57 12.57
CAA CLA CG . -24.12 -62.11 11.59
CBA CLA CG . -25.47 -62.55 11.04
CGA CLA CG . -26.56 -61.67 11.59
O1A CLA CG . -26.36 -60.48 11.73
O2A CLA CG . -27.73 -62.21 11.91
NB CLA CG . -23.60 -67.50 8.66
C1B CLA CG . -23.43 -67.68 10.00
C2B CLA CG . -23.51 -69.07 10.33
C3B CLA CG . -23.70 -69.71 9.14
C4B CLA CG . -23.76 -68.69 8.09
CMB CLA CG . -23.37 -69.71 11.68
CAB CLA CG . -23.85 -71.17 8.92
CBB CLA CG . -25.06 -71.74 8.25
NC CLA CG . -23.93 -66.70 5.79
C1C CLA CG . -24.01 -68.01 5.65
C2C CLA CG . -24.17 -68.42 4.24
C3C CLA CG . -24.17 -67.24 3.55
C4C CLA CG . -24.01 -66.18 4.52
CMC CLA CG . -24.30 -69.81 3.69
CAC CLA CG . -24.30 -67.07 2.06
CBC CLA CG . -25.69 -66.61 1.74
ND CLA CG . -23.53 -64.13 6.52
C1D CLA CG . -23.69 -63.83 5.21
C2D CLA CG . -23.68 -62.40 4.97
C3D CLA CG . -23.51 -61.87 6.23
C4D CLA CG . -23.41 -62.91 7.15
CMD CLA CG . -23.81 -61.54 3.75
CAD CLA CG . -23.38 -60.62 6.92
OBD CLA CG . -23.34 -59.52 6.41
CBD CLA CG . -23.23 -60.91 8.38
CGD CLA CG . -21.94 -60.30 8.82
O1D CLA CG . -21.60 -59.21 8.43
O2D CLA CG . -21.16 -60.90 9.71
CED CLA CG . -20.80 -60.08 10.81
C1 CLA CG . -28.96 -61.50 11.59
MG CHL DG . -9.58 -59.57 -17.54
CHA CHL DG . -6.87 -59.46 -15.48
CHB CHL DG . -11.53 -58.60 -14.91
CHC CHL DG . -12.08 -59.52 -19.56
CHD CHL DG . -7.45 -60.79 -20.09
NA CHL DG . -9.24 -59.12 -15.58
C1A CHL DG . -8.05 -59.09 -14.91
C2A CHL DG . -8.21 -58.65 -13.48
C3A CHL DG . -9.68 -58.60 -13.28
C4A CHL DG . -10.22 -58.80 -14.67
CMA CHL DG . -10.30 -59.37 -12.12
CAA CHL DG . -7.52 -57.32 -13.18
CBA CHL DG . -8.10 -56.13 -13.94
CGA CHL DG . -8.19 -54.89 -13.11
O1A CHL DG . -8.64 -53.84 -13.48
O2A CHL DG . -7.68 -55.08 -11.91
NB CHL DG . -11.53 -59.10 -17.25
C1B CHL DG . -12.17 -58.74 -16.13
C2B CHL DG . -13.53 -58.52 -16.44
C3B CHL DG . -13.72 -58.76 -17.76
C4B CHL DG . -12.43 -59.14 -18.29
CMB CHL DG . -14.59 -58.11 -15.46
CAB CHL DG . -14.98 -58.58 -18.47
CBB CHL DG . -15.23 -58.73 -19.93
NC CHL DG . -9.69 -60.06 -19.51
C1C CHL DG . -10.89 -59.91 -20.13
C2C CHL DG . -10.69 -60.28 -21.52
C3C CHL DG . -9.38 -60.65 -21.67
C4C CHL DG . -8.75 -60.51 -20.41
CMC CHL DG . -11.69 -60.31 -22.58
OMC CHL DG . -12.85 -59.99 -22.46
CAC CHL DG . -8.72 -61.10 -22.93
CBC CHL DG . -9.23 -62.42 -23.44
ND CHL DG . -7.63 -60.05 -17.84
C1D CHL DG . -6.91 -60.60 -18.84
C2D CHL DG . -5.58 -60.86 -18.39
C3D CHL DG . -5.51 -60.41 -17.12
C4D CHL DG . -6.78 -59.94 -16.77
CMD CHL DG . -4.53 -61.58 -19.19
CAD CHL DG . -4.66 -60.21 -15.97
OBD CHL DG . -3.47 -60.49 -15.85
CBD CHL DG . -5.47 -59.56 -14.88
CGD CHL DG . -5.36 -60.39 -13.61
O1D CHL DG . -5.35 -61.59 -13.57
O2D CHL DG . -5.27 -59.61 -12.55
CED CHL DG . -5.19 -60.28 -11.26
C1 CHL DG . -7.62 -54.03 -10.91
MG CLA EG . -28.55 -60.71 -30.36
CHA CLA EG . -28.36 -60.77 -26.93
CHB CLA EG . -26.22 -63.22 -30.57
CHC CLA EG . -28.85 -60.60 -33.64
CHD CLA EG . -30.99 -58.18 -30.12
NA CLA EG . -27.40 -61.90 -28.90
C1A CLA EG . -27.46 -61.77 -27.59
C2A CLA EG . -26.54 -62.72 -26.88
C3A CLA EG . -25.89 -63.46 -28.04
C4A CLA EG . -26.52 -62.84 -29.25
CMA CLA EG . -24.39 -63.72 -28.02
CAA CLA EG . -27.37 -63.71 -26.08
CBA CLA EG . -28.62 -64.13 -26.85
CGA CLA EG . -29.18 -65.37 -26.20
O1A CLA EG . -28.47 -66.36 -26.11
O2A CLA EG . -30.41 -65.34 -25.74
NB CLA EG . -27.68 -61.75 -31.87
C1B CLA EG . -26.73 -62.73 -31.78
C2B CLA EG . -26.38 -63.18 -33.09
C3B CLA EG . -27.13 -62.43 -33.96
C4B CLA EG . -27.94 -61.53 -33.16
CMB CLA EG . -25.37 -64.25 -33.42
CAB CLA EG . -27.20 -62.43 -35.43
CBB CLA EG . -26.93 -63.65 -36.28
NC CLA EG . -29.76 -59.61 -31.66
C1C CLA EG . -29.73 -59.73 -32.98
C2C CLA EG . -30.70 -58.86 -33.66
C3C CLA EG . -31.33 -58.21 -32.65
C4C CLA EG . -30.73 -58.68 -31.41
CMC CLA EG . -30.95 -58.74 -35.15
CAC CLA EG . -32.43 -57.21 -32.79
CBC CLA EG . -31.90 -55.83 -32.54
ND CLA EG . -29.52 -59.71 -28.97
C1D CLA EG . -30.42 -58.69 -28.94
C2D CLA EG . -30.68 -58.24 -27.60
C3D CLA EG . -29.87 -59.05 -26.82
C4D CLA EG . -29.19 -59.92 -27.65
CMD CLA EG . -31.56 -57.16 -27.02
CAD CLA EG . -29.48 -59.32 -25.46
OBD CLA EG . -30.02 -58.85 -24.47
CBD CLA EG . -28.55 -60.48 -25.46
CGD CLA EG . -27.25 -60.04 -24.90
O1D CLA EG . -26.69 -59.06 -25.33
O2D CLA EG . -26.69 -60.71 -23.90
CED CLA EG . -26.30 -59.93 -22.77
C1 CLA EG . -31.01 -66.53 -25.13
C2 CLA EG . -31.08 -67.86 -25.84
C3 CLA EG . -32.26 -68.45 -26.02
C4 CLA EG . -33.52 -67.81 -25.52
C5 CLA EG . -32.41 -69.77 -26.72
C6 CLA EG . -31.18 -70.04 -27.56
C7 CLA EG . -31.55 -70.28 -29.02
C8 CLA EG . -30.89 -71.55 -29.55
C9 CLA EG . -29.93 -71.21 -30.68
C10 CLA EG . -31.95 -72.53 -30.02
C11 CLA EG . -32.21 -73.61 -28.98
C12 CLA EG . -33.69 -73.95 -28.90
C13 CLA EG . -34.04 -74.68 -27.60
C14 CLA EG . -35.54 -74.96 -27.51
C15 CLA EG . -33.55 -73.87 -26.41
C16 CLA EG . -33.27 -74.77 -25.22
C17 CLA EG . -34.16 -74.39 -24.04
C18 CLA EG . -33.70 -75.06 -22.75
C19 CLA EG . -33.94 -76.56 -22.80
C20 CLA EG . -32.24 -74.75 -22.46
MG CHL FG . -21.24 -53.43 -26.06
CHA CHL FG . -23.64 -51.40 -24.83
CHB CHL FG . -21.59 -51.90 -29.08
CHC CHL FG . -18.74 -55.16 -27.13
CHD CHL FG . -21.05 -54.98 -22.88
NA CHL FG . -22.45 -51.98 -26.79
C1A CHL FG . -23.39 -51.25 -26.15
C2A CHL FG . -24.06 -50.25 -27.07
C3A CHL FG . -23.53 -50.58 -28.40
C4A CHL FG . -22.45 -51.57 -28.11
CMA CHL FG . -24.47 -50.93 -29.52
CAA CHL FG . -23.77 -48.79 -26.71
CBA CHL FG . -22.37 -48.32 -27.07
CGA CHL FG . -21.96 -47.08 -26.35
O1A CHL FG . -22.71 -46.20 -26.02
O2A CHL FG . -20.67 -47.07 -26.11
NB CHL FG . -20.32 -53.51 -27.87
C1B CHL FG . -20.56 -52.80 -28.98
C2B CHL FG . -19.59 -53.15 -29.96
C3B CHL FG . -18.75 -54.07 -29.43
C4B CHL FG . -19.22 -54.31 -28.09
CMB CHL FG . -19.51 -52.57 -31.34
CAB CHL FG . -17.58 -54.62 -30.10
CBB CHL FG . -16.54 -55.56 -29.54
NC CHL FG . -20.13 -54.87 -25.14
C1C CHL FG . -19.13 -55.44 -25.83
C2C CHL FG . -18.49 -56.38 -24.98
C3C CHL FG . -19.15 -56.36 -23.79
C4C CHL FG . -20.19 -55.39 -23.87
CMC CHL FG . -17.35 -57.23 -25.26
OMC CHL FG . -16.76 -57.27 -26.31
CAC CHL FG . -18.82 -57.22 -22.60
CBC CHL FG . -19.70 -58.40 -22.50
ND CHL FG . -22.15 -53.37 -24.25
C1D CHL FG . -22.02 -54.01 -23.06
C2D CHL FG . -22.92 -53.48 -22.11
C3D CHL FG . -23.58 -52.47 -22.75
C4D CHL FG . -23.11 -52.40 -24.06
CMD CHL FG . -23.06 -53.96 -20.69
CAD CHL FG . -24.54 -51.37 -22.59
OBD CHL FG . -25.20 -51.10 -21.62
CBD CHL FG . -24.58 -50.62 -23.89
CGD CHL FG . -26.00 -50.45 -24.40
O1D CHL FG . -26.61 -51.26 -25.03
O2D CHL FG . -26.48 -49.26 -24.03
CED CHL FG . -27.83 -48.96 -24.46
C1 CHL FG . -19.98 -46.02 -25.37
C2 CHL FG . -19.20 -46.69 -24.30
C3 CHL FG . -17.87 -46.68 -24.31
C4 CHL FG . -17.05 -46.00 -25.36
C5 CHL FG . -17.10 -47.46 -23.26
C6 CHL FG . -17.59 -47.24 -21.84
C7 CHL FG . -16.92 -48.18 -20.85
C8 CHL FG . -17.26 -47.93 -19.38
C9 CHL FG . -18.73 -47.59 -19.19
C10 CHL FG . -16.91 -49.24 -18.70
C11 CHL FG . -16.82 -49.17 -17.19
C12 CHL FG . -16.38 -50.50 -16.57
C13 CHL FG . -16.15 -50.48 -15.06
C14 CHL FG . -16.38 -49.09 -14.47
C15 CHL FG . -14.83 -51.08 -14.58
MG CLA GG . -13.61 -65.62 -24.68
CHA CLA GG . -13.75 -68.24 -26.89
CHB CLA GG . -16.46 -64.29 -26.06
CHC CLA GG . -13.48 -63.26 -22.40
CHD CLA GG . -10.70 -67.05 -23.27
NA CLA GG . -14.99 -66.19 -26.31
C1A CLA GG . -14.85 -67.26 -27.08
C2A CLA GG . -15.92 -67.33 -28.14
C3A CLA GG . -16.75 -66.06 -27.86
C4A CLA GG . -16.04 -65.47 -26.68
CMA CLA GG . -17.12 -65.16 -29.01
CAA CLA GG . -16.78 -68.55 -27.84
CBA CLA GG . -18.02 -68.59 -28.72
CGA CLA GG . -17.59 -68.88 -30.13
O1A CLA GG . -17.39 -67.94 -30.89
O2A CLA GG . -17.45 -70.13 -30.52
NB CLA GG . -14.80 -64.03 -24.29
C1B CLA GG . -15.89 -63.61 -24.97
C2B CLA GG . -16.40 -62.42 -24.38
C3B CLA GG . -15.55 -62.13 -23.36
C4B CLA GG . -14.53 -63.16 -23.31
CMB CLA GG . -17.60 -61.64 -24.85
CAB CLA GG . -15.62 -61.00 -22.42
CBB CLA GG . -16.91 -60.78 -21.67
NC CLA GG . -12.31 -65.23 -23.09
C1C CLA GG . -12.44 -64.20 -22.27
C2C CLA GG . -11.38 -64.16 -21.24
C3C CLA GG . -10.61 -65.26 -21.50
C4C CLA GG . -11.19 -65.90 -22.66
CMC CLA GG . -11.23 -63.17 -20.14
CAC CLA GG . -9.39 -65.72 -20.74
CBC CLA GG . -8.19 -64.85 -21.06
ND CLA GG . -12.46 -67.19 -24.92
C1D CLA GG . -11.33 -67.69 -24.34
C2D CLA GG . -10.91 -68.93 -24.97
C3D CLA GG . -11.86 -69.13 -25.95
C4D CLA GG . -12.77 -68.09 -25.91
CMD CLA GG . -9.78 -69.87 -24.74
CAD CLA GG . -12.22 -70.04 -27.02
OBD CLA GG . -11.82 -71.18 -27.11
CBD CLA GG . -13.47 -69.51 -27.64
CGD CLA GG . -13.24 -69.16 -29.06
O1D CLA GG . -12.28 -68.49 -29.39
O2D CLA GG . -14.11 -69.57 -29.98
CED CLA GG . -13.53 -70.29 -31.06
MG CLA HG . -12.69 -48.42 7.87
CHA CLA HG . -9.70 -48.84 6.19
CHB CLA HG . -14.43 -48.95 4.96
CHC CLA HG . -15.45 -48.14 9.61
CHD CLA HG . -10.85 -47.86 10.84
NA CLA HG . -12.14 -48.86 5.79
C1A CLA HG . -10.91 -48.97 5.30
C2A CLA HG . -10.89 -49.23 3.83
C3A CLA HG . -12.37 -49.24 3.48
C4A CLA HG . -13.04 -49.02 4.80
CMA CLA HG . -12.86 -48.44 2.29
CAA CLA HG . -10.29 -50.61 3.61
CBA CLA HG . -10.44 -51.07 2.17
CGA CLA HG . -9.61 -50.21 1.25
O1A CLA HG . -10.10 -49.20 0.75
O2A CLA HG . -8.36 -50.54 1.00
NB CLA HG . -14.64 -48.55 7.37
C1B CLA HG . -15.17 -48.73 6.13
C2B CLA HG . -16.61 -48.67 6.22
C3B CLA HG . -16.88 -48.45 7.53
C4B CLA HG . -15.63 -48.37 8.24
CMB CLA HG . -17.60 -48.82 5.11
CAB CLA HG . -18.22 -48.29 8.14
CBB CLA HG . -18.83 -49.46 8.86
NC CLA HG . -13.08 -48.14 9.91
C1C CLA HG . -14.29 -48.00 10.40
C2C CLA HG . -14.30 -47.68 11.84
C3C CLA HG . -12.99 -47.65 12.18
C4C CLA HG . -12.23 -47.92 10.97
CMC CLA HG . -15.50 -47.47 12.72
CAC CLA HG . -12.40 -47.36 13.54
CBC CLA HG . -12.43 -45.87 13.77
ND CLA HG . -10.80 -48.36 8.47
C1D CLA HG . -10.15 -48.13 9.64
C2D CLA HG . -8.71 -48.17 9.48
C3D CLA HG . -8.55 -48.46 8.13
C4D CLA HG . -9.81 -48.56 7.54
CMD CLA HG . -7.54 -47.99 10.40
CAD CLA HG . -7.54 -48.68 7.12
OBD CLA HG . -6.34 -48.68 7.30
CBD CLA HG . -8.23 -49.00 5.84
CGD CLA HG . -7.78 -48.03 4.80
O1D CLA HG . -6.66 -48.12 4.34
O2D CLA HG . -8.57 -47.07 4.34
CED CLA HG . -8.38 -46.73 2.97
C1 CLA HG . -7.77 -50.23 -0.29
C2 CLA HG . -8.21 -50.93 -1.56
C3 CLA HG . -7.28 -51.43 -2.39
C4 CLA HG . -5.83 -51.29 -2.07
C5 CLA HG . -7.61 -52.15 -3.66
C6 CLA HG . -7.49 -51.17 -4.82
C7 CLA HG . -8.55 -51.45 -5.88
C8 CLA HG . -9.63 -50.37 -5.93
C9 CLA HG . -9.42 -49.26 -4.90
C10 CLA HG . -11.00 -51.01 -5.74
C11 CLA HG . -11.42 -51.75 -7.00
C12 CLA HG . -12.88 -51.48 -7.33
C13 CLA HG . -13.67 -52.77 -7.48
C14 CLA HG . -12.84 -53.85 -8.17
C15 CLA HG . -14.95 -52.50 -8.26
C1 LMG IG . -37.14 -35.61 -2.44
O1 LMG IG . -37.15 -36.02 -1.08
C2 LMG IG . -38.51 -35.89 -3.05
O2 LMG IG . -38.67 -37.30 -3.17
C3 LMG IG . -38.67 -35.26 -4.44
O3 LMG IG . -40.05 -35.26 -4.79
C4 LMG IG . -38.14 -33.85 -4.48
O4 LMG IG . -39.01 -32.98 -3.74
C5 LMG IG . -36.74 -33.79 -3.88
O5 LMG IG . -35.93 -32.03 -5.32
C6 LMG IG . -36.15 -32.38 -3.95
O6 LMG IG . -36.81 -34.22 -2.52
C7 LMG IG . -35.86 -35.86 -0.48
C8 LMG IG . -34.81 -36.38 -1.45
C9 LMG IG . -33.41 -36.21 -0.88
O7 LMG IG . -35.10 -37.76 -1.73
C10 LMG IG . -34.56 -38.19 -2.89
O9 LMG IG . -34.45 -37.44 -3.84
C11 LMG IG . -34.13 -39.64 -3.00
C12 LMG IG . -34.36 -40.34 -1.67
C13 LMG IG . -33.16 -40.18 -0.75
C14 LMG IG . -31.93 -40.81 -1.39
C15 LMG IG . -30.73 -40.78 -0.46
C16 LMG IG . -29.58 -41.58 -1.07
C17 LMG IG . -30.06 -42.97 -1.47
C18 LMG IG . -29.01 -43.65 -2.30
C19 LMG IG . -27.77 -43.77 -1.84
C20 LMG IG . -26.71 -44.45 -2.68
C21 LMG IG . -27.10 -45.90 -2.89
C22 LMG IG . -26.23 -46.72 -3.48
C23 LMG IG . -26.60 -48.17 -3.70
C24 LMG IG . -25.37 -48.92 -4.19
C25 LMG IG . -25.41 -50.23 -4.39
C26 LMG IG . -24.19 -50.95 -4.88
C27 LMG IG . -24.50 -52.43 -5.03
O8 LMG IG . -33.13 -37.23 0.09
C28 LMG IG . -31.91 -37.32 0.61
O10 LMG IG . -31.08 -36.46 0.33
C29 LMG IG . -31.54 -38.45 1.54
C30 LMG IG . -30.03 -38.48 1.71
C31 LMG IG . -29.64 -39.37 2.88
C32 LMG IG . -28.13 -39.61 2.92
C33 LMG IG . -27.70 -40.60 1.85
C34 LMG IG . -26.27 -41.07 2.09
C35 LMG IG . -25.89 -42.18 1.11
C36 LMG IG . -24.48 -42.65 1.40
C1 BCR JG . -36.56 -55.78 4.34
C2 BCR JG . -36.68 -55.56 2.84
C3 BCR JG . -37.72 -56.50 2.26
C4 BCR JG . -37.26 -57.92 2.48
C5 BCR JG . -36.90 -58.18 3.91
C6 BCR JG . -36.34 -57.23 4.65
C7 BCR JG . -35.50 -57.65 5.78
C8 BCR JG . -35.88 -57.49 7.03
C9 BCR JG . -35.13 -57.87 8.21
C10 BCR JG . -34.56 -56.84 9.04
C11 BCR JG . -34.32 -56.42 10.37
C33 BCR JG . -37.20 -59.52 4.52
C31 BCR JG . -37.83 -55.34 5.03
C32 BCR JG . -35.37 -54.98 4.85
C34 BCR JG . -34.96 -59.31 8.56
C12 BCR JG . -34.10 -56.02 11.48
C13 BCR JG . -33.71 -56.09 12.85
C14 BCR JG . -33.31 -54.94 13.41
C15 BCR JG . -32.86 -54.75 14.75
C16 BCR JG . -32.43 -53.85 15.65
C17 BCR JG . -32.09 -54.13 16.85
C18 BCR JG . -31.44 -53.33 17.71
C19 BCR JG . -31.08 -53.74 19.07
C20 BCR JG . -30.78 -53.38 20.31
C21 BCR JG . -30.43 -53.56 21.68
C22 BCR JG . -29.69 -52.73 22.43
C23 BCR JG . -29.41 -53.11 23.82
C24 BCR JG . -28.92 -54.45 24.27
C25 BCR JG . -28.67 -54.78 25.69
C26 BCR JG . -27.43 -55.04 26.04
C27 BCR JG . -27.07 -55.50 27.44
C28 BCR JG . -28.24 -55.94 28.31
C29 BCR JG . -29.60 -55.98 27.64
C30 BCR JG . -29.83 -54.83 26.68
C35 BCR JG . -33.72 -57.39 13.60
C36 BCR JG . -31.04 -51.96 17.24
C37 BCR JG . -29.16 -51.45 21.86
C38 BCR JG . -26.30 -54.89 25.06
C39 BCR JG . -29.92 -53.49 27.41
C40 BCR JG . -31.13 -55.15 25.95
MG CHL KG . -35.44 -50.96 -0.01
CHA CHL KG . -36.16 -50.15 3.16
CHB CHL KG . -32.60 -48.96 0.20
CHC CHL KG . -34.78 -51.74 -3.06
CHD CHL KG . -38.40 -52.97 -0.06
NA CHL KG . -34.55 -49.80 1.41
C1A CHL KG . -35.01 -49.61 2.70
C2A CHL KG . -34.12 -48.72 3.51
C3A CHL KG . -33.04 -48.30 2.55
C4A CHL KG . -33.40 -49.06 1.29
CMA CHL KG . -32.64 -46.83 2.46
CAA CHL KG . -33.54 -49.48 4.71
CBA CHL KG . -32.53 -50.55 4.33
CGA CHL KG . -31.59 -50.92 5.43
O1A CHL KG . -31.04 -50.15 6.16
O2A CHL KG . -31.44 -52.23 5.50
NB CHL KG . -33.90 -50.41 -1.22
C1B CHL KG . -32.84 -49.61 -1.00
C2B CHL KG . -32.06 -49.55 -2.18
C3B CHL KG . -32.65 -50.34 -3.13
C4B CHL KG . -33.84 -50.88 -2.51
CMB CHL KG . -30.79 -48.78 -2.35
CAB CHL KG . -32.16 -50.56 -4.49
CBB CHL KG . -32.80 -51.40 -5.56
NC CHL KG . -36.46 -52.16 -1.32
C1C CHL KG . -35.94 -52.31 -2.56
C2C CHL KG . -36.83 -53.20 -3.29
C3C CHL KG . -37.84 -53.54 -2.44
C4C CHL KG . -37.62 -52.89 -1.19
CMC CHL KG . -36.74 -53.68 -4.65
OMC CHL KG . -35.85 -53.40 -5.44
CAC CHL KG . -38.99 -54.44 -2.77
CBC CHL KG . -40.15 -53.70 -3.40
ND CHL KG . -36.99 -51.51 1.19
C1D CHL KG . -38.11 -52.29 1.11
C2D CHL KG . -38.82 -52.26 2.35
C3D CHL KG . -38.09 -51.45 3.18
C4D CHL KG . -36.98 -51.00 2.46
CMD CHL KG . -40.09 -53.00 2.61
CAD CHL KG . -38.03 -50.84 4.50
OBD CHL KG . -38.79 -50.98 5.44
CBD CHL KG . -36.80 -49.95 4.55
CGD CHL KG . -37.24 -48.50 4.72
O1D CHL KG . -37.70 -47.82 3.85
O2D CHL KG . -37.06 -48.11 5.97
CED CHL KG . -37.51 -46.76 6.26
C1 CHL KG . -30.60 -52.92 6.47
C2 CHL KG . -30.81 -54.38 6.28
C3 CHL KG . -30.85 -55.24 7.28
C4 CHL KG . -30.68 -54.84 8.73
C5 CHL KG . -31.11 -56.71 7.05
C6 CHL KG . -31.10 -57.07 5.57
C7 CHL KG . -31.46 -58.53 5.32
C8 CHL KG . -31.34 -58.97 3.86
C9 CHL KG . -31.86 -60.39 3.67
C10 CHL KG . -32.13 -57.97 3.03
O1 LHG LG . -43.93 -56.11 1.60
C1 LHG LG . -42.73 -55.90 0.85
C2 LHG LG . -42.26 -57.20 0.24
O2 LHG LG . -40.83 -57.28 0.28
C3 LHG LG . -42.73 -57.27 -1.20
O3 LHG LG . -41.61 -56.98 -2.05
P LHG LG . -40.78 -58.17 -2.73
O4 LHG LG . -40.91 -59.38 -1.84
O5 LHG LG . -41.09 -58.24 -4.20
O6 LHG LG . -39.29 -57.65 -2.58
C4 LHG LG . -38.26 -58.60 -2.76
C5 LHG LG . -36.94 -57.87 -2.74
C6 LHG LG . -36.42 -57.85 -1.33
O7 LHG LG . -36.01 -58.55 -3.54
C7 LHG LG . -35.61 -57.75 -4.53
O9 LHG LG . -35.44 -56.57 -4.29
C8 LHG LG . -35.41 -58.30 -5.90
C9 LHG LG . -34.30 -57.50 -6.55
C10 LHG LG . -32.98 -57.96 -5.97
O8 LHG LG . -36.25 -56.51 -0.93
C23 LHG LG . -35.09 -55.91 -1.13
O10 LHG LG . -34.28 -56.39 -1.89
C24 LHG LG . -34.78 -54.66 -0.37
C11 LHG LG . -32.01 -56.80 -5.88
C12 LHG LG . -32.62 -55.67 -5.08
C13 LHG LG . -31.53 -54.71 -4.65
C14 LHG LG . -31.46 -54.62 -3.15
C15 LHG LG . -30.68 -53.39 -2.76
C16 LHG LG . -29.32 -53.79 -2.23
C17 LHG LG . -28.55 -52.57 -1.75
C18 LHG LG . -27.14 -52.97 -1.39
C19 LHG LG . -26.59 -52.02 -0.34
C20 LHG LG . -25.29 -52.57 0.23
C21 LHG LG . -24.30 -52.80 -0.90
C22 LHG LG . -22.92 -52.39 -0.48
C25 LHG LG . -33.38 -54.81 0.20
C26 LHG LG . -32.75 -53.43 0.31
C27 LHG LG . -32.10 -53.30 1.67
C28 LHG LG . -30.79 -54.05 1.68
C29 LHG LG . -30.17 -54.00 3.07
C30 LHG LG . -28.65 -54.03 2.99
C31 LHG LG . -28.09 -52.90 3.82
C32 LHG LG . -26.85 -53.33 4.59
C33 LHG LG . -25.61 -52.64 4.03
C34 LHG LG . -24.36 -53.35 4.52
C35 LHG LG . -23.14 -52.97 3.69
C36 LHG LG . -21.93 -52.69 4.58
C37 LHG LG . -20.98 -51.66 3.98
C38 LHG LG . -20.97 -51.68 2.46
C1 LUT MG . -31.73 -6.69 62.60
C2 LUT MG . -33.14 -6.11 62.56
C3 LUT MG . -33.91 -6.76 61.43
C4 LUT MG . -33.32 -6.29 60.12
C5 LUT MG . -31.82 -6.14 60.18
C6 LUT MG . -31.09 -6.30 61.30
C7 LUT MG . -29.64 -6.09 61.26
C8 LUT MG . -29.14 -4.87 61.30
C9 LUT MG . -27.69 -4.70 61.28
C10 LUT MG . -27.18 -3.51 61.04
C11 LUT MG . -25.74 -3.36 61.04
C12 LUT MG . -25.24 -2.13 61.09
C13 LUT MG . -23.79 -1.96 61.11
C14 LUT MG . -23.27 -0.74 60.97
C15 LUT MG . -21.82 -0.61 61.00
C16 LUT MG . -31.73 -8.20 62.69
C17 LUT MG . -30.98 -6.10 63.77
C18 LUT MG . -31.14 -5.81 58.89
C19 LUT MG . -26.79 -5.87 61.53
C20 LUT MG . -22.88 -3.14 61.29
O3 LUT MG . -35.29 -6.39 61.46
C21 LUT MG . -10.60 3.39 63.18
C22 LUT MG . -9.10 3.40 63.36
C23 LUT MG . -8.46 4.56 62.64
C24 LUT MG . -8.65 4.31 61.15
C25 LUT MG . -10.12 4.26 60.87
C26 LUT MG . -11.02 3.91 61.81
C27 LUT MG . -12.41 4.39 61.64
C28 LUT MG . -13.36 3.48 61.40
C29 LUT MG . -14.78 3.83 61.23
C30 LUT MG . -15.65 2.82 61.21
C31 LUT MG . -17.09 2.94 61.09
C32 LUT MG . -17.74 1.84 60.76
C33 LUT MG . -19.20 1.84 60.65
C34 LUT MG . -19.83 0.68 60.86
C35 LUT MG . -21.28 0.59 60.80
C36 LUT MG . -11.23 4.28 64.24
C37 LUT MG . -11.09 1.97 63.36
C38 LUT MG . -10.60 4.63 59.50
C39 LUT MG . -15.23 5.25 61.12
C40 LUT MG . -19.96 3.10 60.34
O23 LUT MG . -7.07 4.59 62.90
C1 XAT NG . -12.83 -8.51 56.49
C2 XAT NG . -11.74 -9.21 57.30
C3 XAT NG . -11.13 -10.40 56.61
C4 XAT NG . -10.58 -9.94 55.28
C5 XAT NG . -11.76 -9.59 54.39
C6 XAT NG . -12.96 -8.97 55.01
C7 XAT NG . -13.99 -8.23 54.17
C8 XAT NG . -13.68 -7.22 53.37
C9 XAT NG . -14.72 -6.52 52.61
C10 XAT NG . -14.40 -5.38 52.02
C11 XAT NG . -15.27 -4.52 51.23
C12 XAT NG . -14.83 -3.31 50.90
C13 XAT NG . -15.51 -2.30 50.13
C14 XAT NG . -14.94 -1.09 49.95
C15 XAT NG . -15.49 -0.17 49.02
C16 XAT NG . -12.51 -7.06 56.39
C17 XAT NG . -14.17 -8.65 57.20
C18 XAT NG . -11.61 -9.76 52.89
C19 XAT NG . -16.11 -7.06 52.53
C20 XAT NG . -16.85 -2.61 49.54
O3 XAT NG . -10.07 -10.90 57.42
O4 XAT NG . -12.91 -10.40 54.82
C21 XAT NG . -17.04 10.87 42.18
C22 XAT NG . -17.76 11.98 41.42
C23 XAT NG . -19.02 11.45 40.76
C24 XAT NG . -20.00 11.13 41.87
C25 XAT NG . -19.45 10.06 42.79
C26 XAT NG . -17.98 10.03 43.02
C27 XAT NG . -17.46 9.39 44.28
C28 XAT NG . -16.90 8.20 44.25
C29 XAT NG . -16.15 7.51 45.33
C30 XAT NG . -16.15 6.17 45.41
C31 XAT NG . -15.41 5.48 46.47
C32 XAT NG . -15.53 4.16 46.62
C33 XAT NG . -15.02 3.28 47.69
C34 XAT NG . -15.34 1.97 47.78
C35 XAT NG . -14.91 1.03 48.79
C36 XAT NG . -15.99 11.48 43.08
C37 XAT NG . -16.37 9.95 41.17
C38 XAT NG . -20.33 9.49 43.89
C39 XAT NG . -15.38 8.31 46.33
C40 XAT NG . -14.11 3.86 48.73
O23 XAT NG . -19.58 12.45 39.92
O24 XAT NG . -18.62 9.07 42.18
C1 BCR OG . -34.23 -24.28 42.81
C2 BCR OG . -35.55 -24.26 42.05
C3 BCR OG . -36.43 -25.48 42.33
C4 BCR OG . -35.68 -26.76 42.01
C5 BCR OG . -34.23 -26.65 42.40
C6 BCR OG . -33.83 -25.67 43.17
C7 BCR OG . -32.92 -25.96 44.29
C8 BCR OG . -31.86 -25.19 44.51
C9 BCR OG . -30.88 -25.38 45.55
C10 BCR OG . -29.67 -24.57 45.64
C11 BCR OG . -29.09 -23.41 46.21
C33 BCR OG . -33.17 -27.60 41.93
C31 BCR OG . -34.25 -23.47 44.09
C32 BCR OG . -33.11 -23.80 41.89
C34 BCR OG . -31.08 -26.46 46.56
C12 BCR OG . -28.56 -22.45 46.72
C13 BCR OG . -28.24 -21.62 47.83
C14 BCR OG . -26.93 -21.42 48.14
C15 BCR OG . -26.52 -20.62 49.26
C16 BCR OG . -26.62 -20.18 50.53
C17 BCR OG . -25.80 -19.29 51.04
C18 BCR OG . -25.83 -18.78 52.29
C19 BCR OG . -24.84 -17.80 52.76
C20 BCR OG . -23.92 -17.53 53.69
C21 BCR OG . -22.90 -16.95 54.51
C22 BCR OG . -22.56 -15.64 54.60
C23 BCR OG . -21.47 -15.29 55.52
C24 BCR OG . -20.79 -13.95 55.62
C25 BCR OG . -19.70 -13.78 56.60
C26 BCR OG . -19.91 -12.96 57.63
C27 BCR OG . -19.61 -13.41 59.05
C28 BCR OG . -18.45 -14.38 59.00
C29 BCR OG . -18.57 -15.22 57.72
C30 BCR OG . -18.37 -14.53 56.37
C35 BCR OG . -29.32 -20.98 48.64
C36 BCR OG . -26.89 -19.26 53.24
C37 BCR OG . -23.27 -14.60 53.80
C38 BCR OG . -20.46 -11.57 57.45
C39 BCR OG . -17.06 -13.87 56.84
C40 BCR OG . -18.39 -16.00 55.94
MG CLA PG . -30.31 -2.11 56.87
CHA CLA PG . -33.42 -3.18 55.87
CHB CLA PG . -31.70 0.58 58.48
CHC CLA PG . -27.30 -1.30 57.91
CHD CLA PG . -28.90 -4.88 55.20
NA CLA PG . -32.35 -1.35 57.16
C1A CLA PG . -33.46 -1.90 56.67
C2A CLA PG . -34.68 -1.13 57.03
C3A CLA PG . -34.12 0.05 57.82
C4A CLA PG . -32.65 -0.23 57.84
CMA CLA PG . -34.64 1.42 57.46
CAA CLA PG . -35.54 -2.00 57.96
CBA CLA PG . -35.12 -1.79 59.42
CGA CLA PG . -34.58 -3.05 60.04
O1A CLA PG . -35.35 -3.81 60.61
O2A CLA PG . -33.29 -3.28 59.95
NB CLA PG . -29.62 -0.61 58.03
C1B CLA PG . -30.31 0.43 58.57
C2B CLA PG . -29.40 1.30 59.26
C3B CLA PG . -28.16 0.77 59.07
C4B CLA PG . -28.32 -0.45 58.30
CMB CLA PG . -29.74 2.57 60.00
CAB CLA PG . -26.86 1.24 59.56
CBB CLA PG . -26.66 1.53 61.03
NC CLA PG . -28.42 -2.97 56.61
C1C CLA PG . -27.30 -2.47 57.13
C2C CLA PG . -26.11 -3.27 56.80
C3C CLA PG . -26.59 -4.30 56.04
C4C CLA PG . -28.02 -4.10 55.92
CMC CLA PG . -24.69 -3.03 57.21
CAC CLA PG . -25.78 -5.42 55.45
CBC CLA PG . -25.84 -6.62 56.36
ND CLA PG . -30.90 -3.69 55.85
C1D CLA PG . -30.29 -4.68 55.16
C2D CLA PG . -31.22 -5.47 54.39
C3D CLA PG . -32.45 -4.86 54.67
C4D CLA PG . -32.24 -3.80 55.54
CMD CLA PG . -31.07 -6.64 53.47
CAD CLA PG . -33.85 -4.94 54.39
OBD CLA PG . -34.34 -5.79 53.69
CBD CLA PG . -34.54 -4.04 55.34
CGD CLA PG . -35.63 -3.23 54.71
O1D CLA PG . -35.37 -2.44 53.82
O2D CLA PG . -36.88 -3.33 55.14
CED CLA PG . -37.91 -3.24 54.17
C1 CLA PG . -32.40 -2.81 61.02
C2 CLA PG . -32.58 -1.43 61.58
C3 CLA PG . -31.63 -0.79 62.26
C4 CLA PG . -31.88 0.59 62.79
C5 CLA PG . -30.27 -1.40 62.55
C6 CLA PG . -30.19 -1.64 64.04
C7 CLA PG . -28.74 -1.66 64.52
C8 CLA PG . -28.33 -3.06 64.94
C9 CLA PG . -28.97 -3.45 66.26
C10 CLA PG . -26.82 -3.11 65.03
C11 CLA PG . -26.36 -4.55 65.23
C12 CLA PG . -25.00 -4.59 65.91
C13 CLA PG . -23.99 -5.29 65.03
C14 CLA PG . -24.53 -6.63 64.54
C15 CLA PG . -22.68 -5.48 65.80
MG CLA QG . -23.65 4.76 64.26
CHA CLA QG . -26.78 6.17 64.56
CHB CLA QG . -25.00 1.63 64.64
CHC CLA QG . -20.62 3.51 63.82
CHD CLA QG . -22.30 7.99 63.87
NA CLA QG . -25.69 3.95 64.56
C1A CLA QG . -26.80 4.67 64.66
C2A CLA QG . -28.01 3.82 64.93
C3A CLA QG . -27.41 2.40 64.96
C4A CLA QG . -25.95 2.65 64.70
CMA CLA QG . -27.81 1.45 66.07
CAA CLA QG . -29.06 3.94 63.84
CBA CLA QG . -30.36 3.31 64.33
CGA CLA QG . -31.35 4.37 64.78
O1A CLA QG . -31.41 5.41 64.16
O2A CLA QG . -32.14 4.12 65.81
NB CLA QG . -22.92 2.86 64.22
C1B CLA QG . -23.61 1.70 64.42
C2B CLA QG . -22.70 0.59 64.37
C3B CLA QG . -21.47 1.12 64.15
C4B CLA QG . -21.62 2.57 64.05
CMB CLA QG . -23.02 -0.87 64.55
CAB CLA QG . -20.20 0.38 64.02
CBB CLA QG . -19.03 0.66 64.93
NC CLA QG . -21.79 5.60 63.82
C1C CLA QG . -20.66 4.91 63.77
C2C CLA QG . -19.45 5.77 63.67
C3C CLA QG . -19.96 7.03 63.65
C4C CLA QG . -21.40 6.93 63.75
CMC CLA QG . -18.02 5.33 63.60
CAC CLA QG . -19.15 8.30 63.56
CBC CLA QG . -18.55 8.60 64.92
ND CLA QG . -24.27 6.63 64.19
C1D CLA QG . -23.69 7.85 64.06
C2D CLA QG . -24.65 8.93 64.19
C3D CLA QG . -25.85 8.26 64.38
C4D CLA QG . -25.61 6.89 64.37
CMD CLA QG . -24.56 10.43 64.16
CAD CLA QG . -27.26 8.50 64.59
OBD CLA QG . -27.73 9.52 65.05
CBD CLA QG . -27.93 7.17 64.62
CGD CLA QG . -28.70 7.04 65.91
O1D CLA QG . -28.12 6.93 66.97
O2D CLA QG . -30.03 7.07 65.88
CED CLA QG . -30.67 8.14 66.57
C1 CLA QG . -31.79 4.56 67.16
C2 CLA QG . -30.66 3.91 67.93
C3 CLA QG . -30.59 4.02 69.27
C4 CLA QG . -29.47 3.38 70.03
C5 CLA QG . -31.62 4.78 70.07
C6 CLA QG . -31.58 4.38 71.54
C7 CLA QG . -31.29 5.58 72.43
MG CLA RG . -6.72 7.40 57.28
CHA CLA RG . -3.54 7.67 58.55
CHB CLA RG . -8.06 8.14 60.36
CHC CLA RG . -9.70 7.28 55.90
CHD CLA RG . -5.30 6.61 54.14
NA CLA RG . -5.90 7.86 59.27
C1A CLA RG . -4.61 7.92 59.58
C2A CLA RG . -4.38 8.22 61.02
C3A CLA RG . -5.81 8.36 61.56
C4A CLA RG . -6.66 8.11 60.35
CMA CLA RG . -6.18 7.72 62.89
CAA CLA RG . -3.72 9.59 61.10
CBA CLA RG . -4.23 10.54 60.02
CGA CLA RG . -3.13 10.87 59.05
O1A CLA RG . -2.10 11.33 59.49
O2A CLA RG . -3.26 10.64 57.74
NB CLA RG . -8.59 7.68 58.02
C1B CLA RG . -8.96 7.94 59.30
C2B CLA RG . -10.39 8.02 59.40
C3B CLA RG . -10.85 7.76 58.15
C4B CLA RG . -9.70 7.56 57.27
CMB CLA RG . -11.20 8.29 60.63
CAB CLA RG . -12.28 7.74 57.77
CBB CLA RG . -12.89 6.69 56.90
NC CLA RG . -7.39 7.04 55.33
C1C CLA RG . -8.66 7.05 54.98
C2C CLA RG . -8.83 6.81 53.52
C3C CLA RG . -7.56 6.65 53.04
C4C CLA RG . -6.67 6.80 54.18
CMC CLA RG . -10.10 6.76 52.72
CAC CLA RG . -7.14 6.38 51.63
CBC CLA RG . -6.62 7.67 51.03
ND CLA RG . -4.94 7.19 56.46
C1D CLA RG . -4.45 6.86 55.23
C2D CLA RG . -3.01 6.79 55.21
C3D CLA RG . -2.66 7.10 56.52
C4D CLA RG . -3.82 7.34 57.24
CMD CLA RG . -1.98 6.45 54.17
CAD CLA RG . -1.52 7.27 57.37
OBD CLA RG . -0.38 6.93 57.13
CBD CLA RG . -2.03 7.78 58.69
CGD CLA RG . -1.51 6.90 59.78
O1D CLA RG . -1.34 5.71 59.59
O2D CLA RG . -1.24 7.42 60.96
CED CLA RG . 0.10 7.26 61.38
C1 CLA RG . -4.30 11.27 56.92
C2 CLA RG . -5.41 10.47 56.27
C3 CLA RG . -6.08 10.95 55.21
C4 CLA RG . -5.78 12.30 54.64
C5 CLA RG . -7.19 10.19 54.53
C6 CLA RG . -8.53 10.71 55.03
C7 CLA RG . -9.42 11.15 53.88
C8 CLA RG . -10.83 10.59 54.02
C9 CLA RG . -11.80 11.34 53.11
C10 CLA RG . -11.25 10.64 55.48
C11 CLA RG . -11.84 12.00 55.85
C12 CLA RG . -12.36 11.98 57.28
C13 CLA RG . -13.88 12.15 57.32
C14 CLA RG . -14.35 13.21 56.34
C15 CLA RG . -14.29 12.50 58.75
C16 CLA RG . -14.31 11.25 59.62
C17 CLA RG . -15.63 11.14 60.39
C18 CLA RG . -15.38 10.78 61.84
C19 CLA RG . -14.78 9.39 61.97
C20 CLA RG . -14.48 11.81 62.52
MG CLA SG . -21.51 8.18 46.43
CHA CLA SG . -23.90 10.59 45.76
CHB CLA SG . -22.76 6.19 43.92
CHC CLA SG . -19.15 6.01 47.14
CHD CLA SG . -20.28 10.27 49.04
NA CLA SG . -23.17 8.37 44.98
C1A CLA SG . -24.00 9.38 44.87
C2A CLA SG . -25.03 9.19 43.79
C3A CLA SG . -24.65 7.81 43.23
C4A CLA SG . -23.46 7.41 44.07
CMA CLA SG . -25.74 6.80 42.94
CAA CLA SG . -24.88 10.29 42.75
CBA CLA SG . -24.52 9.70 41.39
CGA CLA SG . -23.04 9.40 41.37
O1A CLA SG . -22.44 9.28 42.42
O2A CLA SG . -22.44 9.23 40.20
NB CLA SG . -21.03 6.37 45.65
C1B CLA SG . -21.65 5.70 44.64
C2B CLA SG . -20.98 4.44 44.41
C3B CLA SG . -19.97 4.40 45.33
C4B CLA SG . -20.01 5.64 46.11
CMB CLA SG . -21.33 3.39 43.39
CAB CLA SG . -18.98 3.32 45.53
CBB CLA SG . -19.02 2.09 44.67
NC CLA SG . -19.97 8.16 47.86
C1C CLA SG . -19.11 7.15 47.97
C2C CLA SG . -18.12 7.37 49.06
C3C CLA SG . -18.44 8.59 49.58
C4C CLA SG . -19.60 9.08 48.83
CMC CLA SG . -17.00 6.44 49.47
CAC CLA SG . -17.75 9.29 50.72
CBC CLA SG . -16.93 10.43 50.17
ND CLA SG . -21.90 9.94 47.26
C1D CLA SG . -21.38 10.70 48.28
C2D CLA SG . -22.10 11.96 48.45
C3D CLA SG . -23.09 11.90 47.47
C4D CLA SG . -22.94 10.70 46.77
CMD CLA SG . -21.97 13.13 49.38
CAD CLA SG . -24.20 12.64 46.90
OBD CLA SG . -24.66 13.68 47.34
CBD CLA SG . -24.75 11.84 45.75
CGD CLA SG . -26.17 11.46 46.03
O1D CLA SG . -27.08 12.00 45.43
O2D CLA SG . -26.45 10.52 46.94
CED CLA SG . -27.22 9.42 46.47
C1 CLA SG . -21.92 7.93 39.83
C2 CLA SG . -21.12 7.10 40.82
C3 CLA SG . -20.11 6.34 40.40
C4 CLA SG . -19.73 6.27 38.96
C5 CLA SG . -19.29 5.49 41.35
C6 CLA SG . -17.96 5.16 40.69
C7 CLA SG . -16.79 5.71 41.52
C8 CLA SG . -15.65 6.16 40.62
C9 CLA SG . -15.71 5.47 39.26
C10 CLA SG . -14.32 5.88 41.31
C11 CLA SG . -13.26 6.89 40.89
C12 CLA SG . -12.05 6.85 41.83
C13 CLA SG . -12.39 7.49 43.16
C14 CLA SG . -13.13 8.82 42.96
C15 CLA SG . -11.11 7.71 43.96
C16 CLA SG . -10.69 6.42 44.66
C17 CLA SG . -9.53 6.67 45.62
C18 CLA SG . -10.02 6.92 47.04
C19 CLA SG . -11.18 5.99 47.38
C20 CLA SG . -8.88 6.78 48.04
MG CLA TG . -16.32 -2.02 42.93
CHA CLA TG . -18.73 -2.60 40.56
CHB CLA TG . -16.20 1.29 42.04
CHC CLA TG . -14.12 -1.53 45.32
CHD CLA TG . -16.44 -5.42 43.83
NA CLA TG . -17.36 -0.76 41.46
C1A CLA TG . -18.28 -1.17 40.59
C2A CLA TG . -18.80 -0.04 39.76
C3A CLA TG . -17.96 1.15 40.22
C4A CLA TG . -17.13 0.54 41.31
CMA CLA TG . -17.30 2.06 39.21
CAA CLA TG . -20.19 0.28 40.29
CBA CLA TG . -21.33 -0.05 39.35
CGA CLA TG . -21.75 1.20 38.62
O1A CLA TG . -21.77 2.25 39.22
O2A CLA TG . -22.07 1.10 37.35
NB CLA TG . -15.34 -0.38 43.59
C1B CLA TG . -15.36 0.88 43.08
C2B CLA TG . -14.45 1.72 43.81
C3B CLA TG . -13.86 0.90 44.73
C4B CLA TG . -14.44 -0.42 44.57
CMB CLA TG . -14.22 3.18 43.54
CAB CLA TG . -12.84 1.17 45.76
CBB CLA TG . -12.00 2.43 45.80
NC CLA TG . -15.47 -3.27 44.38
C1C CLA TG . -14.60 -2.85 45.28
C2C CLA TG . -14.20 -3.91 46.21
C3C CLA TG . -14.89 -5.00 45.79
C4C CLA TG . -15.68 -4.59 44.64
CMC CLA TG . -13.25 -3.79 47.37
CAC CLA TG . -14.88 -6.35 46.42
CBC CLA TG . -16.05 -6.31 47.38
ND CLA TG . -17.30 -3.65 42.43
C1D CLA TG . -17.27 -4.95 42.79
C2D CLA TG . -18.16 -5.75 41.97
C3D CLA TG . -18.73 -4.82 41.11
C4D CLA TG . -18.21 -3.57 41.39
CMD CLA TG . -18.50 -7.22 41.92
CAD CLA TG . -19.67 -4.71 40.02
OBD CLA TG . -20.55 -5.52 39.80
CBD CLA TG . -19.77 -3.26 39.69
CGD CLA TG . -19.41 -3.06 38.26
O1D CLA TG . -18.57 -3.77 37.75
O2D CLA TG . -20.00 -2.12 37.52
CED CLA TG . -20.94 -2.57 36.55
C1 CLA TG . -21.08 1.48 36.34
C2 CLA TG . -20.72 2.93 36.16
C3 CLA TG . -19.48 3.28 35.80
C4 CLA TG . -18.41 2.24 35.58
C5 CLA TG . -19.07 4.72 35.59
C6 CLA TG . -17.67 4.93 36.14
C7 CLA TG . -16.79 5.66 35.12
C8 CLA TG . -15.61 4.80 34.71
C9 CLA TG . -15.96 3.95 33.49
C10 CLA TG . -15.15 3.92 35.87
C11 CLA TG . -14.27 2.77 35.42
C12 CLA TG . -13.06 2.59 36.33
C13 CLA TG . -13.48 2.49 37.79
C14 CLA TG . -12.74 3.50 38.65
C15 CLA TG . -13.23 1.07 38.29
C16 CLA TG . -13.41 0.99 39.80
C17 CLA TG . -13.61 -0.46 40.24
C18 CLA TG . -12.42 -0.96 41.04
C19 CLA TG . -11.83 0.12 41.94
C20 CLA TG . -12.83 -2.18 41.86
MG CLA UG . -15.03 -11.97 60.90
CHA CLA UG . -12.83 -14.31 62.17
CHB CLA UG . -14.22 -12.89 57.68
CHC CLA UG . -17.19 -9.73 59.84
CHD CLA UG . -15.81 -11.04 64.24
NA CLA UG . -13.67 -13.46 60.00
C1A CLA UG . -12.88 -14.29 60.66
C2A CLA UG . -12.06 -15.16 59.75
C3A CLA UG . -12.52 -14.69 58.36
C4A CLA UG . -13.52 -13.62 58.67
CMA CLA UG . -11.47 -14.47 57.27
CAA CLA UG . -12.45 -16.63 59.96
CBA CLA UG . -13.55 -16.82 61.00
CGA CLA UG . -14.87 -17.12 60.33
O1A CLA UG . -14.90 -17.33 59.12
O2A CLA UG . -15.96 -17.15 61.07
NB CLA UG . -15.62 -11.40 59.04
C1B CLA UG . -15.18 -11.87 57.84
C2B CLA UG . -15.87 -11.17 56.77
C3B CLA UG . -16.69 -10.28 57.39
C4B CLA UG . -16.53 -10.45 58.83
CMB CLA UG . -15.68 -11.37 55.29
CAB CLA UG . -17.62 -9.33 56.75
CBB CLA UG . -18.22 -9.66 55.40
NC CLA UG . -16.28 -10.60 61.89
C1C CLA UG . -17.11 -9.79 61.26
C2C CLA UG . -17.92 -8.96 62.17
C3C CLA UG . -17.50 -9.34 63.42
C4C CLA UG . -16.49 -10.35 63.23
CMC CLA UG . -18.96 -7.93 61.80
CAC CLA UG . -18.02 -8.79 64.73
CBC CLA UG . -17.78 -7.30 64.78
ND CLA UG . -14.54 -12.46 62.75
C1D CLA UG . -14.87 -12.06 64.01
C2D CLA UG . -14.14 -12.79 65.04
C3D CLA UG . -13.34 -13.67 64.30
C4D CLA UG . -13.59 -13.45 62.95
CMD CLA UG . -14.11 -12.75 66.54
CAD CLA UG . -12.36 -14.71 64.45
OBD CLA UG . -11.70 -14.93 65.45
CBD CLA UG . -12.04 -15.22 63.07
CGD CLA UG . -10.58 -15.03 62.79
O1D CLA UG . -10.07 -13.93 62.87
O2D CLA UG . -9.83 -16.09 62.46
CED CLA UG . -9.01 -16.61 63.50
C1 CLA UG . -16.88 -18.28 61.00
C2 CLA UG . -18.14 -18.24 60.15
C3 CLA UG . -19.18 -19.03 60.44
C4 CLA UG . -20.44 -18.98 59.61
C5 CLA UG . -19.17 -20.02 61.58
MG CLA VG . -24.55 14.10 61.82
CHA CLA VG . -27.19 11.85 61.66
CHB CLA VG . -26.65 16.57 62.91
CHC CLA VG . -21.93 16.09 61.93
CHD CLA VG . -22.42 11.50 60.64
NA CLA VG . -26.71 14.21 62.26
C1A CLA VG . -27.60 13.22 62.16
C2A CLA VG . -28.99 13.66 62.53
C3A CLA VG . -28.79 15.13 62.92
C4A CLA VG . -27.32 15.35 62.69
CMA CLA VG . -29.82 16.16 62.49
CAA CLA VG . -29.63 12.85 63.67
CBA CLA VG . -28.77 12.55 64.89
CGA CLA VG . -29.66 11.88 65.92
O1A CLA VG . -30.69 11.34 65.55
O2A CLA VG . -29.32 11.86 67.20
NB CLA VG . -24.32 16.04 62.34
C1B CLA VG . -25.28 16.91 62.75
C2B CLA VG . -24.66 18.19 63.00
C3B CLA VG . -23.34 18.04 62.71
C4B CLA VG . -23.15 16.66 62.29
CMB CLA VG . -25.36 19.43 63.47
CAB CLA VG . -22.25 19.04 62.79
CBB CLA VG . -22.57 20.47 62.40
NC CLA VG . -22.52 13.83 61.35
C1C CLA VG . -21.61 14.78 61.48
C2C CLA VG . -20.24 14.35 61.14
C3C CLA VG . -20.39 13.04 60.78
C4C CLA VG . -21.81 12.73 60.90
CMC CLA VG . -18.98 15.17 61.19
CAC CLA VG . -19.30 12.09 60.32
CBC CLA VG . -18.62 12.69 59.11
ND CLA VG . -24.66 12.20 61.25
C1D CLA VG . -23.78 11.23 60.85
C2D CLA VG . -24.43 9.94 60.67
C3D CLA VG . -25.75 10.21 60.99
C4D CLA VG . -25.88 11.54 61.34
CMD CLA VG . -23.94 8.57 60.25
CAD CLA VG . -27.05 9.57 61.10
OBD CLA VG . -27.22 8.38 61.35
CBD CLA VG . -28.05 10.65 61.37
CGD CLA VG . -28.80 10.89 60.10
O1D CLA VG . -28.90 10.01 59.27
O2D CLA VG . -29.38 12.06 59.86
CED CLA VG . -30.72 11.98 59.37
C1 CLA VG . -28.24 12.68 67.76
C2 CLA VG . -26.80 12.44 67.38
C3 CLA VG . -25.86 12.34 68.34
C4 CLA VG . -26.21 12.46 69.79
C5 CLA VG . -24.41 12.11 68.01
C6 CLA VG . -23.94 10.81 68.68
C7 CLA VG . -24.61 9.61 68.03
C8 CLA VG . -24.09 8.31 68.63
C9 CLA VG . -23.32 8.57 69.93
C10 CLA VG . -23.22 7.60 67.60
C11 CLA VG . -23.60 6.13 67.50
C12 CLA VG . -22.61 5.24 68.24
C13 CLA VG . -21.44 4.86 67.34
C14 CLA VG . -21.15 3.37 67.41
C15 CLA VG . -20.21 5.67 67.73
MG CLA WG . -6.55 13.60 64.40
CHA CLA WG . -5.46 14.79 61.38
CHB CLA WG . -4.87 16.14 66.04
CHC CLA WG . -7.75 12.44 67.23
CHD CLA WG . -8.27 11.03 62.69
NA CLA WG . -5.30 15.31 63.79
C1A CLA WG . -4.97 15.61 62.54
C2A CLA WG . -4.12 16.84 62.43
C3A CLA WG . -3.94 17.21 63.91
C4A CLA WG . -4.73 16.18 64.64
CMA CLA WG . -2.56 17.57 64.41
CAA CLA WG . -4.95 17.92 61.72
CBA CLA WG . -6.21 18.36 62.48
CGA CLA WG . -7.36 18.76 61.55
O1A CLA WG . -7.86 17.90 60.84
O2A CLA WG . -7.78 20.01 61.53
NB CLA WG . -6.35 14.20 66.33
C1B CLA WG . -5.61 15.23 66.83
C2B CLA WG . -5.72 15.26 68.26
C3B CLA WG . -6.53 14.22 68.58
C4B CLA WG . -6.92 13.55 67.35
CMB CLA WG . -5.06 16.24 69.19
CAB CLA WG . -6.95 13.81 69.95
CBB CLA WG . -8.41 13.87 70.34
NC CLA WG . -7.83 12.01 64.89
C1C CLA WG . -8.21 11.71 66.11
C2C CLA WG . -9.14 10.57 66.17
C3C CLA WG . -9.29 10.19 64.86
C4C CLA WG . -8.47 11.09 64.07
CMC CLA WG . -9.77 9.99 67.41
CAC CLA WG . -10.15 9.08 64.32
CBC CLA WG . -9.48 7.75 64.51
ND CLA WG . -6.85 12.97 62.55
C1D CLA WG . -7.54 11.97 61.94
C2D CLA WG . -7.38 12.02 60.48
C3D CLA WG . -6.57 13.12 60.30
C4D CLA WG . -6.27 13.68 61.53
CMD CLA WG . -7.86 11.23 59.30
CAD CLA WG . -5.93 13.89 59.26
OBD CLA WG . -5.97 13.68 58.07
CBD CLA WG . -5.18 15.00 59.92
CGD CLA WG . -3.73 14.74 59.77
O1D CLA WG . -3.28 13.69 60.18
O2D CLA WG . -2.93 15.62 59.18
CED CLA WG . -2.12 15.08 58.15
C1 CLA WG . -9.17 20.40 61.86
C2 CLA WG . -10.37 19.79 61.17
C3 CLA WG . -11.53 20.45 61.08
C4 CLA WG . -12.72 19.84 60.39
C5 CLA WG . -11.73 21.84 61.64
MG CHL XG . -8.76 -12.24 49.58
CHA CHL XG . -5.42 -12.28 49.80
CHB CHL XG . -8.65 -8.75 49.66
CHC CHL XG . -11.95 -12.22 49.34
CHD CHL XG . -8.70 -15.83 49.50
NA CHL XG . -7.31 -10.79 49.72
C1A CHL XG . -5.97 -11.05 49.82
C2A CHL XG . -5.14 -9.79 49.92
C3A CHL XG . -6.17 -8.68 49.87
C4A CHL XG . -7.47 -9.43 49.74
CMA CHL XG . -6.06 -7.48 50.80
CAA CHL XG . -4.09 -9.75 48.80
CBA CHL XG . -3.45 -8.38 48.59
CGA CHL XG . -2.91 -8.20 47.20
O1A CHL XG . -1.85 -8.61 46.81
O2A CHL XG . -3.75 -7.53 46.43
NB CHL XG . -10.07 -10.68 49.51
C1B CHL XG . -9.89 -9.35 49.55
C2B CHL XG . -11.16 -8.72 49.46
C3B CHL XG . -12.12 -9.68 49.36
C4B CHL XG . -11.42 -10.95 49.40
CMB CHL XG . -11.38 -7.23 49.46
CAB CHL XG . -13.56 -9.44 49.24
CBB CHL XG . -14.25 -8.11 49.20
NC CHL XG . -10.07 -13.80 49.45
C1C CHL XG . -11.39 -13.48 49.36
C2C CHL XG . -12.13 -14.74 49.28
C3C CHL XG . -11.21 -15.75 49.34
C4C CHL XG . -9.91 -15.18 49.44
CMC CHL XG . -13.57 -14.95 49.17
OMC CHL XG . -14.40 -14.07 49.13
CAC CHL XG . -11.53 -17.22 49.29
CBC CHL XG . -12.79 -17.57 50.04
ND CHL XG . -7.45 -13.81 49.64
C1D CHL XG . -7.49 -15.16 49.59
C2D CHL XG . -6.18 -15.69 49.66
C3D CHL XG . -5.32 -14.62 49.75
C4D CHL XG . -6.12 -13.46 49.73
CMD CHL XG . -5.84 -17.17 49.65
CAD CHL XG . -3.93 -14.18 49.82
OBD CHL XG . -2.93 -14.87 49.87
CBD CHL XG . -3.93 -12.66 49.86
CGD CHL XG . -3.23 -12.14 51.10
O1D CHL XG . -3.63 -12.28 52.22
O2D CHL XG . -2.12 -11.49 50.78
CED CHL XG . -1.36 -10.95 51.89
C1 CHL XG . -3.48 -7.24 45.04
C2 CHL XG . -4.48 -6.24 44.57
C3 CHL XG . -5.18 -6.42 43.47
C4 CHL XG . -5.04 -7.63 42.59
C5 CHL XG . -6.18 -5.40 43.00
C6 CHL XG . -5.86 -4.83 41.63
C7 CHL XG . -6.89 -3.82 41.14
C8 CHL XG . -8.31 -4.37 40.99
C9 CHL XG . -9.26 -3.32 40.45
C10 CHL XG . -8.20 -5.57 40.06
MG CHL YG . -30.26 -11.39 49.26
CHA CHL YG . -28.32 -9.01 50.52
CHB CHL YG . -28.34 -13.75 51.00
CHC CHL YG . -32.19 -13.67 48.13
CHD CHL YG . -32.08 -8.86 47.48
NA CHL YG . -28.65 -11.38 50.51
C1A CHL YG . -28.02 -10.25 50.94
C2A CHL YG . -26.90 -10.52 51.91
C3A CHL YG . -26.81 -12.02 51.94
C4A CHL YG . -27.99 -12.44 51.09
CMA CHL YG . -25.46 -12.71 51.77
CAA CHL YG . -27.18 -9.90 53.27
CBA CHL YG . -28.09 -10.74 54.18
CGA CHL YG . -28.83 -9.95 55.22
O1A CHL YG . -29.24 -8.84 55.08
O2A CHL YG . -28.99 -10.65 56.32
NB CHL YG . -30.24 -13.40 49.54
C1B CHL YG . -29.41 -14.21 50.25
C2B CHL YG . -29.85 -15.55 50.09
C3B CHL YG . -30.95 -15.56 49.27
C4B CHL YG . -31.19 -14.17 48.92
CMB CHL YG . -29.19 -16.75 50.72
CAB CHL YG . -31.71 -16.72 48.84
CBB CHL YG . -32.92 -16.73 47.94
NC CHL YG . -31.87 -11.22 48.00
C1C CHL YG . -32.52 -12.38 47.71
C2C CHL YG . -33.65 -12.05 46.84
C3C CHL YG . -33.61 -10.69 46.66
C4C CHL YG . -32.50 -10.16 47.39
CMC CHL YG . -34.64 -12.92 46.26
OMC CHL YG . -35.56 -12.56 45.53
CAC CHL YG . -34.58 -9.88 45.83
CBC CHL YG . -35.67 -9.25 46.66
ND CHL YG . -30.30 -9.37 48.96
C1D CHL YG . -30.99 -8.45 48.24
C2D CHL YG . -30.44 -7.16 48.43
C3D CHL YG . -29.40 -7.31 49.33
C4D CHL YG . -29.32 -8.68 49.63
CMD CHL YG . -30.93 -5.90 47.78
CAD CHL YG . -28.35 -6.64 50.09
OBD CHL YG . -28.07 -5.46 50.11
CBD CHL YG . -27.63 -7.70 50.93
CGD CHL YG . -26.13 -7.74 50.63
O1D CHL YG . -25.64 -8.25 49.66
O2D CHL YG . -25.45 -7.15 51.59
CED CHL YG . -24.01 -7.11 51.41
C1 CHL YG . -29.72 -10.17 57.48
C2 CHL YG . -29.14 -8.87 57.88
MG CLA ZG . -21.52 -9.31 42.92
CHA CLA ZG . -22.69 -6.17 42.09
CHB CLA ZG . -23.47 -10.71 40.49
CHC CLA ZG . -20.16 -12.21 43.60
CHD CLA ZG . -19.59 -7.84 45.47
NA CLA ZG . -22.94 -8.53 41.43
C1A CLA ZG . -23.30 -7.27 41.29
C2A CLA ZG . -24.41 -7.11 40.31
C3A CLA ZG . -24.66 -8.55 39.91
C4A CLA ZG . -23.62 -9.32 40.61
CMA CLA ZG . -26.00 -8.98 40.42
CAA CLA ZG . -23.93 -6.33 39.12
CBA CLA ZG . -23.23 -7.24 38.13
CGA CLA ZG . -22.35 -6.38 37.29
O1A CLA ZG . -22.21 -5.21 37.60
O2A CLA ZG . -21.76 -6.93 36.26
NB CLA ZG . -21.77 -11.17 42.15
C1B CLA ZG . -22.60 -11.57 41.17
C2B CLA ZG . -22.50 -12.98 40.96
C3B CLA ZG . -21.57 -13.40 41.87
C4B CLA ZG . -21.11 -12.23 42.60
CMB CLA ZG . -23.29 -13.79 39.96
CAB CLA ZG . -21.02 -14.75 42.12
CBB CLA ZG . -20.83 -15.77 41.02
NC CLA ZG . -20.05 -9.91 44.26
C1C CLA ZG . -19.72 -11.18 44.45
C2C CLA ZG . -18.85 -11.38 45.61
C3C CLA ZG . -18.68 -10.12 46.12
C4C CLA ZG . -19.44 -9.21 45.27
CMC CLA ZG . -18.29 -12.68 46.12
CAC CLA ZG . -17.88 -9.76 47.33
CBC CLA ZG . -16.44 -9.75 46.88
ND CLA ZG . -21.17 -7.52 43.67
C1D CLA ZG . -20.40 -7.00 44.65
C2D CLA ZG . -20.52 -5.56 44.75
C3D CLA ZG . -21.42 -5.24 43.73
C4D CLA ZG . -21.79 -6.42 43.10
CMD CLA ZG . -19.92 -4.51 45.63
CAD CLA ZG . -22.11 -4.14 43.11
OBD CLA ZG . -21.80 -2.98 43.21
CBD CLA ZG . -22.93 -4.69 41.99
CGD CLA ZG . -24.39 -4.38 42.18
O1D CLA ZG . -24.95 -4.62 43.23
O2D CLA ZG . -25.07 -3.86 41.16
CED CLA ZG . -25.34 -2.47 41.23
C1 CLA ZG . -20.73 -7.93 36.55
C2 CLA ZG . -19.77 -7.70 37.69
C3 CLA ZG . -18.52 -7.30 37.39
C4 CLA ZG . -18.10 -7.10 35.97
C5 CLA ZG . -17.48 -7.04 38.46
C6 CLA ZG . -16.41 -6.08 37.93
C7 CLA ZG . -15.17 -6.09 38.80
C8 CLA ZG . -15.26 -5.07 39.93
C9 CLA ZG . -15.23 -3.64 39.41
C10 CLA ZG . -14.14 -5.32 40.93
MG CHL AH . -16.29 -17.75 53.96
CHA CHL AH . -17.72 -20.36 55.46
CHB CHL AH . -19.38 -16.90 52.61
CHC CHL AH . -14.90 -15.17 52.62
CHD CHL AH . -13.15 -18.77 55.38
NA CHL AH . -18.19 -18.51 54.00
C1A CHL AH . -18.57 -19.63 54.69
C2A CHL AH . -20.04 -19.95 54.54
C3A CHL AH . -20.53 -18.89 53.54
C4A CHL AH . -19.30 -18.04 53.34
CMA CHL AH . -21.39 -19.30 52.36
CAA CHL AH . -20.76 -19.95 55.89
CBA CHL AH . -21.89 -20.97 56.02
CGA CHL AH . -23.18 -20.56 55.36
O1A CHL AH . -23.60 -21.01 54.33
O2A CHL AH . -23.79 -19.62 56.06
NB CHL AH . -17.07 -16.27 52.79
C1B CHL AH . -18.33 -16.05 52.36
C2B CHL AH . -18.33 -14.83 51.62
C3B CHL AH . -17.07 -14.31 51.62
C4B CHL AH . -16.26 -15.24 52.37
CMB CHL AH . -19.54 -14.22 50.96
CAB CHL AH . -16.64 -13.04 51.02
CBB CHL AH . -15.26 -12.46 51.07
NC CHL AH . -14.34 -17.13 54.01
C1C CHL AH . -14.04 -16.00 53.32
C2C CHL AH . -12.61 -15.76 53.46
C3C CHL AH . -12.12 -16.77 54.24
C4C CHL AH . -13.20 -17.65 54.59
CMC CHL AH . -11.80 -14.70 52.92
OMC CHL AH . -10.60 -14.57 53.09
CAC CHL AH . -10.69 -16.94 54.66
CBC CHL AH . -9.76 -17.10 53.50
ND CHL AH . -15.49 -19.21 55.13
C1D CHL AH . -14.27 -19.54 55.65
C2D CHL AH . -14.39 -20.71 56.46
C3D CHL AH . -15.72 -21.07 56.41
C4D CHL AH . -16.38 -20.15 55.59
CMD CHL AH . -13.26 -21.37 57.19
CAD CHL AH . -16.73 -22.02 56.89
OBD CHL AH . -16.57 -22.98 57.61
CBD CHL AH . -18.08 -21.59 56.30
CGD CHL AH . -18.74 -22.70 55.51
O1D CHL AH . -18.38 -23.11 54.45
O2D CHL AH . -19.81 -23.17 56.16
CED CHL AH . -20.54 -24.23 55.50
MG CHL BH . -37.27 -20.91 53.44
CHA CHL BH . -39.20 -20.67 56.13
CHB CHL BH . -36.76 -24.26 54.14
CHC CHL BH . -35.49 -21.10 50.82
CHD CHL BH . -37.87 -17.40 52.81
NA CHL BH . -37.88 -22.24 54.88
C1A CHL BH . -38.81 -21.96 55.84
C2A CHL BH . -39.27 -23.20 56.60
C3A CHL BH . -38.36 -24.29 56.04
C4A CHL BH . -37.61 -23.58 54.94
CMA CHL BH . -37.63 -25.25 56.97
CAA CHL BH . -40.77 -23.52 56.42
CBA CHL BH . -41.22 -24.91 56.88
CGA CHL BH . -42.60 -25.02 57.48
O1A CHL BH . -42.99 -25.93 58.15
O2A CHL BH . -43.34 -23.97 57.16
NB CHL BH . -36.25 -22.47 52.66
C1B CHL BH . -36.07 -23.73 53.08
C2B CHL BH . -35.14 -24.36 52.21
C3B CHL BH . -34.76 -23.47 51.25
C4B CHL BH . -35.49 -22.26 51.53
CMB CHL BH . -34.68 -25.79 52.32
CAB CHL BH . -33.84 -23.72 50.14
CBB CHL BH . -33.44 -22.78 49.02
NC CHL BH . -36.79 -19.45 52.09
C1C CHL BH . -36.09 -19.88 51.01
C2C CHL BH . -35.98 -18.79 50.08
C3C CHL BH . -36.60 -17.71 50.66
C4C CHL BH . -37.14 -18.13 51.91
CMC CHL BH . -35.50 -18.88 48.72
OMC CHL BH . -35.63 -18.03 47.87
CAC CHL BH . -36.62 -16.30 50.11
CBC CHL BH . -37.95 -15.94 49.54
ND CHL BH . -38.26 -19.30 54.20
C1D CHL BH . -38.39 -17.97 53.96
C2D CHL BH . -39.15 -17.36 54.99
C3D CHL BH . -39.48 -18.37 55.86
C4D CHL BH . -38.93 -19.56 55.37
CMD CHL BH . -39.50 -15.91 55.06
CAD CHL BH . -40.22 -18.71 57.06
OBD CHL BH . -40.86 -17.96 57.79
CBD CHL BH . -40.04 -20.17 57.32
CGD CHL BH . -39.22 -20.35 58.58
O1D CHL BH . -39.68 -20.49 59.68
O2D CHL BH . -37.91 -20.34 58.31
CED CHL BH . -37.03 -20.53 59.44
C1 CHL BH . -44.71 -23.79 57.64
C2 CHL BH . -44.90 -22.35 57.92
C3 CHL BH . -44.55 -21.81 59.08
C4 CHL BH . -43.98 -22.61 60.23
C5 CHL BH . -44.68 -20.33 59.33
C6 CHL BH . -45.78 -19.67 58.51
C7 CHL BH . -45.89 -18.17 58.76
C8 CHL BH . -47.09 -17.50 58.07
C9 CHL BH . -46.98 -17.58 56.56
C10 CHL BH . -48.32 -18.23 58.58
O1 LHG CH . -26.54 20.05 57.85
C1 LHG CH . -26.88 19.03 58.80
C2 LHG CH . -28.04 18.20 58.29
O2 LHG CH . -29.08 18.15 59.28
C3 LHG CH . -27.59 16.77 57.97
O3 LHG CH . -26.20 16.75 57.64
P LHG CH . -25.10 16.34 58.74
O4 LHG CH . -24.73 17.55 59.55
O5 LHG CH . -25.55 15.07 59.43
O6 LHG CH . -23.84 15.97 57.81
C4 LHG CH . -22.53 16.01 58.36
C5 LHG CH . -21.73 14.83 57.83
C6 LHG CH . -22.63 13.61 57.73
O7 LHG CH . -21.23 15.15 56.54
C7 LHG CH . -19.90 15.01 56.42
O9 LHG CH . -19.45 13.90 56.21
C8 LHG CH . -19.00 16.21 56.58
C9 LHG CH . -17.79 16.06 55.65
C10 LHG CH . -17.63 17.30 54.78
O8 LHG CH . -21.84 12.46 57.42
C23 LHG CH . -21.65 12.11 56.15
O10 LHG CH . -21.85 12.93 55.27
C24 LHG CH . -21.18 10.71 55.82
C11 LHG CH . -16.23 17.40 54.19
C12 LHG CH . -15.19 16.74 55.08
C13 LHG CH . -15.04 17.44 56.43
C14 LHG CH . -15.05 16.43 57.57
C15 LHG CH . -14.56 17.08 58.87
C25 LHG CH . -19.66 10.72 55.75
C26 LHG CH . -19.17 11.18 54.38
C27 LHG CH . -17.66 11.28 54.36
C28 LHG CH . -17.21 12.60 53.76
C29 LHG CH . -15.92 12.43 52.96
C30 LHG CH . -15.59 13.68 52.17
C31 LHG CH . -14.10 13.74 51.84
C1 LMG DH . -25.50 -0.61 33.73
O1 LMG DH . -24.26 -0.34 33.06
C2 LMG DH . -26.54 0.38 33.25
O2 LMG DH . -26.09 1.70 33.49
C3 LMG DH . -27.83 0.13 34.01
O3 LMG DH . -28.87 0.97 33.50
C4 LMG DH . -28.26 -1.33 33.90
O4 LMG DH . -28.78 -1.57 32.59
C5 LMG DH . -27.09 -2.27 34.18
O5 LMG DH . -28.67 -3.73 33.10
C6 LMG DH . -27.47 -3.72 33.88
O6 LMG DH . -25.94 -1.92 33.41
C7 LMG DH . -23.22 -1.13 33.61
C8 LMG DH . -22.31 -1.60 32.47
C9 LMG DH . -21.94 -0.40 31.62
O7 LMG DH . -21.10 -2.16 33.00
C10 LMG DH . -21.05 -3.50 32.97
O9 LMG DH . -20.01 -4.04 33.32
C11 LMG DH . -22.23 -4.34 32.54
C12 LMG DH . -22.86 -5.02 33.75
O8 LMG DH . -21.36 0.61 32.43
C28 LMG DH . -20.42 1.40 31.93
O10 LMG DH . -19.77 1.01 30.98
C29 LMG DH . -20.17 2.76 32.53
C30 LMG DH . -19.21 3.54 31.64
C1 LMG EH . -1.89 -18.55 46.63
O1 LMG EH . -2.11 -17.14 46.57
C2 LMG EH . -1.96 -19.00 48.09
O2 LMG EH . -0.96 -18.33 48.85
C3 LMG EH . -1.77 -20.50 48.19
O3 LMG EH . -2.03 -20.93 49.53
C4 LMG EH . -2.72 -21.22 47.25
O4 LMG EH . -4.06 -21.08 47.71
C5 LMG EH . -2.62 -20.65 45.84
O5 LMG EH . -3.29 -22.72 44.79
C6 LMG EH . -3.59 -21.32 44.89
O6 LMG EH . -2.87 -19.24 45.87
C7 LMG EH . -3.44 -16.79 46.97
C8 LMG EH . -4.38 -16.84 45.77
C9 LMG EH . -5.82 -16.94 46.25
O7 LMG EH . -4.23 -15.65 45.00
C10 LMG EH . -2.96 -15.39 44.69
O9 LMG EH . -2.34 -16.17 43.98
C11 LMG EH . -2.30 -14.14 45.21
C12 LMG EH . -3.26 -13.44 46.17
C13 LMG EH . -4.52 -12.99 45.43
C14 LMG EH . -5.69 -12.91 46.41
C15 LMG EH . -6.94 -12.31 45.75
C16 LMG EH . -6.91 -10.79 45.82
C17 LMG EH . -8.27 -10.22 45.43
C18 LMG EH . -8.28 -8.72 45.63
C19 LMG EH . -9.39 -8.04 45.37
C20 LMG EH . -9.42 -6.53 45.57
O8 LMG EH . -6.70 -17.03 45.13
C28 LMG EH . -7.96 -16.65 45.26
O10 LMG EH . -8.84 -17.49 45.21
C29 LMG EH . -8.30 -15.20 45.45
C30 LMG EH . -9.82 -15.00 45.35
C31 LMG EH . -10.17 -13.52 45.37
C32 LMG EH . -11.66 -13.30 45.15
C33 LMG EH . -12.01 -11.82 45.10
C1 LMG FH . -26.89 15.97 31.00
O1 LMG FH . -25.99 14.89 31.20
C2 LMG FH . -28.32 15.49 31.18
O2 LMG FH . -28.60 14.42 30.26
C3 LMG FH . -29.29 16.64 30.95
O3 LMG FH . -30.62 16.21 31.27
C4 LMG FH . -28.93 17.84 31.81
O4 LMG FH . -29.29 17.58 33.16
C5 LMG FH . -27.43 18.16 31.73
O5 LMG FH . -25.62 19.28 32.88
C6 LMG FH . -27.04 19.23 32.75
O6 LMG FH . -26.66 16.99 31.97
C7 LMG FH . -24.71 15.18 30.69
C8 LMG FH . -23.79 15.69 31.79
C9 LMG FH . -23.38 14.52 32.68
O7 LMG FH . -22.64 16.27 31.20
C10 LMG FH . -21.83 16.81 32.12
O9 LMG FH . -22.31 17.53 32.98
C11 LMG FH . -20.35 16.52 32.07
C12 LMG FH . -19.59 17.80 31.70
C13 LMG FH . -18.16 17.48 31.28
C14 LMG FH . -17.45 16.62 32.32
C15 LMG FH . -16.06 16.21 31.85
O8 LMG FH . -22.91 13.45 31.87
C28 LMG FH . -21.63 13.37 31.53
O10 LMG FH . -21.25 13.90 30.50
C29 LMG FH . -20.66 12.62 32.41
C30 LMG FH . -19.28 12.57 31.77
C31 LMG FH . -18.36 11.66 32.59
C32 LMG FH . -16.92 11.76 32.14
C1 LMG GH . -19.07 23.38 40.34
O1 LMG GH . -17.76 22.93 40.68
C2 LMG GH . -18.96 24.58 39.41
O2 LMG GH . -18.33 25.67 40.10
C3 LMG GH . -20.33 25.01 38.93
O3 LMG GH . -20.18 26.00 37.91
C4 LMG GH . -21.10 23.82 38.37
O4 LMG GH . -20.51 23.40 37.14
C5 LMG GH . -21.11 22.66 39.36
O5 LMG GH . -21.75 20.35 39.68
C6 LMG GH . -21.80 21.45 38.76
O6 LMG GH . -19.76 22.32 39.69
C7 LMG GH . -17.05 22.50 39.52
C8 LMG GH . -15.58 22.28 39.87
C9 LMG GH . -14.89 23.63 40.00
O7 LMG GH . -15.48 21.57 41.10
C10 LMG GH . -15.82 20.28 40.99
O9 LMG GH . -16.90 19.99 40.51
C11 LMG GH . -14.87 19.21 41.49
C12 LMG GH . -15.46 18.59 42.74
C13 LMG GH . -14.39 17.89 43.58
C14 LMG GH . -13.87 16.63 42.88
C15 LMG GH . -12.93 15.86 43.79
O8 LMG GH . -13.48 23.46 39.87
C28 LMG GH . -12.81 22.69 40.73
O10 LMG GH . -13.24 22.55 41.86
C29 LMG GH . -11.53 22.02 40.31
C30 LMG GH . -10.95 21.22 41.46
C31 LMG GH . -10.23 22.12 42.46
C32 LMG GH . -8.99 22.73 41.83
MG CHL HH . -18.66 19.38 52.21
CHA CHL HH . -17.42 22.44 52.60
CHB CHL HH . -16.16 18.72 49.86
CHC CHL HH . -19.87 16.45 51.88
CHD CHL HH . -21.18 20.21 54.66
NA CHL HH . -17.09 20.39 51.39
C1A CHL HH . -16.77 21.69 51.67
C2A CHL HH . -15.63 22.20 50.85
C3A CHL HH . -15.19 21.01 50.03
C4A CHL HH . -16.20 19.95 50.43
CMA CHL HH . -14.81 21.19 48.57
CAA CHL HH . -14.52 22.80 51.75
CBA CHL HH . -13.63 21.78 52.44
CGA CHL HH . -12.25 22.30 52.67
O1A CHL HH . -11.83 23.35 52.27
O2A CHL HH . -11.54 21.45 53.40
NB CHL HH . -18.06 17.83 51.03
C1B CHL HH . -17.05 17.70 50.16
C2B CHL HH . -17.07 16.38 49.62
C3B CHL HH . -18.13 15.72 50.17
C4B CHL HH . -18.76 16.65 51.09
CMB CHL HH . -16.12 15.84 48.60
CAB CHL HH . -18.51 14.33 49.89
CBB CHL HH . -19.67 13.57 50.49
NC CHL HH . -20.28 18.53 53.15
C1C CHL HH . -20.56 17.25 52.77
C2C CHL HH . -21.74 16.84 53.51
C3C CHL HH . -22.12 17.90 54.29
C4C CHL HH . -21.20 18.97 54.07
CMC CHL HH . -22.43 15.57 53.46
OMC CHL HH . -22.10 14.62 52.76
CAC CHL HH . -23.29 17.93 55.22
CBC CHL HH . -24.57 18.37 54.54
ND CHL HH . -19.28 20.92 53.41
C1D CHL HH . -20.23 21.17 54.34
C2D CHL HH . -20.08 22.49 54.87
C3D CHL HH . -18.99 23.02 54.21
C4D CHL HH . -18.51 22.05 53.33
CMD CHL HH . -20.97 23.11 55.91
CAD CHL HH . -18.14 24.20 54.07
OBD CHL HH . -18.22 25.27 54.66
CBD CHL HH . -17.09 23.88 53.02
CGD CHL HH . -17.16 24.85 51.85
O1D CHL HH . -16.86 24.60 50.72
O2D CHL HH . -17.62 26.04 52.26
CED CHL HH . -17.74 27.05 51.23
C1 CHL HH . -10.17 21.74 53.80
C2 CHL HH . -9.34 20.55 53.52
C3 CHL HH . -9.64 19.36 54.05
C4 CHL HH . -10.81 19.13 54.97
C5 CHL HH . -8.78 18.15 53.78
C6 CHL HH . -9.14 16.96 54.64
C7 CHL HH . -8.95 17.22 56.13
C8 CHL HH . -9.20 16.01 57.02
C9 CHL HH . -8.22 14.89 56.71
C10 CHL HH . -9.07 16.49 58.47
C11 CHL HH . -9.20 15.39 59.51
C12 CHL HH . -9.10 15.90 60.94
C13 CHL HH . -9.26 14.82 62.02
C14 CHL HH . -10.68 14.25 62.01
C15 CHL HH . -8.82 15.20 63.42
C16 CHL HH . -9.23 16.59 63.87
C17 CHL HH . -8.66 16.98 65.23
C18 CHL HH . -9.02 18.37 65.73
C19 CHL HH . -8.34 18.68 67.06
C20 CHL HH . -10.52 18.55 65.84
C1B LMT IH . -30.76 23.80 61.85
C2B LMT IH . -32.15 24.39 61.73
C3B LMT IH . -32.94 23.75 60.59
C4B LMT IH . -32.11 23.80 59.31
C5B LMT IH . -30.77 23.13 59.55
C6B LMT IH . -29.95 23.12 58.26
O1B LMT IH . -30.85 22.45 62.30
O2B LMT IH . -32.85 24.20 62.96
O3B LMT IH . -34.17 24.46 60.38
O4' LMT IH . -32.83 23.09 58.29
O5B LMT IH . -30.10 23.86 60.59
O6B LMT IH . -29.02 22.02 58.25
C1' LMT IH . -28.88 20.32 65.29
C2' LMT IH . -29.24 21.76 65.64
C3' LMT IH . -30.25 22.34 64.65
C4' LMT IH . -29.81 22.10 63.22
C5' LMT IH . -29.45 20.63 63.03
C6' LMT IH . -28.96 20.40 61.61
O1' LMT IH . -27.84 19.88 66.16
O2' LMT IH . -29.77 21.82 66.97
O3' LMT IH . -30.39 23.75 64.86
O5' LMT IH . -28.43 20.25 63.94
O6' LMT IH . -28.73 19.00 61.43
C1 LMT IH . -27.50 18.51 65.93
C2 LMT IH . -26.13 18.21 66.55
C3 LMT IH . -25.62 16.83 66.14
C4 LMT IH . -24.11 16.75 66.27
C5 LMT IH . -23.58 15.50 65.58
C6 LMT IH . -22.05 15.45 65.61
C7 LMT IH . -21.53 14.25 64.83
C8 LMT IH . -20.03 14.08 65.01
C9 LMT IH . -19.52 12.85 64.27
C10 LMT IH . -18.16 12.41 64.82
C11 LMT IH . -18.27 12.03 66.30
C12 LMT IH . -16.94 11.60 66.85
C1 LMG JH . -15.76 -27.78 61.43
O1 LMG JH . -15.48 -27.84 62.83
C2 LMG JH . -15.30 -29.09 60.79
O2 LMG JH . -13.87 -29.20 60.91
C3 LMG JH . -15.69 -29.14 59.31
O3 LMG JH . -15.39 -30.45 58.81
C4 LMG JH . -17.17 -28.85 59.15
O4 LMG JH . -17.94 -29.92 59.70
C5 LMG JH . -17.54 -27.56 59.86
O5 LMG JH . -19.47 -27.47 58.41
C6 LMG JH . -19.05 -27.33 59.77
O6 LMG JH . -17.17 -27.63 61.24
C7 LMG JH . -15.63 -26.57 63.47
O13 3PH KH . -38.36 -5.55 32.79
P 3PH KH . -38.06 -6.77 31.95
O14 3PH KH . -38.02 -6.39 30.49
O12 3PH KH . -39.15 -7.81 32.16
O11 3PH KH . -36.61 -7.40 32.40
C1 3PH KH . -36.00 -8.33 31.56
C2 3PH KH . -34.54 -8.55 31.98
O21 3PH KH . -33.72 -8.40 30.86
C21 3PH KH . -33.34 -7.09 30.58
O22 3PH KH . -34.16 -6.23 30.59
C22 3PH KH . -31.89 -6.76 30.26
C23 3PH KH . -31.16 -8.03 29.83
C24 3PH KH . -30.76 -8.84 31.05
C25 3PH KH . -29.41 -9.49 30.81
C26 3PH KH . -28.81 -9.93 32.14
C27 3PH KH . -27.30 -10.14 31.99
C28 3PH KH . -26.82 -11.17 32.99
C29 3PH KH . -25.39 -11.60 32.64
C2A 3PH KH . -25.14 -13.02 33.14
C2B 3PH KH . -24.13 -13.71 32.23
C2C 3PH KH . -22.71 -13.32 32.65
C3 3PH KH . -34.40 -9.95 32.55
O31 3PH KH . -33.68 -9.91 33.74
C31 3PH KH . -33.03 -11.10 34.08
O32 3PH KH . -33.43 -12.14 33.67
C32 3PH KH . -31.80 -11.07 34.99
C33 3PH KH . -31.28 -12.49 35.16
C34 3PH KH . -29.86 -12.45 35.72
C35 3PH KH . -29.31 -13.88 35.81
C36 3PH KH . -27.91 -13.85 36.39
C37 3PH KH . -27.49 -15.27 36.74
C38 3PH KH . -26.36 -15.23 37.77
C39 3PH KH . -26.39 -16.49 38.63
C1 LUT LH . 11.92 48.91 56.51
C2 LUT LH . 12.92 47.77 56.67
C3 LUT LH . 13.48 47.39 55.32
C4 LUT LH . 12.34 46.78 54.53
C5 LUT LH . 11.23 47.80 54.41
C6 LUT LH . 10.94 48.63 55.42
C7 LUT LH . 9.65 49.35 55.43
C8 LUT LH . 8.54 48.72 55.81
C9 LUT LH . 7.25 49.40 55.84
C10 LUT LH . 6.19 48.68 56.23
C11 LUT LH . 4.83 49.20 56.31
C12 LUT LH . 3.91 48.32 56.67
C13 LUT LH . 2.49 48.69 56.82
C14 LUT LH . 1.74 47.91 57.61
C15 LUT LH . 0.33 48.20 57.85
C16 LUT LH . 12.66 50.16 56.06
C17 LUT LH . 11.19 49.13 57.83
C18 LUT LH . 10.45 47.87 53.13
C19 LUT LH . 7.11 50.84 55.44
C20 LUT LH . 1.91 49.88 56.13
O3 LUT LH . 14.51 46.41 55.48
C21 LUT LH . -10.99 46.75 63.48
C22 LUT LH . -12.47 47.15 63.53
C23 LUT LH . -13.34 46.02 63.01
C24 LUT LH . -13.05 45.90 61.53
C25 LUT LH . -11.60 45.58 61.34
C26 LUT LH . -10.65 46.08 62.15
C27 LUT LH . -9.26 45.58 61.93
C28 LUT LH . -8.30 46.37 61.46
C29 LUT LH . -6.93 45.86 61.25
C30 LUT LH . -5.96 46.74 61.02
C31 LUT LH . -4.57 46.35 60.79
C32 LUT LH . -3.87 47.08 59.91
C33 LUT LH . -2.46 46.78 59.62
C34 LUT LH . -1.70 47.73 59.07
C35 LUT LH . -0.29 47.49 58.77
C36 LUT LH . -10.74 45.73 64.58
C37 LUT LH . -10.17 48.00 63.72
C38 LUT LH . -11.20 44.66 60.24
C39 LUT LH . -6.66 44.39 61.27
C40 LUT LH . -1.90 45.42 59.91
O23 LUT LH . -14.71 46.34 63.21
C1 LUT MH . 5.47 34.31 55.59
C2 LUT MH . 6.71 34.03 56.43
C3 LUT MH . 6.48 34.26 57.90
C4 LUT MH . 6.14 35.73 58.06
C5 LUT MH . 4.88 36.00 57.30
C6 LUT MH . 4.67 35.49 56.10
C7 LUT MH . 3.59 36.03 55.24
C8 LUT MH . 3.73 37.14 54.50
C9 LUT MH . 2.61 37.60 53.66
C10 LUT MH . 2.88 38.35 52.58
C11 LUT MH . 1.89 38.86 51.64
C12 LUT MH . 2.40 39.42 50.53
C13 LUT MH . 1.66 40.00 49.41
C14 LUT MH . 2.29 40.92 48.65
C15 LUT MH . 1.67 41.58 47.50
C16 LUT MH . 4.58 33.07 55.60
C17 LUT MH . 5.93 34.58 54.16
C18 LUT MH . 3.85 36.86 57.95
C19 LUT MH . 1.21 37.24 54.00
C20 LUT MH . 0.26 39.57 49.09
O3 LUT MH . 7.70 34.00 58.58
C21 LUT MH . 2.28 47.95 36.85
C22 LUT MH . 1.44 48.06 35.58
C23 LUT MH . 0.34 49.10 35.76
C24 LUT MH . -0.58 48.64 36.86
C25 LUT MH . 0.24 48.50 38.10
C26 LUT MH . 1.37 47.78 38.05
C27 LUT MH . 1.90 47.15 39.28
C28 LUT MH . 2.81 47.72 40.07
C29 LUT MH . 3.26 46.99 41.25
C30 LUT MH . 2.53 45.96 41.72
C31 LUT MH . 2.99 45.23 42.91
C32 LUT MH . 2.14 44.62 43.72
C33 LUT MH . 2.66 43.89 44.90
C34 LUT MH . 1.91 43.00 45.54
C35 LUT MH . 2.45 42.31 46.70
C36 LUT MH . 3.11 49.22 37.01
C37 LUT MH . 3.21 46.75 36.74
C38 LUT MH . -0.19 49.15 39.38
C39 LUT MH . 4.54 47.37 41.93
C40 LUT MH . 4.06 44.17 45.37
O23 LUT MH . -0.41 49.24 34.54
C1 BCR NH . -18.65 20.24 59.06
C2 BCR NH . -19.58 19.05 58.84
C3 BCR NH . -20.77 19.44 57.98
C4 BCR NH . -21.57 20.52 58.69
C5 BCR NH . -20.69 21.64 59.20
C6 BCR NH . -19.42 21.45 59.52
C7 BCR NH . -18.80 22.48 60.38
C8 BCR NH . -17.69 23.10 60.05
C9 BCR NH . -17.03 24.13 60.82
C10 BCR NH . -15.60 24.17 61.06
C11 BCR NH . -14.45 24.95 60.82
C33 BCR NH . -21.28 23.02 59.36
C31 BCR NH . -17.96 20.60 57.75
C32 BCR NH . -17.62 19.89 60.12
C34 BCR NH . -17.86 25.24 61.41
C12 BCR NH . -13.48 25.64 60.65
C13 BCR NH . -12.71 26.82 60.81
C14 BCR NH . -11.53 26.92 60.16
C15 BCR NH . -10.70 28.07 60.25
C16 BCR NH . -10.29 29.30 59.88
C17 BCR NH . -9.27 29.88 60.41
C18 BCR NH . -8.27 30.52 59.77
C19 BCR NH . -7.19 31.11 60.58
C20 BCR NH . -6.36 32.10 60.91
C21 BCR NH . -5.32 32.72 61.66
C22 BCR NH . -4.20 33.29 61.18
C23 BCR NH . -3.27 33.85 62.18
C24 BCR NH . -1.91 34.38 61.90
C25 BCR NH . -1.16 34.88 63.06
C26 BCR NH . -1.31 36.14 63.47
C27 BCR NH . -1.19 36.41 64.96
C28 BCR NH . 0.09 35.81 65.53
C29 BCR NH . 0.78 34.81 64.60
C30 BCR NH . -0.23 33.96 63.83
C35 BCR NH . -13.20 27.95 61.67
C36 BCR NH . -8.24 30.60 58.27
C37 BCR NH . -3.91 33.34 59.72
C38 BCR NH . -1.61 37.27 62.54
C39 BCR NH . -1.04 33.10 64.78
C40 BCR NH . 0.55 33.10 62.84
C1 BCR OH . -14.44 34.63 62.59
C2 BCR OH . -15.73 33.84 62.44
C3 BCR OH . -15.98 32.94 63.64
C4 BCR OH . -14.82 31.96 63.79
C5 BCR OH . -13.49 32.66 63.75
C6 BCR OH . -13.30 33.70 62.94
C7 BCR OH . -11.95 33.96 62.41
C8 BCR OH . -11.18 34.95 62.82
C9 BCR OH . -9.85 35.24 62.36
C10 BCR OH . -9.45 36.60 62.08
C11 BCR OH . -8.43 37.55 62.28
C33 BCR OH . -12.37 32.16 64.61
C31 BCR OH . -14.58 35.65 63.72
C32 BCR OH . -14.13 35.33 61.28
C34 BCR OH . -8.87 34.13 62.17
C12 BCR OH . -7.58 38.38 62.43
C13 BCR OH . -6.25 38.85 62.60
C14 BCR OH . -6.02 40.08 63.10
C15 BCR OH . -4.69 40.58 63.29
C16 BCR OH . -3.84 41.57 63.57
C17 BCR OH . -4.23 42.79 63.77
C18 BCR OH . -3.48 43.84 64.14
C19 BCR OH . -2.05 43.72 64.44
C20 BCR OH . -1.02 44.27 65.05
C21 BCR OH . 0.27 44.56 65.57
C22 BCR OH . 0.87 45.76 65.62
C23 BCR OH . 2.22 45.95 66.18
C24 BCR OH . 3.43 46.41 65.41
C25 BCR OH . 4.74 46.61 66.02
C26 BCR OH . 5.31 47.79 65.83
C27 BCR OH . 6.46 48.24 66.70
C28 BCR OH . 7.47 47.12 66.90
C29 BCR OH . 6.95 45.69 66.67
C30 BCR OH . 5.45 45.53 66.84
C35 BCR OH . -5.15 37.95 62.20
C36 BCR OH . -4.14 45.19 64.30
C37 BCR OH . 0.13 46.94 65.08
C38 BCR OH . 4.85 48.73 64.76
C39 BCR OH . 5.03 45.58 68.31
C40 BCR OH . 5.12 44.16 66.25
MG CLA PH . -9.88 46.64 57.11
CHA CLA PH . -13.29 46.34 56.86
CHB CLA PH . -10.12 50.07 57.03
CHC CLA PH . -6.62 46.79 57.52
CHD CLA PH . -9.65 43.12 57.08
NA CLA PH . -11.53 48.08 56.96
C1A CLA PH . -12.81 47.76 56.83
C2A CLA PH . -13.67 48.97 56.71
C3A CLA PH . -12.65 50.10 56.69
C4A CLA PH . -11.36 49.41 56.90
CMA CLA PH . -12.78 51.02 55.50
CAA CLA PH . -14.46 49.06 58.02
CBA CLA PH . -13.93 50.12 58.99
CGA CLA PH . -12.87 49.58 59.93
O1A CLA PH . -13.21 48.96 60.92
O2A CLA PH . -11.59 49.80 59.64
NB CLA PH . -8.57 48.20 57.25
C1B CLA PH . -8.84 49.53 57.20
C2B CLA PH . -7.62 50.28 57.34
C3B CLA PH . -6.63 49.35 57.48
C4B CLA PH . -7.26 48.03 57.42
CMB CLA PH . -7.53 51.78 57.34
CAB CLA PH . -5.17 49.51 57.66
CBB CLA PH . -4.51 50.81 58.10
NC CLA PH . -8.39 45.19 57.33
C1C CLA PH . -7.11 45.46 57.54
C2C CLA PH . -6.31 44.25 57.78
C3C CLA PH . -7.21 43.23 57.70
C4C CLA PH . -8.49 43.83 57.41
CMC CLA PH . -4.85 44.17 58.06
CAC CLA PH . -6.99 41.75 57.88
CBC CLA PH . -6.15 41.18 56.77
ND CLA PH . -11.06 45.07 57.03
C1D CLA PH . -10.91 43.71 56.99
C2D CLA PH . -12.18 43.03 56.83
C3D CLA PH . -13.10 44.06 56.78
C4D CLA PH . -12.42 45.27 56.89
CMD CLA PH . -12.60 41.58 56.72
CAD CLA PH . -14.50 44.33 56.65
OBD CLA PH . -15.35 43.56 56.25
CBD CLA PH . -14.70 45.78 56.93
CGD CLA PH . -15.57 46.36 55.88
O1D CLA PH . -15.32 46.17 54.72
O2D CLA PH . -16.63 47.09 56.21
CED CLA PH . -17.87 46.61 55.69
C1 CLA PH . -10.50 49.71 60.61
C2 CLA PH . -10.09 50.90 61.44
C3 CLA PH . -8.82 51.05 61.87
C4 CLA PH . -8.42 52.23 62.70
C5 CLA PH . -7.72 50.08 61.54
C6 CLA PH . -7.13 49.59 62.87
C7 CLA PH . -5.61 49.70 62.90
C8 CLA PH . -5.01 49.07 64.16
C9 CLA PH . -6.03 48.22 64.92
C10 CLA PH . -4.46 50.17 65.05
MG CLA QH . -0.31 53.94 59.18
CHA CLA QH . -2.87 56.22 58.85
CHB CLA QH . -2.32 51.87 61.07
CHC CLA QH . 2.17 51.77 59.29
CHD CLA QH . 1.73 56.07 57.23
NA CLA QH . -2.39 54.02 59.88
C1A CLA QH . -3.26 55.01 59.65
C2A CLA QH . -4.57 54.77 60.35
C3A CLA QH . -4.37 53.40 61.02
C4A CLA QH . -2.96 53.05 60.65
CMA CLA QH . -4.81 53.21 62.46
CAA CLA QH . -5.74 54.72 59.37
CBA CLA QH . -7.03 54.97 60.13
CGA CLA QH . -7.05 56.36 60.73
O1A CLA QH . -7.54 57.28 60.10
O2A CLA QH . -6.52 56.56 61.92
NB CLA QH . -0.11 52.11 60.03
C1B CLA QH . -1.01 51.43 60.80
C2B CLA QH . -0.43 50.20 61.27
C3B CLA QH . 0.84 50.18 60.77
C4B CLA QH . 1.02 51.40 59.98
CMB CLA QH . -1.09 49.16 62.14
CAB CLA QH . 1.85 49.12 60.97
CBB CLA QH . 3.20 49.45 61.55
NC CLA QH . 1.61 53.89 58.32
C1C CLA QH . 2.50 52.94 58.57
C2C CLA QH . 3.83 53.24 58.01
C3C CLA QH . 3.68 54.45 57.40
C4C CLA QH . 2.29 54.85 57.61
CMC CLA QH . 5.06 52.37 58.11
CAC CLA QH . 4.72 55.25 56.66
CBC CLA QH . 5.47 56.12 57.65
ND CLA QH . -0.43 55.67 58.23
C1D CLA QH . 0.41 56.46 57.50
C2D CLA QH . -0.23 57.70 57.09
C3D CLA QH . -1.51 57.60 57.62
C4D CLA QH . -1.62 56.38 58.29
CMD CLA QH . 0.22 58.90 56.31
CAD CLA QH . -2.76 58.30 57.72
OBD CLA QH . -2.96 59.44 57.36
CBD CLA QH . -3.68 57.47 58.55
CGD CLA QH . -3.89 58.17 59.85
O1D CLA QH . -2.96 58.39 60.60
O2D CLA QH . -5.11 58.58 60.20
CED CLA QH . -5.17 59.83 60.91
C1 CLA QH . -7.19 56.01 63.10
C2 CLA QH . -8.68 56.19 63.28
C3 CLA QH . -9.26 55.90 64.44
C4 CLA QH . -10.74 56.10 64.64
C5 CLA QH . -8.49 55.36 65.63
C6 CLA QH . -9.39 54.44 66.45
C7 CLA QH . -8.65 53.87 67.65
MG CLA RH . 14.91 48.88 50.17
CHA CLA RH . 18.17 48.39 51.06
CHB CLA RH . 14.38 50.78 53.00
CHC CLA RH . 11.76 49.19 49.27
CHD CLA RH . 15.56 47.26 47.13
NA CLA RH . 16.15 49.54 51.87
C1A CLA RH . 17.42 49.25 52.04
C2A CLA RH . 18.00 49.89 53.26
C3A CLA RH . 16.78 50.62 53.83
C4A CLA RH . 15.69 50.30 52.87
CMA CLA RH . 16.45 50.51 55.30
CAA CLA RH . 19.01 50.95 52.82
CBA CLA RH . 18.41 51.87 51.76
CGA CLA RH . 19.05 51.67 50.42
O1A CLA RH . 20.05 52.31 50.13
O2A CLA RH . 18.52 50.83 49.56
NB CLA RH . 13.33 49.83 51.02
C1B CLA RH . 13.28 50.56 52.16
C2B CLA RH . 11.95 51.10 52.34
C3B CLA RH . 11.23 50.64 51.30
C4B CLA RH . 12.11 49.84 50.45
CMB CLA RH . 11.44 51.97 53.45
CAB CLA RH . 9.80 50.93 51.05
CBB CLA RH . 8.84 49.84 50.62
NC CLA RH . 13.84 48.34 48.46
C1C CLA RH . 12.54 48.48 48.33
C2C CLA RH . 12.00 47.84 47.11
C3C CLA RH . 13.09 47.29 46.50
C4C CLA RH . 14.24 47.61 47.35
CMC CLA RH . 10.57 47.80 46.65
CAC CLA RH . 13.08 46.52 45.21
CBC CLA RH . 13.51 47.42 44.08
ND CLA RH . 16.43 48.08 49.21
C1D CLA RH . 16.60 47.34 48.08
C2D CLA RH . 17.89 46.69 48.02
C3D CLA RH . 18.50 47.10 49.19
C4D CLA RH . 17.62 47.92 49.89
CMD CLA RH . 18.56 45.78 47.02
CAD CLA RH . 19.71 46.99 49.95
OBD CLA RH . 20.64 46.24 49.71
CBD CLA RH . 19.59 47.92 51.11
CGD CLA RH . 19.87 47.20 52.40
O1D CLA RH . 19.33 46.13 52.64
O2D CLA RH . 20.70 47.73 53.29
CED CLA RH . 21.87 46.97 53.55
C1 CLA RH . 17.90 51.30 48.34
C2 CLA RH . 16.40 51.42 48.23
C3 CLA RH . 15.80 51.24 47.05
C4 CLA RH . 16.58 50.95 45.80
C5 CLA RH . 14.30 51.34 46.90
C6 CLA RH . 13.92 51.67 45.46
C7 CLA RH . 12.85 52.75 45.41
C8 CLA RH . 11.71 52.46 46.38
C9 CLA RH . 10.45 52.05 45.64
C10 CLA RH . 11.45 53.68 47.24
MG CHL SH . -2.65 49.20 42.09
CHA CHL SH . -4.66 51.29 40.49
CHB CHL SH . -4.80 46.58 41.21
CHC CHL SH . -0.70 47.19 43.58
CHD CHL SH . -0.54 51.98 42.90
NA CHL SH . -4.40 48.98 41.04
C1A CHL SH . -5.03 49.99 40.39
C2A CHL SH . -6.24 49.48 39.60
C3A CHL SH . -6.38 48.07 40.04
C4A CHL SH . -5.12 47.83 40.83
CMA CHL SH . -7.72 47.57 40.56
CAA CHL SH . -6.13 49.64 38.07
CBA CHL SH . -4.77 49.38 37.42
CGA CHL SH . -4.00 48.19 37.90
O1A CHL SH . -3.07 48.25 38.66
O2A CHL SH . -4.49 47.06 37.41
NB CHL SH . -2.79 47.19 42.36
C1B CHL SH . -3.68 46.27 41.93
C2B CHL SH . -3.26 44.98 42.36
C3B CHL SH . -2.08 45.14 43.06
C4B CHL SH . -1.78 46.55 43.04
CMB CHL SH . -3.98 43.71 42.04
CAB CHL SH . -1.28 44.09 43.70
CBB CHL SH . -1.49 42.59 43.77
NC CHL SH . -0.91 49.59 43.09
C1C CHL SH . -0.30 48.52 43.63
C2C CHL SH . 0.92 48.99 44.26
C3C CHL SH . 0.98 50.35 44.06
C4C CHL SH . -0.18 50.73 43.32
CMC CHL SH . 1.92 48.17 44.94
OMC CHL SH . 2.95 48.57 45.42
CAC CHL SH . 2.07 51.29 44.51
CBC CHL SH . 3.14 51.48 43.46
ND CHL SH . -2.50 51.21 41.83
C1D CHL SH . -1.69 52.23 42.18
C2D CHL SH . -2.21 53.46 41.70
C3D CHL SH . -3.37 53.15 41.04
C4D CHL SH . -3.54 51.76 41.12
CMD CHL SH . -1.56 54.81 41.88
CAD CHL SH . -4.49 53.66 40.28
OBD CHL SH . -4.73 54.82 39.97
CBD CHL SH . -5.38 52.51 39.92
CGD CHL SH . -6.72 52.67 40.60
O1D CHL SH . -6.88 53.01 41.74
O2D CHL SH . -7.71 52.37 39.77
CED CHL SH . -9.04 52.44 40.33
C1 CHL SH . -4.13 45.70 37.81
C2 CHL SH . -2.66 45.57 37.86
C3 CHL SH . -2.01 44.42 38.01
C4 CHL SH . -2.71 43.09 38.12
C5 CHL SH . -0.51 44.37 38.05
C6 CHL SH . 0.04 43.27 38.95
C7 CHL SH . 1.56 43.17 38.91
C8 CHL SH . 2.11 42.13 37.94
C9 CHL SH . 1.94 42.56 36.48
C10 CHL SH . 3.59 41.94 38.27
C11 CHL SH . 4.40 43.22 38.31
C12 CHL SH . 5.89 42.95 38.52
C13 CHL SH . 6.77 44.20 38.59
C14 CHL SH . 7.94 44.13 37.62
C15 CHL SH . 7.22 44.65 39.98
C16 CHL SH . 8.55 44.07 40.46
C17 CHL SH . 8.51 42.58 40.80
C18 CHL SH . 9.74 42.02 41.50
C19 CHL SH . 9.64 40.51 41.68
C20 CHL SH . 11.03 42.41 40.81
MG CLA TH . 0.07 37.82 44.73
CHA CLA TH . -3.03 37.14 43.41
CHB CLA TH . 0.64 40.19 42.32
CHC CLA TH . 2.91 38.50 46.21
CHD CLA TH . -0.52 35.34 47.18
NA CLA TH . -1.07 38.61 43.02
C1A CLA TH . -2.27 38.20 42.64
C2A CLA TH . -2.75 38.91 41.42
C3A CLA TH . -1.58 39.85 41.09
C4A CLA TH . -0.60 39.56 42.19
CMA CLA TH . -1.07 39.93 39.66
CAA CLA TH . -3.94 39.79 41.79
CBA CLA TH . -5.20 39.41 41.01
CGA CLA TH . -4.90 39.45 39.54
O1A CLA TH . -4.36 40.44 39.05
O2A CLA TH . -5.23 38.41 38.80
NB CLA TH . 1.54 39.16 44.33
C1B CLA TH . 1.64 40.02 43.29
C2B CLA TH . 2.90 40.71 43.34
C3B CLA TH . 3.52 40.23 44.45
C4B CLA TH . 2.65 39.24 45.06
CMB CLA TH . 3.38 41.74 42.36
CAB CLA TH . 4.86 40.58 44.99
CBB CLA TH . 6.09 40.30 44.16
NC CLA TH . 0.99 37.10 46.48
C1C CLA TH . 2.20 37.48 46.86
C2C CLA TH . 2.68 36.70 48.02
C3C CLA TH . 1.67 35.85 48.32
C4C CLA TH . 0.63 36.09 47.34
CMC CLA TH . 3.99 36.85 48.74
CAC CLA TH . 1.65 34.82 49.42
CBC CLA TH . 1.08 35.47 50.65
ND CLA TH . -1.37 36.60 45.31
C1D CLA TH . -1.49 35.58 46.19
C2D CLA TH . -2.66 34.77 45.94
C3D CLA TH . -3.25 35.40 44.86
C4D CLA TH . -2.48 36.48 44.49
CMD CLA TH . -3.24 33.54 46.57
CAD CLA TH . -4.39 35.31 44.00
OBD CLA TH . -4.92 34.27 43.71
CBD CLA TH . -4.38 36.53 43.14
CGD CLA TH . -4.46 36.06 41.73
O1D CLA TH . -3.48 35.54 41.21
O2D CLA TH . -5.58 36.20 41.03
CED CLA TH . -5.78 35.24 40.01
C1 CLA TH . -4.25 37.70 38.00
C2 CLA TH . -4.14 37.90 36.51
C3 CLA TH . -4.27 36.82 35.70
C4 CLA TH . -4.17 36.95 34.22
C5 CLA TH . -4.54 35.43 36.22
C6 CLA TH . -3.23 34.70 36.47
C7 CLA TH . -3.15 33.45 35.61
C8 CLA TH . -2.71 32.25 36.43
C9 CLA TH . -3.61 32.09 37.66
C10 CLA TH . -1.26 32.41 36.84
MG CLA UH . 3.75 35.38 63.33
CHA CLA UH . 5.99 33.43 65.08
CHB CLA UH . 3.58 33.00 60.84
CHC CLA UH . 1.53 37.24 61.79
CHD CLA UH . 3.90 37.78 65.89
NA CLA UH . 4.67 33.42 62.97
C1A CLA UH . 5.55 32.83 63.77
C2A CLA UH . 6.02 31.52 63.21
C3A CLA UH . 5.28 31.44 61.88
C4A CLA UH . 4.44 32.67 61.89
CMA CLA UH . 6.13 31.23 60.64
CAA CLA UH . 5.45 30.42 64.08
CBA CLA UH . 4.11 30.88 64.61
CGA CLA UH . 3.42 29.76 65.27
O1A CLA UH . 4.03 29.04 66.04
O2A CLA UH . 2.15 29.61 65.00
NB CLA UH . 2.71 35.14 61.59
C1B CLA UH . 2.76 34.13 60.69
C2B CLA UH . 1.87 34.40 59.59
C3B CLA UH . 1.30 35.60 59.88
C4B CLA UH . 1.84 36.05 61.15
CMB CLA UH . 1.65 33.51 58.40
CAB CLA UH . 0.31 36.38 59.11
CBB CLA UH . -0.86 35.71 58.42
NC CLA UH . 2.82 37.19 63.79
C1C CLA UH . 1.95 37.78 63.01
C2C CLA UH . 1.46 39.07 63.55
C3C CLA UH . 2.13 39.21 64.73
C4C CLA UH . 2.98 38.04 64.87
CMC CLA UH . 0.46 39.97 62.87
CAC CLA UH . 2.01 40.35 65.72
CBC CLA UH . 2.47 41.65 65.13
ND CLA UH . 4.62 35.61 65.07
C1D CLA UH . 4.68 36.61 66.00
C2D CLA UH . 5.64 36.30 67.05
C3D CLA UH . 6.14 35.05 66.68
C4D CLA UH . 5.53 34.66 65.49
CMD CLA UH . 6.12 37.00 68.28
CAD CLA UH . 7.06 34.03 67.09
OBD CLA UH . 7.69 34.01 68.12
CBD CLA UH . 6.92 32.89 66.14
CGD CLA UH . 8.28 32.55 65.60
O1D CLA UH . 8.51 31.47 65.10
O2D CLA UH . 9.25 33.45 65.68
CED CLA UH . 9.84 33.85 64.44
C1 CLA UH . 1.18 29.79 66.07
C2 CLA UH . 1.22 28.86 67.26
C3 CLA UH . 0.29 28.93 68.22
C4 CLA UH . 0.33 28.02 69.40
C5 CLA UH . -0.84 29.93 68.16
MG CHL VH . 0.95 60.81 52.31
CHA CHL VH . -2.07 59.87 53.45
CHB CHL VH . -0.20 64.07 52.11
CHC CHL VH . 3.87 61.69 51.30
CHD CHL VH . 1.99 57.41 52.59
NA CHL VH . -0.81 61.77 52.68
C1A CHL VH . -1.93 61.21 53.23
C2A CHL VH . -2.99 62.25 53.57
C3A CHL VH . -2.47 63.50 52.94
C4A CHL VH . -1.06 63.12 52.54
CMA CHL VH . -3.34 64.27 51.97
CAA CHL VH . -3.14 62.39 55.09
CBA CHL VH . -4.57 62.52 55.58
CGA CHL VH . -4.67 62.86 57.04
O1A CHL VH . -5.56 63.47 57.55
O2A CHL VH . -3.62 62.40 57.70
NB CHL VH . 1.69 62.63 51.78
C1B CHL VH . 1.11 63.84 51.72
C2B CHL VH . 2.05 64.78 51.25
C3B CHL VH . 3.24 64.15 51.01
C4B CHL VH . 3.00 62.75 51.35
CMB CHL VH . 1.76 66.25 51.04
CAB CHL VH . 4.46 64.78 50.52
CBB CHL VH . 5.79 64.14 50.23
NC CHL VH . 2.63 59.67 51.99
C1C CHL VH . 3.74 60.33 51.58
C2C CHL VH . 4.82 59.36 51.47
C3C CHL VH . 4.27 58.14 51.83
C4C CHL VH . 2.90 58.34 52.16
CMC CHL VH . 6.18 59.61 51.07
OMC CHL VH . 7.07 58.78 51.01
CAC CHL VH . 4.99 56.81 51.89
CBC CHL VH . 5.69 56.59 53.21
ND CHL VH . 0.22 58.98 52.83
C1D CHL VH . 0.69 57.70 52.92
C2D CHL VH . -0.34 56.84 53.37
C3D CHL VH . -1.44 57.63 53.58
C4D CHL VH . -1.08 58.94 53.26
CMD CHL VH . -0.20 55.36 53.57
CAD CHL VH . -2.81 57.67 54.05
OBD CHL VH . -3.52 56.74 54.42
CBD CHL VH . -3.29 59.09 54.00
CGD CHL VH . -4.51 59.19 53.10
O1D CHL VH . -5.61 58.82 53.40
O2D CHL VH . -4.19 59.72 51.93
CED CHL VH . -5.29 59.88 50.99
C1 CHL VH . -3.40 62.65 59.11
C2 CHL VH . -2.46 61.63 59.62
C3 CHL VH . -1.17 61.60 59.28
C4 CHL VH . -0.54 62.60 58.36
C5 CHL VH . -0.25 60.54 59.82
MG CLA WH . 18.89 57.09 54.25
CHA CLA WH . 19.47 56.72 50.85
CHB CLA WH . 21.68 59.07 54.55
CHC CLA WH . 18.12 57.52 57.40
CHD CLA WH . 16.03 55.04 53.90
NA CLA WH . 20.43 57.84 52.85
C1A CLA WH . 20.51 57.58 51.55
C2A CLA WH . 21.71 58.23 50.91
C3A CLA WH . 22.38 58.94 52.10
C4A CLA WH . 21.46 58.62 53.24
CMA CLA WH . 23.89 58.82 52.29
CAA CLA WH . 21.33 59.32 49.91
CBA CLA WH . 19.89 59.84 50.01
CGA CLA WH . 19.59 60.58 51.29
O1A CLA WH . 20.32 61.49 51.66
O2A CLA WH . 18.52 60.22 51.96
NB CLA WH . 19.76 58.15 55.75
C1B CLA WH . 20.92 58.86 55.71
C2B CLA WH . 21.22 59.37 57.01
C3B CLA WH . 20.23 58.92 57.83
C4B CLA WH . 19.29 58.15 57.00
CMB CLA WH . 22.42 60.20 57.38
CAB CLA WH . 20.12 59.22 59.28
CBB CLA WH . 19.39 58.36 60.28
NC CLA WH . 17.31 56.41 55.45
C1C CLA WH . 17.20 56.69 56.74
C2C CLA WH . 16.03 56.03 57.37
C3C CLA WH . 15.45 55.34 56.35
C4C CLA WH . 16.26 55.57 55.16
CMC CLA WH . 15.58 56.13 58.80
CAC CLA WH . 14.22 54.48 56.45
CBC CLA WH . 13.04 55.22 55.86
ND CLA WH . 17.92 56.11 52.82
C1D CLA WH . 16.81 55.32 52.75
C2D CLA WH . 16.57 54.81 51.41
C3D CLA WH . 17.62 55.36 50.68
C4D CLA WH . 18.42 56.13 51.53
CMD CLA WH . 15.54 53.92 50.78
CAD CLA WH . 18.17 55.42 49.35
OBD CLA WH . 17.90 54.67 48.43
CBD CLA WH . 19.32 56.38 49.38
CGD CLA WH . 20.54 55.73 48.81
O1D CLA WH . 21.19 54.96 49.50
O2D CLA WH . 20.91 55.96 47.57
CED CLA WH . 20.85 54.85 46.69
C1 CLA WH . 17.92 61.09 52.98
C2 CLA WH . 18.59 61.31 54.31
C3 CLA WH . 17.85 61.42 55.42
MG CLA XH . 8.22 27.39 50.89
CHA CLA XH . 5.52 26.52 52.84
CHB CLA XH . 9.54 24.23 51.23
CHC CLA XH . 10.70 28.29 48.91
CHD CLA XH . 6.86 30.62 50.54
NA CLA XH . 7.61 25.54 51.93
C1A CLA XH . 6.52 25.40 52.66
C2A CLA XH . 6.41 24.04 53.27
C3A CLA XH . 7.69 23.35 52.76
C4A CLA XH . 8.33 24.41 51.92
CMA CLA XH . 8.56 22.56 53.73
CAA CLA XH . 5.14 23.34 52.78
CBA CLA XH . 5.41 22.10 51.95
CGA CLA XH . 5.12 22.45 50.50
O1A CLA XH . 4.73 23.56 50.24
O2A CLA XH . 5.33 21.53 49.57
NB CLA XH . 9.86 26.41 50.18
C1B CLA XH . 10.25 25.13 50.43
C2B CLA XH . 11.49 24.85 49.76
C3B CLA XH . 11.81 26.02 49.11
C4B CLA XH . 10.76 26.98 49.38
CMB CLA XH . 12.22 23.54 49.81
CAB CLA XH . 12.97 26.36 48.24
CBB CLA XH . 14.01 25.36 47.80
NC CLA XH . 8.66 29.14 49.83
C1C CLA XH . 9.77 29.32 49.13
C2C CLA XH . 9.92 30.72 48.66
C3C CLA XH . 8.80 31.34 49.10
C4C CLA XH . 8.03 30.36 49.84
CMC CLA XH . 11.05 31.29 47.84
CAC CLA XH . 8.43 32.78 48.92
CBC CLA XH . 8.99 33.57 50.08
ND CLA XH . 6.65 28.40 51.47
C1D CLA XH . 6.17 29.66 51.31
C2D CLA XH . 4.92 29.88 52.04
C3D CLA XH . 4.69 28.64 52.62
C4D CLA XH . 5.71 27.78 52.28
CMD CLA XH . 4.00 31.04 52.22
CAD CLA XH . 3.76 27.96 53.47
OBD CLA XH . 3.03 28.50 54.29
CBD CLA XH . 4.22 26.54 53.60
CGD CLA XH . 4.49 26.25 55.04
O1D CLA XH . 5.53 26.60 55.56
O2D CLA XH . 3.58 25.64 55.78
CED CLA XH . 3.34 26.21 57.06
C1 CLA XH . 6.68 21.29 49.08
C2 CLA XH . 7.45 22.37 48.36
C3 CLA XH . 8.70 22.14 47.94
C4 CLA XH . 9.39 20.84 48.16
C5 CLA XH . 9.49 23.21 47.21
C6 CLA XH . 8.51 24.17 46.54
C7 CLA XH . 8.69 25.57 47.07
C8 CLA XH . 7.62 26.50 46.51
C9 CLA XH . 8.21 27.85 46.11
C10 CLA XH . 6.52 26.66 47.55
C11 CLA XH . 5.61 27.84 47.21
C12 CLA XH . 4.17 27.54 47.60
C13 CLA XH . 3.97 27.68 49.10
C14 CLA XH . 3.50 26.37 49.70
C15 CLA XH . 2.99 28.80 49.43
C16 CLA XH . 2.23 29.30 48.21
C17 CLA XH . 0.79 28.82 48.23
C18 CLA XH . -0.16 29.98 48.00
C19 CLA XH . -1.59 29.50 47.83
C20 CLA XH . -0.04 30.99 49.14
MG CHL YH . -13.50 35.59 56.13
CHA CHL YH . -11.17 37.96 55.73
CHB CHL YH . -11.55 34.13 58.54
CHC CHL YH . -15.75 33.28 56.44
CHD CHL YH . -15.43 37.19 53.60
NA CHL YH . -11.71 36.02 57.00
C1A CHL YH . -10.89 37.06 56.71
C2A CHL YH . -9.64 37.06 57.57
C3A CHL YH . -9.77 35.82 58.39
C4A CHL YH . -11.11 35.26 57.97
CMA CHL YH . -8.59 34.87 58.52
CAA CHL YH . -9.50 38.32 58.43
CBA CHL YH . -10.68 38.60 59.36
CGA CHL YH . -10.46 39.82 60.21
O1A CHL YH . -9.40 40.39 60.32
O2A CHL YH . -11.55 40.19 60.84
NB CHL YH . -13.61 33.95 57.32
C1B CHL YH . -12.74 33.51 58.24
C2B CHL YH . -13.26 32.33 58.82
C3B CHL YH . -14.44 32.04 58.24
C4B CHL YH . -14.68 33.09 57.27
CMB CHL YH . -12.62 31.54 59.91
CAB CHL YH . -15.24 30.86 58.56
CBB CHL YH . -16.54 30.43 57.95
NC CHL YH . -15.28 35.32 55.15
C1C CHL YH . -16.04 34.25 55.49
C2C CHL YH . -17.24 34.30 54.70
C3C CHL YH . -17.16 35.40 53.93
C4C CHL YH . -15.92 36.07 54.19
CMC CHL YH . -18.37 33.40 54.64
OMC CHL YH . -18.51 32.40 55.30
CAC CHL YH . -18.20 35.87 52.96
CBC CHL YH . -19.11 36.91 53.54
ND CHL YH . -13.45 37.21 54.91
C1D CHL YH . -14.22 37.75 53.93
C2D CHL YH . -13.58 38.90 53.38
C3D CHL YH . -12.39 39.01 54.04
C4D CHL YH . -12.33 37.98 54.98
CMD CHL YH . -14.14 39.76 52.30
CAD CHL YH . -11.16 39.76 54.15
OBD CHL YH . -10.81 40.72 53.49
CBD CHL YH . -10.32 39.13 55.22
CGD CHL YH . -9.03 38.62 54.58
O1D CHL YH . -8.91 37.55 54.06
O2D CHL YH . -8.07 39.51 54.68
CED CHL YH . -6.83 39.16 54.04
C1 CHL YH . -11.59 41.31 61.76
MG CLA ZH . -6.26 32.48 48.62
CHA CLA ZH . -7.25 35.02 46.48
CHB CLA ZH . -8.78 30.45 47.45
CHC CLA ZH . -5.16 30.15 50.65
CHD CLA ZH . -3.69 34.64 49.83
NA CLA ZH . -7.86 32.70 47.11
C1A CLA ZH . -8.10 33.78 46.38
C2A CLA ZH . -9.27 33.61 45.46
C3A CLA ZH . -9.73 32.17 45.79
C4A CLA ZH . -8.75 31.73 46.83
CMA CLA ZH . -11.21 31.86 45.98
CAA CLA ZH . -8.81 33.77 44.03
CBA CLA ZH . -8.79 32.44 43.28
CGA CLA ZH . -7.58 32.42 42.37
O1A CLA ZH . -6.69 33.23 42.55
O2A CLA ZH . -7.51 31.51 41.41
NB CLA ZH . -6.88 30.58 48.99
C1B CLA ZH . -7.93 29.91 48.44
C2B CLA ZH . -8.02 28.60 49.04
C3B CLA ZH . -7.01 28.53 49.94
C4B CLA ZH . -6.28 29.80 49.90
CMB CLA ZH . -9.03 27.53 48.75
CAB CLA ZH . -6.65 27.40 50.82
CBB CLA ZH . -7.20 26.03 50.51
NC CLA ZH . -4.67 32.41 50.01
C1C CLA ZH . -4.41 31.34 50.74
C2C CLA ZH . -3.26 31.55 51.65
C3C CLA ZH . -2.86 32.82 51.40
C4C CLA ZH . -3.74 33.36 50.38
CMC CLA ZH . -2.69 30.56 52.63
CAC CLA ZH . -1.71 33.55 52.05
CBC CLA ZH . -2.05 33.80 53.50
ND CLA ZH . -5.58 34.32 48.34
C1D CLA ZH . -4.55 35.09 48.81
C2D CLA ZH . -4.50 36.40 48.16
C3D CLA ZH . -5.55 36.35 47.25
C4D CLA ZH . -6.18 35.11 47.37
CMD CLA ZH . -3.61 37.60 48.28
CAD CLA ZH . -6.22 37.13 46.24
OBD CLA ZH . -5.82 38.19 45.79
CBD CLA ZH . -7.35 36.31 45.70
CGD CLA ZH . -8.64 36.98 46.00
O1D CLA ZH . -8.88 37.41 47.12
O2D CLA ZH . -9.55 37.13 45.04
CED CLA ZH . -9.71 38.45 44.53
C1 CLA ZH . -6.30 30.68 41.33
C2 CLA ZH . -4.96 31.27 41.70
C3 CLA ZH . -3.85 30.53 41.62
C4 CLA ZH . -2.52 31.10 41.98
C5 CLA ZH . -3.86 29.09 41.17
MG CLA AI . 0.98 28.91 60.25
CHA CLA AI . -0.75 27.90 63.04
CHB CLA AI . -1.92 30.12 58.85
CHC CLA AI . 2.76 29.98 57.71
CHD CLA AI . 3.94 27.67 61.73
NA CLA AI . -1.14 29.02 60.87
C1A CLA AI . -1.63 28.55 62.00
C2A CLA AI . -3.11 28.71 62.07
C3A CLA AI . -3.44 29.41 60.75
C4A CLA AI . -2.11 29.54 60.10
CMA CLA AI . -4.60 28.88 59.91
CAA CLA AI . -3.54 29.59 63.23
CBA CLA AI . -4.65 28.87 63.96
CGA CLA AI . -5.61 29.88 64.56
O1A CLA AI . -5.62 31.02 64.12
O2A CLA AI . -6.42 29.48 65.52
NB CLA AI . 0.50 29.91 58.56
C1B CLA AI . -0.73 30.31 58.13
C2B CLA AI . -0.63 30.93 56.85
C3B CLA AI . 0.69 30.88 56.53
C4B CLA AI . 1.39 30.22 57.62
CMB CLA AI . -1.77 31.50 56.06
CAB CLA AI . 1.37 31.39 55.31
CBB CLA AI . 1.06 32.75 54.75
NC CLA AI . 3.03 28.89 59.82
C1C CLA AI . 3.52 29.29 58.67
C2C CLA AI . 4.93 28.94 58.49
C3C CLA AI . 5.27 28.29 59.64
C4C CLA AI . 4.07 28.27 60.47
CMC CLA AI . 5.79 29.25 57.29
CAC CLA AI . 6.61 27.71 59.98
CBC CLA AI . 6.75 26.39 59.26
ND CLA AI . 1.56 28.03 61.92
C1D CLA AI . 2.73 27.55 62.43
C2D CLA AI . 2.53 26.91 63.71
C3D CLA AI . 1.17 27.05 63.94
C4D CLA AI . 0.60 27.73 62.86
CMD CLA AI . 3.42 26.22 64.71
CAD CLA AI . 0.14 26.75 64.91
OBD CLA AI . 0.20 25.89 65.75
CBD CLA AI . -1.14 27.33 64.37
CGD CLA AI . -2.10 26.21 64.16
O1D CLA AI . -1.88 25.35 63.33
O2D CLA AI . -3.23 26.16 64.85
CED CLA AI . -3.21 25.25 65.95
C1 CLA AI . -7.75 28.97 65.20
MG CLA BI . 5.91 33.16 72.36
CHA CLA BI . 7.34 30.16 73.28
CHB CLA BI . 4.74 31.75 69.43
CHC CLA BI . 4.47 36.03 71.65
CHD CLA BI . 7.12 34.58 75.36
NA CLA BI . 6.01 31.15 71.43
C1A CLA BI . 6.63 30.10 71.94
C2A CLA BI . 6.56 28.90 71.03
C3A CLA BI . 5.73 29.43 69.85
C4A CLA BI . 5.46 30.85 70.23
CMA CLA BI . 6.18 29.12 68.43
CAA CLA BI . 5.80 27.75 71.69
CBA CLA BI . 4.68 28.26 72.59
NB CLA BI . 4.77 33.79 70.79
C1B CLA BI . 4.42 33.10 69.67
C2B CLA BI . 3.66 33.95 68.79
C3B CLA BI . 3.60 35.16 69.44
C4B CLA BI . 4.31 35.03 70.70
CMB CLA BI . 3.08 33.57 67.47
CAB CLA BI . 2.95 36.43 69.02
CBB CLA BI . 1.59 36.46 68.39
NC CLA BI . 5.73 34.98 73.39
C1C CLA BI . 5.18 36.06 72.87
C2C CLA BI . 5.37 37.27 73.70
C3C CLA BI . 6.10 36.82 74.77
C4C CLA BI . 6.31 35.40 74.57
CMC CLA BI . 4.87 38.66 73.42
CAC CLA BI . 6.57 37.66 75.93
CBC CLA BI . 5.74 37.36 77.15
ND CLA BI . 6.94 32.62 73.95
C1D CLA BI . 7.38 33.22 75.09
C2D CLA BI . 8.14 32.30 75.92
C3D CLA BI . 8.11 31.12 75.20
C4D CLA BI . 7.40 31.33 74.02
CMD CLA BI . 8.84 32.39 77.24
CAD CLA BI . 8.58 29.76 75.25
OBD CLA BI . 9.56 29.40 75.89
CBD CLA BI . 8.07 29.07 74.03
CGD CLA BI . 9.28 28.62 73.27
O1D CLA BI . 10.14 29.41 72.93
O2D CLA BI . 9.42 27.33 72.99
CED CLA BI . 10.43 26.66 73.75
MG CLA CI . -10.18 24.74 45.76
CHA CLA CI . -11.13 21.52 46.54
CHB CLA CI . -7.11 24.22 47.18
CHC CLA CI . -9.33 27.75 44.76
CHD CLA CI . -13.36 25.24 44.32
NA CLA CI . -9.20 23.04 46.77
C1A CLA CI . -9.74 21.85 47.01
C2A CLA CI . -8.82 20.95 47.78
C3A CLA CI . -7.58 21.81 47.96
C4A CLA CI . -7.95 23.10 47.28
CMA CLA CI . -6.89 21.87 49.32
CAA CLA CI . -8.48 19.71 46.97
CBA CLA CI . -8.59 18.44 47.81
CGA CLA CI . -7.77 18.57 49.07
O1A CLA CI . -8.03 19.44 49.87
O2A CLA CI . -6.78 17.71 49.28
NB CLA CI . -8.46 25.82 45.92
C1B CLA CI . -7.32 25.47 46.58
C2B CLA CI . -6.38 26.55 46.53
C3B CLA CI . -7.01 27.54 45.84
C4B CLA CI . -8.34 27.06 45.46
CMB CLA CI . -4.99 26.58 47.10
CAB CLA CI . -6.48 28.88 45.52
CBB CLA CI . -7.16 29.71 44.47
NC CLA CI . -11.19 26.23 44.68
C1C CLA CI . -10.65 27.42 44.41
C2C CLA CI . -11.60 28.32 43.71
C3C CLA CI . -12.74 27.58 43.58
C4C CLA CI . -12.47 26.29 44.18
CMC CLA CI . -11.36 29.73 43.25
CAC CLA CI . -14.04 28.00 42.95
CBC CLA CI . -14.33 27.10 41.78
ND CLA CI . -11.86 23.74 45.46
C1D CLA CI . -13.06 23.98 44.87
C2D CLA CI . -13.95 22.83 44.91
C3D CLA CI . -13.18 21.87 45.56
C4D CLA CI . -11.95 22.43 45.89
CMD CLA CI . -15.35 22.55 44.44
CAD CLA CI . -13.21 20.51 46.03
OBD CLA CI . -14.03 19.67 45.70
CBD CLA CI . -11.88 20.23 46.67
CGD CLA CI . -12.10 19.87 48.11
O1D CLA CI . -12.56 18.79 48.42
O2D CLA CI . -11.78 20.74 49.06
CED CLA CI . -10.68 20.38 49.88
C1 CLA CI . -5.65 18.10 50.12
C2 CLA CI . -5.02 19.46 49.99
C3 CLA CI . -3.70 19.63 50.19
C4 CLA CI . -2.82 18.48 50.58
C5 CLA CI . -3.04 20.97 50.06
C6 CLA CI . -2.65 21.20 48.61
C7 CLA CI . -3.74 21.95 47.86
C8 CLA CI . -3.31 22.28 46.43
C9 CLA CI . -1.97 23.02 46.43
C10 CLA CI . -4.40 23.10 45.75
C11 CLA CI . -4.35 22.95 44.24
C12 CLA CI . -5.70 23.27 43.60
C13 CLA CI . -5.74 24.71 43.10
C14 CLA CI . -7.01 24.96 42.30
C15 CLA CI . -4.49 24.99 42.27
O1 LHG DI . 0.72 65.56 47.32
C1 LHG DI . 0.79 64.16 47.66
C2 LHG DI . -0.43 63.44 47.10
O2 LHG DI . -1.54 64.33 47.07
C3 LHG DI . -0.78 62.25 47.99
O3 LHG DI . -0.08 61.09 47.56
P LHG DI . 1.01 60.42 48.54
O4 LHG DI . 2.02 61.48 48.88
O5 LHG DI . 0.25 59.72 49.65
O6 LHG DI . 1.75 59.30 47.65
C4 LHG DI . 3.06 58.87 48.02
C5 LHG DI . 3.28 57.39 47.72
C6 LHG DI . 2.01 56.76 47.14
O7 LHG DI . 4.33 57.26 46.77
C7 LHG DI . 5.18 56.27 47.08
O8 LHG DI . 1.59 55.66 47.96
C23 LHG DI . 2.17 54.47 47.83
C1 LMG EI . -13.35 32.30 36.46
O1 LMG EI . -12.21 31.63 35.92
C2 LMG EI . -13.61 33.58 35.66
O2 LMG EI . -12.55 34.50 35.92
C3 LMG EI . -14.92 34.25 36.08
O3 LMG EI . -15.24 35.29 35.17
C4 LMG EI . -16.05 33.23 36.11
O4 LMG EI . -16.28 32.76 34.77
C5 LMG EI . -15.64 32.06 36.99
O5 LMG EI . -16.34 29.99 37.99
C6 LMG EI . -16.77 31.05 37.13
O6 LMG EI . -14.49 31.45 36.41
C7 LMG EI . -12.56 30.52 35.09
C8 LMG EI . -11.58 29.38 35.32
C9 LMG EI . -10.25 29.95 35.81
O7 LMG EI . -12.07 28.50 36.32
C10 LMG EI . -12.56 27.36 35.82
O9 LMG EI . -13.74 27.29 35.52
C11 LMG EI . -11.64 26.17 35.63
C12 LMG EI . -11.96 25.06 36.62
C13 LMG EI . -10.71 24.61 37.36
C14 LMG EI . -10.00 23.45 36.65
C15 LMG EI . -8.65 23.17 37.28
O8 LMG EI . -9.32 28.88 35.99
C28 LMG EI . -8.13 29.15 36.53
O10 LMG EI . -8.02 30.09 37.29
C29 LMG EI . -6.92 28.29 36.22
C30 LMG EI . -6.52 27.50 37.46
C31 LMG EI . -5.18 26.80 37.23
C32 LMG EI . -5.33 25.67 36.21
C1A DGD FI . 21.07 31.45 51.31
C2A DGD FI . 21.21 31.34 49.81
C3A DGD FI . 19.93 31.88 49.17
C4A DGD FI . 18.73 31.06 49.64
C5A DGD FI . 17.40 31.67 49.22
C6A DGD FI . 17.20 31.55 47.72
C7A DGD FI . 15.74 31.79 47.36
C8A DGD FI . 15.49 31.49 45.89
C9A DGD FI . 14.03 31.70 45.57
CAA DGD FI . 13.58 31.48 44.32
O1A DGD FI . 21.37 30.52 52.05
C1B DGD FI . 17.20 34.75 52.12
C2B DGD FI . 15.70 34.83 51.95
C3B DGD FI . 15.38 34.87 50.46
C4B DGD FI . 13.95 35.29 50.17
C5B DGD FI . 13.60 35.05 48.70
C6B DGD FI . 12.28 35.69 48.31
C7B DGD FI . 11.88 35.30 46.87
C8B DGD FI . 12.80 35.93 45.85
C9B DGD FI . 12.58 35.29 44.49
CAB DGD FI . 13.33 35.65 43.45
CBB DGD FI . 13.12 35.01 42.10
O1B DGD FI . 17.94 35.03 51.19
O1G DGD FI . 20.57 32.68 51.90
C1G DGD FI . 19.37 32.69 52.66
C2G DGD FI . 19.15 34.11 53.16
O2G DGD FI . 17.75 34.37 53.29
C3G DGD FI . 19.86 34.24 54.50
O3G DGD FI . 20.99 33.36 54.50
C1D DGD FI . 22.16 33.95 55.06
C2D DGD FI . 21.87 34.23 56.53
O2D DGD FI . 22.87 35.10 57.10
C3D DGD FI . 21.73 32.93 57.32
O3D DGD FI . 20.40 32.43 57.16
C4D DGD FI . 22.70 31.85 56.85
O4D DGD FI . 22.00 30.87 56.09
C5D DGD FI . 23.82 32.43 56.01
O5D DGD FI . 26.10 31.84 55.32
C6D DGD FI . 24.80 31.32 55.61
O6D DGD FI . 23.27 33.06 54.85
C1E DGD FI . 26.58 32.71 56.35
C2E DGD FI . 28.02 33.12 56.06
O2E DGD FI . 28.85 31.97 56.06
C3E DGD FI . 28.49 34.11 57.11
O3E DGD FI . 27.86 35.38 56.91
C4E DGD FI . 28.23 33.59 58.53
O4E DGD FI . 28.35 34.68 59.46
C5E DGD FI . 26.85 32.95 58.68
O6E DGD FI . 26.56 32.05 57.61
C6E DGD FI . 25.75 34.00 58.81
O5E DGD FI . 26.07 34.90 59.88
C6 C7Z GI . -14.00 -51.11 -0.38
C17 C7Z GI . -12.15 -50.10 -1.68
C4 C7Z GI . -12.46 -53.03 0.20
C3 C7Z GI . -11.89 -53.04 -1.22
O3 C7Z GI . -10.68 -52.33 -1.23
C2 C7Z GI . -12.84 -52.41 -2.23
C1 C7Z GI . -13.34 -51.03 -1.76
C5 C7Z GI . -13.90 -52.51 0.22
C18 C7Z GI . -14.39 -52.47 1.68
C16 C7Z GI . -14.32 -50.51 -2.80
O23 C7Z GI . -31.31 -33.61 4.86
C26 C7Z GI . -27.85 -35.41 6.52
C7 C7Z GI . -15.49 -50.72 -0.46
C8 C7Z GI . -15.95 -49.68 0.21
C9 C7Z GI . -17.42 -49.32 0.11
C19 C7Z GI . -17.92 -49.59 -1.31
C10 C7Z GI . -17.65 -47.84 0.46
C11 C7Z GI . -17.77 -47.61 1.97
C12 C7Z GI . -18.67 -46.76 2.47
C13 C7Z GI . -19.62 -45.99 1.54
C20 C7Z GI . -20.57 -46.99 0.89
C14 C7Z GI . -20.42 -44.96 2.34
C15 C7Z GI . -19.53 -43.79 2.82
C35 C7Z GI . -20.05 -42.75 3.49
C34 C7Z GI . -21.56 -42.65 3.81
C33 C7Z GI . -21.84 -41.66 4.96
C40 C7Z GI . -20.56 -40.91 5.31
C32 C7Z GI . -22.91 -40.66 4.56
C31 C7Z GI . -23.34 -39.79 5.45
C30 C7Z GI . -24.43 -38.76 5.08
C29 C7Z GI . -25.00 -38.08 6.34
C39 C7Z GI . -23.85 -37.53 7.18
C28 C7Z GI . -25.93 -36.94 5.97
C27 C7Z GI . -26.88 -36.57 6.84
C21 C7Z GI . -29.23 -35.77 7.12
C36 C7Z GI . -29.13 -35.72 8.62
C37 C7Z GI . -29.60 -37.19 6.70
C22 C7Z GI . -30.34 -34.82 6.68
C23 C7Z GI . -30.36 -34.60 5.17
C24 C7Z GI . -28.99 -34.16 4.64
C25 C7Z GI . -27.90 -35.18 5.02
C38 C7Z GI . -28.21 -36.50 4.31
MG CLA HI . -32.25 -22.58 37.06
CHA CLA HI . -31.69 -20.09 39.39
CHB CLA HI . -29.17 -21.99 35.64
CHC CLA HI . -32.89 -25.01 34.95
CHD CLA HI . -35.44 -23.13 38.55
NA CLA HI . -30.59 -21.18 37.47
C1A CLA HI . -30.55 -20.27 38.43
C2A CLA HI . -29.28 -19.46 38.41
C3A CLA HI . -28.52 -20.08 37.23
C4A CLA HI . -29.45 -21.15 36.74
CMA CLA HI . -27.81 -19.17 36.24
CAA CLA HI . -28.53 -19.69 39.72
CBA CLA HI . -27.04 -19.92 39.46
CGA CLA HI . -26.34 -20.13 40.78
O1A CLA HI . -26.78 -20.94 41.57
O2A CLA HI . -25.26 -19.42 41.04
NB CLA HI . -31.18 -23.39 35.52
C1B CLA HI . -29.95 -23.02 35.07
C2B CLA HI . -29.59 -23.85 33.94
C3B CLA HI . -30.65 -24.70 33.76
C4B CLA HI . -31.66 -24.39 34.77
CMB CLA HI . -28.32 -23.79 33.14
CAB CLA HI . -30.78 -25.74 32.73
CBB CLA HI . -31.97 -26.68 32.77
NC CLA HI . -33.89 -23.86 36.81
C1C CLA HI . -33.95 -24.79 35.86
C2C CLA HI . -35.22 -25.55 35.87
C3C CLA HI . -35.93 -25.00 36.90
C4C CLA HI . -35.10 -23.95 37.48
CMC CLA HI . -35.63 -26.66 34.95
CAC CLA HI . -37.32 -25.40 37.36
CBC CLA HI . -37.22 -26.20 38.63
ND CLA HI . -33.34 -21.88 38.55
C1D CLA HI . -34.59 -22.13 39.08
C2D CLA HI . -34.90 -21.23 40.19
C3D CLA HI . -33.76 -20.45 40.29
C4D CLA HI . -32.85 -20.84 39.33
CMD CLA HI . -36.09 -21.07 41.10
CAD CLA HI . -33.19 -19.37 41.07
OBD CLA HI . -33.76 -18.71 41.93
CBD CLA HI . -31.78 -19.14 40.57
CGD CLA HI . -31.59 -17.73 40.12
O1D CLA HI . -30.53 -17.39 39.63
O2D CLA HI . -32.56 -16.84 40.27
CED CLA HI . -32.88 -16.08 39.11
C1 CLA HI . -24.02 -19.70 40.32
C2 CLA HI . -23.54 -21.12 40.11
C3 CLA HI . -22.23 -21.38 39.96
C4 CLA HI . -21.74 -22.78 39.75
C5 CLA HI . -21.18 -20.30 39.98
C1 LUT II . -23.36 -40.58 41.10
C2 LUT II . -22.02 -41.28 40.99
C3 LUT II . -20.92 -40.28 40.76
C4 LUT II . -21.13 -39.55 39.45
C5 LUT II . -22.58 -39.22 39.19
C6 LUT II . -23.59 -39.79 39.84
C7 LUT II . -24.97 -39.62 39.32
C8 LUT II . -25.44 -40.33 38.30
C9 LUT II . -26.83 -40.11 37.84
C10 LUT II . -27.35 -40.96 36.94
C11 LUT II . -28.71 -40.84 36.44
C12 LUT II . -29.14 -41.88 35.72
C13 LUT II . -30.49 -41.97 35.15
C14 LUT II . -30.85 -43.11 34.56
C15 LUT II . -32.18 -43.27 34.00
C16 LUT II . -23.31 -39.59 42.27
C17 LUT II . -24.47 -41.59 41.31
C18 LUT II . -22.85 -38.20 38.13
C19 LUT II . -27.62 -38.96 38.36
C20 LUT II . -31.42 -40.80 35.25
O3 LUT II . -19.67 -40.97 40.66
C21 LUT II . -41.81 -50.51 30.02
C22 LUT II . -43.31 -50.35 29.87
C23 LUT II . -43.62 -50.26 28.39
C24 LUT II . -43.10 -48.92 27.90
C25 LUT II . -41.63 -48.83 28.19
C26 LUT II . -41.10 -49.41 29.28
C27 LUT II . -39.64 -49.29 29.51
C28 LUT II . -39.23 -48.27 30.24
C29 LUT II . -37.80 -48.10 30.53
C30 LUT II . -37.50 -47.44 31.65
C31 LUT II . -36.13 -47.24 32.08
C32 LUT II . -35.64 -46.02 32.12
C33 LUT II . -34.26 -45.86 32.61
C34 LUT II . -33.88 -44.66 33.04
C35 LUT II . -32.53 -44.47 33.57
C36 LUT II . -41.37 -51.84 29.41
C37 LUT II . -41.43 -50.50 31.50
C38 LUT II . -40.74 -48.06 27.25
C39 LUT II . -36.72 -48.64 29.65
C40 LUT II . -33.32 -47.02 32.66
O23 LUT II . -45.02 -50.37 28.14
C1 XAT JI . -20.26 -48.18 26.87
C2 XAT JI . -19.64 -49.50 27.28
C3 XAT JI . -20.08 -49.90 28.69
C4 XAT JI . -21.55 -50.27 28.65
C5 XAT JI . -22.37 -49.08 28.20
C6 XAT JI . -21.77 -48.11 27.25
C7 XAT JI . -22.66 -47.18 26.48
C8 XAT JI . -22.77 -45.91 26.82
C9 XAT JI . -23.67 -45.04 26.04
C10 XAT JI . -23.65 -43.72 26.23
C11 XAT JI . -24.46 -42.72 25.56
C12 XAT JI . -24.30 -41.45 25.92
C13 XAT JI . -25.00 -40.27 25.46
C14 XAT JI . -24.73 -39.08 26.05
C15 XAT JI . -25.28 -37.86 25.58
C16 XAT JI . -20.12 -47.98 25.37
C17 XAT JI . -19.54 -47.04 27.58
C18 XAT JI . -23.88 -49.05 28.39
C19 XAT JI . -24.61 -45.65 25.05
C20 XAT JI . -26.02 -40.34 24.37
O3 XAT JI . -19.32 -51.03 29.11
O4 XAT JI . -21.83 -47.82 28.67
C21 XAT JI . -27.19 -24.87 25.50
C22 XAT JI . -27.98 -23.62 25.12
C23 XAT JI . -29.20 -23.97 24.30
C24 XAT JI . -30.16 -24.69 25.23
C25 XAT JI . -29.54 -26.02 25.64
C26 XAT JI . -28.07 -26.08 25.82
C27 XAT JI . -27.47 -27.20 26.62
C28 XAT JI . -26.97 -28.26 25.99
C29 XAT JI . -26.21 -29.38 26.56
C30 XAT JI . -26.24 -30.59 25.98
C31 XAT JI . -25.50 -31.72 26.53
C32 XAT JI . -25.72 -32.95 26.06
C33 XAT JI . -25.10 -34.23 26.45
C34 XAT JI . -25.43 -35.39 25.82
C35 XAT JI . -24.94 -36.70 26.17
C36 XAT JI . -26.32 -24.58 26.71
C37 XAT JI . -26.29 -25.25 24.34
C38 XAT JI . -30.35 -27.03 26.39
C39 XAT JI . -25.41 -29.17 27.81
C40 XAT JI . -24.11 -34.26 27.56
O23 XAT JI . -29.82 -22.78 23.83
O24 XAT JI . -28.69 -26.56 24.64
MG CLA KI . -39.58 -44.13 27.89
CHA CLA KI . -42.45 -44.60 26.03
CHB CLA KI . -41.37 -42.49 30.32
CHC CLA KI . -36.79 -43.84 29.59
CHD CLA KI . -37.76 -45.75 25.31
NA CLA KI . -41.70 -43.58 28.16
C1A CLA KI . -42.69 -43.84 27.31
C2A CLA KI . -44.01 -43.30 27.78
C3A CLA KI . -43.63 -42.64 29.11
C4A CLA KI . -42.16 -42.91 29.23
CMA CLA KI . -44.15 -41.24 29.40
CAA CLA KI . -44.97 -44.44 28.04
CBA CLA KI . -44.22 -45.71 28.41
CGA CLA KI . -43.49 -45.51 29.71
O1A CLA KI . -44.00 -44.86 30.60
O2A CLA KI . -42.30 -46.07 29.86
NB CLA KI . -39.14 -43.28 29.69
C1B CLA KI . -39.99 -42.66 30.55
C2B CLA KI . -39.25 -42.21 31.71
C3B CLA KI . -37.96 -42.59 31.48
C4B CLA KI . -37.91 -43.28 30.20
CMB CLA KI . -39.78 -41.46 32.91
CAB CLA KI . -36.78 -42.38 32.35
CBB CLA KI . -36.97 -42.10 33.82
NC CLA KI . -37.60 -44.72 27.51
C1C CLA KI . -36.60 -44.49 28.35
C2C CLA KI . -35.30 -45.01 27.85
C3C CLA KI . -35.60 -45.56 26.63
C4C CLA KI . -37.04 -45.37 26.43
CMC CLA KI . -33.97 -44.93 28.53
CAC CLA KI . -34.65 -46.24 25.68
CBC CLA KI . -34.91 -47.72 25.70
ND CLA KI . -39.90 -44.97 26.13
C1D CLA KI . -39.15 -45.59 25.17
C2D CLA KI . -39.96 -46.05 24.04
C3D CLA KI . -41.23 -45.66 24.39
C4D CLA KI . -41.19 -45.01 25.62
CMD CLA KI . -39.63 -46.76 22.76
CAD CLA KI . -42.61 -45.66 23.93
OBD CLA KI . -42.98 -45.90 22.80
CBD CLA KI . -43.46 -45.09 25.01
CGD CLA KI . -44.25 -43.94 24.48
O1D CLA KI . -43.70 -42.93 24.06
O2D CLA KI . -45.57 -44.03 24.44
CED CLA KI . -46.13 -44.23 23.15
C1 CLA KI . -41.82 -46.47 31.18
C2 CLA KI . -41.55 -45.43 32.24
C3 CLA KI . -40.73 -45.71 33.26
C4 CLA KI . -40.45 -44.69 34.32
C5 CLA KI . -40.05 -47.04 33.43
C6 CLA KI . -40.01 -47.40 34.91
C7 CLA KI . -39.24 -48.70 35.13
C8 CLA KI . -37.74 -48.49 35.03
C9 CLA KI . -37.41 -47.09 34.51
C10 CLA KI . -37.14 -49.55 34.11
C11 CLA KI . -36.05 -50.34 34.84
C12 CLA KI . -34.67 -49.80 34.49
C13 CLA KI . -33.60 -50.87 34.66
C14 CLA KI . -33.81 -51.64 35.96
C15 CLA KI . -32.21 -50.23 34.62
MG CLA LI . -35.43 -41.07 38.70
CHA CLA LI . -38.67 -39.86 38.97
CHB CLA LI . -36.59 -43.93 37.19
CHC CLA LI . -32.30 -42.01 38.39
CHD CLA LI . -34.31 -38.08 40.27
NA CLA LI . -37.42 -41.83 38.13
C1A CLA LI . -38.59 -41.22 38.31
C2A CLA LI . -39.75 -42.03 37.86
C3A CLA LI . -39.08 -43.29 37.30
C4A CLA LI . -37.62 -43.03 37.54
CMA CLA LI . -39.65 -44.66 37.63
CAA CLA LI . -40.51 -41.27 36.78
CBA CLA LI . -41.63 -42.12 36.20
CGA CLA LI . -42.60 -42.47 37.31
O1A CLA LI . -42.97 -41.59 38.07
O2A CLA LI . -43.01 -43.71 37.42
NB CLA LI . -34.58 -42.73 37.90
C1B CLA LI . -35.19 -43.81 37.35
C2B CLA LI . -34.20 -44.78 36.97
C3B CLA LI . -33.00 -44.23 37.32
C4B CLA LI . -33.25 -42.91 37.91
CMB CLA LI . -34.43 -46.12 36.32
CAB CLA LI . -31.65 -44.81 37.14
CBB CLA LI . -30.44 -44.01 37.56
NC CLA LI . -33.61 -40.18 39.24
C1C CLA LI . -32.44 -40.77 39.07
C2C CLA LI . -31.32 -40.00 39.67
C3C CLA LI . -31.92 -38.90 40.20
C4C CLA LI . -33.34 -39.02 39.93
CMC CLA LI . -29.86 -40.37 39.66
CAC CLA LI . -31.26 -37.77 40.95
CBC CLA LI . -30.97 -38.22 42.35
ND CLA LI . -36.18 -39.37 39.39
C1D CLA LI . -35.68 -38.28 40.05
C2D CLA LI . -36.73 -37.40 40.53
C3D CLA LI . -37.89 -38.03 40.09
C4D CLA LI . -37.54 -39.19 39.42
CMD CLA LI . -36.70 -36.12 41.31
CAD CLA LI . -39.34 -37.91 40.07
OBD CLA LI . -40.00 -36.94 40.43
CBD CLA LI . -39.90 -39.06 39.30
CGD CLA LI . -40.76 -39.84 40.24
O1D CLA LI . -41.95 -39.59 40.34
O2D CLA LI . -40.22 -40.79 40.98
CED CLA LI . -40.66 -42.12 40.70
C1 CLA LI . -44.37 -44.02 37.89
C2 CLA LI . -44.87 -43.54 39.23
C3 CLA LI . -45.68 -44.32 39.95
C4 CLA LI . -46.11 -45.67 39.47
C5 CLA LI . -46.22 -43.89 41.30
MG CLA MI . -19.28 -34.79 39.21
CHA CLA MI . -16.45 -35.41 41.14
CHB CLA MI . -21.28 -36.07 41.67
CHC CLA MI . -21.87 -34.04 37.31
CHD CLA MI . -17.13 -33.52 36.68
NA CLA MI . -18.92 -35.65 41.21
C1A CLA MI . -17.74 -35.84 41.80
C2A CLA MI . -17.87 -36.50 43.15
C3A CLA MI . -19.39 -36.69 43.28
C4A CLA MI . -19.91 -36.11 42.00
CMA CLA MI . -19.97 -38.01 43.77
CAA CLA MI . -17.34 -35.58 44.24
CBA CLA MI . -18.11 -34.26 44.32
CGA CLA MI . -17.55 -33.24 43.35
O1A CLA MI . -16.35 -33.15 43.19
O2A CLA MI . -18.40 -32.46 42.71
NB CLA MI . -21.28 -35.01 39.45
C1B CLA MI . -21.92 -35.57 40.52
C2B CLA MI . -23.34 -35.58 40.28
C3B CLA MI . -23.52 -35.02 39.05
C4B CLA MI . -22.19 -34.65 38.53
CMB CLA MI . -24.41 -36.11 41.20
CAB CLA MI . -24.83 -34.81 38.39
CBB CLA MI . -24.94 -34.09 37.07
NC CLA MI . -19.45 -33.92 37.30
C1C CLA MI . -20.62 -33.70 36.72
C2C CLA MI . -20.47 -33.08 35.38
C3C CLA MI . -19.12 -32.93 35.23
C4C CLA MI . -18.50 -33.45 36.43
CMC CLA MI . -21.56 -32.69 34.42
CAC CLA MI . -18.41 -32.33 34.03
CBC CLA MI . -17.99 -30.92 34.37
ND CLA MI . -17.34 -34.46 38.90
C1D CLA MI . -16.57 -34.02 37.88
C2D CLA MI . -15.14 -34.16 38.15
C3D CLA MI . -15.12 -34.70 39.43
C4D CLA MI . -16.43 -34.88 39.86
CMD CLA MI . -13.89 -33.85 37.37
CAD CLA MI . -14.21 -35.15 40.45
OBD CLA MI . -13.01 -35.33 40.34
CBD CLA MI . -15.03 -35.43 41.68
CGD CLA MI . -14.63 -36.74 42.31
O1D CLA MI . -15.30 -37.75 42.17
O2D CLA MI . -13.51 -36.80 43.01
CED CLA MI . -12.65 -37.89 42.71
C1 CLA MI . -18.42 -32.38 41.26
C2 CLA MI . -17.72 -31.27 40.51
C3 CLA MI . -18.29 -30.74 39.42
C4 CLA MI . -17.63 -29.64 38.64
C5 CLA MI . -19.62 -31.24 38.89
C6 CLA MI . -20.72 -30.23 39.17
C7 CLA MI . -22.09 -30.90 39.11
C8 CLA MI . -23.12 -30.00 38.43
C9 CLA MI . -23.26 -28.68 39.17
C10 CLA MI . -24.45 -30.74 38.41
C11 CLA MI . -24.70 -31.42 39.74
C12 CLA MI . -25.81 -30.72 40.51
C13 CLA MI . -27.05 -31.57 40.72
C14 CLA MI . -28.30 -30.72 40.57
C15 CLA MI . -26.99 -32.22 42.10
C16 CLA MI . -26.71 -33.72 42.08
C17 CLA MI . -28.02 -34.51 42.11
C18 CLA MI . -28.41 -34.83 43.55
C19 CLA MI . -29.70 -34.11 43.94
C20 CLA MI . -28.52 -36.33 43.77
MG CLA NI . -32.38 -29.32 26.17
CHA CLA NI . -34.96 -27.01 26.19
CHB CLA NI . -32.77 -29.79 22.79
CHC CLA NI . -29.88 -31.45 26.30
CHD CLA NI . -32.05 -28.82 29.68
NA CLA NI . -33.73 -28.50 24.64
C1A CLA NI . -34.69 -27.59 24.83
C2A CLA NI . -35.43 -27.25 23.58
C3A CLA NI . -34.73 -28.13 22.53
C4A CLA NI . -33.68 -28.85 23.33
CMA CLA NI . -35.58 -28.90 21.53
CAA CLA NI . -35.23 -25.78 23.25
CBA CLA NI . -33.75 -25.40 23.31
CGA CLA NI . -33.10 -25.73 21.98
O1A CLA NI . -33.80 -26.07 21.05
O2A CLA NI . -31.80 -25.59 21.85
NB CLA NI . -31.46 -30.45 24.75
C1B CLA NI . -31.76 -30.52 23.42
C2B CLA NI . -30.85 -31.46 22.80
C3B CLA NI . -30.05 -31.93 23.80
C4B CLA NI . -30.45 -31.27 25.04
CMB CLA NI . -30.82 -31.86 21.34
CAB CLA NI . -28.95 -32.92 23.69
CBB CLA NI . -28.60 -33.51 22.34
NC CLA NI . -31.16 -30.01 27.75
C1C CLA NI . -30.19 -30.89 27.57
C2C CLA NI . -29.48 -31.22 28.83
C3C CLA NI . -30.10 -30.46 29.77
C4C CLA NI . -31.15 -29.70 29.09
CMC CLA NI . -28.33 -32.17 29.01
CAC CLA NI . -29.77 -30.40 31.24
CBC CLA NI . -29.10 -29.07 31.55
ND CLA NI . -33.21 -28.27 27.63
C1D CLA NI . -33.04 -28.10 28.97
C2D CLA NI . -33.97 -27.14 29.54
C3D CLA NI . -34.71 -26.72 28.44
C4D CLA NI . -34.25 -27.40 27.32
CMD CLA NI . -34.21 -26.60 30.93
CAD CLA NI . -35.80 -25.84 28.06
OBD CLA NI . -36.24 -24.92 28.73
CBD CLA NI . -35.99 -25.98 26.57
CGD CLA NI . -37.36 -26.51 26.28
O1D CLA NI . -38.27 -25.75 25.99
O2D CLA NI . -37.61 -27.81 26.33
CED CLA NI . -38.16 -28.39 25.15
C1 CLA NI . -31.02 -26.54 21.07
C2 CLA NI . -30.24 -27.66 21.74
C3 CLA NI . -29.11 -28.09 21.17
C4 CLA NI . -28.60 -27.49 19.89
C5 CLA NI . -28.26 -29.20 21.76
C6 CLA NI . -26.82 -28.99 21.33
C7 CLA NI . -25.84 -29.40 22.43
C8 CLA NI . -24.72 -28.37 22.57
C9 CLA NI . -24.75 -27.35 21.44
C10 CLA NI . -23.38 -29.09 22.63
C11 CLA NI . -23.04 -29.51 24.05
C12 CLA NI . -21.94 -28.63 24.64
C13 CLA NI . -21.49 -29.15 25.99
C14 CLA NI . -21.60 -28.06 27.06
C15 CLA NI . -20.06 -29.67 25.89
MG CLA OI . -24.44 -37.17 20.31
CHA CLA OI . -26.29 -36.35 17.56
CHB CLA OI . -24.53 -33.92 21.40
CHC CLA OI . -22.76 -38.11 22.96
CHD CLA OI . -24.32 -40.51 19.16
NA CLA OI . -25.33 -35.30 19.57
C1A CLA OI . -26.03 -35.16 18.45
C2A CLA OI . -26.49 -33.74 18.25
C3A CLA OI . -25.90 -33.02 19.46
C4A CLA OI . -25.22 -34.12 20.20
CMA CLA OI . -25.17 -31.71 19.25
CAA CLA OI . -27.99 -33.66 18.38
CBA CLA OI . -28.68 -33.49 17.04
CGA CLA OI . -28.67 -32.05 16.61
O1A CLA OI . -28.32 -31.20 17.41
O2A CLA OI . -29.05 -31.76 15.37
NB CLA OI . -23.77 -36.17 21.94
C1B CLA OI . -23.85 -34.85 22.20
C2B CLA OI . -23.17 -34.55 23.41
C3B CLA OI . -22.68 -35.74 23.86
C4B CLA OI . -23.06 -36.75 22.89
CMB CLA OI . -23.06 -33.19 24.03
CAB CLA OI . -21.87 -36.04 25.06
CBB CLA OI . -20.85 -35.08 25.60
NC CLA OI . -23.75 -39.03 21.00
C1C CLA OI . -23.06 -39.18 22.11
C2C CLA OI . -22.65 -40.57 22.33
C3C CLA OI . -23.16 -41.25 21.27
C4C CLA OI . -23.85 -40.27 20.44
CMC CLA OI . -21.85 -41.10 23.49
CAC CLA OI . -23.05 -42.72 21.01
CBC CLA OI . -24.17 -43.37 21.78
ND CLA OI . -25.16 -38.26 18.85
C1D CLA OI . -24.96 -39.52 18.38
C2D CLA OI . -25.46 -39.69 17.03
C3D CLA OI . -25.98 -38.44 16.74
C4D CLA OI . -25.79 -37.60 17.81
CMD CLA OI . -25.48 -40.82 16.04
CAD CLA OI . -26.64 -37.72 15.69
OBD CLA OI . -26.99 -38.17 14.63
CBD CLA OI . -27.02 -36.39 16.25
CGD CLA OI . -26.37 -35.42 15.33
O1D CLA OI . -27.02 -34.81 14.51
O2D CLA OI . -25.07 -35.25 15.42
CED CLA OI . -24.65 -33.90 15.29
C1 CLA OI . -28.09 -31.86 14.28
C2 CLA OI . -26.97 -30.87 14.15
C3 CLA OI . -25.96 -31.03 13.28
C4 CLA OI . -25.89 -32.22 12.38
C5 CLA OI . -24.84 -30.00 13.17
C6 CLA OI . -23.49 -30.62 12.87
C7 CLA OI . -22.89 -31.28 14.10
C8 CLA OI . -21.74 -30.51 14.75
C9 CLA OI . -20.44 -31.28 14.57
C10 CLA OI . -22.05 -30.33 16.23
C11 CLA OI . -20.83 -29.84 17.00
C12 CLA OI . -21.19 -28.61 17.83
C13 CLA OI . -20.15 -28.35 18.91
C14 CLA OI . -20.55 -27.15 19.76
C15 CLA OI . -18.78 -28.10 18.27
MG CLA PI . -25.02 -55.06 30.24
CHA CLA PI . -23.03 -57.83 30.58
CHB CLA PI . -23.28 -54.10 27.42
CHC CLA PI . -27.01 -52.43 29.99
CHD CLA PI . -26.84 -56.07 33.09
NA CLA PI . -23.32 -55.87 29.09
C1A CLA PI . -22.66 -56.98 29.39
C2A CLA PI . -21.54 -57.25 28.41
C3A CLA PI . -21.65 -56.05 27.44
C4A CLA PI . -22.80 -55.28 28.00
CMA CLA PI . -20.42 -55.29 27.01
CAA CLA PI . -21.84 -58.56 27.65
CBA CLA PI . -23.29 -58.65 27.14
CGA CLA PI . -23.87 -60.03 27.40
O1A CLA PI . -24.04 -60.40 28.56
O2A CLA PI . -24.18 -60.82 26.38
NB CLA PI . -25.13 -53.51 28.92
C1B CLA PI . -24.35 -53.29 27.82
C2B CLA PI . -24.79 -52.11 27.14
C3B CLA PI . -25.84 -51.64 27.87
C4B CLA PI . -26.04 -52.54 29.01
CMB CLA PI . -24.16 -51.58 25.88
CAB CLA PI . -26.70 -50.45 27.66
CBB CLA PI . -26.80 -49.74 26.33
NC CLA PI . -26.68 -54.39 31.33
C1C CLA PI . -27.36 -53.29 31.06
C2C CLA PI . -28.50 -53.07 31.96
C3C CLA PI . -28.47 -54.14 32.82
C4C CLA PI . -27.32 -54.95 32.42
CMC CLA PI . -29.49 -51.94 31.94
CAC CLA PI . -29.42 -54.43 33.96
CBC CLA PI . -30.42 -55.47 33.49
ND CLA PI . -25.04 -56.53 31.55
C1D CLA PI . -25.76 -56.87 32.65
C2D CLA PI . -25.28 -58.10 33.28
C3D CLA PI . -24.21 -58.46 32.45
C4D CLA PI . -24.07 -57.52 31.44
CMD CLA PI . -25.69 -58.91 34.47
CAD CLA PI . -23.19 -59.47 32.29
OBD CLA PI . -23.14 -60.53 32.90
CBD CLA PI . -22.44 -59.14 31.03
CGD CLA PI . -20.99 -58.95 31.31
O1D CLA PI . -20.60 -57.95 31.88
O2D CLA PI . -20.12 -59.88 30.92
CED CLA PI . -19.96 -61.01 31.79
C1 CLA PI . -25.10 -60.41 25.32
C2 CLA PI . -26.47 -59.85 25.60
C3 CLA PI . -27.54 -60.22 24.88
C4 CLA PI . -28.90 -59.65 25.16
C5 CLA PI . -27.47 -61.23 23.76
MG CLA QI . -37.00 -31.92 41.14
CHA CLA QI . -39.11 -33.78 39.12
CHB CLA QI . -39.71 -30.56 42.75
CHC CLA QI . -34.89 -30.32 43.02
CHD CLA QI . -34.25 -33.45 39.47
NA CLA QI . -39.18 -32.13 40.97
C1A CLA QI . -39.83 -32.92 40.12
C2A CLA QI . -41.32 -32.86 40.29
C3A CLA QI . -41.49 -31.84 41.42
C4A CLA QI . -40.07 -31.48 41.76
CMA CLA QI . -42.54 -30.75 41.33
CAA CLA QI . -41.77 -34.24 40.75
CBA CLA QI . -42.61 -34.16 42.02
CGA CLA QI . -42.71 -35.52 42.66
O1A CLA QI . -43.15 -36.45 42.00
O2A CLA QI . -42.35 -35.67 43.93
NB CLA QI . -37.27 -30.62 42.67
C1B CLA QI . -38.43 -30.13 43.17
C2B CLA QI . -38.14 -29.16 44.20
C3B CLA QI . -36.78 -29.11 44.26
C4B CLA QI . -36.24 -30.05 43.28
CMB CLA QI . -39.13 -28.39 45.02
CAB CLA QI . -35.97 -28.26 45.16
CBB CLA QI . -34.57 -28.68 45.53
NC CLA QI . -34.89 -31.83 41.16
C1C CLA QI . -34.23 -31.10 42.03
C2C CLA QI . -32.75 -31.21 41.83
C3C CLA QI . -32.60 -32.05 40.77
C4C CLA QI . -33.94 -32.44 40.37
CMC CLA QI . -31.63 -30.55 42.59
CAC CLA QI . -31.31 -32.50 40.14
CBC CLA QI . -31.09 -31.71 38.88
ND CLA QI . -36.65 -33.26 39.70
C1D CLA QI . -35.56 -33.79 39.09
C2D CLA QI . -35.92 -34.72 38.02
C3D CLA QI . -37.31 -34.69 38.05
C4D CLA QI . -37.72 -33.81 39.04
CMD CLA QI . -35.13 -35.56 37.04
CAD CLA QI . -38.47 -35.25 37.41
OBD CLA QI . -38.45 -36.28 36.76
CBD CLA QI . -39.69 -34.73 38.12
CGD CLA QI . -40.57 -34.03 37.13
O1D CLA QI . -40.11 -33.54 36.12
O2D CLA QI . -41.88 -33.95 37.33
CED CLA QI . -42.68 -34.27 36.21
C1 CLA QI . -40.96 -35.99 44.28
C2 CLA QI . -40.24 -37.14 43.63
C3 CLA QI . -39.43 -37.95 44.33
C4 CLA QI . -39.20 -37.73 45.79
C5 CLA QI . -38.70 -39.10 43.69
C6 CLA QI . -37.20 -38.94 43.91
C7 CLA QI . -36.44 -39.84 42.97
C8 CLA QI . -35.19 -40.43 43.62
C9 CLA QI . -33.96 -39.60 43.29
C10 CLA QI . -35.02 -41.86 43.13
C11 CLA QI . -35.21 -41.93 41.61
C12 CLA QI . -34.72 -43.28 41.10
C13 CLA QI . -33.73 -43.91 42.07
C14 CLA QI . -32.30 -43.43 41.80
C15 CLA QI . -33.83 -45.42 41.95
MG CLA RI . -20.59 -33.42 48.36
CHA CLA RI . -19.41 -30.72 46.56
CHB CLA RI . -19.20 -32.17 51.24
CHC CLA RI . -21.79 -36.04 49.93
CHD CLA RI . -21.98 -34.69 45.33
NA CLA RI . -19.42 -31.63 48.86
C1A CLA RI . -19.05 -30.66 48.02
C2A CLA RI . -18.28 -29.57 48.69
C3A CLA RI . -18.21 -30.06 50.15
C4A CLA RI . -18.98 -31.35 50.11
CMA CLA RI . -16.91 -29.97 50.92
CAA CLA RI . -19.12 -28.31 48.60
CBA CLA RI . -20.55 -28.62 49.04
CGA CLA RI . -21.53 -28.17 47.98
O1A CLA RI . -22.70 -28.48 48.08
O2A CLA RI . -21.09 -27.46 46.96
NB CLA RI . -20.51 -34.01 50.30
C1B CLA RI . -19.89 -33.40 51.34
C2B CLA RI . -20.07 -34.17 52.54
C3B CLA RI . -20.80 -35.27 52.16
C4B CLA RI . -21.08 -35.15 50.73
CMB CLA RI . -19.57 -33.86 53.92
CAB CLA RI . -21.27 -36.38 53.01
CBB CLA RI . -22.16 -37.46 52.43
NC CLA RI . -21.70 -35.09 47.72
C1C CLA RI . -22.10 -36.05 48.54
C2C CLA RI . -22.87 -37.11 47.86
C3C CLA RI . -22.91 -36.71 46.56
C4C CLA RI . -22.19 -35.44 46.48
CMC CLA RI . -23.46 -38.35 48.47
CAC CLA RI . -23.57 -37.42 45.41
CBC CLA RI . -24.62 -36.52 44.79
ND CLA RI . -20.71 -32.94 46.44
C1D CLA RI . -21.29 -33.45 45.32
C2D CLA RI . -21.10 -32.60 44.15
C3D CLA RI . -20.36 -31.53 44.66
C4D CLA RI . -20.14 -31.75 46.01
CMD CLA RI . -21.50 -32.67 42.70
CAD CLA RI . -19.75 -30.29 44.28
OBD CLA RI . -19.64 -29.87 43.14
CBD CLA RI . -19.04 -29.74 45.48
CGD CLA RI . -17.57 -29.86 45.24
O1D CLA RI . -17.09 -30.92 44.88
O2D CLA RI . -16.76 -28.82 45.42
CED CLA RI . -15.66 -28.74 44.52
C1 CLA RI . -22.01 -27.06 45.90
MG CHL SI . -15.69 -48.73 22.33
CHA CHL SI . -12.54 -49.27 23.33
CHB CHL SI . -15.65 -45.72 24.02
CHC CHL SI . -18.68 -48.22 21.34
CHD CHL SI . -15.61 -51.91 20.73
NA CHL SI . -14.34 -47.70 23.45
C1A CHL SI . -13.08 -48.10 23.75
C2A CHL SI . -12.35 -47.09 24.61
C3A CHL SI . -13.38 -46.07 24.92
C4A CHL SI . -14.56 -46.50 24.09
CMA CHL SI . -13.59 -45.64 26.36
CAA CHL SI . -11.14 -46.49 23.88
CBA CHL SI . -10.08 -45.95 24.82
CGA CHL SI . -10.33 -44.53 25.22
O1A CHL SI . -10.40 -43.60 24.46
O2A CHL SI . -10.48 -44.42 26.54
NB CHL SI . -16.95 -47.16 22.62
C1B CHL SI . -16.78 -46.03 23.31
C2B CHL SI . -17.97 -45.25 23.19
C3B CHL SI . -18.86 -45.93 22.43
C4B CHL SI . -18.20 -47.16 22.05
CMB CHL SI . -18.18 -43.91 23.83
CAB CHL SI . -20.20 -45.44 22.12
CBB CHL SI . -21.28 -46.12 21.33
NC CHL SI . -16.90 -49.91 21.18
C1C CHL SI . -18.14 -49.42 20.93
C2C CHL SI . -18.85 -50.45 20.20
C3C CHL SI . -18.02 -51.51 20.09
C4C CHL SI . -16.76 -51.18 20.68
CMC CHL SI . -20.19 -50.44 19.66
OMC CHL SI . -20.97 -49.51 19.73
CAC CHL SI . -18.40 -52.85 19.54
CBC CHL SI . -17.63 -53.24 18.35
ND CHL SI . -14.45 -50.30 22.02
C1D CHL SI . -14.46 -51.48 21.36
C2D CHL SI . -13.21 -52.13 21.48
C3D CHL SI . -12.43 -51.31 22.23
C4D CHL SI . -13.19 -50.19 22.56
CMD CHL SI . -12.85 -53.45 20.88
CAD CHL SI . -11.13 -51.14 22.83
OBD CHL SI . -10.16 -51.87 22.78
CBD CHL SI . -11.14 -49.85 23.58
CGD CHL SI . -10.91 -50.17 25.04
O1D CHL SI . -11.59 -50.92 25.70
O2D CHL SI . -9.85 -49.52 25.51
CED CHL SI . -9.52 -49.76 26.90
C1 CHL SI . -10.71 -43.16 27.22
MG CHL TI . -37.55 -48.41 16.63
CHA CHL TI . -36.35 -47.01 19.44
CHB CHL TI . -35.93 -51.34 17.47
CHC CHL TI . -38.87 -49.76 14.07
CHD CHL TI . -39.22 -45.32 15.96
NA CHL TI . -36.30 -49.01 18.15
C1A CHL TI . -36.03 -48.32 19.29
C2A CHL TI . -35.32 -49.15 20.33
C3A CHL TI . -34.99 -50.40 19.57
C4A CHL TI . -35.77 -50.27 18.29
CMA CHL TI . -33.54 -50.85 19.54
CAA CHL TI . -36.12 -49.36 21.64
CBA CHL TI . -37.20 -50.46 21.63
CGA CHL TI . -37.95 -50.59 22.92
O1A CHL TI . -38.03 -49.73 23.76
O2A CHL TI . -38.53 -51.78 23.03
NB CHL TI . -37.34 -50.27 15.86
C1B CHL TI . -36.65 -51.33 16.29
C2B CHL TI . -36.87 -52.41 15.39
C3B CHL TI . -37.75 -51.99 14.42
C4B CHL TI . -38.04 -50.61 14.73
CMB CHL TI . -36.28 -53.78 15.51
CAB CHL TI . -38.29 -52.85 13.36
CBB CHL TI . -39.34 -52.53 12.31
NC CHL TI . -38.80 -47.61 15.24
C1C CHL TI . -39.23 -48.44 14.26
C2C CHL TI . -40.16 -47.71 13.45
C3C CHL TI . -40.25 -46.46 13.97
C4C CHL TI . -39.41 -46.39 15.11
CMC CHL TI . -40.95 -48.14 12.31
OMC CHL TI . -40.91 -49.25 11.82
CAC CHL TI . -41.11 -45.34 13.44
CBC CHL TI . -42.38 -45.17 14.22
ND CHL TI . -37.77 -46.53 17.38
C1D CHL TI . -38.39 -45.38 17.05
C2D CHL TI . -38.11 -44.38 18.01
C3D CHL TI . -37.31 -44.95 18.94
C4D CHL TI . -37.10 -46.28 18.55
CMD CHL TI . -38.64 -42.97 17.98
CAD CHL TI . -36.62 -44.75 20.20
OBD CHL TI . -36.49 -43.72 20.83
CBD CHL TI . -36.02 -46.07 20.61
CGD CHL TI . -34.55 -45.91 20.88
O1D CHL TI . -33.70 -45.83 20.06
O2D CHL TI . -34.31 -45.88 22.20
CED CHL TI . -32.93 -45.72 22.59
C1 CHL TI . -39.36 -52.19 24.15
C2 CHL TI . -38.49 -52.54 25.30
C3 CHL TI . -38.88 -53.31 26.30
C4 CHL TI . -40.26 -53.93 26.39
C5 CHL TI . -37.96 -53.63 27.44
MG CLA UI . -28.15 -42.31 14.82
CHA CLA UI . -29.74 -39.27 15.25
CHB CLA UI . -28.92 -42.28 11.47
CHC CLA UI . -26.56 -45.16 14.56
CHD CLA UI . -27.44 -42.31 18.31
NA CLA UI . -29.22 -40.92 13.48
C1A CLA UI . -29.79 -39.77 13.83
C2A CLA UI . -30.48 -39.09 12.69
C3A CLA UI . -30.21 -40.06 11.52
C4A CLA UI . -29.41 -41.16 12.16
CMA CLA UI . -31.37 -40.43 10.61
CAA CLA UI . -29.82 -37.77 12.38
CBA CLA UI . -28.30 -37.89 12.43
CGA CLA UI . -27.71 -36.57 11.96
O1A CLA UI . -28.17 -35.54 12.40
O2A CLA UI . -26.74 -36.60 11.08
NB CLA UI . -27.79 -43.54 13.25
C1B CLA UI . -28.17 -43.38 11.95
C2B CLA UI . -27.70 -44.50 11.18
C3B CLA UI . -27.05 -45.31 12.06
C4B CLA UI . -27.11 -44.69 13.38
CMB CLA UI . -27.90 -44.73 9.71
CAB CLA UI . -26.36 -46.58 11.80
CBB CLA UI . -25.57 -46.75 10.53
NC CLA UI . -27.17 -43.53 16.22
C1C CLA UI . -26.58 -44.68 15.88
C2C CLA UI . -25.94 -45.35 17.04
C3C CLA UI . -26.19 -44.53 18.09
C4C CLA UI . -26.96 -43.40 17.57
CMC CLA UI . -25.18 -46.65 17.03
CAC CLA UI . -25.77 -44.74 19.52
CBC CLA UI . -26.57 -45.89 20.10
ND CLA UI . -28.47 -41.18 16.42
C1D CLA UI . -28.14 -41.23 17.75
C2D CLA UI . -28.61 -40.05 18.47
C3D CLA UI . -29.23 -39.30 17.48
C4D CLA UI . -29.13 -39.99 16.27
CMD CLA UI . -28.52 -39.59 19.90
CAD CLA UI . -29.93 -38.05 17.26
OBD CLA UI . -29.88 -37.09 18.00
CBD CLA UI . -30.28 -37.98 15.81
CGD CLA UI . -31.77 -37.96 15.64
O1D CLA UI . -32.46 -38.88 16.04
O2D CLA UI . -32.36 -36.90 15.06
CED CLA UI . -33.17 -36.10 15.90
C1 CLA UI . -25.90 -37.78 10.92
C2 CLA UI . -25.16 -38.39 12.08
C3 CLA UI . -23.87 -38.74 11.95
C4 CLA UI . -23.14 -38.55 10.65
C5 CLA UI . -23.08 -39.35 13.08
C6 CLA UI . -22.28 -38.26 13.80
C7 CLA UI . -20.99 -38.82 14.36
C8 CLA UI . -20.94 -38.66 15.88
C9 CLA UI . -21.41 -39.93 16.59
C10 CLA UI . -21.77 -37.45 16.30
C11 CLA UI . -22.16 -37.54 17.77
C12 CLA UI . -21.04 -37.02 18.66
C13 CLA UI . -21.34 -35.63 19.16
C14 CLA UI . -21.58 -34.68 17.99
C15 CLA UI . -20.20 -35.13 20.03
C16 CLA UI . -19.98 -33.64 19.83
C17 CLA UI . -19.96 -32.90 21.16
C18 CLA UI . -19.30 -31.53 21.01
C19 CLA UI . -18.69 -31.07 22.33
C20 CLA UI . -18.25 -31.56 19.91
MG CHL VI . -23.24 -54.98 21.40
CHA CHL VI . -24.68 -57.96 20.88
CHB CHL VI . -26.04 -53.44 20.16
CHC CHL VI . -21.88 -52.16 22.07
CHD CHL VI . -20.44 -56.67 22.84
NA CHL VI . -25.01 -55.61 20.59
C1A CHL VI . -25.44 -56.90 20.49
C2A CHL VI . -26.85 -56.99 19.90
C3A CHL VI . -27.19 -55.56 19.59
C4A CHL VI . -26.01 -54.79 20.11
CMA CHL VI . -27.77 -55.17 18.23
CAA CHL VI . -27.86 -57.66 20.84
CBA CHL VI . -29.23 -56.98 20.91
CGA CHL VI . -30.40 -57.82 20.52
O1A CHL VI . -30.38 -58.69 19.70
O2A CHL VI . -31.48 -57.48 21.19
NB CHL VI . -23.87 -53.08 21.09
C1B CHL VI . -25.03 -52.63 20.62
C2B CHL VI . -25.00 -51.21 20.76
C3B CHL VI . -23.85 -50.84 21.30
C4B CHL VI . -23.12 -52.03 21.52
CMB CHL VI . -26.11 -50.28 20.37
CAB CHL VI . -23.50 -49.45 21.65
CBB CHL VI . -22.27 -48.99 22.38
NC CHL VI . -21.43 -54.54 22.23
C1C CHL VI . -21.10 -53.24 22.36
C2C CHL VI . -19.81 -53.13 22.94
C3C CHL VI . -19.38 -54.41 23.17
C4C CHL VI . -20.41 -55.31 22.73
CMC CHL VI . -19.11 -51.91 23.25
OMC CHL VI . -18.02 -51.81 23.78
CAC CHL VI . -18.07 -54.82 23.80
CBC CHL VI . -16.92 -54.62 22.87
ND CHL VI . -22.56 -56.86 21.77
C1D CHL VI . -21.49 -57.43 22.38
C2D CHL VI . -21.68 -58.84 22.45
C3D CHL VI . -22.90 -59.09 21.87
C4D CHL VI . -23.44 -57.86 21.46
CMD CHL VI . -20.70 -59.81 23.05
CAD CHL VI . -23.86 -60.12 21.53
OBD CHL VI . -23.81 -61.32 21.76
CBD CHL VI . -25.02 -59.45 20.85
CGD CHL VI . -25.15 -59.93 19.41
O1D CHL VI . -24.58 -59.45 18.48
O2D CHL VI . -26.00 -60.95 19.33
CED CHL VI . -26.22 -61.47 18.00
C1 CHL VI . -32.84 -57.96 20.95
C2 CHL VI . -33.75 -56.82 21.21
C3 CHL VI . -34.83 -56.55 20.49
C4 CHL VI . -35.29 -57.38 19.33
C5 CHL VI . -35.68 -55.34 20.81
C6 CHL VI . -37.17 -55.64 20.89
C7 CHL VI . -37.96 -54.98 19.77
C8 CHL VI . -39.46 -55.24 19.81
C9 CHL VI . -40.14 -54.47 20.92
C10 CHL VI . -39.97 -54.81 18.43
C11 CHL VI . -41.26 -55.48 17.97
C12 CHL VI . -41.36 -55.64 16.47
C13 CHL VI . -40.54 -56.78 15.89
C14 CHL VI . -40.58 -58.01 16.76
C15 CHL VI . -39.11 -56.46 15.45
MG CHL WI . -44.95 -59.11 15.05
CHA CHL WI . -47.51 -60.48 16.85
CHB CHL WI . -43.71 -62.23 14.49
CHC CHL WI . -42.58 -57.77 13.29
CHD CHL WI . -46.30 -55.91 15.74
NA CHL WI . -45.53 -61.00 15.58
C1A CHL WI . -46.64 -61.39 16.28
C2A CHL WI . -46.77 -62.90 16.38
C3A CHL WI . -45.51 -63.41 15.70
C4A CHL WI . -44.85 -62.14 15.21
CMA CHL WI . -44.67 -64.51 16.36
CAA CHL WI . -48.06 -63.48 15.78
CBA CHL WI . -48.30 -64.95 16.09
NB CHL WI . -43.37 -59.90 14.05
C1B CHL WI . -42.99 -61.17 13.96
C2B CHL WI . -41.78 -61.23 13.21
C3B CHL WI . -41.43 -59.95 12.84
C4B CHL WI . -42.46 -59.11 13.39
CMB CHL WI . -41.02 -62.48 12.89
CAB CHL WI . -40.25 -59.56 12.07
CBB CHL WI . -39.81 -58.17 11.65
NC CHL WI . -44.54 -57.15 14.61
C1C CHL WI . -43.50 -56.88 13.79
C2C CHL WI . -43.48 -55.45 13.55
C3C CHL WI . -44.54 -54.92 14.25
C4C CHL WI . -45.21 -55.99 14.93
CMC CHL WI . -42.57 -54.69 12.71
OMC CHL WI . -41.63 -55.15 12.08
CAC CHL WI . -44.94 -53.48 14.29
CBC CHL WI . -43.89 -52.58 14.87
ND CHL WI . -46.51 -58.28 16.06
C1D CHL WI . -46.91 -57.01 16.33
C2D CHL WI . -48.04 -57.03 17.19
C3D CHL WI . -48.31 -58.35 17.43
C4D CHL WI . -47.36 -59.12 16.73
CMD CHL WI . -48.77 -55.82 17.69
CAD CHL WI . -49.22 -59.29 18.08
OBD CHL WI . -50.17 -59.05 18.80
CBD CHL WI . -48.77 -60.71 17.69
CGD CHL WI . -48.66 -61.63 18.90
O1D CHL WI . -47.65 -61.85 19.51
O2D CHL WI . -49.84 -62.17 19.19
CED CHL WI . -49.87 -63.08 20.32
MG CLA XI . -26.11 -44.66 4.68
CHA CLA XI . -27.35 -46.50 2.03
CHB CLA XI . -23.20 -46.49 4.61
CHC CLA XI . -25.03 -42.82 7.17
CHD CLA XI . -29.14 -42.82 4.70
NA CLA XI . -25.34 -46.32 3.45
C1A CLA XI . -25.98 -46.91 2.45
C2A CLA XI . -25.17 -48.00 1.82
C3A CLA XI . -23.88 -47.99 2.65
C4A CLA XI . -24.11 -46.88 3.63
CMA CLA XI . -23.29 -49.30 3.14
CAA CLA XI . -24.91 -47.53 0.38
CBA CLA XI . -24.78 -48.66 -0.63
CGA CLA XI . -23.30 -48.94 -0.84
O1A CLA XI . -22.66 -49.33 0.11
O2A CLA XI . -22.77 -48.76 -2.03
NB CLA XI . -24.37 -44.66 5.73
C1B CLA XI . -23.29 -45.47 5.58
C2B CLA XI . -22.29 -45.13 6.56
C3B CLA XI . -22.83 -44.09 7.28
C4B CLA XI . -24.15 -43.80 6.74
CMB CLA XI . -20.94 -45.77 6.75
CAB CLA XI . -22.20 -43.37 8.40
CBB CLA XI . -20.87 -43.83 8.93
NC CLA XI . -26.94 -43.07 5.74
C1C CLA XI . -26.34 -42.47 6.76
C2C CLA XI . -27.17 -41.43 7.39
C3C CLA XI . -28.33 -41.43 6.66
C4C CLA XI . -28.18 -42.46 5.64
CMC CLA XI . -26.80 -40.55 8.56
CAC CLA XI . -29.54 -40.58 6.87
CBC CLA XI . -30.66 -41.42 7.43
ND CLA XI . -27.82 -44.59 3.71
C1D CLA XI . -28.96 -43.84 3.74
C2D CLA XI . -29.92 -44.22 2.71
C3D CLA XI . -29.27 -45.26 2.05
C4D CLA XI . -28.03 -45.46 2.65
CMD CLA XI . -31.28 -43.72 2.32
CAD CLA XI . -29.43 -46.19 0.96
OBD CLA XI . -30.37 -46.24 0.19
CBD CLA XI . -28.21 -47.07 0.94
CGD CLA XI . -28.57 -48.47 1.32
O1D CLA XI . -29.13 -48.68 2.39
O2D CLA XI . -28.28 -49.49 0.53
CED CLA XI . -29.35 -50.40 0.30
C1 CLA XI . -21.67 -47.82 -2.22
C2 CLA XI . -21.91 -46.33 -2.18
C3 CLA XI . -21.03 -45.52 -2.80
C4 CLA XI . -21.19 -44.03 -2.79
C5 CLA XI . -19.83 -46.06 -3.54
C6 CLA XI . -18.57 -45.45 -2.96
C7 CLA XI . -17.49 -46.51 -2.76
C8 CLA XI . -16.48 -46.49 -3.89
C9 CLA XI . -16.79 -47.57 -4.91
C10 CLA XI . -15.07 -46.65 -3.34
C11 CLA XI . -14.93 -45.96 -1.98
C12 CLA XI . -13.65 -46.41 -1.28
C13 CLA XI . -12.60 -45.32 -1.27
C14 CLA XI . -11.20 -45.91 -1.15
C15 CLA XI . -12.88 -44.35 -0.13
C16 CLA XI . -11.58 -43.88 0.52
C17 CLA XI . -11.48 -42.37 0.50
C18 CLA XI . -11.28 -41.80 1.90
C19 CLA XI . -12.30 -40.70 2.19
C20 CLA XI . -11.35 -42.89 2.96
O1 LHG YI . -41.65 -29.29 35.04
C1 LHG YI . -41.11 -30.59 34.80
C2 LHG YI . -40.15 -30.53 33.62
O2 LHG YI . -40.82 -30.94 32.43
C3 LHG YI . -39.01 -31.51 33.89
O3 LHG YI . -37.89 -30.87 34.49
P LHG YI . -37.97 -30.25 35.97
O4 LHG YI . -38.91 -29.08 35.90
O5 LHG YI . -38.20 -31.34 36.99
O6 LHG YI . -36.47 -29.69 36.20
C4 LHG YI . -36.15 -29.03 37.42
C5 LHG YI . -34.70 -29.36 37.82
C6 LHG YI . -34.37 -30.78 37.37
O7 LHG YI . -33.83 -28.37 37.27
C7 LHG YI . -33.00 -27.85 38.17
O9 LHG YI . -32.07 -28.52 38.58
C8 LHG YI . -33.24 -26.45 38.68
C9 LHG YI . -31.94 -25.91 39.26
C10 LHG YI . -31.00 -25.36 38.22
O8 LHG YI . -33.19 -30.82 36.57
C23 LHG YI . -33.27 -30.92 35.26
O10 LHG YI . -34.37 -30.92 34.74
C24 LHG YI . -32.01 -31.04 34.45
C11 LHG YI . -30.04 -24.37 38.87
C12 LHG YI . -28.90 -25.11 39.54
C13 LHG YI . -28.01 -24.16 40.32
C14 LHG YI . -26.56 -24.28 39.88
C15 LHG YI . -26.24 -23.32 38.73
C25 LHG YI . -30.84 -30.74 35.36
C26 LHG YI . -30.18 -29.43 34.96
C27 LHG YI . -28.89 -29.18 35.73
C28 LHG YI . -28.54 -27.70 35.71
C29 LHG YI . -27.04 -27.50 35.58
C30 LHG YI . -26.70 -26.03 35.36
C31 LHG YI . -25.63 -25.58 36.32
C1A DGD ZI . -15.67 -49.95 17.07
C2A DGD ZI . -15.44 -48.45 17.05
C3A DGD ZI . -16.69 -47.79 16.49
C4A DGD ZI . -17.67 -47.41 17.60
C5A DGD ZI . -18.91 -46.79 16.95
C6A DGD ZI . -19.83 -46.17 18.00
C7A DGD ZI . -20.98 -45.47 17.28
C8A DGD ZI . -21.63 -44.44 18.19
C9A DGD ZI . -22.65 -43.66 17.42
O1A DGD ZI . -16.53 -50.41 17.79
C1B DGD ZI . -11.68 -49.97 18.66
C2B DGD ZI . -12.04 -48.51 18.65
C3B DGD ZI . -12.68 -48.17 19.99
C4B DGD ZI . -12.94 -46.68 20.16
C5B DGD ZI . -14.33 -46.33 19.65
C6B DGD ZI . -14.76 -44.98 20.21
C7B DGD ZI . -16.14 -44.59 19.73
C8B DGD ZI . -16.58 -43.33 20.44
C9B DGD ZI . -17.93 -42.92 19.94
CAB DGD ZI . -18.54 -41.87 20.49
CBB DGD ZI . -19.89 -41.49 19.97
CCB DGD ZI . -19.83 -41.50 18.46
O1B DGD ZI . -10.55 -50.31 18.93
O1G DGD ZI . -14.90 -50.82 16.21
C1G DGD ZI . -14.08 -51.84 16.76
C2G DGD ZI . -12.70 -51.26 17.03
O2G DGD ZI . -12.62 -50.90 18.40
C3G DGD ZI . -11.66 -52.33 16.71
O3G DGD ZI . -11.32 -53.00 17.92
C1D DGD ZI . -10.49 -54.14 17.73
C2D DGD ZI . -9.20 -53.78 17.02
O2D DGD ZI . -8.90 -54.78 16.04
C3D DGD ZI . -8.07 -53.69 18.03
O3D DGD ZI . -8.38 -52.66 18.98
C4D DGD ZI . -7.88 -55.00 18.79
O4D DGD ZI . -7.29 -54.69 20.06
C5D DGD ZI . -9.22 -55.69 19.02
O5D DGD ZI . -8.31 -57.49 20.35
C6D DGD ZI . -9.25 -56.43 20.35
O6D DGD ZI . -10.24 -54.69 19.03
C1E DGD ZI . -8.95 -58.75 20.19
C2E DGD ZI . -8.13 -59.85 20.87
O2E DGD ZI . -7.20 -59.25 21.77
C3E DGD ZI . -7.37 -60.69 19.84
O3E DGD ZI . -8.25 -61.65 19.26
C4E DGD ZI . -6.78 -59.81 18.76
O4E DGD ZI . -6.10 -60.62 17.80
C5E DGD ZI . -7.88 -59.01 18.05
O6E DGD ZI . -9.09 -59.05 18.80
C6E DGD ZI . -8.12 -59.57 16.66
O5E DGD ZI . -6.89 -59.67 15.95
FE1 FES AJ . -33.98 19.01 -8.79
FE2 FES AJ . -35.75 19.29 -6.68
S1 FES AJ . -36.27 18.92 -8.80
S2 FES AJ . -33.44 19.48 -6.64
CU CU BJ . 34.86 -13.41 3.89
#